data_9IO5
#
_entry.id   9IO5
#
_cell.length_a   1.00
_cell.length_b   1.00
_cell.length_c   1.00
_cell.angle_alpha   90.00
_cell.angle_beta   90.00
_cell.angle_gamma   90.00
#
_symmetry.space_group_name_H-M   'P 1'
#
loop_
_entity.id
_entity.type
_entity.pdbx_description
1 polymer 'G1-ATPase subunit beta'
2 polymer 'G1-ATPase subunit alpha'
3 polymer 'G1-ATPase subunit gamma'
4 polymer 'Phosphoglycerate kinase'
5 polymer 'G1-ATPase subunit D'
6 polymer 'G1-ATPase subunit E'
7 polymer 'UNKNOWN HELIX'
8 polymer 'UNKNOWN HELIX'
9 non-polymer "ADENOSINE-5'-TRIPHOSPHATE"
10 non-polymer 'MAGNESIUM ION'
11 non-polymer "ADENOSINE-5'-DIPHOSPHATE"
12 non-polymer 'PHOSPHATE ION'
#
loop_
_entity_poly.entity_id
_entity_poly.type
_entity_poly.pdbx_seq_one_letter_code
_entity_poly.pdbx_strand_id
1 'polypeptide(L)'
;MTTNNLTELEILNIKKYLKTVNLNTLRAYARRNVKDFSEKLIKVKVIEKIVEHDKKFDNIEDSIFVQISSQFGVNFETIL
DGSFFLGQKAAKAMPKTFDTKIISETKSVQKFEEVKFATSSKTEKIISEEKEILHLIEQSKRDRDFIDNFSKILEEKNLT
EEHQHMSCQVCYDHEKKHSDHNEKYATEHCDACVYHDFSDLDPEFVASTYTEEEIIHNLLFKLYSVEQLALFTIDQLNAL
LFARGLGLEKNKVRAIKSLLTLQTSYEFMEKSQAALLPKVSFNPTNPLKPIEEKEFTIFGEIVEIRSQVYKIRIDKAEEE
VLPKVIFYADVNGKEIQLEVADIFDKNLVSTFVLGNETGLKIGTKVKSKNQSYAIKISKRLLGRVIDPIGKILDDSIATP
VHGNMYAPLEMQHDSEATRYVVSPKNAILETGIKVIDVLLPIPKGGKTGLLGGAGVGKTVIVQELINAFIKFHDGVSVFA
GIGERIREGHELWKEAEALGFLNKTAFIFGQMNESPGLRFRSGISGVKVAEYFRNNLGKSVLLFMDNIFRYVQAGSEISS
LLEKTPSAVGYQPTLFSEMGQLQERINSTKDGDITSIQAMYIPADDFTDPAAVAAFAHFDSTIILSRQLAAEGVYPAIDP
LESNSKMLSIKYTSREHLDIAKKTVQTLEKTKTLEDIINILGFDALSEDDKKVVEVGRRLKWFLTQPFVVAEKFSGVPGK
FVRLKDSLKGIKTILDGDLNHIPVSYFSFVGVVEEIIEKFNLDAKKEALKNELEQNQKDLASII
;
A,B,C,H,I,J
2 'polypeptide(L)'
;MKNLKITAIKDNLIFVEGEHQFSFLEIIKFSDKVEGVVLKANDRSAIVAILNEDKDLNLTVGSLAEATGELYKIPIYDNY
LGSIINVLGESLVKQYERTNVALDKKYVFTEAQPIFTRSAVNEPLVTGITVVDGVLPVGRGQKELIIGDRGTGKTAIALN
AMLAQENTDVINIFIAIGKKRDEIVEIYGTFKKHNILHKSIIVSAASDDAVAARYLAPYAGMAIAEFFQQIGKDVLVVMD
DLTNHADAYRELSLLAGIAPAREAYPGDIFYVHSSLLERGGKYGPEFGGGSITILPIAQTLAGDISGYIPTNLISITDGQ
IYTSAKLFNEGTRPAIDVNLSVSRLGSAAQSKFMAFASSGLKKIYTEYKYLKRLSSFSSKISNRDLETLQKGKAFESLID
QAEYEVIDYETSAILFLLLKKGFLNFYTEKTEALKVIIGVIKVFLAKDVLGRKMRAILVEHGIDSIVWNLYLNHMILPLL
KYHLLSELQYLATNREFIKKFKDIRNDGRILLAYERKGYERGIAYDYK
;
D,E,F,K,L,M
3 'polypeptide(L)'
;MKRKDVEEKKQNLDFYHNYIDISKIKVLQKLNEEIASLNMLKLQKGESHYLLNRIINKWFPHNSNIYHELHHENDRKELY
ILIDPKKLDLFSEALLRKLSQTVKERIRPDKDFVITVGTNVDNIARQLNLNIIDHYDLDLFNQIDDFANRIGELVDVGLN
NKIFNYVSLLIAQSSTKNNGGLVQERIVPFNTKNIKVWNESNQDENGMPIVSEENEVEIMSYAKTLRNINFKKHTWLPNI
NTFYEQFVKSVFKQELFEFKSISVIEELKIELQLLDEKKKRLEEQKKELILKWNRARKEEATLQSTLLFSAFKVKNQKST
RDEILRLSKGKNRNGA
;
G,N
4 'polypeptide(L)'
;MKKTLDQISLKNKKVIIRVDFNVPIVNGIVTSNKRIEAVIPTIKKVVNEGGKAILMSHLGRVKSEEDLKKKSLAPVVEIL
VNLLGMPITFVPATNGTELEETINSMKSGEIVMMENTRFEDLNNDAESSNNPDLGMYWASLGDVFINDAFGTVHRKHASN
VGISTYIAESGIGYLVEKEIKNLDKALSRPERPIVAILGGAKVSDKIGVLNNLLKYVDKIIIGGAMAYTFLAAQGIGIGK
SLVEEDKIDLAREYLKNNLDKFVLPIDYALAKDFEDVKPFYNLENTLEIPNGYMGLDIGPKSIEVFKKYIKDAKTILWNG
PLGVTEFKYFKEGTKAIAKAITELKGNVYTVVGGGDSVAIIEELGLDRRFSHVSTGGGATLEFLEGKELPGIQAIQNEGE
LGRTKEEIFSILTQNSEEVLHEHTAAFSTSEVEPANEEFPSEYNDSNSQTYFSNEVENDEDFLLNTNDFPTREASFPNEV
KTEEIILNENDDEFDIEDEELDSLPNDDIKF
;
O,P,Q
5 'polypeptide(L)'
;MKKTDKNQTGKEIMKKELLIKTNEQDINLAPKSQSTSKKLSNTWNYEELINQTKEIDVNSKIVKTELEYVEEDSRLRKEK
IELIQKNYDNLNAKPLVGVDLYESYSLVLNKSAWNYNEIIQRDTQLTILDMALQVHLFLYEGKIIDIAHIQKIIKTFVLN
VFAKIIKGVPIVLNPIIIFDSVRFDKSKILPVAVANPKLMPPLGVQDWDTIVDEDEEIKKIVSTFIKLLENALTVGHEVE
FFQDTLLVRNVDGITSLYVSEKAAQVFNNSVIDQIMPEKPKYEALEDPFSNKK
;
R,S,T,U,V,W
6 'polypeptide(L)'
;MTKNIFANKIANQKAYFKRDIKTVHTFLGRVNYIQRASKFNDEKRVFRPLQIELSGTNEIVDIYLEATTYISKKALDEIR
QNSYIFLEAKWLPESNFLNNPLFEIQNIVIEN
;
X
7 'polypeptide(L)' (UNK)(UNK)(UNK)(UNK)(UNK)(UNK)(UNK)(UNK)(UNK)(UNK)(UNK)(UNK)(UNK) Y
8 'polypeptide(L)' (UNK)(UNK)(UNK)(UNK)(UNK)(UNK)(UNK)(UNK)(UNK) Z
#
loop_
_chem_comp.id
_chem_comp.type
_chem_comp.name
_chem_comp.formula
ADP non-polymer ADENOSINE-5'-DIPHOSPHATE 'C10 H15 N5 O10 P2'
ATP non-polymer ADENOSINE-5'-TRIPHOSPHATE 'C10 H16 N5 O13 P3'
MG non-polymer 'MAGNESIUM ION' 'Mg 2'
PO4 non-polymer 'PHOSPHATE ION' 'O4 P -3'
#
# COMPACT_ATOMS: atom_id res chain seq x y z
N SER A 281 46.90 -98.57 32.74
CA SER A 281 45.82 -97.70 32.31
C SER A 281 45.80 -96.40 33.10
N PHE A 282 44.80 -95.57 32.84
CA PHE A 282 44.65 -94.28 33.50
C PHE A 282 43.61 -94.37 34.60
N ASN A 283 43.97 -93.89 35.80
CA ASN A 283 43.07 -93.94 36.94
C ASN A 283 42.57 -92.54 37.26
N PRO A 284 41.32 -92.21 36.95
CA PRO A 284 40.80 -90.88 37.28
C PRO A 284 40.77 -90.64 38.78
N THR A 285 41.13 -89.42 39.18
CA THR A 285 41.07 -89.02 40.58
C THR A 285 39.91 -88.10 40.90
N ASN A 286 39.41 -87.34 39.92
CA ASN A 286 38.21 -86.51 40.07
C ASN A 286 37.33 -86.70 38.84
N PRO A 287 36.78 -87.90 38.65
CA PRO A 287 35.97 -88.15 37.46
C PRO A 287 34.57 -87.55 37.58
N LEU A 288 33.97 -87.28 36.42
CA LEU A 288 32.60 -86.79 36.39
C LEU A 288 31.63 -87.92 36.70
N LYS A 289 30.54 -87.58 37.39
CA LYS A 289 29.56 -88.55 37.79
C LYS A 289 28.25 -88.31 37.06
N PRO A 290 27.69 -89.33 36.41
CA PRO A 290 26.43 -89.14 35.69
C PRO A 290 25.29 -88.79 36.63
N ILE A 291 24.24 -88.19 36.07
CA ILE A 291 23.14 -87.70 36.88
C ILE A 291 22.40 -88.87 37.52
N GLU A 292 21.61 -88.55 38.55
CA GLU A 292 20.86 -89.55 39.28
C GLU A 292 19.52 -89.80 38.61
N GLU A 293 19.14 -91.07 38.54
CA GLU A 293 17.84 -91.43 37.97
C GLU A 293 16.72 -90.93 38.87
N LYS A 294 15.69 -90.37 38.24
CA LYS A 294 14.61 -89.73 38.98
C LYS A 294 13.31 -89.84 38.18
N GLU A 295 12.21 -89.62 38.88
CA GLU A 295 10.89 -89.54 38.28
C GLU A 295 10.39 -88.11 38.35
N PHE A 296 9.51 -87.76 37.41
CA PHE A 296 8.93 -86.42 37.41
C PHE A 296 8.12 -86.19 38.68
N THR A 297 8.54 -85.21 39.47
CA THR A 297 7.95 -84.97 40.78
C THR A 297 7.31 -83.58 40.94
N ILE A 298 7.51 -82.67 40.00
CA ILE A 298 6.89 -81.35 40.08
C ILE A 298 6.04 -81.14 38.83
N PHE A 299 4.82 -80.67 39.01
CA PHE A 299 3.88 -80.49 37.91
C PHE A 299 3.24 -79.13 37.99
N GLY A 300 3.05 -78.49 36.85
CA GLY A 300 2.45 -77.17 36.85
C GLY A 300 2.05 -76.75 35.46
N GLU A 301 1.71 -75.47 35.34
CA GLU A 301 1.24 -74.94 34.06
C GLU A 301 1.66 -73.48 33.92
N ILE A 302 1.72 -73.04 32.66
CA ILE A 302 2.17 -71.69 32.32
C ILE A 302 1.02 -70.72 32.55
N VAL A 303 1.25 -69.72 33.40
CA VAL A 303 0.23 -68.74 33.72
C VAL A 303 0.53 -67.36 33.15
N GLU A 304 1.79 -67.06 32.80
CA GLU A 304 2.15 -65.84 32.11
C GLU A 304 3.05 -66.19 30.95
N ILE A 305 2.92 -65.44 29.85
CA ILE A 305 3.74 -65.66 28.67
C ILE A 305 4.39 -64.34 28.28
N ARG A 306 5.39 -64.45 27.41
CA ARG A 306 6.13 -63.34 26.85
C ARG A 306 7.05 -63.93 25.77
N SER A 307 7.85 -63.09 25.15
CA SER A 307 8.88 -63.58 24.25
C SER A 307 10.06 -64.07 25.09
N GLN A 308 10.30 -65.38 25.05
CA GLN A 308 11.42 -66.12 25.64
C GLN A 308 11.29 -66.30 27.16
N VAL A 309 10.32 -65.69 27.81
CA VAL A 309 10.22 -65.75 29.27
C VAL A 309 8.79 -66.14 29.65
N TYR A 310 8.66 -67.16 30.50
CA TYR A 310 7.36 -67.72 30.85
C TYR A 310 7.29 -67.96 32.35
N LYS A 311 6.12 -67.74 32.93
CA LYS A 311 5.90 -67.93 34.36
C LYS A 311 5.07 -69.18 34.57
N ILE A 312 5.54 -70.05 35.48
CA ILE A 312 4.92 -71.34 35.72
C ILE A 312 4.41 -71.39 37.15
N ARG A 313 3.16 -71.80 37.32
CA ARG A 313 2.59 -72.04 38.63
C ARG A 313 2.53 -73.55 38.87
N ILE A 314 2.97 -73.96 40.05
CA ILE A 314 3.11 -75.38 40.39
C ILE A 314 1.85 -75.84 41.12
N ASP A 315 1.21 -76.88 40.59
CA ASP A 315 0.02 -77.44 41.20
C ASP A 315 0.35 -78.57 42.17
N LYS A 316 1.13 -79.56 41.70
CA LYS A 316 1.47 -80.73 42.48
C LYS A 316 2.98 -80.89 42.55
N ALA A 317 3.49 -81.21 43.75
CA ALA A 317 4.91 -81.42 43.93
C ALA A 317 5.14 -82.22 45.21
N GLU A 318 5.97 -83.26 45.12
CA GLU A 318 6.43 -83.98 46.29
C GLU A 318 7.69 -83.40 46.89
N GLU A 319 8.25 -82.34 46.30
CA GLU A 319 9.44 -81.70 46.83
C GLU A 319 9.44 -80.24 46.41
N GLU A 320 10.24 -79.45 47.12
CA GLU A 320 10.37 -78.03 46.82
C GLU A 320 11.31 -77.82 45.63
N VAL A 321 10.97 -76.84 44.79
CA VAL A 321 11.70 -76.62 43.55
C VAL A 321 13.00 -75.88 43.85
N LEU A 322 14.04 -76.22 43.10
CA LEU A 322 15.37 -75.66 43.25
C LEU A 322 15.69 -74.69 42.11
N PRO A 323 16.62 -73.76 42.33
CA PRO A 323 17.04 -72.88 41.24
C PRO A 323 17.67 -73.65 40.09
N LYS A 324 17.49 -73.13 38.89
CA LYS A 324 18.13 -73.60 37.66
C LYS A 324 17.68 -75.00 37.23
N VAL A 325 16.56 -75.50 37.75
CA VAL A 325 16.06 -76.79 37.31
C VAL A 325 15.29 -76.61 36.01
N ILE A 326 14.97 -77.71 35.34
CA ILE A 326 14.37 -77.69 34.00
C ILE A 326 12.94 -78.19 34.11
N PHE A 327 12.01 -77.43 33.51
CA PHE A 327 10.64 -77.88 33.29
C PHE A 327 10.50 -78.30 31.83
N TYR A 328 9.98 -79.50 31.61
CA TYR A 328 9.77 -80.02 30.27
C TYR A 328 8.30 -79.91 29.90
N ALA A 329 8.05 -79.57 28.64
CA ALA A 329 6.71 -79.53 28.07
C ALA A 329 6.74 -80.21 26.71
N ASP A 330 5.60 -80.73 26.28
CA ASP A 330 5.47 -81.33 24.97
C ASP A 330 4.34 -80.68 24.19
N VAL A 331 4.62 -80.29 22.95
CA VAL A 331 3.62 -79.75 22.04
C VAL A 331 3.74 -80.52 20.72
N ASN A 332 2.70 -81.28 20.39
CA ASN A 332 2.68 -82.10 19.17
C ASN A 332 3.89 -83.02 19.09
N GLY A 333 4.31 -83.55 20.25
CA GLY A 333 5.44 -84.44 20.31
C GLY A 333 6.79 -83.76 20.34
N LYS A 334 6.84 -82.44 20.29
CA LYS A 334 8.09 -81.68 20.34
C LYS A 334 8.35 -81.25 21.77
N GLU A 335 9.57 -81.48 22.25
CA GLU A 335 9.94 -81.21 23.63
C GLU A 335 10.55 -79.83 23.77
N ILE A 336 10.04 -79.07 24.73
CA ILE A 336 10.52 -77.72 25.01
C ILE A 336 10.94 -77.66 26.47
N GLN A 337 12.16 -77.19 26.72
CA GLN A 337 12.72 -77.12 28.06
C GLN A 337 12.82 -75.67 28.51
N LEU A 338 12.49 -75.43 29.78
CA LEU A 338 12.51 -74.10 30.37
C LEU A 338 13.35 -74.14 31.64
N GLU A 339 14.36 -73.29 31.72
CA GLU A 339 15.21 -73.20 32.90
C GLU A 339 14.63 -72.20 33.88
N VAL A 340 14.65 -72.59 35.17
CA VAL A 340 14.14 -71.76 36.25
C VAL A 340 15.16 -70.68 36.60
N ALA A 341 14.68 -69.45 36.78
CA ALA A 341 15.52 -68.32 37.14
C ALA A 341 15.20 -67.80 38.53
N ASP A 342 13.93 -67.44 38.80
CA ASP A 342 13.52 -66.90 40.08
C ASP A 342 12.41 -67.75 40.68
N ILE A 343 12.40 -67.80 42.02
CA ILE A 343 11.37 -68.54 42.77
C ILE A 343 10.66 -67.50 43.64
N PHE A 344 9.52 -67.00 43.17
CA PHE A 344 8.82 -65.95 43.90
C PHE A 344 8.15 -66.48 45.15
N ASP A 345 7.47 -67.62 45.04
CA ASP A 345 6.73 -68.21 46.15
C ASP A 345 7.01 -69.70 46.18
N LYS A 346 6.21 -70.43 46.97
CA LYS A 346 6.33 -71.88 47.00
C LYS A 346 5.80 -72.52 45.73
N ASN A 347 4.98 -71.81 44.94
CA ASN A 347 4.34 -72.39 43.78
C ASN A 347 4.58 -71.65 42.48
N LEU A 348 5.20 -70.47 42.50
CA LEU A 348 5.32 -69.63 41.32
C LEU A 348 6.80 -69.43 40.99
N VAL A 349 7.17 -69.71 39.74
CA VAL A 349 8.55 -69.56 39.29
C VAL A 349 8.56 -68.90 37.92
N SER A 350 9.69 -68.27 37.61
CA SER A 350 9.93 -67.69 36.30
C SER A 350 10.98 -68.53 35.57
N THR A 351 10.84 -68.61 34.25
CA THR A 351 11.66 -69.50 33.44
C THR A 351 11.96 -68.85 32.11
N PHE A 352 13.05 -69.31 31.48
CA PHE A 352 13.37 -68.93 30.12
C PHE A 352 13.63 -70.17 29.28
N VAL A 353 13.33 -70.08 27.99
CA VAL A 353 13.32 -71.25 27.11
C VAL A 353 14.74 -71.58 26.67
N LEU A 354 15.02 -72.88 26.55
CA LEU A 354 16.26 -73.38 25.95
C LEU A 354 15.89 -73.98 24.59
N GLY A 355 15.87 -73.13 23.57
CA GLY A 355 15.49 -73.54 22.24
C GLY A 355 14.34 -72.70 21.71
N ASN A 356 13.57 -73.28 20.81
CA ASN A 356 12.44 -72.59 20.20
C ASN A 356 11.24 -72.63 21.14
N GLU A 357 10.49 -71.53 21.18
CA GLU A 357 9.31 -71.41 22.03
C GLU A 357 8.02 -71.63 21.28
N THR A 358 8.07 -71.86 19.97
CA THR A 358 6.87 -71.99 19.16
C THR A 358 6.01 -73.15 19.63
N GLY A 359 4.83 -72.86 20.15
CA GLY A 359 3.94 -73.89 20.65
C GLY A 359 3.45 -73.64 22.06
N LEU A 360 4.24 -72.90 22.83
CA LEU A 360 3.87 -72.62 24.22
C LEU A 360 2.70 -71.64 24.28
N LYS A 361 1.71 -71.95 25.10
CA LYS A 361 0.55 -71.10 25.30
C LYS A 361 0.28 -70.96 26.79
N ILE A 362 -0.80 -70.27 27.12
CA ILE A 362 -1.30 -70.24 28.49
C ILE A 362 -1.98 -71.56 28.80
N GLY A 363 -1.58 -72.20 29.90
CA GLY A 363 -2.14 -73.47 30.29
C GLY A 363 -1.38 -74.69 29.81
N THR A 364 -0.28 -74.52 29.08
CA THR A 364 0.56 -75.64 28.71
C THR A 364 1.07 -76.36 29.96
N LYS A 365 0.97 -77.68 29.96
CA LYS A 365 1.38 -78.47 31.12
C LYS A 365 2.88 -78.72 31.09
N VAL A 366 3.53 -78.56 32.24
CA VAL A 366 4.97 -78.72 32.37
C VAL A 366 5.25 -79.63 33.56
N LYS A 367 6.28 -80.46 33.44
CA LYS A 367 6.70 -81.36 34.51
C LYS A 367 8.21 -81.29 34.69
N SER A 368 8.66 -81.54 35.91
CA SER A 368 10.05 -81.35 36.28
C SER A 368 10.52 -82.43 37.23
N LYS A 369 11.76 -82.86 37.04
CA LYS A 369 12.47 -83.77 37.93
C LYS A 369 13.28 -83.04 38.98
N ASN A 370 13.17 -81.71 39.06
CA ASN A 370 13.95 -80.90 39.99
C ASN A 370 15.45 -81.05 39.71
N GLN A 371 15.81 -81.16 38.44
CA GLN A 371 17.20 -81.31 38.02
C GLN A 371 17.48 -80.37 36.85
N SER A 372 18.71 -79.87 36.79
CA SER A 372 19.12 -79.02 35.69
C SER A 372 19.34 -79.84 34.43
N TYR A 373 19.49 -79.14 33.31
CA TYR A 373 19.58 -79.80 32.02
C TYR A 373 20.85 -80.64 31.92
N ALA A 374 20.75 -81.74 31.18
CA ALA A 374 21.84 -82.69 31.02
C ALA A 374 21.96 -83.07 29.55
N ILE A 375 23.17 -83.48 29.17
CA ILE A 375 23.46 -83.92 27.81
C ILE A 375 24.17 -85.27 27.88
N LYS A 376 24.11 -85.99 26.76
CA LYS A 376 24.78 -87.28 26.66
C LYS A 376 26.24 -87.05 26.27
N ILE A 377 27.16 -87.51 27.11
CA ILE A 377 28.59 -87.38 26.86
C ILE A 377 29.21 -88.77 26.88
N SER A 378 30.19 -88.97 26.01
CA SER A 378 30.98 -90.20 25.90
C SER A 378 32.05 -89.95 24.86
N LYS A 379 32.90 -90.96 24.64
CA LYS A 379 33.89 -90.89 23.58
C LYS A 379 33.27 -90.86 22.19
N ARG A 380 31.99 -91.20 22.07
CA ARG A 380 31.29 -91.21 20.79
C ARG A 380 30.95 -89.81 20.30
N LEU A 381 31.17 -88.79 21.12
CA LEU A 381 30.87 -87.42 20.71
C LEU A 381 31.84 -86.89 19.68
N LEU A 382 33.06 -87.43 19.61
CA LEU A 382 34.04 -86.94 18.66
C LEU A 382 33.55 -87.19 17.23
N GLY A 383 33.62 -86.15 16.41
CA GLY A 383 33.11 -86.21 15.06
C GLY A 383 31.64 -85.92 14.92
N ARG A 384 30.93 -85.66 16.01
CA ARG A 384 29.51 -85.36 15.99
C ARG A 384 29.29 -83.87 16.22
N VAL A 385 28.30 -83.31 15.52
CA VAL A 385 27.94 -81.91 15.66
C VAL A 385 26.60 -81.82 16.36
N ILE A 386 26.59 -81.21 17.53
CA ILE A 386 25.39 -81.07 18.35
C ILE A 386 25.24 -79.62 18.79
N ASP A 387 24.13 -79.33 19.44
CA ASP A 387 23.87 -78.03 20.04
C ASP A 387 23.96 -78.13 21.55
N PRO A 388 23.87 -77.00 22.27
CA PRO A 388 24.06 -77.05 23.74
C PRO A 388 23.19 -78.06 24.47
N ILE A 389 21.97 -78.32 24.00
CA ILE A 389 21.09 -79.25 24.70
C ILE A 389 21.13 -80.66 24.11
N GLY A 390 21.98 -80.92 23.12
CA GLY A 390 22.18 -82.25 22.62
C GLY A 390 21.37 -82.64 21.39
N LYS A 391 20.76 -81.68 20.70
CA LYS A 391 20.08 -81.99 19.45
C LYS A 391 21.09 -82.23 18.34
N ILE A 392 20.85 -83.28 17.56
CA ILE A 392 21.79 -83.66 16.50
C ILE A 392 21.72 -82.65 15.36
N LEU A 393 22.88 -82.23 14.88
CA LEU A 393 22.96 -81.16 13.89
C LEU A 393 23.77 -81.52 12.65
N ASP A 394 24.12 -82.79 12.44
CA ASP A 394 24.91 -83.17 11.28
C ASP A 394 24.20 -84.10 10.30
N ASP A 395 23.02 -84.62 10.64
CA ASP A 395 22.25 -85.40 9.68
C ASP A 395 20.77 -85.25 9.99
N SER A 396 19.95 -85.49 8.96
CA SER A 396 18.50 -85.33 9.10
C SER A 396 17.88 -86.48 9.89
N ILE A 397 18.39 -87.70 9.72
CA ILE A 397 17.86 -88.86 10.42
C ILE A 397 18.13 -88.80 11.92
N ALA A 398 19.00 -87.89 12.36
CA ALA A 398 19.29 -87.68 13.78
C ALA A 398 19.82 -88.96 14.44
N THR A 399 20.99 -89.38 13.97
CA THR A 399 21.64 -90.55 14.52
C THR A 399 21.99 -90.31 15.98
N PRO A 400 21.53 -91.13 16.91
CA PRO A 400 21.75 -90.85 18.34
C PRO A 400 23.22 -90.98 18.72
N VAL A 401 23.57 -90.26 19.79
CA VAL A 401 24.90 -90.29 20.37
C VAL A 401 24.81 -91.03 21.69
N HIS A 402 25.58 -92.11 21.83
CA HIS A 402 25.55 -92.90 23.04
C HIS A 402 26.43 -92.29 24.11
N GLY A 403 26.09 -92.54 25.36
CA GLY A 403 26.87 -92.03 26.47
C GLY A 403 26.01 -91.93 27.72
N ASN A 404 26.54 -91.20 28.70
CA ASN A 404 25.83 -91.02 29.95
C ASN A 404 25.34 -89.58 30.08
N MET A 405 24.31 -89.40 30.90
CA MET A 405 23.73 -88.09 31.13
C MET A 405 24.56 -87.32 32.15
N TYR A 406 25.12 -86.18 31.73
CA TYR A 406 25.87 -85.30 32.62
C TYR A 406 25.26 -83.91 32.59
N ALA A 407 25.21 -83.27 33.75
CA ALA A 407 24.64 -81.93 33.86
C ALA A 407 25.75 -80.91 33.83
N PRO A 408 25.87 -80.12 32.75
CA PRO A 408 26.96 -79.12 32.70
C PRO A 408 26.89 -78.08 33.80
N LEU A 409 25.69 -77.71 34.24
CA LEU A 409 25.59 -76.68 35.27
C LEU A 409 26.07 -77.19 36.63
N GLU A 410 25.84 -78.47 36.92
CA GLU A 410 26.24 -79.06 38.19
C GLU A 410 27.69 -79.50 38.10
N MET A 411 28.58 -78.79 38.77
CA MET A 411 29.99 -79.16 38.85
C MET A 411 30.27 -79.69 40.25
N GLN A 412 30.92 -80.85 40.32
CA GLN A 412 31.11 -81.57 41.57
C GLN A 412 32.59 -81.79 41.82
N HIS A 413 33.02 -81.47 43.04
CA HIS A 413 34.40 -81.68 43.47
C HIS A 413 34.40 -81.89 44.98
N ASP A 414 35.49 -82.47 45.48
CA ASP A 414 35.51 -82.89 46.88
C ASP A 414 35.33 -81.71 47.83
N SER A 415 36.01 -80.60 47.55
CA SER A 415 35.94 -79.42 48.40
C SER A 415 36.54 -78.26 47.62
N GLU A 416 36.46 -77.05 48.22
CA GLU A 416 37.01 -75.88 47.57
C GLU A 416 38.52 -75.99 47.39
N ALA A 417 39.21 -76.57 48.38
CA ALA A 417 40.65 -76.75 48.29
C ALA A 417 41.04 -77.57 47.06
N THR A 418 40.20 -78.53 46.68
CA THR A 418 40.49 -79.35 45.50
C THR A 418 40.60 -78.50 44.25
N ARG A 419 39.92 -77.36 44.21
CA ARG A 419 40.00 -76.47 43.06
C ARG A 419 41.32 -75.73 42.96
N TYR A 420 42.16 -75.79 44.00
CA TYR A 420 43.42 -75.08 44.02
C TYR A 420 44.61 -75.99 43.70
N VAL A 421 44.37 -77.24 43.35
CA VAL A 421 45.44 -78.15 42.92
C VAL A 421 45.49 -78.05 41.40
N VAL A 422 46.24 -77.07 40.91
CA VAL A 422 46.35 -76.82 39.47
C VAL A 422 47.83 -76.72 39.12
N SER A 423 48.14 -77.11 37.89
CA SER A 423 49.52 -77.09 37.43
C SER A 423 49.91 -75.69 36.95
N PRO A 424 51.19 -75.33 37.09
CA PRO A 424 51.64 -74.05 36.55
C PRO A 424 51.93 -74.15 35.05
N LYS A 425 51.76 -73.03 34.36
CA LYS A 425 52.13 -72.97 32.95
C LYS A 425 53.64 -73.06 32.81
N ASN A 426 54.10 -73.98 31.96
CA ASN A 426 55.53 -74.13 31.75
C ASN A 426 55.89 -74.39 30.29
N ALA A 427 55.02 -74.03 29.35
CA ALA A 427 55.28 -74.31 27.95
C ALA A 427 54.61 -73.24 27.08
N ILE A 428 55.10 -73.12 25.86
CA ILE A 428 54.57 -72.19 24.87
C ILE A 428 54.33 -72.94 23.58
N LEU A 429 53.15 -72.76 23.00
CA LEU A 429 52.82 -73.38 21.73
C LEU A 429 53.37 -72.55 20.57
N GLU A 430 53.83 -73.25 19.53
CA GLU A 430 54.28 -72.60 18.30
C GLU A 430 53.14 -72.56 17.30
N THR A 431 52.89 -71.37 16.75
CA THR A 431 51.77 -71.16 15.84
C THR A 431 52.17 -71.01 14.38
N GLY A 432 53.42 -70.62 14.11
CA GLY A 432 53.84 -70.34 12.75
C GLY A 432 53.55 -68.94 12.28
N ILE A 433 52.89 -68.12 13.09
CA ILE A 433 52.59 -66.74 12.77
C ILE A 433 53.66 -65.87 13.41
N LYS A 434 54.33 -65.05 12.61
CA LYS A 434 55.52 -64.33 13.07
C LYS A 434 55.20 -63.44 14.27
N VAL A 435 54.17 -62.59 14.13
CA VAL A 435 53.88 -61.62 15.18
C VAL A 435 53.45 -62.32 16.47
N ILE A 436 52.60 -63.34 16.36
CA ILE A 436 52.15 -64.05 17.55
C ILE A 436 53.29 -64.84 18.17
N ASP A 437 54.12 -65.47 17.35
CA ASP A 437 55.22 -66.27 17.89
C ASP A 437 56.28 -65.41 18.55
N VAL A 438 56.48 -64.19 18.07
CA VAL A 438 57.57 -63.34 18.58
C VAL A 438 57.09 -62.44 19.71
N LEU A 439 56.03 -61.66 19.49
CA LEU A 439 55.64 -60.63 20.45
C LEU A 439 54.58 -61.10 21.44
N LEU A 440 53.71 -62.03 21.06
CA LEU A 440 52.57 -62.43 21.88
C LEU A 440 52.49 -63.95 21.98
N PRO A 441 53.46 -64.59 22.63
CA PRO A 441 53.46 -66.05 22.70
C PRO A 441 52.21 -66.58 23.38
N ILE A 442 51.76 -67.73 22.91
CA ILE A 442 50.50 -68.33 23.35
C ILE A 442 50.81 -69.42 24.38
N PRO A 443 50.19 -69.41 25.55
CA PRO A 443 50.50 -70.44 26.55
C PRO A 443 49.92 -71.79 26.18
N LYS A 444 50.54 -72.82 26.75
CA LYS A 444 49.98 -74.18 26.73
C LYS A 444 49.42 -74.47 28.11
N GLY A 445 48.12 -74.74 28.17
CA GLY A 445 47.42 -74.84 29.44
C GLY A 445 46.88 -73.52 29.96
N GLY A 446 47.02 -72.43 29.20
CA GLY A 446 46.52 -71.15 29.58
C GLY A 446 45.38 -70.69 28.71
N LYS A 447 45.15 -69.37 28.69
CA LYS A 447 44.07 -68.77 27.93
C LYS A 447 44.59 -67.64 27.07
N THR A 448 44.22 -67.67 25.79
CA THR A 448 44.52 -66.59 24.86
C THR A 448 43.22 -66.05 24.30
N GLY A 449 43.19 -64.75 24.06
CA GLY A 449 42.00 -64.09 23.55
C GLY A 449 42.32 -63.23 22.36
N LEU A 450 41.39 -63.20 21.40
CA LEU A 450 41.51 -62.42 20.18
C LEU A 450 40.37 -61.42 20.13
N LEU A 451 40.67 -60.16 20.40
CA LEU A 451 39.68 -59.11 20.52
C LEU A 451 39.72 -58.21 19.29
N GLY A 452 38.55 -57.73 18.89
CA GLY A 452 38.46 -56.84 17.75
C GLY A 452 37.03 -56.59 17.39
N GLY A 453 36.83 -55.57 16.55
CA GLY A 453 35.51 -55.19 16.11
C GLY A 453 34.97 -56.13 15.04
N ALA A 454 33.92 -55.67 14.37
CA ALA A 454 33.28 -56.48 13.35
C ALA A 454 34.11 -56.51 12.08
N GLY A 455 34.36 -57.71 11.57
CA GLY A 455 35.06 -57.87 10.31
C GLY A 455 36.51 -57.44 10.30
N VAL A 456 37.27 -57.76 11.35
CA VAL A 456 38.69 -57.45 11.39
C VAL A 456 39.57 -58.68 11.25
N GLY A 457 39.03 -59.89 11.43
CA GLY A 457 39.81 -61.09 11.19
C GLY A 457 39.97 -62.04 12.35
N LYS A 458 39.00 -62.05 13.28
CA LYS A 458 39.09 -62.97 14.41
C LYS A 458 38.90 -64.41 13.96
N THR A 459 37.87 -64.66 13.14
CA THR A 459 37.55 -66.02 12.73
C THR A 459 38.65 -66.62 11.86
N VAL A 460 39.27 -65.80 11.00
CA VAL A 460 40.36 -66.30 10.16
C VAL A 460 41.54 -66.72 11.01
N ILE A 461 41.88 -65.94 12.03
CA ILE A 461 42.99 -66.31 12.92
C ILE A 461 42.65 -67.55 13.72
N VAL A 462 41.39 -67.68 14.16
CA VAL A 462 40.98 -68.88 14.89
C VAL A 462 41.11 -70.11 14.00
N GLN A 463 40.68 -70.00 12.74
CA GLN A 463 40.78 -71.12 11.82
C GLN A 463 42.22 -71.47 11.51
N GLU A 464 43.09 -70.45 11.37
CA GLU A 464 44.51 -70.72 11.15
C GLU A 464 45.13 -71.43 12.35
N LEU A 465 44.76 -71.01 13.56
CA LEU A 465 45.27 -71.69 14.75
C LEU A 465 44.77 -73.12 14.84
N ILE A 466 43.51 -73.36 14.46
CA ILE A 466 43.00 -74.72 14.42
C ILE A 466 43.80 -75.55 13.43
N ASN A 467 44.07 -75.00 12.24
CA ASN A 467 44.82 -75.73 11.23
C ASN A 467 46.24 -76.03 11.70
N ALA A 468 46.87 -75.09 12.39
CA ALA A 468 48.25 -75.25 12.82
C ALA A 468 48.41 -76.01 14.13
N PHE A 469 47.33 -76.27 14.87
CA PHE A 469 47.42 -76.97 16.14
C PHE A 469 46.88 -78.39 16.08
N ILE A 470 45.68 -78.57 15.54
CA ILE A 470 45.11 -79.92 15.47
C ILE A 470 45.85 -80.73 14.42
N LYS A 471 45.75 -82.06 14.52
CA LYS A 471 46.43 -83.10 13.76
C LYS A 471 47.87 -83.28 14.26
N PHE A 472 48.38 -82.41 15.12
CA PHE A 472 49.67 -82.57 15.75
C PHE A 472 49.56 -82.58 17.27
N HIS A 473 48.34 -82.68 17.80
CA HIS A 473 48.08 -82.49 19.21
C HIS A 473 47.87 -83.84 19.88
N ASP A 474 48.53 -84.05 21.02
CA ASP A 474 48.43 -85.30 21.76
C ASP A 474 47.21 -85.27 22.68
N GLY A 475 46.04 -85.34 22.04
CA GLY A 475 44.79 -85.26 22.77
C GLY A 475 43.62 -85.06 21.84
N VAL A 476 42.61 -84.36 22.34
CA VAL A 476 41.38 -84.11 21.60
C VAL A 476 41.14 -82.61 21.51
N SER A 477 40.12 -82.25 20.74
CA SER A 477 39.76 -80.85 20.52
C SER A 477 38.25 -80.68 20.64
N VAL A 478 37.84 -79.56 21.22
CA VAL A 478 36.42 -79.22 21.37
C VAL A 478 36.22 -77.81 20.85
N PHE A 479 35.31 -77.66 19.90
CA PHE A 479 34.94 -76.35 19.36
C PHE A 479 33.55 -75.99 19.84
N ALA A 480 33.39 -74.74 20.29
CA ALA A 480 32.11 -74.22 20.77
C ALA A 480 31.79 -72.94 20.02
N GLY A 481 30.83 -73.03 19.09
CA GLY A 481 30.29 -71.86 18.44
C GLY A 481 29.18 -71.27 19.25
N ILE A 482 29.32 -69.98 19.58
CA ILE A 482 28.39 -69.26 20.44
C ILE A 482 27.94 -68.02 19.66
N GLY A 483 26.73 -68.07 19.12
CA GLY A 483 26.18 -66.91 18.44
C GLY A 483 26.97 -66.44 17.24
N GLU A 484 27.43 -67.37 16.41
CA GLU A 484 28.18 -67.06 15.20
C GLU A 484 27.37 -67.48 13.98
N ARG A 485 27.97 -67.29 12.81
CA ARG A 485 27.28 -67.56 11.56
C ARG A 485 27.05 -69.06 11.37
N ILE A 486 25.93 -69.39 10.72
CA ILE A 486 25.68 -70.77 10.34
C ILE A 486 26.63 -71.19 9.23
N ARG A 487 26.87 -70.29 8.27
CA ARG A 487 27.77 -70.60 7.17
C ARG A 487 29.18 -70.91 7.66
N GLU A 488 29.65 -70.16 8.66
CA GLU A 488 30.98 -70.43 9.21
C GLU A 488 31.05 -71.80 9.88
N GLY A 489 30.00 -72.17 10.62
CA GLY A 489 29.98 -73.49 11.23
C GLY A 489 29.95 -74.60 10.21
N HIS A 490 29.15 -74.42 9.15
CA HIS A 490 29.11 -75.42 8.07
C HIS A 490 30.47 -75.52 7.38
N GLU A 491 31.10 -74.38 7.10
CA GLU A 491 32.41 -74.40 6.46
C GLU A 491 33.44 -75.11 7.35
N LEU A 492 33.42 -74.83 8.65
CA LEU A 492 34.39 -75.46 9.54
C LEU A 492 34.15 -76.95 9.66
N TRP A 493 32.89 -77.38 9.71
CA TRP A 493 32.58 -78.80 9.75
C TRP A 493 33.05 -79.51 8.48
N LYS A 494 32.80 -78.89 7.32
CA LYS A 494 33.25 -79.50 6.07
C LYS A 494 34.77 -79.54 5.99
N GLU A 495 35.44 -78.48 6.46
CA GLU A 495 36.90 -78.49 6.47
C GLU A 495 37.45 -79.56 7.40
N ALA A 496 36.80 -79.75 8.55
CA ALA A 496 37.21 -80.81 9.47
C ALA A 496 37.06 -82.17 8.83
N GLU A 497 35.97 -82.38 8.08
CA GLU A 497 35.81 -83.64 7.35
C GLU A 497 36.89 -83.80 6.27
N ALA A 498 37.20 -82.72 5.56
CA ALA A 498 38.08 -82.82 4.40
C ALA A 498 39.54 -83.02 4.82
N LEU A 499 39.97 -82.37 5.91
CA LEU A 499 41.36 -82.45 6.34
C LEU A 499 41.61 -83.58 7.33
N GLY A 500 40.60 -84.36 7.66
CA GLY A 500 40.80 -85.60 8.39
C GLY A 500 40.83 -85.49 9.89
N PHE A 501 40.68 -84.30 10.46
CA PHE A 501 40.71 -84.15 11.91
C PHE A 501 39.31 -84.07 12.51
N LEU A 502 38.28 -84.42 11.75
CA LEU A 502 36.92 -84.38 12.28
C LEU A 502 36.74 -85.39 13.42
N ASN A 503 37.27 -86.60 13.26
CA ASN A 503 37.07 -87.65 14.25
C ASN A 503 37.79 -87.37 15.57
N LYS A 504 38.67 -86.37 15.59
CA LYS A 504 39.38 -85.99 16.81
C LYS A 504 38.78 -84.74 17.44
N THR A 505 37.65 -84.26 16.93
CA THR A 505 37.07 -82.99 17.33
C THR A 505 35.60 -83.17 17.69
N ALA A 506 35.18 -82.53 18.77
CA ALA A 506 33.77 -82.49 19.17
C ALA A 506 33.24 -81.07 18.94
N PHE A 507 32.13 -80.97 18.21
CA PHE A 507 31.55 -79.70 17.83
C PHE A 507 30.28 -79.43 18.62
N ILE A 508 30.16 -78.22 19.15
CA ILE A 508 28.94 -77.74 19.79
C ILE A 508 28.61 -76.40 19.16
N PHE A 509 27.33 -76.17 18.84
CA PHE A 509 26.94 -75.01 18.04
C PHE A 509 25.61 -74.45 18.57
N GLY A 510 25.69 -73.38 19.36
CA GLY A 510 24.54 -72.52 19.55
C GLY A 510 24.79 -71.20 18.84
N GLN A 511 24.20 -71.01 17.67
CA GLN A 511 24.61 -69.95 16.76
C GLN A 511 23.71 -68.73 16.90
N MET A 512 23.93 -67.73 16.04
CA MET A 512 23.24 -66.46 16.18
C MET A 512 21.77 -66.53 15.84
N ASN A 513 21.30 -67.62 15.24
CA ASN A 513 19.90 -67.81 14.95
C ASN A 513 19.13 -68.42 16.10
N GLU A 514 19.78 -68.72 17.21
CA GLU A 514 19.16 -69.41 18.33
C GLU A 514 18.67 -68.42 19.36
N SER A 515 17.84 -68.92 20.27
CA SER A 515 17.26 -68.09 21.32
C SER A 515 18.33 -67.71 22.33
N PRO A 516 18.07 -66.67 23.13
CA PRO A 516 19.04 -66.31 24.18
C PRO A 516 19.33 -67.44 25.15
N GLY A 517 18.35 -68.31 25.41
CA GLY A 517 18.57 -69.41 26.34
C GLY A 517 19.61 -70.41 25.86
N LEU A 518 19.73 -70.58 24.54
CA LEU A 518 20.70 -71.51 24.00
C LEU A 518 22.08 -70.90 23.85
N ARG A 519 22.16 -69.63 23.44
CA ARG A 519 23.44 -68.95 23.34
C ARG A 519 24.08 -68.77 24.71
N PHE A 520 23.30 -68.87 25.78
CA PHE A 520 23.79 -68.73 27.14
C PHE A 520 24.43 -70.02 27.66
N ARG A 521 24.18 -71.16 27.02
CA ARG A 521 24.63 -72.45 27.52
C ARG A 521 25.64 -73.14 26.63
N SER A 522 26.01 -72.56 25.48
CA SER A 522 26.96 -73.22 24.60
C SER A 522 28.32 -73.37 25.26
N GLY A 523 28.81 -72.29 25.90
CA GLY A 523 30.10 -72.35 26.55
C GLY A 523 30.13 -73.33 27.71
N ILE A 524 29.03 -73.39 28.47
CA ILE A 524 28.96 -74.32 29.59
C ILE A 524 29.04 -75.76 29.08
N SER A 525 28.30 -76.08 28.02
CA SER A 525 28.35 -77.43 27.47
C SER A 525 29.73 -77.76 26.90
N GLY A 526 30.35 -76.81 26.21
CA GLY A 526 31.71 -77.04 25.71
C GLY A 526 32.71 -77.30 26.82
N VAL A 527 32.61 -76.51 27.89
CA VAL A 527 33.51 -76.70 29.03
C VAL A 527 33.23 -78.05 29.70
N LYS A 528 31.97 -78.45 29.79
CA LYS A 528 31.65 -79.74 30.38
C LYS A 528 32.22 -80.88 29.55
N VAL A 529 32.14 -80.77 28.22
CA VAL A 529 32.71 -81.81 27.36
C VAL A 529 34.23 -81.87 27.52
N ALA A 530 34.88 -80.70 27.57
CA ALA A 530 36.32 -80.69 27.78
C ALA A 530 36.68 -81.29 29.14
N GLU A 531 35.89 -81.00 30.16
CA GLU A 531 36.14 -81.55 31.48
C GLU A 531 35.94 -83.06 31.51
N TYR A 532 34.97 -83.57 30.74
CA TYR A 532 34.83 -85.01 30.62
C TYR A 532 36.04 -85.63 29.96
N PHE A 533 36.52 -85.02 28.87
CA PHE A 533 37.64 -85.59 28.15
C PHE A 533 38.96 -85.45 28.91
N ARG A 534 39.04 -84.52 29.86
CA ARG A 534 40.26 -84.38 30.67
C ARG A 534 40.22 -85.21 31.93
N ASN A 535 39.13 -85.13 32.69
CA ASN A 535 39.06 -85.82 33.98
C ASN A 535 38.86 -87.32 33.83
N ASN A 536 38.04 -87.74 32.86
CA ASN A 536 37.65 -89.13 32.75
C ASN A 536 38.52 -89.95 31.80
N LEU A 537 39.21 -89.31 30.86
CA LEU A 537 40.07 -90.02 29.93
C LEU A 537 41.53 -89.57 29.99
N GLY A 538 41.86 -88.58 30.80
CA GLY A 538 43.23 -88.14 30.93
C GLY A 538 43.83 -87.62 29.65
N LYS A 539 43.06 -86.86 28.87
CA LYS A 539 43.50 -86.33 27.60
C LYS A 539 43.70 -84.83 27.70
N SER A 540 44.58 -84.31 26.84
CA SER A 540 44.76 -82.86 26.71
C SER A 540 43.75 -82.33 25.71
N VAL A 541 43.01 -81.31 26.11
CA VAL A 541 41.91 -80.77 25.30
C VAL A 541 42.34 -79.42 24.75
N LEU A 542 42.15 -79.25 23.44
CA LEU A 542 42.28 -77.94 22.80
C LEU A 542 40.87 -77.36 22.68
N LEU A 543 40.57 -76.34 23.48
CA LEU A 543 39.23 -75.76 23.53
C LEU A 543 39.22 -74.46 22.73
N PHE A 544 38.38 -74.41 21.71
CA PHE A 544 38.17 -73.21 20.91
C PHE A 544 36.77 -72.68 21.19
N MET A 545 36.67 -71.40 21.50
CA MET A 545 35.39 -70.75 21.74
C MET A 545 35.25 -69.56 20.82
N ASP A 546 34.12 -69.46 20.13
CA ASP A 546 33.89 -68.35 19.21
C ASP A 546 32.40 -68.25 18.97
N ASN A 547 31.77 -67.15 19.39
CA ASN A 547 32.42 -65.99 19.97
C ASN A 547 32.04 -65.86 21.45
N ILE A 548 33.03 -65.63 22.31
CA ILE A 548 32.79 -65.64 23.75
C ILE A 548 32.05 -64.40 24.23
N PHE A 549 31.89 -63.38 23.38
CA PHE A 549 31.09 -62.23 23.76
C PHE A 549 29.60 -62.52 23.71
N ARG A 550 29.18 -63.45 22.85
CA ARG A 550 27.76 -63.73 22.69
C ARG A 550 27.18 -64.41 23.93
N TYR A 551 28.01 -65.13 24.69
CA TYR A 551 27.56 -65.70 25.95
C TYR A 551 27.13 -64.59 26.91
N VAL A 552 27.98 -63.57 27.07
CA VAL A 552 27.65 -62.42 27.91
C VAL A 552 26.45 -61.69 27.37
N GLN A 553 26.38 -61.52 26.04
CA GLN A 553 25.25 -60.81 25.45
C GLN A 553 23.93 -61.54 25.71
N ALA A 554 23.93 -62.86 25.58
CA ALA A 554 22.72 -63.64 25.85
C ALA A 554 22.34 -63.56 27.32
N GLY A 555 23.32 -63.63 28.23
CA GLY A 555 23.01 -63.44 29.63
C GLY A 555 22.41 -62.08 29.91
N SER A 556 22.92 -61.04 29.26
CA SER A 556 22.36 -59.70 29.40
C SER A 556 20.92 -59.64 28.90
N GLU A 557 20.65 -60.27 27.76
CA GLU A 557 19.28 -60.28 27.24
C GLU A 557 18.34 -61.01 28.18
N ILE A 558 18.77 -62.15 28.73
CA ILE A 558 17.94 -62.88 29.67
C ILE A 558 17.66 -62.04 30.91
N SER A 559 18.70 -61.37 31.43
CA SER A 559 18.50 -60.52 32.60
C SER A 559 17.54 -59.37 32.29
N SER A 560 17.63 -58.80 31.09
CA SER A 560 16.73 -57.72 30.70
C SER A 560 15.29 -58.21 30.56
N LEU A 561 15.10 -59.45 30.10
CA LEU A 561 13.75 -59.99 29.95
C LEU A 561 13.11 -60.34 31.28
N LEU A 562 13.89 -60.58 32.33
CA LEU A 562 13.37 -60.86 33.65
C LEU A 562 13.15 -59.61 34.48
N GLU A 563 13.37 -58.43 33.89
CA GLU A 563 13.08 -57.14 34.52
C GLU A 563 13.91 -56.95 35.79
N LYS A 564 15.22 -56.99 35.62
CA LYS A 564 16.16 -56.69 36.69
C LYS A 564 16.84 -55.35 36.41
N THR A 565 17.27 -54.69 37.47
CA THR A 565 17.84 -53.36 37.33
C THR A 565 19.15 -53.44 36.55
N PRO A 566 19.28 -52.75 35.43
CA PRO A 566 20.52 -52.86 34.64
C PRO A 566 21.69 -52.19 35.33
N SER A 567 22.88 -52.64 34.94
CA SER A 567 24.12 -51.99 35.35
C SER A 567 24.47 -50.93 34.32
N ALA A 568 25.71 -50.43 34.36
CA ALA A 568 26.14 -49.42 33.40
C ALA A 568 26.11 -49.99 31.99
N VAL A 569 25.74 -49.13 31.03
CA VAL A 569 25.64 -49.46 29.61
C VAL A 569 24.55 -50.52 29.44
N GLY A 570 23.65 -50.60 30.41
CA GLY A 570 22.53 -51.52 30.33
C GLY A 570 22.91 -52.99 30.37
N TYR A 571 23.97 -53.35 31.08
CA TYR A 571 24.35 -54.74 31.23
C TYR A 571 23.73 -55.33 32.50
N GLN A 572 23.81 -56.64 32.61
CA GLN A 572 23.31 -57.31 33.80
C GLN A 572 24.20 -57.02 35.01
N PRO A 573 23.64 -57.00 36.22
CA PRO A 573 24.46 -56.78 37.42
C PRO A 573 25.49 -57.87 37.64
N THR A 574 25.23 -59.09 37.19
CA THR A 574 26.08 -60.25 37.46
C THR A 574 27.03 -60.55 36.31
N LEU A 575 27.53 -59.51 35.63
CA LEU A 575 28.35 -59.73 34.45
C LEU A 575 29.68 -60.38 34.80
N PHE A 576 30.39 -59.83 35.78
CA PHE A 576 31.71 -60.37 36.13
C PHE A 576 31.59 -61.77 36.72
N SER A 577 30.58 -61.99 37.58
CA SER A 577 30.36 -63.32 38.13
C SER A 577 30.02 -64.32 37.04
N GLU A 578 29.20 -63.91 36.07
CA GLU A 578 28.86 -64.81 34.97
C GLU A 578 30.08 -65.17 34.13
N MET A 579 30.95 -64.18 33.86
CA MET A 579 32.18 -64.48 33.13
C MET A 579 33.08 -65.42 33.92
N GLY A 580 33.21 -65.19 35.22
CA GLY A 580 34.07 -66.03 36.04
C GLY A 580 33.56 -67.46 36.16
N GLN A 581 32.24 -67.62 36.25
CA GLN A 581 31.66 -68.96 36.39
C GLN A 581 32.00 -69.86 35.21
N LEU A 582 32.21 -69.27 34.04
CA LEU A 582 32.62 -70.04 32.87
C LEU A 582 34.14 -70.12 32.74
N GLN A 583 34.84 -69.03 33.02
CA GLN A 583 36.27 -68.99 32.77
C GLN A 583 37.09 -69.77 33.81
N GLU A 584 36.58 -69.90 35.04
CA GLU A 584 37.38 -70.56 36.06
C GLU A 584 37.40 -72.08 35.93
N ARG A 585 36.49 -72.66 35.16
CA ARG A 585 36.49 -74.10 34.95
C ARG A 585 37.50 -74.55 33.91
N ILE A 586 38.07 -73.62 33.15
CA ILE A 586 39.09 -73.94 32.15
C ILE A 586 40.43 -73.88 32.87
N ASN A 587 40.84 -75.00 33.46
CA ASN A 587 42.06 -75.08 34.23
C ASN A 587 42.88 -76.28 33.77
N SER A 588 44.12 -76.33 34.25
CA SER A 588 45.05 -77.42 33.92
C SER A 588 45.45 -78.12 35.20
N THR A 589 45.21 -79.43 35.26
CA THR A 589 45.56 -80.25 36.40
C THR A 589 46.57 -81.32 35.97
N LYS A 590 46.89 -82.23 36.88
CA LYS A 590 47.85 -83.28 36.57
C LYS A 590 47.29 -84.31 35.60
N ASP A 591 45.97 -84.36 35.43
CA ASP A 591 45.38 -85.28 34.47
C ASP A 591 45.65 -84.83 33.03
N GLY A 592 45.64 -83.52 32.80
CA GLY A 592 45.90 -83.01 31.47
C GLY A 592 45.77 -81.51 31.44
N ASP A 593 46.02 -80.95 30.26
CA ASP A 593 45.92 -79.51 30.03
C ASP A 593 44.68 -79.21 29.21
N ILE A 594 44.06 -78.07 29.51
CA ILE A 594 42.99 -77.51 28.69
C ILE A 594 43.47 -76.15 28.19
N THR A 595 43.81 -76.08 26.90
CA THR A 595 44.27 -74.84 26.28
C THR A 595 43.09 -74.18 25.59
N SER A 596 42.79 -72.94 25.95
CA SER A 596 41.62 -72.24 25.45
C SER A 596 42.06 -71.12 24.52
N ILE A 597 41.50 -71.10 23.31
CA ILE A 597 41.66 -70.01 22.37
C ILE A 597 40.28 -69.45 22.09
N GLN A 598 40.09 -68.17 22.42
CA GLN A 598 38.77 -67.57 22.43
C GLN A 598 38.77 -66.28 21.62
N ALA A 599 37.68 -66.04 20.90
CA ALA A 599 37.47 -64.82 20.14
C ALA A 599 36.47 -63.95 20.87
N MET A 600 36.82 -62.69 21.06
CA MET A 600 36.00 -61.73 21.80
C MET A 600 35.57 -60.61 20.85
N TYR A 601 34.28 -60.30 20.85
CA TYR A 601 33.73 -59.27 20.00
C TYR A 601 33.64 -57.95 20.75
N ILE A 602 34.01 -56.87 20.07
CA ILE A 602 34.03 -55.53 20.65
C ILE A 602 32.89 -54.73 20.01
N PRO A 603 31.83 -54.41 20.74
CA PRO A 603 30.71 -53.69 20.13
C PRO A 603 31.07 -52.25 19.83
N ALA A 604 30.81 -51.83 18.59
CA ALA A 604 31.03 -50.46 18.14
C ALA A 604 32.49 -50.03 18.30
N ASP A 605 33.41 -51.01 18.28
CA ASP A 605 34.85 -50.75 18.42
C ASP A 605 35.16 -49.99 19.71
N ASP A 606 34.41 -50.28 20.77
CA ASP A 606 34.58 -49.63 22.07
C ASP A 606 35.28 -50.61 23.00
N PHE A 607 36.56 -50.38 23.24
CA PHE A 607 37.36 -51.28 24.05
C PHE A 607 37.21 -51.03 25.55
N THR A 608 36.43 -50.02 25.95
CA THR A 608 36.07 -49.81 27.33
C THR A 608 34.71 -50.40 27.68
N ASP A 609 34.17 -51.24 26.79
CA ASP A 609 32.89 -51.88 27.06
C ASP A 609 33.01 -52.76 28.29
N PRO A 610 31.96 -52.83 29.13
CA PRO A 610 32.05 -53.67 30.34
C PRO A 610 32.35 -55.13 30.06
N ALA A 611 31.83 -55.67 28.95
CA ALA A 611 32.13 -57.06 28.61
C ALA A 611 33.62 -57.25 28.30
N ALA A 612 34.20 -56.32 27.55
CA ALA A 612 35.64 -56.39 27.26
C ALA A 612 36.46 -56.26 28.53
N VAL A 613 36.04 -55.37 29.44
CA VAL A 613 36.77 -55.20 30.69
C VAL A 613 36.70 -56.47 31.54
N ALA A 614 35.53 -57.11 31.56
CA ALA A 614 35.39 -58.38 32.29
C ALA A 614 36.24 -59.47 31.66
N ALA A 615 36.31 -59.51 30.33
CA ALA A 615 37.07 -60.56 29.67
C ALA A 615 38.58 -60.36 29.80
N PHE A 616 39.03 -59.10 29.88
CA PHE A 616 40.46 -58.83 29.95
C PHE A 616 41.11 -59.51 31.15
N ALA A 617 40.35 -59.74 32.21
CA ALA A 617 40.92 -60.24 33.46
C ALA A 617 41.27 -61.73 33.40
N HIS A 618 40.90 -62.44 32.35
CA HIS A 618 41.06 -63.88 32.30
C HIS A 618 42.07 -64.36 31.27
N PHE A 619 42.50 -63.49 30.34
CA PHE A 619 43.33 -63.92 29.23
C PHE A 619 44.81 -63.85 29.62
N ASP A 620 45.49 -64.99 29.57
CA ASP A 620 46.93 -65.00 29.77
C ASP A 620 47.64 -64.28 28.63
N SER A 621 47.16 -64.47 27.41
CA SER A 621 47.64 -63.73 26.25
C SER A 621 46.48 -62.98 25.64
N THR A 622 46.70 -61.71 25.31
CA THR A 622 45.67 -60.84 24.74
C THR A 622 46.17 -60.30 23.41
N ILE A 623 45.40 -60.52 22.35
CA ILE A 623 45.76 -60.09 21.01
C ILE A 623 44.64 -59.21 20.49
N ILE A 624 44.94 -57.93 20.27
CA ILE A 624 43.94 -56.91 19.94
C ILE A 624 44.09 -56.54 18.47
N LEU A 625 42.99 -56.65 17.73
CA LEU A 625 42.98 -56.38 16.30
C LEU A 625 42.51 -54.96 16.03
N SER A 626 43.10 -54.33 15.02
CA SER A 626 42.85 -52.93 14.71
C SER A 626 42.13 -52.81 13.36
N ARG A 627 41.15 -51.91 13.30
CA ARG A 627 40.43 -51.68 12.05
C ARG A 627 41.25 -50.85 11.08
N GLN A 628 42.02 -49.89 11.60
CA GLN A 628 42.87 -49.06 10.74
C GLN A 628 43.94 -49.90 10.06
N LEU A 629 44.57 -50.82 10.80
CA LEU A 629 45.58 -51.69 10.20
C LEU A 629 44.98 -52.57 9.12
N ALA A 630 43.80 -53.12 9.37
CA ALA A 630 43.12 -53.93 8.36
C ALA A 630 42.78 -53.09 7.14
N ALA A 631 42.39 -51.84 7.34
CA ALA A 631 42.11 -50.95 6.22
C ALA A 631 43.38 -50.70 5.40
N GLU A 632 44.53 -50.55 6.07
CA GLU A 632 45.78 -50.37 5.34
C GLU A 632 46.22 -51.61 4.60
N GLY A 633 45.62 -52.76 4.86
CA GLY A 633 46.01 -54.01 4.23
C GLY A 633 46.91 -54.89 5.06
N VAL A 634 47.22 -54.50 6.28
CA VAL A 634 48.04 -55.34 7.16
C VAL A 634 47.20 -56.54 7.60
N TYR A 635 47.71 -57.74 7.32
CA TYR A 635 47.02 -58.96 7.70
C TYR A 635 48.06 -59.95 8.22
N PRO A 636 47.89 -60.49 9.44
CA PRO A 636 46.78 -60.21 10.35
C PRO A 636 46.84 -58.80 10.95
N ALA A 637 45.68 -58.20 11.21
CA ALA A 637 45.61 -56.82 11.67
C ALA A 637 45.85 -56.72 13.16
N ILE A 638 46.95 -57.30 13.64
CA ILE A 638 47.28 -57.32 15.05
C ILE A 638 48.00 -56.02 15.41
N ASP A 639 47.53 -55.35 16.46
CA ASP A 639 48.16 -54.14 16.96
C ASP A 639 49.08 -54.50 18.11
N PRO A 640 50.40 -54.55 17.90
CA PRO A 640 51.31 -54.92 18.99
C PRO A 640 51.45 -53.85 20.05
N LEU A 641 51.06 -52.61 19.75
CA LEU A 641 51.14 -51.53 20.73
C LEU A 641 49.97 -51.51 21.69
N GLU A 642 48.93 -52.32 21.44
CA GLU A 642 47.80 -52.44 22.34
C GLU A 642 47.69 -53.80 22.99
N SER A 643 48.43 -54.79 22.51
CA SER A 643 48.36 -56.15 23.02
C SER A 643 49.42 -56.38 24.10
N ASN A 644 49.26 -57.48 24.82
CA ASN A 644 50.23 -57.87 25.83
C ASN A 644 50.17 -59.38 26.03
N SER A 645 51.27 -59.94 26.50
CA SER A 645 51.34 -61.37 26.80
C SER A 645 52.16 -61.58 28.06
N LYS A 646 51.65 -62.43 28.95
CA LYS A 646 52.35 -62.78 30.18
C LYS A 646 53.33 -63.92 30.00
N MET A 647 53.40 -64.51 28.80
CA MET A 647 54.39 -65.52 28.49
C MET A 647 55.74 -64.94 28.09
N LEU A 648 55.84 -63.61 27.96
CA LEU A 648 57.11 -62.95 27.70
C LEU A 648 57.86 -62.74 29.02
N SER A 649 58.31 -63.87 29.58
CA SER A 649 59.04 -63.88 30.83
C SER A 649 60.22 -64.82 30.71
N ILE A 650 61.20 -64.62 31.60
CA ILE A 650 62.39 -65.48 31.61
C ILE A 650 62.04 -66.90 31.99
N LYS A 651 60.85 -67.12 32.58
CA LYS A 651 60.47 -68.46 32.99
C LYS A 651 60.08 -69.34 31.81
N TYR A 652 59.79 -68.75 30.65
CA TYR A 652 59.22 -69.48 29.53
C TYR A 652 60.03 -69.39 28.25
N THR A 653 60.75 -68.28 28.04
CA THR A 653 61.53 -68.05 26.83
C THR A 653 62.96 -67.70 27.21
N SER A 654 63.79 -67.51 26.20
CA SER A 654 65.19 -67.18 26.40
C SER A 654 65.38 -65.67 26.53
N ARG A 655 66.60 -65.28 26.89
CA ARG A 655 66.93 -63.86 27.00
C ARG A 655 66.87 -63.19 25.62
N GLU A 656 67.34 -63.87 24.58
CA GLU A 656 67.38 -63.27 23.25
C GLU A 656 65.98 -62.95 22.73
N HIS A 657 65.03 -63.86 22.95
CA HIS A 657 63.67 -63.63 22.50
C HIS A 657 63.07 -62.41 23.21
N LEU A 658 63.28 -62.30 24.52
CA LEU A 658 62.78 -61.15 25.27
C LEU A 658 63.38 -59.86 24.74
N ASP A 659 64.69 -59.86 24.51
CA ASP A 659 65.35 -58.65 24.02
C ASP A 659 64.83 -58.25 22.65
N ILE A 660 64.67 -59.23 21.75
CA ILE A 660 64.19 -58.93 20.41
C ILE A 660 62.77 -58.38 20.46
N ALA A 661 61.90 -59.00 21.26
CA ALA A 661 60.52 -58.53 21.35
C ALA A 661 60.46 -57.11 21.91
N LYS A 662 61.23 -56.85 22.98
CA LYS A 662 61.22 -55.52 23.57
C LYS A 662 61.74 -54.47 22.59
N LYS A 663 62.82 -54.79 21.88
CA LYS A 663 63.37 -53.86 20.90
C LYS A 663 62.37 -53.60 19.77
N THR A 664 61.70 -54.65 19.31
CA THR A 664 60.71 -54.49 18.24
C THR A 664 59.58 -53.57 18.67
N VAL A 665 59.02 -53.81 19.85
CA VAL A 665 57.90 -52.98 20.30
C VAL A 665 58.36 -51.54 20.53
N GLN A 666 59.56 -51.35 21.08
CA GLN A 666 60.08 -50.00 21.27
C GLN A 666 60.26 -49.27 19.95
N THR A 667 60.80 -49.97 18.94
CA THR A 667 60.99 -49.35 17.63
C THR A 667 59.66 -49.01 16.99
N LEU A 668 58.67 -49.89 17.12
CA LEU A 668 57.34 -49.60 16.55
C LEU A 668 56.70 -48.39 17.24
N GLU A 669 56.85 -48.29 18.57
CA GLU A 669 56.32 -47.14 19.28
C GLU A 669 56.98 -45.85 18.83
N LYS A 670 58.32 -45.85 18.73
CA LYS A 670 59.02 -44.66 18.28
C LYS A 670 58.63 -44.28 16.86
N THR A 671 58.47 -45.27 15.98
CA THR A 671 58.04 -45.00 14.61
C THR A 671 56.64 -44.40 14.59
N LYS A 672 55.73 -44.92 15.41
CA LYS A 672 54.38 -44.37 15.46
C LYS A 672 54.40 -42.93 15.94
N THR A 673 55.25 -42.62 16.92
CA THR A 673 55.38 -41.23 17.35
C THR A 673 55.92 -40.35 16.24
N LEU A 674 56.92 -40.84 15.50
CA LEU A 674 57.55 -40.02 14.45
C LEU A 674 56.66 -39.83 13.24
N GLU A 675 55.71 -40.76 13.00
CA GLU A 675 54.83 -40.62 11.84
C GLU A 675 53.95 -39.38 11.95
N ASP A 676 53.55 -38.99 13.16
CA ASP A 676 52.78 -37.76 13.31
C ASP A 676 53.62 -36.53 12.94
N ILE A 677 54.88 -36.50 13.37
CA ILE A 677 55.76 -35.41 13.00
C ILE A 677 55.94 -35.37 11.49
N ILE A 678 56.13 -36.53 10.86
CA ILE A 678 56.25 -36.57 9.40
C ILE A 678 54.98 -36.05 8.74
N ASN A 679 53.82 -36.46 9.25
CA ASN A 679 52.55 -36.09 8.63
C ASN A 679 52.30 -34.59 8.72
N ILE A 680 52.62 -33.97 9.86
CA ILE A 680 52.28 -32.56 10.05
C ILE A 680 53.41 -31.64 9.58
N LEU A 681 54.63 -31.84 10.06
CA LEU A 681 55.74 -30.94 9.79
C LEU A 681 56.55 -31.32 8.57
N GLY A 682 56.10 -32.32 7.81
CA GLY A 682 56.86 -32.79 6.67
C GLY A 682 57.94 -33.77 7.08
N PHE A 683 58.73 -34.18 6.09
CA PHE A 683 59.75 -35.20 6.31
C PHE A 683 61.12 -34.61 6.61
N ASP A 684 61.44 -33.44 6.04
CA ASP A 684 62.77 -32.88 6.21
C ASP A 684 63.04 -32.36 7.62
N ALA A 685 62.03 -32.29 8.49
CA ALA A 685 62.27 -31.85 9.85
C ALA A 685 62.97 -32.90 10.69
N LEU A 686 62.94 -34.16 10.29
CA LEU A 686 63.58 -35.22 11.05
C LEU A 686 65.10 -35.15 10.90
N SER A 687 65.79 -35.84 11.81
CA SER A 687 67.24 -35.92 11.76
C SER A 687 67.63 -37.17 10.97
N GLU A 688 68.92 -37.53 10.98
CA GLU A 688 69.33 -38.76 10.33
C GLU A 688 68.94 -39.98 11.16
N ASP A 689 69.00 -39.84 12.49
CA ASP A 689 68.55 -40.93 13.35
C ASP A 689 67.06 -41.16 13.20
N ASP A 690 66.27 -40.08 13.17
CA ASP A 690 64.83 -40.25 13.13
C ASP A 690 64.41 -40.91 11.82
N LYS A 691 65.07 -40.52 10.72
CA LYS A 691 64.76 -41.12 9.42
C LYS A 691 65.12 -42.60 9.41
N LYS A 692 66.28 -42.96 9.97
CA LYS A 692 66.62 -44.38 10.02
C LYS A 692 65.65 -45.16 10.90
N VAL A 693 65.22 -44.54 12.01
CA VAL A 693 64.23 -45.18 12.87
C VAL A 693 62.93 -45.42 12.14
N VAL A 694 62.48 -44.44 11.36
CA VAL A 694 61.23 -44.59 10.60
C VAL A 694 61.38 -45.69 9.55
N GLU A 695 62.51 -45.75 8.87
CA GLU A 695 62.71 -46.78 7.86
C GLU A 695 62.67 -48.17 8.49
N VAL A 696 63.39 -48.33 9.61
CA VAL A 696 63.39 -49.63 10.29
C VAL A 696 61.99 -49.98 10.79
N GLY A 697 61.26 -48.98 11.30
CA GLY A 697 59.92 -49.24 11.80
C GLY A 697 58.97 -49.67 10.70
N ARG A 698 59.04 -49.01 9.54
CA ARG A 698 58.18 -49.40 8.42
C ARG A 698 58.50 -50.81 7.95
N ARG A 699 59.80 -51.12 7.84
CA ARG A 699 60.18 -52.48 7.41
C ARG A 699 59.72 -53.52 8.43
N LEU A 700 59.85 -53.22 9.72
CA LEU A 700 59.38 -54.14 10.75
C LEU A 700 57.87 -54.34 10.67
N LYS A 701 57.13 -53.24 10.50
CA LYS A 701 55.67 -53.34 10.46
C LYS A 701 55.21 -54.17 9.28
N TRP A 702 55.84 -53.99 8.11
CA TRP A 702 55.40 -54.74 6.94
C TRP A 702 55.98 -56.15 6.88
N PHE A 703 57.03 -56.45 7.66
CA PHE A 703 57.53 -57.81 7.72
C PHE A 703 56.64 -58.72 8.55
N LEU A 704 55.91 -58.16 9.51
CA LEU A 704 55.09 -58.98 10.40
C LEU A 704 53.85 -59.53 9.71
N THR A 705 53.43 -58.94 8.59
CA THR A 705 52.35 -59.50 7.81
C THR A 705 52.75 -60.84 7.21
N GLN A 706 51.77 -61.73 7.03
CA GLN A 706 52.06 -63.08 6.59
C GLN A 706 50.81 -63.66 5.94
N PRO A 707 50.95 -64.44 4.86
CA PRO A 707 49.77 -65.06 4.23
C PRO A 707 49.36 -66.32 4.98
N PHE A 708 48.07 -66.42 5.29
CA PHE A 708 47.55 -67.55 6.04
C PHE A 708 47.15 -68.68 5.10
N VAL A 709 47.31 -69.92 5.58
CA VAL A 709 46.94 -71.08 4.77
C VAL A 709 45.44 -71.08 4.50
N VAL A 710 44.64 -70.80 5.53
CA VAL A 710 43.19 -70.74 5.34
C VAL A 710 42.79 -69.56 4.46
N ALA A 711 43.63 -68.53 4.36
CA ALA A 711 43.31 -67.33 3.62
C ALA A 711 43.72 -67.41 2.14
N GLU A 712 43.88 -68.63 1.62
CA GLU A 712 44.21 -68.78 0.21
C GLU A 712 43.01 -68.49 -0.69
N LYS A 713 41.79 -68.64 -0.18
CA LYS A 713 40.60 -68.38 -0.98
C LYS A 713 40.43 -66.90 -1.26
N PHE A 714 40.79 -66.05 -0.30
CA PHE A 714 40.60 -64.60 -0.47
C PHE A 714 41.45 -64.06 -1.61
N SER A 715 42.73 -64.44 -1.66
CA SER A 715 43.64 -63.93 -2.66
C SER A 715 44.19 -65.01 -3.58
N GLY A 716 44.74 -66.08 -3.02
CA GLY A 716 45.45 -67.09 -3.78
C GLY A 716 46.93 -67.20 -3.45
N VAL A 717 47.47 -66.32 -2.62
CA VAL A 717 48.86 -66.42 -2.17
C VAL A 717 48.98 -67.64 -1.27
N PRO A 718 49.87 -68.58 -1.55
CA PRO A 718 49.99 -69.77 -0.71
C PRO A 718 50.42 -69.43 0.71
N GLY A 719 49.92 -70.20 1.67
CA GLY A 719 50.24 -69.95 3.06
C GLY A 719 51.68 -70.27 3.39
N LYS A 720 52.17 -69.61 4.43
CA LYS A 720 53.54 -69.78 4.90
C LYS A 720 53.54 -70.11 6.39
N PHE A 721 54.47 -70.96 6.80
CA PHE A 721 54.65 -71.34 8.19
C PHE A 721 56.09 -71.02 8.57
N VAL A 722 56.28 -70.02 9.43
CA VAL A 722 57.60 -69.57 9.85
C VAL A 722 57.81 -69.98 11.29
N ARG A 723 58.89 -70.71 11.54
CA ARG A 723 59.23 -71.14 12.89
C ARG A 723 59.85 -69.97 13.67
N LEU A 724 59.97 -70.17 14.98
CA LEU A 724 60.34 -69.08 15.87
C LEU A 724 61.75 -68.54 15.57
N LYS A 725 62.71 -69.44 15.34
CA LYS A 725 64.07 -68.97 15.16
C LYS A 725 64.26 -68.23 13.84
N ASP A 726 63.54 -68.63 12.79
CA ASP A 726 63.58 -67.88 11.55
C ASP A 726 62.99 -66.49 11.73
N SER A 727 61.89 -66.38 12.48
CA SER A 727 61.30 -65.08 12.74
C SER A 727 62.25 -64.20 13.54
N LEU A 728 62.90 -64.77 14.56
CA LEU A 728 63.85 -64.00 15.36
C LEU A 728 65.03 -63.54 14.51
N LYS A 729 65.56 -64.41 13.66
CA LYS A 729 66.67 -64.03 12.79
C LYS A 729 66.26 -62.92 11.84
N GLY A 730 65.09 -63.03 11.22
CA GLY A 730 64.64 -61.99 10.31
C GLY A 730 64.44 -60.65 11.00
N ILE A 731 63.83 -60.68 12.19
CA ILE A 731 63.59 -59.42 12.91
C ILE A 731 64.91 -58.81 13.35
N LYS A 732 65.87 -59.64 13.78
CA LYS A 732 67.17 -59.11 14.15
C LYS A 732 67.88 -58.48 12.96
N THR A 733 67.82 -59.14 11.80
CA THR A 733 68.43 -58.59 10.59
C THR A 733 67.80 -57.26 10.21
N ILE A 734 66.48 -57.17 10.27
CA ILE A 734 65.79 -55.92 9.93
C ILE A 734 66.15 -54.83 10.92
N LEU A 735 66.21 -55.17 12.21
CA LEU A 735 66.53 -54.18 13.24
C LEU A 735 67.94 -53.64 13.06
N ASP A 736 68.88 -54.50 12.70
CA ASP A 736 70.26 -54.07 12.55
C ASP A 736 70.43 -53.02 11.47
N GLY A 737 69.47 -52.89 10.55
CA GLY A 737 69.60 -51.98 9.44
C GLY A 737 70.22 -52.57 8.19
N ASP A 738 70.28 -53.90 8.09
CA ASP A 738 70.94 -54.53 6.96
C ASP A 738 70.16 -54.36 5.66
N LEU A 739 68.83 -54.23 5.75
CA LEU A 739 67.97 -54.26 4.58
C LEU A 739 67.32 -52.91 4.28
N ASN A 740 67.92 -51.81 4.73
CA ASN A 740 67.35 -50.49 4.47
C ASN A 740 67.38 -50.12 2.99
N HIS A 741 68.20 -50.78 2.18
CA HIS A 741 68.23 -50.49 0.75
C HIS A 741 67.02 -51.07 0.03
N ILE A 742 66.54 -52.24 0.46
CA ILE A 742 65.39 -52.86 -0.20
C ILE A 742 64.16 -52.01 0.04
N PRO A 743 63.38 -51.69 -1.00
CA PRO A 743 62.17 -50.89 -0.78
C PRO A 743 61.18 -51.59 0.12
N VAL A 744 60.39 -50.80 0.84
CA VAL A 744 59.48 -51.33 1.84
C VAL A 744 58.49 -52.30 1.21
N SER A 745 58.07 -52.01 -0.03
CA SER A 745 57.01 -52.78 -0.67
C SER A 745 57.34 -54.26 -0.77
N TYR A 746 58.63 -54.61 -0.86
CA TYR A 746 59.02 -56.01 -0.99
C TYR A 746 58.78 -56.80 0.30
N PHE A 747 58.69 -56.13 1.44
CA PHE A 747 58.63 -56.82 2.72
C PHE A 747 57.26 -57.39 3.06
N SER A 748 56.22 -57.00 2.33
CA SER A 748 54.86 -57.35 2.71
C SER A 748 54.51 -58.76 2.26
N PHE A 749 53.93 -59.54 3.19
CA PHE A 749 53.34 -60.84 2.90
C PHE A 749 54.37 -61.81 2.30
N VAL A 750 55.39 -62.11 3.10
CA VAL A 750 56.41 -63.08 2.77
C VAL A 750 56.55 -64.04 3.95
N GLY A 751 57.51 -64.96 3.83
CA GLY A 751 57.83 -65.85 4.92
C GLY A 751 59.08 -65.39 5.63
N VAL A 752 60.21 -66.02 5.33
CA VAL A 752 61.50 -65.62 5.88
C VAL A 752 62.04 -64.45 5.08
N VAL A 753 63.09 -63.79 5.60
CA VAL A 753 63.68 -62.66 4.90
C VAL A 753 64.38 -63.09 3.62
N GLU A 754 64.74 -64.38 3.51
CA GLU A 754 65.38 -64.87 2.30
C GLU A 754 64.47 -64.68 1.09
N GLU A 755 63.16 -64.76 1.27
CA GLU A 755 62.24 -64.50 0.16
C GLU A 755 62.33 -63.05 -0.30
N ILE A 756 62.43 -62.11 0.64
CA ILE A 756 62.60 -60.71 0.29
C ILE A 756 63.90 -60.51 -0.47
N ILE A 757 64.98 -61.12 0.02
CA ILE A 757 66.27 -60.97 -0.63
C ILE A 757 66.23 -61.55 -2.04
N GLU A 758 65.62 -62.72 -2.19
CA GLU A 758 65.53 -63.34 -3.51
C GLU A 758 64.72 -62.48 -4.48
N LYS A 759 63.58 -61.95 -4.03
CA LYS A 759 62.78 -61.12 -4.91
C LYS A 759 63.52 -59.86 -5.32
N PHE A 760 64.20 -59.22 -4.37
CA PHE A 760 64.98 -58.02 -4.69
C PHE A 760 66.08 -58.34 -5.69
N ASN A 761 66.80 -59.45 -5.46
CA ASN A 761 67.91 -59.80 -6.34
C ASN A 761 67.43 -60.13 -7.74
N LEU A 762 66.33 -60.88 -7.86
CA LEU A 762 65.79 -61.19 -9.18
C LEU A 762 65.31 -59.94 -9.91
N ASP A 763 64.65 -59.02 -9.19
CA ASP A 763 64.20 -57.81 -9.83
C ASP A 763 65.37 -56.95 -10.30
N ALA A 764 66.42 -56.85 -9.47
CA ALA A 764 67.61 -56.11 -9.86
C ALA A 764 68.30 -56.76 -11.06
N LYS A 765 68.35 -58.09 -11.08
CA LYS A 765 68.95 -58.80 -12.21
C LYS A 765 68.17 -58.55 -13.49
N LYS A 766 66.83 -58.59 -13.41
CA LYS A 766 66.02 -58.31 -14.59
C LYS A 766 66.22 -56.89 -15.08
N GLU A 767 66.28 -55.93 -14.16
CA GLU A 767 66.55 -54.54 -14.55
C GLU A 767 67.90 -54.40 -15.23
N ALA A 768 68.93 -55.06 -14.67
CA ALA A 768 70.27 -54.97 -15.25
C ALA A 768 70.32 -55.60 -16.63
N LEU A 769 69.67 -56.76 -16.80
CA LEU A 769 69.64 -57.39 -18.11
C LEU A 769 68.90 -56.53 -19.13
N LYS A 770 67.78 -55.92 -18.73
CA LYS A 770 67.07 -55.04 -19.64
C LYS A 770 67.91 -53.84 -20.03
N ASN A 771 68.62 -53.25 -19.06
CA ASN A 771 69.48 -52.11 -19.36
C ASN A 771 70.62 -52.50 -20.29
N GLU A 772 71.25 -53.65 -20.06
CA GLU A 772 72.30 -54.11 -20.94
C GLU A 772 71.78 -54.37 -22.34
N LEU A 773 70.59 -54.97 -22.45
CA LEU A 773 70.01 -55.24 -23.76
C LEU A 773 69.70 -53.96 -24.51
N GLU A 774 69.12 -52.96 -23.83
CA GLU A 774 68.79 -51.71 -24.50
C GLU A 774 70.03 -50.92 -24.86
N GLN A 775 71.09 -51.01 -24.05
CA GLN A 775 72.34 -50.34 -24.40
C GLN A 775 73.05 -51.05 -25.55
N ASN A 776 72.91 -52.37 -25.65
CA ASN A 776 73.39 -53.07 -26.83
C ASN A 776 72.61 -52.65 -28.07
N GLN A 777 71.30 -52.50 -27.94
CA GLN A 777 70.49 -52.03 -29.07
C GLN A 777 70.74 -50.56 -29.34
N LYS A 778 70.44 -49.70 -28.36
CA LYS A 778 70.56 -48.25 -28.49
C LYS A 778 69.86 -47.73 -29.75
N ASP B 202 46.91 4.99 88.24
CA ASP B 202 46.53 3.94 89.16
C ASP B 202 46.87 2.56 88.61
N PRO B 203 48.14 2.16 88.72
CA PRO B 203 48.53 0.84 88.18
C PRO B 203 47.76 -0.32 88.80
N GLU B 204 47.49 -0.26 90.10
CA GLU B 204 46.75 -1.34 90.75
C GLU B 204 45.34 -1.45 90.19
N PHE B 205 44.67 -0.31 89.99
CA PHE B 205 43.30 -0.33 89.48
C PHE B 205 43.26 -0.84 88.04
N VAL B 206 44.16 -0.34 87.19
CA VAL B 206 44.14 -0.75 85.79
C VAL B 206 44.54 -2.22 85.66
N ALA B 207 45.42 -2.72 86.52
CA ALA B 207 45.77 -4.13 86.51
C ALA B 207 44.71 -5.00 87.18
N SER B 208 43.80 -4.40 87.95
CA SER B 208 42.75 -5.17 88.61
C SER B 208 41.65 -5.61 87.65
N THR B 209 41.51 -4.94 86.51
CA THR B 209 40.51 -5.33 85.51
C THR B 209 41.05 -6.33 84.50
N TYR B 210 42.28 -6.79 84.66
CA TYR B 210 42.90 -7.71 83.72
C TYR B 210 43.27 -9.00 84.44
N THR B 211 42.90 -10.13 83.82
CA THR B 211 43.31 -11.44 84.32
C THR B 211 44.80 -11.64 84.06
N GLU B 212 45.40 -12.56 84.81
CA GLU B 212 46.83 -12.81 84.68
C GLU B 212 47.19 -13.24 83.26
N GLU B 213 46.35 -14.06 82.63
CA GLU B 213 46.58 -14.44 81.24
C GLU B 213 46.48 -13.22 80.33
N GLU B 214 45.57 -12.29 80.63
CA GLU B 214 45.46 -11.07 79.83
C GLU B 214 46.72 -10.23 79.95
N ILE B 215 47.31 -10.14 81.14
CA ILE B 215 48.57 -9.44 81.30
C ILE B 215 49.69 -10.15 80.54
N ILE B 216 49.69 -11.49 80.60
CA ILE B 216 50.69 -12.26 79.86
C ILE B 216 50.62 -11.93 78.38
N HIS B 217 49.41 -11.90 77.82
CA HIS B 217 49.25 -11.55 76.42
C HIS B 217 49.64 -10.10 76.15
N ASN B 218 49.27 -9.19 77.05
CA ASN B 218 49.56 -7.77 76.86
C ASN B 218 51.04 -7.44 77.02
N LEU B 219 51.85 -8.36 77.54
CA LEU B 219 53.28 -8.15 77.56
C LEU B 219 53.88 -8.10 76.16
N LEU B 220 53.17 -8.62 75.15
CA LEU B 220 53.64 -8.55 73.78
C LEU B 220 53.68 -7.11 73.28
N PHE B 221 52.61 -6.35 73.56
CA PHE B 221 52.49 -4.97 73.06
C PHE B 221 53.16 -4.00 74.02
N LYS B 222 54.48 -4.17 74.17
CA LYS B 222 55.30 -3.29 74.97
C LYS B 222 56.27 -2.54 74.07
N LEU B 223 56.31 -1.21 74.23
CA LEU B 223 57.14 -0.38 73.37
C LEU B 223 58.57 -0.37 73.86
N TYR B 224 59.51 -0.63 72.96
CA TYR B 224 60.93 -0.63 73.27
C TYR B 224 61.60 0.52 72.52
N SER B 225 62.34 1.35 73.25
CA SER B 225 63.05 2.46 72.64
C SER B 225 64.22 1.95 71.83
N VAL B 226 64.60 2.72 70.81
CA VAL B 226 65.73 2.34 69.95
C VAL B 226 67.01 2.29 70.76
N GLU B 227 67.15 3.17 71.75
CA GLU B 227 68.33 3.13 72.62
C GLU B 227 68.42 1.80 73.35
N GLN B 228 67.30 1.31 73.87
CA GLN B 228 67.28 -0.04 74.44
C GLN B 228 67.53 -1.08 73.37
N LEU B 229 66.88 -0.94 72.20
CA LEU B 229 66.91 -1.98 71.19
C LEU B 229 68.32 -2.22 70.65
N ALA B 230 69.14 -1.17 70.59
CA ALA B 230 70.52 -1.35 70.15
C ALA B 230 71.30 -2.25 71.11
N LEU B 231 70.90 -2.30 72.38
CA LEU B 231 71.62 -3.05 73.39
C LEU B 231 71.25 -4.52 73.45
N PHE B 232 70.21 -4.96 72.72
CA PHE B 232 69.89 -6.37 72.72
C PHE B 232 70.92 -7.16 71.93
N THR B 233 70.87 -8.48 72.08
CA THR B 233 71.71 -9.40 71.34
C THR B 233 70.90 -10.03 70.22
N ILE B 234 71.59 -10.82 69.38
CA ILE B 234 70.90 -11.53 68.30
C ILE B 234 69.84 -12.47 68.87
N ASP B 235 70.14 -13.12 69.99
CA ASP B 235 69.23 -14.10 70.55
C ASP B 235 67.95 -13.42 71.08
N GLN B 236 68.12 -12.31 71.80
CA GLN B 236 66.95 -11.58 72.30
C GLN B 236 66.14 -10.97 71.17
N LEU B 237 66.82 -10.42 70.15
CA LEU B 237 66.11 -9.85 69.02
C LEU B 237 65.32 -10.93 68.28
N ASN B 238 65.92 -12.11 68.09
CA ASN B 238 65.21 -13.19 67.44
C ASN B 238 64.02 -13.66 68.26
N ALA B 239 64.18 -13.72 69.59
CA ALA B 239 63.05 -14.08 70.44
C ALA B 239 61.91 -13.08 70.31
N LEU B 240 62.25 -11.79 70.29
CA LEU B 240 61.22 -10.76 70.11
C LEU B 240 60.53 -10.89 68.77
N LEU B 241 61.31 -11.11 67.70
CA LEU B 241 60.72 -11.23 66.37
C LEU B 241 59.80 -12.45 66.29
N PHE B 242 60.23 -13.58 66.86
CA PHE B 242 59.39 -14.77 66.85
C PHE B 242 58.12 -14.56 67.67
N ALA B 243 58.23 -13.87 68.80
CA ALA B 243 57.04 -13.57 69.60
C ALA B 243 56.08 -12.67 68.87
N ARG B 244 56.59 -11.73 68.07
CA ARG B 244 55.74 -10.80 67.32
C ARG B 244 55.48 -11.26 65.90
N GLY B 245 55.93 -12.47 65.53
CA GLY B 245 55.56 -13.07 64.27
C GLY B 245 56.27 -12.54 63.04
N LEU B 246 57.33 -11.75 63.21
CA LEU B 246 58.03 -11.19 62.06
C LEU B 246 59.07 -12.12 61.47
N GLY B 247 59.32 -13.27 62.09
CA GLY B 247 60.27 -14.22 61.58
C GLY B 247 61.70 -13.90 61.98
N LEU B 248 62.56 -14.91 61.87
CA LEU B 248 63.95 -14.76 62.24
C LEU B 248 64.68 -13.80 61.31
N GLU B 249 65.67 -13.11 61.86
CA GLU B 249 66.54 -12.23 61.09
C GLU B 249 67.99 -12.52 61.48
N LYS B 250 68.87 -12.55 60.48
CA LYS B 250 70.27 -12.86 60.70
C LYS B 250 71.15 -11.61 60.73
N ASN B 251 70.55 -10.43 60.73
CA ASN B 251 71.29 -9.18 60.82
C ASN B 251 70.74 -8.34 61.97
N LYS B 252 71.63 -7.56 62.58
CA LYS B 252 71.24 -6.77 63.75
C LYS B 252 70.41 -5.56 63.36
N VAL B 253 70.97 -4.67 62.54
CA VAL B 253 70.29 -3.42 62.20
C VAL B 253 68.99 -3.70 61.46
N ARG B 254 68.98 -4.73 60.62
CA ARG B 254 67.74 -5.09 59.92
C ARG B 254 66.67 -5.56 60.90
N ALA B 255 67.08 -6.32 61.92
CA ALA B 255 66.12 -6.75 62.95
C ALA B 255 65.56 -5.57 63.72
N ILE B 256 66.43 -4.62 64.09
CA ILE B 256 65.95 -3.42 64.78
C ILE B 256 64.99 -2.63 63.88
N LYS B 257 65.31 -2.53 62.60
CA LYS B 257 64.45 -1.79 61.68
C LYS B 257 63.10 -2.48 61.53
N SER B 258 63.08 -3.81 61.45
CA SER B 258 61.82 -4.54 61.36
C SER B 258 60.98 -4.35 62.63
N LEU B 259 61.63 -4.43 63.80
CA LEU B 259 60.91 -4.23 65.05
C LEU B 259 60.35 -2.81 65.15
N LEU B 260 61.13 -1.83 64.72
CA LEU B 260 60.66 -0.44 64.75
C LEU B 260 59.50 -0.23 63.77
N THR B 261 59.58 -0.83 62.58
CA THR B 261 58.50 -0.70 61.61
C THR B 261 57.22 -1.33 62.14
N LEU B 262 57.32 -2.50 62.78
CA LEU B 262 56.14 -3.10 63.39
C LEU B 262 55.61 -2.25 64.53
N GLN B 263 56.52 -1.69 65.34
CA GLN B 263 56.09 -0.91 66.50
C GLN B 263 55.53 0.45 66.08
N THR B 264 56.07 1.06 65.03
CA THR B 264 55.58 2.37 64.60
C THR B 264 54.23 2.30 63.89
N SER B 265 53.73 1.11 63.61
CA SER B 265 52.40 0.98 63.03
C SER B 265 51.35 1.50 63.99
N TYR B 266 50.27 2.07 63.44
CA TYR B 266 49.26 2.67 64.29
C TYR B 266 48.48 1.62 65.08
N GLU B 267 48.24 0.45 64.51
CA GLU B 267 47.52 -0.59 65.23
C GLU B 267 48.34 -1.09 66.43
N PHE B 268 49.63 -1.29 66.24
CA PHE B 268 50.48 -1.73 67.34
C PHE B 268 50.53 -0.68 68.45
N MET B 269 50.67 0.59 68.08
CA MET B 269 50.68 1.65 69.08
C MET B 269 49.34 1.74 69.79
N GLU B 270 48.24 1.53 69.06
CA GLU B 270 46.92 1.54 69.69
C GLU B 270 46.79 0.43 70.71
N LYS B 271 47.25 -0.78 70.36
CA LYS B 271 47.19 -1.89 71.30
C LYS B 271 48.08 -1.62 72.51
N SER B 272 49.27 -1.08 72.29
CA SER B 272 50.18 -0.79 73.39
C SER B 272 49.60 0.28 74.32
N GLN B 273 48.95 1.30 73.75
CA GLN B 273 48.35 2.34 74.58
C GLN B 273 47.15 1.81 75.35
N ALA B 274 46.37 0.93 74.72
CA ALA B 274 45.22 0.35 75.42
C ALA B 274 45.64 -0.63 76.50
N ALA B 275 46.82 -1.25 76.36
CA ALA B 275 47.28 -2.23 77.34
C ALA B 275 47.60 -1.62 78.69
N LEU B 276 47.68 -0.29 78.80
CA LEU B 276 47.96 0.38 80.06
C LEU B 276 46.73 1.07 80.63
N LEU B 277 45.54 0.62 80.25
CA LEU B 277 44.28 1.21 80.66
C LEU B 277 43.38 0.11 81.21
N PRO B 278 42.38 0.48 82.01
CA PRO B 278 41.45 -0.54 82.52
C PRO B 278 40.72 -1.24 81.39
N LYS B 279 40.40 -2.51 81.62
CA LYS B 279 39.79 -3.34 80.58
C LYS B 279 38.47 -2.76 80.11
N VAL B 280 38.32 -2.64 78.80
CA VAL B 280 37.06 -2.27 78.16
C VAL B 280 36.49 -3.50 77.51
N SER B 281 35.23 -3.79 77.79
CA SER B 281 34.58 -5.02 77.34
C SER B 281 33.78 -4.74 76.08
N PHE B 282 33.97 -5.59 75.07
CA PHE B 282 33.17 -5.52 73.86
C PHE B 282 31.73 -5.90 74.20
N ASN B 283 30.80 -4.97 73.97
CA ASN B 283 29.40 -5.22 74.26
C ASN B 283 28.77 -5.89 73.04
N PRO B 284 28.33 -7.14 73.14
CA PRO B 284 27.85 -7.87 71.97
C PRO B 284 26.44 -7.43 71.59
N THR B 285 26.32 -6.76 70.45
CA THR B 285 25.03 -6.56 69.83
C THR B 285 24.73 -7.72 68.90
N ASN B 286 23.47 -8.17 68.93
CA ASN B 286 23.03 -9.38 68.21
C ASN B 286 23.95 -10.55 68.52
N PRO B 287 23.97 -11.06 69.75
CA PRO B 287 24.77 -12.25 70.05
C PRO B 287 24.08 -13.51 69.56
N LEU B 288 24.83 -14.61 69.61
CA LEU B 288 24.25 -15.93 69.37
C LEU B 288 23.54 -16.38 70.65
N LYS B 289 22.26 -16.68 70.53
CA LYS B 289 21.53 -17.16 71.68
C LYS B 289 21.65 -18.68 71.78
N PRO B 290 21.95 -19.23 72.96
CA PRO B 290 22.03 -20.68 73.09
C PRO B 290 20.67 -21.33 72.86
N ILE B 291 20.70 -22.64 72.65
CA ILE B 291 19.45 -23.38 72.49
C ILE B 291 18.66 -23.30 73.80
N GLU B 292 17.35 -23.50 73.67
CA GLU B 292 16.48 -23.50 74.84
C GLU B 292 16.50 -24.86 75.51
N GLU B 293 16.20 -24.86 76.81
CA GLU B 293 16.19 -26.10 77.59
C GLU B 293 14.85 -26.80 77.41
N LYS B 294 14.88 -28.02 76.90
CA LYS B 294 13.69 -28.82 76.69
C LYS B 294 13.87 -30.19 77.34
N GLU B 295 12.87 -31.04 77.20
CA GLU B 295 12.93 -32.43 77.60
C GLU B 295 12.79 -33.32 76.37
N PHE B 296 12.99 -34.62 76.58
CA PHE B 296 12.81 -35.59 75.50
C PHE B 296 11.32 -35.81 75.30
N THR B 297 10.78 -35.24 74.22
CA THR B 297 9.35 -35.18 74.01
C THR B 297 8.82 -36.13 72.95
N ILE B 298 9.69 -36.72 72.13
CA ILE B 298 9.27 -37.65 71.07
C ILE B 298 9.98 -38.97 71.29
N PHE B 299 9.23 -40.07 71.22
CA PHE B 299 9.78 -41.40 71.44
C PHE B 299 9.36 -42.32 70.31
N GLY B 300 10.25 -43.23 69.94
CA GLY B 300 9.93 -44.16 68.87
C GLY B 300 10.96 -45.26 68.79
N GLU B 301 10.91 -45.99 67.68
CA GLU B 301 11.85 -47.09 67.49
C GLU B 301 12.13 -47.31 66.02
N ILE B 302 13.26 -47.96 65.74
CA ILE B 302 13.66 -48.25 64.38
C ILE B 302 12.81 -49.38 63.81
N VAL B 303 12.30 -49.19 62.60
CA VAL B 303 11.46 -50.20 61.95
C VAL B 303 12.05 -50.68 60.63
N GLU B 304 12.95 -49.94 60.00
CA GLU B 304 13.60 -50.36 58.77
C GLU B 304 15.07 -50.02 58.85
N ILE B 305 15.92 -50.93 58.37
CA ILE B 305 17.35 -50.72 58.37
C ILE B 305 17.88 -50.89 56.95
N ARG B 306 19.03 -50.29 56.71
CA ARG B 306 19.72 -50.30 55.41
C ARG B 306 21.14 -49.82 55.67
N SER B 307 21.88 -49.54 54.61
CA SER B 307 23.19 -48.91 54.74
C SER B 307 22.98 -47.41 54.88
N GLN B 308 23.28 -46.89 56.07
CA GLN B 308 23.33 -45.47 56.42
C GLN B 308 21.97 -44.80 56.53
N VAL B 309 20.87 -45.51 56.25
CA VAL B 309 19.53 -44.93 56.33
C VAL B 309 18.65 -45.83 57.19
N TYR B 310 17.96 -45.24 58.17
CA TYR B 310 17.13 -45.97 59.11
C TYR B 310 15.78 -45.29 59.23
N LYS B 311 14.71 -46.08 59.25
CA LYS B 311 13.37 -45.55 59.39
C LYS B 311 12.89 -45.68 60.83
N ILE B 312 12.26 -44.63 61.34
CA ILE B 312 11.83 -44.54 62.73
C ILE B 312 10.32 -44.37 62.77
N ARG B 313 9.65 -45.20 63.55
CA ARG B 313 8.23 -45.09 63.81
C ARG B 313 8.02 -44.53 65.21
N ILE B 314 7.21 -43.47 65.30
CA ILE B 314 7.04 -42.69 66.53
C ILE B 314 5.80 -43.18 67.25
N ASP B 315 5.94 -43.47 68.54
CA ASP B 315 4.86 -44.00 69.35
C ASP B 315 4.26 -42.98 70.30
N LYS B 316 5.10 -42.33 71.12
CA LYS B 316 4.64 -41.40 72.14
C LYS B 316 5.23 -40.02 71.83
N ALA B 317 4.40 -39.11 71.33
CA ALA B 317 4.84 -37.78 70.95
C ALA B 317 4.01 -36.73 71.66
N GLU B 318 4.69 -35.78 72.31
CA GLU B 318 4.03 -34.61 72.87
C GLU B 318 3.91 -33.47 71.86
N GLU B 319 4.55 -33.59 70.70
CA GLU B 319 4.49 -32.59 69.66
C GLU B 319 4.96 -33.21 68.36
N GLU B 320 4.51 -32.64 67.24
CA GLU B 320 4.79 -33.20 65.94
C GLU B 320 6.26 -32.97 65.56
N VAL B 321 6.83 -33.95 64.85
CA VAL B 321 8.25 -33.93 64.53
C VAL B 321 8.52 -32.89 63.45
N LEU B 322 9.65 -32.20 63.59
CA LEU B 322 10.10 -31.17 62.67
C LEU B 322 11.24 -31.69 61.80
N PRO B 323 11.46 -31.09 60.64
CA PRO B 323 12.59 -31.51 59.81
C PRO B 323 13.93 -31.19 60.45
N LYS B 324 14.92 -32.03 60.15
CA LYS B 324 16.32 -31.88 60.56
C LYS B 324 16.55 -32.07 62.05
N VAL B 325 15.57 -32.55 62.80
CA VAL B 325 15.75 -32.78 64.23
C VAL B 325 16.57 -34.05 64.42
N ILE B 326 17.09 -34.25 65.63
CA ILE B 326 18.01 -35.34 65.93
C ILE B 326 17.33 -36.34 66.85
N PHE B 327 17.42 -37.62 66.50
CA PHE B 327 16.99 -38.71 67.37
C PHE B 327 18.21 -39.37 67.98
N TYR B 328 18.19 -39.56 69.29
CA TYR B 328 19.30 -40.17 70.03
C TYR B 328 18.94 -41.61 70.36
N ALA B 329 19.89 -42.51 70.13
CA ALA B 329 19.77 -43.92 70.48
C ALA B 329 20.92 -44.30 71.39
N ASP B 330 20.65 -45.19 72.35
CA ASP B 330 21.64 -45.65 73.32
C ASP B 330 21.87 -47.14 73.11
N VAL B 331 23.07 -47.49 72.66
CA VAL B 331 23.45 -48.88 72.45
C VAL B 331 24.78 -49.15 73.16
N ASN B 332 24.76 -50.07 74.12
CA ASN B 332 25.95 -50.46 74.88
C ASN B 332 26.62 -49.24 75.52
N GLY B 333 25.81 -48.34 76.06
CA GLY B 333 26.34 -47.14 76.70
C GLY B 333 26.88 -46.10 75.75
N LYS B 334 26.67 -46.25 74.45
CA LYS B 334 27.13 -45.31 73.44
C LYS B 334 25.95 -44.62 72.81
N GLU B 335 26.11 -43.34 72.50
CA GLU B 335 25.03 -42.50 71.98
C GLU B 335 25.22 -42.28 70.48
N ILE B 336 24.17 -42.56 69.72
CA ILE B 336 24.18 -42.43 68.27
C ILE B 336 23.11 -41.44 67.88
N GLN B 337 23.46 -40.50 67.00
CA GLN B 337 22.56 -39.44 66.56
C GLN B 337 22.11 -39.71 65.14
N LEU B 338 20.81 -39.57 64.89
CA LEU B 338 20.21 -39.77 63.58
C LEU B 338 19.48 -38.51 63.18
N GLU B 339 19.87 -37.92 62.05
CA GLU B 339 19.24 -36.70 61.57
C GLU B 339 18.07 -37.03 60.66
N VAL B 340 16.95 -36.35 60.86
CA VAL B 340 15.72 -36.61 60.13
C VAL B 340 15.81 -35.95 58.76
N ALA B 341 15.38 -36.68 57.73
CA ALA B 341 15.38 -36.20 56.36
C ALA B 341 13.98 -36.04 55.80
N ASP B 342 13.17 -37.11 55.81
CA ASP B 342 11.84 -37.10 55.21
C ASP B 342 10.81 -37.57 56.23
N ILE B 343 9.71 -36.83 56.33
CA ILE B 343 8.60 -37.20 57.20
C ILE B 343 7.49 -37.74 56.30
N PHE B 344 7.32 -39.07 56.31
CA PHE B 344 6.36 -39.70 55.40
C PHE B 344 4.93 -39.44 55.83
N ASP B 345 4.63 -39.58 57.11
CA ASP B 345 3.30 -39.26 57.64
C ASP B 345 3.47 -38.81 59.08
N LYS B 346 2.38 -38.86 59.85
CA LYS B 346 2.41 -38.35 61.21
C LYS B 346 3.43 -39.08 62.08
N ASN B 347 3.49 -40.41 61.96
CA ASN B 347 4.28 -41.23 62.88
C ASN B 347 5.31 -42.10 62.16
N LEU B 348 6.02 -41.54 61.17
CA LEU B 348 6.99 -42.33 60.42
C LEU B 348 7.94 -41.38 59.72
N VAL B 349 9.23 -41.46 60.06
CA VAL B 349 10.25 -40.59 59.50
C VAL B 349 11.43 -41.44 59.04
N SER B 350 12.30 -40.82 58.24
CA SER B 350 13.54 -41.44 57.78
C SER B 350 14.71 -40.61 58.29
N THR B 351 15.81 -41.28 58.63
CA THR B 351 16.95 -40.62 59.24
C THR B 351 18.24 -41.22 58.69
N PHE B 352 19.32 -40.44 58.80
CA PHE B 352 20.65 -40.89 58.47
C PHE B 352 21.59 -40.64 59.63
N VAL B 353 22.60 -41.50 59.76
CA VAL B 353 23.47 -41.50 60.94
C VAL B 353 24.45 -40.32 60.86
N LEU B 354 24.72 -39.72 62.01
CA LEU B 354 25.80 -38.74 62.16
C LEU B 354 26.89 -39.42 62.99
N GLY B 355 27.78 -40.16 62.32
CA GLY B 355 28.83 -40.86 63.02
C GLY B 355 28.99 -42.30 62.56
N ASN B 356 28.81 -43.24 63.48
CA ASN B 356 28.96 -44.66 63.19
C ASN B 356 27.65 -45.38 63.42
N GLU B 357 27.28 -46.24 62.47
CA GLU B 357 26.01 -46.94 62.50
C GLU B 357 26.09 -48.32 63.14
N THR B 358 27.25 -48.69 63.68
CA THR B 358 27.40 -49.99 64.32
C THR B 358 26.59 -50.03 65.62
N GLY B 359 25.84 -51.12 65.81
CA GLY B 359 25.05 -51.31 67.00
C GLY B 359 23.58 -51.02 66.84
N LEU B 360 23.16 -50.38 65.75
CA LEU B 360 21.76 -50.10 65.50
C LEU B 360 21.08 -51.33 64.89
N LYS B 361 19.83 -51.56 65.27
CA LYS B 361 19.10 -52.73 64.81
C LYS B 361 17.61 -52.42 64.88
N ILE B 362 16.80 -53.36 64.40
CA ILE B 362 15.35 -53.21 64.44
C ILE B 362 14.89 -53.18 65.89
N GLY B 363 14.03 -52.22 66.21
CA GLY B 363 13.49 -52.11 67.54
C GLY B 363 14.33 -51.34 68.53
N THR B 364 15.41 -50.70 68.08
CA THR B 364 16.22 -49.88 68.97
C THR B 364 15.45 -48.61 69.34
N LYS B 365 15.21 -48.42 70.64
CA LYS B 365 14.45 -47.27 71.09
C LYS B 365 15.23 -45.98 70.87
N VAL B 366 14.53 -44.94 70.42
CA VAL B 366 15.12 -43.65 70.11
C VAL B 366 14.26 -42.56 70.71
N LYS B 367 14.90 -41.49 71.18
CA LYS B 367 14.20 -40.37 71.79
C LYS B 367 14.73 -39.06 71.21
N SER B 368 13.85 -38.06 71.15
CA SER B 368 14.20 -36.79 70.52
C SER B 368 13.57 -35.63 71.27
N LYS B 369 14.30 -34.52 71.30
CA LYS B 369 13.84 -33.25 71.86
C LYS B 369 13.21 -32.35 70.83
N ASN B 370 13.04 -32.83 69.59
CA ASN B 370 12.54 -32.01 68.48
C ASN B 370 13.46 -30.82 68.24
N GLN B 371 14.76 -31.08 68.22
CA GLN B 371 15.77 -30.07 68.00
C GLN B 371 16.87 -30.63 67.11
N SER B 372 17.50 -29.74 66.34
CA SER B 372 18.62 -30.15 65.53
C SER B 372 19.86 -30.34 66.40
N TYR B 373 20.92 -30.86 65.78
CA TYR B 373 22.14 -31.17 66.54
C TYR B 373 22.77 -29.88 67.05
N ALA B 374 23.36 -29.97 68.25
CA ALA B 374 23.95 -28.82 68.91
C ALA B 374 25.33 -29.19 69.44
N ILE B 375 26.19 -28.19 69.55
CA ILE B 375 27.56 -28.36 70.04
C ILE B 375 27.86 -27.31 71.08
N LYS B 376 28.80 -27.62 71.96
CA LYS B 376 29.21 -26.72 73.03
C LYS B 376 30.32 -25.79 72.51
N ILE B 377 30.04 -24.49 72.52
CA ILE B 377 30.96 -23.47 72.03
C ILE B 377 31.29 -22.52 73.17
N SER B 378 32.55 -22.12 73.25
CA SER B 378 33.03 -21.06 74.12
C SER B 378 34.46 -20.74 73.69
N LYS B 379 35.15 -19.92 74.48
CA LYS B 379 36.55 -19.65 74.22
C LYS B 379 37.44 -20.85 74.54
N ARG B 380 36.96 -21.77 75.38
CA ARG B 380 37.71 -22.97 75.71
C ARG B 380 37.85 -23.92 74.54
N LEU B 381 37.12 -23.71 73.44
CA LEU B 381 37.27 -24.54 72.26
C LEU B 381 38.63 -24.38 71.60
N LEU B 382 39.32 -23.26 71.84
CA LEU B 382 40.66 -23.07 71.29
C LEU B 382 41.63 -24.04 71.96
N GLY B 383 42.49 -24.65 71.14
CA GLY B 383 43.43 -25.62 71.63
C GLY B 383 42.90 -27.04 71.72
N ARG B 384 41.66 -27.28 71.33
CA ARG B 384 41.05 -28.60 71.39
C ARG B 384 40.71 -29.07 69.99
N VAL B 385 40.60 -30.38 69.84
CA VAL B 385 40.23 -31.02 68.58
C VAL B 385 38.95 -31.80 68.80
N ILE B 386 37.92 -31.51 68.00
CA ILE B 386 36.63 -32.15 68.10
C ILE B 386 36.17 -32.55 66.70
N ASP B 387 35.05 -33.24 66.63
CA ASP B 387 34.35 -33.57 65.40
C ASP B 387 33.12 -32.69 65.26
N PRO B 388 32.42 -32.74 64.12
CA PRO B 388 31.30 -31.80 63.93
C PRO B 388 30.24 -31.84 65.01
N ILE B 389 30.01 -33.00 65.63
CA ILE B 389 28.96 -33.12 66.64
C ILE B 389 29.48 -32.93 68.05
N GLY B 390 30.76 -32.61 68.21
CA GLY B 390 31.31 -32.22 69.49
C GLY B 390 32.02 -33.31 70.28
N LYS B 391 32.25 -34.48 69.69
CA LYS B 391 32.98 -35.53 70.38
C LYS B 391 34.46 -35.18 70.47
N ILE B 392 35.05 -35.43 71.65
CA ILE B 392 36.44 -35.08 71.87
C ILE B 392 37.34 -36.05 71.09
N LEU B 393 38.36 -35.52 70.43
CA LEU B 393 39.23 -36.32 69.58
C LEU B 393 40.71 -36.22 69.93
N ASP B 394 41.10 -35.44 70.95
CA ASP B 394 42.51 -35.25 71.24
C ASP B 394 42.99 -35.98 72.48
N ASP B 395 42.11 -36.70 73.18
CA ASP B 395 42.54 -37.53 74.30
C ASP B 395 41.50 -38.62 74.55
N SER B 396 41.96 -39.71 75.17
CA SER B 396 41.11 -40.87 75.39
C SER B 396 40.15 -40.67 76.54
N ILE B 397 40.52 -39.88 77.56
CA ILE B 397 39.64 -39.64 78.69
C ILE B 397 38.51 -38.67 78.38
N ALA B 398 38.61 -37.94 77.27
CA ALA B 398 37.55 -37.05 76.78
C ALA B 398 37.21 -35.99 77.82
N THR B 399 38.18 -35.13 78.10
CA THR B 399 37.93 -33.99 78.97
C THR B 399 36.95 -33.04 78.30
N PRO B 400 35.86 -32.66 78.94
CA PRO B 400 34.80 -31.92 78.26
C PRO B 400 35.22 -30.51 77.91
N VAL B 401 34.50 -29.93 76.96
CA VAL B 401 34.64 -28.53 76.60
C VAL B 401 33.57 -27.73 77.33
N HIS B 402 33.98 -26.70 78.05
CA HIS B 402 33.05 -25.88 78.82
C HIS B 402 32.53 -24.76 77.93
N GLY B 403 31.21 -24.67 77.81
CA GLY B 403 30.61 -23.64 76.99
C GLY B 403 29.11 -23.82 76.93
N ASN B 404 28.47 -23.02 76.08
CA ASN B 404 27.03 -23.09 75.89
C ASN B 404 26.70 -23.90 74.65
N MET B 405 25.53 -24.51 74.64
CA MET B 405 25.11 -25.37 73.54
C MET B 405 24.39 -24.53 72.49
N TYR B 406 25.00 -24.43 71.31
CA TYR B 406 24.41 -23.72 70.18
C TYR B 406 24.11 -24.70 69.05
N ALA B 407 23.07 -24.38 68.28
CA ALA B 407 22.69 -25.22 67.15
C ALA B 407 23.28 -24.64 65.88
N PRO B 408 24.23 -25.33 65.23
CA PRO B 408 24.87 -24.74 64.05
C PRO B 408 23.96 -24.56 62.85
N LEU B 409 22.84 -25.28 62.79
CA LEU B 409 21.93 -25.18 61.66
C LEU B 409 20.93 -24.04 61.78
N GLU B 410 20.91 -23.36 62.93
CA GLU B 410 20.01 -22.23 63.16
C GLU B 410 20.79 -20.94 62.99
N MET B 411 20.33 -20.06 62.09
CA MET B 411 21.02 -18.82 61.81
C MET B 411 20.64 -17.68 62.76
N GLN B 412 19.45 -17.74 63.35
CA GLN B 412 18.98 -16.74 64.33
C GLN B 412 18.98 -15.34 63.72
N HIS B 413 18.14 -15.18 62.69
CA HIS B 413 17.91 -13.89 62.05
C HIS B 413 16.47 -13.47 62.30
N ASP B 414 16.28 -12.22 62.75
CA ASP B 414 14.93 -11.71 62.97
C ASP B 414 14.15 -11.60 61.67
N SER B 415 14.81 -11.20 60.59
CA SER B 415 14.17 -11.10 59.29
C SER B 415 15.21 -11.30 58.21
N GLU B 416 14.72 -11.58 56.99
CA GLU B 416 15.64 -11.78 55.87
C GLU B 416 16.42 -10.51 55.54
N ALA B 417 15.80 -9.34 55.75
CA ALA B 417 16.48 -8.08 55.47
C ALA B 417 17.77 -7.93 56.28
N THR B 418 17.82 -8.54 57.47
CA THR B 418 19.04 -8.48 58.27
C THR B 418 20.21 -9.12 57.53
N ARG B 419 19.95 -10.12 56.69
CA ARG B 419 21.01 -10.75 55.92
C ARG B 419 21.56 -9.84 54.84
N TYR B 420 20.92 -8.71 54.56
CA TYR B 420 21.44 -7.74 53.61
C TYR B 420 22.15 -6.58 54.29
N VAL B 421 22.24 -6.57 55.61
CA VAL B 421 23.05 -5.57 56.32
C VAL B 421 24.45 -6.16 56.40
N VAL B 422 25.20 -6.00 55.31
CA VAL B 422 26.58 -6.46 55.23
C VAL B 422 27.42 -5.35 54.62
N SER B 423 28.73 -5.41 54.91
CA SER B 423 29.69 -4.45 54.38
C SER B 423 30.52 -5.13 53.32
N PRO B 424 30.46 -4.69 52.06
CA PRO B 424 31.28 -5.30 51.02
C PRO B 424 32.77 -5.17 51.32
N LYS B 425 33.52 -6.17 50.87
CA LYS B 425 34.95 -6.23 51.19
C LYS B 425 35.67 -4.99 50.70
N ASN B 426 36.57 -4.47 51.53
CA ASN B 426 37.32 -3.27 51.19
C ASN B 426 38.79 -3.31 51.61
N ALA B 427 39.24 -4.36 52.28
CA ALA B 427 40.58 -4.39 52.83
C ALA B 427 41.31 -5.65 52.38
N ILE B 428 42.64 -5.57 52.40
CA ILE B 428 43.51 -6.65 51.95
C ILE B 428 44.25 -7.20 53.17
N LEU B 429 44.18 -8.51 53.34
CA LEU B 429 44.90 -9.18 54.42
C LEU B 429 46.36 -9.40 54.02
N GLU B 430 47.26 -9.10 54.95
CA GLU B 430 48.69 -9.27 54.71
C GLU B 430 49.12 -10.66 55.18
N THR B 431 49.77 -11.41 54.29
CA THR B 431 50.17 -12.78 54.56
C THR B 431 51.66 -12.95 54.76
N GLY B 432 52.48 -12.04 54.27
CA GLY B 432 53.91 -12.18 54.35
C GLY B 432 54.54 -13.01 53.25
N ILE B 433 53.75 -13.49 52.29
CA ILE B 433 54.25 -14.27 51.16
C ILE B 433 54.35 -13.34 49.95
N LYS B 434 55.53 -13.32 49.32
CA LYS B 434 55.81 -12.32 48.30
C LYS B 434 54.83 -12.42 47.14
N VAL B 435 54.64 -13.62 46.61
CA VAL B 435 53.80 -13.79 45.43
C VAL B 435 52.34 -13.44 45.75
N ILE B 436 51.83 -13.89 46.90
CA ILE B 436 50.44 -13.61 47.27
C ILE B 436 50.24 -12.12 47.47
N ASP B 437 51.16 -11.46 48.18
CA ASP B 437 51.00 -10.05 48.46
C ASP B 437 51.08 -9.21 47.19
N VAL B 438 52.09 -9.48 46.35
CA VAL B 438 52.31 -8.66 45.17
C VAL B 438 51.23 -8.89 44.12
N LEU B 439 50.88 -10.15 43.86
CA LEU B 439 50.08 -10.47 42.68
C LEU B 439 48.66 -10.94 42.98
N LEU B 440 48.40 -11.55 44.13
CA LEU B 440 47.10 -12.15 44.44
C LEU B 440 46.63 -11.70 45.82
N PRO B 441 46.29 -10.41 45.97
CA PRO B 441 45.86 -9.93 47.29
C PRO B 441 44.64 -10.69 47.80
N ILE B 442 44.65 -10.99 49.09
CA ILE B 442 43.59 -11.77 49.72
C ILE B 442 42.59 -10.79 50.33
N PRO B 443 41.30 -10.88 49.98
CA PRO B 443 40.32 -9.99 50.61
C PRO B 443 40.16 -10.32 52.09
N LYS B 444 39.84 -9.29 52.87
CA LYS B 444 39.50 -9.46 54.28
C LYS B 444 37.97 -9.43 54.36
N GLY B 445 37.37 -10.56 54.68
CA GLY B 445 35.93 -10.71 54.61
C GLY B 445 35.41 -11.38 53.35
N GLY B 446 36.30 -11.90 52.50
CA GLY B 446 35.90 -12.60 51.30
C GLY B 446 36.28 -14.06 51.31
N LYS B 447 36.63 -14.61 50.16
CA LYS B 447 36.97 -16.02 50.06
C LYS B 447 38.12 -16.21 49.07
N THR B 448 39.09 -17.03 49.46
CA THR B 448 40.21 -17.39 48.62
C THR B 448 40.22 -18.91 48.46
N GLY B 449 40.29 -19.37 47.22
CA GLY B 449 40.37 -20.79 46.92
C GLY B 449 41.81 -21.19 46.63
N LEU B 450 42.20 -22.35 47.15
CA LEU B 450 43.50 -22.96 46.88
C LEU B 450 43.26 -24.19 46.01
N LEU B 451 43.66 -24.11 44.75
CA LEU B 451 43.31 -25.13 43.77
C LEU B 451 44.55 -25.84 43.27
N GLY B 452 44.40 -27.11 42.96
CA GLY B 452 45.50 -27.88 42.40
C GLY B 452 45.20 -29.36 42.48
N GLY B 453 46.18 -30.14 42.04
CA GLY B 453 46.09 -31.58 42.10
C GLY B 453 46.52 -32.12 43.45
N ALA B 454 47.17 -33.28 43.45
CA ALA B 454 47.60 -33.94 44.68
C ALA B 454 49.08 -33.69 44.90
N GLY B 455 49.43 -33.30 46.12
CA GLY B 455 50.82 -33.10 46.46
C GLY B 455 51.41 -31.78 46.05
N VAL B 456 50.59 -30.83 45.57
CA VAL B 456 51.12 -29.55 45.13
C VAL B 456 51.62 -28.73 46.31
N GLY B 457 51.01 -28.88 47.48
CA GLY B 457 51.50 -28.20 48.67
C GLY B 457 50.51 -27.30 49.37
N LYS B 458 49.21 -27.59 49.21
CA LYS B 458 48.18 -26.72 49.77
C LYS B 458 48.23 -26.69 51.30
N THR B 459 48.44 -27.84 51.93
CA THR B 459 48.37 -27.91 53.38
C THR B 459 49.49 -27.12 54.05
N VAL B 460 50.67 -27.07 53.43
CA VAL B 460 51.76 -26.28 53.98
C VAL B 460 51.40 -24.79 53.95
N ILE B 461 50.79 -24.34 52.84
CA ILE B 461 50.32 -22.97 52.76
C ILE B 461 49.27 -22.71 53.83
N VAL B 462 48.39 -23.68 54.07
CA VAL B 462 47.33 -23.51 55.07
C VAL B 462 47.94 -23.34 56.46
N GLN B 463 48.91 -24.18 56.79
CA GLN B 463 49.58 -24.07 58.09
C GLN B 463 50.30 -22.73 58.22
N GLU B 464 51.00 -22.31 57.16
CA GLU B 464 51.71 -21.04 57.20
C GLU B 464 50.74 -19.87 57.41
N LEU B 465 49.58 -19.90 56.73
CA LEU B 465 48.61 -18.83 56.88
C LEU B 465 48.00 -18.84 58.28
N ILE B 466 47.73 -20.03 58.84
CA ILE B 466 47.25 -20.11 60.22
C ILE B 466 48.24 -19.45 61.15
N ASN B 467 49.51 -19.82 61.04
CA ASN B 467 50.53 -19.27 61.93
C ASN B 467 50.66 -17.77 61.77
N ALA B 468 50.68 -17.28 60.52
CA ALA B 468 50.84 -15.85 60.28
C ALA B 468 49.66 -15.06 60.81
N PHE B 469 48.45 -15.59 60.67
CA PHE B 469 47.28 -14.88 61.17
C PHE B 469 47.25 -14.86 62.70
N ILE B 470 47.63 -15.96 63.34
CA ILE B 470 47.58 -16.00 64.79
C ILE B 470 48.67 -15.11 65.40
N LYS B 471 49.89 -15.20 64.87
CA LYS B 471 51.00 -14.46 65.47
C LYS B 471 51.01 -13.00 65.01
N PHE B 472 51.19 -12.78 63.70
CA PHE B 472 51.38 -11.43 63.20
C PHE B 472 50.10 -10.61 63.34
N HIS B 473 48.97 -11.16 62.88
CA HIS B 473 47.72 -10.41 62.88
C HIS B 473 46.98 -10.47 64.21
N ASP B 474 47.42 -11.31 65.14
CA ASP B 474 46.88 -11.36 66.50
C ASP B 474 45.37 -11.61 66.48
N GLY B 475 45.00 -12.79 65.98
CA GLY B 475 43.61 -13.15 65.85
C GLY B 475 43.29 -14.56 66.29
N VAL B 476 42.13 -15.06 65.88
CA VAL B 476 41.64 -16.39 66.26
C VAL B 476 41.39 -17.19 64.99
N SER B 477 41.89 -18.42 64.97
CA SER B 477 41.82 -19.27 63.79
C SER B 477 40.92 -20.47 64.05
N VAL B 478 40.05 -20.77 63.07
CA VAL B 478 39.19 -21.94 63.11
C VAL B 478 39.53 -22.80 61.91
N PHE B 479 39.85 -24.07 62.17
CA PHE B 479 40.12 -25.04 61.13
C PHE B 479 38.94 -26.01 61.05
N ALA B 480 38.44 -26.25 59.84
CA ALA B 480 37.34 -27.17 59.60
C ALA B 480 37.78 -28.15 58.52
N GLY B 481 38.22 -29.34 58.95
CA GLY B 481 38.59 -30.39 58.03
C GLY B 481 37.40 -31.23 57.64
N ILE B 482 37.13 -31.31 56.33
CA ILE B 482 36.02 -32.09 55.78
C ILE B 482 36.62 -33.24 55.01
N GLY B 483 36.32 -34.47 55.42
CA GLY B 483 36.98 -35.61 54.83
C GLY B 483 38.46 -35.54 55.12
N GLU B 484 38.80 -35.26 56.37
CA GLU B 484 40.19 -35.11 56.77
C GLU B 484 40.81 -36.47 57.05
N ARG B 485 41.94 -36.75 56.40
CA ARG B 485 42.65 -37.99 56.66
C ARG B 485 43.15 -38.02 58.09
N ILE B 486 43.08 -39.20 58.71
CA ILE B 486 43.46 -39.32 60.12
C ILE B 486 44.94 -39.02 60.31
N ARG B 487 45.78 -39.54 59.42
CA ARG B 487 47.22 -39.28 59.51
C ARG B 487 47.52 -37.80 59.36
N GLU B 488 46.90 -37.15 58.37
CA GLU B 488 47.14 -35.72 58.15
C GLU B 488 46.58 -34.90 59.31
N GLY B 489 45.43 -35.29 59.85
CA GLY B 489 44.89 -34.57 60.99
C GLY B 489 45.79 -34.66 62.20
N HIS B 490 46.27 -35.86 62.51
CA HIS B 490 47.21 -36.04 63.62
C HIS B 490 48.48 -35.25 63.40
N GLU B 491 49.02 -35.30 62.18
CA GLU B 491 50.25 -34.57 61.89
C GLU B 491 50.05 -33.07 62.06
N LEU B 492 48.95 -32.54 61.54
CA LEU B 492 48.70 -31.11 61.63
C LEU B 492 48.48 -30.69 63.08
N TRP B 493 47.81 -31.52 63.87
CA TRP B 493 47.64 -31.24 65.29
C TRP B 493 48.98 -31.20 66.01
N LYS B 494 49.84 -32.18 65.73
CA LYS B 494 51.14 -32.23 66.40
C LYS B 494 52.00 -31.04 66.02
N GLU B 495 52.01 -30.64 64.75
CA GLU B 495 52.82 -29.48 64.37
C GLU B 495 52.19 -28.18 64.85
N ALA B 496 50.86 -28.15 65.03
CA ALA B 496 50.24 -26.99 65.67
C ALA B 496 50.70 -26.85 67.10
N GLU B 497 50.78 -27.97 67.82
CA GLU B 497 51.30 -27.94 69.18
C GLU B 497 52.77 -27.52 69.20
N ALA B 498 53.57 -28.07 68.29
CA ALA B 498 55.00 -27.78 68.30
C ALA B 498 55.30 -26.33 67.94
N LEU B 499 54.64 -25.80 66.91
CA LEU B 499 54.93 -24.45 66.42
C LEU B 499 54.29 -23.36 67.28
N GLY B 500 53.38 -23.71 68.19
CA GLY B 500 52.90 -22.76 69.16
C GLY B 500 51.64 -22.00 68.78
N PHE B 501 50.95 -22.39 67.71
CA PHE B 501 49.68 -21.78 67.37
C PHE B 501 48.50 -22.69 67.68
N LEU B 502 48.70 -23.68 68.54
CA LEU B 502 47.63 -24.61 68.89
C LEU B 502 46.63 -23.98 69.85
N ASN B 503 47.11 -23.19 70.81
CA ASN B 503 46.24 -22.65 71.85
C ASN B 503 45.32 -21.55 71.35
N LYS B 504 45.49 -21.09 70.11
CA LYS B 504 44.61 -20.08 69.53
C LYS B 504 43.86 -20.60 68.30
N THR B 505 43.81 -21.92 68.12
CA THR B 505 43.13 -22.52 66.98
C THR B 505 42.07 -23.49 67.47
N ALA B 506 40.90 -23.45 66.85
CA ALA B 506 39.81 -24.36 67.14
C ALA B 506 39.68 -25.35 65.99
N PHE B 507 39.98 -26.61 66.25
CA PHE B 507 39.97 -27.65 65.23
C PHE B 507 38.65 -28.41 65.25
N ILE B 508 38.03 -28.54 64.09
CA ILE B 508 36.89 -29.44 63.87
C ILE B 508 37.30 -30.41 62.77
N PHE B 509 37.13 -31.71 63.03
CA PHE B 509 37.58 -32.75 62.11
C PHE B 509 36.43 -33.70 61.81
N GLY B 510 35.88 -33.59 60.60
CA GLY B 510 35.03 -34.66 60.09
C GLY B 510 35.89 -35.62 59.32
N GLN B 511 36.20 -36.77 59.93
CA GLN B 511 37.23 -37.66 59.42
C GLN B 511 36.77 -38.37 58.14
N MET B 512 37.76 -38.89 57.41
CA MET B 512 37.47 -39.56 56.15
C MET B 512 36.68 -40.84 56.35
N ASN B 513 36.85 -41.51 57.49
CA ASN B 513 36.22 -42.79 57.74
C ASN B 513 34.83 -42.68 58.34
N GLU B 514 34.36 -41.46 58.60
CA GLU B 514 33.05 -41.28 59.21
C GLU B 514 31.95 -41.30 58.15
N SER B 515 30.71 -41.38 58.61
CA SER B 515 29.58 -41.45 57.70
C SER B 515 29.47 -40.14 56.92
N PRO B 516 28.91 -40.18 55.71
CA PRO B 516 28.79 -38.94 54.92
C PRO B 516 28.00 -37.85 55.62
N GLY B 517 26.99 -38.22 56.42
CA GLY B 517 26.24 -37.23 57.16
C GLY B 517 27.10 -36.45 58.14
N LEU B 518 28.02 -37.15 58.81
CA LEU B 518 28.93 -36.46 59.71
C LEU B 518 29.95 -35.62 58.95
N ARG B 519 30.44 -36.12 57.83
CA ARG B 519 31.39 -35.37 57.02
C ARG B 519 30.77 -34.10 56.46
N PHE B 520 29.46 -34.11 56.20
CA PHE B 520 28.79 -32.95 55.63
C PHE B 520 28.71 -31.79 56.63
N ARG B 521 28.61 -32.08 57.92
CA ARG B 521 28.34 -31.07 58.93
C ARG B 521 29.59 -30.34 59.41
N SER B 522 30.79 -30.74 58.98
CA SER B 522 32.01 -30.12 59.47
C SER B 522 32.10 -28.66 59.08
N GLY B 523 31.76 -28.34 57.82
CA GLY B 523 31.79 -26.95 57.39
C GLY B 523 30.80 -26.10 58.15
N ILE B 524 29.60 -26.62 58.38
CA ILE B 524 28.58 -25.88 59.12
C ILE B 524 29.03 -25.63 60.55
N SER B 525 29.62 -26.65 61.19
CA SER B 525 30.10 -26.46 62.56
C SER B 525 31.23 -25.44 62.62
N GLY B 526 32.16 -25.48 61.65
CA GLY B 526 33.21 -24.49 61.62
C GLY B 526 32.67 -23.08 61.42
N VAL B 527 31.68 -22.94 60.54
CA VAL B 527 31.06 -21.64 60.30
C VAL B 527 30.37 -21.15 61.57
N LYS B 528 29.71 -22.06 62.30
CA LYS B 528 29.06 -21.66 63.55
C LYS B 528 30.06 -21.20 64.59
N VAL B 529 31.21 -21.91 64.69
CA VAL B 529 32.25 -21.48 65.62
C VAL B 529 32.77 -20.10 65.25
N ALA B 530 32.98 -19.86 63.95
CA ALA B 530 33.45 -18.55 63.52
C ALA B 530 32.42 -17.47 63.81
N GLU B 531 31.14 -17.76 63.60
CA GLU B 531 30.08 -16.80 63.91
C GLU B 531 30.04 -16.50 65.39
N TYR B 532 30.22 -17.51 66.24
CA TYR B 532 30.29 -17.24 67.68
C TYR B 532 31.48 -16.36 68.03
N PHE B 533 32.65 -16.66 67.45
CA PHE B 533 33.84 -15.90 67.79
C PHE B 533 33.79 -14.48 67.23
N ARG B 534 32.95 -14.21 66.24
CA ARG B 534 32.81 -12.83 65.78
C ARG B 534 31.70 -12.08 66.51
N ASN B 535 30.50 -12.67 66.59
CA ASN B 535 29.35 -11.96 67.13
C ASN B 535 29.41 -11.85 68.65
N ASN B 536 29.83 -12.91 69.34
CA ASN B 536 29.80 -12.91 70.81
C ASN B 536 31.04 -12.27 71.41
N LEU B 537 32.19 -12.37 70.76
CA LEU B 537 33.44 -11.84 71.31
C LEU B 537 34.05 -10.71 70.50
N GLY B 538 33.51 -10.40 69.32
CA GLY B 538 34.03 -9.29 68.54
C GLY B 538 35.45 -9.47 68.06
N LYS B 539 35.82 -10.68 67.65
CA LYS B 539 37.15 -10.98 67.17
C LYS B 539 37.10 -11.36 65.70
N SER B 540 38.05 -10.85 64.92
CA SER B 540 38.16 -11.26 63.53
C SER B 540 38.64 -12.71 63.45
N VAL B 541 37.99 -13.50 62.62
CA VAL B 541 38.27 -14.92 62.49
C VAL B 541 38.72 -15.22 61.07
N LEU B 542 39.76 -16.04 60.95
CA LEU B 542 40.20 -16.57 59.66
C LEU B 542 39.86 -18.05 59.65
N LEU B 543 38.84 -18.41 58.86
CA LEU B 543 38.32 -19.77 58.83
C LEU B 543 38.93 -20.53 57.66
N PHE B 544 39.47 -21.71 57.95
CA PHE B 544 40.13 -22.55 56.95
C PHE B 544 39.27 -23.77 56.66
N MET B 545 39.16 -24.11 55.37
CA MET B 545 38.33 -25.23 54.94
C MET B 545 39.15 -26.12 54.03
N ASP B 546 39.11 -27.44 54.29
CA ASP B 546 39.87 -28.41 53.51
C ASP B 546 39.26 -29.77 53.79
N ASN B 547 38.65 -30.39 52.78
CA ASN B 547 38.65 -29.96 51.39
C ASN B 547 37.22 -29.74 50.90
N ILE B 548 37.01 -28.70 50.08
CA ILE B 548 35.67 -28.36 49.64
C ILE B 548 35.10 -29.45 48.74
N PHE B 549 35.95 -30.04 47.89
CA PHE B 549 35.52 -31.13 47.02
C PHE B 549 34.92 -32.27 47.84
N ARG B 550 35.50 -32.56 49.00
CA ARG B 550 34.96 -33.63 49.84
C ARG B 550 33.63 -33.24 50.46
N TYR B 551 33.43 -31.95 50.74
CA TYR B 551 32.12 -31.48 51.20
C TYR B 551 31.07 -31.70 50.12
N VAL B 552 31.39 -31.34 48.88
CA VAL B 552 30.47 -31.57 47.77
C VAL B 552 30.19 -33.06 47.60
N GLN B 553 31.23 -33.88 47.71
CA GLN B 553 31.06 -35.32 47.57
C GLN B 553 30.18 -35.90 48.67
N ALA B 554 30.36 -35.43 49.91
CA ALA B 554 29.51 -35.89 50.99
C ALA B 554 28.05 -35.50 50.76
N GLY B 555 27.82 -34.28 50.28
CA GLY B 555 26.46 -33.88 49.94
C GLY B 555 25.85 -34.77 48.87
N SER B 556 26.65 -35.10 47.84
CA SER B 556 26.17 -35.98 46.79
C SER B 556 25.86 -37.37 47.33
N GLU B 557 26.70 -37.87 48.23
CA GLU B 557 26.46 -39.18 48.84
C GLU B 557 25.17 -39.18 49.63
N ILE B 558 24.93 -38.14 50.42
CA ILE B 558 23.71 -38.08 51.22
C ILE B 558 22.48 -37.99 50.31
N SER B 559 22.58 -37.22 49.22
CA SER B 559 21.47 -37.14 48.28
C SER B 559 21.19 -38.50 47.64
N SER B 560 22.24 -39.22 47.25
CA SER B 560 22.06 -40.51 46.59
C SER B 560 21.50 -41.55 47.55
N LEU B 561 21.91 -41.51 48.82
CA LEU B 561 21.47 -42.50 49.79
C LEU B 561 19.98 -42.39 50.06
N LEU B 562 19.45 -41.17 50.11
CA LEU B 562 18.05 -40.92 50.47
C LEU B 562 17.11 -41.08 49.28
N GLU B 563 17.53 -41.75 48.21
CA GLU B 563 16.68 -42.04 47.05
C GLU B 563 16.18 -40.74 46.41
N LYS B 564 17.11 -39.95 45.91
CA LYS B 564 16.82 -38.76 45.13
C LYS B 564 17.41 -38.91 43.73
N THR B 565 16.76 -38.30 42.75
CA THR B 565 17.19 -38.45 41.37
C THR B 565 18.50 -37.69 41.15
N PRO B 566 19.57 -38.36 40.74
CA PRO B 566 20.84 -37.66 40.54
C PRO B 566 20.75 -36.64 39.41
N SER B 567 21.51 -35.56 39.57
CA SER B 567 21.62 -34.52 38.56
C SER B 567 22.71 -34.90 37.57
N ALA B 568 23.13 -33.94 36.75
CA ALA B 568 24.17 -34.19 35.76
C ALA B 568 25.45 -34.68 36.43
N VAL B 569 26.09 -35.66 35.79
CA VAL B 569 27.34 -36.27 36.25
C VAL B 569 27.07 -36.92 37.61
N GLY B 570 25.82 -37.28 37.87
CA GLY B 570 25.48 -38.00 39.07
C GLY B 570 25.51 -37.19 40.36
N TYR B 571 25.61 -35.87 40.27
CA TYR B 571 25.64 -35.04 41.46
C TYR B 571 24.24 -34.81 42.00
N GLN B 572 24.18 -34.18 43.17
CA GLN B 572 22.90 -33.91 43.80
C GLN B 572 22.17 -32.77 43.10
N PRO B 573 20.84 -32.81 43.05
CA PRO B 573 20.09 -31.68 42.46
C PRO B 573 20.31 -30.37 43.18
N THR B 574 20.63 -30.42 44.47
CA THR B 574 20.78 -29.22 45.30
C THR B 574 22.25 -28.83 45.47
N LEU B 575 23.06 -29.00 44.43
CA LEU B 575 24.49 -28.74 44.54
C LEU B 575 24.76 -27.27 44.78
N PHE B 576 24.28 -26.41 43.87
CA PHE B 576 24.52 -24.98 44.00
C PHE B 576 23.84 -24.42 45.23
N SER B 577 22.65 -24.93 45.55
CA SER B 577 21.96 -24.50 46.77
C SER B 577 22.78 -24.80 48.01
N GLU B 578 23.34 -26.01 48.10
CA GLU B 578 24.14 -26.37 49.27
C GLU B 578 25.43 -25.56 49.34
N MET B 579 26.08 -25.35 48.19
CA MET B 579 27.28 -24.54 48.18
C MET B 579 26.99 -23.12 48.66
N GLY B 580 25.89 -22.54 48.18
CA GLY B 580 25.49 -21.23 48.67
C GLY B 580 25.17 -21.23 50.15
N GLN B 581 24.50 -22.28 50.63
CA GLN B 581 24.18 -22.39 52.05
C GLN B 581 25.45 -22.37 52.88
N LEU B 582 26.49 -23.06 52.43
CA LEU B 582 27.74 -23.05 53.17
C LEU B 582 28.42 -21.69 53.09
N GLN B 583 28.54 -21.12 51.89
CA GLN B 583 29.41 -19.99 51.68
C GLN B 583 28.77 -18.64 52.00
N GLU B 584 27.45 -18.57 52.18
CA GLU B 584 26.80 -17.29 52.38
C GLU B 584 26.85 -16.79 53.81
N ARG B 585 27.33 -17.60 54.76
CA ARG B 585 27.44 -17.16 56.13
C ARG B 585 28.79 -16.56 56.45
N ILE B 586 29.69 -16.50 55.48
CA ILE B 586 31.00 -15.85 55.64
C ILE B 586 30.86 -14.44 55.06
N ASN B 587 31.09 -13.43 55.88
CA ASN B 587 30.88 -12.06 55.42
C ASN B 587 31.67 -11.12 56.33
N SER B 588 31.35 -9.83 56.26
CA SER B 588 32.01 -8.81 57.06
C SER B 588 30.96 -7.87 57.62
N THR B 589 30.88 -7.79 58.95
CA THR B 589 29.86 -6.98 59.62
C THR B 589 30.54 -6.06 60.63
N LYS B 590 29.77 -5.09 61.12
CA LYS B 590 30.26 -4.12 62.09
C LYS B 590 31.04 -4.77 63.23
N ASP B 591 30.72 -6.02 63.57
CA ASP B 591 31.37 -6.69 64.69
C ASP B 591 32.77 -7.16 64.35
N GLY B 592 33.03 -7.49 63.10
CA GLY B 592 34.35 -7.94 62.70
C GLY B 592 34.31 -8.56 61.32
N ASP B 593 35.42 -9.20 60.96
CA ASP B 593 35.58 -9.83 59.66
C ASP B 593 35.70 -11.34 59.84
N ILE B 594 35.14 -12.08 58.89
CA ILE B 594 35.35 -13.52 58.78
C ILE B 594 35.98 -13.75 57.41
N THR B 595 37.28 -14.01 57.38
CA THR B 595 38.00 -14.33 56.16
C THR B 595 38.08 -15.84 56.01
N SER B 596 37.92 -16.34 54.79
CA SER B 596 37.94 -17.76 54.51
C SER B 596 39.01 -18.08 53.48
N ILE B 597 39.78 -19.14 53.74
CA ILE B 597 40.82 -19.62 52.83
C ILE B 597 40.59 -21.12 52.67
N GLN B 598 40.01 -21.52 51.54
CA GLN B 598 39.51 -22.87 51.36
C GLN B 598 40.31 -23.60 50.29
N ALA B 599 40.79 -24.80 50.62
CA ALA B 599 41.55 -25.62 49.69
C ALA B 599 40.60 -26.54 48.92
N MET B 600 40.85 -26.67 47.62
CA MET B 600 40.04 -27.53 46.77
C MET B 600 40.92 -28.45 45.94
N TYR B 601 40.41 -29.66 45.71
CA TYR B 601 41.05 -30.64 44.85
C TYR B 601 40.27 -30.74 43.55
N ILE B 602 40.93 -30.47 42.44
CA ILE B 602 40.32 -30.54 41.11
C ILE B 602 40.68 -31.90 40.51
N PRO B 603 39.71 -32.77 40.23
CA PRO B 603 40.02 -34.12 39.75
C PRO B 603 40.46 -34.09 38.29
N ALA B 604 41.66 -34.60 38.03
CA ALA B 604 42.21 -34.70 36.68
C ALA B 604 42.32 -33.34 36.00
N ASP B 605 42.44 -32.28 36.81
CA ASP B 605 42.54 -30.90 36.31
C ASP B 605 41.33 -30.52 35.46
N ASP B 606 40.16 -31.06 35.80
CA ASP B 606 38.93 -30.81 35.05
C ASP B 606 38.21 -29.65 35.72
N PHE B 607 38.48 -28.43 35.22
CA PHE B 607 37.91 -27.23 35.82
C PHE B 607 36.44 -27.02 35.45
N THR B 608 35.90 -27.84 34.56
CA THR B 608 34.48 -27.79 34.22
C THR B 608 33.65 -28.81 35.00
N ASP B 609 34.25 -29.47 35.99
CA ASP B 609 33.50 -30.35 36.86
C ASP B 609 32.46 -29.55 37.63
N PRO B 610 31.26 -30.08 37.83
CA PRO B 610 30.19 -29.30 38.48
C PRO B 610 30.56 -28.81 39.87
N ALA B 611 31.37 -29.57 40.62
CA ALA B 611 31.82 -29.10 41.93
C ALA B 611 32.68 -27.86 41.81
N ALA B 612 33.63 -27.87 40.87
CA ALA B 612 34.47 -26.70 40.66
C ALA B 612 33.65 -25.51 40.17
N VAL B 613 32.70 -25.75 39.27
CA VAL B 613 31.87 -24.66 38.76
C VAL B 613 31.03 -24.05 39.88
N ALA B 614 30.55 -24.90 40.80
CA ALA B 614 29.83 -24.39 41.96
C ALA B 614 30.76 -23.58 42.86
N ALA B 615 32.00 -24.03 43.02
CA ALA B 615 32.92 -23.34 43.93
C ALA B 615 33.34 -21.98 43.40
N PHE B 616 33.64 -21.88 42.09
CA PHE B 616 34.07 -20.59 41.55
C PHE B 616 33.02 -19.50 41.67
N ALA B 617 31.75 -19.87 41.86
CA ALA B 617 30.72 -18.84 42.00
C ALA B 617 30.91 -17.98 43.24
N HIS B 618 31.70 -18.45 44.21
CA HIS B 618 31.86 -17.76 45.48
C HIS B 618 33.27 -17.27 45.76
N PHE B 619 34.28 -17.79 45.07
CA PHE B 619 35.66 -17.42 45.36
C PHE B 619 35.93 -15.98 44.98
N ASP B 620 36.54 -15.23 45.90
CA ASP B 620 36.96 -13.87 45.61
C ASP B 620 38.38 -13.78 45.11
N SER B 621 39.20 -14.79 45.36
CA SER B 621 40.55 -14.85 44.79
C SER B 621 40.96 -16.30 44.64
N THR B 622 41.44 -16.68 43.46
CA THR B 622 41.81 -18.05 43.16
C THR B 622 43.33 -18.16 43.06
N ILE B 623 43.92 -19.08 43.83
CA ILE B 623 45.34 -19.35 43.80
C ILE B 623 45.52 -20.77 43.28
N ILE B 624 46.12 -20.90 42.10
CA ILE B 624 46.21 -22.17 41.40
C ILE B 624 47.65 -22.66 41.46
N LEU B 625 47.84 -23.85 42.00
CA LEU B 625 49.15 -24.45 42.14
C LEU B 625 49.45 -25.38 40.96
N SER B 626 50.72 -25.47 40.60
CA SER B 626 51.16 -26.24 39.44
C SER B 626 52.10 -27.35 39.89
N ARG B 627 51.86 -28.56 39.39
CA ARG B 627 52.75 -29.68 39.73
C ARG B 627 54.07 -29.58 38.99
N GLN B 628 54.08 -29.03 37.78
CA GLN B 628 55.32 -28.82 37.06
C GLN B 628 56.21 -27.81 37.79
N LEU B 629 55.63 -26.72 38.26
CA LEU B 629 56.40 -25.69 38.95
C LEU B 629 56.97 -26.22 40.26
N ALA B 630 56.18 -27.04 40.98
CA ALA B 630 56.69 -27.70 42.18
C ALA B 630 57.81 -28.67 41.83
N ALA B 631 57.65 -29.44 40.75
CA ALA B 631 58.68 -30.39 40.34
C ALA B 631 59.96 -29.69 39.95
N GLU B 632 59.89 -28.43 39.52
CA GLU B 632 61.09 -27.64 39.28
C GLU B 632 61.75 -27.17 40.57
N GLY B 633 61.19 -27.53 41.73
CA GLY B 633 61.72 -27.09 43.01
C GLY B 633 61.25 -25.72 43.46
N VAL B 634 60.37 -25.08 42.69
CA VAL B 634 59.88 -23.74 43.03
C VAL B 634 58.77 -23.88 44.07
N TYR B 635 58.97 -23.25 45.22
CA TYR B 635 57.95 -23.21 46.26
C TYR B 635 57.78 -21.77 46.73
N PRO B 636 56.56 -21.36 47.11
CA PRO B 636 55.30 -22.08 47.32
C PRO B 636 54.56 -22.59 46.07
N ALA B 637 55.22 -22.60 44.91
CA ALA B 637 54.70 -23.26 43.71
C ALA B 637 53.34 -22.71 43.30
N ILE B 638 53.17 -21.40 43.45
CA ILE B 638 51.95 -20.72 43.04
C ILE B 638 52.13 -20.24 41.60
N ASP B 639 51.18 -20.57 40.74
CA ASP B 639 51.24 -20.16 39.34
C ASP B 639 50.74 -18.72 39.23
N PRO B 640 51.61 -17.77 38.84
CA PRO B 640 51.20 -16.36 38.84
C PRO B 640 50.39 -15.99 37.61
N LEU B 641 50.62 -16.68 36.49
CA LEU B 641 49.89 -16.36 35.28
C LEU B 641 48.45 -16.90 35.33
N GLU B 642 48.26 -18.09 35.85
CA GLU B 642 46.92 -18.68 35.89
C GLU B 642 46.05 -18.07 36.98
N SER B 643 46.64 -17.80 38.14
CA SER B 643 45.89 -17.25 39.26
C SER B 643 45.53 -15.79 39.02
N ASN B 644 44.47 -15.34 39.66
CA ASN B 644 44.09 -13.94 39.61
C ASN B 644 43.26 -13.60 40.83
N SER B 645 43.27 -12.31 41.19
CA SER B 645 42.52 -11.80 42.33
C SER B 645 41.68 -10.61 41.89
N LYS B 646 40.49 -10.50 42.47
CA LYS B 646 39.63 -9.36 42.19
C LYS B 646 40.07 -8.10 42.94
N MET B 647 40.93 -8.23 43.94
CA MET B 647 41.39 -7.11 44.74
C MET B 647 42.62 -6.42 44.17
N LEU B 648 43.09 -6.85 43.00
CA LEU B 648 44.22 -6.17 42.35
C LEU B 648 43.68 -5.11 41.38
N SER B 649 43.00 -4.13 41.96
CA SER B 649 42.42 -3.01 41.24
C SER B 649 42.93 -1.71 41.85
N ILE B 650 42.40 -0.60 41.34
CA ILE B 650 42.74 0.71 41.92
C ILE B 650 41.82 1.06 43.08
N LYS B 651 40.68 0.38 43.21
CA LYS B 651 39.78 0.62 44.34
C LYS B 651 40.44 0.27 45.67
N TYR B 652 41.37 -0.68 45.68
CA TYR B 652 41.99 -1.15 46.90
C TYR B 652 43.49 -0.94 46.98
N THR B 653 44.20 -0.92 45.86
CA THR B 653 45.64 -0.78 45.85
C THR B 653 46.04 0.55 45.22
N SER B 654 47.34 0.84 45.30
CA SER B 654 47.89 2.07 44.79
C SER B 654 48.19 1.95 43.29
N ARG B 655 48.65 3.06 42.71
CA ARG B 655 49.10 3.03 41.31
C ARG B 655 50.40 2.26 41.18
N GLU B 656 51.31 2.41 42.15
CA GLU B 656 52.59 1.71 42.09
C GLU B 656 52.40 0.19 42.16
N HIS B 657 51.54 -0.27 43.06
CA HIS B 657 51.30 -1.70 43.19
C HIS B 657 50.71 -2.28 41.92
N LEU B 658 49.72 -1.60 41.33
CA LEU B 658 49.13 -2.07 40.09
C LEU B 658 50.15 -2.10 38.96
N ASP B 659 50.96 -1.05 38.85
CA ASP B 659 51.96 -1.01 37.78
C ASP B 659 52.98 -2.13 37.95
N ILE B 660 53.44 -2.37 39.18
CA ILE B 660 54.41 -3.42 39.43
C ILE B 660 53.81 -4.78 39.11
N ALA B 661 52.57 -5.04 39.53
CA ALA B 661 51.94 -6.32 39.27
C ALA B 661 51.76 -6.55 37.77
N LYS B 662 51.28 -5.53 37.05
CA LYS B 662 51.08 -5.67 35.62
C LYS B 662 52.40 -5.92 34.90
N LYS B 663 53.44 -5.16 35.25
CA LYS B 663 54.73 -5.34 34.61
C LYS B 663 55.30 -6.72 34.91
N THR B 664 55.11 -7.20 36.14
CA THR B 664 55.61 -8.53 36.50
C THR B 664 54.92 -9.61 35.69
N VAL B 665 53.59 -9.55 35.59
CA VAL B 665 52.86 -10.56 34.83
C VAL B 665 53.25 -10.51 33.35
N GLN B 666 53.39 -9.30 32.79
CA GLN B 666 53.80 -9.17 31.41
C GLN B 666 55.18 -9.76 31.18
N THR B 667 56.13 -9.46 32.08
CA THR B 667 57.48 -9.98 31.92
C THR B 667 57.50 -11.49 32.02
N LEU B 668 56.76 -12.06 32.97
CA LEU B 668 56.72 -13.51 33.13
C LEU B 668 56.11 -14.19 31.90
N GLU B 669 55.02 -13.64 31.36
CA GLU B 669 54.44 -14.25 30.16
C GLU B 669 55.40 -14.14 28.97
N LYS B 670 56.05 -12.98 28.80
CA LYS B 670 56.97 -12.82 27.68
C LYS B 670 58.17 -13.75 27.79
N THR B 671 58.74 -13.89 28.99
CA THR B 671 59.88 -14.80 29.13
C THR B 671 59.44 -16.25 28.97
N LYS B 672 58.21 -16.60 29.39
CA LYS B 672 57.71 -17.94 29.13
C LYS B 672 57.61 -18.20 27.63
N THR B 673 57.15 -17.20 26.88
CA THR B 673 57.10 -17.33 25.42
C THR B 673 58.50 -17.51 24.84
N LEU B 674 59.45 -16.70 25.30
CA LEU B 674 60.79 -16.70 24.71
C LEU B 674 61.62 -17.92 25.13
N GLU B 675 61.25 -18.60 26.21
CA GLU B 675 62.03 -19.76 26.63
C GLU B 675 61.94 -20.89 25.62
N ASP B 676 60.79 -21.05 24.97
CA ASP B 676 60.67 -22.08 23.93
C ASP B 676 61.60 -21.78 22.77
N ILE B 677 61.68 -20.51 22.36
CA ILE B 677 62.62 -20.11 21.31
C ILE B 677 64.05 -20.40 21.74
N ILE B 678 64.39 -20.10 23.00
CA ILE B 678 65.72 -20.39 23.50
C ILE B 678 66.01 -21.88 23.42
N ASN B 679 65.05 -22.71 23.84
CA ASN B 679 65.26 -24.15 23.86
C ASN B 679 65.44 -24.70 22.46
N ILE B 680 64.67 -24.20 21.49
CA ILE B 680 64.73 -24.77 20.14
C ILE B 680 65.92 -24.22 19.37
N LEU B 681 65.97 -22.90 19.18
CA LEU B 681 66.97 -22.31 18.29
C LEU B 681 68.24 -21.86 19.01
N GLY B 682 68.28 -21.93 20.33
CA GLY B 682 69.46 -21.50 21.06
C GLY B 682 69.34 -20.08 21.55
N PHE B 683 70.08 -19.78 22.63
CA PHE B 683 70.00 -18.47 23.26
C PHE B 683 70.56 -17.36 22.38
N ASP B 684 71.34 -17.70 21.35
CA ASP B 684 71.89 -16.68 20.47
C ASP B 684 70.84 -16.08 19.56
N ALA B 685 69.81 -16.84 19.20
CA ALA B 685 68.82 -16.38 18.24
C ALA B 685 67.98 -15.22 18.74
N LEU B 686 68.00 -14.94 20.04
CA LEU B 686 67.27 -13.81 20.58
C LEU B 686 67.90 -12.49 20.14
N SER B 687 67.12 -11.43 20.21
CA SER B 687 67.62 -10.09 19.92
C SER B 687 68.30 -9.53 21.17
N GLU B 688 68.70 -8.26 21.13
CA GLU B 688 69.38 -7.67 22.28
C GLU B 688 68.41 -7.39 23.41
N ASP B 689 67.22 -6.89 23.09
CA ASP B 689 66.22 -6.64 24.14
C ASP B 689 65.65 -7.94 24.68
N ASP B 690 65.53 -8.97 23.85
CA ASP B 690 64.95 -10.23 24.28
C ASP B 690 65.82 -10.92 25.32
N LYS B 691 67.14 -10.82 25.19
CA LYS B 691 68.02 -11.42 26.19
C LYS B 691 67.83 -10.76 27.56
N LYS B 692 67.75 -9.44 27.58
CA LYS B 692 67.52 -8.73 28.84
C LYS B 692 66.15 -9.08 29.41
N VAL B 693 65.13 -9.18 28.55
CA VAL B 693 63.81 -9.56 29.02
C VAL B 693 63.84 -10.94 29.66
N VAL B 694 64.53 -11.88 29.01
CA VAL B 694 64.59 -13.24 29.52
C VAL B 694 65.32 -13.29 30.86
N GLU B 695 66.44 -12.57 30.98
CA GLU B 695 67.18 -12.58 32.24
C GLU B 695 66.36 -11.96 33.36
N VAL B 696 65.69 -10.83 33.08
CA VAL B 696 64.85 -10.20 34.09
C VAL B 696 63.71 -11.14 34.50
N GLY B 697 63.11 -11.82 33.52
CA GLY B 697 62.03 -12.73 33.84
C GLY B 697 62.49 -13.91 34.69
N ARG B 698 63.67 -14.45 34.38
CA ARG B 698 64.20 -15.55 35.18
C ARG B 698 64.44 -15.10 36.63
N ARG B 699 65.08 -13.95 36.79
CA ARG B 699 65.35 -13.46 38.15
C ARG B 699 64.07 -13.14 38.89
N LEU B 700 63.06 -12.62 38.18
CA LEU B 700 61.76 -12.37 38.80
C LEU B 700 61.11 -13.67 39.26
N LYS B 701 61.12 -14.69 38.40
CA LYS B 701 60.50 -15.95 38.75
C LYS B 701 61.17 -16.59 39.96
N TRP B 702 62.50 -16.54 40.01
CA TRP B 702 63.19 -17.15 41.14
C TRP B 702 63.10 -16.31 42.40
N PHE B 703 62.94 -14.99 42.27
CA PHE B 703 62.81 -14.15 43.44
C PHE B 703 61.49 -14.37 44.17
N LEU B 704 60.48 -14.91 43.49
CA LEU B 704 59.18 -15.12 44.11
C LEU B 704 59.15 -16.29 45.08
N THR B 705 60.16 -17.17 45.02
CA THR B 705 60.23 -18.28 45.96
C THR B 705 60.58 -17.77 47.35
N GLN B 706 60.16 -18.53 48.37
CA GLN B 706 60.29 -18.07 49.75
C GLN B 706 60.32 -19.26 50.68
N PRO B 707 61.19 -19.27 51.69
CA PRO B 707 61.13 -20.33 52.70
C PRO B 707 60.10 -20.00 53.78
N PHE B 708 59.31 -21.00 54.15
CA PHE B 708 58.30 -20.85 55.18
C PHE B 708 58.83 -21.36 56.51
N VAL B 709 58.32 -20.77 57.60
CA VAL B 709 58.70 -21.20 58.94
C VAL B 709 58.11 -22.55 59.30
N VAL B 710 57.15 -23.04 58.52
CA VAL B 710 56.58 -24.36 58.77
C VAL B 710 57.30 -25.44 57.96
N ALA B 711 57.81 -25.11 56.78
CA ALA B 711 58.46 -26.07 55.90
C ALA B 711 59.88 -26.39 56.31
N GLU B 712 60.28 -26.06 57.54
CA GLU B 712 61.61 -26.42 58.03
C GLU B 712 61.81 -27.91 58.18
N LYS B 713 60.72 -28.70 58.17
CA LYS B 713 60.86 -30.15 58.30
C LYS B 713 61.47 -30.77 57.06
N PHE B 714 61.17 -30.25 55.87
CA PHE B 714 61.62 -30.88 54.64
C PHE B 714 63.04 -30.45 54.28
N SER B 715 63.26 -29.14 54.09
CA SER B 715 64.55 -28.65 53.62
C SER B 715 65.45 -28.15 54.74
N GLY B 716 64.93 -27.94 55.94
CA GLY B 716 65.74 -27.48 57.04
C GLY B 716 66.12 -26.02 56.99
N VAL B 717 65.58 -25.25 56.06
CA VAL B 717 65.90 -23.83 55.90
C VAL B 717 64.94 -23.01 56.76
N PRO B 718 65.44 -22.03 57.53
CA PRO B 718 64.53 -21.19 58.31
C PRO B 718 63.62 -20.37 57.41
N GLY B 719 62.41 -20.09 57.91
CA GLY B 719 61.47 -19.30 57.16
C GLY B 719 61.67 -17.81 57.33
N LYS B 720 60.89 -17.04 56.57
CA LYS B 720 60.98 -15.60 56.59
C LYS B 720 59.59 -15.00 56.40
N PHE B 721 59.44 -13.76 56.85
CA PHE B 721 58.20 -13.00 56.70
C PHE B 721 58.54 -11.69 56.01
N VAL B 722 57.99 -11.50 54.81
CA VAL B 722 58.33 -10.36 53.96
C VAL B 722 57.13 -9.44 53.90
N ARG B 723 57.33 -8.18 54.25
CA ARG B 723 56.25 -7.20 54.18
C ARG B 723 55.96 -6.84 52.72
N LEU B 724 54.80 -6.21 52.52
CA LEU B 724 54.40 -5.84 51.16
C LEU B 724 55.36 -4.81 50.57
N LYS B 725 55.79 -3.83 51.38
CA LYS B 725 56.70 -2.81 50.89
C LYS B 725 58.04 -3.41 50.48
N ASP B 726 58.56 -4.36 51.26
CA ASP B 726 59.84 -4.98 50.94
C ASP B 726 59.76 -5.75 49.62
N SER B 727 58.67 -6.52 49.43
CA SER B 727 58.49 -7.24 48.18
C SER B 727 58.36 -6.30 47.00
N LEU B 728 57.60 -5.21 47.18
CA LEU B 728 57.45 -4.24 46.10
C LEU B 728 58.79 -3.61 45.73
N LYS B 729 59.59 -3.23 46.73
CA LYS B 729 60.88 -2.63 46.46
C LYS B 729 61.82 -3.63 45.78
N GLY B 730 61.82 -4.88 46.21
CA GLY B 730 62.67 -5.88 45.57
C GLY B 730 62.29 -6.12 44.13
N ILE B 731 60.99 -6.25 43.86
CA ILE B 731 60.54 -6.46 42.48
C ILE B 731 60.85 -5.23 41.64
N LYS B 732 60.70 -4.03 42.22
CA LYS B 732 61.04 -2.81 41.48
C LYS B 732 62.53 -2.76 41.13
N THR B 733 63.38 -3.17 42.07
CA THR B 733 64.81 -3.23 41.79
C THR B 733 65.12 -4.24 40.69
N ILE B 734 64.47 -5.41 40.72
CA ILE B 734 64.76 -6.43 39.73
C ILE B 734 64.26 -6.01 38.35
N LEU B 735 63.07 -5.39 38.29
CA LEU B 735 62.48 -5.01 37.01
C LEU B 735 63.37 -4.01 36.26
N ASP B 736 64.04 -3.12 36.97
CA ASP B 736 64.89 -2.13 36.32
C ASP B 736 66.16 -2.73 35.75
N GLY B 737 66.46 -3.99 36.06
CA GLY B 737 67.71 -4.58 35.61
C GLY B 737 68.91 -4.23 36.45
N ASP B 738 68.70 -3.71 37.66
CA ASP B 738 69.81 -3.31 38.51
C ASP B 738 70.67 -4.51 38.90
N LEU B 739 70.03 -5.63 39.23
CA LEU B 739 70.71 -6.84 39.68
C LEU B 739 70.96 -7.83 38.54
N ASN B 740 71.19 -7.33 37.33
CA ASN B 740 71.39 -8.21 36.18
C ASN B 740 72.79 -8.80 36.12
N HIS B 741 73.69 -8.39 37.01
CA HIS B 741 75.05 -8.90 37.05
C HIS B 741 75.23 -10.01 38.07
N ILE B 742 74.15 -10.54 38.62
CA ILE B 742 74.21 -11.55 39.67
C ILE B 742 73.72 -12.88 39.10
N PRO B 743 74.39 -13.99 39.36
CA PRO B 743 73.91 -15.29 38.87
C PRO B 743 72.54 -15.61 39.44
N VAL B 744 71.75 -16.34 38.63
CA VAL B 744 70.36 -16.61 38.99
C VAL B 744 70.27 -17.44 40.26
N SER B 745 71.26 -18.30 40.50
CA SER B 745 71.22 -19.19 41.66
C SER B 745 71.17 -18.44 42.99
N TYR B 746 71.55 -17.17 43.00
CA TYR B 746 71.52 -16.39 44.23
C TYR B 746 70.11 -15.88 44.57
N PHE B 747 69.20 -15.88 43.60
CA PHE B 747 67.87 -15.32 43.79
C PHE B 747 66.89 -16.30 44.40
N SER B 748 67.30 -17.54 44.66
CA SER B 748 66.37 -18.58 45.08
C SER B 748 66.27 -18.63 46.61
N PHE B 749 65.04 -18.65 47.11
CA PHE B 749 64.74 -18.91 48.52
C PHE B 749 65.43 -17.90 49.43
N VAL B 750 65.16 -16.62 49.18
CA VAL B 750 65.65 -15.54 50.01
C VAL B 750 64.45 -14.74 50.53
N GLY B 751 64.73 -13.83 51.45
CA GLY B 751 63.68 -13.00 52.01
C GLY B 751 63.50 -11.68 51.32
N VAL B 752 64.56 -10.89 51.21
CA VAL B 752 64.49 -9.54 50.67
C VAL B 752 65.56 -9.38 49.60
N VAL B 753 65.50 -8.24 48.92
CA VAL B 753 66.39 -7.99 47.78
C VAL B 753 67.84 -7.84 48.25
N GLU B 754 68.07 -7.38 49.48
CA GLU B 754 69.43 -7.11 49.91
C GLU B 754 70.21 -8.38 50.22
N GLU B 755 69.52 -9.48 50.54
CA GLU B 755 70.22 -10.72 50.86
C GLU B 755 71.00 -11.23 49.66
N ILE B 756 70.42 -11.15 48.47
CA ILE B 756 71.11 -11.60 47.26
C ILE B 756 72.37 -10.77 47.03
N ILE B 757 72.25 -9.45 47.16
CA ILE B 757 73.40 -8.57 46.96
C ILE B 757 74.49 -8.88 47.96
N GLU B 758 74.13 -9.06 49.23
CA GLU B 758 75.13 -9.34 50.26
C GLU B 758 75.81 -10.68 50.01
N LYS B 759 75.03 -11.71 49.65
CA LYS B 759 75.64 -13.02 49.38
C LYS B 759 76.56 -12.97 48.18
N PHE B 760 76.16 -12.27 47.12
CA PHE B 760 77.01 -12.15 45.95
C PHE B 760 78.29 -11.38 46.26
N ASN B 761 78.18 -10.31 47.04
CA ASN B 761 79.36 -9.55 47.44
C ASN B 761 80.30 -10.41 48.28
N LEU B 762 79.75 -11.21 49.20
CA LEU B 762 80.58 -12.08 50.02
C LEU B 762 81.27 -13.14 49.17
N ASP B 763 80.56 -13.74 48.22
CA ASP B 763 81.17 -14.73 47.35
C ASP B 763 82.26 -14.10 46.48
N ALA B 764 82.04 -12.89 45.99
CA ALA B 764 83.06 -12.20 45.21
C ALA B 764 84.29 -11.89 46.04
N LYS B 765 84.08 -11.48 47.30
CA LYS B 765 85.20 -11.23 48.20
C LYS B 765 85.99 -12.51 48.43
N LYS B 766 85.30 -13.63 48.66
CA LYS B 766 86.00 -14.90 48.87
C LYS B 766 86.76 -15.31 47.62
N GLU B 767 86.19 -15.10 46.44
CA GLU B 767 86.88 -15.44 45.20
C GLU B 767 88.11 -14.57 45.01
N ALA B 768 88.00 -13.28 45.32
CA ALA B 768 89.16 -12.38 45.21
C ALA B 768 90.25 -12.75 46.22
N LEU B 769 89.87 -13.22 47.40
CA LEU B 769 90.86 -13.64 48.39
C LEU B 769 91.47 -14.99 48.04
N LYS B 770 90.75 -15.85 47.33
CA LYS B 770 91.21 -17.22 47.11
C LYS B 770 92.38 -17.27 46.15
N ASN B 771 92.39 -16.43 45.12
CA ASN B 771 93.43 -16.49 44.10
C ASN B 771 94.75 -15.93 44.62
N HIS C 217 -38.09 -43.44 -27.68
CA HIS C 217 -38.93 -42.30 -28.01
C HIS C 217 -38.16 -41.31 -28.89
N ASN C 218 -36.84 -41.47 -28.94
CA ASN C 218 -36.02 -40.59 -29.77
C ASN C 218 -36.27 -40.80 -31.26
N LEU C 219 -36.76 -41.97 -31.66
CA LEU C 219 -36.98 -42.25 -33.07
C LEU C 219 -38.12 -41.42 -33.65
N LEU C 220 -39.04 -40.93 -32.81
CA LEU C 220 -40.18 -40.17 -33.30
C LEU C 220 -39.77 -38.82 -33.90
N PHE C 221 -38.62 -38.28 -33.53
CA PHE C 221 -38.15 -36.99 -34.00
C PHE C 221 -36.97 -37.23 -34.96
N LYS C 222 -37.30 -37.40 -36.24
CA LYS C 222 -36.30 -37.65 -37.27
C LYS C 222 -36.45 -36.64 -38.40
N LEU C 223 -35.31 -36.18 -38.92
CA LEU C 223 -35.30 -35.20 -40.00
C LEU C 223 -35.66 -35.90 -41.31
N TYR C 224 -36.70 -35.41 -41.98
CA TYR C 224 -37.18 -35.99 -43.23
C TYR C 224 -37.04 -34.98 -44.36
N SER C 225 -36.88 -35.51 -45.57
CA SER C 225 -36.78 -34.69 -46.77
C SER C 225 -37.97 -34.99 -47.69
N VAL C 226 -38.45 -33.94 -48.37
CA VAL C 226 -39.68 -34.06 -49.16
C VAL C 226 -39.53 -35.10 -50.27
N GLU C 227 -38.32 -35.28 -50.78
CA GLU C 227 -38.10 -36.30 -51.81
C GLU C 227 -38.44 -37.69 -51.29
N GLN C 228 -38.02 -38.01 -50.07
CA GLN C 228 -38.41 -39.27 -49.45
C GLN C 228 -39.90 -39.29 -49.13
N LEU C 229 -40.44 -38.17 -48.65
CA LEU C 229 -41.82 -38.14 -48.17
C LEU C 229 -42.83 -38.32 -49.30
N ALA C 230 -42.50 -37.84 -50.51
CA ALA C 230 -43.41 -38.02 -51.64
C ALA C 230 -43.53 -39.48 -52.05
N LEU C 231 -42.60 -40.34 -51.63
CA LEU C 231 -42.63 -41.75 -51.96
C LEU C 231 -43.60 -42.55 -51.08
N PHE C 232 -44.13 -41.96 -50.02
CA PHE C 232 -44.98 -42.66 -49.09
C PHE C 232 -46.41 -42.78 -49.63
N THR C 233 -47.23 -43.55 -48.92
CA THR C 233 -48.63 -43.75 -49.25
C THR C 233 -49.52 -43.06 -48.21
N ILE C 234 -50.81 -42.99 -48.53
CA ILE C 234 -51.76 -42.29 -47.66
C ILE C 234 -51.83 -42.97 -46.30
N ASP C 235 -51.92 -44.30 -46.28
CA ASP C 235 -52.03 -45.01 -45.01
C ASP C 235 -50.75 -44.87 -44.19
N GLN C 236 -49.59 -44.94 -44.85
CA GLN C 236 -48.32 -44.81 -44.13
C GLN C 236 -48.17 -43.42 -43.51
N LEU C 237 -48.48 -42.37 -44.30
CA LEU C 237 -48.39 -41.01 -43.79
C LEU C 237 -49.39 -40.77 -42.67
N ASN C 238 -50.61 -41.31 -42.80
CA ASN C 238 -51.60 -41.14 -41.74
C ASN C 238 -51.19 -41.89 -40.48
N ALA C 239 -50.57 -43.06 -40.63
CA ALA C 239 -50.07 -43.79 -39.47
C ALA C 239 -48.98 -42.99 -38.76
N LEU C 240 -48.06 -42.39 -39.54
CA LEU C 240 -47.03 -41.56 -38.92
C LEU C 240 -47.63 -40.34 -38.23
N LEU C 241 -48.64 -39.73 -38.84
CA LEU C 241 -49.31 -38.58 -38.23
C LEU C 241 -49.96 -38.98 -36.92
N PHE C 242 -50.64 -40.13 -36.89
CA PHE C 242 -51.26 -40.61 -35.67
C PHE C 242 -50.22 -40.92 -34.60
N ALA C 243 -49.09 -41.51 -35.01
CA ALA C 243 -48.01 -41.78 -34.06
C ALA C 243 -47.49 -40.49 -33.45
N ARG C 244 -47.34 -39.44 -34.26
CA ARG C 244 -46.96 -38.14 -33.73
C ARG C 244 -48.12 -37.39 -33.09
N GLY C 245 -49.34 -37.90 -33.21
CA GLY C 245 -50.48 -37.32 -32.53
C GLY C 245 -51.15 -36.14 -33.22
N LEU C 246 -50.74 -35.81 -34.44
CA LEU C 246 -51.35 -34.68 -35.14
C LEU C 246 -52.79 -34.99 -35.54
N GLY C 247 -53.01 -36.15 -36.16
CA GLY C 247 -54.33 -36.53 -36.63
C GLY C 247 -54.30 -36.95 -38.09
N LEU C 248 -55.18 -37.89 -38.44
CA LEU C 248 -55.24 -38.40 -39.79
C LEU C 248 -55.72 -37.33 -40.76
N GLU C 249 -55.16 -37.34 -41.98
CA GLU C 249 -55.51 -36.37 -43.00
C GLU C 249 -55.78 -37.09 -44.32
N LYS C 250 -56.69 -36.52 -45.11
CA LYS C 250 -57.22 -37.18 -46.30
C LYS C 250 -56.51 -36.78 -47.59
N ASN C 251 -55.47 -35.95 -47.51
CA ASN C 251 -54.74 -35.54 -48.70
C ASN C 251 -53.24 -35.61 -48.42
N LYS C 252 -52.48 -36.04 -49.42
CA LYS C 252 -51.06 -36.28 -49.23
C LYS C 252 -50.28 -34.97 -49.13
N VAL C 253 -50.65 -33.95 -49.91
CA VAL C 253 -49.87 -32.72 -49.94
C VAL C 253 -49.99 -31.98 -48.61
N ARG C 254 -51.19 -31.91 -48.04
CA ARG C 254 -51.35 -31.23 -46.76
C ARG C 254 -50.75 -32.04 -45.61
N ALA C 255 -50.79 -33.37 -45.71
CA ALA C 255 -50.09 -34.19 -44.72
C ALA C 255 -48.58 -33.95 -44.78
N ILE C 256 -48.04 -33.81 -46.00
CA ILE C 256 -46.62 -33.48 -46.15
C ILE C 256 -46.33 -32.11 -45.56
N LYS C 257 -47.22 -31.14 -45.79
CA LYS C 257 -47.06 -29.82 -45.20
C LYS C 257 -47.04 -29.89 -43.68
N SER C 258 -47.96 -30.68 -43.10
CA SER C 258 -47.99 -30.81 -41.64
C SER C 258 -46.72 -31.45 -41.11
N LEU C 259 -46.23 -32.49 -41.79
CA LEU C 259 -44.98 -33.12 -41.35
C LEU C 259 -43.81 -32.15 -41.44
N LEU C 260 -43.75 -31.35 -42.52
CA LEU C 260 -42.68 -30.37 -42.64
C LEU C 260 -42.76 -29.33 -41.53
N THR C 261 -43.97 -28.89 -41.19
CA THR C 261 -44.12 -27.95 -40.08
C THR C 261 -43.67 -28.58 -38.77
N LEU C 262 -43.92 -29.87 -38.59
CA LEU C 262 -43.48 -30.53 -37.36
C LEU C 262 -41.96 -30.67 -37.30
N GLN C 263 -41.30 -30.99 -38.41
CA GLN C 263 -39.84 -31.01 -38.39
C GLN C 263 -39.28 -29.61 -38.12
N THR C 264 -39.89 -28.57 -38.70
CA THR C 264 -39.44 -27.21 -38.41
C THR C 264 -39.61 -26.89 -36.92
N SER C 265 -40.75 -27.28 -36.35
CA SER C 265 -40.97 -27.06 -34.93
C SER C 265 -39.95 -27.79 -34.08
N TYR C 266 -39.61 -29.03 -34.45
CA TYR C 266 -38.67 -29.81 -33.64
C TYR C 266 -37.25 -29.26 -33.75
N GLU C 267 -36.82 -28.86 -34.94
CA GLU C 267 -35.48 -28.27 -35.06
C GLU C 267 -35.42 -26.94 -34.33
N PHE C 268 -36.51 -26.15 -34.37
CA PHE C 268 -36.54 -24.92 -33.60
C PHE C 268 -36.50 -25.21 -32.11
N MET C 269 -37.19 -26.26 -31.67
CA MET C 269 -37.16 -26.65 -30.26
C MET C 269 -35.75 -27.01 -29.83
N GLU C 270 -35.03 -27.76 -30.66
CA GLU C 270 -33.65 -28.11 -30.33
C GLU C 270 -32.76 -26.88 -30.27
N LYS C 271 -32.91 -25.99 -31.25
CA LYS C 271 -32.08 -24.78 -31.27
C LYS C 271 -32.36 -23.90 -30.05
N SER C 272 -33.63 -23.79 -29.66
CA SER C 272 -33.98 -23.03 -28.46
C SER C 272 -33.43 -23.69 -27.20
N GLN C 273 -33.54 -25.02 -27.10
CA GLN C 273 -33.02 -25.75 -25.95
C GLN C 273 -31.52 -25.56 -25.82
N ALA C 274 -30.83 -25.37 -26.95
CA ALA C 274 -29.39 -25.12 -26.89
C ALA C 274 -29.04 -23.87 -26.11
N ALA C 275 -29.98 -22.93 -25.94
CA ALA C 275 -29.72 -21.66 -25.29
C ALA C 275 -30.22 -21.60 -23.86
N LEU C 276 -30.69 -22.71 -23.29
CA LEU C 276 -31.20 -22.73 -21.93
C LEU C 276 -30.30 -23.48 -20.96
N LEU C 277 -29.19 -24.04 -21.43
CA LEU C 277 -28.30 -24.78 -20.54
C LEU C 277 -27.46 -23.81 -19.72
N PRO C 278 -27.49 -23.89 -18.38
CA PRO C 278 -26.61 -23.02 -17.58
C PRO C 278 -25.15 -23.28 -17.90
N LYS C 279 -24.36 -22.20 -17.83
CA LYS C 279 -22.95 -22.32 -18.13
C LYS C 279 -22.25 -23.21 -17.10
N VAL C 280 -21.22 -23.92 -17.56
CA VAL C 280 -20.50 -24.86 -16.70
C VAL C 280 -19.35 -24.13 -16.03
N SER C 281 -19.21 -24.35 -14.73
CA SER C 281 -18.16 -23.75 -13.92
C SER C 281 -17.22 -24.83 -13.40
N PHE C 282 -16.27 -24.42 -12.56
CA PHE C 282 -15.32 -25.35 -11.99
C PHE C 282 -16.01 -26.27 -10.99
N ASN C 283 -15.78 -27.56 -11.13
CA ASN C 283 -16.31 -28.56 -10.20
C ASN C 283 -15.16 -29.44 -9.73
N PRO C 284 -14.82 -29.40 -8.45
CA PRO C 284 -13.68 -30.21 -7.96
C PRO C 284 -14.00 -31.69 -8.03
N THR C 285 -13.06 -32.46 -8.57
CA THR C 285 -13.29 -33.90 -8.72
C THR C 285 -13.22 -34.62 -7.39
N ASN C 286 -12.26 -34.25 -6.53
CA ASN C 286 -12.05 -34.88 -5.23
C ASN C 286 -11.97 -33.80 -4.18
N PRO C 287 -13.09 -33.21 -3.78
CA PRO C 287 -13.06 -32.16 -2.77
C PRO C 287 -12.97 -32.72 -1.36
N LEU C 288 -12.57 -31.85 -0.43
CA LEU C 288 -12.54 -32.22 0.98
C LEU C 288 -13.93 -32.10 1.58
N LYS C 289 -14.26 -33.05 2.46
CA LYS C 289 -15.58 -32.89 3.06
C LYS C 289 -15.47 -32.29 4.46
N PRO C 290 -16.41 -31.43 4.84
CA PRO C 290 -16.36 -30.81 6.16
C PRO C 290 -16.75 -31.80 7.25
N ILE C 291 -16.50 -31.41 8.50
CA ILE C 291 -16.82 -32.27 9.63
C ILE C 291 -18.33 -32.41 9.76
N GLU C 292 -18.75 -33.53 10.36
CA GLU C 292 -20.16 -33.76 10.60
C GLU C 292 -20.65 -32.94 11.79
N GLU C 293 -21.85 -32.40 11.67
CA GLU C 293 -22.45 -31.66 12.77
C GLU C 293 -22.95 -32.64 13.82
N LYS C 294 -22.64 -32.36 15.09
CA LYS C 294 -22.95 -33.26 16.17
C LYS C 294 -23.19 -32.46 17.44
N GLU C 295 -23.88 -33.07 18.38
CA GLU C 295 -24.06 -32.49 19.71
C GLU C 295 -22.93 -32.90 20.63
N PHE C 296 -22.77 -32.17 21.72
CA PHE C 296 -21.81 -32.54 22.74
C PHE C 296 -22.30 -33.78 23.47
N THR C 297 -21.60 -34.90 23.30
CA THR C 297 -22.08 -36.18 23.80
C THR C 297 -21.38 -36.65 25.05
N ILE C 298 -20.12 -36.29 25.26
CA ILE C 298 -19.36 -36.77 26.41
C ILE C 298 -19.16 -35.61 27.38
N PHE C 299 -19.39 -35.87 28.67
CA PHE C 299 -19.28 -34.88 29.72
C PHE C 299 -18.48 -35.46 30.87
N GLY C 300 -17.73 -34.60 31.54
CA GLY C 300 -16.92 -35.02 32.65
C GLY C 300 -16.28 -33.85 33.36
N GLU C 301 -15.39 -34.17 34.30
CA GLU C 301 -14.67 -33.17 35.08
C GLU C 301 -13.16 -33.37 34.93
N ILE C 302 -12.40 -32.49 35.56
CA ILE C 302 -10.94 -32.60 35.65
C ILE C 302 -10.58 -33.08 37.05
N VAL C 303 -9.82 -34.17 37.13
CA VAL C 303 -9.48 -34.78 38.41
C VAL C 303 -7.99 -34.71 38.73
N GLU C 304 -7.15 -34.30 37.78
CA GLU C 304 -5.73 -34.12 38.05
C GLU C 304 -5.19 -32.99 37.19
N ILE C 305 -4.33 -32.17 37.79
CA ILE C 305 -3.76 -31.02 37.10
C ILE C 305 -2.24 -31.08 37.20
N ARG C 306 -1.59 -30.38 36.26
CA ARG C 306 -0.15 -30.29 36.16
C ARG C 306 0.15 -29.28 35.07
N SER C 307 1.43 -29.00 34.85
CA SER C 307 1.84 -28.15 33.74
C SER C 307 1.54 -28.83 32.42
N GLN C 308 0.53 -28.32 31.71
CA GLN C 308 0.20 -28.70 30.34
C GLN C 308 -0.47 -30.08 30.21
N VAL C 309 -0.59 -30.82 31.31
CA VAL C 309 -1.16 -32.17 31.27
C VAL C 309 -2.29 -32.24 32.29
N TYR C 310 -3.47 -32.65 31.83
CA TYR C 310 -4.65 -32.68 32.69
C TYR C 310 -5.40 -34.01 32.52
N LYS C 311 -5.84 -34.57 33.63
CA LYS C 311 -6.57 -35.84 33.63
C LYS C 311 -8.06 -35.55 33.78
N ILE C 312 -8.86 -36.19 32.94
CA ILE C 312 -10.30 -35.97 32.88
C ILE C 312 -11.01 -37.27 33.21
N ARG C 313 -11.99 -37.20 34.10
CA ARG C 313 -12.85 -38.34 34.40
C ARG C 313 -14.20 -38.11 33.74
N ILE C 314 -14.64 -39.08 32.96
CA ILE C 314 -15.87 -38.96 32.19
C ILE C 314 -17.03 -39.40 33.05
N ASP C 315 -18.09 -38.58 33.08
CA ASP C 315 -19.28 -38.85 33.85
C ASP C 315 -20.43 -39.36 33.01
N LYS C 316 -20.80 -38.65 31.95
CA LYS C 316 -21.91 -39.09 31.11
C LYS C 316 -21.47 -39.15 29.66
N ALA C 317 -21.67 -40.30 29.01
CA ALA C 317 -21.30 -40.41 27.61
C ALA C 317 -22.21 -41.39 26.89
N GLU C 318 -22.76 -40.96 25.76
CA GLU C 318 -23.53 -41.83 24.88
C GLU C 318 -22.65 -42.59 23.89
N GLU C 319 -21.34 -42.39 23.94
CA GLU C 319 -20.41 -43.18 23.14
C GLU C 319 -19.07 -43.26 23.86
N GLU C 320 -18.26 -44.22 23.45
CA GLU C 320 -16.95 -44.41 24.05
C GLU C 320 -15.95 -43.43 23.45
N VAL C 321 -15.08 -42.88 24.32
CA VAL C 321 -14.16 -41.85 23.90
C VAL C 321 -13.14 -42.43 22.91
N LEU C 322 -12.77 -41.64 21.91
CA LEU C 322 -11.84 -42.06 20.87
C LEU C 322 -10.50 -41.36 21.08
N PRO C 323 -9.41 -41.96 20.59
CA PRO C 323 -8.10 -41.30 20.70
C PRO C 323 -8.08 -39.97 19.96
N LYS C 324 -7.35 -39.00 20.54
CA LYS C 324 -7.03 -37.72 19.92
C LYS C 324 -8.24 -36.81 19.77
N VAL C 325 -9.35 -37.09 20.46
CA VAL C 325 -10.50 -36.20 20.40
C VAL C 325 -10.26 -35.00 21.30
N ILE C 326 -11.07 -33.97 21.16
CA ILE C 326 -10.87 -32.70 21.86
C ILE C 326 -11.97 -32.53 22.89
N PHE C 327 -11.57 -32.20 24.12
CA PHE C 327 -12.48 -31.82 25.19
C PHE C 327 -12.42 -30.31 25.37
N TYR C 328 -13.58 -29.68 25.47
CA TYR C 328 -13.67 -28.23 25.58
C TYR C 328 -14.04 -27.85 27.00
N ALA C 329 -13.32 -26.87 27.56
CA ALA C 329 -13.62 -26.31 28.87
C ALA C 329 -13.89 -24.83 28.71
N ASP C 330 -15.03 -24.37 29.22
CA ASP C 330 -15.40 -22.97 29.16
C ASP C 330 -15.12 -22.33 30.52
N VAL C 331 -14.13 -21.44 30.56
CA VAL C 331 -13.74 -20.74 31.78
C VAL C 331 -13.70 -19.24 31.48
N ASN C 332 -14.43 -18.46 32.27
CA ASN C 332 -14.42 -17.00 32.18
C ASN C 332 -14.70 -16.51 30.77
N GLY C 333 -15.62 -17.20 30.08
CA GLY C 333 -16.03 -16.80 28.76
C GLY C 333 -15.14 -17.26 27.62
N LYS C 334 -14.01 -17.90 27.92
CA LYS C 334 -13.10 -18.39 26.90
C LYS C 334 -13.04 -19.91 26.94
N GLU C 335 -12.89 -20.52 25.77
CA GLU C 335 -12.84 -21.96 25.67
C GLU C 335 -11.39 -22.44 25.51
N ILE C 336 -11.08 -23.56 26.15
CA ILE C 336 -9.76 -24.17 26.12
C ILE C 336 -9.93 -25.60 25.66
N GLN C 337 -9.07 -26.03 24.74
CA GLN C 337 -9.16 -27.34 24.11
C GLN C 337 -8.06 -28.25 24.64
N LEU C 338 -8.45 -29.45 25.04
CA LEU C 338 -7.53 -30.47 25.54
C LEU C 338 -7.61 -31.69 24.65
N GLU C 339 -6.47 -32.17 24.15
CA GLU C 339 -6.44 -33.28 23.22
C GLU C 339 -6.12 -34.58 23.95
N VAL C 340 -6.95 -35.59 23.71
CA VAL C 340 -6.80 -36.88 24.37
C VAL C 340 -5.51 -37.56 23.92
N ALA C 341 -4.74 -38.06 24.88
CA ALA C 341 -3.51 -38.79 24.59
C ALA C 341 -3.60 -40.26 25.03
N ASP C 342 -3.93 -40.53 26.29
CA ASP C 342 -3.99 -41.88 26.81
C ASP C 342 -5.38 -42.15 27.38
N ILE C 343 -5.91 -43.34 27.09
CA ILE C 343 -7.19 -43.76 27.66
C ILE C 343 -6.95 -44.89 28.64
N PHE C 344 -6.79 -44.54 29.92
CA PHE C 344 -6.50 -45.56 30.93
C PHE C 344 -7.70 -46.45 31.21
N ASP C 345 -8.91 -45.91 31.10
CA ASP C 345 -10.10 -46.65 31.48
C ASP C 345 -11.27 -46.16 30.64
N LYS C 346 -12.45 -46.76 30.87
CA LYS C 346 -13.66 -46.29 30.22
C LYS C 346 -13.99 -44.86 30.62
N ASN C 347 -13.61 -44.46 31.83
CA ASN C 347 -13.90 -43.13 32.37
C ASN C 347 -12.68 -42.22 32.37
N LEU C 348 -11.56 -42.68 32.94
CA LEU C 348 -10.38 -41.84 33.04
C LEU C 348 -9.71 -41.67 31.68
N VAL C 349 -9.12 -40.48 31.47
CA VAL C 349 -8.44 -40.17 30.23
C VAL C 349 -7.43 -39.06 30.54
N SER C 350 -6.38 -38.96 29.73
CA SER C 350 -5.36 -37.93 29.91
C SER C 350 -5.26 -37.07 28.67
N THR C 351 -4.99 -35.78 28.87
CA THR C 351 -5.03 -34.79 27.80
C THR C 351 -3.88 -33.81 27.98
N PHE C 352 -3.49 -33.17 26.88
CA PHE C 352 -2.57 -32.04 26.92
C PHE C 352 -3.20 -30.83 26.23
N VAL C 353 -2.96 -29.65 26.81
CA VAL C 353 -3.71 -28.46 26.43
C VAL C 353 -3.21 -27.93 25.08
N LEU C 354 -4.16 -27.57 24.21
CA LEU C 354 -3.85 -26.92 22.94
C LEU C 354 -4.11 -25.42 23.11
N GLY C 355 -3.10 -24.72 23.63
CA GLY C 355 -3.22 -23.30 23.83
C GLY C 355 -2.84 -22.86 25.23
N ASN C 356 -3.44 -21.77 25.70
CA ASN C 356 -3.19 -21.30 27.06
C ASN C 356 -3.99 -22.11 28.05
N GLU C 357 -3.39 -22.36 29.22
CA GLU C 357 -4.00 -23.21 30.24
C GLU C 357 -4.48 -22.44 31.45
N THR C 358 -4.34 -21.12 31.47
CA THR C 358 -4.74 -20.34 32.64
C THR C 358 -6.24 -20.42 32.83
N GLY C 359 -6.67 -20.72 34.05
CA GLY C 359 -8.07 -20.85 34.40
C GLY C 359 -8.51 -22.28 34.64
N LEU C 360 -7.80 -23.26 34.11
CA LEU C 360 -8.16 -24.65 34.34
C LEU C 360 -7.82 -25.05 35.77
N LYS C 361 -8.67 -25.87 36.37
CA LYS C 361 -8.49 -26.29 37.75
C LYS C 361 -9.25 -27.58 37.99
N ILE C 362 -9.02 -28.17 39.17
CA ILE C 362 -9.73 -29.38 39.55
C ILE C 362 -11.22 -29.09 39.62
N GLY C 363 -12.01 -29.96 38.98
CA GLY C 363 -13.45 -29.79 38.97
C GLY C 363 -14.02 -29.00 37.82
N THR C 364 -13.17 -28.46 36.94
CA THR C 364 -13.66 -27.78 35.75
C THR C 364 -14.43 -28.75 34.87
N LYS C 365 -15.61 -28.34 34.43
CA LYS C 365 -16.47 -29.21 33.63
C LYS C 365 -16.06 -29.16 32.17
N VAL C 366 -15.94 -30.33 31.54
CA VAL C 366 -15.52 -30.44 30.16
C VAL C 366 -16.53 -31.29 29.40
N LYS C 367 -16.64 -31.03 28.09
CA LYS C 367 -17.52 -31.76 27.21
C LYS C 367 -16.85 -31.93 25.86
N SER C 368 -17.26 -32.97 25.14
CA SER C 368 -16.62 -33.34 23.89
C SER C 368 -17.66 -33.93 22.94
N LYS C 369 -17.47 -33.66 21.66
CA LYS C 369 -18.23 -34.25 20.58
C LYS C 369 -17.59 -35.51 20.03
N ASN C 370 -16.54 -36.00 20.67
CA ASN C 370 -15.82 -37.20 20.24
C ASN C 370 -15.19 -37.01 18.86
N GLN C 371 -14.62 -35.83 18.63
CA GLN C 371 -13.98 -35.50 17.37
C GLN C 371 -12.67 -34.78 17.64
N SER C 372 -11.78 -34.83 16.65
CA SER C 372 -10.50 -34.14 16.74
C SER C 372 -10.68 -32.64 16.47
N TYR C 373 -9.60 -31.89 16.60
CA TYR C 373 -9.67 -30.44 16.51
C TYR C 373 -9.91 -30.01 15.07
N ALA C 374 -10.71 -28.96 14.90
CA ALA C 374 -11.18 -28.52 13.59
C ALA C 374 -11.00 -27.01 13.46
N ILE C 375 -10.73 -26.56 12.23
CA ILE C 375 -10.52 -25.16 11.92
C ILE C 375 -11.34 -24.77 10.70
N LYS C 376 -11.57 -23.47 10.55
CA LYS C 376 -12.34 -22.94 9.44
C LYS C 376 -11.43 -22.63 8.26
N ILE C 377 -11.74 -23.21 7.10
CA ILE C 377 -10.93 -23.05 5.90
C ILE C 377 -11.83 -22.61 4.75
N SER C 378 -11.37 -21.62 4.00
CA SER C 378 -12.05 -21.15 2.79
C SER C 378 -11.07 -20.29 2.02
N LYS C 379 -11.54 -19.64 0.95
CA LYS C 379 -10.69 -18.74 0.19
C LYS C 379 -10.54 -17.39 0.87
N ARG C 380 -11.35 -17.09 1.88
CA ARG C 380 -11.19 -15.88 2.67
C ARG C 380 -10.11 -16.01 3.73
N LEU C 381 -9.46 -17.17 3.82
CA LEU C 381 -8.32 -17.35 4.70
C LEU C 381 -7.06 -16.70 4.17
N LEU C 382 -6.97 -16.47 2.86
CA LEU C 382 -5.81 -15.80 2.29
C LEU C 382 -5.77 -14.35 2.75
N GLY C 383 -4.57 -13.89 3.11
CA GLY C 383 -4.40 -12.57 3.67
C GLY C 383 -4.64 -12.47 5.15
N ARG C 384 -5.00 -13.56 5.81
CA ARG C 384 -5.26 -13.57 7.24
C ARG C 384 -4.14 -14.30 7.97
N VAL C 385 -3.99 -13.99 9.26
CA VAL C 385 -3.00 -14.62 10.12
C VAL C 385 -3.75 -15.29 11.28
N ILE C 386 -3.58 -16.61 11.39
CA ILE C 386 -4.24 -17.40 12.42
C ILE C 386 -3.20 -18.28 13.09
N ASP C 387 -3.59 -18.87 14.22
CA ASP C 387 -2.75 -19.86 14.87
C ASP C 387 -3.27 -21.24 14.49
N PRO C 388 -2.63 -22.34 14.93
CA PRO C 388 -3.10 -23.66 14.49
C PRO C 388 -4.55 -23.96 14.80
N ILE C 389 -5.09 -23.47 15.93
CA ILE C 389 -6.47 -23.81 16.31
C ILE C 389 -7.49 -22.82 15.77
N GLY C 390 -7.07 -21.80 15.01
CA GLY C 390 -8.00 -20.89 14.39
C GLY C 390 -8.19 -19.55 15.08
N LYS C 391 -7.45 -19.27 16.14
CA LYS C 391 -7.54 -17.97 16.79
C LYS C 391 -6.95 -16.89 15.88
N ILE C 392 -7.61 -15.73 15.87
CA ILE C 392 -7.22 -14.64 14.98
C ILE C 392 -6.05 -13.88 15.59
N LEU C 393 -5.01 -13.67 14.79
CA LEU C 393 -3.78 -13.04 15.28
C LEU C 393 -3.42 -11.75 14.54
N ASP C 394 -4.31 -11.20 13.72
CA ASP C 394 -4.02 -9.98 13.00
C ASP C 394 -4.99 -8.83 13.28
N ASP C 395 -6.07 -9.07 14.02
CA ASP C 395 -6.99 -8.02 14.43
C ASP C 395 -7.28 -8.15 15.91
N SER C 396 -7.50 -7.01 16.55
CA SER C 396 -7.98 -6.98 17.93
C SER C 396 -9.47 -7.22 18.04
N ILE C 397 -10.21 -7.17 16.92
CA ILE C 397 -11.63 -7.48 16.93
C ILE C 397 -11.87 -8.98 17.08
N ALA C 398 -10.87 -9.80 16.75
CA ALA C 398 -11.03 -11.23 16.55
C ALA C 398 -12.02 -11.50 15.41
N THR C 399 -11.82 -10.78 14.30
CA THR C 399 -12.63 -10.89 13.10
C THR C 399 -12.62 -12.32 12.59
N PRO C 400 -13.75 -13.02 12.65
CA PRO C 400 -13.74 -14.44 12.29
C PRO C 400 -13.47 -14.65 10.81
N VAL C 401 -12.96 -15.85 10.51
CA VAL C 401 -12.72 -16.26 9.13
C VAL C 401 -13.90 -17.09 8.67
N HIS C 402 -14.58 -16.62 7.63
CA HIS C 402 -15.76 -17.30 7.12
C HIS C 402 -15.35 -18.55 6.35
N GLY C 403 -15.98 -19.67 6.66
CA GLY C 403 -15.71 -20.90 5.95
C GLY C 403 -16.28 -22.09 6.68
N ASN C 404 -16.01 -23.27 6.13
CA ASN C 404 -16.44 -24.53 6.71
C ASN C 404 -15.37 -25.07 7.65
N MET C 405 -15.80 -25.97 8.54
CA MET C 405 -14.91 -26.57 9.51
C MET C 405 -14.37 -27.91 9.01
N TYR C 406 -13.04 -28.04 9.02
CA TYR C 406 -12.37 -29.26 8.61
C TYR C 406 -11.42 -29.70 9.71
N ALA C 407 -11.17 -31.01 9.77
CA ALA C 407 -10.29 -31.57 10.78
C ALA C 407 -8.92 -31.84 10.17
N PRO C 408 -7.87 -31.11 10.57
CA PRO C 408 -6.54 -31.35 9.99
C PRO C 408 -5.99 -32.74 10.24
N LEU C 409 -6.35 -33.37 11.36
CA LEU C 409 -5.80 -34.69 11.68
C LEU C 409 -6.46 -35.81 10.87
N GLU C 410 -7.51 -35.51 10.11
CA GLU C 410 -8.25 -36.52 9.37
C GLU C 410 -7.95 -36.39 7.89
N MET C 411 -7.59 -37.51 7.26
CA MET C 411 -7.40 -37.59 5.82
C MET C 411 -8.52 -38.42 5.22
N GLN C 412 -9.17 -37.90 4.18
CA GLN C 412 -10.30 -38.58 3.56
C GLN C 412 -9.78 -39.49 2.46
N HIS C 413 -9.53 -40.75 2.82
CA HIS C 413 -9.05 -41.77 1.89
C HIS C 413 -9.99 -42.96 1.91
N ASP C 414 -10.30 -43.47 0.71
CA ASP C 414 -11.16 -44.65 0.63
C ASP C 414 -10.50 -45.85 1.31
N SER C 415 -9.21 -46.04 1.09
CA SER C 415 -8.46 -47.13 1.70
C SER C 415 -6.98 -46.76 1.67
N GLU C 416 -6.13 -47.68 2.09
CA GLU C 416 -4.69 -47.45 2.04
C GLU C 416 -4.17 -47.46 0.60
N ALA C 417 -4.85 -48.19 -0.29
CA ALA C 417 -4.42 -48.24 -1.69
C ALA C 417 -4.50 -46.87 -2.35
N THR C 418 -5.48 -46.05 -1.97
CA THR C 418 -5.63 -44.73 -2.56
C THR C 418 -4.49 -43.79 -2.21
N ARG C 419 -3.68 -44.12 -1.20
CA ARG C 419 -2.48 -43.34 -0.92
C ARG C 419 -1.32 -43.70 -1.83
N TYR C 420 -1.45 -44.77 -2.62
CA TYR C 420 -0.40 -45.20 -3.53
C TYR C 420 -0.68 -44.82 -4.98
N VAL C 421 -1.66 -43.97 -5.23
CA VAL C 421 -1.93 -43.48 -6.58
C VAL C 421 -1.22 -42.15 -6.80
N VAL C 422 -0.35 -41.75 -5.88
CA VAL C 422 0.39 -40.51 -6.03
C VAL C 422 1.36 -40.64 -7.20
N SER C 423 1.34 -39.64 -8.08
CA SER C 423 2.24 -39.68 -9.22
C SER C 423 3.68 -39.37 -8.81
N PRO C 424 4.65 -40.12 -9.32
CA PRO C 424 6.05 -39.81 -9.01
C PRO C 424 6.46 -38.46 -9.58
N LYS C 425 7.42 -37.83 -8.92
CA LYS C 425 7.88 -36.51 -9.35
C LYS C 425 8.49 -36.60 -10.74
N ASN C 426 8.06 -35.70 -11.63
CA ASN C 426 8.52 -35.74 -13.01
C ASN C 426 8.95 -34.38 -13.54
N ALA C 427 8.39 -33.30 -13.00
CA ALA C 427 8.69 -31.96 -13.47
C ALA C 427 9.27 -31.10 -12.35
N ILE C 428 10.14 -30.17 -12.73
CA ILE C 428 10.76 -29.28 -11.77
C ILE C 428 9.94 -27.99 -11.66
N LEU C 429 10.13 -27.29 -10.56
CA LEU C 429 9.48 -26.00 -10.34
C LEU C 429 10.41 -24.88 -10.81
N GLU C 430 9.88 -23.98 -11.62
CA GLU C 430 10.65 -22.86 -12.12
C GLU C 430 10.63 -21.73 -11.10
N THR C 431 11.80 -21.41 -10.54
CA THR C 431 11.91 -20.35 -9.55
C THR C 431 12.41 -19.04 -10.13
N GLY C 432 13.03 -19.05 -11.31
CA GLY C 432 13.59 -17.86 -11.89
C GLY C 432 14.95 -17.48 -11.36
N ILE C 433 15.51 -18.26 -10.43
CA ILE C 433 16.86 -18.04 -9.91
C ILE C 433 17.80 -18.98 -10.64
N LYS C 434 18.86 -18.43 -11.23
CA LYS C 434 19.69 -19.18 -12.16
C LYS C 434 20.35 -20.38 -11.49
N VAL C 435 20.92 -20.17 -10.31
CA VAL C 435 21.65 -21.25 -9.64
C VAL C 435 20.70 -22.37 -9.23
N ILE C 436 19.54 -22.02 -8.69
CA ILE C 436 18.58 -23.03 -8.26
C ILE C 436 18.02 -23.78 -9.48
N ASP C 437 17.66 -23.04 -10.53
CA ASP C 437 17.06 -23.67 -11.70
C ASP C 437 18.05 -24.61 -12.38
N VAL C 438 19.32 -24.20 -12.47
CA VAL C 438 20.31 -25.00 -13.19
C VAL C 438 20.82 -26.15 -12.33
N LEU C 439 21.43 -25.83 -11.19
CA LEU C 439 22.17 -26.84 -10.43
C LEU C 439 21.37 -27.50 -9.33
N LEU C 440 20.24 -26.91 -8.91
CA LEU C 440 19.51 -27.40 -7.73
C LEU C 440 18.01 -27.42 -8.03
N PRO C 441 17.58 -28.20 -9.02
CA PRO C 441 16.16 -28.16 -9.40
C PRO C 441 15.24 -28.57 -8.26
N ILE C 442 14.13 -27.87 -8.14
CA ILE C 442 13.14 -28.12 -7.09
C ILE C 442 12.00 -28.93 -7.68
N PRO C 443 11.77 -30.17 -7.25
CA PRO C 443 10.68 -30.95 -7.81
C PRO C 443 9.33 -30.35 -7.50
N LYS C 444 8.40 -30.48 -8.44
CA LYS C 444 7.03 -30.01 -8.25
C LYS C 444 6.25 -31.08 -7.52
N GLY C 445 5.81 -30.79 -6.31
CA GLY C 445 5.15 -31.75 -5.47
C GLY C 445 6.03 -32.47 -4.48
N GLY C 446 7.30 -32.08 -4.37
CA GLY C 446 8.20 -32.71 -3.43
C GLY C 446 8.54 -31.82 -2.25
N LYS C 447 9.72 -32.01 -1.67
CA LYS C 447 10.20 -31.20 -0.56
C LYS C 447 11.60 -30.69 -0.85
N THR C 448 11.93 -29.54 -0.27
CA THR C 448 13.24 -28.94 -0.43
C THR C 448 13.66 -28.33 0.91
N GLY C 449 14.91 -28.57 1.30
CA GLY C 449 15.45 -28.03 2.53
C GLY C 449 16.23 -26.76 2.27
N LEU C 450 16.02 -25.77 3.14
CA LEU C 450 16.70 -24.47 3.06
C LEU C 450 17.50 -24.30 4.34
N LEU C 451 18.77 -24.68 4.30
CA LEU C 451 19.65 -24.62 5.46
C LEU C 451 20.36 -23.27 5.50
N GLY C 452 20.29 -22.62 6.65
CA GLY C 452 20.93 -21.33 6.81
C GLY C 452 20.44 -20.65 8.06
N GLY C 453 20.96 -19.44 8.27
CA GLY C 453 20.57 -18.65 9.42
C GLY C 453 20.50 -17.17 9.11
N ALA C 454 20.91 -16.34 10.07
CA ALA C 454 20.95 -14.90 9.85
C ALA C 454 22.26 -14.50 9.21
N GLY C 455 22.22 -13.42 8.44
CA GLY C 455 23.40 -12.88 7.79
C GLY C 455 23.75 -13.51 6.46
N VAL C 456 22.93 -14.43 5.95
CA VAL C 456 23.15 -15.03 4.65
C VAL C 456 22.00 -14.74 3.69
N GLY C 457 21.17 -13.76 4.01
CA GLY C 457 20.06 -13.39 3.16
C GLY C 457 18.99 -14.44 3.00
N LYS C 458 18.61 -15.09 4.09
CA LYS C 458 17.59 -16.13 4.00
C LYS C 458 16.20 -15.56 3.76
N THR C 459 15.85 -14.50 4.49
CA THR C 459 14.49 -13.96 4.39
C THR C 459 14.20 -13.41 3.01
N VAL C 460 15.19 -12.76 2.39
CA VAL C 460 14.96 -12.23 1.04
C VAL C 460 14.78 -13.36 0.05
N ILE C 461 15.48 -14.48 0.23
CA ILE C 461 15.28 -15.64 -0.63
C ILE C 461 13.89 -16.21 -0.43
N VAL C 462 13.43 -16.27 0.82
CA VAL C 462 12.08 -16.75 1.10
C VAL C 462 11.05 -15.89 0.39
N GLN C 463 11.16 -14.57 0.54
CA GLN C 463 10.21 -13.66 -0.07
C GLN C 463 10.26 -13.76 -1.59
N GLU C 464 11.46 -13.86 -2.16
CA GLU C 464 11.59 -13.97 -3.60
C GLU C 464 10.92 -15.25 -4.11
N LEU C 465 11.14 -16.36 -3.41
CA LEU C 465 10.50 -17.62 -3.83
C LEU C 465 8.99 -17.51 -3.77
N ILE C 466 8.46 -16.98 -2.67
CA ILE C 466 7.00 -16.88 -2.52
C ILE C 466 6.42 -16.00 -3.61
N ASN C 467 7.01 -14.81 -3.80
CA ASN C 467 6.48 -13.87 -4.78
C ASN C 467 6.59 -14.40 -6.20
N ALA C 468 7.73 -15.01 -6.54
CA ALA C 468 7.90 -15.55 -7.89
C ALA C 468 6.91 -16.68 -8.15
N PHE C 469 6.68 -17.56 -7.17
CA PHE C 469 5.68 -18.60 -7.35
C PHE C 469 4.30 -18.00 -7.56
N ILE C 470 3.94 -17.01 -6.73
CA ILE C 470 2.59 -16.45 -6.80
C ILE C 470 2.36 -15.77 -8.15
N LYS C 471 3.34 -15.01 -8.64
CA LYS C 471 3.19 -14.35 -9.93
C LYS C 471 3.23 -15.35 -11.08
N PHE C 472 4.35 -16.07 -11.22
CA PHE C 472 4.57 -16.88 -12.41
C PHE C 472 3.58 -18.04 -12.49
N HIS C 473 3.36 -18.75 -11.38
CA HIS C 473 2.63 -20.00 -11.42
C HIS C 473 1.14 -19.84 -11.15
N ASP C 474 0.67 -18.61 -10.89
CA ASP C 474 -0.74 -18.35 -10.63
C ASP C 474 -1.27 -19.23 -9.50
N GLY C 475 -0.49 -19.35 -8.44
CA GLY C 475 -0.84 -20.17 -7.31
C GLY C 475 -0.94 -19.37 -6.02
N VAL C 476 -1.35 -20.07 -4.97
CA VAL C 476 -1.41 -19.50 -3.64
C VAL C 476 -0.26 -20.07 -2.82
N SER C 477 -0.04 -19.50 -1.64
CA SER C 477 1.01 -19.95 -0.74
C SER C 477 0.47 -20.06 0.67
N VAL C 478 1.00 -21.03 1.41
CA VAL C 478 0.70 -21.19 2.84
C VAL C 478 2.02 -21.14 3.59
N PHE C 479 2.18 -20.16 4.46
CA PHE C 479 3.35 -20.05 5.32
C PHE C 479 2.98 -20.51 6.72
N ALA C 480 3.73 -21.47 7.24
CA ALA C 480 3.47 -22.06 8.55
C ALA C 480 4.69 -21.84 9.43
N GLY C 481 4.64 -20.77 10.22
CA GLY C 481 5.69 -20.50 11.19
C GLY C 481 5.58 -21.42 12.39
N ILE C 482 6.64 -22.19 12.65
CA ILE C 482 6.65 -23.20 13.69
C ILE C 482 7.71 -22.81 14.71
N GLY C 483 7.27 -22.31 15.86
CA GLY C 483 8.17 -22.10 16.99
C GLY C 483 9.35 -21.18 16.75
N GLU C 484 9.13 -20.07 16.06
CA GLU C 484 10.19 -19.10 15.80
C GLU C 484 9.91 -17.80 16.55
N ARG C 485 10.77 -16.81 16.33
CA ARG C 485 10.65 -15.54 17.04
C ARG C 485 9.40 -14.80 16.61
N ILE C 486 8.67 -14.24 17.59
CA ILE C 486 7.46 -13.50 17.29
C ILE C 486 7.79 -12.22 16.53
N ARG C 487 8.93 -11.60 16.83
CA ARG C 487 9.34 -10.41 16.10
C ARG C 487 9.60 -10.72 14.63
N GLU C 488 10.22 -11.87 14.36
CA GLU C 488 10.44 -12.30 12.99
C GLU C 488 9.13 -12.51 12.25
N GLY C 489 8.14 -13.11 12.93
CA GLY C 489 6.85 -13.30 12.30
C GLY C 489 6.15 -11.99 12.00
N HIS C 490 6.19 -11.05 12.94
CA HIS C 490 5.59 -9.73 12.71
C HIS C 490 6.27 -9.03 11.55
N GLU C 491 7.61 -9.08 11.50
CA GLU C 491 8.34 -8.45 10.41
C GLU C 491 7.98 -9.09 9.07
N LEU C 492 7.88 -10.42 9.04
CA LEU C 492 7.55 -11.11 7.80
C LEU C 492 6.14 -10.76 7.34
N TRP C 493 5.21 -10.64 8.27
CA TRP C 493 3.84 -10.27 7.92
C TRP C 493 3.77 -8.85 7.36
N LYS C 494 4.44 -7.90 8.01
CA LYS C 494 4.52 -6.55 7.47
C LYS C 494 5.16 -6.52 6.08
N GLU C 495 6.24 -7.29 5.88
CA GLU C 495 6.88 -7.30 4.57
C GLU C 495 5.99 -7.94 3.52
N ALA C 496 5.23 -8.96 3.89
CA ALA C 496 4.27 -9.55 2.95
C ALA C 496 3.21 -8.54 2.56
N GLU C 497 2.71 -7.76 3.52
CA GLU C 497 1.72 -6.73 3.20
C GLU C 497 2.32 -5.65 2.31
N ALA C 498 3.56 -5.24 2.59
CA ALA C 498 4.15 -4.11 1.88
C ALA C 498 4.58 -4.50 0.47
N LEU C 499 5.07 -5.74 0.28
CA LEU C 499 5.53 -6.17 -1.03
C LEU C 499 4.40 -6.65 -1.94
N GLY C 500 3.21 -6.89 -1.41
CA GLY C 500 2.04 -7.08 -2.23
C GLY C 500 1.60 -8.52 -2.46
N PHE C 501 2.27 -9.50 -1.87
CA PHE C 501 1.86 -10.89 -2.03
C PHE C 501 1.09 -11.43 -0.83
N LEU C 502 0.65 -10.55 0.07
CA LEU C 502 -0.13 -10.99 1.21
C LEU C 502 -1.51 -11.50 0.80
N ASN C 503 -2.09 -10.91 -0.24
CA ASN C 503 -3.45 -11.27 -0.64
C ASN C 503 -3.55 -12.68 -1.20
N LYS C 504 -2.42 -13.32 -1.52
CA LYS C 504 -2.42 -14.69 -2.03
C LYS C 504 -1.69 -15.65 -1.11
N THR C 505 -1.54 -15.29 0.17
CA THR C 505 -0.81 -16.11 1.13
C THR C 505 -1.62 -16.23 2.42
N ALA C 506 -1.66 -17.46 2.95
CA ALA C 506 -2.31 -17.74 4.23
C ALA C 506 -1.25 -18.05 5.27
N PHE C 507 -1.35 -17.41 6.42
CA PHE C 507 -0.34 -17.52 7.48
C PHE C 507 -0.90 -18.29 8.67
N ILE C 508 -0.16 -19.31 9.10
CA ILE C 508 -0.44 -20.02 10.35
C ILE C 508 0.80 -19.89 11.22
N PHE C 509 0.67 -19.24 12.36
CA PHE C 509 1.81 -18.91 13.22
C PHE C 509 1.65 -19.56 14.59
N GLY C 510 2.32 -20.69 14.80
CA GLY C 510 2.54 -21.17 16.15
C GLY C 510 3.98 -20.96 16.53
N GLN C 511 4.26 -19.93 17.32
CA GLN C 511 5.62 -19.47 17.54
C GLN C 511 6.14 -19.95 18.89
N MET C 512 7.38 -19.58 19.18
CA MET C 512 8.06 -20.09 20.37
C MET C 512 7.45 -19.59 21.67
N ASN C 513 6.55 -18.61 21.61
CA ASN C 513 5.82 -18.18 22.79
C ASN C 513 4.63 -19.07 23.12
N GLU C 514 4.33 -20.05 22.27
CA GLU C 514 3.15 -20.88 22.42
C GLU C 514 3.47 -22.15 23.22
N SER C 515 2.43 -22.85 23.62
CA SER C 515 2.57 -24.12 24.29
C SER C 515 2.99 -25.19 23.27
N PRO C 516 3.53 -26.32 23.73
CA PRO C 516 3.98 -27.35 22.78
C PRO C 516 2.89 -27.88 21.87
N GLY C 517 1.63 -27.84 22.30
CA GLY C 517 0.56 -28.36 21.46
C GLY C 517 0.39 -27.58 20.18
N LEU C 518 0.38 -26.24 20.27
CA LEU C 518 0.23 -25.43 19.07
C LEU C 518 1.43 -25.55 18.15
N ARG C 519 2.64 -25.56 18.71
CA ARG C 519 3.83 -25.74 17.91
C ARG C 519 3.83 -27.10 17.22
N PHE C 520 3.27 -28.11 17.88
CA PHE C 520 3.19 -29.45 17.29
C PHE C 520 2.10 -29.57 16.25
N ARG C 521 1.05 -28.74 16.33
CA ARG C 521 -0.05 -28.80 15.37
C ARG C 521 0.06 -27.79 14.24
N SER C 522 1.03 -26.87 14.29
CA SER C 522 1.12 -25.84 13.26
C SER C 522 1.31 -26.43 11.87
N GLY C 523 2.25 -27.38 11.74
CA GLY C 523 2.52 -27.98 10.44
C GLY C 523 1.33 -28.77 9.91
N ILE C 524 0.64 -29.49 10.79
CA ILE C 524 -0.54 -30.26 10.37
C ILE C 524 -1.63 -29.32 9.88
N SER C 525 -1.85 -28.22 10.59
CA SER C 525 -2.85 -27.25 10.14
C SER C 525 -2.47 -26.65 8.80
N GLY C 526 -1.19 -26.31 8.61
CA GLY C 526 -0.75 -25.80 7.32
C GLY C 526 -0.96 -26.80 6.19
N VAL C 527 -0.66 -28.08 6.48
CA VAL C 527 -0.86 -29.12 5.46
C VAL C 527 -2.33 -29.25 5.11
N LYS C 528 -3.20 -29.18 6.11
CA LYS C 528 -4.64 -29.26 5.83
C LYS C 528 -5.11 -28.08 4.99
N VAL C 529 -4.63 -26.88 5.30
CA VAL C 529 -5.03 -25.71 4.51
C VAL C 529 -4.56 -25.85 3.07
N ALA C 530 -3.32 -26.31 2.88
CA ALA C 530 -2.81 -26.51 1.51
C ALA C 530 -3.59 -27.59 0.77
N GLU C 531 -3.97 -28.66 1.48
CA GLU C 531 -4.79 -29.69 0.87
C GLU C 531 -6.15 -29.16 0.45
N TYR C 532 -6.77 -28.33 1.28
CA TYR C 532 -8.03 -27.71 0.89
C TYR C 532 -7.85 -26.85 -0.34
N PHE C 533 -6.77 -26.06 -0.39
CA PHE C 533 -6.57 -25.17 -1.53
C PHE C 533 -6.35 -25.96 -2.82
N ARG C 534 -5.64 -27.08 -2.75
CA ARG C 534 -5.43 -27.87 -3.95
C ARG C 534 -6.69 -28.63 -4.37
N ASN C 535 -7.39 -29.23 -3.40
CA ASN C 535 -8.48 -30.15 -3.73
C ASN C 535 -9.78 -29.42 -4.00
N ASN C 536 -10.08 -28.35 -3.25
CA ASN C 536 -11.36 -27.67 -3.38
C ASN C 536 -11.33 -26.51 -4.35
N LEU C 537 -10.21 -25.79 -4.43
CA LEU C 537 -10.11 -24.62 -5.30
C LEU C 537 -9.29 -24.88 -6.55
N GLY C 538 -8.69 -26.05 -6.68
CA GLY C 538 -7.96 -26.40 -7.90
C GLY C 538 -6.77 -25.51 -8.18
N LYS C 539 -6.01 -25.15 -7.16
CA LYS C 539 -4.82 -24.32 -7.30
C LYS C 539 -3.58 -25.13 -6.98
N SER C 540 -2.43 -24.58 -7.36
CA SER C 540 -1.14 -25.13 -7.00
C SER C 540 -0.61 -24.36 -5.80
N VAL C 541 -0.16 -25.09 -4.78
CA VAL C 541 0.17 -24.51 -3.48
C VAL C 541 1.66 -24.66 -3.24
N LEU C 542 2.28 -23.59 -2.75
CA LEU C 542 3.68 -23.62 -2.28
C LEU C 542 3.64 -23.51 -0.76
N LEU C 543 3.62 -24.66 -0.09
CA LEU C 543 3.72 -24.69 1.36
C LEU C 543 5.11 -24.29 1.81
N PHE C 544 5.19 -23.52 2.89
CA PHE C 544 6.47 -23.08 3.43
C PHE C 544 6.46 -23.27 4.94
N MET C 545 7.49 -23.93 5.45
CA MET C 545 7.60 -24.22 6.88
C MET C 545 8.92 -23.68 7.41
N ASP C 546 8.85 -23.00 8.56
CA ASP C 546 10.03 -22.48 9.24
C ASP C 546 9.60 -22.16 10.66
N ASN C 547 10.15 -22.86 11.66
CA ASN C 547 11.27 -23.80 11.50
C ASN C 547 10.79 -25.24 11.65
N ILE C 548 11.23 -26.12 10.75
CA ILE C 548 10.79 -27.51 10.79
C ILE C 548 11.40 -28.27 11.96
N PHE C 549 12.54 -27.81 12.48
CA PHE C 549 13.14 -28.44 13.65
C PHE C 549 12.27 -28.25 14.90
N ARG C 550 11.56 -27.13 14.97
CA ARG C 550 10.70 -26.87 16.12
C ARG C 550 9.53 -27.84 16.19
N TYR C 551 9.12 -28.39 15.05
CA TYR C 551 8.10 -29.44 15.07
C TYR C 551 8.60 -30.66 15.84
N VAL C 552 9.82 -31.11 15.54
CA VAL C 552 10.40 -32.24 16.25
C VAL C 552 10.59 -31.89 17.71
N GLN C 553 11.07 -30.67 18.00
CA GLN C 553 11.31 -30.29 19.38
C GLN C 553 10.01 -30.26 20.18
N ALA C 554 8.93 -29.75 19.59
CA ALA C 554 7.64 -29.73 20.27
C ALA C 554 7.11 -31.14 20.48
N GLY C 555 7.29 -32.03 19.50
CA GLY C 555 6.89 -33.41 19.70
C GLY C 555 7.63 -34.08 20.83
N SER C 556 8.95 -33.84 20.92
CA SER C 556 9.74 -34.41 22.00
C SER C 556 9.31 -33.85 23.35
N GLU C 557 9.01 -32.54 23.40
CA GLU C 557 8.53 -31.94 24.64
C GLU C 557 7.21 -32.55 25.08
N ILE C 558 6.29 -32.75 24.13
CA ILE C 558 5.00 -33.35 24.47
C ILE C 558 5.19 -34.77 24.97
N SER C 559 6.05 -35.54 24.30
CA SER C 559 6.32 -36.91 24.75
C SER C 559 6.93 -36.94 26.15
N SER C 560 7.82 -35.99 26.45
CA SER C 560 8.39 -35.89 27.79
C SER C 560 7.33 -35.54 28.82
N LEU C 561 6.40 -34.64 28.46
CA LEU C 561 5.34 -34.27 29.39
C LEU C 561 4.42 -35.43 29.72
N LEU C 562 4.30 -36.40 28.80
CA LEU C 562 3.41 -37.54 28.98
C LEU C 562 4.08 -38.73 29.65
N GLU C 563 5.30 -38.54 30.17
CA GLU C 563 6.04 -39.59 30.89
C GLU C 563 6.31 -40.80 30.01
N LYS C 564 7.03 -40.56 28.91
CA LYS C 564 7.50 -41.62 28.03
C LYS C 564 9.02 -41.68 28.08
N THR C 565 9.57 -42.88 27.90
CA THR C 565 11.00 -43.07 27.98
C THR C 565 11.68 -42.48 26.75
N PRO C 566 12.59 -41.53 26.90
CA PRO C 566 13.22 -40.90 25.73
C PRO C 566 14.20 -41.83 25.05
N SER C 567 14.47 -41.53 23.78
CA SER C 567 15.42 -42.27 22.97
C SER C 567 16.46 -41.31 22.41
N ALA C 568 17.58 -41.87 21.95
CA ALA C 568 18.66 -41.13 21.29
C ALA C 568 19.02 -39.95 22.18
N VAL C 569 19.09 -38.72 21.66
CA VAL C 569 19.46 -37.56 22.49
C VAL C 569 18.16 -37.01 23.04
N GLY C 570 17.67 -37.66 24.10
CA GLY C 570 16.47 -37.23 24.79
C GLY C 570 15.23 -37.03 23.94
N TYR C 571 15.20 -37.63 22.75
CA TYR C 571 14.09 -37.42 21.83
C TYR C 571 12.99 -38.45 22.08
N GLN C 572 11.85 -38.21 21.44
CA GLN C 572 10.72 -39.11 21.59
C GLN C 572 10.94 -40.40 20.79
N PRO C 573 10.42 -41.53 21.29
CA PRO C 573 10.56 -42.78 20.53
C PRO C 573 9.92 -42.74 19.15
N THR C 574 8.80 -42.02 19.00
CA THR C 574 8.09 -41.93 17.73
C THR C 574 8.54 -40.72 16.92
N LEU C 575 9.84 -40.57 16.72
CA LEU C 575 10.37 -39.40 16.02
C LEU C 575 10.15 -39.51 14.52
N PHE C 576 10.71 -40.56 13.91
CA PHE C 576 10.57 -40.73 12.47
C PHE C 576 9.13 -40.98 12.06
N SER C 577 8.35 -41.63 12.93
CA SER C 577 6.93 -41.81 12.64
C SER C 577 6.20 -40.47 12.56
N GLU C 578 6.50 -39.55 13.47
CA GLU C 578 5.88 -38.22 13.43
C GLU C 578 6.35 -37.44 12.21
N MET C 579 7.64 -37.52 11.88
CA MET C 579 8.13 -36.83 10.69
C MET C 579 7.44 -37.36 9.44
N GLY C 580 7.26 -38.69 9.35
CA GLY C 580 6.51 -39.24 8.24
C GLY C 580 5.06 -38.78 8.23
N GLN C 581 4.42 -38.77 9.39
CA GLN C 581 3.04 -38.30 9.49
C GLN C 581 2.89 -36.90 8.91
N LEU C 582 3.84 -36.02 9.22
CA LEU C 582 3.76 -34.66 8.69
C LEU C 582 4.07 -34.63 7.19
N GLN C 583 5.13 -35.32 6.76
CA GLN C 583 5.69 -35.09 5.44
C GLN C 583 5.05 -35.93 4.33
N GLU C 584 4.31 -36.99 4.66
CA GLU C 584 3.75 -37.84 3.62
C GLU C 584 2.58 -37.22 2.90
N ARG C 585 1.96 -36.20 3.47
CA ARG C 585 0.78 -35.58 2.88
C ARG C 585 1.11 -34.46 1.91
N ILE C 586 2.40 -34.16 1.71
CA ILE C 586 2.83 -33.17 0.73
C ILE C 586 3.21 -33.97 -0.52
N ASN C 587 2.22 -34.22 -1.38
CA ASN C 587 2.39 -35.13 -2.51
C ASN C 587 1.94 -34.43 -3.79
N SER C 588 1.98 -35.19 -4.89
CA SER C 588 1.52 -34.72 -6.19
C SER C 588 0.49 -35.72 -6.71
N THR C 589 -0.77 -35.31 -6.75
CA THR C 589 -1.86 -36.14 -7.25
C THR C 589 -2.42 -35.55 -8.54
N LYS C 590 -3.47 -36.19 -9.05
CA LYS C 590 -4.13 -35.72 -10.25
C LYS C 590 -4.87 -34.41 -10.03
N ASP C 591 -5.17 -34.06 -8.78
CA ASP C 591 -5.88 -32.81 -8.50
C ASP C 591 -4.97 -31.60 -8.62
N GLY C 592 -3.69 -31.76 -8.32
CA GLY C 592 -2.76 -30.65 -8.37
C GLY C 592 -1.45 -31.02 -7.72
N ASP C 593 -0.66 -29.99 -7.44
CA ASP C 593 0.66 -30.17 -6.84
C ASP C 593 0.77 -29.32 -5.59
N ILE C 594 1.27 -29.93 -4.51
CA ILE C 594 1.62 -29.21 -3.29
C ILE C 594 3.12 -29.32 -3.12
N THR C 595 3.82 -28.21 -3.33
CA THR C 595 5.26 -28.15 -3.17
C THR C 595 5.59 -27.49 -1.83
N SER C 596 6.63 -27.97 -1.17
CA SER C 596 7.01 -27.47 0.14
C SER C 596 8.49 -27.13 0.17
N ILE C 597 8.81 -25.94 0.64
CA ILE C 597 10.19 -25.51 0.87
C ILE C 597 10.33 -25.25 2.37
N GLN C 598 11.15 -26.05 3.04
CA GLN C 598 11.19 -26.09 4.49
C GLN C 598 12.54 -25.60 4.98
N ALA C 599 12.52 -24.57 5.83
CA ALA C 599 13.74 -24.01 6.39
C ALA C 599 14.10 -24.75 7.67
N MET C 600 15.33 -25.25 7.73
CA MET C 600 15.83 -25.97 8.90
C MET C 600 16.98 -25.20 9.52
N TYR C 601 16.89 -24.96 10.82
CA TYR C 601 17.98 -24.39 11.60
C TYR C 601 18.19 -25.26 12.83
N ILE C 602 19.31 -25.97 12.87
CA ILE C 602 19.68 -26.80 14.01
C ILE C 602 20.55 -25.96 14.94
N PRO C 603 20.15 -25.77 16.20
CA PRO C 603 21.04 -25.09 17.15
C PRO C 603 22.33 -25.87 17.33
N ALA C 604 23.43 -25.13 17.51
CA ALA C 604 24.80 -25.61 17.63
C ALA C 604 25.34 -26.17 16.31
N ASP C 605 24.58 -26.12 15.23
CA ASP C 605 25.03 -26.50 13.89
C ASP C 605 25.52 -27.95 13.86
N ASP C 606 24.62 -28.86 14.22
CA ASP C 606 24.91 -30.28 14.28
C ASP C 606 23.93 -31.00 13.36
N PHE C 607 24.41 -31.43 12.20
CA PHE C 607 23.56 -32.06 11.20
C PHE C 607 23.47 -33.57 11.35
N THR C 608 24.14 -34.14 12.34
CA THR C 608 23.90 -35.52 12.75
C THR C 608 22.87 -35.63 13.86
N ASP C 609 22.24 -34.51 14.22
CA ASP C 609 21.20 -34.52 15.23
C ASP C 609 20.02 -35.37 14.75
N PRO C 610 19.36 -36.10 15.65
CA PRO C 610 18.25 -36.97 15.20
C PRO C 610 17.16 -36.22 14.47
N ALA C 611 16.86 -34.99 14.86
CA ALA C 611 15.88 -34.19 14.13
C ALA C 611 16.36 -33.91 12.72
N ALA C 612 17.63 -33.52 12.58
CA ALA C 612 18.18 -33.24 11.26
C ALA C 612 18.20 -34.50 10.40
N VAL C 613 18.57 -35.64 11.00
CA VAL C 613 18.60 -36.90 10.26
C VAL C 613 17.19 -37.27 9.80
N ALA C 614 16.20 -37.11 10.66
CA ALA C 614 14.82 -37.43 10.29
C ALA C 614 14.34 -36.52 9.18
N ALA C 615 14.64 -35.23 9.24
CA ALA C 615 14.17 -34.31 8.22
C ALA C 615 14.88 -34.53 6.88
N PHE C 616 16.18 -34.87 6.92
CA PHE C 616 16.92 -35.13 5.70
C PHE C 616 16.43 -36.37 4.96
N ALA C 617 15.76 -37.29 5.66
CA ALA C 617 15.28 -38.50 5.02
C ALA C 617 14.14 -38.22 4.04
N HIS C 618 13.54 -37.03 4.11
CA HIS C 618 12.43 -36.68 3.24
C HIS C 618 12.77 -35.60 2.21
N PHE C 619 13.84 -34.84 2.43
CA PHE C 619 14.19 -33.77 1.52
C PHE C 619 14.61 -34.32 0.16
N ASP C 620 13.95 -33.85 -0.89
CA ASP C 620 14.32 -34.18 -2.26
C ASP C 620 15.37 -33.23 -2.82
N SER C 621 15.68 -32.16 -2.09
CA SER C 621 16.66 -31.17 -2.50
C SER C 621 17.11 -30.41 -1.26
N THR C 622 18.28 -29.79 -1.37
CA THR C 622 18.78 -28.95 -0.30
C THR C 622 19.39 -27.68 -0.87
N ILE C 623 19.10 -26.56 -0.23
CA ILE C 623 19.67 -25.25 -0.58
C ILE C 623 20.48 -24.79 0.62
N ILE C 624 21.80 -24.88 0.52
CA ILE C 624 22.70 -24.60 1.63
C ILE C 624 23.35 -23.25 1.39
N LEU C 625 23.09 -22.30 2.29
CA LEU C 625 23.65 -20.97 2.18
C LEU C 625 24.99 -20.89 2.91
N SER C 626 25.93 -20.17 2.32
CA SER C 626 27.30 -20.14 2.81
C SER C 626 27.64 -18.74 3.34
N ARG C 627 28.23 -18.68 4.53
CA ARG C 627 28.71 -17.41 5.06
C ARG C 627 29.92 -16.90 4.29
N GLN C 628 30.79 -17.80 3.84
CA GLN C 628 31.95 -17.37 3.05
C GLN C 628 31.51 -16.73 1.74
N LEU C 629 30.51 -17.31 1.07
CA LEU C 629 30.02 -16.73 -0.17
C LEU C 629 29.41 -15.35 0.06
N ALA C 630 28.66 -15.19 1.14
CA ALA C 630 28.11 -13.88 1.47
C ALA C 630 29.21 -12.88 1.77
N ALA C 631 30.27 -13.33 2.45
CA ALA C 631 31.41 -12.45 2.74
C ALA C 631 32.08 -12.00 1.46
N GLU C 632 32.22 -12.91 0.48
CA GLU C 632 32.81 -12.53 -0.80
C GLU C 632 31.90 -11.62 -1.62
N GLY C 633 30.65 -11.46 -1.22
CA GLY C 633 29.72 -10.63 -1.97
C GLY C 633 28.88 -11.35 -3.00
N VAL C 634 28.78 -12.66 -2.91
CA VAL C 634 27.97 -13.45 -3.84
C VAL C 634 26.57 -13.57 -3.27
N TYR C 635 25.61 -12.90 -3.89
CA TYR C 635 24.22 -12.90 -3.45
C TYR C 635 23.34 -13.30 -4.63
N PRO C 636 22.51 -14.34 -4.51
CA PRO C 636 22.29 -15.15 -3.30
C PRO C 636 23.49 -16.00 -2.93
N ALA C 637 23.60 -16.36 -1.65
CA ALA C 637 24.76 -17.04 -1.10
C ALA C 637 24.61 -18.56 -1.12
N ILE C 638 23.90 -19.11 -2.10
CA ILE C 638 23.71 -20.54 -2.18
C ILE C 638 25.01 -21.20 -2.61
N ASP C 639 25.44 -22.20 -1.84
CA ASP C 639 26.66 -22.93 -2.17
C ASP C 639 26.35 -23.97 -3.24
N PRO C 640 26.92 -23.86 -4.44
CA PRO C 640 26.57 -24.80 -5.51
C PRO C 640 27.29 -26.13 -5.42
N LEU C 641 28.26 -26.28 -4.52
CA LEU C 641 28.99 -27.54 -4.37
C LEU C 641 28.48 -28.37 -3.21
N GLU C 642 28.17 -27.76 -2.07
CA GLU C 642 27.68 -28.52 -0.92
C GLU C 642 26.22 -28.94 -1.07
N SER C 643 25.43 -28.14 -1.78
CA SER C 643 24.02 -28.46 -1.97
C SER C 643 23.86 -29.59 -2.98
N ASN C 644 22.65 -30.15 -3.04
CA ASN C 644 22.37 -31.23 -3.97
C ASN C 644 20.88 -31.24 -4.30
N SER C 645 20.55 -31.97 -5.36
CA SER C 645 19.15 -32.16 -5.76
C SER C 645 19.02 -33.52 -6.42
N LYS C 646 18.02 -34.29 -6.00
CA LYS C 646 17.77 -35.59 -6.58
C LYS C 646 17.20 -35.51 -7.99
N MET C 647 16.81 -34.32 -8.46
CA MET C 647 16.24 -34.16 -9.79
C MET C 647 17.29 -34.07 -10.88
N LEU C 648 18.57 -34.16 -10.53
CA LEU C 648 19.64 -34.18 -11.53
C LEU C 648 19.97 -35.62 -11.93
N SER C 649 18.95 -36.35 -12.36
CA SER C 649 19.06 -37.73 -12.76
C SER C 649 18.64 -37.89 -14.20
N ILE C 650 18.87 -39.08 -14.75
CA ILE C 650 18.43 -39.39 -16.12
C ILE C 650 16.95 -39.73 -16.18
N LYS C 651 16.31 -39.99 -15.04
CA LYS C 651 14.90 -40.35 -15.05
C LYS C 651 14.01 -39.15 -15.32
N TYR C 652 14.47 -37.95 -14.97
CA TYR C 652 13.65 -36.75 -15.11
C TYR C 652 14.26 -35.73 -16.07
N THR C 653 15.52 -35.37 -15.85
CA THR C 653 16.12 -34.22 -16.52
C THR C 653 16.83 -34.64 -17.80
N SER C 654 16.79 -33.77 -18.79
CA SER C 654 17.37 -34.05 -20.09
C SER C 654 18.90 -34.16 -20.00
N ARG C 655 19.47 -34.85 -20.99
CA ARG C 655 20.90 -35.17 -20.94
C ARG C 655 21.76 -33.91 -20.98
N GLU C 656 21.39 -32.94 -21.81
CA GLU C 656 22.20 -31.73 -21.93
C GLU C 656 22.22 -30.94 -20.63
N HIS C 657 21.09 -30.90 -19.91
CA HIS C 657 21.06 -30.23 -18.61
C HIS C 657 21.98 -30.90 -17.62
N LEU C 658 21.97 -32.24 -17.57
CA LEU C 658 22.85 -32.97 -16.68
C LEU C 658 24.32 -32.70 -17.02
N ASP C 659 24.64 -32.71 -18.31
CA ASP C 659 26.01 -32.44 -18.74
C ASP C 659 26.45 -31.04 -18.31
N ILE C 660 25.58 -30.05 -18.52
CA ILE C 660 25.91 -28.67 -18.17
C ILE C 660 26.13 -28.56 -16.66
N ALA C 661 25.25 -29.17 -15.87
CA ALA C 661 25.37 -29.09 -14.41
C ALA C 661 26.67 -29.74 -13.94
N LYS C 662 26.98 -30.94 -14.45
CA LYS C 662 28.19 -31.64 -14.04
C LYS C 662 29.43 -30.85 -14.43
N LYS C 663 29.46 -30.32 -15.66
CA LYS C 663 30.61 -29.54 -16.10
C LYS C 663 30.78 -28.29 -15.26
N THR C 664 29.68 -27.61 -14.94
CA THR C 664 29.76 -26.40 -14.12
C THR C 664 30.33 -26.72 -12.74
N VAL C 665 29.83 -27.78 -12.12
CA VAL C 665 30.28 -28.11 -10.76
C VAL C 665 31.76 -28.48 -10.76
N GLN C 666 32.18 -29.33 -11.71
CA GLN C 666 33.58 -29.75 -11.70
C GLN C 666 34.51 -28.60 -12.10
N THR C 667 34.05 -27.70 -12.97
CA THR C 667 34.83 -26.51 -13.28
C THR C 667 34.98 -25.61 -12.07
N LEU C 668 33.91 -25.44 -11.29
CA LEU C 668 34.01 -24.64 -10.07
C LEU C 668 34.99 -25.26 -9.08
N GLU C 669 34.96 -26.58 -8.93
CA GLU C 669 35.90 -27.24 -8.02
C GLU C 669 37.34 -27.06 -8.48
N LYS C 670 37.60 -27.28 -9.78
CA LYS C 670 38.96 -27.11 -10.28
C LYS C 670 39.41 -25.66 -10.16
N THR C 671 38.50 -24.71 -10.38
CA THR C 671 38.85 -23.30 -10.22
C THR C 671 39.22 -22.99 -8.78
N LYS C 672 38.48 -23.55 -7.82
CA LYS C 672 38.83 -23.33 -6.42
C LYS C 672 40.21 -23.89 -6.09
N THR C 673 40.51 -25.09 -6.59
CA THR C 673 41.84 -25.66 -6.36
C THR C 673 42.92 -24.79 -6.98
N LEU C 674 42.71 -24.33 -8.22
CA LEU C 674 43.72 -23.53 -8.88
C LEU C 674 43.87 -22.16 -8.24
N GLU C 675 42.80 -21.60 -7.67
CA GLU C 675 42.92 -20.36 -6.93
C GLU C 675 43.71 -20.56 -5.65
N ASP C 676 43.51 -21.71 -4.98
CA ASP C 676 44.33 -22.02 -3.82
C ASP C 676 45.81 -22.12 -4.20
N ILE C 677 46.09 -22.70 -5.38
CA ILE C 677 47.47 -22.74 -5.87
C ILE C 677 47.98 -21.33 -6.14
N ILE C 678 47.14 -20.49 -6.77
CA ILE C 678 47.54 -19.15 -7.18
C ILE C 678 47.89 -18.30 -5.96
N ASN C 679 47.10 -18.40 -4.90
CA ASN C 679 47.31 -17.52 -3.74
C ASN C 679 48.69 -17.70 -3.13
N ILE C 680 49.35 -18.84 -3.34
CA ILE C 680 50.69 -19.07 -2.83
C ILE C 680 51.74 -18.88 -3.92
N LEU C 681 51.57 -19.56 -5.06
CA LEU C 681 52.59 -19.50 -6.10
C LEU C 681 52.57 -18.18 -6.87
N GLY C 682 51.40 -17.66 -7.15
CA GLY C 682 51.24 -16.53 -8.04
C GLY C 682 50.47 -16.92 -9.30
N PHE C 683 49.96 -15.91 -10.00
CA PHE C 683 49.08 -16.19 -11.12
C PHE C 683 49.82 -16.84 -12.28
N ASP C 684 51.00 -16.33 -12.62
CA ASP C 684 51.70 -16.77 -13.82
C ASP C 684 52.46 -18.07 -13.61
N ALA C 685 52.15 -18.83 -12.57
CA ALA C 685 52.73 -20.15 -12.36
C ALA C 685 51.90 -21.26 -13.00
N LEU C 686 50.84 -20.93 -13.70
CA LEU C 686 49.99 -21.91 -14.36
C LEU C 686 50.23 -21.91 -15.86
N SER C 687 49.81 -22.99 -16.50
CA SER C 687 49.88 -23.10 -17.96
C SER C 687 48.70 -22.35 -18.57
N GLU C 688 48.49 -22.51 -19.87
CA GLU C 688 47.36 -21.85 -20.52
C GLU C 688 46.05 -22.55 -20.21
N ASP C 689 46.06 -23.88 -20.12
CA ASP C 689 44.85 -24.62 -19.78
C ASP C 689 44.35 -24.24 -18.39
N ASP C 690 45.26 -24.16 -17.42
CA ASP C 690 44.86 -23.81 -16.05
C ASP C 690 44.32 -22.39 -15.99
N LYS C 691 44.93 -21.46 -16.71
CA LYS C 691 44.44 -20.09 -16.72
C LYS C 691 43.06 -20.00 -17.35
N LYS C 692 42.83 -20.75 -18.44
CA LYS C 692 41.51 -20.77 -19.05
C LYS C 692 40.47 -21.36 -18.11
N VAL C 693 40.85 -22.43 -17.39
CA VAL C 693 39.94 -23.01 -16.40
C VAL C 693 39.61 -22.01 -15.32
N VAL C 694 40.61 -21.27 -14.84
CA VAL C 694 40.39 -20.28 -13.79
C VAL C 694 39.45 -19.18 -14.29
N GLU C 695 39.66 -18.70 -15.51
CA GLU C 695 38.81 -17.64 -16.04
C GLU C 695 37.37 -18.12 -16.21
N VAL C 696 37.18 -19.32 -16.76
CA VAL C 696 35.83 -19.85 -16.94
C VAL C 696 35.16 -20.04 -15.59
N GLY C 697 35.91 -20.53 -14.60
CA GLY C 697 35.34 -20.71 -13.28
C GLY C 697 34.94 -19.40 -12.62
N ARG C 698 35.77 -18.37 -12.76
CA ARG C 698 35.41 -17.07 -12.21
C ARG C 698 34.15 -16.50 -12.86
N ARG C 699 34.05 -16.63 -14.18
CA ARG C 699 32.87 -16.11 -14.86
C ARG C 699 31.61 -16.91 -14.53
N LEU C 700 31.76 -18.23 -14.36
CA LEU C 700 30.63 -19.02 -13.87
C LEU C 700 30.23 -18.61 -12.47
N LYS C 701 31.21 -18.38 -11.59
CA LYS C 701 30.92 -18.02 -10.20
C LYS C 701 30.17 -16.70 -10.12
N TRP C 702 30.59 -15.71 -10.90
CA TRP C 702 29.94 -14.41 -10.85
C TRP C 702 28.71 -14.33 -11.74
N PHE C 703 28.49 -15.30 -12.63
CA PHE C 703 27.26 -15.31 -13.41
C PHE C 703 26.06 -15.76 -12.58
N LEU C 704 26.30 -16.54 -11.52
CA LEU C 704 25.21 -17.08 -10.72
C LEU C 704 24.60 -16.06 -9.78
N THR C 705 25.22 -14.90 -9.60
CA THR C 705 24.61 -13.85 -8.80
C THR C 705 23.45 -13.21 -9.57
N GLN C 706 22.53 -12.61 -8.83
CA GLN C 706 21.29 -12.14 -9.45
C GLN C 706 20.57 -11.15 -8.55
N PRO C 707 20.08 -10.04 -9.10
CA PRO C 707 19.23 -9.14 -8.32
C PRO C 707 17.82 -9.68 -8.20
N PHE C 708 17.16 -9.29 -7.11
CA PHE C 708 15.84 -9.80 -6.79
C PHE C 708 14.79 -8.71 -6.90
N VAL C 709 13.65 -9.05 -7.50
CA VAL C 709 12.54 -8.10 -7.63
C VAL C 709 12.06 -7.67 -6.25
N VAL C 710 12.07 -8.59 -5.28
CA VAL C 710 11.54 -8.33 -3.94
C VAL C 710 12.49 -7.47 -3.11
N ALA C 711 13.64 -7.07 -3.66
CA ALA C 711 14.60 -6.25 -2.93
C ALA C 711 14.94 -4.97 -3.69
N GLU C 712 14.15 -4.60 -4.69
CA GLU C 712 14.42 -3.42 -5.50
C GLU C 712 13.84 -2.14 -4.90
N LYS C 713 13.15 -2.22 -3.76
CA LYS C 713 12.62 -1.03 -3.10
C LYS C 713 13.67 -0.31 -2.26
N PHE C 714 14.87 -0.90 -2.10
CA PHE C 714 15.93 -0.20 -1.39
C PHE C 714 17.29 -0.40 -2.06
N SER C 715 17.32 -0.86 -3.31
CA SER C 715 18.58 -1.05 -4.03
C SER C 715 18.60 -0.40 -5.41
N GLY C 716 17.48 0.13 -5.89
CA GLY C 716 17.46 0.82 -7.18
C GLY C 716 17.42 -0.08 -8.40
N VAL C 717 18.36 -0.99 -8.52
CA VAL C 717 18.42 -1.88 -9.69
C VAL C 717 17.18 -2.77 -9.71
N PRO C 718 16.51 -2.92 -10.84
CA PRO C 718 15.34 -3.81 -10.90
C PRO C 718 15.76 -5.27 -10.89
N GLY C 719 14.86 -6.12 -10.38
CA GLY C 719 15.12 -7.53 -10.30
C GLY C 719 14.93 -8.24 -11.63
N LYS C 720 15.20 -9.55 -11.60
CA LYS C 720 15.14 -10.37 -12.79
C LYS C 720 14.41 -11.66 -12.48
N PHE C 721 13.87 -12.28 -13.54
CA PHE C 721 13.30 -13.63 -13.49
C PHE C 721 13.80 -14.34 -14.74
N VAL C 722 14.93 -15.03 -14.61
CA VAL C 722 15.54 -15.73 -15.73
C VAL C 722 14.88 -17.10 -15.88
N ARG C 723 14.36 -17.37 -17.07
CA ARG C 723 13.81 -18.68 -17.36
C ARG C 723 14.94 -19.71 -17.43
N LEU C 724 14.56 -20.99 -17.30
CA LEU C 724 15.56 -22.05 -17.30
C LEU C 724 16.32 -22.12 -18.62
N LYS C 725 15.62 -21.91 -19.72
CA LYS C 725 16.26 -21.98 -21.03
C LYS C 725 17.38 -20.95 -21.16
N ASP C 726 17.11 -19.71 -20.74
CA ASP C 726 18.11 -18.67 -20.80
C ASP C 726 19.30 -18.97 -19.90
N SER C 727 19.03 -19.49 -18.70
CA SER C 727 20.12 -19.82 -17.78
C SER C 727 21.01 -20.91 -18.37
N LEU C 728 20.39 -21.96 -18.91
CA LEU C 728 21.17 -23.05 -19.51
C LEU C 728 21.98 -22.56 -20.71
N LYS C 729 21.36 -21.74 -21.57
CA LYS C 729 22.07 -21.26 -22.75
C LYS C 729 23.23 -20.35 -22.37
N GLY C 730 23.02 -19.44 -21.41
CA GLY C 730 24.11 -18.58 -20.98
C GLY C 730 25.23 -19.33 -20.30
N ILE C 731 24.88 -20.32 -19.46
CA ILE C 731 25.92 -21.10 -18.79
C ILE C 731 26.72 -21.91 -19.80
N LYS C 732 26.05 -22.50 -20.80
CA LYS C 732 26.76 -23.22 -21.85
C LYS C 732 27.66 -22.28 -22.64
N THR C 733 27.19 -21.07 -22.93
CA THR C 733 28.00 -20.11 -23.67
C THR C 733 29.24 -19.72 -22.89
N ILE C 734 29.09 -19.46 -21.58
CA ILE C 734 30.24 -19.09 -20.76
C ILE C 734 31.19 -20.27 -20.58
N LEU C 735 30.66 -21.49 -20.53
CA LEU C 735 31.48 -22.66 -20.24
C LEU C 735 32.59 -22.85 -21.26
N ASP C 736 32.27 -22.66 -22.55
CA ASP C 736 33.26 -22.82 -23.61
C ASP C 736 34.26 -21.69 -23.68
N GLY C 737 34.19 -20.71 -22.78
CA GLY C 737 35.08 -19.58 -22.83
C GLY C 737 34.86 -18.67 -24.02
N ASP C 738 33.61 -18.50 -24.45
CA ASP C 738 33.30 -17.60 -25.55
C ASP C 738 33.25 -16.14 -25.12
N LEU C 739 33.25 -15.85 -23.81
CA LEU C 739 33.25 -14.49 -23.30
C LEU C 739 34.46 -14.22 -22.41
N ASN C 740 35.52 -15.02 -22.55
CA ASN C 740 36.69 -14.87 -21.68
C ASN C 740 37.36 -13.51 -21.84
N HIS C 741 37.13 -12.81 -22.96
CA HIS C 741 37.70 -11.48 -23.12
C HIS C 741 36.98 -10.43 -22.30
N ILE C 742 35.69 -10.61 -22.04
CA ILE C 742 34.91 -9.61 -21.31
C ILE C 742 35.35 -9.60 -19.84
N PRO C 743 35.62 -8.43 -19.25
CA PRO C 743 36.09 -8.39 -17.87
C PRO C 743 35.11 -9.04 -16.90
N VAL C 744 35.67 -9.68 -15.87
CA VAL C 744 34.87 -10.43 -14.90
C VAL C 744 33.92 -9.51 -14.14
N SER C 745 34.30 -8.25 -13.92
CA SER C 745 33.45 -7.34 -13.16
C SER C 745 32.13 -7.05 -13.87
N TYR C 746 32.05 -7.28 -15.18
CA TYR C 746 30.80 -7.08 -15.90
C TYR C 746 29.79 -8.20 -15.64
N PHE C 747 30.26 -9.38 -15.24
CA PHE C 747 29.39 -10.53 -15.09
C PHE C 747 28.48 -10.46 -13.88
N SER C 748 28.85 -9.68 -12.86
CA SER C 748 28.16 -9.74 -11.58
C SER C 748 26.77 -9.11 -11.66
N PHE C 749 25.80 -9.79 -11.05
CA PHE C 749 24.45 -9.25 -10.82
C PHE C 749 23.77 -8.87 -12.14
N VAL C 750 23.52 -9.89 -12.96
CA VAL C 750 22.91 -9.71 -14.26
C VAL C 750 21.91 -10.84 -14.48
N GLY C 751 21.02 -10.66 -15.45
CA GLY C 751 20.02 -11.66 -15.77
C GLY C 751 20.47 -12.58 -16.89
N VAL C 752 19.94 -12.39 -18.10
CA VAL C 752 20.37 -13.21 -19.22
C VAL C 752 21.79 -12.85 -19.62
N VAL C 753 22.42 -13.75 -20.38
CA VAL C 753 23.83 -13.59 -20.70
C VAL C 753 24.06 -12.44 -21.66
N GLU C 754 23.08 -12.13 -22.53
CA GLU C 754 23.29 -11.16 -23.59
C GLU C 754 23.53 -9.76 -23.03
N GLU C 755 23.04 -9.47 -21.83
CA GLU C 755 23.25 -8.15 -21.23
C GLU C 755 24.73 -7.89 -21.00
N ILE C 756 25.52 -8.94 -20.73
CA ILE C 756 26.96 -8.78 -20.59
C ILE C 756 27.54 -8.23 -21.89
N ILE C 757 27.18 -8.85 -23.01
CA ILE C 757 27.71 -8.42 -24.31
C ILE C 757 27.25 -7.01 -24.63
N GLU C 758 25.98 -6.71 -24.35
CA GLU C 758 25.48 -5.36 -24.60
C GLU C 758 26.27 -4.32 -23.81
N LYS C 759 26.47 -4.57 -22.51
CA LYS C 759 27.20 -3.62 -21.68
C LYS C 759 28.63 -3.47 -22.16
N PHE C 760 29.28 -4.59 -22.51
CA PHE C 760 30.66 -4.55 -22.97
C PHE C 760 30.78 -3.73 -24.25
N ASN C 761 29.88 -3.97 -25.21
CA ASN C 761 29.95 -3.25 -26.47
C ASN C 761 29.64 -1.77 -26.28
N LEU C 762 28.69 -1.44 -25.39
CA LEU C 762 28.41 -0.04 -25.12
C LEU C 762 29.62 0.66 -24.51
N ASP C 763 30.27 0.01 -23.55
CA ASP C 763 31.46 0.59 -22.95
C ASP C 763 32.58 0.72 -23.98
N ALA C 764 32.71 -0.26 -24.88
CA ALA C 764 33.73 -0.19 -25.92
C ALA C 764 33.47 0.97 -26.87
N LYS C 765 32.21 1.20 -27.24
CA LYS C 765 31.88 2.32 -28.11
C LYS C 765 32.16 3.65 -27.42
N LYS C 766 31.79 3.77 -26.15
CA LYS C 766 32.08 5.01 -25.43
C LYS C 766 33.58 5.25 -25.31
N GLU C 767 34.34 4.19 -25.04
CA GLU C 767 35.79 4.31 -24.95
C GLU C 767 36.38 4.69 -26.30
N ALA C 768 35.84 4.13 -27.39
CA ALA C 768 36.32 4.49 -28.72
C ALA C 768 36.06 5.96 -29.01
N LEU C 769 34.88 6.46 -28.66
CA LEU C 769 34.58 7.88 -28.85
C LEU C 769 35.53 8.74 -28.03
N LYS C 770 35.79 8.34 -26.78
CA LYS C 770 36.69 9.14 -25.94
C LYS C 770 38.12 9.10 -26.46
N ASN C 771 38.54 7.97 -27.04
CA ASN C 771 39.87 7.89 -27.63
C ASN C 771 39.97 8.77 -28.87
N GLU C 772 38.95 8.77 -29.72
CA GLU C 772 38.96 9.63 -30.90
C GLU C 772 38.97 11.10 -30.51
N LEU C 773 38.18 11.47 -29.49
CA LEU C 773 38.18 12.86 -29.03
C LEU C 773 39.49 13.21 -28.32
N GLU C 774 40.18 12.23 -27.75
CA GLU C 774 41.45 12.50 -27.09
C GLU C 774 42.56 12.76 -28.10
N GLN C 775 42.45 12.19 -29.30
CA GLN C 775 43.42 12.41 -30.36
C GLN C 775 43.19 13.72 -31.11
N ASN C 776 42.09 14.41 -30.84
CA ASN C 776 41.75 15.65 -31.53
C ASN C 776 42.27 16.89 -30.82
N GLN C 777 42.86 16.74 -29.64
CA GLN C 777 43.34 17.89 -28.88
C GLN C 777 44.83 18.14 -29.12
N MET D 1 -16.53 -66.67 17.90
CA MET D 1 -17.27 -65.56 18.46
C MET D 1 -16.36 -64.64 19.27
N LYS D 2 -16.77 -63.39 19.42
CA LYS D 2 -16.00 -62.43 20.21
C LYS D 2 -15.90 -62.91 21.65
N ASN D 3 -14.68 -62.86 22.20
CA ASN D 3 -14.46 -63.28 23.58
C ASN D 3 -13.53 -62.35 24.35
N LEU D 4 -13.12 -61.22 23.77
CA LEU D 4 -12.27 -60.25 24.44
C LEU D 4 -12.92 -58.87 24.36
N LYS D 5 -12.51 -58.01 25.27
CA LYS D 5 -13.00 -56.63 25.32
C LYS D 5 -11.84 -55.69 25.58
N ILE D 6 -11.83 -54.56 24.89
CA ILE D 6 -10.77 -53.57 25.07
C ILE D 6 -11.01 -52.78 26.34
N THR D 7 -10.00 -52.69 27.20
CA THR D 7 -10.09 -51.95 28.44
C THR D 7 -9.29 -50.65 28.46
N ALA D 8 -8.19 -50.58 27.72
CA ALA D 8 -7.38 -49.38 27.67
C ALA D 8 -6.65 -49.31 26.33
N ILE D 9 -6.30 -48.10 25.93
CA ILE D 9 -5.51 -47.85 24.73
C ILE D 9 -4.42 -46.85 25.10
N LYS D 10 -3.23 -47.34 25.42
CA LYS D 10 -2.13 -46.48 25.85
C LYS D 10 -0.89 -46.83 25.04
N ASP D 11 -0.07 -45.81 24.76
CA ASP D 11 1.22 -45.98 24.10
C ASP D 11 1.08 -46.71 22.76
N ASN D 12 -0.03 -46.47 22.06
CA ASN D 12 -0.34 -47.15 20.80
C ASN D 12 -0.42 -48.66 20.97
N LEU D 13 -0.83 -49.11 22.15
CA LEU D 13 -1.01 -50.52 22.46
C LEU D 13 -2.43 -50.73 22.97
N ILE D 14 -2.99 -51.90 22.67
CA ILE D 14 -4.37 -52.23 23.00
C ILE D 14 -4.36 -53.27 24.11
N PHE D 15 -5.08 -52.99 25.19
CA PHE D 15 -5.17 -53.90 26.31
C PHE D 15 -6.53 -54.59 26.25
N VAL D 16 -6.53 -55.92 26.20
CA VAL D 16 -7.77 -56.67 26.08
C VAL D 16 -7.93 -57.57 27.30
N GLU D 17 -9.18 -57.82 27.67
CA GLU D 17 -9.55 -58.64 28.80
C GLU D 17 -10.45 -59.77 28.32
N GLY D 18 -10.30 -60.94 28.94
CA GLY D 18 -11.11 -62.10 28.60
C GLY D 18 -10.33 -63.39 28.72
N GLU D 19 -10.92 -64.39 29.37
CA GLU D 19 -10.23 -65.65 29.58
C GLU D 19 -9.94 -66.33 28.24
N HIS D 20 -8.70 -66.77 28.06
CA HIS D 20 -8.26 -67.39 26.82
C HIS D 20 -6.87 -67.97 27.06
N GLN D 21 -6.40 -68.74 26.09
CA GLN D 21 -5.05 -69.32 26.11
C GLN D 21 -4.24 -68.60 25.04
N PHE D 22 -3.65 -67.47 25.41
CA PHE D 22 -2.92 -66.64 24.47
C PHE D 22 -1.55 -67.24 24.16
N SER D 23 -1.02 -66.86 23.01
CA SER D 23 0.32 -67.25 22.59
C SER D 23 1.00 -66.05 21.94
N PHE D 24 2.33 -66.10 21.91
CA PHE D 24 3.09 -65.00 21.32
C PHE D 24 2.77 -64.87 19.84
N LEU D 25 2.52 -63.63 19.40
CA LEU D 25 2.12 -63.30 18.04
C LEU D 25 0.81 -63.97 17.63
N GLU D 26 -0.04 -64.32 18.58
CA GLU D 26 -1.37 -64.80 18.24
C GLU D 26 -2.18 -63.68 17.63
N ILE D 27 -2.95 -63.99 16.59
CA ILE D 27 -3.71 -62.98 15.89
C ILE D 27 -5.00 -62.69 16.64
N ILE D 28 -5.25 -61.42 16.92
CA ILE D 28 -6.50 -60.95 17.50
C ILE D 28 -7.24 -60.20 16.40
N LYS D 29 -8.47 -60.61 16.12
CA LYS D 29 -9.26 -60.03 15.05
C LYS D 29 -10.27 -59.06 15.63
N PHE D 30 -10.13 -57.78 15.30
CA PHE D 30 -11.07 -56.76 15.75
C PHE D 30 -12.22 -56.57 14.79
N SER D 31 -12.00 -56.85 13.51
CA SER D 31 -13.05 -56.87 12.51
C SER D 31 -12.66 -57.89 11.45
N ASP D 32 -13.32 -57.84 10.29
CA ASP D 32 -12.98 -58.76 9.21
C ASP D 32 -11.63 -58.44 8.59
N LYS D 33 -11.07 -57.25 8.84
CA LYS D 33 -9.82 -56.84 8.22
C LYS D 33 -8.75 -56.43 9.23
N VAL D 34 -9.14 -55.72 10.29
CA VAL D 34 -8.17 -55.18 11.24
C VAL D 34 -7.74 -56.29 12.19
N GLU D 35 -6.43 -56.46 12.35
CA GLU D 35 -5.87 -57.51 13.20
C GLU D 35 -4.69 -56.97 13.99
N GLY D 36 -4.41 -57.62 15.12
CA GLY D 36 -3.25 -57.30 15.92
C GLY D 36 -2.57 -58.57 16.39
N VAL D 37 -1.43 -58.40 17.03
CA VAL D 37 -0.61 -59.53 17.49
C VAL D 37 -0.38 -59.40 19.00
N VAL D 38 -0.55 -60.51 19.71
CA VAL D 38 -0.35 -60.52 21.15
C VAL D 38 1.13 -60.44 21.47
N LEU D 39 1.50 -59.50 22.35
CA LEU D 39 2.88 -59.33 22.78
C LEU D 39 3.15 -59.94 24.14
N LYS D 40 2.33 -59.63 25.13
CA LYS D 40 2.37 -60.26 26.44
C LYS D 40 0.94 -60.61 26.86
N ALA D 41 0.83 -61.58 27.76
CA ALA D 41 -0.51 -62.02 28.16
C ALA D 41 -0.48 -62.63 29.55
N ASN D 42 -1.49 -62.29 30.33
CA ASN D 42 -1.83 -62.99 31.56
C ASN D 42 -2.76 -64.14 31.20
N ASP D 43 -3.37 -64.77 32.20
CA ASP D 43 -4.37 -65.79 31.90
C ASP D 43 -5.75 -65.20 31.62
N ARG D 44 -5.92 -63.89 31.80
CA ARG D 44 -7.20 -63.24 31.52
C ARG D 44 -7.04 -61.89 30.85
N SER D 45 -5.84 -61.51 30.43
CA SER D 45 -5.61 -60.22 29.79
C SER D 45 -4.44 -60.32 28.83
N ALA D 46 -4.38 -59.39 27.89
CA ALA D 46 -3.32 -59.40 26.90
C ALA D 46 -3.03 -57.98 26.43
N ILE D 47 -1.81 -57.80 25.93
CA ILE D 47 -1.36 -56.55 25.31
C ILE D 47 -1.09 -56.82 23.84
N VAL D 48 -1.65 -55.98 22.97
CA VAL D 48 -1.72 -56.23 21.54
C VAL D 48 -1.17 -55.01 20.80
N ALA D 49 -0.41 -55.27 19.75
CA ALA D 49 0.08 -54.22 18.85
C ALA D 49 -0.65 -54.37 17.52
N ILE D 50 -1.32 -53.30 17.09
CA ILE D 50 -2.14 -53.36 15.89
C ILE D 50 -1.25 -53.43 14.65
N LEU D 51 -1.79 -54.04 13.60
CA LEU D 51 -1.09 -54.19 12.33
C LEU D 51 -1.62 -53.29 11.23
N ASN D 52 -2.90 -52.94 11.26
CA ASN D 52 -3.50 -52.10 10.23
C ASN D 52 -4.65 -51.31 10.83
N GLU D 53 -5.15 -50.36 10.06
CA GLU D 53 -6.21 -49.46 10.51
C GLU D 53 -7.35 -49.47 9.50
N ASP D 54 -8.55 -49.15 9.99
CA ASP D 54 -9.71 -48.97 9.14
C ASP D 54 -10.41 -47.68 9.52
N LYS D 55 -10.90 -46.96 8.52
CA LYS D 55 -11.52 -45.66 8.77
C LYS D 55 -12.81 -45.78 9.56
N ASP D 56 -13.63 -46.79 9.25
CA ASP D 56 -14.97 -46.89 9.81
C ASP D 56 -15.06 -47.69 11.10
N LEU D 57 -13.98 -48.36 11.50
CA LEU D 57 -14.08 -49.29 12.64
C LEU D 57 -14.26 -48.55 13.96
N ASN D 58 -13.54 -47.44 14.15
CA ASN D 58 -13.59 -46.66 15.38
C ASN D 58 -13.24 -47.52 16.60
N LEU D 59 -12.02 -48.06 16.58
CA LEU D 59 -11.55 -48.97 17.61
C LEU D 59 -11.23 -48.18 18.87
N THR D 60 -12.00 -48.38 19.92
CA THR D 60 -11.80 -47.67 21.19
C THR D 60 -12.10 -48.62 22.33
N VAL D 61 -12.21 -48.06 23.53
CA VAL D 61 -12.50 -48.86 24.72
C VAL D 61 -13.88 -49.48 24.61
N GLY D 62 -13.99 -50.75 24.98
CA GLY D 62 -15.25 -51.47 24.92
C GLY D 62 -15.51 -52.19 23.62
N SER D 63 -14.68 -51.99 22.60
CA SER D 63 -14.86 -52.70 21.34
C SER D 63 -14.57 -54.19 21.53
N LEU D 64 -15.33 -55.02 20.84
CA LEU D 64 -15.20 -56.46 20.96
C LEU D 64 -14.15 -56.98 20.00
N ALA D 65 -13.51 -58.09 20.39
CA ALA D 65 -12.45 -58.68 19.59
C ALA D 65 -12.47 -60.19 19.80
N GLU D 66 -11.86 -60.90 18.87
CA GLU D 66 -11.83 -62.36 18.88
C GLU D 66 -10.38 -62.84 18.85
N ALA D 67 -10.06 -63.77 19.75
CA ALA D 67 -8.74 -64.41 19.76
C ALA D 67 -8.82 -65.63 18.85
N THR D 68 -8.23 -65.52 17.66
CA THR D 68 -8.35 -66.56 16.66
C THR D 68 -7.70 -67.88 17.09
N GLY D 69 -6.76 -67.84 18.03
CA GLY D 69 -6.11 -69.03 18.50
C GLY D 69 -4.97 -69.52 17.63
N GLU D 70 -4.62 -68.79 16.57
CA GLU D 70 -3.56 -69.18 15.66
C GLU D 70 -2.48 -68.09 15.63
N LEU D 71 -1.32 -68.46 15.13
CA LEU D 71 -0.20 -67.54 15.06
C LEU D 71 -0.32 -66.63 13.86
N TYR D 72 0.55 -65.63 13.81
CA TYR D 72 0.59 -64.69 12.69
C TYR D 72 1.27 -65.38 11.51
N LYS D 73 0.45 -65.87 10.59
CA LYS D 73 0.93 -66.48 9.35
C LYS D 73 0.49 -65.63 8.17
N ILE D 74 1.41 -65.40 7.23
CA ILE D 74 1.09 -64.64 6.03
C ILE D 74 0.63 -65.62 4.94
N PRO D 75 -0.46 -65.33 4.25
CA PRO D 75 -0.91 -66.20 3.16
C PRO D 75 -0.30 -65.82 1.82
N ILE D 76 -0.15 -66.82 0.97
CA ILE D 76 0.50 -66.67 -0.33
C ILE D 76 -0.58 -66.75 -1.40
N TYR D 77 -0.57 -65.80 -2.33
CA TYR D 77 -1.54 -65.74 -3.40
C TYR D 77 -0.81 -65.65 -4.73
N ASP D 78 -1.49 -66.11 -5.80
CA ASP D 78 -0.86 -66.17 -7.11
C ASP D 78 -0.51 -64.80 -7.65
N ASN D 79 -1.25 -63.76 -7.24
CA ASN D 79 -1.08 -62.43 -7.81
C ASN D 79 -0.14 -61.55 -6.98
N TYR D 80 0.65 -62.14 -6.08
CA TYR D 80 1.69 -61.38 -5.41
C TYR D 80 2.70 -60.83 -6.40
N LEU D 81 3.10 -61.64 -7.37
CA LEU D 81 4.08 -61.22 -8.35
C LEU D 81 3.57 -60.02 -9.13
N GLY D 82 4.43 -59.01 -9.28
CA GLY D 82 4.03 -57.77 -9.91
C GLY D 82 3.03 -56.94 -9.13
N SER D 83 3.19 -56.88 -7.81
CA SER D 83 2.27 -56.10 -7.00
C SER D 83 2.98 -55.58 -5.75
N ILE D 84 2.37 -54.55 -5.16
CA ILE D 84 2.77 -54.01 -3.86
C ILE D 84 1.75 -54.48 -2.83
N ILE D 85 2.23 -55.08 -1.75
CA ILE D 85 1.37 -55.60 -0.70
C ILE D 85 1.87 -55.11 0.64
N ASN D 86 0.97 -55.09 1.62
CA ASN D 86 1.31 -54.76 3.00
C ASN D 86 1.63 -56.05 3.76
N VAL D 87 1.79 -55.94 5.07
CA VAL D 87 2.24 -57.08 5.86
C VAL D 87 1.17 -58.16 6.00
N LEU D 88 -0.10 -57.80 5.78
CA LEU D 88 -1.19 -58.77 5.91
C LEU D 88 -1.55 -59.44 4.59
N GLY D 89 -1.00 -58.99 3.48
CA GLY D 89 -1.30 -59.56 2.19
C GLY D 89 -2.36 -58.85 1.38
N GLU D 90 -2.49 -57.54 1.52
CA GLU D 90 -3.47 -56.76 0.77
C GLU D 90 -2.78 -56.04 -0.37
N SER D 91 -3.36 -56.12 -1.57
CA SER D 91 -2.76 -55.54 -2.77
C SER D 91 -3.03 -54.04 -2.78
N LEU D 92 -1.99 -53.25 -2.48
CA LEU D 92 -2.12 -51.80 -2.61
C LEU D 92 -2.14 -51.39 -4.07
N VAL D 93 -1.22 -51.94 -4.86
CA VAL D 93 -1.21 -51.78 -6.32
C VAL D 93 -0.98 -53.16 -6.91
N LYS D 94 -1.88 -53.61 -7.78
CA LYS D 94 -1.80 -54.94 -8.33
C LYS D 94 -1.85 -54.88 -9.86
N GLN D 95 -1.25 -55.90 -10.48
CA GLN D 95 -1.22 -56.02 -11.93
C GLN D 95 -2.20 -57.05 -12.46
N TYR D 96 -2.47 -58.12 -11.71
CA TYR D 96 -3.39 -59.16 -12.11
C TYR D 96 -4.45 -59.35 -11.04
N GLU D 97 -5.55 -59.99 -11.42
CA GLU D 97 -6.60 -60.32 -10.48
C GLU D 97 -6.19 -61.49 -9.59
N ARG D 98 -6.76 -61.54 -8.39
CA ARG D 98 -6.44 -62.56 -7.41
C ARG D 98 -7.55 -63.60 -7.34
N THR D 99 -7.16 -64.87 -7.40
CA THR D 99 -8.06 -65.95 -7.00
C THR D 99 -7.97 -66.14 -5.49
N ASN D 100 -9.13 -66.22 -4.84
CA ASN D 100 -9.16 -66.23 -3.37
C ASN D 100 -8.96 -67.63 -2.81
N VAL D 101 -7.92 -68.30 -3.27
CA VAL D 101 -7.49 -69.60 -2.73
C VAL D 101 -6.02 -69.47 -2.39
N ALA D 102 -5.68 -69.63 -1.11
CA ALA D 102 -4.30 -69.42 -0.67
C ALA D 102 -3.44 -70.60 -1.05
N LEU D 103 -2.34 -70.33 -1.76
CA LEU D 103 -1.41 -71.41 -2.10
C LEU D 103 -0.76 -72.00 -0.85
N ASP D 104 -0.44 -71.15 0.13
CA ASP D 104 0.19 -71.62 1.35
C ASP D 104 0.00 -70.56 2.43
N LYS D 105 0.31 -70.94 3.66
CA LYS D 105 0.39 -70.02 4.80
C LYS D 105 1.72 -70.23 5.49
N LYS D 106 2.52 -69.18 5.58
CA LYS D 106 3.88 -69.27 6.09
C LYS D 106 3.98 -68.49 7.40
N TYR D 107 4.52 -69.14 8.43
CA TYR D 107 4.69 -68.48 9.72
C TYR D 107 5.74 -67.39 9.64
N VAL D 108 5.44 -66.26 10.30
CA VAL D 108 6.30 -65.08 10.20
C VAL D 108 7.63 -65.32 10.89
N PHE D 109 7.63 -65.93 12.07
CA PHE D 109 8.85 -66.20 12.82
C PHE D 109 9.34 -67.63 12.64
N THR D 110 9.23 -68.18 11.43
CA THR D 110 9.74 -69.52 11.17
C THR D 110 11.23 -69.57 11.46
N GLU D 111 11.65 -70.58 12.23
CA GLU D 111 13.05 -70.70 12.59
C GLU D 111 13.89 -71.11 11.38
N ALA D 112 15.12 -70.64 11.36
CA ALA D 112 16.03 -70.97 10.28
C ALA D 112 16.36 -72.46 10.28
N GLN D 113 16.60 -73.01 9.09
CA GLN D 113 16.91 -74.42 8.98
C GLN D 113 18.31 -74.70 9.51
N PRO D 114 18.51 -75.86 10.14
CA PRO D 114 19.78 -76.13 10.82
C PRO D 114 20.98 -76.29 9.89
N ILE D 115 22.13 -76.65 10.48
CA ILE D 115 23.39 -76.64 9.75
C ILE D 115 23.39 -77.68 8.64
N PHE D 116 22.78 -78.84 8.87
CA PHE D 116 22.89 -79.92 7.89
C PHE D 116 22.06 -79.69 6.63
N THR D 117 21.21 -78.66 6.61
CA THR D 117 20.39 -78.39 5.44
C THR D 117 21.05 -77.42 4.47
N ARG D 118 22.23 -76.91 4.78
CA ARG D 118 22.87 -75.88 3.97
C ARG D 118 23.79 -76.50 2.93
N SER D 119 24.27 -75.64 2.03
CA SER D 119 25.23 -76.03 1.01
C SER D 119 26.15 -74.87 0.73
N ALA D 120 27.33 -75.18 0.21
CA ALA D 120 28.32 -74.15 -0.08
C ALA D 120 27.86 -73.27 -1.24
N VAL D 121 28.24 -72.00 -1.18
CA VAL D 121 27.87 -71.03 -2.21
C VAL D 121 28.84 -71.19 -3.38
N ASN D 122 28.29 -71.49 -4.57
CA ASN D 122 29.11 -71.76 -5.73
C ASN D 122 28.60 -71.16 -7.03
N GLU D 123 27.50 -70.39 -7.00
CA GLU D 123 26.95 -69.82 -8.21
C GLU D 123 26.88 -68.30 -8.07
N PRO D 124 27.32 -67.55 -9.09
CA PRO D 124 27.28 -66.09 -8.99
C PRO D 124 25.86 -65.54 -9.05
N LEU D 125 25.71 -64.34 -8.51
CA LEU D 125 24.52 -63.51 -8.71
C LEU D 125 24.97 -62.24 -9.44
N VAL D 126 24.60 -62.13 -10.71
CA VAL D 126 25.06 -61.01 -11.52
C VAL D 126 24.29 -59.76 -11.12
N THR D 127 25.01 -58.76 -10.60
CA THR D 127 24.42 -57.50 -10.19
C THR D 127 24.39 -56.47 -11.31
N GLY D 128 25.04 -56.73 -12.44
CA GLY D 128 25.12 -55.78 -13.52
C GLY D 128 26.14 -54.68 -13.34
N ILE D 129 26.92 -54.71 -12.26
CA ILE D 129 27.92 -53.69 -11.96
C ILE D 129 29.29 -54.33 -12.08
N THR D 130 30.19 -53.68 -12.82
CA THR D 130 31.48 -54.28 -13.14
C THR D 130 32.30 -54.52 -11.88
N VAL D 131 32.48 -53.48 -11.06
CA VAL D 131 33.36 -53.59 -9.90
C VAL D 131 32.78 -54.57 -8.88
N VAL D 132 31.46 -54.61 -8.74
CA VAL D 132 30.85 -55.56 -7.81
C VAL D 132 31.00 -56.99 -8.33
N ASP D 133 30.76 -57.20 -9.62
CA ASP D 133 30.82 -58.54 -10.16
C ASP D 133 32.24 -59.07 -10.27
N GLY D 134 33.24 -58.20 -10.32
CA GLY D 134 34.60 -58.66 -10.52
C GLY D 134 35.48 -58.70 -9.29
N VAL D 135 35.30 -57.76 -8.36
CA VAL D 135 36.20 -57.61 -7.23
C VAL D 135 35.47 -57.90 -5.92
N LEU D 136 34.16 -57.64 -5.89
CA LEU D 136 33.34 -57.85 -4.70
C LEU D 136 32.23 -58.84 -5.00
N PRO D 137 32.57 -60.09 -5.38
CA PRO D 137 31.56 -60.99 -5.92
C PRO D 137 30.44 -61.30 -4.93
N VAL D 138 29.24 -61.46 -5.46
CA VAL D 138 28.06 -61.85 -4.68
C VAL D 138 27.53 -63.14 -5.27
N GLY D 139 27.46 -64.19 -4.45
CA GLY D 139 26.96 -65.47 -4.88
C GLY D 139 25.49 -65.66 -4.51
N ARG D 140 24.95 -66.80 -4.96
CA ARG D 140 23.57 -67.15 -4.64
C ARG D 140 23.51 -67.75 -3.25
N GLY D 141 22.80 -67.09 -2.34
CA GLY D 141 22.75 -67.49 -0.95
C GLY D 141 23.65 -66.68 -0.03
N GLN D 142 24.33 -65.67 -0.55
CA GLN D 142 25.23 -64.84 0.23
C GLN D 142 24.52 -63.56 0.66
N LYS D 143 24.76 -63.15 1.91
CA LYS D 143 24.22 -61.91 2.45
C LYS D 143 25.30 -60.85 2.34
N GLU D 144 25.08 -59.85 1.50
CA GLU D 144 26.02 -58.75 1.29
C GLU D 144 25.35 -57.46 1.73
N LEU D 145 25.89 -56.85 2.78
CA LEU D 145 25.33 -55.60 3.28
C LEU D 145 25.71 -54.45 2.36
N ILE D 146 24.79 -53.51 2.19
CA ILE D 146 25.07 -52.27 1.47
C ILE D 146 25.05 -51.15 2.50
N ILE D 147 26.23 -50.76 2.94
CA ILE D 147 26.40 -49.75 3.99
C ILE D 147 26.83 -48.45 3.35
N GLY D 148 26.24 -47.35 3.80
CA GLY D 148 26.65 -46.09 3.20
C GLY D 148 26.06 -44.90 3.93
N ASP D 149 26.46 -43.72 3.46
CA ASP D 149 25.98 -42.46 4.00
C ASP D 149 24.63 -42.11 3.37
N ARG D 150 24.12 -40.92 3.68
CA ARG D 150 22.84 -40.48 3.15
C ARG D 150 23.02 -39.98 1.72
N GLY D 151 22.16 -40.47 0.81
CA GLY D 151 22.17 -40.01 -0.56
C GLY D 151 23.43 -40.35 -1.34
N THR D 152 23.91 -41.58 -1.23
CA THR D 152 25.13 -41.99 -1.89
C THR D 152 24.91 -43.06 -2.95
N GLY D 153 23.69 -43.59 -3.10
CA GLY D 153 23.39 -44.49 -4.19
C GLY D 153 23.24 -45.95 -3.81
N LYS D 154 22.83 -46.24 -2.57
CA LYS D 154 22.66 -47.62 -2.15
C LYS D 154 21.42 -48.25 -2.78
N THR D 155 20.29 -47.53 -2.76
CA THR D 155 19.08 -48.03 -3.38
C THR D 155 19.29 -48.25 -4.87
N ALA D 156 20.08 -47.40 -5.51
CA ALA D 156 20.40 -47.58 -6.92
C ALA D 156 21.19 -48.86 -7.14
N ILE D 157 22.11 -49.19 -6.24
CA ILE D 157 22.88 -50.43 -6.38
C ILE D 157 21.97 -51.64 -6.24
N ALA D 158 21.08 -51.62 -5.25
CA ALA D 158 20.14 -52.73 -5.09
C ALA D 158 19.21 -52.86 -6.31
N LEU D 159 18.73 -51.72 -6.81
CA LEU D 159 17.83 -51.76 -7.97
C LEU D 159 18.56 -52.27 -9.21
N ASN D 160 19.82 -51.86 -9.41
CA ASN D 160 20.60 -52.40 -10.51
C ASN D 160 20.78 -53.91 -10.37
N ALA D 161 21.07 -54.37 -9.15
CA ALA D 161 21.24 -55.81 -8.93
C ALA D 161 19.96 -56.56 -9.27
N MET D 162 18.80 -56.01 -8.94
CA MET D 162 17.56 -56.69 -9.27
C MET D 162 17.19 -56.56 -10.76
N LEU D 163 17.48 -55.43 -11.40
CA LEU D 163 17.22 -55.29 -12.83
C LEU D 163 18.12 -56.18 -13.66
N ALA D 164 19.28 -56.58 -13.13
CA ALA D 164 20.15 -57.49 -13.86
C ALA D 164 19.56 -58.88 -13.98
N GLN D 165 18.47 -59.18 -13.28
CA GLN D 165 17.81 -60.48 -13.34
C GLN D 165 16.65 -60.49 -14.32
N GLU D 166 16.73 -59.68 -15.37
CA GLU D 166 15.69 -59.66 -16.39
C GLU D 166 15.68 -60.94 -17.22
N ASN D 167 16.85 -61.51 -17.49
CA ASN D 167 16.98 -62.69 -18.33
C ASN D 167 17.51 -63.88 -17.52
N THR D 168 17.05 -64.02 -16.28
CA THR D 168 17.43 -65.14 -15.44
C THR D 168 16.20 -65.79 -14.83
N ASP D 169 16.41 -66.70 -13.88
CA ASP D 169 15.32 -67.40 -13.21
C ASP D 169 15.15 -66.99 -11.76
N VAL D 170 15.71 -65.85 -11.37
CA VAL D 170 15.75 -65.42 -9.97
C VAL D 170 14.58 -64.48 -9.72
N ILE D 171 13.83 -64.76 -8.66
CA ILE D 171 12.66 -63.95 -8.30
C ILE D 171 13.10 -62.86 -7.33
N ASN D 172 12.75 -61.61 -7.65
CA ASN D 172 13.11 -60.47 -6.83
C ASN D 172 12.01 -60.15 -5.83
N ILE D 173 12.41 -59.87 -4.59
CA ILE D 173 11.51 -59.37 -3.55
C ILE D 173 12.15 -58.13 -2.94
N PHE D 174 11.38 -57.04 -2.89
CA PHE D 174 11.83 -55.77 -2.35
C PHE D 174 10.98 -55.43 -1.13
N ILE D 175 11.59 -55.46 0.05
CA ILE D 175 10.92 -55.09 1.29
C ILE D 175 11.31 -53.65 1.60
N ALA D 176 10.30 -52.79 1.76
CA ALA D 176 10.50 -51.37 2.06
C ALA D 176 9.96 -51.10 3.46
N ILE D 177 10.83 -50.61 4.33
CA ILE D 177 10.48 -50.32 5.71
C ILE D 177 10.63 -48.81 5.91
N GLY D 178 9.51 -48.13 6.08
CA GLY D 178 9.53 -46.69 6.31
C GLY D 178 10.05 -45.86 5.16
N LYS D 179 9.69 -46.22 3.93
CA LYS D 179 10.08 -45.45 2.76
C LYS D 179 8.98 -44.46 2.38
N LYS D 180 9.28 -43.63 1.39
CA LYS D 180 8.28 -42.71 0.85
C LYS D 180 7.42 -43.43 -0.18
N ARG D 181 6.12 -43.15 -0.15
CA ARG D 181 5.20 -43.82 -1.07
C ARG D 181 5.48 -43.44 -2.51
N ASP D 182 5.81 -42.18 -2.77
CA ASP D 182 6.12 -41.75 -4.12
C ASP D 182 7.44 -42.30 -4.63
N GLU D 183 8.27 -42.86 -3.75
CA GLU D 183 9.46 -43.58 -4.19
C GLU D 183 9.15 -45.05 -4.46
N ILE D 184 8.27 -45.66 -3.68
CA ILE D 184 7.84 -47.03 -3.94
C ILE D 184 7.09 -47.10 -5.27
N VAL D 185 6.25 -46.11 -5.55
CA VAL D 185 5.53 -46.08 -6.83
C VAL D 185 6.52 -45.91 -7.98
N GLU D 186 7.56 -45.11 -7.78
CA GLU D 186 8.57 -44.93 -8.81
C GLU D 186 9.36 -46.22 -9.05
N ILE D 187 9.66 -46.95 -7.99
CA ILE D 187 10.33 -48.25 -8.15
C ILE D 187 9.42 -49.23 -8.86
N TYR D 188 8.12 -49.19 -8.57
CA TYR D 188 7.16 -50.02 -9.29
C TYR D 188 7.15 -49.69 -10.77
N GLY D 189 7.16 -48.40 -11.11
CA GLY D 189 7.24 -48.01 -12.51
C GLY D 189 8.53 -48.46 -13.17
N THR D 190 9.65 -48.38 -12.45
CA THR D 190 10.92 -48.85 -12.99
C THR D 190 10.87 -50.36 -13.25
N PHE D 191 10.26 -51.11 -12.35
CA PHE D 191 10.09 -52.54 -12.56
C PHE D 191 9.23 -52.83 -13.78
N LYS D 192 8.15 -52.06 -13.95
CA LYS D 192 7.27 -52.26 -15.09
C LYS D 192 7.98 -51.93 -16.41
N LYS D 193 8.85 -50.92 -16.39
CA LYS D 193 9.51 -50.50 -17.62
C LYS D 193 10.51 -51.53 -18.11
N HIS D 194 11.28 -52.14 -17.21
CA HIS D 194 12.35 -53.04 -17.57
C HIS D 194 11.90 -54.49 -17.65
N ASN D 195 10.60 -54.75 -17.63
CA ASN D 195 10.02 -56.07 -17.90
C ASN D 195 10.44 -57.11 -16.86
N ILE D 196 10.66 -56.68 -15.62
CA ILE D 196 10.89 -57.58 -14.51
C ILE D 196 9.74 -57.57 -13.52
N LEU D 197 8.61 -56.98 -13.90
CA LEU D 197 7.49 -56.88 -12.98
C LEU D 197 6.85 -58.24 -12.71
N HIS D 198 6.78 -59.09 -13.73
CA HIS D 198 6.10 -60.38 -13.57
C HIS D 198 6.79 -61.30 -12.59
N LYS D 199 8.03 -61.00 -12.19
CA LYS D 199 8.78 -61.84 -11.27
C LYS D 199 9.22 -61.07 -10.03
N SER D 200 8.56 -59.96 -9.72
CA SER D 200 8.96 -59.08 -8.61
C SER D 200 7.77 -58.78 -7.72
N ILE D 201 8.02 -58.75 -6.41
CA ILE D 201 7.04 -58.39 -5.41
C ILE D 201 7.59 -57.22 -4.61
N ILE D 202 6.71 -56.35 -4.12
CA ILE D 202 7.09 -55.30 -3.20
C ILE D 202 6.27 -55.45 -1.92
N VAL D 203 6.96 -55.46 -0.79
CA VAL D 203 6.32 -55.46 0.52
C VAL D 203 6.58 -54.10 1.15
N SER D 204 5.51 -53.38 1.45
CA SER D 204 5.61 -51.97 1.82
C SER D 204 5.08 -51.75 3.24
N ALA D 205 5.87 -51.02 4.04
CA ALA D 205 5.42 -50.50 5.33
C ALA D 205 5.86 -49.05 5.39
N ALA D 206 4.91 -48.13 5.27
CA ALA D 206 5.24 -46.72 5.12
C ALA D 206 5.76 -46.14 6.44
N SER D 207 6.35 -44.95 6.34
CA SER D 207 6.99 -44.31 7.48
C SER D 207 5.99 -43.95 8.58
N ASP D 208 4.71 -43.77 8.25
CA ASP D 208 3.70 -43.43 9.23
C ASP D 208 2.71 -44.58 9.47
N ASP D 209 3.08 -45.80 9.08
CA ASP D 209 2.24 -46.96 9.32
C ASP D 209 2.43 -47.42 10.77
N ALA D 210 1.73 -48.49 11.13
CA ALA D 210 1.83 -49.02 12.49
C ALA D 210 3.24 -49.52 12.77
N VAL D 211 3.67 -49.35 14.02
CA VAL D 211 5.02 -49.76 14.39
C VAL D 211 5.18 -51.27 14.29
N ALA D 212 4.12 -52.03 14.59
CA ALA D 212 4.19 -53.48 14.45
C ALA D 212 4.36 -53.88 12.99
N ALA D 213 3.70 -53.16 12.08
CA ALA D 213 3.86 -53.46 10.66
C ALA D 213 5.29 -53.20 10.20
N ARG D 214 5.87 -52.07 10.61
CA ARG D 214 7.25 -51.76 10.24
C ARG D 214 8.23 -52.75 10.88
N TYR D 215 7.91 -53.25 12.06
CA TYR D 215 8.80 -54.22 12.71
C TYR D 215 8.71 -55.60 12.07
N LEU D 216 7.52 -56.00 11.65
CA LEU D 216 7.30 -57.35 11.14
C LEU D 216 7.36 -57.46 9.62
N ALA D 217 7.54 -56.35 8.90
CA ALA D 217 7.60 -56.43 7.44
C ALA D 217 8.74 -57.30 6.92
N PRO D 218 10.00 -57.16 7.38
CA PRO D 218 11.05 -58.02 6.85
C PRO D 218 10.80 -59.49 7.08
N TYR D 219 10.19 -59.86 8.21
CA TYR D 219 9.90 -61.26 8.47
C TYR D 219 8.84 -61.80 7.52
N ALA D 220 7.82 -60.99 7.21
CA ALA D 220 6.82 -61.41 6.24
C ALA D 220 7.45 -61.59 4.86
N GLY D 221 8.32 -60.66 4.46
CA GLY D 221 9.02 -60.82 3.20
C GLY D 221 9.87 -62.08 3.18
N MET D 222 10.53 -62.38 4.29
CA MET D 222 11.33 -63.60 4.36
C MET D 222 10.47 -64.84 4.32
N ALA D 223 9.26 -64.79 4.88
CA ALA D 223 8.34 -65.91 4.77
C ALA D 223 7.92 -66.15 3.32
N ILE D 224 7.64 -65.06 2.60
CA ILE D 224 7.33 -65.19 1.17
C ILE D 224 8.51 -65.79 0.41
N ALA D 225 9.71 -65.31 0.71
CA ALA D 225 10.91 -65.84 0.05
C ALA D 225 11.10 -67.32 0.38
N GLU D 226 10.80 -67.72 1.62
CA GLU D 226 10.92 -69.12 2.00
C GLU D 226 9.89 -69.98 1.28
N PHE D 227 8.68 -69.45 1.08
CA PHE D 227 7.70 -70.18 0.27
C PHE D 227 8.24 -70.39 -1.13
N PHE D 228 8.81 -69.35 -1.73
CA PHE D 228 9.34 -69.50 -3.08
C PHE D 228 10.54 -70.45 -3.12
N GLN D 229 11.34 -70.47 -2.07
CA GLN D 229 12.52 -71.33 -2.02
C GLN D 229 12.16 -72.79 -1.78
N GLN D 230 11.04 -73.06 -1.11
CA GLN D 230 10.63 -74.43 -0.86
C GLN D 230 10.24 -75.18 -2.13
N ILE D 231 10.05 -74.48 -3.24
CA ILE D 231 9.84 -75.14 -4.53
C ILE D 231 11.08 -74.93 -5.39
N GLY D 232 12.22 -74.77 -4.75
CA GLY D 232 13.51 -74.78 -5.43
C GLY D 232 13.77 -73.65 -6.40
N LYS D 233 13.45 -72.42 -6.01
CA LYS D 233 13.72 -71.25 -6.83
C LYS D 233 14.73 -70.35 -6.13
N ASP D 234 15.53 -69.64 -6.92
CA ASP D 234 16.46 -68.66 -6.38
C ASP D 234 15.74 -67.35 -6.13
N VAL D 235 15.85 -66.83 -4.92
CA VAL D 235 15.18 -65.61 -4.50
C VAL D 235 16.22 -64.58 -4.11
N LEU D 236 16.08 -63.36 -4.64
CA LEU D 236 16.93 -62.24 -4.29
C LEU D 236 16.10 -61.22 -3.52
N VAL D 237 16.47 -60.98 -2.26
CA VAL D 237 15.70 -60.15 -1.35
C VAL D 237 16.49 -58.89 -1.05
N VAL D 238 15.82 -57.74 -1.11
CA VAL D 238 16.45 -56.46 -0.82
C VAL D 238 15.64 -55.77 0.28
N MET D 239 16.25 -55.58 1.44
CA MET D 239 15.61 -54.93 2.57
C MET D 239 16.09 -53.49 2.67
N ASP D 240 15.17 -52.53 2.54
CA ASP D 240 15.50 -51.12 2.49
C ASP D 240 14.61 -50.37 3.47
N ASP D 241 15.14 -50.02 4.64
CA ASP D 241 16.49 -50.39 5.07
C ASP D 241 16.43 -50.77 6.55
N LEU D 242 17.44 -51.49 7.01
CA LEU D 242 17.39 -52.03 8.36
C LEU D 242 17.61 -51.00 9.45
N THR D 243 18.07 -49.79 9.10
CA THR D 243 18.09 -48.71 10.07
C THR D 243 16.67 -48.34 10.50
N ASN D 244 15.74 -48.25 9.54
CA ASN D 244 14.35 -47.98 9.87
C ASN D 244 13.75 -49.13 10.69
N HIS D 245 14.12 -50.36 10.37
CA HIS D 245 13.61 -51.51 11.13
C HIS D 245 14.10 -51.46 12.58
N ALA D 246 15.39 -51.14 12.77
CA ALA D 246 15.91 -51.00 14.12
C ALA D 246 15.22 -49.85 14.87
N ASP D 247 14.96 -48.75 14.16
CA ASP D 247 14.24 -47.64 14.80
C ASP D 247 12.83 -48.05 15.21
N ALA D 248 12.15 -48.81 14.35
CA ALA D 248 10.79 -49.25 14.69
C ALA D 248 10.80 -50.19 15.89
N TYR D 249 11.75 -51.12 15.93
CA TYR D 249 11.85 -52.01 17.09
C TYR D 249 12.17 -51.23 18.36
N ARG D 250 13.06 -50.25 18.27
CA ARG D 250 13.38 -49.44 19.44
C ARG D 250 12.17 -48.67 19.92
N GLU D 251 11.39 -48.11 18.99
CA GLU D 251 10.19 -47.37 19.36
C GLU D 251 9.20 -48.29 20.06
N LEU D 252 8.97 -49.48 19.50
CA LEU D 252 8.04 -50.43 20.11
C LEU D 252 8.50 -50.84 21.51
N SER D 253 9.80 -51.11 21.65
CA SER D 253 10.32 -51.55 22.94
C SER D 253 10.23 -50.45 23.98
N LEU D 254 10.59 -49.21 23.62
CA LEU D 254 10.55 -48.12 24.58
C LEU D 254 9.14 -47.74 24.95
N LEU D 255 8.19 -47.83 24.01
CA LEU D 255 6.80 -47.58 24.37
C LEU D 255 6.20 -48.72 25.18
N ALA D 256 6.73 -49.93 25.01
CA ALA D 256 6.27 -51.07 25.79
C ALA D 256 6.85 -51.12 27.20
N GLY D 257 7.80 -50.26 27.52
CA GLY D 257 8.36 -50.20 28.86
C GLY D 257 9.71 -50.88 29.04
N ILE D 258 10.36 -51.30 27.97
CA ILE D 258 11.66 -51.96 28.08
C ILE D 258 12.74 -50.91 28.36
N ALA D 259 13.75 -51.31 29.13
CA ALA D 259 14.85 -50.41 29.43
C ALA D 259 15.77 -50.26 28.22
N PRO D 260 16.40 -49.10 28.06
CA PRO D 260 17.29 -48.88 26.92
C PRO D 260 18.68 -49.47 27.17
N ALA D 261 19.52 -49.35 26.16
CA ALA D 261 20.88 -49.87 26.18
C ALA D 261 21.74 -48.94 25.30
N ARG D 262 22.87 -49.44 24.84
CA ARG D 262 23.77 -48.67 23.98
C ARG D 262 23.00 -47.98 22.87
N GLU D 263 23.13 -46.65 22.80
CA GLU D 263 22.46 -45.80 21.81
C GLU D 263 20.94 -45.88 21.91
N ALA D 264 20.43 -46.20 23.09
CA ALA D 264 19.01 -46.31 23.42
C ALA D 264 18.31 -47.47 22.73
N TYR D 265 19.01 -48.23 21.89
CA TYR D 265 18.41 -49.43 21.33
C TYR D 265 18.24 -50.49 22.41
N PRO D 266 17.22 -51.33 22.31
CA PRO D 266 17.06 -52.41 23.28
C PRO D 266 18.23 -53.39 23.23
N GLY D 267 18.35 -54.18 24.29
CA GLY D 267 19.51 -55.06 24.43
C GLY D 267 19.55 -56.21 23.45
N ASP D 268 18.42 -56.54 22.81
CA ASP D 268 18.33 -57.68 21.91
C ASP D 268 18.14 -57.29 20.46
N ILE D 269 18.61 -56.09 20.07
CA ILE D 269 18.48 -55.68 18.67
C ILE D 269 19.34 -56.56 17.78
N PHE D 270 20.51 -56.99 18.27
CA PHE D 270 21.35 -57.90 17.52
C PHE D 270 20.65 -59.22 17.27
N TYR D 271 19.98 -59.76 18.29
CA TYR D 271 19.24 -61.01 18.10
C TYR D 271 18.14 -60.83 17.07
N VAL D 272 17.44 -59.70 17.13
CA VAL D 272 16.41 -59.38 16.13
C VAL D 272 16.98 -59.51 14.73
N HIS D 273 18.04 -58.75 14.45
CA HIS D 273 18.57 -58.72 13.08
C HIS D 273 19.22 -60.05 12.69
N SER D 274 19.87 -60.73 13.63
CA SER D 274 20.55 -61.97 13.30
C SER D 274 19.55 -63.09 13.03
N SER D 275 18.51 -63.21 13.86
CA SER D 275 17.48 -64.21 13.59
C SER D 275 16.68 -63.87 12.35
N LEU D 276 16.58 -62.59 12.00
CA LEU D 276 15.95 -62.23 10.73
C LEU D 276 16.80 -62.68 9.54
N LEU D 277 18.09 -62.36 9.57
CA LEU D 277 18.96 -62.55 8.42
C LEU D 277 19.55 -63.96 8.30
N GLU D 278 19.42 -64.78 9.34
CA GLU D 278 19.93 -66.15 9.25
C GLU D 278 19.00 -67.08 8.50
N ARG D 279 17.91 -66.56 7.92
CA ARG D 279 16.98 -67.36 7.16
C ARG D 279 17.26 -67.36 5.66
N GLY D 280 18.35 -66.74 5.23
CA GLY D 280 18.76 -66.73 3.84
C GLY D 280 20.05 -67.49 3.65
N GLY D 281 20.14 -68.20 2.53
CA GLY D 281 21.33 -68.98 2.23
C GLY D 281 21.02 -70.01 1.16
N LYS D 282 22.02 -70.84 0.89
CA LYS D 282 21.91 -71.92 -0.08
C LYS D 282 21.55 -73.21 0.64
N TYR D 283 20.62 -73.97 0.07
CA TYR D 283 20.07 -75.14 0.72
C TYR D 283 20.21 -76.37 -0.18
N GLY D 284 20.37 -77.52 0.45
CA GLY D 284 20.49 -78.78 -0.25
C GLY D 284 19.18 -79.23 -0.87
N PRO D 285 19.25 -80.12 -1.85
CA PRO D 285 18.03 -80.53 -2.57
C PRO D 285 16.98 -81.17 -1.69
N GLU D 286 17.38 -81.85 -0.62
CA GLU D 286 16.41 -82.53 0.23
C GLU D 286 15.57 -81.57 1.06
N PHE D 287 15.91 -80.29 1.07
CA PHE D 287 15.21 -79.29 1.88
C PHE D 287 14.80 -78.10 1.04
N GLY D 288 14.32 -78.37 -0.17
CA GLY D 288 13.91 -77.32 -1.08
C GLY D 288 14.86 -77.11 -2.23
N GLY D 289 16.16 -77.12 -1.93
CA GLY D 289 17.17 -77.01 -2.97
C GLY D 289 17.16 -75.70 -3.73
N GLY D 290 16.97 -74.58 -3.03
CA GLY D 290 17.04 -73.28 -3.67
C GLY D 290 18.07 -72.37 -3.02
N SER D 291 17.79 -71.08 -3.02
CA SER D 291 18.67 -70.11 -2.37
C SER D 291 17.91 -68.83 -2.12
N ILE D 292 18.30 -68.11 -1.07
CA ILE D 292 17.73 -66.81 -0.73
C ILE D 292 18.90 -65.85 -0.52
N THR D 293 19.11 -64.97 -1.49
CA THR D 293 20.17 -63.97 -1.41
C THR D 293 19.59 -62.67 -0.89
N ILE D 294 20.23 -62.11 0.14
CA ILE D 294 19.74 -60.91 0.81
C ILE D 294 20.76 -59.79 0.62
N LEU D 295 20.26 -58.59 0.34
CA LEU D 295 21.09 -57.39 0.22
C LEU D 295 20.50 -56.32 1.13
N PRO D 296 20.75 -56.39 2.43
CA PRO D 296 20.27 -55.34 3.32
C PRO D 296 21.00 -54.02 3.09
N ILE D 297 20.32 -52.93 3.40
CA ILE D 297 20.85 -51.58 3.24
C ILE D 297 20.87 -50.91 4.61
N ALA D 298 21.94 -50.16 4.89
CA ALA D 298 22.04 -49.45 6.15
C ALA D 298 22.77 -48.13 5.96
N GLN D 299 22.43 -47.17 6.80
CA GLN D 299 22.91 -45.80 6.69
C GLN D 299 23.83 -45.47 7.85
N THR D 300 24.97 -44.86 7.54
CA THR D 300 25.89 -44.34 8.54
C THR D 300 25.67 -42.85 8.73
N LEU D 301 26.35 -42.30 9.74
CA LEU D 301 26.31 -40.88 10.04
C LEU D 301 27.71 -40.31 9.84
N ALA D 302 27.85 -39.42 8.86
CA ALA D 302 29.12 -38.77 8.53
C ALA D 302 30.22 -39.79 8.24
N GLY D 303 29.85 -40.93 7.65
CA GLY D 303 30.83 -41.93 7.28
C GLY D 303 31.39 -42.72 8.45
N ASP D 304 30.69 -42.76 9.57
CA ASP D 304 31.15 -43.47 10.76
C ASP D 304 30.74 -44.94 10.64
N ILE D 305 31.64 -45.76 10.11
CA ILE D 305 31.37 -47.18 9.94
C ILE D 305 31.39 -47.94 11.26
N SER D 306 31.86 -47.31 12.33
CA SER D 306 31.97 -47.96 13.64
C SER D 306 30.72 -47.76 14.49
N GLY D 307 29.60 -47.36 13.90
CA GLY D 307 28.37 -47.22 14.65
C GLY D 307 27.86 -48.55 15.15
N TYR D 308 26.89 -48.48 16.07
CA TYR D 308 26.40 -49.69 16.72
C TYR D 308 25.67 -50.60 15.73
N ILE D 309 24.72 -50.04 14.98
CA ILE D 309 23.92 -50.84 14.06
C ILE D 309 24.74 -51.26 12.83
N PRO D 310 25.54 -50.38 12.21
CA PRO D 310 26.39 -50.85 11.11
C PRO D 310 27.32 -51.99 11.50
N THR D 311 27.92 -51.93 12.68
CA THR D 311 28.81 -53.02 13.10
C THR D 311 28.04 -54.25 13.54
N ASN D 312 26.84 -54.08 14.10
CA ASN D 312 25.99 -55.23 14.38
C ASN D 312 25.64 -55.95 13.09
N LEU D 313 25.37 -55.20 12.02
CA LEU D 313 25.00 -55.83 10.75
C LEU D 313 26.21 -56.43 10.06
N ILE D 314 27.38 -55.80 10.18
CA ILE D 314 28.59 -56.36 9.56
C ILE D 314 28.92 -57.72 10.17
N SER D 315 28.65 -57.95 11.39
CA SER D 315 28.94 -59.22 12.04
C SER D 315 27.97 -60.30 11.67
N ILE D 316 26.91 -59.95 10.95
CA ILE D 316 25.92 -60.93 10.51
C ILE D 316 26.12 -61.30 9.04
N THR D 317 26.38 -60.32 8.19
CA THR D 317 26.41 -60.56 6.75
C THR D 317 27.78 -61.07 6.32
N ASP D 318 27.83 -61.51 5.06
CA ASP D 318 29.05 -62.08 4.48
C ASP D 318 29.80 -61.03 3.65
N GLY D 319 30.16 -59.94 4.30
CA GLY D 319 30.83 -58.84 3.65
C GLY D 319 29.91 -57.63 3.50
N GLN D 320 30.44 -56.60 2.86
CA GLN D 320 29.69 -55.36 2.73
C GLN D 320 30.22 -54.56 1.54
N ILE D 321 29.38 -53.63 1.07
CA ILE D 321 29.72 -52.68 0.04
C ILE D 321 29.54 -51.29 0.62
N TYR D 322 30.60 -50.50 0.64
CA TYR D 322 30.59 -49.18 1.24
C TYR D 322 30.56 -48.11 0.16
N THR D 323 29.58 -47.21 0.25
CA THR D 323 29.45 -46.10 -0.68
C THR D 323 29.89 -44.81 0.01
N SER D 324 30.81 -44.09 -0.63
CA SER D 324 31.46 -42.94 -0.03
C SER D 324 30.76 -41.66 -0.44
N ALA D 325 30.56 -40.75 0.52
CA ALA D 325 30.01 -39.45 0.21
C ALA D 325 31.04 -38.54 -0.45
N LYS D 326 32.32 -38.71 -0.11
CA LYS D 326 33.37 -37.96 -0.79
C LYS D 326 33.45 -38.33 -2.27
N LEU D 327 33.37 -39.61 -2.58
CA LEU D 327 33.37 -40.05 -3.97
C LEU D 327 32.12 -39.56 -4.69
N PHE D 328 30.97 -39.63 -4.03
CA PHE D 328 29.72 -39.20 -4.66
C PHE D 328 29.74 -37.71 -4.95
N ASN D 329 30.35 -36.92 -4.07
CA ASN D 329 30.42 -35.48 -4.29
C ASN D 329 31.25 -35.14 -5.54
N GLU D 330 32.20 -36.01 -5.90
CA GLU D 330 33.04 -35.80 -7.07
C GLU D 330 32.40 -36.29 -8.36
N GLY D 331 31.12 -36.65 -8.35
CA GLY D 331 30.49 -37.12 -9.56
C GLY D 331 30.87 -38.51 -9.98
N THR D 332 31.44 -39.32 -9.08
CA THR D 332 31.84 -40.68 -9.38
C THR D 332 30.70 -41.62 -8.99
N ARG D 333 29.99 -42.15 -9.99
CA ARG D 333 28.89 -43.06 -9.76
C ARG D 333 29.18 -44.39 -10.44
N PRO D 334 29.01 -45.52 -9.75
CA PRO D 334 28.63 -45.63 -8.33
C PRO D 334 29.76 -45.20 -7.41
N ALA D 335 29.43 -44.59 -6.28
CA ALA D 335 30.45 -44.10 -5.35
C ALA D 335 30.93 -45.19 -4.41
N ILE D 336 31.30 -46.33 -4.97
CA ILE D 336 31.72 -47.48 -4.18
C ILE D 336 33.18 -47.30 -3.78
N ASP D 337 33.45 -47.37 -2.48
CA ASP D 337 34.81 -47.35 -1.97
C ASP D 337 35.29 -48.80 -1.87
N VAL D 338 36.07 -49.23 -2.85
CA VAL D 338 36.49 -50.63 -2.90
C VAL D 338 37.42 -50.97 -1.74
N ASN D 339 38.26 -50.02 -1.31
CA ASN D 339 39.19 -50.29 -0.24
C ASN D 339 38.50 -50.60 1.07
N LEU D 340 37.32 -50.02 1.30
CA LEU D 340 36.56 -50.26 2.52
C LEU D 340 35.51 -51.34 2.36
N SER D 341 35.37 -51.92 1.18
CA SER D 341 34.41 -52.99 0.93
C SER D 341 35.13 -54.33 0.85
N VAL D 342 34.36 -55.41 0.96
CA VAL D 342 34.91 -56.76 0.92
C VAL D 342 33.78 -57.72 0.63
N SER D 343 34.12 -58.86 0.03
CA SER D 343 33.23 -60.01 -0.08
C SER D 343 33.94 -61.22 0.52
N ARG D 344 33.32 -61.87 1.48
CA ARG D 344 33.99 -62.96 2.17
C ARG D 344 33.92 -64.26 1.41
N LEU D 345 33.06 -64.36 0.41
CA LEU D 345 33.03 -65.56 -0.41
C LEU D 345 34.23 -65.61 -1.36
N GLY D 346 34.60 -64.46 -1.92
CA GLY D 346 35.76 -64.39 -2.79
C GLY D 346 35.57 -65.15 -4.09
N SER D 347 36.69 -65.66 -4.62
CA SER D 347 36.69 -66.31 -5.92
C SER D 347 35.83 -67.57 -5.94
N ALA D 348 35.45 -68.10 -4.78
CA ALA D 348 34.55 -69.23 -4.74
C ALA D 348 33.14 -68.89 -5.20
N ALA D 349 32.81 -67.61 -5.33
CA ALA D 349 31.50 -67.17 -5.78
C ALA D 349 31.56 -66.56 -7.18
N GLN D 350 32.51 -67.01 -8.00
CA GLN D 350 32.71 -66.48 -9.34
C GLN D 350 32.84 -67.63 -10.32
N SER D 351 32.68 -67.30 -11.61
CA SER D 351 33.02 -68.23 -12.67
C SER D 351 34.54 -68.33 -12.80
N LYS D 352 34.99 -69.39 -13.47
CA LYS D 352 36.43 -69.64 -13.59
C LYS D 352 37.12 -68.51 -14.34
N PHE D 353 36.53 -68.07 -15.45
CA PHE D 353 37.16 -66.99 -16.21
C PHE D 353 37.14 -65.68 -15.44
N MET D 354 36.04 -65.40 -14.74
CA MET D 354 35.98 -64.19 -13.92
C MET D 354 36.96 -64.27 -12.75
N ALA D 355 37.08 -65.44 -12.14
CA ALA D 355 38.04 -65.61 -11.05
C ALA D 355 39.48 -65.41 -11.54
N PHE D 356 39.80 -65.93 -12.71
CA PHE D 356 41.15 -65.75 -13.24
C PHE D 356 41.41 -64.32 -13.69
N ALA D 357 40.38 -63.63 -14.19
CA ALA D 357 40.57 -62.29 -14.75
C ALA D 357 40.95 -61.27 -13.69
N SER D 358 40.44 -61.42 -12.47
CA SER D 358 40.63 -60.44 -11.41
C SER D 358 41.20 -61.09 -10.16
N SER D 359 42.28 -61.86 -10.33
CA SER D 359 42.77 -62.71 -9.24
C SER D 359 43.29 -61.88 -8.08
N GLY D 360 44.14 -60.90 -8.36
CA GLY D 360 44.76 -60.13 -7.30
C GLY D 360 44.65 -58.63 -7.47
N LEU D 361 43.51 -58.16 -7.96
CA LEU D 361 43.35 -56.74 -8.25
C LEU D 361 42.93 -55.94 -7.02
N LYS D 362 42.11 -56.52 -6.14
CA LYS D 362 41.71 -55.82 -4.93
C LYS D 362 42.90 -55.53 -4.02
N LYS D 363 43.79 -56.52 -3.86
CA LYS D 363 45.00 -56.29 -3.08
C LYS D 363 45.88 -55.24 -3.72
N ILE D 364 45.96 -55.23 -5.05
CA ILE D 364 46.73 -54.22 -5.77
C ILE D 364 46.13 -52.83 -5.51
N TYR D 365 44.80 -52.73 -5.48
CA TYR D 365 44.17 -51.45 -5.22
C TYR D 365 44.43 -50.97 -3.80
N THR D 366 44.39 -51.89 -2.83
CA THR D 366 44.72 -51.50 -1.46
C THR D 366 46.16 -51.03 -1.35
N GLU D 367 47.09 -51.73 -2.02
CA GLU D 367 48.48 -51.29 -2.05
C GLU D 367 48.62 -49.94 -2.72
N TYR D 368 47.82 -49.69 -3.76
CA TYR D 368 47.89 -48.42 -4.47
C TYR D 368 47.46 -47.27 -3.57
N LYS D 369 46.37 -47.47 -2.82
CA LYS D 369 45.98 -46.47 -1.83
C LYS D 369 47.06 -46.28 -0.77
N TYR D 370 47.65 -47.37 -0.27
CA TYR D 370 48.68 -47.23 0.77
C TYR D 370 49.86 -46.42 0.26
N LEU D 371 50.34 -46.70 -0.96
CA LEU D 371 51.44 -45.90 -1.52
C LEU D 371 51.02 -44.46 -1.78
N LYS D 372 49.76 -44.25 -2.21
CA LYS D 372 49.33 -42.88 -2.47
C LYS D 372 49.26 -42.05 -1.18
N ARG D 373 48.95 -42.69 -0.06
CA ARG D 373 48.86 -41.98 1.21
C ARG D 373 50.18 -41.95 1.97
N LEU D 374 51.26 -42.45 1.37
CA LEU D 374 52.54 -42.59 2.04
C LEU D 374 53.49 -41.47 1.62
N SER D 375 54.20 -40.90 2.59
CA SER D 375 55.19 -39.86 2.33
C SER D 375 56.57 -40.38 2.70
N SER D 376 57.50 -40.29 1.76
CA SER D 376 58.83 -40.86 1.92
C SER D 376 59.90 -39.81 1.60
N PHE D 377 61.14 -40.15 1.90
CA PHE D 377 62.27 -39.26 1.70
C PHE D 377 62.84 -39.36 0.29
N SER D 378 62.99 -40.57 -0.24
CA SER D 378 63.56 -40.78 -1.56
C SER D 378 62.45 -40.63 -2.59
N SER D 379 62.50 -39.56 -3.39
CA SER D 379 61.52 -39.32 -4.43
C SER D 379 61.73 -40.23 -5.65
N LYS D 380 62.59 -41.24 -5.54
CA LYS D 380 62.75 -42.24 -6.59
C LYS D 380 61.77 -43.39 -6.33
N ILE D 381 61.01 -43.75 -7.36
CA ILE D 381 59.97 -44.77 -7.26
C ILE D 381 60.44 -46.00 -7.99
N SER D 382 60.45 -47.14 -7.30
CA SER D 382 60.88 -48.39 -7.92
C SER D 382 59.88 -48.82 -8.99
N ASN D 383 60.33 -49.73 -9.86
CA ASN D 383 59.48 -50.16 -10.97
C ASN D 383 58.22 -50.85 -10.47
N ARG D 384 58.33 -51.63 -9.39
CA ARG D 384 57.16 -52.32 -8.85
C ARG D 384 56.12 -51.32 -8.35
N ASP D 385 56.57 -50.28 -7.65
CA ASP D 385 55.64 -49.26 -7.18
C ASP D 385 55.03 -48.49 -8.33
N LEU D 386 55.80 -48.22 -9.38
CA LEU D 386 55.26 -47.55 -10.56
C LEU D 386 54.18 -48.41 -11.22
N GLU D 387 54.43 -49.71 -11.34
CA GLU D 387 53.42 -50.61 -11.89
C GLU D 387 52.17 -50.62 -11.04
N THR D 388 52.34 -50.66 -9.71
CA THR D 388 51.19 -50.67 -8.82
C THR D 388 50.37 -49.40 -8.96
N LEU D 389 51.04 -48.24 -9.00
CA LEU D 389 50.34 -46.97 -9.14
C LEU D 389 49.59 -46.90 -10.47
N GLN D 390 50.25 -47.31 -11.55
CA GLN D 390 49.61 -47.26 -12.87
C GLN D 390 48.40 -48.19 -12.93
N LYS D 391 48.54 -49.41 -12.40
CA LYS D 391 47.43 -50.35 -12.45
C LYS D 391 46.28 -49.90 -11.57
N GLY D 392 46.57 -49.29 -10.42
CA GLY D 392 45.51 -48.75 -9.58
C GLY D 392 44.76 -47.61 -10.25
N LYS D 393 45.50 -46.69 -10.87
CA LYS D 393 44.84 -45.60 -11.58
C LYS D 393 44.00 -46.14 -12.74
N ALA D 394 44.50 -47.16 -13.44
CA ALA D 394 43.72 -47.77 -14.51
C ALA D 394 42.47 -48.44 -13.97
N PHE D 395 42.58 -49.12 -12.83
CA PHE D 395 41.42 -49.76 -12.22
C PHE D 395 40.37 -48.74 -11.81
N GLU D 396 40.80 -47.56 -11.38
CA GLU D 396 39.85 -46.53 -10.95
C GLU D 396 38.91 -46.09 -12.06
N SER D 397 39.26 -46.33 -13.32
CA SER D 397 38.46 -45.89 -14.45
C SER D 397 37.44 -46.93 -14.92
N LEU D 398 37.46 -48.13 -14.33
CA LEU D 398 36.46 -49.14 -14.64
C LEU D 398 35.25 -49.08 -13.73
N ILE D 399 35.32 -48.32 -12.63
CA ILE D 399 34.21 -48.26 -11.69
C ILE D 399 33.03 -47.50 -12.28
N ASP D 400 33.30 -46.43 -13.02
CA ASP D 400 32.24 -45.54 -13.49
C ASP D 400 31.26 -46.29 -14.40
N GLN D 401 29.98 -46.06 -14.17
CA GLN D 401 28.91 -46.77 -14.87
C GLN D 401 27.60 -46.02 -14.64
N ALA D 402 26.83 -45.85 -15.71
CA ALA D 402 25.64 -45.03 -15.66
C ALA D 402 24.54 -45.70 -14.83
N GLU D 403 23.53 -44.91 -14.46
CA GLU D 403 22.45 -45.39 -13.63
C GLU D 403 21.57 -46.38 -14.39
N TYR D 404 21.17 -47.45 -13.71
CA TYR D 404 20.28 -48.47 -14.25
C TYR D 404 20.88 -49.16 -15.48
N GLU D 405 22.21 -49.17 -15.56
CA GLU D 405 22.92 -49.79 -16.68
C GLU D 405 23.38 -51.19 -16.25
N VAL D 406 22.96 -52.20 -17.00
CA VAL D 406 23.34 -53.58 -16.73
C VAL D 406 24.42 -53.98 -17.71
N ILE D 407 25.61 -54.29 -17.19
CA ILE D 407 26.73 -54.74 -17.99
C ILE D 407 26.83 -56.25 -17.85
N ASP D 408 27.00 -56.94 -18.97
CA ASP D 408 27.04 -58.40 -18.96
C ASP D 408 28.23 -58.90 -18.15
N TYR D 409 28.09 -60.11 -17.62
CA TYR D 409 29.15 -60.72 -16.83
C TYR D 409 30.43 -60.88 -17.65
N GLU D 410 30.29 -61.34 -18.90
CA GLU D 410 31.46 -61.58 -19.73
C GLU D 410 32.14 -60.28 -20.14
N THR D 411 31.39 -59.20 -20.33
CA THR D 411 32.02 -57.91 -20.60
C THR D 411 32.88 -57.47 -19.41
N SER D 412 32.37 -57.65 -18.20
CA SER D 412 33.15 -57.32 -17.01
C SER D 412 34.39 -58.19 -16.92
N ALA D 413 34.25 -59.48 -17.21
CA ALA D 413 35.40 -60.38 -17.18
C ALA D 413 36.46 -59.97 -18.20
N ILE D 414 36.03 -59.61 -19.42
CA ILE D 414 36.96 -59.20 -20.45
C ILE D 414 37.67 -57.91 -20.07
N LEU D 415 36.93 -56.94 -19.51
CA LEU D 415 37.56 -55.70 -19.10
C LEU D 415 38.57 -55.92 -17.98
N PHE D 416 38.22 -56.77 -17.00
CA PHE D 416 39.17 -57.08 -15.94
C PHE D 416 40.39 -57.83 -16.46
N LEU D 417 40.19 -58.69 -17.45
CA LEU D 417 41.33 -59.37 -18.09
C LEU D 417 42.25 -58.37 -18.76
N LEU D 418 41.68 -57.43 -19.51
CA LEU D 418 42.48 -56.40 -20.16
C LEU D 418 43.25 -55.59 -19.14
N LEU D 419 42.60 -55.26 -18.02
CA LEU D 419 43.29 -54.54 -16.95
C LEU D 419 44.44 -55.36 -16.37
N LYS D 420 44.18 -56.65 -16.12
CA LYS D 420 45.17 -57.50 -15.47
C LYS D 420 46.40 -57.72 -16.35
N LYS D 421 46.18 -57.92 -17.65
CA LYS D 421 47.31 -58.18 -18.54
C LYS D 421 48.18 -56.97 -18.78
N GLY D 422 47.76 -55.78 -18.35
CA GLY D 422 48.60 -54.61 -18.41
C GLY D 422 48.37 -53.69 -19.61
N PHE D 423 47.31 -53.91 -20.38
CA PHE D 423 47.09 -53.12 -21.59
C PHE D 423 46.56 -51.73 -21.31
N LEU D 424 45.96 -51.50 -20.13
CA LEU D 424 45.34 -50.22 -19.83
C LEU D 424 46.24 -49.27 -19.05
N ASN D 425 47.49 -49.68 -18.77
CA ASN D 425 48.37 -48.81 -17.99
C ASN D 425 48.81 -47.59 -18.80
N PHE D 426 48.95 -47.74 -20.12
CA PHE D 426 49.45 -46.65 -20.95
C PHE D 426 48.53 -45.44 -20.94
N TYR D 427 47.28 -45.61 -20.53
CA TYR D 427 46.35 -44.50 -20.38
C TYR D 427 46.53 -43.74 -19.07
N THR D 428 47.67 -43.91 -18.39
CA THR D 428 47.85 -43.27 -17.09
C THR D 428 47.88 -41.75 -17.19
N GLU D 429 48.05 -41.19 -18.39
CA GLU D 429 48.05 -39.75 -18.58
C GLU D 429 46.72 -39.20 -19.09
N LYS D 430 45.97 -39.99 -19.86
CA LYS D 430 44.68 -39.58 -20.39
C LYS D 430 43.62 -40.54 -19.86
N THR D 431 42.66 -40.01 -19.11
CA THR D 431 41.56 -40.83 -18.58
C THR D 431 40.28 -40.72 -19.39
N GLU D 432 40.03 -39.58 -20.03
CA GLU D 432 38.88 -39.47 -20.93
C GLU D 432 39.02 -40.41 -22.11
N ALA D 433 40.25 -40.56 -22.63
CA ALA D 433 40.47 -41.51 -23.72
C ALA D 433 40.21 -42.94 -23.25
N LEU D 434 40.61 -43.25 -22.02
CA LEU D 434 40.31 -44.56 -21.46
C LEU D 434 38.80 -44.79 -21.35
N LYS D 435 38.07 -43.77 -20.91
CA LYS D 435 36.62 -43.90 -20.84
C LYS D 435 36.02 -44.14 -22.21
N VAL D 436 36.51 -43.43 -23.22
CA VAL D 436 36.00 -43.60 -24.59
C VAL D 436 36.27 -45.01 -25.07
N ILE D 437 37.48 -45.52 -24.84
CA ILE D 437 37.81 -46.85 -25.35
C ILE D 437 37.02 -47.93 -24.61
N ILE D 438 36.77 -47.73 -23.31
CA ILE D 438 35.95 -48.70 -22.58
C ILE D 438 34.51 -48.68 -23.10
N GLY D 439 33.98 -47.49 -23.38
CA GLY D 439 32.64 -47.42 -23.96
C GLY D 439 32.56 -48.10 -25.32
N VAL D 440 33.58 -47.89 -26.16
CA VAL D 440 33.60 -48.51 -27.47
C VAL D 440 33.67 -50.03 -27.34
N ILE D 441 34.51 -50.53 -26.43
CA ILE D 441 34.64 -51.97 -26.27
C ILE D 441 33.33 -52.57 -25.75
N LYS D 442 32.67 -51.90 -24.80
CA LYS D 442 31.39 -52.38 -24.31
C LYS D 442 30.34 -52.41 -25.40
N VAL D 443 30.28 -51.37 -26.22
CA VAL D 443 29.31 -51.33 -27.32
C VAL D 443 29.59 -52.47 -28.30
N PHE D 444 30.87 -52.68 -28.63
CA PHE D 444 31.23 -53.74 -29.57
C PHE D 444 30.82 -55.10 -29.02
N LEU D 445 31.10 -55.36 -27.75
CA LEU D 445 30.78 -56.65 -27.16
C LEU D 445 29.28 -56.84 -26.96
N ALA D 446 28.52 -55.77 -26.82
CA ALA D 446 27.09 -55.90 -26.61
C ALA D 446 26.29 -56.01 -27.91
N LYS D 447 26.67 -55.26 -28.94
CA LYS D 447 25.86 -55.15 -30.16
C LYS D 447 26.33 -56.06 -31.28
N ASP D 448 27.62 -56.05 -31.60
CA ASP D 448 28.13 -56.81 -32.72
C ASP D 448 27.96 -58.31 -32.50
N VAL D 449 27.71 -59.05 -33.58
CA VAL D 449 27.58 -60.50 -33.47
C VAL D 449 28.93 -61.13 -33.14
N LEU D 450 30.03 -60.49 -33.54
CA LEU D 450 31.34 -61.01 -33.18
C LEU D 450 31.64 -60.79 -31.69
N GLY D 451 31.13 -59.71 -31.11
CA GLY D 451 31.28 -59.53 -29.68
C GLY D 451 30.52 -60.58 -28.88
N ARG D 452 29.28 -60.86 -29.28
CA ARG D 452 28.53 -61.92 -28.60
C ARG D 452 29.15 -63.29 -28.83
N LYS D 453 29.73 -63.52 -30.02
CA LYS D 453 30.45 -64.76 -30.24
C LYS D 453 31.68 -64.85 -29.34
N MET D 454 32.39 -63.74 -29.15
CA MET D 454 33.53 -63.72 -28.26
C MET D 454 33.13 -64.06 -26.84
N ARG D 455 32.04 -63.45 -26.36
CA ARG D 455 31.56 -63.75 -25.01
C ARG D 455 31.12 -65.21 -24.89
N ALA D 456 30.44 -65.73 -25.91
CA ALA D 456 29.96 -67.11 -25.86
C ALA D 456 31.13 -68.09 -25.82
N ILE D 457 32.15 -67.87 -26.66
CA ILE D 457 33.28 -68.79 -26.67
C ILE D 457 34.12 -68.61 -25.41
N LEU D 458 34.12 -67.42 -24.82
CA LEU D 458 34.75 -67.26 -23.51
C LEU D 458 34.06 -68.12 -22.46
N VAL D 459 32.72 -68.15 -22.50
CA VAL D 459 31.98 -68.99 -21.56
C VAL D 459 32.27 -70.48 -21.81
N GLU D 460 32.21 -70.98 -22.98
CA GLU D 460 32.32 -72.44 -23.22
C GLU D 460 33.69 -73.05 -23.39
N HIS D 461 34.63 -72.25 -23.92
CA HIS D 461 35.99 -72.78 -24.08
C HIS D 461 37.01 -72.21 -23.10
N GLY D 462 36.67 -71.16 -22.36
CA GLY D 462 37.60 -70.63 -21.38
C GLY D 462 38.62 -69.68 -21.97
N ILE D 463 39.36 -69.02 -21.07
CA ILE D 463 40.34 -68.01 -21.47
C ILE D 463 41.54 -68.67 -22.14
N ASP D 464 42.01 -69.80 -21.61
CA ASP D 464 43.25 -70.41 -22.07
C ASP D 464 43.13 -71.03 -23.46
N SER D 465 41.94 -71.13 -24.02
CA SER D 465 41.77 -71.78 -25.31
C SER D 465 42.41 -70.94 -26.42
N ILE D 466 42.71 -71.62 -27.53
CA ILE D 466 43.34 -70.94 -28.67
C ILE D 466 42.35 -70.01 -29.35
N VAL D 467 41.09 -70.42 -29.46
CA VAL D 467 40.10 -69.61 -30.17
C VAL D 467 39.91 -68.27 -29.50
N TRP D 468 39.82 -68.24 -28.17
CA TRP D 468 39.61 -66.97 -27.48
C TRP D 468 40.84 -66.09 -27.57
N ASN D 469 42.03 -66.70 -27.52
CA ASN D 469 43.25 -65.93 -27.73
C ASN D 469 43.27 -65.28 -29.11
N LEU D 470 42.86 -66.03 -30.14
CA LEU D 470 42.79 -65.46 -31.48
C LEU D 470 41.78 -64.33 -31.54
N TYR D 471 40.62 -64.50 -30.92
CA TYR D 471 39.61 -63.45 -30.91
C TYR D 471 40.14 -62.18 -30.24
N LEU D 472 40.80 -62.35 -29.10
CA LEU D 472 41.38 -61.20 -28.40
C LEU D 472 42.45 -60.52 -29.24
N ASN D 473 43.28 -61.31 -29.92
CA ASN D 473 44.40 -60.74 -30.66
C ASN D 473 43.96 -60.08 -31.96
N HIS D 474 42.85 -60.52 -32.55
CA HIS D 474 42.43 -59.99 -33.84
C HIS D 474 41.25 -59.02 -33.75
N MET D 475 40.59 -58.91 -32.60
CA MET D 475 39.42 -58.05 -32.49
C MET D 475 39.59 -56.89 -31.54
N ILE D 476 40.09 -57.13 -30.33
CA ILE D 476 40.11 -56.12 -29.28
C ILE D 476 41.46 -55.41 -29.20
N LEU D 477 42.54 -56.18 -29.15
CA LEU D 477 43.87 -55.58 -29.03
C LEU D 477 44.23 -54.62 -30.17
N PRO D 478 43.94 -54.92 -31.45
CA PRO D 478 44.24 -53.92 -32.49
C PRO D 478 43.57 -52.58 -32.25
N LEU D 479 42.32 -52.60 -31.76
CA LEU D 479 41.62 -51.35 -31.47
C LEU D 479 42.33 -50.55 -30.38
N LEU D 480 42.77 -51.24 -29.32
CA LEU D 480 43.50 -50.56 -28.26
C LEU D 480 44.81 -49.98 -28.79
N LYS D 481 45.52 -50.73 -29.63
CA LYS D 481 46.77 -50.24 -30.19
C LYS D 481 46.54 -48.99 -31.03
N TYR D 482 45.51 -49.03 -31.89
CA TYR D 482 45.22 -47.88 -32.73
C TYR D 482 44.87 -46.66 -31.88
N HIS D 483 44.03 -46.86 -30.86
CA HIS D 483 43.62 -45.74 -30.02
C HIS D 483 44.81 -45.15 -29.25
N LEU D 484 45.68 -46.02 -28.73
CA LEU D 484 46.85 -45.53 -28.01
C LEU D 484 47.79 -44.77 -28.93
N LEU D 485 47.99 -45.26 -30.16
CA LEU D 485 48.80 -44.51 -31.12
C LEU D 485 48.17 -43.17 -31.46
N SER D 486 46.84 -43.14 -31.61
CA SER D 486 46.16 -41.90 -31.98
C SER D 486 46.26 -40.86 -30.87
N GLU D 487 45.95 -41.26 -29.64
CA GLU D 487 45.91 -40.29 -28.55
C GLU D 487 47.30 -39.93 -28.06
N LEU D 488 48.22 -40.88 -28.02
CA LEU D 488 49.58 -40.66 -27.53
C LEU D 488 50.56 -41.19 -28.57
N GLN D 489 51.10 -40.29 -29.40
CA GLN D 489 51.98 -40.71 -30.48
C GLN D 489 53.31 -41.24 -29.96
N TYR D 490 53.82 -40.66 -28.87
CA TYR D 490 55.14 -41.03 -28.39
C TYR D 490 55.22 -42.49 -27.98
N LEU D 491 54.08 -43.14 -27.76
CA LEU D 491 54.07 -44.56 -27.42
C LEU D 491 54.55 -45.44 -28.57
N ALA D 492 54.71 -44.89 -29.77
CA ALA D 492 55.26 -45.66 -30.88
C ALA D 492 56.70 -46.11 -30.62
N THR D 493 57.41 -45.45 -29.71
CA THR D 493 58.79 -45.76 -29.41
C THR D 493 59.00 -46.33 -28.02
N ASN D 494 57.96 -46.40 -27.20
CA ASN D 494 58.10 -46.91 -25.84
C ASN D 494 58.49 -48.38 -25.87
N ARG D 495 59.37 -48.77 -24.94
CA ARG D 495 59.89 -50.14 -24.94
C ARG D 495 58.79 -51.15 -24.61
N GLU D 496 58.04 -50.90 -23.54
CA GLU D 496 56.98 -51.84 -23.14
C GLU D 496 55.88 -51.89 -24.18
N PHE D 497 55.53 -50.75 -24.77
CA PHE D 497 54.52 -50.72 -25.81
C PHE D 497 54.92 -51.59 -27.00
N ILE D 498 56.18 -51.51 -27.41
CA ILE D 498 56.68 -52.36 -28.48
C ILE D 498 56.66 -53.82 -28.04
N LYS D 499 56.99 -54.07 -26.77
CA LYS D 499 57.05 -55.44 -26.28
C LYS D 499 55.69 -56.12 -26.31
N LYS D 500 54.64 -55.39 -25.90
CA LYS D 500 53.31 -55.99 -25.84
C LYS D 500 52.62 -55.96 -27.20
N PHE D 501 52.59 -54.78 -27.84
CA PHE D 501 51.96 -54.63 -29.14
C PHE D 501 52.99 -54.85 -30.25
N LYS D 502 53.44 -56.10 -30.34
CA LYS D 502 54.47 -56.49 -31.30
C LYS D 502 53.86 -57.15 -32.53
N ASP D 503 53.10 -58.24 -32.33
CA ASP D 503 52.43 -58.95 -33.41
C ASP D 503 50.97 -58.52 -33.57
N ILE D 504 50.65 -57.27 -33.21
CA ILE D 504 49.29 -56.75 -33.27
C ILE D 504 49.23 -55.71 -34.37
N ARG D 505 48.31 -55.90 -35.30
CA ARG D 505 48.12 -54.93 -36.38
C ARG D 505 47.44 -53.67 -35.85
N ASN D 506 47.83 -52.52 -36.38
CA ASN D 506 47.27 -51.23 -35.98
C ASN D 506 45.96 -51.00 -36.74
N ASP D 507 44.94 -51.74 -36.33
CA ASP D 507 43.62 -51.66 -36.94
C ASP D 507 42.69 -50.92 -35.99
N GLY D 508 42.03 -49.88 -36.51
CA GLY D 508 41.13 -49.09 -35.70
C GLY D 508 39.85 -48.71 -36.42
N ARG D 509 39.40 -49.58 -37.32
CA ARG D 509 38.22 -49.28 -38.12
C ARG D 509 36.92 -49.43 -37.33
N ILE D 510 36.92 -50.19 -36.24
CA ILE D 510 35.71 -50.33 -35.42
C ILE D 510 35.36 -49.01 -34.76
N LEU D 511 36.34 -48.37 -34.13
CA LEU D 511 36.09 -47.09 -33.48
C LEU D 511 35.65 -46.04 -34.49
N LEU D 512 36.31 -45.99 -35.64
CA LEU D 512 35.94 -45.01 -36.66
C LEU D 512 34.54 -45.27 -37.20
N ALA D 513 34.19 -46.54 -37.40
CA ALA D 513 32.84 -46.87 -37.86
C ALA D 513 31.79 -46.45 -36.85
N TYR D 514 32.05 -46.72 -35.56
CA TYR D 514 31.08 -46.34 -34.53
C TYR D 514 30.98 -44.83 -34.40
N GLU D 515 32.10 -44.13 -34.53
CA GLU D 515 32.07 -42.66 -34.51
C GLU D 515 31.26 -42.12 -35.68
N ARG D 516 31.45 -42.68 -36.87
CA ARG D 516 30.66 -42.28 -38.03
C ARG D 516 29.18 -42.54 -37.79
N LYS D 517 28.84 -43.72 -37.25
CA LYS D 517 27.45 -44.04 -36.99
C LYS D 517 26.82 -43.07 -36.01
N GLY D 518 27.55 -42.73 -34.94
CA GLY D 518 27.03 -41.77 -33.99
C GLY D 518 26.87 -40.38 -34.58
N TYR D 519 27.86 -39.92 -35.35
CA TYR D 519 27.82 -38.59 -35.94
C TYR D 519 26.94 -38.52 -37.18
N GLU D 520 26.47 -39.65 -37.71
CA GLU D 520 25.61 -39.61 -38.89
C GLU D 520 24.29 -38.93 -38.62
N ARG D 521 23.83 -38.89 -37.37
CA ARG D 521 22.71 -38.05 -36.98
C ARG D 521 23.23 -36.69 -36.51
N GLY D 522 23.98 -36.05 -37.40
CA GLY D 522 24.61 -34.78 -37.11
C GLY D 522 24.16 -33.71 -38.07
N ILE D 523 24.12 -32.47 -37.58
CA ILE D 523 23.62 -31.33 -38.34
C ILE D 523 24.66 -30.22 -38.31
N ALA D 524 24.81 -29.53 -39.45
CA ALA D 524 25.81 -28.48 -39.53
C ALA D 524 25.45 -27.29 -38.66
N TYR D 525 24.16 -26.93 -38.60
CA TYR D 525 23.70 -25.78 -37.84
C TYR D 525 22.67 -26.23 -36.82
N ASP D 526 22.91 -25.91 -35.55
CA ASP D 526 21.98 -26.25 -34.50
C ASP D 526 20.75 -25.35 -34.52
N TYR D 527 19.63 -25.87 -34.00
CA TYR D 527 18.35 -25.11 -34.05
C TYR D 527 18.20 -24.27 -32.80
N LYS D 528 18.47 -24.86 -31.64
CA LYS D 528 18.36 -24.14 -30.35
C LYS D 528 19.20 -22.86 -30.42
N MET E 1 16.40 -73.60 67.64
CA MET E 1 16.94 -72.24 67.70
C MET E 1 16.55 -71.46 66.45
N LYS E 2 16.33 -72.19 65.36
CA LYS E 2 15.93 -71.54 64.11
C LYS E 2 14.58 -70.85 64.27
N ASN E 3 14.50 -69.61 63.81
CA ASN E 3 13.28 -68.82 63.89
C ASN E 3 12.91 -68.11 62.60
N LEU E 4 13.72 -68.26 61.54
CA LEU E 4 13.43 -67.67 60.24
C LEU E 4 13.18 -68.77 59.22
N LYS E 5 12.35 -68.48 58.23
CA LYS E 5 12.10 -69.41 57.14
C LYS E 5 12.22 -68.71 55.80
N ILE E 6 12.69 -69.43 54.81
CA ILE E 6 12.90 -68.87 53.48
C ILE E 6 11.55 -68.74 52.77
N THR E 7 11.32 -67.59 52.14
CA THR E 7 10.10 -67.35 51.39
C THR E 7 10.31 -67.15 49.90
N ALA E 8 11.52 -66.83 49.46
CA ALA E 8 11.79 -66.65 48.04
C ALA E 8 13.29 -66.77 47.79
N ILE E 9 13.65 -67.06 46.54
CA ILE E 9 15.04 -67.15 46.11
C ILE E 9 15.19 -66.46 44.77
N LYS E 10 15.75 -65.25 44.77
CA LYS E 10 15.92 -64.47 43.55
C LYS E 10 17.34 -63.95 43.48
N ASP E 11 18.00 -64.18 42.33
CA ASP E 11 19.32 -63.62 42.04
C ASP E 11 20.35 -64.05 43.07
N ASN E 12 20.27 -65.32 43.50
CA ASN E 12 21.13 -65.91 44.51
C ASN E 12 20.97 -65.24 45.88
N LEU E 13 19.95 -64.41 46.06
CA LEU E 13 19.69 -63.73 47.32
C LEU E 13 18.51 -64.40 48.01
N ILE E 14 18.70 -64.76 49.27
CA ILE E 14 17.67 -65.43 50.05
C ILE E 14 16.78 -64.37 50.69
N PHE E 15 15.48 -64.64 50.72
CA PHE E 15 14.51 -63.79 51.39
C PHE E 15 13.99 -64.56 52.60
N VAL E 16 14.16 -63.99 53.79
CA VAL E 16 13.85 -64.68 55.04
C VAL E 16 12.73 -63.96 55.76
N GLU E 17 11.80 -64.73 56.31
CA GLU E 17 10.65 -64.23 57.05
C GLU E 17 10.74 -64.71 58.49
N GLY E 18 10.45 -63.81 59.41
CA GLY E 18 10.48 -64.11 60.82
C GLY E 18 10.59 -62.86 61.66
N GLU E 19 10.27 -62.99 62.94
CA GLU E 19 10.33 -61.87 63.88
C GLU E 19 11.69 -61.85 64.53
N HIS E 20 12.47 -60.81 64.27
CA HIS E 20 13.82 -60.71 64.81
C HIS E 20 14.25 -59.25 64.80
N GLN E 21 15.27 -58.94 65.61
CA GLN E 21 15.86 -57.62 65.65
C GLN E 21 17.06 -57.58 64.69
N PHE E 22 16.73 -57.55 63.40
CA PHE E 22 17.76 -57.58 62.37
C PHE E 22 18.64 -56.35 62.43
N SER E 23 19.91 -56.54 62.10
CA SER E 23 20.88 -55.45 61.99
C SER E 23 21.62 -55.59 60.67
N PHE E 24 22.20 -54.48 60.23
CA PHE E 24 22.93 -54.46 58.97
C PHE E 24 24.14 -55.39 59.04
N LEU E 25 24.32 -56.18 57.98
CA LEU E 25 25.40 -57.15 57.86
C LEU E 25 25.39 -58.19 58.98
N GLU E 26 24.24 -58.43 59.58
CA GLU E 26 24.12 -59.46 60.61
C GLU E 26 24.27 -60.84 59.98
N ILE E 27 24.89 -61.76 60.71
CA ILE E 27 25.12 -63.10 60.22
C ILE E 27 23.87 -63.95 60.43
N ILE E 28 23.39 -64.57 59.35
CA ILE E 28 22.28 -65.51 59.40
C ILE E 28 22.83 -66.89 59.07
N LYS E 29 22.54 -67.87 59.93
CA LYS E 29 23.11 -69.20 59.81
C LYS E 29 22.04 -70.16 59.28
N PHE E 30 22.35 -70.83 58.17
CA PHE E 30 21.43 -71.78 57.56
C PHE E 30 21.77 -73.22 57.92
N SER E 31 23.04 -73.52 58.19
CA SER E 31 23.46 -74.83 58.66
C SER E 31 24.78 -74.66 59.40
N ASP E 32 25.48 -75.76 59.65
CA ASP E 32 26.78 -75.69 60.31
C ASP E 32 27.79 -74.91 59.47
N LYS E 33 27.70 -75.01 58.14
CA LYS E 33 28.70 -74.45 57.26
C LYS E 33 28.22 -73.24 56.46
N VAL E 34 26.94 -73.18 56.11
CA VAL E 34 26.43 -72.15 55.22
C VAL E 34 25.87 -70.99 56.04
N GLU E 35 26.27 -69.77 55.69
CA GLU E 35 25.79 -68.58 56.35
C GLU E 35 25.84 -67.40 55.39
N GLY E 36 25.07 -66.36 55.73
CA GLY E 36 25.01 -65.17 54.90
C GLY E 36 24.94 -63.92 55.75
N VAL E 37 24.88 -62.77 55.07
CA VAL E 37 24.79 -61.48 55.74
C VAL E 37 23.52 -60.78 55.29
N VAL E 38 23.00 -59.91 56.16
CA VAL E 38 21.76 -59.18 55.88
C VAL E 38 22.09 -57.88 55.17
N LEU E 39 21.48 -57.67 54.01
CA LEU E 39 21.66 -56.43 53.25
C LEU E 39 20.57 -55.41 53.57
N LYS E 40 19.31 -55.81 53.47
CA LYS E 40 18.19 -54.99 53.88
C LYS E 40 17.31 -55.80 54.82
N ALA E 41 16.54 -55.11 55.65
CA ALA E 41 15.69 -55.82 56.58
C ALA E 41 14.49 -54.96 56.98
N ASN E 42 13.50 -55.63 57.54
CA ASN E 42 12.23 -55.05 57.93
C ASN E 42 11.96 -55.37 59.39
N ASP E 43 10.75 -55.12 59.88
CA ASP E 43 10.40 -55.63 61.20
C ASP E 43 10.11 -57.12 61.19
N ARG E 44 9.90 -57.72 60.02
CA ARG E 44 9.52 -59.12 59.94
C ARG E 44 10.18 -59.88 58.79
N SER E 45 11.06 -59.26 58.02
CA SER E 45 11.67 -59.93 56.88
C SER E 45 13.02 -59.30 56.57
N ALA E 46 13.84 -60.05 55.83
CA ALA E 46 15.19 -59.59 55.52
C ALA E 46 15.68 -60.23 54.22
N ILE E 47 16.74 -59.64 53.68
CA ILE E 47 17.39 -60.10 52.46
C ILE E 47 18.82 -60.48 52.79
N VAL E 48 19.22 -61.70 52.42
CA VAL E 48 20.46 -62.31 52.85
C VAL E 48 21.29 -62.68 51.63
N ALA E 49 22.58 -62.40 51.68
CA ALA E 49 23.52 -62.77 50.63
C ALA E 49 24.42 -63.88 51.15
N ILE E 50 24.40 -65.03 50.47
CA ILE E 50 25.10 -66.21 50.97
C ILE E 50 26.60 -66.05 50.78
N LEU E 51 27.37 -66.43 51.80
CA LEU E 51 28.83 -66.33 51.75
C LEU E 51 29.46 -67.52 51.06
N ASN E 52 29.02 -68.73 51.41
CA ASN E 52 29.56 -69.96 50.84
C ASN E 52 28.45 -70.97 50.65
N GLU E 53 28.62 -71.86 49.70
CA GLU E 53 27.65 -72.89 49.40
C GLU E 53 28.17 -74.27 49.80
N ASP E 54 27.25 -75.16 50.14
CA ASP E 54 27.55 -76.54 50.46
C ASP E 54 26.74 -77.44 49.53
N LYS E 55 27.39 -78.48 49.00
CA LYS E 55 26.72 -79.35 48.05
C LYS E 55 25.59 -80.15 48.71
N ASP E 56 25.79 -80.54 49.97
CA ASP E 56 24.78 -81.36 50.64
C ASP E 56 23.50 -80.57 50.89
N LEU E 57 23.63 -79.35 51.39
CA LEU E 57 22.47 -78.54 51.74
C LEU E 57 21.93 -77.84 50.49
N ASN E 58 20.65 -78.05 50.20
CA ASN E 58 19.97 -77.44 49.06
C ASN E 58 18.87 -76.54 49.60
N LEU E 59 19.11 -75.23 49.57
CA LEU E 59 18.17 -74.28 50.15
C LEU E 59 16.96 -74.09 49.23
N THR E 60 15.77 -74.20 49.79
CA THR E 60 14.52 -74.06 49.06
C THR E 60 13.60 -73.12 49.83
N VAL E 61 12.42 -72.89 49.27
CA VAL E 61 11.41 -72.10 49.97
C VAL E 61 10.81 -72.94 51.08
N GLY E 62 10.82 -72.40 52.30
CA GLY E 62 10.37 -73.12 53.47
C GLY E 62 11.47 -73.64 54.36
N SER E 63 12.72 -73.63 53.89
CA SER E 63 13.84 -74.03 54.72
C SER E 63 14.00 -73.08 55.90
N LEU E 64 14.33 -73.63 57.07
CA LEU E 64 14.49 -72.84 58.27
C LEU E 64 15.90 -72.29 58.38
N ALA E 65 16.04 -71.23 59.17
CA ALA E 65 17.33 -70.58 59.37
C ALA E 65 17.35 -69.95 60.75
N GLU E 66 18.56 -69.68 61.24
CA GLU E 66 18.77 -69.12 62.56
C GLU E 66 19.44 -67.75 62.45
N ALA E 67 18.90 -66.77 63.16
CA ALA E 67 19.51 -65.45 63.24
C ALA E 67 20.46 -65.42 64.44
N THR E 68 21.74 -65.14 64.19
CA THR E 68 22.74 -65.21 65.25
C THR E 68 22.69 -64.01 66.18
N GLY E 69 22.34 -62.83 65.67
CA GLY E 69 22.29 -61.63 66.46
C GLY E 69 23.58 -60.83 66.51
N GLU E 70 24.67 -61.36 65.96
CA GLU E 70 25.95 -60.66 65.92
C GLU E 70 26.43 -60.54 64.48
N LEU E 71 27.35 -59.61 64.26
CA LEU E 71 27.94 -59.45 62.95
C LEU E 71 29.07 -60.46 62.76
N TYR E 72 29.73 -60.40 61.59
CA TYR E 72 30.71 -61.41 61.25
C TYR E 72 31.97 -61.25 62.07
N LYS E 73 32.48 -62.36 62.61
CA LYS E 73 33.73 -62.40 63.33
C LYS E 73 34.62 -63.46 62.70
N ILE E 74 35.83 -63.07 62.31
CA ILE E 74 36.77 -64.03 61.73
C ILE E 74 37.64 -64.61 62.84
N PRO E 75 37.86 -65.93 62.86
CA PRO E 75 38.78 -66.51 63.83
C PRO E 75 40.21 -66.59 63.31
N ILE E 76 41.14 -66.40 64.23
CA ILE E 76 42.57 -66.43 63.94
C ILE E 76 43.13 -67.77 64.39
N TYR E 77 43.85 -68.45 63.50
CA TYR E 77 44.37 -69.78 63.77
C TYR E 77 45.88 -69.80 63.61
N ASP E 78 46.48 -70.89 64.08
CA ASP E 78 47.93 -71.01 64.10
C ASP E 78 48.52 -71.04 62.70
N ASN E 79 47.92 -71.81 61.81
CA ASN E 79 48.51 -72.08 60.49
C ASN E 79 48.05 -71.07 59.44
N TYR E 80 47.69 -69.86 59.84
CA TYR E 80 47.42 -68.81 58.85
C TYR E 80 48.67 -68.44 58.08
N LEU E 81 49.81 -68.36 58.77
CA LEU E 81 51.06 -68.05 58.10
C LEU E 81 51.47 -69.18 57.16
N GLY E 82 51.90 -68.82 55.97
CA GLY E 82 52.22 -69.81 54.96
C GLY E 82 51.01 -70.57 54.45
N SER E 83 49.91 -69.86 54.18
CA SER E 83 48.68 -70.54 53.78
C SER E 83 47.83 -69.60 52.93
N ILE E 84 46.93 -70.22 52.18
CA ILE E 84 45.85 -69.55 51.47
C ILE E 84 44.55 -69.93 52.17
N ILE E 85 43.69 -68.94 52.43
CA ILE E 85 42.48 -69.15 53.21
C ILE E 85 41.30 -68.46 52.54
N ASN E 86 40.11 -68.83 53.01
CA ASN E 86 38.85 -68.20 52.62
C ASN E 86 38.63 -66.93 53.42
N VAL E 87 37.45 -66.33 53.26
CA VAL E 87 36.99 -65.31 54.18
C VAL E 87 36.51 -65.93 55.48
N LEU E 88 36.30 -67.24 55.49
CA LEU E 88 35.83 -67.97 56.66
C LEU E 88 36.95 -68.71 57.39
N GLY E 89 38.19 -68.55 56.95
CA GLY E 89 39.33 -69.13 57.63
C GLY E 89 39.68 -70.55 57.27
N GLU E 90 39.04 -71.13 56.26
CA GLU E 90 39.33 -72.51 55.88
C GLU E 90 40.61 -72.56 55.06
N SER E 91 41.51 -73.47 55.42
CA SER E 91 42.83 -73.55 54.79
C SER E 91 42.70 -74.26 53.45
N LEU E 92 42.73 -73.48 52.36
CA LEU E 92 42.66 -74.06 51.03
C LEU E 92 43.97 -74.77 50.68
N VAL E 93 45.09 -74.09 50.87
CA VAL E 93 46.43 -74.66 50.70
C VAL E 93 47.24 -74.29 51.93
N LYS E 94 47.68 -75.29 52.67
CA LYS E 94 48.33 -75.07 53.95
C LYS E 94 49.72 -75.71 53.97
N GLN E 95 50.58 -75.16 54.82
CA GLN E 95 51.93 -75.68 55.01
C GLN E 95 52.10 -76.41 56.35
N TYR E 96 51.29 -76.09 57.35
CA TYR E 96 51.33 -76.76 58.64
C TYR E 96 49.93 -77.17 59.07
N GLU E 97 49.79 -77.65 60.30
CA GLU E 97 48.52 -78.18 60.79
C GLU E 97 47.87 -77.21 61.77
N ARG E 98 46.54 -77.29 61.86
CA ARG E 98 45.75 -76.37 62.67
C ARG E 98 45.42 -77.02 64.01
N THR E 99 45.65 -76.28 65.08
CA THR E 99 45.39 -76.77 66.44
C THR E 99 43.90 -76.76 66.78
N ASN E 100 43.08 -76.06 65.99
CA ASN E 100 41.63 -75.98 66.17
C ASN E 100 41.24 -75.24 67.44
N VAL E 101 42.15 -74.48 68.03
CA VAL E 101 41.85 -73.58 69.14
C VAL E 101 42.24 -72.18 68.69
N ALA E 102 41.24 -71.35 68.41
CA ALA E 102 41.48 -70.04 67.83
C ALA E 102 42.17 -69.12 68.82
N LEU E 103 43.17 -68.38 68.34
CA LEU E 103 43.88 -67.43 69.18
C LEU E 103 43.01 -66.23 69.53
N ASP E 104 42.12 -65.82 68.62
CA ASP E 104 41.30 -64.64 68.80
C ASP E 104 40.19 -64.67 67.75
N LYS E 105 39.22 -63.78 67.94
CA LYS E 105 38.14 -63.58 66.96
C LYS E 105 37.96 -62.08 66.77
N LYS E 106 38.12 -61.61 65.55
CA LYS E 106 38.12 -60.18 65.25
C LYS E 106 36.89 -59.79 64.45
N TYR E 107 36.32 -58.64 64.78
CA TYR E 107 35.23 -58.07 63.99
C TYR E 107 35.79 -57.51 62.69
N VAL E 108 35.27 -57.99 61.55
CA VAL E 108 35.82 -57.59 60.26
C VAL E 108 35.48 -56.13 59.94
N PHE E 109 34.42 -55.58 60.53
CA PHE E 109 33.96 -54.23 60.23
C PHE E 109 34.27 -53.27 61.37
N THR E 110 35.43 -53.43 62.01
CA THR E 110 35.79 -52.58 63.13
C THR E 110 36.03 -51.15 62.65
N GLU E 111 35.63 -50.19 63.47
CA GLU E 111 35.87 -48.79 63.15
C GLU E 111 37.34 -48.44 63.33
N ALA E 112 37.83 -47.55 62.47
CA ALA E 112 39.20 -47.08 62.58
C ALA E 112 39.42 -46.30 63.86
N GLN E 113 40.61 -46.41 64.42
CA GLN E 113 40.94 -45.73 65.67
C GLN E 113 41.14 -44.24 65.42
N PRO E 114 40.74 -43.39 66.37
CA PRO E 114 40.81 -41.94 66.14
C PRO E 114 42.23 -41.38 66.11
N ILE E 115 42.35 -40.05 65.99
CA ILE E 115 43.64 -39.43 65.74
C ILE E 115 44.57 -39.45 66.94
N PHE E 116 44.04 -39.57 68.16
CA PHE E 116 44.94 -39.55 69.31
C PHE E 116 45.61 -40.89 69.56
N THR E 117 45.22 -41.93 68.83
CA THR E 117 45.86 -43.24 68.95
C THR E 117 46.99 -43.42 67.93
N ARG E 118 47.21 -42.45 67.06
CA ARG E 118 48.20 -42.58 66.00
C ARG E 118 49.54 -42.02 66.43
N SER E 119 50.56 -42.29 65.61
CA SER E 119 51.89 -41.74 65.79
C SER E 119 52.45 -41.38 64.42
N ALA E 120 53.42 -40.46 64.41
CA ALA E 120 53.94 -39.95 63.16
C ALA E 120 54.69 -41.02 62.39
N VAL E 121 54.46 -41.09 61.09
CA VAL E 121 55.13 -42.04 60.22
C VAL E 121 56.52 -41.51 59.89
N ASN E 122 57.56 -42.24 60.32
CA ASN E 122 58.93 -41.78 60.12
C ASN E 122 59.89 -42.90 59.74
N GLU E 123 59.43 -44.12 59.54
CA GLU E 123 60.31 -45.24 59.22
C GLU E 123 60.11 -45.66 57.77
N PRO E 124 61.18 -46.06 57.08
CA PRO E 124 61.04 -46.46 55.66
C PRO E 124 60.57 -47.90 55.55
N LEU E 125 59.55 -48.11 54.73
CA LEU E 125 59.18 -49.44 54.25
C LEU E 125 59.95 -49.70 52.96
N VAL E 126 60.85 -50.67 52.99
CA VAL E 126 61.73 -50.93 51.85
C VAL E 126 60.93 -51.70 50.80
N THR E 127 60.64 -51.06 49.68
CA THR E 127 59.91 -51.70 48.59
C THR E 127 60.80 -52.64 47.79
N GLY E 128 62.11 -52.37 47.74
CA GLY E 128 63.00 -53.12 46.89
C GLY E 128 63.15 -52.58 45.48
N ILE E 129 62.45 -51.50 45.15
CA ILE E 129 62.53 -50.85 43.85
C ILE E 129 63.27 -49.54 44.02
N THR E 130 64.29 -49.32 43.19
CA THR E 130 65.17 -48.17 43.36
C THR E 130 64.39 -46.86 43.21
N VAL E 131 63.56 -46.76 42.17
CA VAL E 131 62.84 -45.51 41.92
C VAL E 131 61.80 -45.26 43.00
N VAL E 132 61.15 -46.32 43.49
CA VAL E 132 60.20 -46.16 44.58
C VAL E 132 60.92 -45.83 45.88
N ASP E 133 62.04 -46.51 46.15
CA ASP E 133 62.75 -46.27 47.40
C ASP E 133 63.30 -44.84 47.45
N GLY E 134 63.77 -44.31 46.34
CA GLY E 134 64.42 -43.02 46.34
C GLY E 134 63.56 -41.82 45.99
N VAL E 135 62.72 -41.95 44.97
CA VAL E 135 62.02 -40.80 44.42
C VAL E 135 60.58 -40.75 44.91
N LEU E 136 60.03 -41.91 45.26
CA LEU E 136 58.62 -42.04 45.66
C LEU E 136 58.54 -42.82 46.97
N PRO E 137 59.08 -42.26 48.05
CA PRO E 137 59.24 -43.06 49.28
C PRO E 137 57.91 -43.53 49.86
N VAL E 138 57.95 -44.72 50.44
CA VAL E 138 56.82 -45.29 51.16
C VAL E 138 57.26 -45.55 52.59
N GLY E 139 56.53 -44.99 53.55
CA GLY E 139 56.82 -45.19 54.95
C GLY E 139 55.90 -46.22 55.58
N ARG E 140 56.32 -46.71 56.74
CA ARG E 140 55.54 -47.73 57.44
C ARG E 140 54.30 -47.10 58.05
N GLY E 141 53.13 -47.57 57.62
CA GLY E 141 51.88 -46.98 58.03
C GLY E 141 51.22 -46.07 57.02
N GLN E 142 51.77 -45.98 55.82
CA GLN E 142 51.25 -45.11 54.77
C GLN E 142 50.54 -45.95 53.72
N LYS E 143 49.30 -45.57 53.40
CA LYS E 143 48.53 -46.26 52.38
C LYS E 143 48.85 -45.64 51.01
N GLU E 144 49.38 -46.45 50.11
CA GLU E 144 49.92 -45.97 48.84
C GLU E 144 49.26 -46.74 47.70
N LEU E 145 48.45 -46.06 46.90
CA LEU E 145 47.76 -46.71 45.80
C LEU E 145 48.73 -47.01 44.66
N ILE E 146 48.46 -48.10 43.95
CA ILE E 146 49.16 -48.44 42.71
C ILE E 146 48.10 -48.48 41.62
N ILE E 147 48.16 -47.54 40.68
CA ILE E 147 47.07 -47.32 39.73
C ILE E 147 47.63 -47.34 38.32
N GLY E 148 46.93 -48.04 37.44
CA GLY E 148 47.40 -48.08 36.05
C GLY E 148 46.51 -48.94 35.18
N ASP E 149 46.94 -49.10 33.94
CA ASP E 149 46.24 -49.89 32.93
C ASP E 149 46.55 -51.37 33.11
N ARG E 150 45.91 -52.20 32.29
CA ARG E 150 46.12 -53.64 32.35
C ARG E 150 47.48 -54.01 31.78
N GLY E 151 48.11 -55.01 32.39
CA GLY E 151 49.38 -55.52 31.90
C GLY E 151 50.51 -54.52 31.92
N THR E 152 50.56 -53.68 32.96
CA THR E 152 51.62 -52.70 33.10
C THR E 152 52.59 -52.99 34.23
N GLY E 153 52.27 -53.94 35.11
CA GLY E 153 53.20 -54.34 36.14
C GLY E 153 52.88 -53.81 37.52
N LYS E 154 51.59 -53.77 37.88
CA LYS E 154 51.18 -53.34 39.21
C LYS E 154 51.34 -54.47 40.23
N THR E 155 50.81 -55.65 39.90
CA THR E 155 50.98 -56.81 40.75
C THR E 155 52.45 -57.12 40.96
N ALA E 156 53.26 -56.90 39.93
CA ALA E 156 54.70 -57.13 40.05
C ALA E 156 55.32 -56.18 41.07
N ILE E 157 54.89 -54.92 41.07
CA ILE E 157 55.39 -53.94 42.04
C ILE E 157 55.00 -54.36 43.45
N ALA E 158 53.73 -54.75 43.65
CA ALA E 158 53.30 -55.19 44.97
C ALA E 158 54.06 -56.44 45.43
N LEU E 159 54.29 -57.38 44.50
CA LEU E 159 55.02 -58.58 44.85
C LEU E 159 56.47 -58.27 45.20
N ASN E 160 57.08 -57.31 44.49
CA ASN E 160 58.42 -56.87 44.85
C ASN E 160 58.43 -56.27 46.25
N ALA E 161 57.40 -55.49 46.58
CA ALA E 161 57.30 -54.92 47.92
C ALA E 161 57.23 -56.01 48.99
N MET E 162 56.47 -57.08 48.72
CA MET E 162 56.42 -58.17 49.69
C MET E 162 57.70 -59.00 49.73
N LEU E 163 58.38 -59.15 48.58
CA LEU E 163 59.60 -59.95 48.56
C LEU E 163 60.76 -59.22 49.20
N ALA E 164 60.74 -57.89 49.22
CA ALA E 164 61.81 -57.14 49.86
C ALA E 164 61.81 -57.28 51.38
N GLN E 165 60.74 -57.81 51.97
CA GLN E 165 60.65 -58.02 53.41
C GLN E 165 61.20 -59.37 53.85
N GLU E 166 62.05 -59.99 53.04
CA GLU E 166 62.59 -61.30 53.39
C GLU E 166 63.44 -61.22 54.66
N ASN E 167 64.27 -60.18 54.77
CA ASN E 167 65.21 -60.06 55.89
C ASN E 167 64.72 -59.09 56.95
N THR E 168 63.48 -58.62 56.87
CA THR E 168 62.91 -57.71 57.85
C THR E 168 61.88 -58.42 58.70
N ASP E 169 61.21 -57.66 59.57
CA ASP E 169 60.26 -58.21 60.53
C ASP E 169 58.81 -57.86 60.17
N VAL E 170 58.57 -57.47 58.92
CA VAL E 170 57.23 -57.12 58.48
C VAL E 170 56.47 -58.39 58.09
N ILE E 171 55.17 -58.41 58.39
CA ILE E 171 54.30 -59.54 58.05
C ILE E 171 53.50 -59.16 56.82
N ASN E 172 53.40 -60.10 55.87
CA ASN E 172 52.74 -59.86 54.60
C ASN E 172 51.35 -60.51 54.59
N ILE E 173 50.35 -59.75 54.15
CA ILE E 173 49.01 -60.26 53.92
C ILE E 173 48.59 -59.85 52.52
N PHE E 174 48.35 -60.83 51.66
CA PHE E 174 47.94 -60.59 50.27
C PHE E 174 46.48 -60.95 50.13
N ILE E 175 45.66 -59.98 49.71
CA ILE E 175 44.23 -60.18 49.51
C ILE E 175 43.94 -60.14 48.03
N ALA E 176 43.34 -61.21 47.51
CA ALA E 176 43.00 -61.32 46.10
C ALA E 176 41.48 -61.27 45.94
N ILE E 177 40.99 -60.26 45.24
CA ILE E 177 39.55 -60.08 45.02
C ILE E 177 39.27 -60.35 43.56
N GLY E 178 38.55 -61.43 43.28
CA GLY E 178 38.19 -61.76 41.92
C GLY E 178 39.36 -62.08 41.02
N LYS E 179 40.39 -62.73 41.56
CA LYS E 179 41.56 -63.10 40.78
C LYS E 179 41.50 -64.58 40.40
N LYS E 180 42.23 -64.93 39.35
CA LYS E 180 42.25 -66.30 38.88
C LYS E 180 43.00 -67.20 39.86
N ARG E 181 42.58 -68.46 39.93
CA ARG E 181 43.18 -69.39 40.90
C ARG E 181 44.61 -69.74 40.52
N ASP E 182 44.90 -69.88 39.23
CA ASP E 182 46.25 -70.23 38.81
C ASP E 182 47.23 -69.11 39.13
N GLU E 183 46.80 -67.85 39.00
CA GLU E 183 47.67 -66.74 39.37
C GLU E 183 47.95 -66.73 40.86
N ILE E 184 46.94 -67.04 41.69
CA ILE E 184 47.15 -67.10 43.12
C ILE E 184 48.11 -68.23 43.49
N VAL E 185 47.96 -69.38 42.85
CA VAL E 185 48.86 -70.49 43.11
C VAL E 185 50.28 -70.14 42.70
N GLU E 186 50.44 -69.46 41.55
CA GLU E 186 51.77 -69.04 41.12
C GLU E 186 52.38 -68.04 42.09
N ILE E 187 51.56 -67.13 42.64
CA ILE E 187 52.06 -66.18 43.62
C ILE E 187 52.48 -66.90 44.89
N TYR E 188 51.72 -67.91 45.30
CA TYR E 188 52.10 -68.73 46.46
C TYR E 188 53.43 -69.43 46.22
N GLY E 189 53.62 -69.97 45.01
CA GLY E 189 54.89 -70.59 44.69
C GLY E 189 56.05 -69.61 44.68
N THR E 190 55.80 -68.38 44.21
CA THR E 190 56.82 -67.34 44.25
C THR E 190 57.18 -66.98 45.69
N PHE E 191 56.17 -66.94 46.56
CA PHE E 191 56.42 -66.73 47.99
C PHE E 191 57.30 -67.85 48.55
N LYS E 192 56.98 -69.10 48.19
CA LYS E 192 57.73 -70.24 48.71
C LYS E 192 59.17 -70.22 48.23
N LYS E 193 59.40 -69.88 46.97
CA LYS E 193 60.74 -69.91 46.40
C LYS E 193 61.66 -68.88 47.07
N HIS E 194 61.13 -67.71 47.41
CA HIS E 194 61.93 -66.63 47.97
C HIS E 194 61.95 -66.64 49.50
N ASN E 195 61.50 -67.73 50.12
CA ASN E 195 61.65 -67.95 51.57
C ASN E 195 60.93 -66.89 52.40
N ILE E 196 59.87 -66.30 51.85
CA ILE E 196 59.03 -65.39 52.61
C ILE E 196 57.66 -66.03 52.90
N LEU E 197 57.56 -67.35 52.72
CA LEU E 197 56.28 -68.02 52.92
C LEU E 197 55.93 -68.15 54.39
N HIS E 198 56.94 -68.27 55.27
CA HIS E 198 56.69 -68.55 56.67
C HIS E 198 56.04 -67.39 57.41
N LYS E 199 55.93 -66.21 56.80
CA LYS E 199 55.29 -65.06 57.42
C LYS E 199 54.35 -64.37 56.45
N SER E 200 53.66 -65.14 55.60
CA SER E 200 52.77 -64.58 54.60
C SER E 200 51.45 -65.33 54.60
N ILE E 201 50.35 -64.58 54.53
CA ILE E 201 49.01 -65.13 54.43
C ILE E 201 48.38 -64.63 53.15
N ILE E 202 47.66 -65.50 52.45
CA ILE E 202 46.89 -65.12 51.27
C ILE E 202 45.42 -65.36 51.59
N VAL E 203 44.59 -64.32 51.42
CA VAL E 203 43.16 -64.42 51.59
C VAL E 203 42.53 -64.35 50.21
N SER E 204 41.94 -65.45 49.76
CA SER E 204 41.59 -65.61 48.35
C SER E 204 40.08 -65.64 48.17
N ALA E 205 39.59 -64.82 47.23
CA ALA E 205 38.19 -64.85 46.79
C ALA E 205 38.22 -64.79 45.27
N ALA E 206 38.16 -65.96 44.63
CA ALA E 206 38.38 -66.05 43.20
C ALA E 206 37.24 -65.39 42.42
N SER E 207 37.36 -65.40 41.09
CA SER E 207 36.43 -64.67 40.26
C SER E 207 35.06 -65.33 40.18
N ASP E 208 34.95 -66.61 40.56
CA ASP E 208 33.66 -67.28 40.60
C ASP E 208 33.24 -67.66 42.01
N ASP E 209 33.77 -66.97 43.01
CA ASP E 209 33.27 -67.14 44.37
C ASP E 209 32.01 -66.31 44.57
N ALA E 210 31.33 -66.56 45.68
CA ALA E 210 30.12 -65.81 45.99
C ALA E 210 30.45 -64.33 46.14
N VAL E 211 29.54 -63.47 45.68
CA VAL E 211 29.82 -62.04 45.65
C VAL E 211 29.98 -61.48 47.05
N ALA E 212 29.26 -62.02 48.03
CA ALA E 212 29.44 -61.58 49.41
C ALA E 212 30.84 -61.91 49.91
N ALA E 213 31.38 -63.06 49.52
CA ALA E 213 32.74 -63.42 49.90
C ALA E 213 33.75 -62.43 49.33
N ARG E 214 33.59 -62.05 48.06
CA ARG E 214 34.48 -61.08 47.45
C ARG E 214 34.35 -59.71 48.11
N TYR E 215 33.14 -59.35 48.53
CA TYR E 215 32.96 -58.07 49.22
C TYR E 215 33.61 -58.09 50.60
N LEU E 216 33.55 -59.22 51.30
CA LEU E 216 34.08 -59.29 52.66
C LEU E 216 35.56 -59.63 52.74
N ALA E 217 36.18 -60.07 51.65
CA ALA E 217 37.57 -60.48 51.73
C ALA E 217 38.51 -59.40 52.25
N PRO E 218 38.51 -58.16 51.74
CA PRO E 218 39.44 -57.16 52.28
C PRO E 218 39.22 -56.84 53.75
N TYR E 219 37.97 -56.87 54.22
CA TYR E 219 37.71 -56.60 55.63
C TYR E 219 38.27 -57.70 56.51
N ALA E 220 38.11 -58.97 56.10
CA ALA E 220 38.71 -60.06 56.85
C ALA E 220 40.24 -59.99 56.85
N GLY E 221 40.83 -59.64 55.70
CA GLY E 221 42.27 -59.45 55.65
C GLY E 221 42.74 -58.36 56.59
N MET E 222 42.02 -57.25 56.63
CA MET E 222 42.41 -56.16 57.51
C MET E 222 42.17 -56.52 58.97
N ALA E 223 41.18 -57.36 59.26
CA ALA E 223 41.01 -57.85 60.62
C ALA E 223 42.18 -58.70 61.06
N ILE E 224 42.66 -59.57 60.17
CA ILE E 224 43.87 -60.35 60.48
C ILE E 224 45.06 -59.43 60.69
N ALA E 225 45.19 -58.40 59.83
CA ALA E 225 46.27 -57.44 59.98
C ALA E 225 46.19 -56.71 61.31
N GLU E 226 44.99 -56.35 61.75
CA GLU E 226 44.82 -55.70 63.04
C GLU E 226 45.12 -56.64 64.19
N PHE E 227 44.80 -57.93 64.04
CA PHE E 227 45.20 -58.90 65.06
C PHE E 227 46.71 -58.92 65.20
N PHE E 228 47.43 -58.92 64.08
CA PHE E 228 48.89 -58.94 64.16
C PHE E 228 49.44 -57.61 64.69
N GLN E 229 48.80 -56.50 64.35
CA GLN E 229 49.28 -55.19 64.79
C GLN E 229 49.06 -54.98 66.29
N GLN E 230 47.98 -55.54 66.83
CA GLN E 230 47.66 -55.32 68.24
C GLN E 230 48.71 -55.89 69.18
N ILE E 231 49.58 -56.77 68.70
CA ILE E 231 50.69 -57.28 69.49
C ILE E 231 52.02 -56.66 69.06
N GLY E 232 51.96 -55.50 68.41
CA GLY E 232 53.14 -54.69 68.18
C GLY E 232 53.91 -54.97 66.92
N LYS E 233 53.31 -55.65 65.95
CA LYS E 233 54.02 -56.03 64.73
C LYS E 233 53.85 -54.96 63.64
N ASP E 234 54.69 -55.07 62.62
CA ASP E 234 54.55 -54.28 61.41
C ASP E 234 53.97 -55.17 60.31
N VAL E 235 52.91 -54.70 59.67
CA VAL E 235 52.18 -55.49 58.68
C VAL E 235 52.13 -54.72 57.37
N LEU E 236 52.32 -55.43 56.26
CA LEU E 236 52.18 -54.87 54.92
C LEU E 236 51.03 -55.58 54.22
N VAL E 237 50.05 -54.81 53.77
CA VAL E 237 48.82 -55.36 53.20
C VAL E 237 48.72 -54.92 51.74
N VAL E 238 48.42 -55.88 50.87
CA VAL E 238 48.23 -55.63 49.44
C VAL E 238 46.82 -56.07 49.07
N MET E 239 46.06 -55.18 48.46
CA MET E 239 44.72 -55.48 47.97
C MET E 239 44.73 -55.44 46.45
N ASP E 240 44.42 -56.58 45.82
CA ASP E 240 44.51 -56.74 44.37
C ASP E 240 43.23 -57.40 43.88
N ASP E 241 42.26 -56.60 43.44
CA ASP E 241 42.34 -55.15 43.47
C ASP E 241 40.98 -54.58 43.86
N LEU E 242 40.94 -53.30 44.22
CA LEU E 242 39.73 -52.72 44.80
C LEU E 242 38.67 -52.39 43.76
N THR E 243 39.01 -52.36 42.47
CA THR E 243 37.99 -52.19 41.44
C THR E 243 37.07 -53.39 41.38
N ASN E 244 37.62 -54.60 41.50
CA ASN E 244 36.78 -55.79 41.60
C ASN E 244 35.92 -55.75 42.85
N HIS E 245 36.46 -55.24 43.95
CA HIS E 245 35.69 -55.12 45.19
C HIS E 245 34.50 -54.17 45.01
N ALA E 246 34.74 -53.03 44.36
CA ALA E 246 33.65 -52.10 44.09
C ALA E 246 32.61 -52.72 43.16
N ASP E 247 33.08 -53.49 42.17
CA ASP E 247 32.15 -54.17 41.26
C ASP E 247 31.28 -55.17 42.03
N ALA E 248 31.89 -55.92 42.94
CA ALA E 248 31.12 -56.88 43.74
C ALA E 248 30.09 -56.17 44.61
N TYR E 249 30.48 -55.06 45.24
CA TYR E 249 29.52 -54.32 46.06
C TYR E 249 28.40 -53.76 45.21
N ARG E 250 28.72 -53.26 44.01
CA ARG E 250 27.68 -52.75 43.12
C ARG E 250 26.71 -53.85 42.72
N GLU E 251 27.23 -55.05 42.42
CA GLU E 251 26.35 -56.17 42.08
C GLU E 251 25.44 -56.51 43.25
N LEU E 252 25.99 -56.55 44.46
CA LEU E 252 25.18 -56.83 45.65
C LEU E 252 24.08 -55.78 45.81
N SER E 253 24.42 -54.50 45.63
CA SER E 253 23.45 -53.44 45.85
C SER E 253 22.36 -53.45 44.79
N LEU E 254 22.73 -53.64 43.52
CA LEU E 254 21.73 -53.69 42.47
C LEU E 254 20.80 -54.90 42.64
N LEU E 255 21.36 -56.06 43.03
CA LEU E 255 20.50 -57.21 43.25
C LEU E 255 19.57 -57.00 44.44
N ALA E 256 20.07 -56.38 45.50
CA ALA E 256 19.27 -56.17 46.70
C ALA E 256 18.09 -55.25 46.42
N GLY E 257 18.30 -54.19 45.64
CA GLY E 257 17.25 -53.25 45.36
C GLY E 257 17.59 -51.82 45.74
N ILE E 258 18.88 -51.53 45.82
CA ILE E 258 19.36 -50.20 46.16
C ILE E 258 19.37 -49.33 44.91
N ALA E 259 18.95 -48.08 45.06
CA ALA E 259 18.85 -47.18 43.92
C ALA E 259 20.23 -46.88 43.35
N PRO E 260 20.42 -46.95 42.05
CA PRO E 260 21.74 -46.68 41.46
C PRO E 260 22.11 -45.20 41.55
N ALA E 261 23.41 -44.96 41.54
CA ALA E 261 23.97 -43.61 41.54
C ALA E 261 24.91 -43.53 40.34
N ARG E 262 25.76 -42.50 40.33
CA ARG E 262 26.77 -42.32 39.29
C ARG E 262 27.47 -43.63 38.95
N GLU E 263 27.45 -43.98 37.67
CA GLU E 263 28.02 -45.22 37.14
C GLU E 263 27.36 -46.46 37.72
N ALA E 264 26.14 -46.33 38.24
CA ALA E 264 25.33 -47.40 38.81
C ALA E 264 25.91 -47.96 40.10
N TYR E 265 26.90 -47.30 40.69
CA TYR E 265 27.41 -47.72 41.99
C TYR E 265 26.46 -47.23 43.09
N PRO E 266 26.39 -47.96 44.20
CA PRO E 266 25.50 -47.53 45.30
C PRO E 266 25.95 -46.19 45.87
N GLY E 267 25.05 -45.58 46.65
CA GLY E 267 25.32 -44.25 47.18
C GLY E 267 26.52 -44.19 48.11
N ASP E 268 26.79 -45.27 48.83
CA ASP E 268 27.85 -45.32 49.83
C ASP E 268 29.07 -46.09 49.35
N ILE E 269 29.41 -45.99 48.06
CA ILE E 269 30.58 -46.70 47.57
C ILE E 269 31.87 -46.02 48.02
N PHE E 270 31.83 -44.71 48.28
CA PHE E 270 33.01 -44.04 48.82
C PHE E 270 33.24 -44.45 50.27
N TYR E 271 32.16 -44.58 51.04
CA TYR E 271 32.28 -44.89 52.46
C TYR E 271 32.90 -46.27 52.69
N VAL E 272 32.48 -47.26 51.91
CA VAL E 272 32.93 -48.63 52.13
C VAL E 272 34.42 -48.78 51.85
N HIS E 273 35.01 -47.88 51.08
CA HIS E 273 36.44 -47.88 50.83
C HIS E 273 37.21 -46.96 51.77
N SER E 274 36.65 -45.80 52.10
CA SER E 274 37.33 -44.90 53.04
C SER E 274 37.41 -45.50 54.43
N SER E 275 36.30 -46.08 54.91
CA SER E 275 36.31 -46.72 56.22
C SER E 275 37.23 -47.93 56.25
N LEU E 276 37.42 -48.59 55.11
CA LEU E 276 38.33 -49.73 55.03
C LEU E 276 39.79 -49.28 55.03
N LEU E 277 40.10 -48.22 54.28
CA LEU E 277 41.50 -47.82 54.12
C LEU E 277 41.99 -46.96 55.27
N GLU E 278 41.10 -46.30 56.01
CA GLU E 278 41.54 -45.49 57.14
C GLU E 278 41.91 -46.34 58.36
N ARG E 279 41.76 -47.66 58.27
CA ARG E 279 42.17 -48.56 59.35
C ARG E 279 43.66 -48.85 59.35
N GLY E 280 44.40 -48.30 58.40
CA GLY E 280 45.85 -48.51 58.31
C GLY E 280 46.60 -47.27 58.75
N GLY E 281 47.68 -47.48 59.47
CA GLY E 281 48.51 -46.37 59.91
C GLY E 281 49.50 -46.86 60.96
N LYS E 282 50.18 -45.89 61.57
CA LYS E 282 51.09 -46.17 62.67
C LYS E 282 50.43 -45.75 63.98
N TYR E 283 50.62 -46.57 65.01
CA TYR E 283 49.90 -46.40 66.27
C TYR E 283 50.89 -46.24 67.43
N GLY E 284 50.47 -45.49 68.44
CA GLY E 284 51.25 -45.29 69.62
C GLY E 284 51.31 -46.52 70.49
N PRO E 285 52.27 -46.56 71.42
CA PRO E 285 52.44 -47.76 72.24
C PRO E 285 51.23 -48.11 73.09
N GLU E 286 50.40 -47.12 73.45
CA GLU E 286 49.24 -47.37 74.28
C GLU E 286 48.10 -48.04 73.52
N PHE E 287 48.17 -48.12 72.19
CA PHE E 287 47.09 -48.64 71.37
C PHE E 287 47.58 -49.70 70.41
N GLY E 288 48.56 -50.50 70.83
CA GLY E 288 49.08 -51.57 70.01
C GLY E 288 50.53 -51.38 69.64
N GLY E 289 50.90 -50.16 69.28
CA GLY E 289 52.28 -49.85 68.98
C GLY E 289 52.81 -50.46 67.70
N GLY E 290 51.93 -50.86 66.79
CA GLY E 290 52.33 -51.48 65.55
C GLY E 290 52.27 -50.52 64.38
N SER E 291 51.94 -51.07 63.21
CA SER E 291 51.75 -50.30 61.99
C SER E 291 51.16 -51.21 60.93
N ILE E 292 50.31 -50.64 60.08
CA ILE E 292 49.74 -51.36 58.94
C ILE E 292 49.97 -50.52 57.69
N THR E 293 50.68 -51.08 56.72
CA THR E 293 50.91 -50.43 55.44
C THR E 293 50.04 -51.08 54.38
N ILE E 294 49.30 -50.26 53.63
CA ILE E 294 48.34 -50.75 52.65
C ILE E 294 48.82 -50.34 51.26
N LEU E 295 48.75 -51.29 50.33
CA LEU E 295 49.09 -51.06 48.92
C LEU E 295 47.93 -51.52 48.05
N PRO E 296 46.86 -50.73 47.96
CA PRO E 296 45.75 -51.09 47.09
C PRO E 296 46.10 -50.88 45.62
N ILE E 297 45.47 -51.68 44.76
CA ILE E 297 45.70 -51.67 43.33
C ILE E 297 44.41 -51.23 42.63
N ALA E 298 44.55 -50.40 41.60
CA ALA E 298 43.43 -49.90 40.84
C ALA E 298 43.74 -49.94 39.35
N GLN E 299 42.75 -50.36 38.57
CA GLN E 299 42.87 -50.47 37.12
C GLN E 299 42.13 -49.32 36.45
N THR E 300 42.78 -48.69 35.48
CA THR E 300 42.18 -47.64 34.67
C THR E 300 41.99 -48.14 33.24
N LEU E 301 41.05 -47.53 32.54
CA LEU E 301 40.72 -47.89 31.17
C LEU E 301 41.29 -46.84 30.24
N ALA E 302 42.28 -47.22 29.43
CA ALA E 302 42.93 -46.32 28.49
C ALA E 302 43.50 -45.09 29.16
N GLY E 303 43.98 -45.24 30.40
CA GLY E 303 44.57 -44.14 31.13
C GLY E 303 43.59 -43.18 31.76
N ASP E 304 42.29 -43.46 31.68
CA ASP E 304 41.27 -42.54 32.19
C ASP E 304 41.22 -42.67 33.72
N ILE E 305 41.82 -41.71 34.40
CA ILE E 305 41.85 -41.69 35.86
C ILE E 305 40.68 -40.88 36.39
N SER E 306 39.79 -40.47 35.48
CA SER E 306 38.63 -39.66 35.85
C SER E 306 37.43 -40.50 36.25
N GLY E 307 37.56 -41.82 36.25
CA GLY E 307 36.48 -42.67 36.71
C GLY E 307 36.19 -42.48 38.19
N TYR E 308 35.01 -42.95 38.60
CA TYR E 308 34.54 -42.69 39.96
C TYR E 308 35.41 -43.38 40.99
N ILE E 309 35.64 -44.69 40.82
CA ILE E 309 36.42 -45.48 41.77
C ILE E 309 37.88 -45.02 41.81
N PRO E 310 38.55 -44.81 40.66
CA PRO E 310 39.91 -44.24 40.73
C PRO E 310 39.96 -42.90 41.42
N THR E 311 38.96 -42.04 41.21
CA THR E 311 38.95 -40.74 41.88
C THR E 311 38.80 -40.90 43.38
N ASN E 312 37.89 -41.77 43.82
CA ASN E 312 37.74 -42.03 45.25
C ASN E 312 39.04 -42.54 45.86
N LEU E 313 39.65 -43.54 45.21
CA LEU E 313 40.86 -44.13 45.76
C LEU E 313 42.03 -43.15 45.76
N ILE E 314 42.08 -42.24 44.78
CA ILE E 314 43.09 -41.20 44.80
C ILE E 314 42.83 -40.21 45.94
N SER E 315 41.56 -39.91 46.20
CA SER E 315 41.22 -38.99 47.27
C SER E 315 41.50 -39.58 48.65
N ILE E 316 41.46 -40.90 48.78
CA ILE E 316 41.62 -41.52 50.09
C ILE E 316 43.07 -41.77 50.45
N THR E 317 43.89 -42.20 49.50
CA THR E 317 45.24 -42.66 49.82
C THR E 317 46.21 -41.48 49.97
N ASP E 318 47.35 -41.77 50.60
CA ASP E 318 48.38 -40.77 50.86
C ASP E 318 49.29 -40.52 49.65
N GLY E 319 49.26 -41.40 48.66
CA GLY E 319 50.09 -41.25 47.49
C GLY E 319 49.70 -42.25 46.44
N GLN E 320 50.16 -41.98 45.22
CA GLN E 320 49.81 -42.81 44.07
C GLN E 320 51.05 -43.12 43.24
N ILE E 321 51.18 -44.39 42.86
CA ILE E 321 52.22 -44.85 41.94
C ILE E 321 51.50 -45.20 40.65
N TYR E 322 51.78 -44.44 39.59
CA TYR E 322 51.13 -44.64 38.31
C TYR E 322 51.99 -45.53 37.42
N THR E 323 51.36 -46.55 36.82
CA THR E 323 52.02 -47.36 35.82
C THR E 323 51.48 -46.99 34.45
N SER E 324 52.38 -46.72 33.51
CA SER E 324 52.03 -46.22 32.19
C SER E 324 52.22 -47.29 31.13
N ALA E 325 51.26 -47.37 30.20
CA ALA E 325 51.40 -48.30 29.08
C ALA E 325 52.39 -47.79 28.04
N LYS E 326 52.47 -46.47 27.85
CA LYS E 326 53.46 -45.91 26.93
C LYS E 326 54.88 -46.22 27.39
N LEU E 327 55.14 -46.08 28.69
CA LEU E 327 56.46 -46.43 29.22
C LEU E 327 56.72 -47.92 29.12
N PHE E 328 55.68 -48.75 29.23
CA PHE E 328 55.84 -50.18 29.02
C PHE E 328 56.25 -50.47 27.58
N ASN E 329 55.63 -49.77 26.62
CA ASN E 329 56.00 -49.94 25.22
C ASN E 329 57.43 -49.46 24.97
N GLU E 330 57.82 -48.36 25.60
CA GLU E 330 59.15 -47.80 25.40
C GLU E 330 60.26 -48.72 25.91
N GLY E 331 59.93 -49.74 26.70
CA GLY E 331 60.92 -50.65 27.24
C GLY E 331 61.25 -50.46 28.71
N THR E 332 60.60 -49.51 29.38
CA THR E 332 60.86 -49.28 30.79
C THR E 332 60.30 -50.41 31.63
N ARG E 333 61.09 -50.90 32.58
CA ARG E 333 60.67 -51.92 33.53
C ARG E 333 61.25 -51.61 34.91
N PRO E 334 60.41 -51.30 35.92
CA PRO E 334 58.96 -51.16 35.80
C PRO E 334 58.55 -49.83 35.18
N ALA E 335 57.40 -49.82 34.50
CA ALA E 335 56.94 -48.64 33.77
C ALA E 335 56.19 -47.69 34.71
N ILE E 336 56.94 -47.14 35.65
CA ILE E 336 56.39 -46.22 36.65
C ILE E 336 56.50 -44.81 36.12
N ASP E 337 55.38 -44.09 36.11
CA ASP E 337 55.35 -42.69 35.67
C ASP E 337 55.76 -41.81 36.85
N VAL E 338 57.00 -41.31 36.80
CA VAL E 338 57.51 -40.48 37.88
C VAL E 338 56.82 -39.12 37.88
N ASN E 339 56.56 -38.56 36.69
CA ASN E 339 55.98 -37.22 36.60
C ASN E 339 54.56 -37.18 37.15
N LEU E 340 53.84 -38.29 37.13
CA LEU E 340 52.48 -38.35 37.64
C LEU E 340 52.38 -38.85 39.06
N SER E 341 53.33 -39.67 39.51
CA SER E 341 53.27 -40.25 40.84
C SER E 341 53.60 -39.22 41.90
N VAL E 342 52.95 -39.36 43.06
CA VAL E 342 53.15 -38.43 44.15
C VAL E 342 53.30 -39.15 45.47
N SER E 343 54.09 -38.61 46.38
CA SER E 343 54.20 -39.19 47.71
C SER E 343 54.18 -38.03 48.66
N ARG E 344 53.07 -37.83 49.35
CA ARG E 344 52.95 -36.69 50.21
C ARG E 344 53.95 -36.73 51.36
N LEU E 345 54.30 -37.92 51.82
CA LEU E 345 55.19 -38.04 52.96
C LEU E 345 56.57 -37.47 52.68
N GLY E 346 57.20 -37.89 51.60
CA GLY E 346 58.50 -37.37 51.24
C GLY E 346 59.62 -37.84 52.14
N SER E 347 60.70 -37.08 52.22
CA SER E 347 61.86 -37.44 53.02
C SER E 347 61.50 -37.80 54.45
N ALA E 348 60.30 -37.44 54.92
CA ALA E 348 59.86 -37.87 56.24
C ALA E 348 59.76 -39.39 56.32
N ALA E 349 59.54 -40.05 55.20
CA ALA E 349 59.41 -41.50 55.13
C ALA E 349 60.72 -42.17 54.74
N GLN E 350 61.81 -41.43 54.71
CA GLN E 350 63.11 -41.93 54.30
C GLN E 350 64.09 -41.86 55.48
N SER E 351 65.09 -42.73 55.44
CA SER E 351 66.19 -42.62 56.38
C SER E 351 67.04 -41.40 56.05
N LYS E 352 67.86 -40.97 57.01
CA LYS E 352 68.68 -39.78 56.81
C LYS E 352 69.67 -39.99 55.66
N PHE E 353 70.31 -41.16 55.62
CA PHE E 353 71.26 -41.42 54.54
C PHE E 353 70.56 -41.45 53.18
N MET E 354 69.40 -42.09 53.10
CA MET E 354 68.65 -42.12 51.85
C MET E 354 68.18 -40.73 51.45
N ALA E 355 67.74 -39.93 52.43
CA ALA E 355 67.32 -38.57 52.12
C ALA E 355 68.48 -37.74 51.59
N PHE E 356 69.67 -37.91 52.18
CA PHE E 356 70.84 -37.20 51.68
C PHE E 356 71.24 -37.69 50.30
N ALA E 357 71.05 -38.99 50.03
CA ALA E 357 71.49 -39.56 48.76
C ALA E 357 70.59 -39.14 47.60
N SER E 358 69.32 -38.84 47.87
CA SER E 358 68.37 -38.58 46.80
C SER E 358 67.78 -37.18 46.89
N SER E 359 68.62 -36.18 47.09
CA SER E 359 68.13 -34.82 47.32
C SER E 359 67.39 -34.26 46.11
N GLY E 360 68.03 -34.30 44.94
CA GLY E 360 67.47 -33.63 43.78
C GLY E 360 67.26 -34.51 42.56
N LEU E 361 66.82 -35.74 42.76
CA LEU E 361 66.67 -36.67 41.64
C LEU E 361 65.44 -36.34 40.80
N LYS E 362 64.34 -35.95 41.44
CA LYS E 362 63.11 -35.67 40.71
C LYS E 362 63.29 -34.49 39.76
N LYS E 363 63.99 -33.44 40.20
CA LYS E 363 64.23 -32.30 39.33
C LYS E 363 65.05 -32.68 38.12
N ILE E 364 66.10 -33.50 38.34
CA ILE E 364 66.94 -33.94 37.23
C ILE E 364 66.11 -34.77 36.25
N TYR E 365 65.27 -35.67 36.76
CA TYR E 365 64.44 -36.48 35.88
C TYR E 365 63.47 -35.61 35.08
N THR E 366 62.87 -34.62 35.73
CA THR E 366 61.93 -33.74 35.02
C THR E 366 62.63 -32.96 33.90
N GLU E 367 63.79 -32.38 34.22
CA GLU E 367 64.54 -31.65 33.20
C GLU E 367 64.94 -32.57 32.05
N TYR E 368 65.42 -33.78 32.38
CA TYR E 368 65.83 -34.72 31.34
C TYR E 368 64.65 -35.12 30.46
N LYS E 369 63.48 -35.34 31.06
CA LYS E 369 62.31 -35.71 30.27
C LYS E 369 61.91 -34.57 29.33
N TYR E 370 61.91 -33.34 29.83
CA TYR E 370 61.60 -32.19 28.97
C TYR E 370 62.58 -32.11 27.80
N LEU E 371 63.88 -32.22 28.10
CA LEU E 371 64.89 -32.13 27.04
C LEU E 371 64.76 -33.27 26.05
N LYS E 372 64.51 -34.48 26.53
CA LYS E 372 64.38 -35.63 25.64
C LYS E 372 63.15 -35.50 24.74
N ARG E 373 62.06 -34.97 25.29
CA ARG E 373 60.88 -34.75 24.47
C ARG E 373 61.14 -33.71 23.38
N LEU E 374 61.85 -32.64 23.74
CA LEU E 374 62.11 -31.61 22.73
C LEU E 374 63.28 -31.95 21.81
N SER E 375 64.04 -33.01 22.10
CA SER E 375 65.21 -33.33 21.29
C SER E 375 64.85 -33.67 19.86
N SER E 376 63.65 -34.22 19.63
CA SER E 376 63.27 -34.60 18.28
C SER E 376 63.02 -33.40 17.37
N PHE E 377 62.86 -32.21 17.93
CA PHE E 377 62.61 -31.00 17.16
C PHE E 377 63.76 -30.00 17.19
N SER E 378 64.41 -29.85 18.34
CA SER E 378 65.52 -28.91 18.46
C SER E 378 66.73 -29.42 17.69
N SER E 379 67.68 -28.52 17.47
CA SER E 379 68.90 -28.86 16.74
C SER E 379 70.14 -28.43 17.51
N LYS E 380 70.03 -27.37 18.30
CA LYS E 380 71.16 -26.80 19.04
C LYS E 380 70.93 -26.96 20.53
N ILE E 381 71.92 -27.53 21.21
CA ILE E 381 71.85 -27.75 22.65
C ILE E 381 73.16 -27.30 23.28
N SER E 382 73.06 -26.68 24.45
CA SER E 382 74.22 -26.17 25.17
C SER E 382 74.96 -27.31 25.87
N ASN E 383 76.13 -26.98 26.43
CA ASN E 383 76.91 -27.97 27.16
C ASN E 383 76.18 -28.43 28.42
N ARG E 384 75.50 -27.50 29.11
CA ARG E 384 74.63 -27.88 30.21
C ARG E 384 73.57 -28.87 29.74
N ASP E 385 73.09 -28.71 28.50
CA ASP E 385 72.14 -29.68 27.96
C ASP E 385 72.78 -31.05 27.80
N LEU E 386 74.04 -31.10 27.35
CA LEU E 386 74.72 -32.39 27.23
C LEU E 386 74.88 -33.05 28.59
N GLU E 387 75.26 -32.29 29.61
CA GLU E 387 75.41 -32.88 30.94
C GLU E 387 74.06 -33.34 31.49
N THR E 388 72.99 -32.58 31.22
CA THR E 388 71.66 -33.00 31.63
C THR E 388 71.25 -34.31 30.94
N LEU E 389 71.53 -34.42 29.64
CA LEU E 389 71.22 -35.66 28.93
C LEU E 389 72.01 -36.83 29.49
N GLN E 390 73.30 -36.62 29.81
CA GLN E 390 74.09 -37.70 30.38
C GLN E 390 73.54 -38.14 31.73
N LYS E 391 73.24 -37.17 32.61
CA LYS E 391 72.73 -37.51 33.92
C LYS E 391 71.36 -38.19 33.85
N GLY E 392 70.50 -37.72 32.95
CA GLY E 392 69.19 -38.34 32.79
C GLY E 392 69.28 -39.76 32.24
N LYS E 393 70.18 -39.98 31.27
CA LYS E 393 70.35 -41.32 30.74
C LYS E 393 70.90 -42.26 31.80
N ALA E 394 71.84 -41.78 32.62
CA ALA E 394 72.35 -42.59 33.71
C ALA E 394 71.26 -42.90 34.73
N PHE E 395 70.39 -41.92 35.02
CA PHE E 395 69.30 -42.16 35.95
C PHE E 395 68.31 -43.19 35.41
N GLU E 396 67.98 -43.12 34.12
CA GLU E 396 67.11 -44.13 33.54
C GLU E 396 67.74 -45.51 33.57
N SER E 397 69.04 -45.59 33.27
CA SER E 397 69.71 -46.89 33.34
C SER E 397 69.78 -47.41 34.77
N LEU E 398 69.77 -46.51 35.76
CA LEU E 398 69.88 -46.92 37.16
C LEU E 398 68.56 -47.46 37.70
N ILE E 399 67.44 -46.90 37.27
CA ILE E 399 66.14 -47.21 37.88
C ILE E 399 65.46 -48.35 37.13
N ASP E 400 66.21 -49.05 36.29
CA ASP E 400 65.69 -50.18 35.54
C ASP E 400 66.16 -51.49 36.18
N GLN E 401 65.21 -52.35 36.52
CA GLN E 401 65.56 -53.61 37.18
C GLN E 401 64.59 -54.70 36.73
N ALA E 402 65.05 -55.95 36.86
CA ALA E 402 64.30 -57.10 36.41
C ALA E 402 63.18 -57.44 37.40
N GLU E 403 62.36 -58.42 37.04
CA GLU E 403 61.21 -58.79 37.84
C GLU E 403 61.63 -59.60 39.07
N TYR E 404 60.97 -59.34 40.19
CA TYR E 404 61.26 -60.00 41.47
C TYR E 404 62.71 -59.75 41.91
N GLU E 405 63.29 -58.64 41.48
CA GLU E 405 64.66 -58.27 41.83
C GLU E 405 64.61 -57.28 42.99
N VAL E 406 65.02 -57.72 44.17
CA VAL E 406 65.09 -56.86 45.35
C VAL E 406 66.47 -56.21 45.38
N ILE E 407 66.48 -54.88 45.49
CA ILE E 407 67.70 -54.10 45.64
C ILE E 407 67.67 -53.43 47.00
N ASP E 408 68.76 -53.57 47.75
CA ASP E 408 68.79 -53.10 49.12
C ASP E 408 68.70 -51.58 49.20
N TYR E 409 68.18 -51.09 50.33
CA TYR E 409 68.03 -49.66 50.55
C TYR E 409 69.37 -48.94 50.46
N GLU E 410 70.39 -49.49 51.14
CA GLU E 410 71.69 -48.85 51.15
C GLU E 410 72.35 -48.91 49.78
N THR E 411 72.14 -50.01 49.04
CA THR E 411 72.67 -50.10 47.69
C THR E 411 72.06 -49.02 46.80
N SER E 412 70.74 -48.81 46.92
CA SER E 412 70.09 -47.76 46.16
C SER E 412 70.65 -46.39 46.52
N ALA E 413 70.86 -46.14 47.81
CA ALA E 413 71.39 -44.84 48.23
C ALA E 413 72.80 -44.63 47.69
N ILE E 414 73.66 -45.65 47.76
CA ILE E 414 75.02 -45.53 47.26
C ILE E 414 75.01 -45.30 45.76
N LEU E 415 74.16 -46.00 45.03
CA LEU E 415 74.05 -45.79 43.59
C LEU E 415 73.59 -44.38 43.27
N PHE E 416 72.62 -43.86 44.04
CA PHE E 416 72.18 -42.50 43.84
C PHE E 416 73.31 -41.51 44.05
N LEU E 417 74.11 -41.71 45.11
CA LEU E 417 75.22 -40.81 45.37
C LEU E 417 76.28 -40.90 44.26
N LEU E 418 76.56 -42.10 43.78
CA LEU E 418 77.49 -42.26 42.66
C LEU E 418 76.99 -41.53 41.42
N LEU E 419 75.69 -41.64 41.12
CA LEU E 419 75.12 -40.91 40.00
C LEU E 419 75.26 -39.40 40.20
N LYS E 420 74.93 -38.91 41.40
CA LYS E 420 74.98 -37.48 41.67
C LYS E 420 76.39 -36.94 41.60
N LYS E 421 77.40 -37.78 41.89
CA LYS E 421 78.78 -37.34 41.80
C LYS E 421 79.32 -37.37 40.38
N GLY E 422 78.58 -37.95 39.43
CA GLY E 422 79.04 -38.04 38.06
C GLY E 422 79.82 -39.29 37.71
N PHE E 423 79.74 -40.33 38.54
CA PHE E 423 80.55 -41.54 38.36
C PHE E 423 79.88 -42.60 37.48
N LEU E 424 78.69 -42.33 36.95
CA LEU E 424 77.93 -43.34 36.23
C LEU E 424 77.57 -42.90 34.80
N ASN E 425 78.35 -41.99 34.22
CA ASN E 425 78.08 -41.51 32.88
C ASN E 425 79.10 -42.00 31.86
N PHE E 426 80.10 -42.78 32.27
CA PHE E 426 81.09 -43.27 31.32
C PHE E 426 80.53 -44.39 30.45
N TYR E 427 79.75 -45.30 31.05
CA TYR E 427 79.14 -46.38 30.29
C TYR E 427 77.85 -45.92 29.62
N THR E 428 77.45 -46.64 28.58
CA THR E 428 76.23 -46.34 27.85
C THR E 428 75.81 -47.56 27.06
N GLU E 429 74.55 -47.96 27.21
CA GLU E 429 73.89 -49.06 26.50
C GLU E 429 74.40 -50.44 26.88
N LYS E 430 75.41 -50.53 27.75
CA LYS E 430 75.92 -51.82 28.17
C LYS E 430 75.20 -52.36 29.41
N THR E 431 75.09 -51.54 30.46
CA THR E 431 74.39 -51.84 31.70
C THR E 431 74.90 -53.10 32.38
N GLU E 432 76.06 -53.62 31.97
CA GLU E 432 76.74 -54.65 32.72
C GLU E 432 77.68 -54.08 33.78
N ALA E 433 78.20 -52.88 33.53
CA ALA E 433 78.96 -52.17 34.57
C ALA E 433 78.10 -51.92 35.79
N LEU E 434 76.87 -51.44 35.58
CA LEU E 434 75.98 -51.22 36.70
C LEU E 434 75.59 -52.54 37.38
N LYS E 435 75.51 -53.62 36.60
CA LYS E 435 75.19 -54.92 37.17
C LYS E 435 76.30 -55.38 38.11
N VAL E 436 77.55 -55.29 37.67
CA VAL E 436 78.66 -55.73 38.52
C VAL E 436 78.81 -54.77 39.70
N ILE E 437 78.51 -53.49 39.51
CA ILE E 437 78.56 -52.54 40.62
C ILE E 437 77.54 -52.92 41.70
N ILE E 438 76.32 -53.24 41.27
CA ILE E 438 75.30 -53.65 42.24
C ILE E 438 75.72 -54.92 42.97
N GLY E 439 76.24 -55.90 42.22
CA GLY E 439 76.69 -57.13 42.86
C GLY E 439 77.78 -56.88 43.89
N VAL E 440 78.77 -56.06 43.53
CA VAL E 440 79.89 -55.78 44.42
C VAL E 440 79.41 -55.06 45.67
N ILE E 441 78.53 -54.06 45.49
CA ILE E 441 78.05 -53.30 46.64
C ILE E 441 77.22 -54.18 47.56
N LYS E 442 76.37 -55.03 46.99
CA LYS E 442 75.55 -55.92 47.79
C LYS E 442 76.41 -56.90 48.60
N VAL E 443 77.44 -57.47 47.96
CA VAL E 443 78.29 -58.42 48.68
C VAL E 443 79.11 -57.70 49.75
N PHE E 444 79.56 -56.48 49.46
CA PHE E 444 80.32 -55.72 50.46
C PHE E 444 79.47 -55.39 51.66
N LEU E 445 78.23 -54.94 51.44
CA LEU E 445 77.37 -54.54 52.54
C LEU E 445 76.73 -55.73 53.26
N ALA E 446 76.70 -56.91 52.64
CA ALA E 446 76.02 -58.06 53.23
C ALA E 446 76.96 -59.09 53.82
N LYS E 447 78.21 -59.18 53.36
CA LYS E 447 79.11 -60.24 53.77
C LYS E 447 80.27 -59.73 54.61
N ASP E 448 81.04 -58.77 54.10
CA ASP E 448 82.20 -58.26 54.81
C ASP E 448 81.80 -57.71 56.18
N VAL E 449 82.54 -58.10 57.22
CA VAL E 449 82.20 -57.67 58.58
C VAL E 449 82.30 -56.15 58.70
N LEU E 450 83.37 -55.56 58.16
CA LEU E 450 83.46 -54.11 58.09
C LEU E 450 82.35 -53.56 57.21
N GLY E 451 82.00 -54.28 56.14
CA GLY E 451 80.84 -53.89 55.36
C GLY E 451 79.56 -53.90 56.16
N ARG E 452 79.40 -54.89 57.05
CA ARG E 452 78.23 -54.91 57.93
C ARG E 452 78.23 -53.71 58.87
N LYS E 453 79.39 -53.35 59.40
CA LYS E 453 79.48 -52.17 60.26
C LYS E 453 79.10 -50.91 59.50
N MET E 454 79.62 -50.75 58.28
CA MET E 454 79.26 -49.61 57.45
C MET E 454 77.76 -49.61 57.14
N ARG E 455 77.20 -50.78 56.90
CA ARG E 455 75.77 -50.90 56.62
C ARG E 455 74.96 -50.39 57.81
N ALA E 456 75.34 -50.81 59.02
CA ALA E 456 74.63 -50.32 60.21
C ALA E 456 74.77 -48.81 60.34
N ILE E 457 75.99 -48.28 60.16
CA ILE E 457 76.19 -46.84 60.24
C ILE E 457 75.26 -46.12 59.28
N LEU E 458 75.16 -46.62 58.05
CA LEU E 458 74.26 -46.00 57.08
C LEU E 458 72.80 -46.17 57.46
N VAL E 459 72.43 -47.29 58.09
CA VAL E 459 71.03 -47.55 58.39
C VAL E 459 70.53 -46.63 59.49
N GLU E 460 71.11 -46.70 60.69
CA GLU E 460 70.55 -45.96 61.81
C GLU E 460 71.30 -44.68 62.16
N HIS E 461 72.29 -44.27 61.37
CA HIS E 461 72.97 -43.01 61.62
C HIS E 461 73.02 -42.17 60.35
N GLY E 462 72.65 -40.90 60.46
CA GLY E 462 72.76 -40.00 59.34
C GLY E 462 74.11 -39.33 59.27
N ILE E 463 74.99 -39.82 58.40
CA ILE E 463 76.34 -39.29 58.31
C ILE E 463 76.36 -38.05 57.43
N ASP E 464 77.36 -37.19 57.66
CA ASP E 464 77.51 -35.97 56.89
C ASP E 464 78.23 -36.25 55.58
N SER E 465 78.46 -35.18 54.80
CA SER E 465 79.06 -35.34 53.49
C SER E 465 80.52 -35.78 53.57
N ILE E 466 81.25 -35.32 54.57
CA ILE E 466 82.68 -35.62 54.66
C ILE E 466 82.91 -37.09 54.99
N VAL E 467 82.15 -37.63 55.94
CA VAL E 467 82.31 -39.03 56.32
C VAL E 467 81.95 -39.94 55.14
N TRP E 468 80.86 -39.62 54.44
CA TRP E 468 80.48 -40.41 53.27
C TRP E 468 81.52 -40.30 52.17
N ASN E 469 82.08 -39.10 51.97
CA ASN E 469 83.12 -38.94 50.95
C ASN E 469 84.35 -39.77 51.29
N LEU E 470 84.72 -39.83 52.57
CA LEU E 470 85.82 -40.67 52.99
C LEU E 470 85.53 -42.14 52.74
N TYR E 471 84.31 -42.58 53.09
CA TYR E 471 83.91 -43.95 52.79
C TYR E 471 84.03 -44.26 51.30
N LEU E 472 83.50 -43.36 50.46
CA LEU E 472 83.51 -43.58 49.02
C LEU E 472 84.93 -43.62 48.48
N ASN E 473 85.79 -42.72 48.94
CA ASN E 473 87.14 -42.60 48.40
C ASN E 473 88.12 -43.60 49.00
N HIS E 474 87.73 -44.37 50.01
CA HIS E 474 88.67 -45.31 50.61
C HIS E 474 88.27 -46.78 50.53
N MET E 475 87.00 -47.10 50.34
CA MET E 475 86.68 -48.52 50.18
C MET E 475 85.81 -48.82 48.97
N ILE E 476 84.86 -47.93 48.64
CA ILE E 476 83.92 -48.23 47.56
C ILE E 476 84.58 -48.03 46.21
N LEU E 477 85.14 -46.84 45.98
CA LEU E 477 85.75 -46.55 44.69
C LEU E 477 86.89 -47.50 44.33
N PRO E 478 87.82 -47.87 45.22
CA PRO E 478 88.85 -48.84 44.82
C PRO E 478 88.29 -50.19 44.40
N LEU E 479 87.32 -50.71 45.16
CA LEU E 479 86.71 -52.00 44.82
C LEU E 479 86.00 -51.93 43.47
N LEU E 480 85.21 -50.88 43.26
CA LEU E 480 84.53 -50.71 41.99
C LEU E 480 85.51 -50.58 40.85
N LYS E 481 86.58 -49.81 41.04
CA LYS E 481 87.59 -49.64 39.99
C LYS E 481 88.22 -50.97 39.62
N TYR E 482 88.66 -51.73 40.63
CA TYR E 482 89.32 -52.99 40.35
C TYR E 482 88.39 -53.95 39.62
N HIS E 483 87.14 -54.08 40.10
CA HIS E 483 86.27 -55.07 39.49
C HIS E 483 85.76 -54.63 38.12
N LEU E 484 85.61 -53.33 37.91
CA LEU E 484 85.28 -52.83 36.58
C LEU E 484 86.41 -53.09 35.60
N LEU E 485 87.66 -52.93 36.04
CA LEU E 485 88.79 -53.30 35.19
C LEU E 485 88.83 -54.79 34.94
N SER E 486 88.54 -55.59 35.96
CA SER E 486 88.67 -57.04 35.85
C SER E 486 87.56 -57.68 35.02
N GLU E 487 86.40 -57.04 34.94
CA GLU E 487 85.29 -57.60 34.18
C GLU E 487 84.91 -56.81 32.93
N LEU E 488 85.31 -55.55 32.84
CA LEU E 488 85.13 -54.73 31.64
C LEU E 488 86.49 -54.20 31.25
N GLN E 489 87.23 -54.97 30.44
CA GLN E 489 88.61 -54.62 30.13
C GLN E 489 88.70 -53.36 29.29
N TYR E 490 87.84 -53.24 28.27
CA TYR E 490 87.91 -52.09 27.38
C TYR E 490 87.54 -50.79 28.08
N LEU E 491 86.92 -50.86 29.26
CA LEU E 491 86.59 -49.64 30.01
C LEU E 491 87.83 -48.83 30.32
N ALA E 492 88.99 -49.49 30.44
CA ALA E 492 90.24 -48.77 30.71
C ALA E 492 90.59 -47.83 29.57
N THR E 493 90.18 -48.15 28.34
CA THR E 493 90.47 -47.27 27.21
C THR E 493 89.60 -46.02 27.21
N ASN E 494 88.51 -46.00 27.98
CA ASN E 494 87.64 -44.83 28.02
C ASN E 494 88.37 -43.65 28.67
N ARG E 495 88.32 -42.50 28.01
CA ARG E 495 88.96 -41.31 28.56
C ARG E 495 88.30 -40.87 29.86
N GLU E 496 86.96 -40.91 29.91
CA GLU E 496 86.26 -40.50 31.13
C GLU E 496 86.55 -41.45 32.29
N PHE E 497 86.59 -42.75 32.01
CA PHE E 497 86.91 -43.72 33.05
C PHE E 497 88.31 -43.48 33.61
N ILE E 498 89.28 -43.21 32.74
CA ILE E 498 90.65 -42.96 33.19
C ILE E 498 90.73 -41.64 33.96
N LYS E 499 89.98 -40.63 33.51
CA LYS E 499 90.01 -39.33 34.19
C LYS E 499 89.41 -39.42 35.59
N LYS E 500 88.24 -40.06 35.72
CA LYS E 500 87.60 -40.16 37.02
C LYS E 500 88.30 -41.15 37.96
N PHE E 501 89.03 -42.11 37.41
CA PHE E 501 89.67 -43.16 38.21
C PHE E 501 91.19 -43.09 38.11
N LYS E 502 91.74 -41.88 38.21
CA LYS E 502 93.19 -41.70 38.20
C LYS E 502 93.76 -41.29 39.55
N ASP E 503 92.90 -41.03 40.55
CA ASP E 503 93.35 -40.62 41.87
C ASP E 503 92.81 -41.56 42.96
N ILE E 504 92.66 -42.83 42.63
CA ILE E 504 92.15 -43.84 43.56
C ILE E 504 93.20 -44.92 43.70
N ARG E 505 93.34 -45.46 44.91
CA ARG E 505 94.32 -46.50 45.17
C ARG E 505 94.10 -47.70 44.26
N ASN E 506 95.21 -48.23 43.73
CA ASN E 506 95.18 -49.39 42.84
C ASN E 506 95.47 -50.63 43.69
N ASP E 507 94.42 -51.21 44.26
CA ASP E 507 94.54 -52.37 45.14
C ASP E 507 94.31 -53.67 44.38
N GLY E 508 94.72 -53.72 43.11
CA GLY E 508 94.43 -54.88 42.29
C GLY E 508 95.11 -56.16 42.76
N ARG E 509 96.30 -56.05 43.35
CA ARG E 509 97.05 -57.24 43.73
C ARG E 509 96.30 -58.05 44.79
N ILE E 510 95.89 -57.39 45.87
CA ILE E 510 95.25 -58.11 46.98
C ILE E 510 93.89 -58.66 46.56
N LEU E 511 93.16 -57.91 45.73
CA LEU E 511 91.84 -58.37 45.29
C LEU E 511 91.97 -59.51 44.29
N LEU E 512 92.99 -59.50 43.44
CA LEU E 512 93.25 -60.66 42.59
C LEU E 512 93.63 -61.87 43.42
N ALA E 513 94.41 -61.65 44.49
CA ALA E 513 94.72 -62.76 45.40
C ALA E 513 93.45 -63.33 46.02
N TYR E 514 92.55 -62.46 46.47
CA TYR E 514 91.30 -62.93 47.08
C TYR E 514 90.41 -63.62 46.06
N GLU E 515 90.44 -63.19 44.81
CA GLU E 515 89.76 -63.92 43.75
C GLU E 515 90.36 -65.31 43.58
N ARG E 516 91.69 -65.42 43.62
CA ARG E 516 92.35 -66.71 43.47
C ARG E 516 91.99 -67.64 44.62
N LYS E 517 91.95 -67.12 45.85
CA LYS E 517 91.54 -67.96 46.98
C LYS E 517 90.07 -68.32 46.96
N GLY E 518 89.27 -67.70 46.10
CA GLY E 518 87.89 -68.10 45.90
C GLY E 518 86.85 -67.26 46.62
N TYR E 519 87.25 -66.23 47.35
CA TYR E 519 86.27 -65.37 48.00
C TYR E 519 85.36 -64.72 46.97
N GLU E 520 84.07 -64.67 47.29
CA GLU E 520 83.09 -64.12 46.37
C GLU E 520 83.32 -62.62 46.16
N ARG E 521 82.91 -62.14 44.99
CA ARG E 521 83.21 -60.78 44.56
C ARG E 521 82.57 -59.74 45.46
N GLY E 522 83.37 -59.07 46.28
CA GLY E 522 82.87 -58.03 47.15
C GLY E 522 83.44 -58.04 48.55
N ILE E 523 84.02 -59.17 48.95
CA ILE E 523 84.65 -59.29 50.27
C ILE E 523 86.04 -58.67 50.18
N ALA E 524 86.21 -57.50 50.80
CA ALA E 524 87.50 -56.80 50.78
C ALA E 524 88.39 -57.15 51.96
N TYR E 525 87.81 -57.49 53.11
CA TYR E 525 88.58 -57.81 54.31
C TYR E 525 88.06 -59.11 54.91
N ASP E 526 88.99 -59.99 55.28
CA ASP E 526 88.65 -61.24 55.95
C ASP E 526 89.30 -61.28 57.33
N TYR E 527 89.28 -60.13 58.01
CA TYR E 527 89.96 -60.02 59.33
C TYR E 527 89.22 -60.85 60.36
N LYS E 528 88.35 -61.75 59.91
CA LYS E 528 87.59 -62.65 60.82
C LYS E 528 87.56 -62.05 62.24
N MET F 1 -10.20 -19.07 55.71
CA MET F 1 -10.00 -19.99 56.83
C MET F 1 -9.26 -21.24 56.37
N LYS F 2 -8.72 -21.99 57.34
CA LYS F 2 -7.93 -23.16 57.04
C LYS F 2 -8.80 -24.30 56.54
N ASN F 3 -8.41 -24.91 55.43
CA ASN F 3 -9.12 -26.06 54.89
C ASN F 3 -8.18 -27.16 54.42
N LEU F 4 -6.88 -27.08 54.73
CA LEU F 4 -5.90 -28.06 54.30
C LEU F 4 -5.07 -28.49 55.50
N LYS F 5 -4.61 -29.74 55.46
CA LYS F 5 -3.75 -30.28 56.51
C LYS F 5 -2.48 -30.85 55.89
N ILE F 6 -1.34 -30.58 56.52
CA ILE F 6 -0.07 -31.09 56.02
C ILE F 6 0.05 -32.56 56.36
N THR F 7 0.37 -33.38 55.37
CA THR F 7 0.50 -34.83 55.55
C THR F 7 1.94 -35.31 55.53
N ALA F 8 2.76 -34.81 54.61
CA ALA F 8 4.17 -35.17 54.53
C ALA F 8 4.98 -33.95 54.19
N ILE F 9 6.24 -33.94 54.64
CA ILE F 9 7.20 -32.88 54.34
C ILE F 9 8.48 -33.57 53.91
N LYS F 10 8.65 -33.73 52.60
CA LYS F 10 9.83 -34.39 52.07
C LYS F 10 10.21 -33.75 50.75
N ASP F 11 11.49 -33.85 50.40
CA ASP F 11 12.05 -33.24 49.19
C ASP F 11 11.87 -31.73 49.17
N ASN F 12 11.83 -31.11 50.35
CA ASN F 12 11.61 -29.68 50.53
C ASN F 12 10.25 -29.23 50.02
N LEU F 13 9.34 -30.16 49.79
CA LEU F 13 7.99 -29.86 49.35
C LEU F 13 6.99 -30.28 50.42
N ILE F 14 5.82 -29.65 50.41
CA ILE F 14 4.78 -29.90 51.39
C ILE F 14 3.59 -30.55 50.69
N PHE F 15 3.03 -31.57 51.33
CA PHE F 15 1.95 -32.35 50.74
C PHE F 15 0.68 -32.04 51.51
N VAL F 16 -0.14 -31.16 50.96
CA VAL F 16 -1.36 -30.73 51.62
C VAL F 16 -2.49 -31.66 51.21
N GLU F 17 -3.35 -31.99 52.17
CA GLU F 17 -4.55 -32.78 51.94
C GLU F 17 -5.78 -31.96 52.23
N GLY F 18 -6.76 -32.06 51.35
CA GLY F 18 -8.01 -31.34 51.49
C GLY F 18 -8.77 -31.42 50.19
N GLU F 19 -10.04 -31.06 50.27
CA GLU F 19 -10.93 -31.08 49.11
C GLU F 19 -11.11 -29.64 48.63
N HIS F 20 -10.53 -29.34 47.47
CA HIS F 20 -10.49 -27.98 46.95
C HIS F 20 -10.30 -28.05 45.45
N GLN F 21 -10.59 -26.93 44.79
CA GLN F 21 -10.38 -26.81 43.34
C GLN F 21 -9.01 -26.19 43.10
N PHE F 22 -7.99 -27.02 43.25
CA PHE F 22 -6.61 -26.57 43.05
C PHE F 22 -6.36 -26.18 41.61
N SER F 23 -5.51 -25.17 41.42
CA SER F 23 -5.05 -24.76 40.10
C SER F 23 -3.54 -24.58 40.14
N PHE F 24 -2.92 -24.68 38.97
CA PHE F 24 -1.46 -24.57 38.89
C PHE F 24 -1.01 -23.18 39.33
N LEU F 25 -0.04 -23.16 40.24
CA LEU F 25 0.47 -21.91 40.83
C LEU F 25 -0.63 -21.11 41.51
N GLU F 26 -1.36 -21.78 42.40
CA GLU F 26 -2.33 -21.13 43.25
C GLU F 26 -1.70 -20.91 44.62
N ILE F 27 -1.80 -19.69 45.14
CA ILE F 27 -1.15 -19.36 46.40
C ILE F 27 -1.86 -20.07 47.54
N ILE F 28 -1.08 -20.74 48.39
CA ILE F 28 -1.57 -21.40 49.59
C ILE F 28 -0.89 -20.74 50.77
N LYS F 29 -1.67 -20.23 51.70
CA LYS F 29 -1.16 -19.44 52.81
C LYS F 29 -1.05 -20.31 54.06
N PHE F 30 0.17 -20.44 54.57
CA PHE F 30 0.42 -21.16 55.81
C PHE F 30 0.45 -20.25 57.03
N SER F 31 0.73 -18.97 56.84
CA SER F 31 0.58 -17.95 57.87
C SER F 31 0.25 -16.64 57.18
N ASP F 32 0.42 -15.53 57.88
CA ASP F 32 0.26 -14.21 57.27
C ASP F 32 1.48 -13.76 56.49
N LYS F 33 2.57 -14.54 56.52
CA LYS F 33 3.81 -14.13 55.88
C LYS F 33 4.33 -15.21 54.93
N VAL F 34 4.02 -16.47 55.23
CA VAL F 34 4.57 -17.62 54.51
C VAL F 34 3.50 -18.19 53.60
N GLU F 35 3.84 -18.41 52.34
CA GLU F 35 2.92 -19.01 51.39
C GLU F 35 3.70 -19.76 50.33
N GLY F 36 3.02 -20.72 49.69
CA GLY F 36 3.61 -21.50 48.62
C GLY F 36 2.70 -21.52 47.40
N VAL F 37 3.16 -22.24 46.38
CA VAL F 37 2.44 -22.36 45.11
C VAL F 37 2.23 -23.83 44.80
N VAL F 38 1.07 -24.14 44.21
CA VAL F 38 0.71 -25.52 43.88
C VAL F 38 1.40 -25.91 42.58
N LEU F 39 2.13 -27.01 42.60
CA LEU F 39 2.81 -27.55 41.42
C LEU F 39 2.00 -28.67 40.76
N LYS F 40 1.57 -29.64 41.54
CA LYS F 40 0.78 -30.77 41.07
C LYS F 40 -0.36 -31.00 42.04
N ALA F 41 -1.51 -31.43 41.54
CA ALA F 41 -2.65 -31.63 42.42
C ALA F 41 -3.61 -32.62 41.81
N ASN F 42 -4.38 -33.27 42.69
CA ASN F 42 -5.47 -34.14 42.27
C ASN F 42 -6.73 -33.78 43.06
N ASP F 43 -7.76 -34.62 42.96
CA ASP F 43 -9.07 -34.30 43.53
C ASP F 43 -9.09 -34.34 45.06
N ARG F 44 -7.99 -34.70 45.73
CA ARG F 44 -7.99 -34.74 47.19
C ARG F 44 -6.73 -34.20 47.84
N SER F 45 -5.71 -33.78 47.09
CA SER F 45 -4.46 -33.35 47.70
C SER F 45 -3.65 -32.55 46.68
N ALA F 46 -2.56 -31.97 47.16
CA ALA F 46 -1.70 -31.16 46.31
C ALA F 46 -0.28 -31.14 46.87
N ILE F 47 0.66 -30.78 45.99
CA ILE F 47 2.07 -30.62 46.32
C ILE F 47 2.44 -29.16 46.17
N VAL F 48 3.03 -28.58 47.21
CA VAL F 48 3.26 -27.15 47.32
C VAL F 48 4.75 -26.90 47.54
N ALA F 49 5.27 -25.86 46.90
CA ALA F 49 6.64 -25.41 47.11
C ALA F 49 6.62 -24.04 47.78
N ILE F 50 7.32 -23.93 48.90
CA ILE F 50 7.31 -22.72 49.70
C ILE F 50 8.16 -21.64 49.03
N LEU F 51 7.73 -20.39 49.15
CA LEU F 51 8.49 -19.25 48.68
C LEU F 51 9.22 -18.49 49.79
N ASN F 52 8.76 -18.61 51.03
CA ASN F 52 9.28 -17.84 52.15
C ASN F 52 9.89 -18.76 53.20
N GLU F 53 10.23 -18.17 54.35
CA GLU F 53 10.65 -18.90 55.53
C GLU F 53 10.46 -17.98 56.73
N ASP F 54 9.91 -18.53 57.82
CA ASP F 54 9.73 -17.79 59.05
C ASP F 54 10.33 -18.55 60.21
N LYS F 55 11.04 -17.83 61.09
CA LYS F 55 11.69 -18.47 62.22
C LYS F 55 10.69 -18.94 63.26
N ASP F 56 9.64 -18.14 63.51
CA ASP F 56 8.67 -18.49 64.54
C ASP F 56 7.62 -19.48 64.05
N LEU F 57 7.49 -19.67 62.74
CA LEU F 57 6.53 -20.61 62.18
C LEU F 57 7.21 -21.95 61.97
N ASN F 58 6.73 -22.98 62.64
CA ASN F 58 7.32 -24.32 62.60
C ASN F 58 6.33 -25.24 61.87
N LEU F 59 6.46 -25.29 60.55
CA LEU F 59 5.59 -26.14 59.75
C LEU F 59 5.87 -27.60 60.03
N THR F 60 4.81 -28.39 60.18
CA THR F 60 4.93 -29.79 60.55
C THR F 60 3.67 -30.51 60.11
N VAL F 61 3.74 -31.85 60.16
CA VAL F 61 2.58 -32.66 59.81
C VAL F 61 1.45 -32.37 60.79
N GLY F 62 0.28 -32.04 60.25
CA GLY F 62 -0.84 -31.62 61.06
C GLY F 62 -1.10 -30.12 61.06
N SER F 63 -0.16 -29.32 60.56
CA SER F 63 -0.37 -27.88 60.47
C SER F 63 -1.49 -27.57 59.48
N LEU F 64 -2.12 -26.43 59.69
CA LEU F 64 -3.25 -26.00 58.88
C LEU F 64 -2.79 -24.97 57.85
N ALA F 65 -3.45 -25.00 56.69
CA ALA F 65 -3.17 -24.06 55.62
C ALA F 65 -4.47 -23.65 54.96
N GLU F 66 -4.46 -22.48 54.33
CA GLU F 66 -5.61 -21.95 53.62
C GLU F 66 -5.30 -21.84 52.13
N ALA F 67 -6.17 -22.42 51.31
CA ALA F 67 -6.05 -22.32 49.86
C ALA F 67 -6.82 -21.11 49.40
N THR F 68 -6.10 -20.01 49.13
CA THR F 68 -6.74 -18.72 48.88
C THR F 68 -7.59 -18.72 47.61
N GLY F 69 -7.40 -19.70 46.73
CA GLY F 69 -8.17 -19.73 45.50
C GLY F 69 -7.82 -18.65 44.50
N GLU F 70 -6.61 -18.10 44.58
CA GLU F 70 -6.14 -17.10 43.62
C GLU F 70 -4.76 -17.48 43.13
N LEU F 71 -4.48 -17.14 41.88
CA LEU F 71 -3.19 -17.42 41.29
C LEU F 71 -2.11 -16.52 41.88
N TYR F 72 -0.86 -16.93 41.73
CA TYR F 72 0.26 -16.18 42.26
C TYR F 72 0.38 -14.86 41.50
N LYS F 73 0.06 -13.76 42.18
CA LYS F 73 0.12 -12.43 41.61
C LYS F 73 1.03 -11.55 42.47
N ILE F 74 1.97 -10.87 41.83
CA ILE F 74 2.88 -9.97 42.53
C ILE F 74 2.23 -8.60 42.63
N PRO F 75 2.19 -8.00 43.81
CA PRO F 75 1.63 -6.65 43.94
C PRO F 75 2.66 -5.57 43.68
N ILE F 76 2.18 -4.45 43.16
CA ILE F 76 3.03 -3.32 42.79
C ILE F 76 2.84 -2.22 43.81
N TYR F 77 3.93 -1.78 44.43
CA TYR F 77 3.92 -0.73 45.42
C TYR F 77 4.78 0.44 44.95
N ASP F 78 4.47 1.63 45.47
CA ASP F 78 5.13 2.83 45.00
C ASP F 78 6.60 2.87 45.39
N ASN F 79 6.96 2.27 46.52
CA ASN F 79 8.33 2.30 47.01
C ASN F 79 9.20 1.19 46.43
N TYR F 80 8.75 0.54 45.35
CA TYR F 80 9.63 -0.38 44.63
C TYR F 80 10.83 0.35 44.06
N LEU F 81 10.63 1.57 43.56
CA LEU F 81 11.72 2.34 42.99
C LEU F 81 12.78 2.62 44.05
N GLY F 82 14.04 2.40 43.69
CA GLY F 82 15.12 2.56 44.64
C GLY F 82 15.09 1.56 45.77
N SER F 83 14.73 0.31 45.47
CA SER F 83 14.59 -0.69 46.51
C SER F 83 15.02 -2.05 45.99
N ILE F 84 15.38 -2.91 46.93
CA ILE F 84 15.60 -4.33 46.68
C ILE F 84 14.42 -5.07 47.29
N ILE F 85 13.76 -5.89 46.48
CA ILE F 85 12.62 -6.68 46.92
C ILE F 85 12.88 -8.14 46.62
N ASN F 86 12.05 -9.00 47.21
CA ASN F 86 12.03 -10.42 46.89
C ASN F 86 10.82 -10.72 46.01
N VAL F 87 10.63 -12.01 45.70
CA VAL F 87 9.59 -12.38 44.75
C VAL F 87 8.18 -12.17 45.27
N LEU F 88 8.03 -11.92 46.58
CA LEU F 88 6.71 -11.70 47.17
C LEU F 88 6.43 -10.24 47.48
N GLY F 89 7.38 -9.34 47.25
CA GLY F 89 7.16 -7.91 47.37
C GLY F 89 7.81 -7.28 48.59
N GLU F 90 8.22 -8.06 49.58
CA GLU F 90 8.81 -7.49 50.79
C GLU F 90 10.07 -6.73 50.47
N SER F 91 10.24 -5.56 51.09
CA SER F 91 11.36 -4.67 50.79
C SER F 91 12.51 -5.00 51.74
N LEU F 92 13.58 -5.56 51.18
CA LEU F 92 14.74 -5.95 51.97
C LEU F 92 15.61 -4.73 52.29
N VAL F 93 15.78 -3.83 51.31
CA VAL F 93 16.44 -2.56 51.50
C VAL F 93 15.63 -1.51 50.76
N LYS F 94 15.24 -0.44 51.47
CA LYS F 94 14.38 0.58 50.89
C LYS F 94 14.93 1.97 51.19
N GLN F 95 14.64 2.89 50.26
CA GLN F 95 15.03 4.29 50.41
C GLN F 95 13.86 5.18 50.79
N TYR F 96 12.67 4.86 50.31
CA TYR F 96 11.44 5.58 50.62
C TYR F 96 10.51 4.67 51.42
N GLU F 97 9.31 5.17 51.69
CA GLU F 97 8.36 4.46 52.54
C GLU F 97 7.13 4.05 51.74
N ARG F 98 6.56 2.91 52.11
CA ARG F 98 5.39 2.35 51.44
C ARG F 98 4.11 2.99 51.97
N THR F 99 3.01 2.78 51.23
CA THR F 99 1.71 3.31 51.61
C THR F 99 0.68 2.23 51.88
N ASN F 100 1.05 0.95 51.74
CA ASN F 100 0.13 -0.18 51.97
C ASN F 100 -1.10 -0.11 51.06
N VAL F 101 -0.93 0.45 49.86
CA VAL F 101 -1.97 0.47 48.84
C VAL F 101 -1.36 -0.10 47.57
N ALA F 102 -1.94 -1.20 47.08
CA ALA F 102 -1.40 -1.88 45.92
C ALA F 102 -1.83 -1.15 44.64
N LEU F 103 -0.85 -0.67 43.88
CA LEU F 103 -1.16 -0.03 42.61
C LEU F 103 -1.73 -1.02 41.59
N ASP F 104 -1.28 -2.27 41.63
CA ASP F 104 -1.79 -3.31 40.74
C ASP F 104 -1.34 -4.67 41.28
N LYS F 105 -1.84 -5.72 40.65
CA LYS F 105 -1.45 -7.09 40.96
C LYS F 105 -1.31 -7.84 39.64
N LYS F 106 -0.09 -8.27 39.31
CA LYS F 106 0.20 -8.87 38.02
C LYS F 106 0.46 -10.36 38.19
N TYR F 107 -0.19 -11.17 37.35
CA TYR F 107 0.03 -12.60 37.32
C TYR F 107 1.40 -12.91 36.71
N VAL F 108 2.15 -13.81 37.35
CA VAL F 108 3.53 -14.01 36.96
C VAL F 108 3.64 -14.70 35.60
N PHE F 109 2.83 -15.74 35.36
CA PHE F 109 2.82 -16.38 34.05
C PHE F 109 1.82 -15.71 33.11
N THR F 110 1.92 -14.39 32.94
CA THR F 110 1.06 -13.70 31.99
C THR F 110 1.53 -14.04 30.57
N GLU F 111 0.60 -14.53 29.76
CA GLU F 111 0.95 -14.94 28.41
C GLU F 111 1.43 -13.74 27.60
N ALA F 112 2.37 -13.99 26.68
CA ALA F 112 2.88 -12.93 25.84
C ALA F 112 1.78 -12.36 24.96
N GLN F 113 1.88 -11.06 24.68
CA GLN F 113 0.86 -10.41 23.88
C GLN F 113 0.99 -10.82 22.41
N PRO F 114 -0.13 -10.95 21.70
CA PRO F 114 -0.08 -11.51 20.35
C PRO F 114 0.62 -10.63 19.31
N ILE F 115 0.61 -11.09 18.07
CA ILE F 115 1.38 -10.43 17.01
C ILE F 115 0.81 -9.06 16.68
N PHE F 116 -0.51 -8.91 16.71
CA PHE F 116 -1.11 -7.64 16.31
C PHE F 116 -0.88 -6.52 17.32
N THR F 117 -0.35 -6.84 18.50
CA THR F 117 -0.08 -5.82 19.50
C THR F 117 1.34 -5.27 19.43
N ARG F 118 2.12 -5.67 18.43
CA ARG F 118 3.55 -5.37 18.39
C ARG F 118 3.83 -4.21 17.44
N SER F 119 5.10 -3.82 17.37
CA SER F 119 5.56 -2.77 16.48
C SER F 119 7.02 -3.02 16.16
N ALA F 120 7.52 -2.33 15.13
CA ALA F 120 8.90 -2.50 14.74
C ALA F 120 9.83 -1.83 15.75
N VAL F 121 11.01 -2.44 15.93
CA VAL F 121 12.04 -1.90 16.80
C VAL F 121 12.88 -0.93 15.98
N ASN F 122 12.78 0.36 16.28
CA ASN F 122 13.49 1.37 15.50
C ASN F 122 14.09 2.48 16.34
N GLU F 123 14.08 2.39 17.67
CA GLU F 123 14.59 3.44 18.51
C GLU F 123 15.79 2.94 19.31
N PRO F 124 16.91 3.65 19.30
CA PRO F 124 18.12 3.13 19.95
C PRO F 124 17.96 3.02 21.46
N LEU F 125 18.65 2.03 22.02
CA LEU F 125 18.86 1.92 23.45
C LEU F 125 20.33 2.19 23.73
N VAL F 126 20.60 3.19 24.57
CA VAL F 126 21.98 3.58 24.84
C VAL F 126 22.55 2.67 25.91
N THR F 127 23.66 1.99 25.60
CA THR F 127 24.35 1.13 26.54
C THR F 127 25.60 1.76 27.12
N GLY F 128 26.02 2.92 26.60
CA GLY F 128 27.20 3.58 27.10
C GLY F 128 28.52 2.95 26.70
N ILE F 129 28.49 1.96 25.81
CA ILE F 129 29.70 1.30 25.33
C ILE F 129 29.82 1.58 23.84
N THR F 130 30.95 2.17 23.44
CA THR F 130 31.10 2.64 22.07
C THR F 130 31.03 1.49 21.08
N VAL F 131 31.70 0.38 21.37
CA VAL F 131 31.70 -0.76 20.45
C VAL F 131 30.30 -1.33 20.32
N VAL F 132 29.58 -1.47 21.43
CA VAL F 132 28.24 -2.02 21.38
C VAL F 132 27.31 -1.06 20.64
N ASP F 133 27.34 0.23 21.00
CA ASP F 133 26.42 1.18 20.40
C ASP F 133 26.71 1.42 18.92
N GLY F 134 27.92 1.12 18.45
CA GLY F 134 28.25 1.38 17.06
C GLY F 134 28.31 0.17 16.16
N VAL F 135 28.52 -1.01 16.72
CA VAL F 135 28.75 -2.21 15.91
C VAL F 135 27.74 -3.29 16.25
N LEU F 136 27.21 -3.25 17.47
CA LEU F 136 26.28 -4.27 17.97
C LEU F 136 25.05 -3.59 18.58
N PRO F 137 24.29 -2.84 17.79
CA PRO F 137 23.29 -1.94 18.36
C PRO F 137 22.18 -2.69 19.07
N VAL F 138 21.62 -2.02 20.09
CA VAL F 138 20.49 -2.55 20.86
C VAL F 138 19.35 -1.55 20.72
N GLY F 139 18.20 -2.04 20.25
CA GLY F 139 17.02 -1.21 20.12
C GLY F 139 16.05 -1.42 21.26
N ARG F 140 15.17 -0.44 21.46
CA ARG F 140 14.19 -0.49 22.54
C ARG F 140 13.14 -1.55 22.21
N GLY F 141 13.17 -2.66 22.94
CA GLY F 141 12.33 -3.80 22.64
C GLY F 141 13.08 -5.01 22.14
N GLN F 142 14.40 -4.98 22.13
CA GLN F 142 15.23 -6.08 21.67
C GLN F 142 15.56 -7.02 22.82
N LYS F 143 15.96 -8.24 22.48
CA LYS F 143 16.48 -9.20 23.44
C LYS F 143 17.92 -9.50 23.04
N GLU F 144 18.87 -9.01 23.84
CA GLU F 144 20.30 -9.21 23.57
C GLU F 144 20.90 -10.02 24.71
N LEU F 145 21.54 -11.13 24.35
CA LEU F 145 22.15 -12.01 25.33
C LEU F 145 23.59 -11.62 25.56
N ILE F 146 24.00 -11.57 26.82
CA ILE F 146 25.39 -11.39 27.19
C ILE F 146 25.91 -12.74 27.66
N ILE F 147 26.77 -13.35 26.85
CA ILE F 147 27.20 -14.73 27.05
C ILE F 147 28.72 -14.76 27.16
N GLY F 148 29.22 -15.53 28.11
CA GLY F 148 30.67 -15.63 28.24
C GLY F 148 31.08 -16.45 29.44
N ASP F 149 32.39 -16.49 29.66
CA ASP F 149 32.97 -17.25 30.75
C ASP F 149 32.84 -16.50 32.07
N ARG F 150 33.35 -17.10 33.14
CA ARG F 150 33.29 -16.50 34.46
C ARG F 150 34.36 -15.40 34.60
N GLY F 151 33.99 -14.34 35.31
CA GLY F 151 34.93 -13.25 35.58
C GLY F 151 35.44 -12.56 34.34
N THR F 152 34.56 -12.29 33.38
CA THR F 152 34.96 -11.65 32.14
C THR F 152 34.30 -10.29 31.92
N GLY F 153 33.23 -9.97 32.65
CA GLY F 153 32.68 -8.64 32.59
C GLY F 153 31.26 -8.57 32.06
N LYS F 154 30.53 -9.68 32.12
CA LYS F 154 29.14 -9.67 31.66
C LYS F 154 28.28 -8.79 32.55
N THR F 155 28.40 -8.97 33.87
CA THR F 155 27.65 -8.13 34.80
C THR F 155 28.06 -6.67 34.67
N ALA F 156 29.36 -6.42 34.44
CA ALA F 156 29.80 -5.05 34.23
C ALA F 156 29.17 -4.44 32.98
N ILE F 157 29.07 -5.22 31.91
CA ILE F 157 28.44 -4.72 30.69
C ILE F 157 26.96 -4.42 30.93
N ALA F 158 26.26 -5.31 31.63
CA ALA F 158 24.84 -5.08 31.93
C ALA F 158 24.66 -3.85 32.82
N LEU F 159 25.50 -3.70 33.83
CA LEU F 159 25.40 -2.52 34.70
C LEU F 159 25.73 -1.25 33.94
N ASN F 160 26.68 -1.30 33.02
CA ASN F 160 26.98 -0.13 32.19
C ASN F 160 25.79 0.24 31.33
N ALA F 161 25.15 -0.76 30.72
CA ALA F 161 23.95 -0.47 29.94
C ALA F 161 22.84 0.10 30.81
N MET F 162 22.78 -0.31 32.07
CA MET F 162 21.74 0.18 32.97
C MET F 162 22.09 1.53 33.59
N LEU F 163 23.35 1.96 33.52
CA LEU F 163 23.74 3.27 34.01
C LEU F 163 23.54 4.37 32.97
N ALA F 164 23.57 4.03 31.68
CA ALA F 164 23.45 5.03 30.63
C ALA F 164 22.05 5.63 30.56
N GLN F 165 21.08 5.08 31.30
CA GLN F 165 19.72 5.62 31.33
C GLN F 165 19.52 6.62 32.46
N GLU F 166 20.57 7.34 32.84
CA GLU F 166 20.46 8.29 33.95
C GLU F 166 19.48 9.42 33.62
N ASN F 167 19.48 9.87 32.37
CA ASN F 167 18.63 10.98 31.93
C ASN F 167 17.91 10.64 30.64
N THR F 168 17.29 9.46 30.60
CA THR F 168 16.55 9.02 29.44
C THR F 168 15.11 8.60 29.74
N ASP F 169 14.71 8.61 31.02
CA ASP F 169 13.37 8.19 31.44
C ASP F 169 13.06 6.76 30.99
N VAL F 170 14.01 5.87 31.25
CA VAL F 170 13.85 4.44 31.02
C VAL F 170 13.97 3.73 32.37
N ILE F 171 12.92 3.01 32.77
CA ILE F 171 12.96 2.30 34.04
C ILE F 171 13.97 1.16 33.95
N ASN F 172 14.61 0.85 35.07
CA ASN F 172 15.59 -0.22 35.16
C ASN F 172 15.08 -1.29 36.12
N ILE F 173 15.12 -2.55 35.70
CA ILE F 173 14.80 -3.68 36.56
C ILE F 173 15.95 -4.68 36.48
N PHE F 174 16.49 -5.05 37.64
CA PHE F 174 17.63 -5.95 37.74
C PHE F 174 17.21 -7.16 38.56
N ILE F 175 17.15 -8.33 37.93
CA ILE F 175 16.75 -9.56 38.59
C ILE F 175 18.00 -10.38 38.85
N ALA F 176 18.22 -10.73 40.11
CA ALA F 176 19.37 -11.51 40.53
C ALA F 176 18.90 -12.90 40.95
N ILE F 177 19.49 -13.93 40.33
CA ILE F 177 19.08 -15.31 40.53
C ILE F 177 20.29 -16.07 41.05
N GLY F 178 20.28 -16.39 42.34
CA GLY F 178 21.40 -17.07 42.96
C GLY F 178 22.68 -16.27 43.01
N LYS F 179 22.59 -14.96 43.19
CA LYS F 179 23.76 -14.11 43.33
C LYS F 179 24.11 -13.95 44.81
N LYS F 180 25.32 -13.46 45.07
CA LYS F 180 25.76 -13.20 46.42
C LYS F 180 25.17 -11.88 46.92
N ARG F 181 24.77 -11.86 48.20
CA ARG F 181 24.17 -10.66 48.76
C ARG F 181 25.16 -9.51 48.84
N ASP F 182 26.45 -9.82 49.02
CA ASP F 182 27.48 -8.78 49.01
C ASP F 182 27.48 -8.03 47.68
N GLU F 183 27.43 -8.78 46.58
CA GLU F 183 27.46 -8.16 45.26
C GLU F 183 26.19 -7.36 45.00
N ILE F 184 25.05 -7.84 45.48
CA ILE F 184 23.79 -7.11 45.30
C ILE F 184 23.82 -5.80 46.09
N VAL F 185 24.33 -5.82 47.32
CA VAL F 185 24.47 -4.59 48.09
C VAL F 185 25.44 -3.64 47.41
N GLU F 186 26.52 -4.18 46.83
CA GLU F 186 27.46 -3.34 46.09
C GLU F 186 26.79 -2.70 44.88
N ILE F 187 25.95 -3.45 44.17
CA ILE F 187 25.24 -2.91 43.01
C ILE F 187 24.27 -1.83 43.44
N TYR F 188 23.59 -2.03 44.58
CA TYR F 188 22.73 -0.99 45.14
C TYR F 188 23.53 0.28 45.43
N GLY F 189 24.71 0.12 46.02
CA GLY F 189 25.56 1.28 46.29
C GLY F 189 25.99 1.98 45.02
N THR F 190 26.34 1.21 43.99
CA THR F 190 26.73 1.82 42.71
C THR F 190 25.56 2.57 42.09
N PHE F 191 24.36 2.01 42.17
CA PHE F 191 23.17 2.69 41.68
C PHE F 191 22.97 4.02 42.39
N LYS F 192 23.11 4.02 43.72
CA LYS F 192 22.96 5.25 44.47
C LYS F 192 24.05 6.26 44.11
N LYS F 193 25.29 5.78 43.92
CA LYS F 193 26.40 6.67 43.62
C LYS F 193 26.31 7.27 42.22
N HIS F 194 25.64 6.60 41.29
CA HIS F 194 25.61 7.06 39.91
C HIS F 194 24.25 7.66 39.52
N ASN F 195 23.42 8.00 40.51
CA ASN F 195 22.22 8.82 40.29
C ASN F 195 21.19 8.11 39.41
N ILE F 196 21.02 6.81 39.61
CA ILE F 196 19.94 6.09 38.93
C ILE F 196 19.17 5.25 39.94
N LEU F 197 19.40 5.49 41.23
CA LEU F 197 18.72 4.69 42.24
C LEU F 197 17.22 4.94 42.24
N HIS F 198 16.80 6.20 42.07
CA HIS F 198 15.38 6.52 42.07
C HIS F 198 14.65 5.91 40.89
N LYS F 199 15.39 5.40 39.90
CA LYS F 199 14.83 4.91 38.65
C LYS F 199 14.87 3.39 38.54
N SER F 200 15.43 2.70 39.54
CA SER F 200 15.75 1.29 39.41
C SER F 200 15.12 0.48 40.53
N ILE F 201 14.87 -0.80 40.25
CA ILE F 201 14.43 -1.79 41.21
C ILE F 201 15.39 -2.97 41.13
N ILE F 202 15.52 -3.71 42.22
CA ILE F 202 16.33 -4.93 42.22
C ILE F 202 15.51 -6.05 42.83
N VAL F 203 15.15 -7.05 42.02
CA VAL F 203 14.51 -8.27 42.50
C VAL F 203 15.62 -9.28 42.81
N SER F 204 15.58 -9.84 44.02
CA SER F 204 16.67 -10.71 44.47
C SER F 204 16.14 -12.03 44.99
N ALA F 205 16.76 -13.12 44.56
CA ALA F 205 16.57 -14.45 45.12
C ALA F 205 17.95 -15.04 45.33
N ALA F 206 18.38 -15.12 46.59
CA ALA F 206 19.75 -15.50 46.89
C ALA F 206 20.00 -16.98 46.58
N SER F 207 21.27 -17.37 46.62
CA SER F 207 21.65 -18.72 46.23
C SER F 207 21.12 -19.77 47.19
N ASP F 208 20.89 -19.41 48.45
CA ASP F 208 20.33 -20.33 49.43
C ASP F 208 18.86 -20.06 49.73
N ASP F 209 18.18 -19.31 48.86
CA ASP F 209 16.75 -19.11 49.01
C ASP F 209 15.99 -20.35 48.55
N ALA F 210 14.67 -20.33 48.73
CA ALA F 210 13.84 -21.44 48.31
C ALA F 210 13.92 -21.60 46.79
N VAL F 211 13.87 -22.86 46.34
CA VAL F 211 14.04 -23.15 44.92
C VAL F 211 12.91 -22.54 44.10
N ALA F 212 11.70 -22.48 44.67
CA ALA F 212 10.58 -21.86 43.96
C ALA F 212 10.81 -20.37 43.76
N ALA F 213 11.40 -19.70 44.75
CA ALA F 213 11.70 -18.28 44.61
C ALA F 213 12.72 -18.05 43.49
N ARG F 214 13.77 -18.86 43.45
CA ARG F 214 14.78 -18.70 42.40
C ARG F 214 14.22 -19.06 41.04
N TYR F 215 13.23 -19.97 40.99
CA TYR F 215 12.61 -20.32 39.72
C TYR F 215 11.72 -19.19 39.22
N LEU F 216 10.92 -18.59 40.10
CA LEU F 216 9.92 -17.63 39.69
C LEU F 216 10.37 -16.18 39.78
N ALA F 217 11.61 -15.91 40.18
CA ALA F 217 12.08 -14.53 40.23
C ALA F 217 12.04 -13.83 38.87
N PRO F 218 12.55 -14.40 37.78
CA PRO F 218 12.47 -13.68 36.49
C PRO F 218 11.06 -13.40 36.04
N TYR F 219 10.11 -14.30 36.32
CA TYR F 219 8.72 -14.05 35.93
C TYR F 219 8.12 -12.91 36.74
N ALA F 220 8.44 -12.82 38.04
CA ALA F 220 7.98 -11.69 38.84
C ALA F 220 8.57 -10.39 38.33
N GLY F 221 9.86 -10.39 38.00
CA GLY F 221 10.46 -9.21 37.39
C GLY F 221 9.79 -8.81 36.10
N MET F 222 9.46 -9.79 35.26
CA MET F 222 8.77 -9.50 34.01
C MET F 222 7.36 -8.98 34.25
N ALA F 223 6.69 -9.46 35.30
CA ALA F 223 5.38 -8.94 35.63
C ALA F 223 5.44 -7.48 36.06
N ILE F 224 6.45 -7.13 36.86
CA ILE F 224 6.64 -5.73 37.24
C ILE F 224 6.95 -4.89 36.00
N ALA F 225 7.81 -5.39 35.12
CA ALA F 225 8.11 -4.68 33.88
C ALA F 225 6.86 -4.51 33.03
N GLU F 226 5.98 -5.50 33.01
CA GLU F 226 4.74 -5.39 32.26
C GLU F 226 3.81 -4.33 32.86
N PHE F 227 3.76 -4.28 34.19
CA PHE F 227 3.01 -3.19 34.84
C PHE F 227 3.54 -1.84 34.37
N PHE F 228 4.85 -1.65 34.40
CA PHE F 228 5.41 -0.37 33.99
C PHE F 228 5.18 -0.10 32.51
N GLN F 229 5.23 -1.14 31.68
CA GLN F 229 5.00 -0.98 30.25
C GLN F 229 3.56 -0.59 29.94
N GLN F 230 2.61 -1.07 30.75
CA GLN F 230 1.21 -0.78 30.48
C GLN F 230 0.85 0.69 30.60
N ILE F 231 1.73 1.51 31.18
CA ILE F 231 1.49 2.95 31.26
C ILE F 231 2.47 3.68 30.36
N GLY F 232 2.92 3.00 29.30
CA GLY F 232 3.69 3.65 28.26
C GLY F 232 5.14 3.93 28.59
N LYS F 233 5.77 3.09 29.42
CA LYS F 233 7.14 3.32 29.86
C LYS F 233 8.08 2.33 29.19
N ASP F 234 9.28 2.81 28.85
CA ASP F 234 10.33 1.94 28.34
C ASP F 234 11.08 1.33 29.51
N VAL F 235 11.10 0.00 29.58
CA VAL F 235 11.69 -0.74 30.69
C VAL F 235 12.86 -1.53 30.16
N LEU F 236 13.99 -1.46 30.88
CA LEU F 236 15.18 -2.24 30.57
C LEU F 236 15.38 -3.27 31.68
N VAL F 237 15.31 -4.53 31.32
CA VAL F 237 15.39 -5.63 32.27
C VAL F 237 16.71 -6.37 32.07
N VAL F 238 17.38 -6.68 33.17
CA VAL F 238 18.58 -7.50 33.17
C VAL F 238 18.33 -8.71 34.04
N MET F 239 18.67 -9.89 33.54
CA MET F 239 18.56 -11.15 34.27
C MET F 239 19.96 -11.70 34.49
N ASP F 240 20.34 -11.87 35.76
CA ASP F 240 21.70 -12.27 36.12
C ASP F 240 21.61 -13.39 37.14
N ASP F 241 21.71 -14.64 36.69
CA ASP F 241 21.75 -14.99 35.28
C ASP F 241 20.85 -16.18 35.00
N LEU F 242 20.60 -16.49 33.71
CA LEU F 242 19.60 -17.49 33.37
C LEU F 242 20.13 -18.91 33.48
N THR F 243 21.45 -19.11 33.54
CA THR F 243 21.98 -20.45 33.82
C THR F 243 21.63 -20.90 35.24
N ASN F 244 21.72 -19.97 36.20
CA ASN F 244 21.26 -20.28 37.56
C ASN F 244 19.76 -20.56 37.58
N HIS F 245 18.99 -19.86 36.74
CA HIS F 245 17.56 -20.13 36.68
C HIS F 245 17.27 -21.52 36.10
N ALA F 246 18.03 -21.93 35.08
CA ALA F 246 17.89 -23.28 34.55
C ALA F 246 18.25 -24.32 35.60
N ASP F 247 19.31 -24.07 36.37
CA ASP F 247 19.67 -24.98 37.45
C ASP F 247 18.58 -25.07 38.50
N ALA F 248 17.99 -23.92 38.85
CA ALA F 248 16.91 -23.92 39.84
C ALA F 248 15.70 -24.70 39.35
N TYR F 249 15.35 -24.51 38.07
CA TYR F 249 14.23 -25.26 37.51
C TYR F 249 14.53 -26.76 37.50
N ARG F 250 15.76 -27.14 37.13
CA ARG F 250 16.11 -28.55 37.13
C ARG F 250 16.03 -29.14 38.52
N GLU F 251 16.53 -28.43 39.52
CA GLU F 251 16.46 -28.91 40.90
C GLU F 251 15.02 -29.07 41.36
N LEU F 252 14.18 -28.06 41.08
CA LEU F 252 12.78 -28.12 41.49
C LEU F 252 12.07 -29.30 40.82
N SER F 253 12.34 -29.53 39.53
CA SER F 253 11.65 -30.60 38.82
C SER F 253 12.15 -31.97 39.26
N LEU F 254 13.47 -32.12 39.46
CA LEU F 254 14.01 -33.39 39.92
C LEU F 254 13.48 -33.75 41.30
N LEU F 255 13.44 -32.78 42.21
CA LEU F 255 12.94 -33.06 43.55
C LEU F 255 11.44 -33.34 43.56
N ALA F 256 10.72 -33.00 42.49
CA ALA F 256 9.29 -33.25 42.41
C ALA F 256 8.93 -34.53 41.67
N GLY F 257 9.93 -35.29 41.21
CA GLY F 257 9.68 -36.56 40.56
C GLY F 257 9.65 -36.54 39.05
N ILE F 258 10.04 -35.44 38.42
CA ILE F 258 10.03 -35.33 36.98
C ILE F 258 11.27 -36.00 36.39
N ALA F 259 11.09 -36.71 35.29
CA ALA F 259 12.17 -37.50 34.71
C ALA F 259 13.22 -36.58 34.10
N PRO F 260 14.51 -36.91 34.24
CA PRO F 260 15.55 -36.13 33.59
C PRO F 260 15.59 -36.35 32.08
N ALA F 261 16.08 -35.34 31.38
CA ALA F 261 16.28 -35.39 29.93
C ALA F 261 17.73 -34.99 29.70
N ARG F 262 18.05 -34.65 28.45
CA ARG F 262 19.40 -34.26 28.06
C ARG F 262 20.08 -33.38 29.10
N GLU F 263 21.26 -33.80 29.55
CA GLU F 263 22.04 -33.08 30.56
C GLU F 263 21.30 -32.95 31.88
N ALA F 264 20.42 -33.90 32.18
CA ALA F 264 19.61 -34.00 33.40
C ALA F 264 18.57 -32.89 33.53
N TYR F 265 18.50 -31.95 32.58
CA TYR F 265 17.46 -30.94 32.60
C TYR F 265 16.12 -31.58 32.26
N PRO F 266 15.01 -30.98 32.68
CA PRO F 266 13.69 -31.49 32.29
C PRO F 266 13.48 -31.39 30.79
N GLY F 267 12.40 -32.00 30.32
CA GLY F 267 12.13 -32.08 28.89
C GLY F 267 11.68 -30.78 28.26
N ASP F 268 11.15 -29.86 29.06
CA ASP F 268 10.59 -28.61 28.55
C ASP F 268 11.41 -27.41 28.99
N ILE F 269 12.73 -27.57 29.04
CA ILE F 269 13.59 -26.47 29.46
C ILE F 269 13.60 -25.35 28.42
N PHE F 270 13.39 -25.68 27.14
CA PHE F 270 13.36 -24.63 26.13
C PHE F 270 12.09 -23.79 26.23
N TYR F 271 10.95 -24.43 26.52
CA TYR F 271 9.69 -23.70 26.66
C TYR F 271 9.73 -22.75 27.85
N VAL F 272 10.35 -23.18 28.95
CA VAL F 272 10.43 -22.36 30.16
C VAL F 272 11.11 -21.02 29.86
N HIS F 273 12.17 -21.04 29.06
CA HIS F 273 12.89 -19.81 28.73
C HIS F 273 12.26 -19.06 27.57
N SER F 274 11.68 -19.75 26.60
CA SER F 274 11.08 -19.06 25.46
C SER F 274 9.82 -18.30 25.87
N SER F 275 8.95 -18.93 26.67
CA SER F 275 7.76 -18.24 27.15
C SER F 275 8.09 -17.13 28.13
N LEU F 276 9.32 -17.12 28.67
CA LEU F 276 9.76 -16.02 29.51
C LEU F 276 10.30 -14.87 28.69
N LEU F 277 11.18 -15.15 27.74
CA LEU F 277 11.82 -14.09 26.96
C LEU F 277 10.95 -13.58 25.81
N GLU F 278 9.83 -14.22 25.51
CA GLU F 278 8.95 -13.70 24.48
C GLU F 278 8.01 -12.61 24.98
N ARG F 279 8.09 -12.26 26.26
CA ARG F 279 7.27 -11.18 26.81
C ARG F 279 7.89 -9.81 26.60
N GLY F 280 9.11 -9.74 26.07
CA GLY F 280 9.71 -8.47 25.74
C GLY F 280 9.48 -8.06 24.30
N GLY F 281 9.57 -6.77 24.06
CA GLY F 281 9.38 -6.24 22.72
C GLY F 281 8.74 -4.87 22.79
N LYS F 282 8.45 -4.33 21.60
CA LYS F 282 7.81 -3.04 21.46
C LYS F 282 6.35 -3.25 21.11
N TYR F 283 5.47 -2.51 21.80
CA TYR F 283 4.03 -2.69 21.67
C TYR F 283 3.40 -1.42 21.12
N GLY F 284 2.20 -1.60 20.55
CA GLY F 284 1.52 -0.51 19.87
C GLY F 284 0.86 0.46 20.82
N PRO F 285 0.49 1.64 20.30
CA PRO F 285 -0.12 2.67 21.16
C PRO F 285 -1.40 2.22 21.83
N GLU F 286 -2.19 1.36 21.18
CA GLU F 286 -3.45 0.89 21.74
C GLU F 286 -3.27 -0.20 22.78
N PHE F 287 -2.07 -0.78 22.88
CA PHE F 287 -1.80 -1.88 23.80
C PHE F 287 -0.74 -1.51 24.83
N GLY F 288 -0.51 -0.21 25.04
CA GLY F 288 0.44 0.24 26.04
C GLY F 288 1.43 1.24 25.50
N GLY F 289 1.90 1.03 24.26
CA GLY F 289 2.76 1.97 23.61
C GLY F 289 4.19 2.03 24.12
N GLY F 290 4.55 1.19 25.08
CA GLY F 290 5.88 1.20 25.64
C GLY F 290 6.79 0.18 25.00
N SER F 291 7.74 -0.32 25.78
CA SER F 291 8.62 -1.39 25.34
C SER F 291 9.25 -2.05 26.56
N ILE F 292 9.75 -3.26 26.36
CA ILE F 292 10.54 -3.97 27.36
C ILE F 292 11.78 -4.52 26.68
N THR F 293 12.95 -4.10 27.14
CA THR F 293 14.22 -4.60 26.62
C THR F 293 14.84 -5.53 27.66
N ILE F 294 15.28 -6.71 27.22
CA ILE F 294 15.79 -7.74 28.10
C ILE F 294 17.26 -7.99 27.75
N LEU F 295 18.09 -8.11 28.79
CA LEU F 295 19.51 -8.43 28.64
C LEU F 295 19.84 -9.63 29.50
N PRO F 296 19.44 -10.83 29.09
CA PRO F 296 19.80 -12.03 29.87
C PRO F 296 21.29 -12.34 29.77
N ILE F 297 21.80 -12.96 30.83
CA ILE F 297 23.21 -13.28 30.95
C ILE F 297 23.37 -14.79 31.02
N ALA F 298 24.36 -15.32 30.31
CA ALA F 298 24.62 -16.75 30.28
C ALA F 298 26.12 -17.01 30.43
N GLN F 299 26.44 -18.06 31.18
CA GLN F 299 27.82 -18.44 31.45
C GLN F 299 28.18 -19.69 30.66
N THR F 300 29.29 -19.63 29.94
CA THR F 300 29.85 -20.79 29.25
C THR F 300 31.01 -21.36 30.04
N LEU F 301 31.45 -22.55 29.63
CA LEU F 301 32.57 -23.24 30.27
C LEU F 301 33.71 -23.35 29.26
N ALA F 302 34.76 -22.55 29.48
CA ALA F 302 35.96 -22.57 28.64
C ALA F 302 35.63 -22.27 27.18
N GLY F 303 34.69 -21.36 26.95
CA GLY F 303 34.34 -20.97 25.60
C GLY F 303 33.36 -21.87 24.90
N ASP F 304 32.81 -22.88 25.58
CA ASP F 304 31.92 -23.83 24.93
C ASP F 304 30.56 -23.21 24.66
N ILE F 305 30.42 -22.56 23.50
CA ILE F 305 29.14 -21.99 23.10
C ILE F 305 28.11 -23.09 22.84
N SER F 306 28.56 -24.28 22.47
CA SER F 306 27.68 -25.37 22.06
C SER F 306 27.00 -26.06 23.24
N GLY F 307 27.00 -25.47 24.43
CA GLY F 307 26.28 -26.04 25.54
C GLY F 307 24.78 -26.01 25.32
N TYR F 308 24.07 -26.83 26.12
CA TYR F 308 22.63 -26.95 25.95
C TYR F 308 21.92 -25.63 26.19
N ILE F 309 22.02 -25.10 27.41
CA ILE F 309 21.30 -23.86 27.75
C ILE F 309 21.83 -22.67 26.95
N PRO F 310 23.14 -22.47 26.78
CA PRO F 310 23.58 -21.36 25.91
C PRO F 310 23.05 -21.42 24.49
N THR F 311 22.99 -22.60 23.88
CA THR F 311 22.45 -22.68 22.52
C THR F 311 20.93 -22.56 22.51
N ASN F 312 20.26 -22.96 23.60
CA ASN F 312 18.84 -22.68 23.73
C ASN F 312 18.59 -21.17 23.76
N LEU F 313 19.42 -20.44 24.51
CA LEU F 313 19.20 -19.01 24.68
C LEU F 313 19.61 -18.22 23.45
N ILE F 314 20.64 -18.66 22.72
CA ILE F 314 21.03 -17.97 21.49
C ILE F 314 19.90 -18.03 20.47
N SER F 315 19.21 -19.16 20.39
CA SER F 315 18.13 -19.34 19.42
C SER F 315 16.83 -18.66 19.84
N ILE F 316 16.85 -17.83 20.88
CA ILE F 316 15.67 -17.10 21.34
C ILE F 316 15.87 -15.59 21.21
N THR F 317 17.05 -15.09 21.55
CA THR F 317 17.30 -13.66 21.56
C THR F 317 17.59 -13.16 20.14
N ASP F 318 17.73 -11.85 20.01
CA ASP F 318 17.94 -11.19 18.72
C ASP F 318 19.41 -10.87 18.46
N GLY F 319 20.31 -11.70 18.98
CA GLY F 319 21.73 -11.44 18.92
C GLY F 319 22.38 -11.67 20.27
N GLN F 320 23.71 -11.59 20.26
CA GLN F 320 24.46 -11.88 21.47
C GLN F 320 25.74 -11.06 21.51
N ILE F 321 26.13 -10.64 22.71
CA ILE F 321 27.42 -10.04 22.98
C ILE F 321 28.26 -11.08 23.69
N TYR F 322 29.34 -11.52 23.05
CA TYR F 322 30.18 -12.58 23.58
C TYR F 322 31.45 -11.98 24.18
N THR F 323 31.71 -12.29 25.44
CA THR F 323 32.87 -11.81 26.16
C THR F 323 33.95 -12.88 26.18
N SER F 324 35.15 -12.54 25.71
CA SER F 324 36.22 -13.51 25.53
C SER F 324 37.17 -13.48 26.71
N ALA F 325 37.59 -14.66 27.17
CA ALA F 325 38.54 -14.74 28.26
C ALA F 325 39.95 -14.41 27.82
N LYS F 326 40.29 -14.70 26.56
CA LYS F 326 41.63 -14.36 26.06
C LYS F 326 41.85 -12.85 26.07
N LEU F 327 40.85 -12.08 25.63
CA LEU F 327 40.97 -10.63 25.65
C LEU F 327 41.04 -10.11 27.08
N PHE F 328 40.29 -10.72 28.00
CA PHE F 328 40.34 -10.31 29.39
C PHE F 328 41.72 -10.56 29.99
N ASN F 329 42.34 -11.69 29.66
CA ASN F 329 43.70 -11.96 30.14
C ASN F 329 44.70 -11.02 29.49
N GLU F 330 44.51 -10.68 28.21
CA GLU F 330 45.41 -9.75 27.54
C GLU F 330 45.26 -8.31 28.05
N GLY F 331 44.23 -8.02 28.82
CA GLY F 331 44.04 -6.70 29.38
C GLY F 331 43.01 -5.82 28.70
N THR F 332 42.29 -6.34 27.72
CA THR F 332 41.29 -5.56 27.01
C THR F 332 40.00 -5.50 27.81
N ARG F 333 39.56 -4.30 28.16
CA ARG F 333 38.34 -4.11 28.92
C ARG F 333 37.52 -2.99 28.28
N PRO F 334 36.25 -3.24 27.92
CA PRO F 334 35.56 -4.52 28.08
C PRO F 334 36.00 -5.55 27.05
N ALA F 335 36.14 -6.81 27.48
CA ALA F 335 36.64 -7.88 26.63
C ALA F 335 35.49 -8.45 25.81
N ILE F 336 35.16 -7.75 24.72
CA ILE F 336 34.06 -8.12 23.85
C ILE F 336 34.63 -8.58 22.52
N ASP F 337 34.26 -9.78 22.09
CA ASP F 337 34.70 -10.34 20.82
C ASP F 337 33.74 -9.90 19.73
N VAL F 338 34.21 -9.05 18.82
CA VAL F 338 33.35 -8.54 17.76
C VAL F 338 33.05 -9.61 16.73
N ASN F 339 33.99 -10.52 16.48
CA ASN F 339 33.80 -11.54 15.46
C ASN F 339 32.67 -12.49 15.80
N LEU F 340 32.56 -12.89 17.07
CA LEU F 340 31.54 -13.85 17.49
C LEU F 340 30.26 -13.19 17.99
N SER F 341 30.16 -11.87 17.94
CA SER F 341 29.00 -11.14 18.43
C SER F 341 28.16 -10.66 17.27
N VAL F 342 26.84 -10.72 17.44
CA VAL F 342 25.88 -10.39 16.39
C VAL F 342 24.83 -9.45 16.98
N SER F 343 24.21 -8.67 16.09
CA SER F 343 23.00 -7.91 16.43
C SER F 343 22.09 -7.98 15.20
N ARG F 344 21.08 -8.85 15.27
CA ARG F 344 20.23 -9.10 14.10
C ARG F 344 19.40 -7.89 13.71
N LEU F 345 19.13 -6.97 14.65
CA LEU F 345 18.42 -5.74 14.29
C LEU F 345 19.25 -4.87 13.37
N GLY F 346 20.55 -4.75 13.65
CA GLY F 346 21.42 -3.98 12.79
C GLY F 346 21.12 -2.49 12.81
N SER F 347 21.33 -1.85 11.66
CA SER F 347 21.13 -0.40 11.56
C SER F 347 19.68 -0.01 11.79
N ALA F 348 18.76 -0.97 11.74
CA ALA F 348 17.36 -0.67 12.07
C ALA F 348 17.21 -0.21 13.51
N ALA F 349 18.14 -0.62 14.39
CA ALA F 349 18.10 -0.24 15.79
C ALA F 349 18.95 0.99 16.09
N GLN F 350 19.56 1.60 15.07
CA GLN F 350 20.39 2.78 15.23
C GLN F 350 19.64 4.00 14.71
N SER F 351 19.97 5.16 15.28
CA SER F 351 19.45 6.41 14.74
C SER F 351 20.10 6.71 13.39
N LYS F 352 19.50 7.64 12.66
CA LYS F 352 19.99 7.97 11.33
C LYS F 352 21.43 8.49 11.37
N PHE F 353 21.72 9.36 12.34
CA PHE F 353 23.07 9.88 12.46
C PHE F 353 24.07 8.79 12.84
N MET F 354 23.69 7.90 13.76
CA MET F 354 24.58 6.80 14.15
C MET F 354 24.75 5.81 13.01
N ALA F 355 23.67 5.52 12.28
CA ALA F 355 23.78 4.63 11.14
C ALA F 355 24.71 5.20 10.08
N PHE F 356 24.62 6.52 9.84
CA PHE F 356 25.55 7.16 8.91
C PHE F 356 26.97 7.13 9.44
N ALA F 357 27.15 7.33 10.75
CA ALA F 357 28.48 7.47 11.31
C ALA F 357 29.22 6.14 11.34
N SER F 358 28.55 5.07 11.78
CA SER F 358 29.19 3.78 11.99
C SER F 358 28.99 2.82 10.83
N SER F 359 28.75 3.34 9.64
CA SER F 359 28.51 2.49 8.48
C SER F 359 29.80 1.83 8.03
N GLY F 360 29.78 0.50 7.95
CA GLY F 360 30.92 -0.25 7.45
C GLY F 360 32.17 -0.21 8.31
N LEU F 361 32.02 -0.32 9.63
CA LEU F 361 33.15 -0.43 10.54
C LEU F 361 33.51 -1.87 10.89
N LYS F 362 32.52 -2.75 10.96
CA LYS F 362 32.80 -4.15 11.25
C LYS F 362 33.64 -4.79 10.16
N LYS F 363 33.36 -4.44 8.89
CA LYS F 363 34.18 -4.94 7.79
C LYS F 363 35.62 -4.49 7.92
N ILE F 364 35.84 -3.21 8.25
CA ILE F 364 37.20 -2.71 8.40
C ILE F 364 37.89 -3.39 9.58
N TYR F 365 37.17 -3.65 10.66
CA TYR F 365 37.76 -4.33 11.80
C TYR F 365 38.18 -5.76 11.45
N THR F 366 37.32 -6.48 10.73
CA THR F 366 37.67 -7.84 10.31
C THR F 366 38.83 -7.83 9.34
N GLU F 367 38.87 -6.86 8.43
CA GLU F 367 40.01 -6.75 7.52
C GLU F 367 41.31 -6.48 8.30
N TYR F 368 41.24 -5.62 9.31
CA TYR F 368 42.42 -5.33 10.12
C TYR F 368 42.89 -6.56 10.86
N LYS F 369 41.95 -7.34 11.42
CA LYS F 369 42.33 -8.58 12.09
C LYS F 369 42.97 -9.56 11.12
N TYR F 370 42.38 -9.68 9.92
CA TYR F 370 42.93 -10.59 8.91
C TYR F 370 44.34 -10.19 8.52
N LEU F 371 44.57 -8.90 8.32
CA LEU F 371 45.92 -8.43 7.98
C LEU F 371 46.88 -8.66 9.14
N LYS F 372 46.46 -8.37 10.37
CA LYS F 372 47.35 -8.50 11.52
C LYS F 372 47.77 -9.94 11.73
N ARG F 373 46.83 -10.88 11.61
CA ARG F 373 47.18 -12.29 11.81
C ARG F 373 47.93 -12.89 10.63
N LEU F 374 48.01 -12.20 9.50
CA LEU F 374 48.63 -12.74 8.29
C LEU F 374 49.48 -11.67 7.61
N SER F 375 50.28 -10.95 8.39
CA SER F 375 51.24 -10.02 7.80
C SER F 375 52.33 -10.77 7.03
N SER F 376 52.83 -11.87 7.59
CA SER F 376 53.80 -12.76 6.94
C SER F 376 55.04 -11.97 6.59
N PHE F 377 55.42 -11.84 5.32
CA PHE F 377 56.67 -11.20 4.96
C PHE F 377 56.59 -9.68 5.17
N SER F 378 57.76 -9.06 5.21
CA SER F 378 57.85 -7.62 5.39
C SER F 378 57.43 -6.83 4.15
N SER F 379 57.24 -7.50 3.02
CA SER F 379 56.77 -6.82 1.81
C SER F 379 55.43 -6.17 2.04
N LYS F 380 55.30 -4.91 1.61
CA LYS F 380 54.10 -4.12 1.83
C LYS F 380 53.42 -3.81 0.51
N ILE F 381 52.09 -3.88 0.50
CA ILE F 381 51.34 -3.74 -0.75
C ILE F 381 51.41 -2.29 -1.24
N SER F 382 50.90 -1.36 -0.46
CA SER F 382 50.82 0.04 -0.86
C SER F 382 50.60 0.87 0.40
N ASN F 383 50.26 2.15 0.20
CA ASN F 383 49.85 2.99 1.31
C ASN F 383 48.59 2.48 1.99
N ARG F 384 47.81 1.63 1.32
CA ARG F 384 46.61 1.08 1.93
C ARG F 384 46.94 0.20 3.13
N ASP F 385 48.13 -0.42 3.12
CA ASP F 385 48.58 -1.14 4.31
C ASP F 385 48.68 -0.21 5.51
N LEU F 386 49.28 0.96 5.32
CA LEU F 386 49.35 1.93 6.40
C LEU F 386 47.96 2.47 6.75
N GLU F 387 47.10 2.63 5.75
CA GLU F 387 45.73 3.06 5.99
C GLU F 387 45.02 2.11 6.95
N THR F 388 45.08 0.82 6.66
CA THR F 388 44.47 -0.18 7.53
C THR F 388 45.14 -0.21 8.89
N LEU F 389 46.48 -0.28 8.92
CA LEU F 389 47.19 -0.33 10.20
C LEU F 389 46.97 0.93 11.03
N GLN F 390 46.48 2.00 10.42
CA GLN F 390 46.18 3.23 11.16
C GLN F 390 44.74 3.21 11.67
N LYS F 391 43.77 3.01 10.77
CA LYS F 391 42.36 3.10 11.16
C LYS F 391 41.96 1.94 12.07
N GLY F 392 42.49 0.74 11.82
CA GLY F 392 42.19 -0.37 12.71
C GLY F 392 42.71 -0.15 14.11
N LYS F 393 43.94 0.37 14.24
CA LYS F 393 44.47 0.67 15.57
C LYS F 393 43.70 1.79 16.24
N ALA F 394 43.26 2.79 15.46
CA ALA F 394 42.42 3.84 16.03
C ALA F 394 41.12 3.27 16.57
N PHE F 395 40.50 2.38 15.80
CA PHE F 395 39.28 1.72 16.27
C PHE F 395 39.54 0.91 17.53
N GLU F 396 40.64 0.17 17.56
CA GLU F 396 40.97 -0.64 18.73
C GLU F 396 41.18 0.23 19.97
N SER F 397 41.84 1.39 19.79
CA SER F 397 41.97 2.33 20.89
C SER F 397 40.62 2.87 21.32
N LEU F 398 39.70 3.06 20.36
CA LEU F 398 38.35 3.47 20.71
C LEU F 398 37.60 2.39 21.48
N ILE F 399 37.99 1.13 21.30
CA ILE F 399 37.29 0.03 21.96
C ILE F 399 37.40 0.14 23.48
N ASP F 400 38.60 0.42 23.97
CA ASP F 400 38.86 0.37 25.41
C ASP F 400 38.05 1.43 26.15
N GLN F 401 37.71 1.11 27.40
CA GLN F 401 36.78 1.91 28.18
C GLN F 401 36.88 1.51 29.65
N ALA F 402 36.88 2.51 30.52
CA ALA F 402 36.97 2.24 31.95
C ALA F 402 35.65 1.66 32.47
N GLU F 403 35.72 1.10 33.68
CA GLU F 403 34.53 0.51 34.29
C GLU F 403 33.58 1.61 34.75
N TYR F 404 32.28 1.35 34.58
CA TYR F 404 31.21 2.28 34.95
C TYR F 404 31.29 3.60 34.20
N GLU F 405 32.01 3.64 33.09
CA GLU F 405 32.15 4.85 32.28
C GLU F 405 31.08 4.85 31.20
N VAL F 406 30.20 5.85 31.23
CA VAL F 406 29.11 5.97 30.27
C VAL F 406 29.54 6.95 29.19
N ILE F 407 29.59 6.49 27.95
CA ILE F 407 29.93 7.32 26.80
C ILE F 407 28.65 7.54 26.00
N ASP F 408 28.30 8.80 25.79
CA ASP F 408 27.01 9.13 25.20
C ASP F 408 26.95 8.69 23.73
N TYR F 409 25.71 8.54 23.25
CA TYR F 409 25.48 8.00 21.92
C TYR F 409 26.04 8.94 20.84
N GLU F 410 25.74 10.23 20.97
CA GLU F 410 26.24 11.21 20.01
C GLU F 410 27.76 11.36 20.10
N THR F 411 28.32 11.26 21.31
CA THR F 411 29.77 11.31 21.45
C THR F 411 30.41 10.15 20.68
N SER F 412 29.84 8.96 20.80
CA SER F 412 30.34 7.81 20.05
C SER F 412 30.24 8.04 18.55
N ALA F 413 29.09 8.56 18.09
CA ALA F 413 28.93 8.79 16.65
C ALA F 413 29.94 9.81 16.14
N ILE F 414 30.15 10.89 16.90
CA ILE F 414 31.12 11.91 16.49
C ILE F 414 32.53 11.34 16.48
N LEU F 415 32.85 10.48 17.45
CA LEU F 415 34.16 9.82 17.45
C LEU F 415 34.33 8.95 16.20
N PHE F 416 33.27 8.23 15.82
CA PHE F 416 33.33 7.39 14.62
C PHE F 416 33.58 8.25 13.38
N LEU F 417 32.88 9.38 13.29
CA LEU F 417 33.04 10.23 12.11
C LEU F 417 34.41 10.88 12.07
N LEU F 418 34.94 11.27 13.23
CA LEU F 418 36.32 11.77 13.30
C LEU F 418 37.30 10.70 12.84
N LEU F 419 37.11 9.46 13.28
CA LEU F 419 37.98 8.37 12.85
C LEU F 419 37.91 8.18 11.34
N LYS F 420 36.70 8.19 10.78
CA LYS F 420 36.53 7.95 9.35
C LYS F 420 37.04 9.11 8.50
N LYS F 421 37.08 10.33 9.04
CA LYS F 421 37.61 11.47 8.31
C LYS F 421 39.11 11.69 8.55
N GLY F 422 39.76 10.78 9.28
CA GLY F 422 41.20 10.89 9.47
C GLY F 422 41.64 11.91 10.50
N PHE F 423 40.81 12.24 11.48
CA PHE F 423 41.17 13.19 12.52
C PHE F 423 41.72 12.49 13.77
N LEU F 424 42.09 11.21 13.65
CA LEU F 424 42.77 10.50 14.72
C LEU F 424 44.07 9.86 14.24
N ASN F 425 44.62 10.30 13.10
CA ASN F 425 45.83 9.71 12.57
C ASN F 425 47.02 9.94 13.49
N PHE F 426 47.06 11.09 14.16
CA PHE F 426 48.19 11.44 15.03
C PHE F 426 48.30 10.54 16.25
N TYR F 427 47.29 9.72 16.54
CA TYR F 427 47.28 8.94 17.76
C TYR F 427 48.44 7.94 17.82
N THR F 428 49.13 7.92 18.95
CA THR F 428 50.23 7.00 19.20
C THR F 428 50.11 6.39 20.58
N GLU F 429 48.90 5.93 20.92
CA GLU F 429 48.61 5.24 22.18
C GLU F 429 48.85 6.15 23.39
N LYS F 430 48.14 7.27 23.39
CA LYS F 430 48.14 8.21 24.51
C LYS F 430 46.69 8.38 24.98
N THR F 431 46.31 7.59 25.99
CA THR F 431 44.91 7.52 26.40
C THR F 431 44.34 8.89 26.75
N GLU F 432 45.17 9.80 27.27
CA GLU F 432 44.66 11.11 27.67
C GLU F 432 44.12 11.90 26.49
N ALA F 433 44.61 11.63 25.27
CA ALA F 433 44.09 12.33 24.10
C ALA F 433 42.61 12.02 23.87
N LEU F 434 42.27 10.72 23.81
CA LEU F 434 40.87 10.36 23.66
C LEU F 434 40.05 10.71 24.89
N LYS F 435 40.64 10.65 26.08
CA LYS F 435 39.89 11.09 27.26
C LYS F 435 39.51 12.56 27.14
N VAL F 436 40.45 13.40 26.70
CA VAL F 436 40.19 14.83 26.52
C VAL F 436 39.11 15.04 25.46
N ILE F 437 39.23 14.33 24.34
CA ILE F 437 38.27 14.50 23.24
C ILE F 437 36.87 14.10 23.71
N ILE F 438 36.76 12.97 24.40
CA ILE F 438 35.46 12.49 24.86
C ILE F 438 34.86 13.47 25.86
N GLY F 439 35.66 13.93 26.83
CA GLY F 439 35.14 14.87 27.79
C GLY F 439 34.69 16.18 27.17
N VAL F 440 35.48 16.71 26.23
CA VAL F 440 35.14 17.96 25.57
C VAL F 440 33.84 17.81 24.80
N ILE F 441 33.71 16.73 24.02
CA ILE F 441 32.49 16.53 23.23
C ILE F 441 31.29 16.35 24.16
N LYS F 442 31.46 15.60 25.25
CA LYS F 442 30.35 15.34 26.16
C LYS F 442 29.85 16.64 26.79
N VAL F 443 30.77 17.46 27.30
CA VAL F 443 30.36 18.71 27.92
C VAL F 443 29.74 19.64 26.89
N PHE F 444 30.33 19.72 25.69
CA PHE F 444 29.79 20.61 24.67
C PHE F 444 28.37 20.21 24.26
N LEU F 445 28.12 18.91 24.10
CA LEU F 445 26.81 18.44 23.69
C LEU F 445 25.81 18.38 24.85
N ALA F 446 26.26 18.45 26.10
CA ALA F 446 25.34 18.38 27.22
C ALA F 446 25.00 19.73 27.84
N LYS F 447 25.94 20.69 27.85
CA LYS F 447 25.75 21.91 28.62
C LYS F 447 25.75 23.18 27.78
N ASP F 448 26.42 23.21 26.64
CA ASP F 448 26.49 24.41 25.82
C ASP F 448 25.12 24.78 25.28
N VAL F 449 24.89 26.08 25.11
CA VAL F 449 23.60 26.56 24.66
C VAL F 449 23.35 26.16 23.20
N LEU F 450 24.37 26.25 22.37
CA LEU F 450 24.25 25.83 20.97
C LEU F 450 24.57 24.36 20.78
N GLY F 451 25.48 23.81 21.59
CA GLY F 451 25.76 22.39 21.53
C GLY F 451 24.56 21.53 21.88
N ARG F 452 23.72 22.01 22.79
CA ARG F 452 22.50 21.27 23.13
C ARG F 452 21.55 21.18 21.94
N LYS F 453 21.41 22.28 21.19
CA LYS F 453 20.60 22.25 19.99
C LYS F 453 21.23 21.38 18.92
N MET F 454 22.55 21.40 18.81
CA MET F 454 23.24 20.50 17.88
C MET F 454 22.96 19.05 18.23
N ARG F 455 23.01 18.71 19.53
CA ARG F 455 22.73 17.35 19.96
C ARG F 455 21.28 16.96 19.67
N ALA F 456 20.35 17.89 19.90
CA ALA F 456 18.96 17.59 19.58
C ALA F 456 18.77 17.34 18.09
N ILE F 457 19.44 18.12 17.25
CA ILE F 457 19.37 17.92 15.81
C ILE F 457 19.93 16.55 15.45
N LEU F 458 21.05 16.17 16.06
CA LEU F 458 21.64 14.87 15.77
C LEU F 458 20.73 13.73 16.22
N VAL F 459 20.06 13.90 17.36
CA VAL F 459 19.18 12.85 17.87
C VAL F 459 17.94 12.70 16.99
N GLU F 460 17.30 13.81 16.63
CA GLU F 460 16.00 13.72 15.98
C GLU F 460 16.13 13.43 14.49
N HIS F 461 16.80 14.31 13.75
CA HIS F 461 16.81 14.24 12.30
C HIS F 461 18.05 13.52 11.79
N GLY F 462 18.02 13.22 10.49
CA GLY F 462 19.18 12.64 9.84
C GLY F 462 19.87 13.64 8.92
N ILE F 463 21.01 14.17 9.36
CA ILE F 463 21.73 15.15 8.55
C ILE F 463 22.54 14.44 7.48
N ASP F 464 22.96 15.21 6.48
CA ASP F 464 23.74 14.69 5.36
C ASP F 464 25.22 14.99 5.57
N SER F 465 26.03 14.71 4.56
CA SER F 465 27.47 14.86 4.70
C SER F 465 27.90 16.32 4.77
N ILE F 466 27.29 17.18 3.95
CA ILE F 466 27.73 18.57 3.88
C ILE F 466 27.42 19.31 5.19
N VAL F 467 26.24 19.07 5.76
CA VAL F 467 25.87 19.74 7.00
C VAL F 467 26.74 19.25 8.15
N TRP F 468 27.04 17.95 8.19
CA TRP F 468 27.94 17.43 9.21
C TRP F 468 29.33 18.02 9.07
N ASN F 469 29.81 18.17 7.83
CA ASN F 469 31.11 18.78 7.62
C ASN F 469 31.13 20.22 8.13
N LEU F 470 30.06 20.97 7.86
CA LEU F 470 29.99 22.34 8.37
C LEU F 470 29.98 22.37 9.90
N TYR F 471 29.18 21.49 10.51
CA TYR F 471 29.12 21.40 11.96
C TYR F 471 30.49 21.11 12.56
N LEU F 472 31.20 20.13 12.00
CA LEU F 472 32.50 19.77 12.51
C LEU F 472 33.51 20.88 12.32
N ASN F 473 33.53 21.49 11.13
CA ASN F 473 34.56 22.47 10.80
C ASN F 473 34.39 23.76 11.59
N HIS F 474 33.16 24.20 11.82
CA HIS F 474 32.96 25.53 12.36
C HIS F 474 32.76 25.58 13.88
N MET F 475 32.36 24.49 14.53
CA MET F 475 32.29 24.49 15.99
C MET F 475 33.19 23.45 16.64
N ILE F 476 33.06 22.18 16.25
CA ILE F 476 33.68 21.10 17.01
C ILE F 476 35.21 21.16 16.89
N LEU F 477 35.71 21.31 15.68
CA LEU F 477 37.15 21.27 15.46
C LEU F 477 37.93 22.38 16.16
N PRO F 478 37.50 23.65 16.14
CA PRO F 478 38.25 24.66 16.92
C PRO F 478 38.33 24.34 18.40
N LEU F 479 37.23 23.88 19.00
CA LEU F 479 37.22 23.53 20.41
C LEU F 479 38.16 22.37 20.69
N LEU F 480 38.09 21.32 19.86
CA LEU F 480 38.98 20.18 20.04
C LEU F 480 40.44 20.58 19.88
N LYS F 481 40.73 21.42 18.88
CA LYS F 481 42.11 21.82 18.62
C LYS F 481 42.68 22.63 19.78
N TYR F 482 41.92 23.58 20.30
CA TYR F 482 42.41 24.35 21.44
C TYR F 482 42.59 23.46 22.66
N HIS F 483 41.61 22.60 22.96
CA HIS F 483 41.70 21.81 24.17
C HIS F 483 42.72 20.67 24.05
N LEU F 484 43.15 20.34 22.84
CA LEU F 484 44.22 19.37 22.66
C LEU F 484 45.60 20.04 22.70
N LEU F 485 45.73 21.22 22.11
CA LEU F 485 47.03 21.89 22.08
C LEU F 485 47.46 22.40 23.45
N SER F 486 46.54 22.52 24.40
CA SER F 486 46.84 23.02 25.72
C SER F 486 47.04 21.91 26.75
N GLU F 487 47.07 20.66 26.32
CA GLU F 487 47.29 19.56 27.27
C GLU F 487 48.36 18.57 26.79
N LEU F 488 48.56 18.45 25.48
CA LEU F 488 49.50 17.49 24.92
C LEU F 488 50.67 18.24 24.29
N GLN F 489 51.85 18.12 24.91
CA GLN F 489 53.03 18.81 24.42
C GLN F 489 53.43 18.31 23.04
N TYR F 490 53.49 16.98 22.87
CA TYR F 490 53.99 16.39 21.63
C TYR F 490 53.13 16.76 20.43
N LEU F 491 51.89 17.21 20.66
CA LEU F 491 51.04 17.64 19.55
C LEU F 491 51.58 18.89 18.86
N ALA F 492 52.48 19.62 19.51
CA ALA F 492 53.06 20.80 18.88
C ALA F 492 53.89 20.42 17.64
N THR F 493 54.63 19.33 17.74
CA THR F 493 55.51 18.88 16.65
C THR F 493 54.95 17.71 15.87
N ASN F 494 53.74 17.24 16.19
CA ASN F 494 53.18 16.07 15.51
C ASN F 494 52.78 16.47 14.09
N ARG F 495 53.50 15.96 13.10
CA ARG F 495 53.30 16.39 11.71
C ARG F 495 51.87 16.15 11.26
N GLU F 496 51.26 15.04 11.67
CA GLU F 496 49.87 14.76 11.30
C GLU F 496 48.92 15.79 11.91
N PHE F 497 49.18 16.20 13.16
CA PHE F 497 48.29 17.15 13.81
C PHE F 497 48.27 18.49 13.07
N ILE F 498 49.44 19.00 12.69
CA ILE F 498 49.46 20.22 11.89
C ILE F 498 48.86 19.98 10.52
N LYS F 499 49.13 18.81 9.93
CA LYS F 499 48.62 18.53 8.59
C LYS F 499 47.10 18.51 8.55
N LYS F 500 46.46 18.18 9.68
CA LYS F 500 44.99 18.13 9.72
C LYS F 500 44.34 19.34 10.36
N PHE F 501 45.02 20.03 11.29
CA PHE F 501 44.43 21.10 12.07
C PHE F 501 45.05 22.46 11.78
N LYS F 502 45.63 22.64 10.59
CA LYS F 502 46.29 23.92 10.30
C LYS F 502 45.27 25.02 10.02
N ASP F 503 44.23 24.71 9.25
CA ASP F 503 43.27 25.73 8.82
C ASP F 503 42.15 25.95 9.82
N ILE F 504 42.13 25.21 10.93
CA ILE F 504 41.05 25.34 11.91
C ILE F 504 41.17 26.67 12.63
N ARG F 505 40.03 27.31 12.89
CA ARG F 505 40.02 28.61 13.55
C ARG F 505 40.58 28.52 14.96
N ASN F 506 41.42 29.49 15.32
CA ASN F 506 41.93 29.59 16.68
C ASN F 506 40.91 30.29 17.57
N ASP F 507 40.62 29.69 18.73
CA ASP F 507 39.62 30.24 19.64
C ASP F 507 40.16 30.31 21.07
N GLY F 508 41.46 30.54 21.23
CA GLY F 508 42.04 30.56 22.56
C GLY F 508 41.56 31.71 23.42
N ARG F 509 41.32 32.87 22.81
CA ARG F 509 40.98 34.07 23.56
C ARG F 509 39.67 33.91 24.32
N ILE F 510 38.70 33.23 23.73
CA ILE F 510 37.39 33.08 24.36
C ILE F 510 37.38 31.93 25.35
N LEU F 511 38.00 30.81 24.97
CA LEU F 511 38.02 29.65 25.85
C LEU F 511 38.86 29.91 27.10
N LEU F 512 39.89 30.76 26.99
CA LEU F 512 40.60 31.22 28.18
C LEU F 512 39.64 31.89 29.16
N ALA F 513 38.88 32.88 28.68
CA ALA F 513 37.98 33.60 29.57
C ALA F 513 36.91 32.69 30.13
N TYR F 514 36.48 31.70 29.34
CA TYR F 514 35.52 30.72 29.85
C TYR F 514 36.13 29.89 30.97
N GLU F 515 37.39 29.49 30.82
CA GLU F 515 38.07 28.75 31.89
C GLU F 515 38.21 29.61 33.15
N ARG F 516 38.60 30.87 32.99
CA ARG F 516 38.79 31.76 34.13
C ARG F 516 37.49 32.08 34.85
N LYS F 517 36.35 31.90 34.19
CA LYS F 517 35.05 32.14 34.80
C LYS F 517 34.51 30.91 35.51
N GLY F 518 35.26 29.83 35.57
CA GLY F 518 34.80 28.62 36.21
C GLY F 518 33.96 27.70 35.35
N TYR F 519 33.89 27.96 34.04
CA TYR F 519 33.10 27.11 33.16
C TYR F 519 33.77 25.76 32.97
N GLU F 520 32.96 24.77 32.61
CA GLU F 520 33.47 23.44 32.30
C GLU F 520 34.33 23.49 31.04
N ARG F 521 35.03 22.39 30.78
CA ARG F 521 36.03 22.33 29.73
C ARG F 521 35.44 21.99 28.36
N GLY F 522 34.19 22.41 28.11
CA GLY F 522 33.57 22.19 26.79
C GLY F 522 32.62 23.30 26.36
N ILE F 523 32.18 24.16 27.29
CA ILE F 523 31.29 25.31 26.94
C ILE F 523 32.01 26.19 25.91
N ALA F 524 31.34 26.54 24.82
CA ALA F 524 31.99 27.35 23.75
C ALA F 524 31.17 28.61 23.45
N TYR F 525 29.90 28.62 23.85
CA TYR F 525 29.02 29.80 23.59
C TYR F 525 28.48 30.31 24.91
N ASP F 526 27.74 29.47 25.64
CA ASP F 526 27.24 29.86 27.00
C ASP F 526 26.40 28.71 27.57
N TYR F 527 26.00 28.82 28.83
CA TYR F 527 25.13 27.79 29.43
C TYR F 527 23.69 28.12 29.05
N LYS F 528 22.93 27.11 28.61
CA LYS F 528 21.50 27.33 28.25
C LYS F 528 20.73 27.72 29.53
N MET G 1 37.21 -42.88 23.78
CA MET G 1 36.87 -41.48 23.61
C MET G 1 36.62 -40.83 24.98
N LYS G 2 37.71 -40.38 25.59
CA LYS G 2 37.68 -39.75 26.90
C LYS G 2 38.31 -38.36 26.82
N ARG G 3 37.92 -37.50 27.77
CA ARG G 3 38.43 -36.14 27.80
C ARG G 3 39.95 -36.09 27.91
N LYS G 4 40.54 -37.10 28.53
CA LYS G 4 42.00 -37.16 28.62
C LYS G 4 42.63 -37.22 27.23
N ASP G 5 42.09 -38.06 26.36
CA ASP G 5 42.64 -38.20 25.01
C ASP G 5 42.44 -36.92 24.20
N VAL G 6 41.28 -36.27 24.36
CA VAL G 6 41.04 -35.02 23.65
C VAL G 6 41.99 -33.94 24.14
N GLU G 7 42.25 -33.89 25.45
CA GLU G 7 43.21 -32.94 25.98
C GLU G 7 44.61 -33.20 25.46
N GLU G 8 45.00 -34.48 25.38
CA GLU G 8 46.31 -34.80 24.81
C GLU G 8 46.41 -34.36 23.35
N LYS G 9 45.36 -34.63 22.57
CA LYS G 9 45.37 -34.22 21.16
C LYS G 9 45.45 -32.72 21.03
N LYS G 10 44.69 -31.98 21.84
CA LYS G 10 44.70 -30.52 21.75
C LYS G 10 46.04 -29.95 22.19
N GLN G 11 46.66 -30.54 23.21
CA GLN G 11 47.97 -30.07 23.63
C GLN G 11 49.02 -30.34 22.56
N ASN G 12 48.92 -31.47 21.86
CA ASN G 12 49.82 -31.72 20.74
C ASN G 12 49.61 -30.69 19.64
N LEU G 13 48.35 -30.38 19.33
CA LEU G 13 48.06 -29.40 18.30
C LEU G 13 48.60 -28.02 18.67
N ASP G 14 48.45 -27.63 19.93
CA ASP G 14 48.95 -26.32 20.37
C ASP G 14 50.48 -26.29 20.33
N PHE G 15 51.13 -27.39 20.73
CA PHE G 15 52.58 -27.46 20.64
C PHE G 15 53.04 -27.31 19.20
N TYR G 16 52.36 -27.98 18.27
CA TYR G 16 52.72 -27.85 16.87
C TYR G 16 52.49 -26.42 16.37
N HIS G 17 51.42 -25.79 16.84
CA HIS G 17 51.11 -24.41 16.44
C HIS G 17 52.22 -23.46 16.87
N ASN G 18 52.73 -23.64 18.10
CA ASN G 18 53.89 -22.84 18.53
C ASN G 18 55.14 -23.17 17.72
N TYR G 19 55.38 -24.46 17.48
CA TYR G 19 56.60 -24.85 16.78
C TYR G 19 56.61 -24.31 15.36
N ILE G 20 55.45 -24.11 14.75
CA ILE G 20 55.42 -23.55 13.41
C ILE G 20 55.88 -22.09 13.41
N ASP G 21 55.51 -21.33 14.45
CA ASP G 21 56.04 -19.99 14.59
C ASP G 21 57.56 -20.00 14.77
N ILE G 22 58.05 -20.94 15.60
CA ILE G 22 59.50 -21.05 15.77
C ILE G 22 60.17 -21.36 14.44
N SER G 23 59.58 -22.26 13.65
CA SER G 23 60.12 -22.59 12.34
C SER G 23 60.11 -21.38 11.42
N LYS G 24 59.07 -20.55 11.51
CA LYS G 24 59.02 -19.33 10.72
C LYS G 24 60.18 -18.41 11.06
N ILE G 25 60.48 -18.27 12.36
CA ILE G 25 61.61 -17.45 12.77
C ILE G 25 62.91 -18.00 12.18
N LYS G 26 63.10 -19.32 12.31
CA LYS G 26 64.33 -19.92 11.81
C LYS G 26 64.48 -19.74 10.30
N VAL G 27 63.38 -19.93 9.56
CA VAL G 27 63.44 -19.81 8.11
C VAL G 27 63.72 -18.37 7.70
N LEU G 28 63.14 -17.41 8.43
CA LEU G 28 63.44 -16.01 8.13
C LEU G 28 64.91 -15.69 8.35
N GLN G 29 65.49 -16.22 9.43
CA GLN G 29 66.91 -15.98 9.67
C GLN G 29 67.78 -16.61 8.58
N LYS G 30 67.44 -17.83 8.16
CA LYS G 30 68.19 -18.46 7.07
C LYS G 30 68.05 -17.68 5.77
N LEU G 31 66.86 -17.14 5.52
CA LEU G 31 66.66 -16.32 4.32
C LEU G 31 67.53 -15.08 4.35
N ASN G 32 67.60 -14.42 5.51
CA ASN G 32 68.45 -13.24 5.63
C ASN G 32 69.91 -13.59 5.38
N GLU G 33 70.36 -14.72 5.94
CA GLU G 33 71.74 -15.17 5.69
C GLU G 33 71.97 -15.40 4.20
N GLU G 34 71.02 -16.06 3.53
CA GLU G 34 71.18 -16.37 2.12
C GLU G 34 71.25 -15.10 1.28
N ILE G 35 70.40 -14.12 1.59
CA ILE G 35 70.42 -12.85 0.84
C ILE G 35 71.74 -12.13 1.05
N ALA G 36 72.22 -12.11 2.31
CA ALA G 36 73.50 -11.46 2.59
C ALA G 36 74.63 -12.12 1.82
N SER G 37 74.63 -13.45 1.74
CA SER G 37 75.66 -14.13 0.95
C SER G 37 75.52 -13.83 -0.54
N LEU G 38 74.28 -13.76 -1.03
CA LEU G 38 74.05 -13.55 -2.46
C LEU G 38 74.51 -12.17 -2.90
N ASN G 39 74.38 -11.15 -2.04
CA ASN G 39 74.88 -9.83 -2.40
C ASN G 39 76.39 -9.87 -2.66
N MET G 40 77.13 -10.53 -1.77
CA MET G 40 78.57 -10.68 -1.95
C MET G 40 78.89 -11.47 -3.21
N LEU G 41 78.13 -12.54 -3.47
CA LEU G 41 78.35 -13.31 -4.69
C LEU G 41 78.12 -12.46 -5.93
N LYS G 42 77.10 -11.60 -5.91
CA LYS G 42 76.86 -10.71 -7.05
C LYS G 42 78.02 -9.76 -7.27
N LEU G 43 78.52 -9.15 -6.19
CA LEU G 43 79.67 -8.25 -6.33
C LEU G 43 80.90 -8.98 -6.85
N GLN G 44 81.14 -10.19 -6.35
CA GLN G 44 82.27 -10.99 -6.83
C GLN G 44 82.11 -11.34 -8.30
N LYS G 45 80.89 -11.64 -8.73
CA LYS G 45 80.65 -11.95 -10.15
C LYS G 45 80.91 -10.74 -11.02
N GLY G 46 80.48 -9.55 -10.59
CA GLY G 46 80.79 -8.35 -11.34
C GLY G 46 82.29 -8.08 -11.44
N GLU G 47 83.01 -8.27 -10.33
CA GLU G 47 84.45 -8.09 -10.37
C GLU G 47 85.12 -9.11 -11.28
N SER G 48 84.65 -10.35 -11.26
CA SER G 48 85.20 -11.36 -12.15
C SER G 48 84.92 -11.03 -13.60
N HIS G 49 83.74 -10.48 -13.90
CA HIS G 49 83.46 -10.00 -15.24
C HIS G 49 84.46 -8.94 -15.66
N TYR G 50 84.72 -7.97 -14.77
CA TYR G 50 85.66 -6.91 -15.10
C TYR G 50 87.06 -7.45 -15.35
N LEU G 51 87.51 -8.39 -14.51
CA LEU G 51 88.86 -8.93 -14.69
C LEU G 51 88.97 -9.80 -15.94
N LEU G 52 87.91 -10.53 -16.29
CA LEU G 52 87.91 -11.26 -17.56
C LEU G 52 87.96 -10.31 -18.74
N ASN G 53 87.24 -9.18 -18.66
CA ASN G 53 87.33 -8.18 -19.72
C ASN G 53 88.73 -7.60 -19.81
N ARG G 54 89.40 -7.47 -18.66
CA ARG G 54 90.80 -7.05 -18.67
C ARG G 54 91.69 -8.09 -19.35
N ILE G 55 91.48 -9.37 -19.06
CA ILE G 55 92.33 -10.42 -19.60
C ILE G 55 91.96 -10.82 -21.02
N ILE G 56 90.83 -10.38 -21.53
CA ILE G 56 90.40 -10.77 -22.88
C ILE G 56 90.87 -9.74 -23.91
N ARG G 76 72.28 -21.92 -34.30
CA ARG G 76 72.24 -21.76 -32.85
C ARG G 76 71.75 -23.04 -32.18
N LYS G 77 72.68 -23.77 -31.56
CA LYS G 77 72.36 -24.98 -30.81
C LYS G 77 72.48 -24.68 -29.32
N GLU G 78 71.44 -25.03 -28.57
CA GLU G 78 71.35 -24.69 -27.16
C GLU G 78 71.30 -25.96 -26.32
N LEU G 79 72.05 -25.97 -25.22
CA LEU G 79 72.01 -27.06 -24.25
C LEU G 79 71.04 -26.66 -23.15
N TYR G 80 69.79 -27.07 -23.30
CA TYR G 80 68.77 -26.80 -22.29
C TYR G 80 68.89 -27.81 -21.16
N ILE G 81 68.98 -27.32 -19.93
CA ILE G 81 69.09 -28.17 -18.75
C ILE G 81 67.86 -27.93 -17.89
N LEU G 82 67.13 -29.00 -17.61
CA LEU G 82 65.89 -28.93 -16.84
C LEU G 82 66.08 -29.63 -15.50
N ILE G 83 65.45 -29.08 -14.45
CA ILE G 83 65.54 -29.61 -13.11
C ILE G 83 64.14 -29.74 -12.53
N ASP G 84 63.82 -30.91 -11.99
CA ASP G 84 62.50 -31.17 -11.43
C ASP G 84 62.39 -30.57 -10.03
N PRO G 85 61.17 -30.36 -9.53
CA PRO G 85 61.00 -29.79 -8.20
C PRO G 85 61.43 -30.76 -7.11
N LYS G 86 61.56 -30.21 -5.89
CA LYS G 86 62.08 -30.99 -4.77
C LYS G 86 61.15 -32.13 -4.39
N LYS G 87 59.84 -31.88 -4.40
CA LYS G 87 58.85 -32.88 -4.00
C LYS G 87 57.73 -32.91 -5.04
N LEU G 88 56.73 -33.75 -4.79
CA LEU G 88 55.61 -33.94 -5.71
C LEU G 88 54.31 -33.65 -4.97
N ASP G 89 53.73 -32.49 -5.22
CA ASP G 89 52.43 -32.11 -4.70
C ASP G 89 51.71 -31.28 -5.75
N LEU G 90 50.61 -30.64 -5.36
CA LEU G 90 49.80 -29.90 -6.33
C LEU G 90 50.58 -28.75 -6.95
N PHE G 91 51.30 -27.99 -6.14
CA PHE G 91 52.10 -26.89 -6.65
C PHE G 91 53.18 -27.40 -7.60
N SER G 92 53.86 -28.48 -7.21
CA SER G 92 54.90 -29.04 -8.07
C SER G 92 54.32 -29.56 -9.37
N GLU G 93 53.14 -30.19 -9.31
CA GLU G 93 52.52 -30.68 -10.53
C GLU G 93 52.14 -29.54 -11.48
N ALA G 94 51.58 -28.46 -10.93
CA ALA G 94 51.25 -27.31 -11.77
C ALA G 94 52.51 -26.71 -12.39
N LEU G 95 53.57 -26.56 -11.60
CA LEU G 95 54.82 -26.03 -12.15
C LEU G 95 55.40 -26.97 -13.20
N LEU G 96 55.25 -28.28 -13.00
CA LEU G 96 55.76 -29.24 -13.97
C LEU G 96 55.01 -29.17 -15.28
N ARG G 97 53.68 -29.01 -15.23
CA ARG G 97 52.94 -28.87 -16.48
C ARG G 97 53.25 -27.54 -17.17
N LYS G 98 53.47 -26.48 -16.40
CA LYS G 98 53.93 -25.22 -17.02
C LYS G 98 55.30 -25.40 -17.68
N LEU G 99 56.20 -26.13 -17.03
CA LEU G 99 57.50 -26.41 -17.62
C LEU G 99 57.36 -27.23 -18.89
N SER G 100 56.43 -28.20 -18.89
CA SER G 100 56.18 -28.98 -20.10
C SER G 100 55.70 -28.09 -21.24
N GLN G 101 54.79 -27.15 -20.94
CA GLN G 101 54.34 -26.21 -21.97
C GLN G 101 55.50 -25.38 -22.50
N THR G 102 56.34 -24.87 -21.60
CA THR G 102 57.46 -24.03 -22.03
C THR G 102 58.45 -24.80 -22.88
N VAL G 103 58.77 -26.03 -22.48
CA VAL G 103 59.70 -26.86 -23.25
C VAL G 103 59.11 -27.19 -24.62
N LYS G 104 57.84 -27.56 -24.67
CA LYS G 104 57.20 -27.81 -25.95
C LYS G 104 57.19 -26.55 -26.82
N GLU G 105 57.20 -25.37 -26.19
CA GLU G 105 57.18 -24.13 -26.95
C GLU G 105 58.55 -23.82 -27.54
N ARG G 106 59.56 -23.65 -26.69
CA ARG G 106 60.82 -23.04 -27.10
C ARG G 106 61.98 -24.03 -27.16
N ILE G 107 61.71 -25.28 -27.53
CA ILE G 107 62.77 -26.27 -27.75
C ILE G 107 62.42 -27.08 -29.00
N ARG G 108 63.41 -27.29 -29.87
CA ARG G 108 63.25 -28.13 -31.05
C ARG G 108 64.12 -29.37 -30.95
N PRO G 109 63.61 -30.53 -31.33
CA PRO G 109 64.40 -31.78 -31.17
C PRO G 109 65.59 -31.88 -32.11
N ASP G 110 65.69 -31.03 -33.13
CA ASP G 110 66.78 -31.13 -34.09
C ASP G 110 67.96 -30.24 -33.73
N LYS G 111 67.69 -28.99 -33.36
CA LYS G 111 68.73 -27.99 -33.14
C LYS G 111 69.01 -27.72 -31.67
N ASP G 112 68.50 -28.57 -30.77
CA ASP G 112 68.64 -28.33 -29.34
C ASP G 112 68.85 -29.64 -28.61
N PHE G 113 69.65 -29.59 -27.55
CA PHE G 113 69.99 -30.75 -26.75
C PHE G 113 69.57 -30.50 -25.31
N VAL G 114 68.97 -31.51 -24.68
CA VAL G 114 68.34 -31.37 -23.38
C VAL G 114 69.05 -32.27 -22.37
N ILE G 115 69.42 -31.70 -21.24
CA ILE G 115 69.98 -32.43 -20.11
C ILE G 115 68.94 -32.43 -19.00
N THR G 116 68.48 -33.63 -18.62
CA THR G 116 67.39 -33.77 -17.67
C THR G 116 67.89 -34.45 -16.41
N VAL G 117 67.58 -33.86 -15.26
CA VAL G 117 67.89 -34.44 -13.95
C VAL G 117 66.57 -34.67 -13.22
N GLY G 118 66.38 -35.88 -12.71
CA GLY G 118 65.12 -36.22 -12.09
C GLY G 118 64.22 -36.99 -13.04
N THR G 119 63.35 -37.81 -12.45
CA THR G 119 62.50 -38.68 -13.26
C THR G 119 61.48 -37.90 -14.07
N ASN G 120 60.90 -36.85 -13.49
CA ASN G 120 59.77 -36.16 -14.13
C ASN G 120 60.18 -35.49 -15.43
N VAL G 121 61.25 -34.67 -15.39
CA VAL G 121 61.66 -33.98 -16.60
C VAL G 121 62.26 -34.96 -17.60
N ASP G 122 62.88 -36.03 -17.12
CA ASP G 122 63.37 -37.07 -18.03
C ASP G 122 62.21 -37.69 -18.80
N ASN G 123 61.11 -38.01 -18.10
CA ASN G 123 59.93 -38.53 -18.76
C ASN G 123 59.34 -37.52 -19.73
N ILE G 124 59.33 -36.24 -19.35
CA ILE G 124 58.79 -35.21 -20.22
C ILE G 124 59.59 -35.14 -21.52
N ALA G 125 60.93 -35.12 -21.40
CA ALA G 125 61.78 -35.08 -22.58
C ALA G 125 61.61 -36.33 -23.44
N ARG G 126 61.55 -37.50 -22.81
CA ARG G 126 61.39 -38.74 -23.56
C ARG G 126 60.07 -38.75 -24.31
N GLN G 127 59.00 -38.22 -23.70
CA GLN G 127 57.72 -38.11 -24.40
C GLN G 127 57.81 -37.13 -25.56
N LEU G 128 58.54 -36.03 -25.38
CA LEU G 128 58.76 -35.10 -26.49
C LEU G 128 59.84 -35.58 -27.45
N ASN G 129 60.55 -36.67 -27.12
CA ASN G 129 61.58 -37.24 -27.99
C ASN G 129 62.66 -36.23 -28.33
N LEU G 130 63.05 -35.43 -27.34
CA LEU G 130 64.13 -34.48 -27.52
C LEU G 130 65.49 -35.19 -27.41
N ASN G 131 66.55 -34.45 -27.72
CA ASN G 131 67.90 -35.01 -27.71
C ASN G 131 68.42 -34.98 -26.28
N ILE G 132 68.29 -36.11 -25.58
CA ILE G 132 68.76 -36.24 -24.21
C ILE G 132 70.23 -36.63 -24.27
N ILE G 133 71.11 -35.67 -23.98
CA ILE G 133 72.54 -35.94 -23.97
C ILE G 133 72.90 -36.89 -22.84
N ASP G 134 72.44 -36.57 -21.62
CA ASP G 134 72.78 -37.36 -20.45
C ASP G 134 71.72 -37.13 -19.38
N HIS G 135 71.66 -38.06 -18.43
CA HIS G 135 70.73 -37.97 -17.31
C HIS G 135 71.49 -38.08 -15.99
N TYR G 136 70.97 -37.39 -14.98
CA TYR G 136 71.59 -37.36 -13.66
C TYR G 136 70.60 -37.79 -12.59
N ASP G 137 70.98 -37.61 -11.32
CA ASP G 137 70.09 -37.85 -10.19
C ASP G 137 69.86 -36.54 -9.45
N LEU G 138 68.66 -36.40 -8.87
CA LEU G 138 68.29 -35.15 -8.23
C LEU G 138 69.20 -34.79 -7.07
N ASP G 139 69.70 -35.80 -6.35
CA ASP G 139 70.57 -35.53 -5.21
C ASP G 139 71.83 -34.78 -5.61
N LEU G 140 72.25 -34.89 -6.88
CA LEU G 140 73.41 -34.15 -7.35
C LEU G 140 73.20 -32.65 -7.21
N PHE G 141 71.96 -32.18 -7.35
CA PHE G 141 71.68 -30.76 -7.19
C PHE G 141 71.78 -30.32 -5.74
N ASN G 142 71.72 -31.26 -4.79
CA ASN G 142 71.80 -30.89 -3.38
C ASN G 142 73.13 -30.23 -3.05
N GLN G 143 74.23 -30.80 -3.53
CA GLN G 143 75.55 -30.23 -3.36
C GLN G 143 75.92 -29.46 -4.63
N ILE G 144 76.25 -28.18 -4.46
CA ILE G 144 76.46 -27.33 -5.63
C ILE G 144 77.77 -27.67 -6.33
N ASP G 145 78.80 -28.06 -5.57
CA ASP G 145 80.13 -28.21 -6.14
C ASP G 145 80.18 -29.30 -7.21
N ASP G 146 79.70 -30.50 -6.88
CA ASP G 146 79.79 -31.61 -7.82
C ASP G 146 78.95 -31.36 -9.07
N PHE G 147 77.73 -30.89 -8.89
CA PHE G 147 76.86 -30.60 -10.03
C PHE G 147 77.47 -29.54 -10.93
N ALA G 148 77.98 -28.46 -10.33
CA ALA G 148 78.60 -27.40 -11.10
C ALA G 148 79.83 -27.90 -11.85
N ASN G 149 80.64 -28.73 -11.20
CA ASN G 149 81.84 -29.25 -11.85
C ASN G 149 81.49 -30.11 -13.05
N ARG G 150 80.52 -31.03 -12.87
CA ARG G 150 80.13 -31.90 -13.97
C ARG G 150 79.53 -31.10 -15.12
N ILE G 151 78.68 -30.11 -14.80
CA ILE G 151 78.07 -29.29 -15.85
C ILE G 151 79.14 -28.48 -16.57
N GLY G 152 80.12 -27.94 -15.83
CA GLY G 152 81.18 -27.19 -16.48
C GLY G 152 82.01 -28.05 -17.40
N GLU G 153 82.34 -29.26 -16.96
CA GLU G 153 83.09 -30.17 -17.84
C GLU G 153 82.29 -30.51 -19.09
N LEU G 154 80.99 -30.78 -18.94
CA LEU G 154 80.16 -31.12 -20.10
C LEU G 154 80.07 -29.95 -21.06
N VAL G 155 79.87 -28.73 -20.55
CA VAL G 155 79.73 -27.59 -21.44
C VAL G 155 81.07 -27.24 -22.10
N ASP G 156 82.19 -27.42 -21.40
CA ASP G 156 83.48 -27.23 -22.03
C ASP G 156 83.69 -28.23 -23.16
N VAL G 157 83.33 -29.50 -22.91
CA VAL G 157 83.44 -30.52 -23.95
C VAL G 157 82.57 -30.16 -25.15
N GLY G 158 81.34 -29.70 -24.89
CA GLY G 158 80.44 -29.36 -25.98
C GLY G 158 80.89 -28.14 -26.77
N LEU G 159 81.43 -27.14 -26.08
CA LEU G 159 81.86 -25.92 -26.76
C LEU G 159 83.14 -26.15 -27.55
N ASN G 160 84.07 -26.95 -27.00
CA ASN G 160 85.27 -27.30 -27.75
C ASN G 160 84.92 -28.08 -29.01
N ASN G 161 83.98 -29.02 -28.90
CA ASN G 161 83.47 -29.74 -30.05
C ASN G 161 82.43 -28.94 -30.84
N LYS G 162 82.05 -27.75 -30.35
CA LYS G 162 81.10 -26.87 -31.02
C LYS G 162 79.74 -27.54 -31.22
N ILE G 163 79.39 -28.44 -30.30
CA ILE G 163 78.08 -29.10 -30.38
C ILE G 163 76.95 -28.09 -30.18
N PHE G 164 77.10 -27.21 -29.20
CA PHE G 164 76.08 -26.22 -28.88
C PHE G 164 76.73 -24.86 -28.67
N ASN G 165 75.90 -23.83 -28.64
CA ASN G 165 76.35 -22.45 -28.45
C ASN G 165 75.86 -21.85 -27.14
N TYR G 166 74.55 -21.87 -26.90
CA TYR G 166 73.95 -21.23 -25.75
C TYR G 166 73.64 -22.26 -24.67
N VAL G 167 73.67 -21.81 -23.41
CA VAL G 167 73.39 -22.65 -22.26
C VAL G 167 72.37 -21.94 -21.38
N SER G 168 71.33 -22.68 -20.97
CA SER G 168 70.31 -22.14 -20.08
C SER G 168 69.90 -23.22 -19.09
N LEU G 169 69.35 -22.77 -17.96
CA LEU G 169 68.91 -23.66 -16.89
C LEU G 169 67.45 -23.37 -16.58
N LEU G 170 66.64 -24.42 -16.52
CA LEU G 170 65.23 -24.33 -16.16
C LEU G 170 64.98 -25.17 -14.92
N ILE G 171 64.30 -24.58 -13.93
CA ILE G 171 63.90 -25.29 -12.72
C ILE G 171 62.40 -25.08 -12.54
N ALA G 172 61.67 -26.18 -12.31
CA ALA G 172 60.25 -26.09 -12.05
C ALA G 172 59.98 -25.50 -10.67
N GLN G 173 60.20 -24.21 -10.51
CA GLN G 173 60.07 -23.54 -9.22
C GLN G 173 59.60 -22.11 -9.45
N SER G 174 58.54 -21.73 -8.74
CA SER G 174 57.97 -20.39 -8.91
C SER G 174 58.95 -19.33 -8.42
N SER G 175 58.84 -18.14 -9.00
CA SER G 175 59.68 -17.01 -8.64
C SER G 175 58.81 -15.78 -8.39
N THR G 176 59.12 -15.05 -7.32
CA THR G 176 58.34 -13.88 -6.97
C THR G 176 58.58 -12.72 -7.93
N LYS G 177 59.82 -12.59 -8.41
CA LYS G 177 60.15 -11.50 -9.33
C LYS G 177 59.50 -11.66 -10.69
N ASN G 178 59.06 -12.88 -11.03
CA ASN G 178 58.40 -13.14 -12.30
C ASN G 178 56.89 -13.34 -12.13
N ASN G 179 56.34 -12.96 -10.97
CA ASN G 179 54.94 -13.18 -10.64
C ASN G 179 54.56 -14.66 -10.79
N GLY G 180 55.45 -15.54 -10.33
CA GLY G 180 55.23 -16.96 -10.40
C GLY G 180 55.91 -17.67 -11.55
N GLY G 181 56.58 -16.94 -12.43
CA GLY G 181 57.24 -17.57 -13.55
C GLY G 181 58.40 -18.44 -13.11
N LEU G 182 58.68 -19.47 -13.91
CA LEU G 182 59.76 -20.39 -13.60
C LEU G 182 61.11 -19.67 -13.61
N VAL G 183 62.00 -20.08 -12.73
CA VAL G 183 63.33 -19.49 -12.67
C VAL G 183 64.16 -19.99 -13.85
N GLN G 184 64.79 -19.05 -14.56
CA GLN G 184 65.58 -19.40 -15.74
C GLN G 184 66.57 -18.28 -16.01
N GLU G 185 67.74 -18.66 -16.53
CA GLU G 185 68.74 -17.68 -16.93
C GLU G 185 69.72 -18.33 -17.90
N ARG G 186 70.12 -17.58 -18.92
CA ARG G 186 71.10 -18.03 -19.90
C ARG G 186 72.47 -17.54 -19.45
N ILE G 187 73.27 -18.43 -18.87
CA ILE G 187 74.59 -18.05 -18.39
C ILE G 187 75.51 -17.76 -19.57
N VAL G 188 75.54 -18.65 -20.55
CA VAL G 188 76.42 -18.55 -21.71
C VAL G 188 75.55 -18.28 -22.93
N PRO G 189 75.77 -17.18 -23.66
CA PRO G 189 76.82 -16.17 -23.51
C PRO G 189 76.49 -15.10 -22.48
N PHE G 190 77.45 -14.23 -22.19
CA PHE G 190 77.23 -13.09 -21.32
C PHE G 190 77.77 -11.80 -21.94
N PHE G 243 96.00 -18.18 -18.48
CA PHE G 243 95.06 -19.26 -18.25
C PHE G 243 93.63 -18.79 -18.42
N TYR G 244 93.21 -18.64 -19.68
CA TYR G 244 91.85 -18.21 -19.99
C TYR G 244 90.83 -19.25 -19.52
N GLU G 245 91.15 -20.53 -19.69
CA GLU G 245 90.21 -21.59 -19.35
C GLU G 245 89.84 -21.57 -17.86
N GLN G 246 90.83 -21.40 -16.99
CA GLN G 246 90.55 -21.39 -15.56
C GLN G 246 89.65 -20.22 -15.19
N PHE G 247 89.91 -19.04 -15.76
CA PHE G 247 89.09 -17.87 -15.45
C PHE G 247 87.66 -18.06 -15.93
N VAL G 248 87.48 -18.56 -17.16
CA VAL G 248 86.13 -18.73 -17.68
C VAL G 248 85.39 -19.80 -16.89
N LYS G 249 86.10 -20.86 -16.45
CA LYS G 249 85.48 -21.88 -15.63
C LYS G 249 85.04 -21.31 -14.29
N SER G 250 85.87 -20.46 -13.69
CA SER G 250 85.49 -19.84 -12.43
C SER G 250 84.28 -18.94 -12.60
N VAL G 251 84.21 -18.21 -13.71
CA VAL G 251 83.03 -17.37 -13.98
C VAL G 251 81.78 -18.24 -14.09
N PHE G 252 81.89 -19.37 -14.80
CA PHE G 252 80.78 -20.29 -14.91
C PHE G 252 80.34 -20.80 -13.53
N LYS G 253 81.30 -21.17 -12.70
CA LYS G 253 80.97 -21.69 -11.37
C LYS G 253 80.27 -20.62 -10.53
N GLN G 254 80.75 -19.37 -10.61
CA GLN G 254 80.10 -18.29 -9.86
C GLN G 254 78.68 -18.07 -10.34
N GLU G 255 78.45 -18.15 -11.66
CA GLU G 255 77.10 -18.01 -12.19
C GLU G 255 76.19 -19.12 -11.67
N LEU G 256 76.67 -20.36 -11.67
CA LEU G 256 75.86 -21.47 -11.17
C LEU G 256 75.55 -21.29 -9.68
N PHE G 257 76.55 -20.84 -8.91
CA PHE G 257 76.32 -20.61 -7.48
C PHE G 257 75.25 -19.55 -7.27
N GLU G 258 75.31 -18.47 -8.05
CA GLU G 258 74.28 -17.43 -7.96
C GLU G 258 72.90 -17.98 -8.28
N PHE G 259 72.80 -18.80 -9.33
CA PHE G 259 71.50 -19.36 -9.71
C PHE G 259 70.94 -20.23 -8.59
N LYS G 260 71.79 -21.08 -7.99
CA LYS G 260 71.33 -21.92 -6.89
C LYS G 260 70.89 -21.08 -5.70
N SER G 261 71.62 -20.01 -5.41
CA SER G 261 71.25 -19.16 -4.28
C SER G 261 69.90 -18.48 -4.51
N ILE G 262 69.64 -18.02 -5.74
CA ILE G 262 68.34 -17.42 -6.04
C ILE G 262 67.23 -18.44 -5.87
N SER G 263 67.47 -19.67 -6.35
CA SER G 263 66.47 -20.73 -6.19
C SER G 263 66.18 -20.98 -4.71
N VAL G 264 67.23 -21.02 -3.88
CA VAL G 264 67.04 -21.27 -2.46
C VAL G 264 66.25 -20.15 -1.81
N ILE G 265 66.51 -18.90 -2.22
CA ILE G 265 65.76 -17.77 -1.66
C ILE G 265 64.28 -17.91 -1.95
N GLU G 266 63.94 -18.17 -3.21
CA GLU G 266 62.53 -18.31 -3.58
C GLU G 266 61.89 -19.49 -2.84
N GLU G 267 62.63 -20.59 -2.72
CA GLU G 267 62.12 -21.75 -1.98
C GLU G 267 61.83 -21.40 -0.53
N LEU G 268 62.69 -20.61 0.10
CA LEU G 268 62.48 -20.24 1.50
C LEU G 268 61.23 -19.38 1.66
N LYS G 269 61.00 -18.44 0.74
CA LYS G 269 59.78 -17.65 0.81
C LYS G 269 58.54 -18.54 0.69
N ILE G 270 58.57 -19.47 -0.27
CA ILE G 270 57.45 -20.39 -0.44
C ILE G 270 57.26 -21.22 0.82
N GLU G 271 58.35 -21.60 1.47
CA GLU G 271 58.26 -22.40 2.69
C GLU G 271 57.59 -21.61 3.81
N LEU G 272 57.89 -20.31 3.91
CA LEU G 272 57.20 -19.48 4.90
C LEU G 272 55.70 -19.49 4.67
N GLN G 273 55.28 -19.30 3.42
CA GLN G 273 53.84 -19.31 3.13
C GLN G 273 53.22 -20.68 3.45
N LEU G 274 53.96 -21.75 3.15
CA LEU G 274 53.46 -23.09 3.48
C LEU G 274 53.31 -23.28 4.99
N LEU G 275 54.22 -22.68 5.77
CA LEU G 275 54.10 -22.75 7.22
C LEU G 275 52.82 -22.07 7.70
N ASP G 276 52.49 -20.92 7.11
CA ASP G 276 51.22 -20.28 7.47
C ASP G 276 50.04 -21.19 7.14
N GLU G 277 50.07 -21.82 5.97
CA GLU G 277 49.00 -22.75 5.61
C GLU G 277 48.88 -23.89 6.61
N LYS G 278 50.02 -24.42 7.06
CA LYS G 278 50.02 -25.51 8.03
C LYS G 278 49.38 -25.07 9.35
N LYS G 279 49.67 -23.84 9.79
CA LYS G 279 49.03 -23.34 11.01
C LYS G 279 47.51 -23.29 10.86
N LYS G 280 47.04 -22.83 9.70
CA LYS G 280 45.59 -22.80 9.46
C LYS G 280 45.01 -24.20 9.53
N ARG G 281 45.67 -25.18 8.92
CA ARG G 281 45.18 -26.56 8.95
C ARG G 281 45.11 -27.09 10.37
N LEU G 282 46.12 -26.78 11.19
CA LEU G 282 46.12 -27.23 12.57
C LEU G 282 44.92 -26.67 13.34
N GLU G 283 44.63 -25.39 13.15
CA GLU G 283 43.48 -24.80 13.83
C GLU G 283 42.17 -25.47 13.40
N GLU G 284 42.03 -25.76 12.11
CA GLU G 284 40.82 -26.43 11.64
C GLU G 284 40.68 -27.82 12.27
N GLN G 285 41.79 -28.56 12.36
CA GLN G 285 41.76 -29.87 13.00
C GLN G 285 41.30 -29.77 14.45
N LYS G 286 41.81 -28.78 15.18
CA LYS G 286 41.41 -28.60 16.57
C LYS G 286 39.91 -28.34 16.69
N LYS G 287 39.37 -27.50 15.80
CA LYS G 287 37.94 -27.24 15.83
C LYS G 287 37.13 -28.50 15.59
N GLU G 288 37.55 -29.32 14.62
CA GLU G 288 36.82 -30.56 14.36
C GLU G 288 36.85 -31.49 15.57
N LEU G 289 38.00 -31.60 16.22
CA LEU G 289 38.11 -32.47 17.39
C LEU G 289 37.20 -32.00 18.52
N ILE G 290 37.15 -30.68 18.76
CA ILE G 290 36.24 -30.13 19.76
C ILE G 290 34.80 -30.53 19.43
N LEU G 291 34.41 -30.37 18.17
CA LEU G 291 33.04 -30.70 17.76
C LEU G 291 32.70 -32.15 18.10
N LYS G 292 33.58 -33.08 17.70
CA LYS G 292 33.27 -34.49 17.92
C LYS G 292 33.21 -34.82 19.42
N TRP G 293 34.13 -34.27 20.21
CA TRP G 293 34.09 -34.55 21.64
C TRP G 293 32.79 -34.06 22.27
N ASN G 294 32.36 -32.85 21.91
CA ASN G 294 31.13 -32.33 22.48
C ASN G 294 29.94 -33.22 22.14
N ARG G 295 29.82 -33.60 20.87
CA ARG G 295 28.69 -34.45 20.47
C ARG G 295 28.69 -35.77 21.25
N ALA G 296 29.86 -36.43 21.30
CA ALA G 296 29.92 -37.74 21.95
C ALA G 296 29.61 -37.65 23.43
N ARG G 297 30.16 -36.65 24.12
CA ARG G 297 29.92 -36.54 25.56
C ARG G 297 28.46 -36.25 25.85
N LYS G 298 27.81 -35.40 25.03
CA LYS G 298 26.39 -35.13 25.23
C LYS G 298 25.58 -36.42 25.09
N GLU G 299 25.84 -37.20 24.04
CA GLU G 299 25.11 -38.44 23.82
C GLU G 299 25.27 -39.39 25.02
N GLU G 300 26.51 -39.60 25.45
CA GLU G 300 26.76 -40.54 26.54
C GLU G 300 26.08 -40.07 27.83
N ALA G 301 26.17 -38.78 28.14
CA ALA G 301 25.57 -38.29 29.38
C ALA G 301 24.06 -38.47 29.37
N THR G 302 23.41 -38.16 28.24
CA THR G 302 21.96 -38.31 28.18
C THR G 302 21.55 -39.77 28.36
N LEU G 303 22.26 -40.69 27.71
CA LEU G 303 21.94 -42.11 27.87
C LEU G 303 22.11 -42.55 29.31
N GLN G 304 23.19 -42.11 29.97
CA GLN G 304 23.42 -42.51 31.36
C GLN G 304 22.31 -42.01 32.27
N SER G 305 21.89 -40.75 32.09
CA SER G 305 20.85 -40.21 32.94
C SER G 305 19.52 -40.93 32.74
N THR G 306 19.15 -41.20 31.49
CA THR G 306 17.89 -41.91 31.25
C THR G 306 17.93 -43.31 31.85
N LEU G 307 19.05 -44.01 31.67
CA LEU G 307 19.15 -45.37 32.20
C LEU G 307 19.12 -45.38 33.72
N LEU G 308 19.71 -44.36 34.36
CA LEU G 308 19.61 -44.27 35.81
C LEU G 308 18.17 -44.04 36.27
N PHE G 309 17.44 -43.17 35.58
CA PHE G 309 16.06 -42.92 36.01
C PHE G 309 15.13 -44.09 35.72
N SER G 310 15.52 -44.98 34.79
CA SER G 310 14.66 -46.12 34.48
C SER G 310 14.33 -46.95 35.72
N ALA G 311 15.31 -47.18 36.59
CA ALA G 311 15.07 -47.96 37.79
C ALA G 311 14.05 -47.29 38.70
N PHE G 312 14.19 -45.98 38.90
CA PHE G 312 13.26 -45.26 39.76
C PHE G 312 11.85 -45.32 39.21
N LYS G 313 11.70 -45.16 37.88
CA LYS G 313 10.35 -45.16 37.34
C LYS G 313 9.76 -46.56 37.31
N VAL G 314 10.61 -47.59 37.25
CA VAL G 314 10.10 -48.96 37.36
C VAL G 314 9.62 -49.25 38.77
N LYS G 315 10.37 -48.82 39.77
CA LYS G 315 10.05 -49.19 41.16
C LYS G 315 8.75 -48.58 41.67
N ASN G 316 8.16 -47.61 40.96
CA ASN G 316 6.96 -46.93 41.41
C ASN G 316 5.79 -47.15 40.45
N GLN G 317 5.66 -48.37 39.93
CA GLN G 317 4.52 -48.69 39.07
C GLN G 317 3.24 -48.92 39.87
N LYS G 318 3.36 -49.55 41.04
CA LYS G 318 2.16 -49.90 41.81
C LYS G 318 1.42 -48.67 42.29
N SER G 319 2.16 -47.65 42.74
CA SER G 319 1.51 -46.41 43.19
C SER G 319 0.75 -45.75 42.06
N THR G 320 1.35 -45.71 40.86
CA THR G 320 0.68 -45.13 39.70
C THR G 320 -0.58 -45.93 39.35
N ARG G 321 -0.49 -47.25 39.37
CA ARG G 321 -1.66 -48.07 39.03
C ARG G 321 -2.78 -47.88 40.04
N ASP G 322 -2.44 -47.83 41.34
CA ASP G 322 -3.46 -47.62 42.36
C ASP G 322 -4.10 -46.24 42.23
N GLU G 323 -3.29 -45.22 41.95
CA GLU G 323 -3.84 -43.89 41.74
C GLU G 323 -4.77 -43.86 40.54
N ILE G 324 -4.40 -44.57 39.47
CA ILE G 324 -5.26 -44.64 38.29
C ILE G 324 -6.58 -45.31 38.63
N LEU G 325 -6.53 -46.41 39.39
CA LEU G 325 -7.75 -47.09 39.81
C LEU G 325 -8.66 -46.17 40.62
N ARG G 326 -8.10 -45.49 41.62
CA ARG G 326 -8.93 -44.68 42.50
C ARG G 326 -9.42 -43.41 41.81
N LEU G 327 -8.68 -42.92 40.81
CA LEU G 327 -9.19 -41.81 40.01
C LEU G 327 -10.31 -42.28 39.08
N SER G 328 -10.18 -43.48 38.53
CA SER G 328 -11.23 -44.02 37.66
C SER G 328 -12.53 -44.21 38.43
N LYS G 329 -12.44 -44.77 39.63
CA LYS G 329 -13.63 -44.87 40.47
C LYS G 329 -14.15 -43.49 40.83
N GLY G 330 -13.36 -42.72 41.57
CA GLY G 330 -13.68 -41.32 41.83
C GLY G 330 -14.99 -41.16 42.57
N LYS G 331 -15.83 -40.27 42.06
CA LYS G 331 -17.10 -39.93 42.70
C LYS G 331 -18.22 -40.84 42.18
N SER H 281 -79.39 78.89 -12.02
CA SER H 281 -79.16 77.90 -10.98
C SER H 281 -79.12 76.50 -11.58
N PHE H 282 -78.83 75.51 -10.75
CA PHE H 282 -78.73 74.11 -11.16
C PHE H 282 -79.91 73.34 -10.61
N ASN H 283 -80.58 72.60 -11.49
CA ASN H 283 -81.72 71.77 -11.10
C ASN H 283 -81.34 70.30 -11.22
N PRO H 284 -81.07 69.60 -10.12
CA PRO H 284 -80.68 68.19 -10.22
C PRO H 284 -81.80 67.34 -10.80
N THR H 285 -81.42 66.40 -11.67
CA THR H 285 -82.35 65.45 -12.24
C THR H 285 -82.06 64.01 -11.83
N ASN H 286 -80.81 63.67 -11.52
CA ASN H 286 -80.44 62.36 -11.00
C ASN H 286 -79.54 62.54 -9.79
N PRO H 287 -80.08 63.04 -8.68
CA PRO H 287 -79.25 63.32 -7.51
C PRO H 287 -79.08 62.12 -6.60
N LEU H 288 -77.95 62.11 -5.89
CA LEU H 288 -77.68 61.07 -4.91
C LEU H 288 -78.59 61.21 -3.70
N LYS H 289 -78.89 60.08 -3.06
CA LYS H 289 -79.80 60.05 -1.93
C LYS H 289 -79.04 59.58 -0.69
N PRO H 290 -79.12 60.31 0.43
CA PRO H 290 -78.44 59.87 1.64
C PRO H 290 -79.02 58.57 2.18
N ILE H 291 -78.24 57.93 3.05
CA ILE H 291 -78.64 56.64 3.59
C ILE H 291 -79.83 56.82 4.53
N GLU H 292 -80.63 55.77 4.67
CA GLU H 292 -81.77 55.78 5.57
C GLU H 292 -81.30 55.55 6.99
N GLU H 293 -81.66 56.46 7.90
CA GLU H 293 -81.30 56.33 9.29
C GLU H 293 -82.05 55.15 9.92
N LYS H 294 -81.34 54.37 10.72
CA LYS H 294 -81.88 53.12 11.25
C LYS H 294 -81.25 52.84 12.61
N GLU H 295 -81.50 51.65 13.13
CA GLU H 295 -80.91 51.17 14.36
C GLU H 295 -80.35 49.77 14.14
N PHE H 296 -79.39 49.40 14.99
CA PHE H 296 -78.76 48.09 14.88
C PHE H 296 -79.77 46.98 15.11
N THR H 297 -80.10 46.23 14.06
CA THR H 297 -81.11 45.18 14.13
C THR H 297 -80.54 43.77 14.08
N ILE H 298 -79.24 43.60 13.82
CA ILE H 298 -78.63 42.28 13.78
C ILE H 298 -77.48 42.25 14.77
N PHE H 299 -77.38 41.18 15.55
CA PHE H 299 -76.35 41.04 16.56
C PHE H 299 -75.73 39.66 16.50
N GLY H 300 -74.41 39.59 16.64
CA GLY H 300 -73.74 38.32 16.55
C GLY H 300 -72.36 38.36 17.18
N GLU H 301 -71.61 37.30 16.95
CA GLU H 301 -70.26 37.21 17.51
C GLU H 301 -69.37 36.40 16.58
N ILE H 302 -68.06 36.67 16.69
CA ILE H 302 -67.08 36.03 15.84
C ILE H 302 -66.85 34.59 16.32
N VAL H 303 -66.89 33.64 15.38
CA VAL H 303 -66.70 32.24 15.72
C VAL H 303 -65.45 31.64 15.09
N GLU H 304 -64.89 32.26 14.05
CA GLU H 304 -63.64 31.82 13.47
C GLU H 304 -62.80 33.04 13.13
N ILE H 305 -61.48 32.89 13.22
CA ILE H 305 -60.55 33.96 12.90
C ILE H 305 -59.61 33.51 11.80
N ARG H 306 -58.89 34.47 11.25
CA ARG H 306 -57.92 34.29 10.17
C ARG H 306 -57.24 35.64 10.00
N SER H 307 -56.35 35.71 9.03
CA SER H 307 -55.80 37.00 8.64
C SER H 307 -56.76 37.65 7.66
N GLN H 308 -57.39 38.76 8.08
CA GLN H 308 -58.27 39.63 7.31
C GLN H 308 -59.64 39.04 7.02
N VAL H 309 -59.93 37.80 7.44
CA VAL H 309 -61.22 37.16 7.14
C VAL H 309 -61.75 36.52 8.42
N TYR H 310 -62.98 36.85 8.78
CA TYR H 310 -63.59 36.41 10.02
C TYR H 310 -65.01 35.92 9.78
N LYS H 311 -65.40 34.84 10.46
CA LYS H 311 -66.75 34.32 10.37
C LYS H 311 -67.56 34.77 11.56
N ILE H 312 -68.82 35.14 11.30
CA ILE H 312 -69.72 35.69 12.32
C ILE H 312 -70.97 34.83 12.38
N ARG H 313 -71.35 34.45 13.59
CA ARG H 313 -72.61 33.76 13.85
C ARG H 313 -73.58 34.74 14.48
N ILE H 314 -74.78 34.81 13.94
CA ILE H 314 -75.78 35.78 14.37
C ILE H 314 -76.67 35.15 15.42
N ASP H 315 -76.74 35.79 16.59
CA ASP H 315 -77.53 35.27 17.71
C ASP H 315 -78.96 35.80 17.68
N LYS H 316 -79.12 37.13 17.71
CA LYS H 316 -80.42 37.76 17.67
C LYS H 316 -80.48 38.68 16.45
N ALA H 317 -81.51 38.49 15.62
CA ALA H 317 -81.68 39.28 14.41
C ALA H 317 -83.13 39.69 14.26
N GLU H 318 -83.37 40.96 13.97
CA GLU H 318 -84.69 41.46 13.68
C GLU H 318 -85.00 41.50 12.19
N GLU H 319 -84.06 41.10 11.35
CA GLU H 319 -84.27 41.01 9.91
C GLU H 319 -83.19 40.10 9.33
N GLU H 320 -83.42 39.65 8.09
CA GLU H 320 -82.45 38.80 7.42
C GLU H 320 -81.28 39.63 6.91
N VAL H 321 -80.10 39.01 6.91
CA VAL H 321 -78.88 39.70 6.54
C VAL H 321 -78.76 39.76 5.02
N LEU H 322 -78.25 40.89 4.53
CA LEU H 322 -78.05 41.13 3.11
C LEU H 322 -76.58 41.05 2.75
N PRO H 323 -76.26 40.77 1.49
CA PRO H 323 -74.85 40.80 1.07
C PRO H 323 -74.27 42.20 1.16
N LYS H 324 -72.96 42.25 1.45
CA LYS H 324 -72.13 43.46 1.49
C LYS H 324 -72.47 44.40 2.64
N VAL H 325 -73.25 43.96 3.63
CA VAL H 325 -73.56 44.81 4.77
C VAL H 325 -72.35 44.84 5.71
N ILE H 326 -72.35 45.79 6.64
CA ILE H 326 -71.20 46.06 7.49
C ILE H 326 -71.54 45.69 8.93
N PHE H 327 -70.66 44.93 9.56
CA PHE H 327 -70.77 44.61 10.98
C PHE H 327 -69.74 45.44 11.74
N TYR H 328 -70.18 46.10 12.81
CA TYR H 328 -69.34 46.97 13.62
C TYR H 328 -68.96 46.24 14.90
N ALA H 329 -67.68 46.29 15.25
CA ALA H 329 -67.17 45.75 16.50
C ALA H 329 -66.42 46.86 17.24
N ASP H 330 -66.67 46.98 18.54
CA ASP H 330 -66.04 48.01 19.35
C ASP H 330 -65.09 47.34 20.33
N VAL H 331 -63.82 47.74 20.28
CA VAL H 331 -62.78 47.21 21.17
C VAL H 331 -61.92 48.38 21.64
N ASN H 332 -61.97 48.67 22.94
CA ASN H 332 -61.15 49.70 23.56
C ASN H 332 -61.34 51.06 22.88
N GLY H 333 -62.59 51.39 22.57
CA GLY H 333 -62.89 52.65 21.92
C GLY H 333 -62.54 52.70 20.45
N LYS H 334 -62.18 51.57 19.84
CA LYS H 334 -61.89 51.48 18.42
C LYS H 334 -63.05 50.79 17.72
N GLU H 335 -63.48 51.34 16.59
CA GLU H 335 -64.53 50.75 15.77
C GLU H 335 -63.90 50.03 14.59
N ILE H 336 -64.29 48.78 14.39
CA ILE H 336 -63.79 47.96 13.29
C ILE H 336 -64.98 47.50 12.45
N GLN H 337 -64.91 47.74 11.15
CA GLN H 337 -65.96 47.39 10.23
C GLN H 337 -65.59 46.13 9.45
N LEU H 338 -66.57 45.24 9.27
CA LEU H 338 -66.36 44.00 8.55
C LEU H 338 -67.43 43.88 7.48
N GLU H 339 -67.00 43.71 6.23
CA GLU H 339 -67.91 43.64 5.09
C GLU H 339 -68.26 42.18 4.81
N VAL H 340 -69.55 41.92 4.66
CA VAL H 340 -70.06 40.57 4.46
C VAL H 340 -69.84 40.15 3.01
N ALA H 341 -69.33 38.94 2.81
CA ALA H 341 -69.07 38.40 1.49
C ALA H 341 -69.97 37.23 1.15
N ASP H 342 -70.00 36.19 1.97
CA ASP H 342 -70.82 35.02 1.76
C ASP H 342 -71.87 34.89 2.87
N ILE H 343 -72.95 34.18 2.56
CA ILE H 343 -74.00 33.88 3.52
C ILE H 343 -74.20 32.36 3.48
N PHE H 344 -73.51 31.64 4.35
CA PHE H 344 -73.55 30.18 4.32
C PHE H 344 -74.93 29.65 4.69
N ASP H 345 -75.58 30.26 5.68
CA ASP H 345 -76.91 29.86 6.08
C ASP H 345 -77.58 31.05 6.78
N LYS H 346 -78.71 30.79 7.44
CA LYS H 346 -79.46 31.85 8.08
C LYS H 346 -78.68 32.55 9.19
N ASN H 347 -77.69 31.87 9.77
CA ASN H 347 -77.03 32.38 10.97
C ASN H 347 -75.53 32.61 10.81
N LEU H 348 -74.90 32.07 9.79
CA LEU H 348 -73.45 32.16 9.61
C LEU H 348 -73.14 33.02 8.40
N VAL H 349 -72.20 33.95 8.55
CA VAL H 349 -71.70 34.76 7.44
C VAL H 349 -70.19 34.82 7.52
N SER H 350 -69.57 35.18 6.39
CA SER H 350 -68.14 35.44 6.30
C SER H 350 -67.92 36.91 5.97
N THR H 351 -66.85 37.48 6.52
CA THR H 351 -66.60 38.91 6.38
C THR H 351 -65.10 39.14 6.20
N PHE H 352 -64.77 40.28 5.61
CA PHE H 352 -63.39 40.76 5.56
C PHE H 352 -63.31 42.15 6.16
N VAL H 353 -62.18 42.44 6.79
CA VAL H 353 -62.04 43.65 7.60
C VAL H 353 -61.73 44.84 6.71
N LEU H 354 -62.41 45.97 6.96
CA LEU H 354 -62.13 47.23 6.28
C LEU H 354 -61.30 48.10 7.21
N GLY H 355 -60.01 47.82 7.25
CA GLY H 355 -59.09 48.59 8.06
C GLY H 355 -58.18 47.68 8.86
N ASN H 356 -57.62 48.25 9.93
CA ASN H 356 -56.72 47.50 10.80
C ASN H 356 -57.51 46.51 11.65
N GLU H 357 -57.00 45.28 11.74
CA GLU H 357 -57.72 44.16 12.33
C GLU H 357 -57.29 43.84 13.75
N THR H 358 -56.42 44.67 14.35
CA THR H 358 -55.90 44.35 15.67
C THR H 358 -56.98 44.53 16.73
N GLY H 359 -57.15 43.51 17.58
CA GLY H 359 -58.12 43.53 18.64
C GLY H 359 -59.24 42.52 18.48
N LEU H 360 -59.48 42.04 17.26
CA LEU H 360 -60.55 41.08 17.02
C LEU H 360 -60.13 39.70 17.53
N LYS H 361 -60.99 39.08 18.33
CA LYS H 361 -60.71 37.77 18.89
C LYS H 361 -61.84 36.79 18.57
N ILE H 362 -61.79 35.61 19.18
CA ILE H 362 -62.90 34.67 19.13
C ILE H 362 -63.94 35.10 20.17
N GLY H 363 -65.20 35.21 19.74
CA GLY H 363 -66.26 35.63 20.63
C GLY H 363 -66.48 37.12 20.73
N THR H 364 -65.74 37.92 19.97
CA THR H 364 -65.98 39.36 19.92
C THR H 364 -67.39 39.64 19.41
N LYS H 365 -68.06 40.59 20.06
CA LYS H 365 -69.44 40.93 19.74
C LYS H 365 -69.49 41.96 18.61
N VAL H 366 -70.41 41.76 17.68
CA VAL H 366 -70.59 42.64 16.53
C VAL H 366 -72.07 42.94 16.35
N LYS H 367 -72.35 44.12 15.80
CA LYS H 367 -73.71 44.55 15.53
C LYS H 367 -73.80 45.16 14.15
N SER H 368 -74.95 44.97 13.50
CA SER H 368 -75.13 45.40 12.12
C SER H 368 -76.49 46.04 11.93
N LYS H 369 -76.50 47.11 11.15
CA LYS H 369 -77.73 47.79 10.72
C LYS H 369 -78.27 47.24 9.41
N ASN H 370 -77.65 46.20 8.86
CA ASN H 370 -78.02 45.64 7.55
C ASN H 370 -77.83 46.64 6.42
N GLN H 371 -76.85 47.54 6.57
CA GLN H 371 -76.54 48.54 5.56
C GLN H 371 -75.04 48.54 5.29
N SER H 372 -74.68 48.62 4.01
CA SER H 372 -73.28 48.64 3.63
C SER H 372 -72.61 49.92 4.12
N TYR H 373 -71.29 49.98 3.93
CA TYR H 373 -70.51 51.07 4.51
C TYR H 373 -70.86 52.40 3.86
N ALA H 374 -70.75 53.46 4.65
CA ALA H 374 -71.12 54.80 4.22
C ALA H 374 -70.05 55.79 4.63
N ILE H 375 -69.94 56.88 3.89
CA ILE H 375 -69.03 57.97 4.19
C ILE H 375 -69.78 59.29 4.06
N LYS H 376 -69.26 60.30 4.76
CA LYS H 376 -69.83 61.64 4.68
C LYS H 376 -69.28 62.36 3.46
N ILE H 377 -70.17 62.80 2.57
CA ILE H 377 -69.77 63.52 1.36
C ILE H 377 -70.51 64.85 1.33
N SER H 378 -69.77 65.92 1.07
CA SER H 378 -70.35 67.26 0.93
C SER H 378 -69.32 68.14 0.25
N LYS H 379 -69.70 69.40 0.02
CA LYS H 379 -68.77 70.36 -0.57
C LYS H 379 -67.60 70.67 0.35
N ARG H 380 -67.69 70.33 1.63
CA ARG H 380 -66.60 70.50 2.57
C ARG H 380 -65.53 69.43 2.45
N LEU H 381 -65.73 68.43 1.59
CA LEU H 381 -64.69 67.44 1.35
C LEU H 381 -63.52 68.01 0.54
N LEU H 382 -63.72 69.13 -0.15
CA LEU H 382 -62.64 69.75 -0.89
C LEU H 382 -61.60 70.32 0.06
N GLY H 383 -60.33 69.98 -0.17
CA GLY H 383 -59.25 70.40 0.68
C GLY H 383 -58.99 69.50 1.87
N ARG H 384 -59.64 68.35 1.96
CA ARG H 384 -59.41 67.40 3.04
C ARG H 384 -58.83 66.11 2.48
N VAL H 385 -58.12 65.39 3.34
CA VAL H 385 -57.54 64.10 3.00
C VAL H 385 -58.19 63.05 3.90
N ILE H 386 -58.81 62.04 3.28
CA ILE H 386 -59.50 60.99 4.01
C ILE H 386 -59.12 59.64 3.39
N ASP H 387 -59.43 58.58 4.13
CA ASP H 387 -59.28 57.21 3.67
C ASP H 387 -60.63 56.69 3.21
N PRO H 388 -60.67 55.53 2.51
CA PRO H 388 -61.92 55.08 1.88
C PRO H 388 -63.12 54.98 2.81
N ILE H 389 -62.91 55.05 4.12
CA ILE H 389 -64.03 55.01 5.07
C ILE H 389 -64.13 56.30 5.89
N GLY H 390 -63.59 57.40 5.38
CA GLY H 390 -63.82 58.70 5.97
C GLY H 390 -62.91 59.11 7.13
N LYS H 391 -61.95 58.27 7.51
CA LYS H 391 -61.04 58.63 8.59
C LYS H 391 -60.13 59.77 8.16
N ILE H 392 -60.01 60.79 9.01
CA ILE H 392 -59.27 61.99 8.64
C ILE H 392 -57.77 61.71 8.66
N LEU H 393 -57.07 62.14 7.62
CA LEU H 393 -55.66 61.85 7.44
C LEU H 393 -54.85 63.09 7.09
N ASP H 394 -55.17 64.24 7.68
CA ASP H 394 -54.33 65.42 7.52
C ASP H 394 -54.03 66.16 8.81
N ASP H 395 -54.63 65.79 9.94
CA ASP H 395 -54.24 66.36 11.22
C ASP H 395 -54.60 65.39 12.33
N SER H 396 -53.82 65.43 13.41
CA SER H 396 -54.06 64.56 14.55
C SER H 396 -55.34 64.92 15.29
N ILE H 397 -55.80 66.16 15.16
CA ILE H 397 -57.05 66.58 15.81
C ILE H 397 -58.22 65.80 15.26
N ALA H 398 -58.14 65.37 14.00
CA ALA H 398 -59.23 64.67 13.31
C ALA H 398 -60.46 65.56 13.22
N THR H 399 -60.26 66.75 12.64
CA THR H 399 -61.36 67.69 12.46
C THR H 399 -62.43 67.07 11.57
N PRO H 400 -63.69 67.01 12.03
CA PRO H 400 -64.71 66.28 11.27
C PRO H 400 -65.04 66.95 9.95
N VAL H 401 -65.52 66.13 9.02
CA VAL H 401 -66.10 66.61 7.76
C VAL H 401 -67.61 66.59 7.91
N HIS H 402 -68.24 67.74 7.69
CA HIS H 402 -69.68 67.87 7.89
C HIS H 402 -70.39 67.63 6.56
N GLY H 403 -71.30 66.67 6.54
CA GLY H 403 -72.06 66.37 5.34
C GLY H 403 -73.00 65.22 5.59
N ASN H 404 -73.70 64.83 4.53
CA ASN H 404 -74.62 63.71 4.59
C ASN H 404 -73.90 62.41 4.25
N MET H 405 -74.40 61.31 4.81
CA MET H 405 -73.78 60.01 4.66
C MET H 405 -74.36 59.28 3.47
N TYR H 406 -73.50 58.81 2.58
CA TYR H 406 -73.88 58.07 1.39
C TYR H 406 -73.17 56.72 1.37
N ALA H 407 -73.80 55.74 0.72
CA ALA H 407 -73.22 54.41 0.60
C ALA H 407 -72.59 54.28 -0.78
N PRO H 408 -71.25 54.21 -0.89
CA PRO H 408 -70.63 54.17 -2.22
C PRO H 408 -70.96 52.94 -3.02
N LEU H 409 -71.34 51.83 -2.38
CA LEU H 409 -71.69 50.62 -3.11
C LEU H 409 -73.11 50.68 -3.68
N GLU H 410 -73.92 51.64 -3.25
CA GLU H 410 -75.28 51.78 -3.74
C GLU H 410 -75.32 52.71 -4.95
N MET H 411 -76.13 52.35 -5.94
CA MET H 411 -76.36 53.15 -7.12
C MET H 411 -77.85 53.47 -7.21
N GLN H 412 -78.19 54.75 -7.12
CA GLN H 412 -79.57 55.20 -7.25
C GLN H 412 -79.76 55.76 -8.66
N HIS H 413 -80.27 54.93 -9.56
CA HIS H 413 -80.75 55.37 -10.86
C HIS H 413 -82.14 54.78 -11.10
N ASP H 414 -82.95 55.51 -11.85
CA ASP H 414 -84.36 55.14 -12.00
C ASP H 414 -84.51 53.77 -12.64
N SER H 415 -83.86 53.56 -13.78
CA SER H 415 -83.98 52.31 -14.51
C SER H 415 -82.72 52.09 -15.33
N GLU H 416 -82.62 50.91 -15.94
CA GLU H 416 -81.44 50.57 -16.72
C GLU H 416 -81.29 51.52 -17.91
N ALA H 417 -82.41 51.92 -18.52
CA ALA H 417 -82.34 52.82 -19.67
C ALA H 417 -81.66 54.13 -19.33
N THR H 418 -81.83 54.60 -18.09
CA THR H 418 -81.16 55.83 -17.66
C THR H 418 -79.65 55.72 -17.79
N ARG H 419 -79.10 54.51 -17.60
CA ARG H 419 -77.66 54.34 -17.72
C ARG H 419 -77.17 54.51 -19.16
N TYR H 420 -78.07 54.46 -20.14
CA TYR H 420 -77.69 54.65 -21.53
C TYR H 420 -77.87 56.08 -22.00
N VAL H 421 -78.35 56.97 -21.13
CA VAL H 421 -78.46 58.40 -21.47
C VAL H 421 -77.13 59.02 -21.04
N VAL H 422 -76.15 58.93 -21.93
CA VAL H 422 -74.81 59.45 -21.69
C VAL H 422 -74.41 60.33 -22.87
N SER H 423 -73.44 61.20 -22.62
CA SER H 423 -73.07 62.10 -23.69
C SER H 423 -71.83 61.61 -24.42
N PRO H 424 -71.74 61.81 -25.73
CA PRO H 424 -70.59 61.31 -26.48
C PRO H 424 -69.39 62.24 -26.36
N LYS H 425 -68.22 61.64 -26.24
CA LYS H 425 -66.99 62.43 -26.15
C LYS H 425 -66.72 63.11 -27.48
N ASN H 426 -66.40 64.40 -27.42
CA ASN H 426 -66.17 65.19 -28.62
C ASN H 426 -64.93 66.07 -28.57
N ALA H 427 -64.43 66.43 -27.40
CA ALA H 427 -63.29 67.33 -27.28
C ALA H 427 -62.02 66.55 -26.93
N ILE H 428 -60.90 67.24 -27.00
CA ILE H 428 -59.60 66.69 -26.67
C ILE H 428 -58.87 67.66 -25.76
N LEU H 429 -58.32 67.16 -24.66
CA LEU H 429 -57.60 67.99 -23.71
C LEU H 429 -56.15 68.18 -24.15
N GLU H 430 -55.67 69.41 -24.07
CA GLU H 430 -54.31 69.75 -24.43
C GLU H 430 -53.43 69.66 -23.19
N THR H 431 -52.39 68.84 -23.26
CA THR H 431 -51.54 68.56 -22.10
C THR H 431 -50.18 69.23 -22.16
N GLY H 432 -49.77 69.73 -23.32
CA GLY H 432 -48.45 70.31 -23.46
C GLY H 432 -47.32 69.33 -23.65
N ILE H 433 -47.61 68.03 -23.64
CA ILE H 433 -46.62 66.99 -23.88
C ILE H 433 -46.69 66.60 -25.35
N LYS H 434 -45.54 66.64 -26.03
CA LYS H 434 -45.53 66.55 -27.49
C LYS H 434 -46.06 65.20 -27.96
N VAL H 435 -45.55 64.11 -27.39
CA VAL H 435 -45.91 62.78 -27.87
C VAL H 435 -47.36 62.47 -27.56
N ILE H 436 -47.84 62.86 -26.37
CA ILE H 436 -49.23 62.61 -26.01
C ILE H 436 -50.16 63.45 -26.88
N ASP H 437 -49.83 64.74 -27.06
CA ASP H 437 -50.71 65.61 -27.83
C ASP H 437 -50.78 65.18 -29.28
N VAL H 438 -49.65 64.80 -29.87
CA VAL H 438 -49.64 64.47 -31.29
C VAL H 438 -50.16 63.06 -31.54
N LEU H 439 -49.60 62.07 -30.86
CA LEU H 439 -49.87 60.68 -31.21
C LEU H 439 -50.99 60.03 -30.40
N LEU H 440 -51.24 60.49 -29.18
CA LEU H 440 -52.21 59.85 -28.27
C LEU H 440 -53.10 60.90 -27.63
N PRO H 441 -53.95 61.57 -28.42
CA PRO H 441 -54.77 62.65 -27.86
C PRO H 441 -55.67 62.15 -26.73
N ILE H 442 -55.81 62.98 -25.70
CA ILE H 442 -56.53 62.62 -24.48
C ILE H 442 -57.98 63.07 -24.59
N PRO H 443 -58.94 62.18 -24.41
CA PRO H 443 -60.36 62.57 -24.54
C PRO H 443 -60.78 63.49 -23.40
N LYS H 444 -61.80 64.29 -23.69
CA LYS H 444 -62.49 65.08 -22.67
C LYS H 444 -63.78 64.34 -22.31
N GLY H 445 -63.89 63.91 -21.06
CA GLY H 445 -65.00 63.08 -20.65
C GLY H 445 -64.84 61.62 -20.96
N GLY H 446 -63.68 61.20 -21.43
CA GLY H 446 -63.38 59.82 -21.74
C GLY H 446 -62.52 59.17 -20.68
N LYS H 447 -61.74 58.17 -21.10
CA LYS H 447 -60.85 57.44 -20.20
C LYS H 447 -59.49 57.25 -20.85
N THR H 448 -58.44 57.58 -20.11
CA THR H 448 -57.07 57.32 -20.53
C THR H 448 -56.40 56.44 -19.48
N GLY H 449 -55.50 55.58 -19.96
CA GLY H 449 -54.80 54.66 -19.09
C GLY H 449 -53.32 54.62 -19.33
N LEU H 450 -52.55 54.89 -18.28
CA LEU H 450 -51.09 54.85 -18.32
C LEU H 450 -50.64 53.50 -17.79
N LEU H 451 -50.07 52.67 -18.67
CA LEU H 451 -49.67 51.31 -18.33
C LEU H 451 -48.16 51.20 -18.42
N GLY H 452 -47.54 50.71 -17.34
CA GLY H 452 -46.11 50.52 -17.32
C GLY H 452 -45.72 49.64 -16.16
N GLY H 453 -44.47 49.19 -16.20
CA GLY H 453 -43.91 48.38 -15.14
C GLY H 453 -43.44 49.23 -13.98
N ALA H 454 -42.67 48.59 -13.10
CA ALA H 454 -42.15 49.28 -11.93
C ALA H 454 -41.04 50.25 -12.32
N GLY H 455 -41.13 51.48 -11.86
CA GLY H 455 -40.09 52.46 -12.08
C GLY H 455 -39.88 52.87 -13.53
N VAL H 456 -40.95 53.17 -14.25
CA VAL H 456 -40.83 53.66 -15.61
C VAL H 456 -41.34 55.09 -15.78
N GLY H 457 -42.14 55.61 -14.86
CA GLY H 457 -42.53 57.00 -14.93
C GLY H 457 -44.03 57.27 -14.95
N LYS H 458 -44.81 56.39 -14.36
CA LYS H 458 -46.25 56.54 -14.35
C LYS H 458 -46.68 57.66 -13.41
N THR H 459 -46.09 57.74 -12.23
CA THR H 459 -46.45 58.77 -11.25
C THR H 459 -46.02 60.15 -11.73
N VAL H 460 -44.85 60.25 -12.36
CA VAL H 460 -44.38 61.53 -12.85
C VAL H 460 -45.32 62.07 -13.92
N ILE H 461 -45.77 61.21 -14.84
CA ILE H 461 -46.68 61.65 -15.89
C ILE H 461 -48.04 62.04 -15.30
N VAL H 462 -48.51 61.27 -14.32
CA VAL H 462 -49.78 61.61 -13.67
C VAL H 462 -49.68 62.98 -13.00
N GLN H 463 -48.58 63.23 -12.29
CA GLN H 463 -48.41 64.53 -11.63
C GLN H 463 -48.29 65.65 -12.66
N GLU H 464 -47.62 65.39 -13.78
CA GLU H 464 -47.50 66.42 -14.82
C GLU H 464 -48.87 66.76 -15.39
N LEU H 465 -49.72 65.75 -15.62
CA LEU H 465 -51.07 66.01 -16.10
C LEU H 465 -51.89 66.74 -15.05
N ILE H 466 -51.70 66.42 -13.77
CA ILE H 466 -52.37 67.14 -12.70
C ILE H 466 -51.97 68.61 -12.74
N ASN H 467 -50.69 68.89 -12.90
CA ASN H 467 -50.21 70.27 -12.97
C ASN H 467 -50.78 70.98 -14.18
N ALA H 468 -50.85 70.30 -15.33
CA ALA H 468 -51.29 70.95 -16.56
C ALA H 468 -52.79 71.23 -16.56
N PHE H 469 -53.59 70.33 -15.97
CA PHE H 469 -55.05 70.44 -16.09
C PHE H 469 -55.66 71.30 -14.98
N ILE H 470 -55.39 70.96 -13.72
CA ILE H 470 -55.93 71.75 -12.62
C ILE H 470 -55.34 73.16 -12.64
N LYS H 471 -56.02 74.08 -11.93
CA LYS H 471 -55.76 75.52 -11.90
C LYS H 471 -56.23 76.16 -13.21
N PHE H 472 -56.64 75.32 -14.17
CA PHE H 472 -57.25 75.79 -15.41
C PHE H 472 -58.56 75.08 -15.71
N HIS H 473 -59.08 74.31 -14.75
CA HIS H 473 -60.22 73.44 -14.97
C HIS H 473 -61.47 74.04 -14.34
N ASP H 474 -62.56 74.08 -15.10
CA ASP H 474 -63.82 74.65 -14.63
C ASP H 474 -64.60 73.55 -13.93
N GLY H 475 -64.31 73.35 -12.66
CA GLY H 475 -64.95 72.31 -11.88
C GLY H 475 -64.12 71.87 -10.69
N VAL H 476 -64.15 70.59 -10.37
CA VAL H 476 -63.44 70.06 -9.21
C VAL H 476 -62.59 68.86 -9.64
N SER H 477 -61.74 68.41 -8.73
CA SER H 477 -60.91 67.24 -8.95
C SER H 477 -61.01 66.29 -7.78
N VAL H 478 -60.93 65.00 -8.08
CA VAL H 478 -60.92 63.95 -7.07
C VAL H 478 -59.71 63.07 -7.35
N PHE H 479 -58.81 62.95 -6.38
CA PHE H 479 -57.65 62.09 -6.47
C PHE H 479 -57.88 60.87 -5.60
N ALA H 480 -57.64 59.68 -6.16
CA ALA H 480 -57.83 58.41 -5.47
C ALA H 480 -56.52 57.62 -5.52
N GLY H 481 -55.80 57.61 -4.40
CA GLY H 481 -54.63 56.78 -4.25
C GLY H 481 -55.02 55.40 -3.76
N ILE H 482 -54.62 54.38 -4.50
CA ILE H 482 -54.95 53.02 -4.16
C ILE H 482 -53.70 52.19 -4.30
N GLY H 483 -53.19 51.68 -3.20
CA GLY H 483 -52.00 50.86 -3.23
C GLY H 483 -50.74 51.54 -3.70
N GLU H 484 -50.59 52.82 -3.39
CA GLU H 484 -49.40 53.57 -3.80
C GLU H 484 -48.52 54.01 -2.63
N ARG H 485 -47.36 54.57 -2.93
CA ARG H 485 -46.42 54.98 -1.88
C ARG H 485 -46.94 56.11 -1.00
N ILE H 486 -46.76 56.00 0.32
CA ILE H 486 -47.19 57.03 1.23
C ILE H 486 -46.43 58.33 1.03
N ARG H 487 -45.14 58.23 0.76
CA ARG H 487 -44.32 59.42 0.55
C ARG H 487 -44.84 60.26 -0.59
N GLU H 488 -45.29 59.62 -1.65
CA GLU H 488 -45.77 60.35 -2.82
C GLU H 488 -47.18 60.85 -2.61
N GLY H 489 -47.88 60.28 -1.65
CA GLY H 489 -49.21 60.77 -1.35
C GLY H 489 -49.09 61.95 -0.42
N HIS H 490 -47.92 62.12 0.17
CA HIS H 490 -47.68 63.24 1.06
C HIS H 490 -47.09 64.37 0.26
N GLU H 491 -46.10 64.06 -0.58
CA GLU H 491 -45.51 65.09 -1.42
C GLU H 491 -46.55 65.78 -2.27
N LEU H 492 -47.50 65.03 -2.83
CA LEU H 492 -48.48 65.64 -3.70
C LEU H 492 -49.50 66.43 -2.91
N TRP H 493 -49.85 65.97 -1.70
CA TRP H 493 -50.70 66.77 -0.82
C TRP H 493 -50.04 68.10 -0.47
N LYS H 494 -48.73 68.07 -0.21
CA LYS H 494 -48.00 69.31 0.06
C LYS H 494 -47.95 70.20 -1.18
N GLU H 495 -47.71 69.61 -2.35
CA GLU H 495 -47.67 70.39 -3.58
C GLU H 495 -49.02 71.02 -3.91
N ALA H 496 -50.11 70.37 -3.48
CA ALA H 496 -51.44 70.92 -3.74
C ALA H 496 -51.59 72.29 -3.11
N GLU H 497 -51.12 72.46 -1.86
CA GLU H 497 -51.18 73.75 -1.21
C GLU H 497 -50.01 74.65 -1.59
N ALA H 498 -48.88 74.08 -2.00
CA ALA H 498 -47.77 74.90 -2.48
C ALA H 498 -48.14 75.64 -3.76
N LEU H 499 -48.82 74.96 -4.69
CA LEU H 499 -49.30 75.59 -5.91
C LEU H 499 -50.70 76.16 -5.78
N GLY H 500 -51.39 75.86 -4.69
CA GLY H 500 -52.65 76.51 -4.40
C GLY H 500 -53.88 75.90 -5.06
N PHE H 501 -53.84 74.63 -5.43
CA PHE H 501 -55.02 73.96 -5.96
C PHE H 501 -55.60 72.95 -4.97
N LEU H 502 -55.19 73.02 -3.70
CA LEU H 502 -55.71 72.09 -2.70
C LEU H 502 -57.17 72.38 -2.37
N ASN H 503 -57.60 73.64 -2.49
CA ASN H 503 -58.94 74.04 -2.07
C ASN H 503 -60.04 73.51 -2.99
N LYS H 504 -59.69 72.94 -4.14
CA LYS H 504 -60.68 72.40 -5.07
C LYS H 504 -60.40 70.95 -5.43
N THR H 505 -59.72 70.23 -4.54
CA THR H 505 -59.41 68.82 -4.75
C THR H 505 -59.86 68.02 -3.54
N ALA H 506 -60.43 66.83 -3.81
CA ALA H 506 -60.83 65.90 -2.76
C ALA H 506 -59.91 64.70 -2.84
N PHE H 507 -59.26 64.37 -1.72
CA PHE H 507 -58.24 63.32 -1.67
C PHE H 507 -58.77 62.11 -0.91
N ILE H 508 -58.67 60.94 -1.53
CA ILE H 508 -58.97 59.67 -0.86
C ILE H 508 -57.75 58.78 -1.03
N PHE H 509 -57.17 58.33 0.09
CA PHE H 509 -55.92 57.55 0.09
C PHE H 509 -56.09 56.24 0.84
N GLY H 510 -56.31 55.14 0.11
CA GLY H 510 -56.03 53.84 0.67
C GLY H 510 -54.75 53.29 0.08
N GLN H 511 -53.64 53.39 0.80
CA GLN H 511 -52.32 53.13 0.24
C GLN H 511 -51.89 51.69 0.52
N MET H 512 -50.65 51.37 0.15
CA MET H 512 -50.19 49.99 0.18
C MET H 512 -50.04 49.45 1.60
N ASN H 513 -49.87 50.32 2.59
CA ASN H 513 -49.79 49.85 3.97
C ASN H 513 -51.13 49.35 4.49
N GLU H 514 -52.23 49.73 3.84
CA GLU H 514 -53.56 49.40 4.31
C GLU H 514 -53.93 47.96 3.97
N SER H 515 -54.99 47.48 4.63
CA SER H 515 -55.46 46.12 4.43
C SER H 515 -56.05 45.98 3.02
N PRO H 516 -56.25 44.74 2.55
CA PRO H 516 -56.89 44.58 1.24
C PRO H 516 -58.25 45.24 1.13
N GLY H 517 -59.05 45.29 2.19
CA GLY H 517 -60.38 45.89 2.10
C GLY H 517 -60.34 47.35 1.71
N LEU H 518 -59.39 48.10 2.28
CA LEU H 518 -59.33 49.52 2.00
C LEU H 518 -58.79 49.78 0.60
N ARG H 519 -57.76 49.03 0.18
CA ARG H 519 -57.29 49.17 -1.18
C ARG H 519 -58.35 48.72 -2.18
N PHE H 520 -59.27 47.85 -1.76
CA PHE H 520 -60.33 47.34 -2.61
C PHE H 520 -61.54 48.27 -2.66
N ARG H 521 -61.62 49.24 -1.74
CA ARG H 521 -62.74 50.17 -1.71
C ARG H 521 -62.34 51.62 -1.95
N SER H 522 -61.04 51.91 -2.06
CA SER H 522 -60.59 53.27 -2.34
C SER H 522 -61.17 53.80 -3.65
N GLY H 523 -61.11 52.99 -4.71
CA GLY H 523 -61.64 53.43 -5.99
C GLY H 523 -63.14 53.63 -5.95
N ILE H 524 -63.86 52.75 -5.25
CA ILE H 524 -65.30 52.90 -5.12
C ILE H 524 -65.64 54.21 -4.42
N SER H 525 -64.92 54.53 -3.33
CA SER H 525 -65.17 55.78 -2.62
C SER H 525 -64.86 56.98 -3.50
N GLY H 526 -63.75 56.94 -4.25
CA GLY H 526 -63.43 58.04 -5.15
C GLY H 526 -64.50 58.24 -6.22
N VAL H 527 -65.00 57.15 -6.79
CA VAL H 527 -66.04 57.25 -7.80
C VAL H 527 -67.31 57.82 -7.20
N LYS H 528 -67.64 57.42 -5.97
CA LYS H 528 -68.84 57.95 -5.32
C LYS H 528 -68.70 59.44 -5.07
N VAL H 529 -67.52 59.90 -4.65
CA VAL H 529 -67.32 61.33 -4.42
C VAL H 529 -67.45 62.10 -5.72
N ALA H 530 -66.85 61.58 -6.80
CA ALA H 530 -66.98 62.25 -8.09
C ALA H 530 -68.43 62.27 -8.56
N GLU H 531 -69.17 61.18 -8.33
CA GLU H 531 -70.58 61.13 -8.69
C GLU H 531 -71.38 62.16 -7.91
N TYR H 532 -71.06 62.34 -6.62
CA TYR H 532 -71.74 63.37 -5.84
C TYR H 532 -71.45 64.75 -6.41
N PHE H 533 -70.19 65.02 -6.76
CA PHE H 533 -69.84 66.35 -7.27
C PHE H 533 -70.45 66.60 -8.64
N ARG H 534 -70.71 65.55 -9.42
CA ARG H 534 -71.27 65.74 -10.76
C ARG H 534 -72.80 65.78 -10.76
N ASN H 535 -73.44 64.91 -9.98
CA ASN H 535 -74.90 64.77 -10.03
C ASN H 535 -75.63 65.75 -9.13
N ASN H 536 -75.05 66.08 -7.97
CA ASN H 536 -75.75 66.91 -7.00
C ASN H 536 -75.44 68.39 -7.16
N LEU H 537 -74.18 68.74 -7.44
CA LEU H 537 -73.79 70.13 -7.64
C LEU H 537 -73.60 70.49 -9.10
N GLY H 538 -73.63 69.52 -10.00
CA GLY H 538 -73.49 69.81 -11.42
C GLY H 538 -72.15 70.37 -11.83
N LYS H 539 -71.07 69.84 -11.28
CA LYS H 539 -69.72 70.27 -11.63
C LYS H 539 -69.03 69.21 -12.48
N SER H 540 -68.08 69.67 -13.30
CA SER H 540 -67.25 68.76 -14.06
C SER H 540 -66.07 68.31 -13.19
N VAL H 541 -65.83 67.01 -13.16
CA VAL H 541 -64.87 66.40 -12.24
C VAL H 541 -63.72 65.82 -13.04
N LEU H 542 -62.50 66.11 -12.59
CA LEU H 542 -61.30 65.43 -13.08
C LEU H 542 -60.95 64.34 -12.06
N LEU H 543 -61.08 63.08 -12.46
CA LEU H 543 -60.88 61.95 -11.56
C LEU H 543 -59.54 61.32 -11.86
N PHE H 544 -58.58 61.47 -10.95
CA PHE H 544 -57.27 60.84 -11.07
C PHE H 544 -57.25 59.59 -10.20
N MET H 545 -56.76 58.48 -10.77
CA MET H 545 -56.77 57.20 -10.09
C MET H 545 -55.37 56.61 -10.18
N ASP H 546 -54.77 56.28 -9.04
CA ASP H 546 -53.41 55.76 -9.03
C ASP H 546 -53.23 55.00 -7.72
N ASN H 547 -53.08 53.69 -7.77
CA ASN H 547 -52.92 52.91 -9.00
C ASN H 547 -54.05 51.90 -9.14
N ILE H 548 -54.68 51.86 -10.32
CA ILE H 548 -55.90 51.08 -10.50
C ILE H 548 -55.66 49.57 -10.54
N PHE H 549 -54.40 49.13 -10.63
CA PHE H 549 -54.12 47.70 -10.57
C PHE H 549 -54.29 47.17 -9.15
N ARG H 550 -54.01 47.98 -8.15
CA ARG H 550 -54.11 47.53 -6.77
C ARG H 550 -55.53 47.21 -6.36
N TYR H 551 -56.52 47.81 -7.02
CA TYR H 551 -57.92 47.48 -6.74
C TYR H 551 -58.22 46.02 -7.08
N VAL H 552 -57.88 45.59 -8.29
CA VAL H 552 -58.14 44.21 -8.67
C VAL H 552 -57.18 43.27 -7.96
N GLN H 553 -55.97 43.73 -7.63
CA GLN H 553 -55.07 42.90 -6.84
C GLN H 553 -55.64 42.64 -5.44
N ALA H 554 -56.21 43.66 -4.81
CA ALA H 554 -56.83 43.47 -3.50
C ALA H 554 -58.06 42.58 -3.60
N GLY H 555 -58.83 42.72 -4.69
CA GLY H 555 -59.93 41.80 -4.91
C GLY H 555 -59.47 40.36 -5.02
N SER H 556 -58.36 40.14 -5.74
CA SER H 556 -57.80 38.80 -5.85
C SER H 556 -57.36 38.26 -4.50
N GLU H 557 -56.70 39.10 -3.70
CA GLU H 557 -56.28 38.68 -2.36
C GLU H 557 -57.47 38.32 -1.49
N ILE H 558 -58.52 39.13 -1.54
CA ILE H 558 -59.72 38.86 -0.73
C ILE H 558 -60.38 37.57 -1.18
N SER H 559 -60.49 37.36 -2.50
CA SER H 559 -61.10 36.13 -2.99
C SER H 559 -60.27 34.91 -2.62
N SER H 560 -58.94 35.04 -2.64
CA SER H 560 -58.09 33.94 -2.22
C SER H 560 -58.27 33.63 -0.73
N LEU H 561 -58.39 34.67 0.10
CA LEU H 561 -58.56 34.47 1.53
C LEU H 561 -59.89 33.79 1.86
N LEU H 562 -60.90 33.97 1.00
CA LEU H 562 -62.20 33.36 1.19
C LEU H 562 -62.28 31.95 0.60
N GLU H 563 -61.16 31.41 0.13
CA GLU H 563 -61.07 30.04 -0.37
C GLU H 563 -62.03 29.82 -1.55
N LYS H 564 -61.78 30.57 -2.62
CA LYS H 564 -62.51 30.42 -3.87
C LYS H 564 -61.58 29.85 -4.93
N THR H 565 -62.17 29.16 -5.89
CA THR H 565 -61.38 28.56 -6.97
C THR H 565 -60.78 29.67 -7.82
N PRO H 566 -59.47 29.72 -7.99
CA PRO H 566 -58.86 30.80 -8.79
C PRO H 566 -59.03 30.56 -10.28
N SER H 567 -58.90 31.67 -11.02
CA SER H 567 -58.87 31.64 -12.47
C SER H 567 -57.42 31.52 -12.93
N ALA H 568 -57.18 31.77 -14.21
CA ALA H 568 -55.82 31.69 -14.74
C ALA H 568 -54.90 32.66 -14.03
N VAL H 569 -53.68 32.19 -13.74
CA VAL H 569 -52.62 32.96 -13.09
C VAL H 569 -53.08 33.34 -11.68
N GLY H 570 -54.05 32.58 -11.15
CA GLY H 570 -54.44 32.74 -9.77
C GLY H 570 -55.35 33.90 -9.46
N TYR H 571 -55.90 34.57 -10.47
CA TYR H 571 -56.81 35.67 -10.21
C TYR H 571 -58.20 35.15 -9.85
N GLN H 572 -59.01 36.05 -9.29
CA GLN H 572 -60.38 35.70 -8.94
C GLN H 572 -61.20 35.47 -10.21
N PRO H 573 -62.22 34.61 -10.15
CA PRO H 573 -63.06 34.39 -11.33
C PRO H 573 -63.80 35.64 -11.79
N THR H 574 -64.05 36.59 -10.88
CA THR H 574 -64.85 37.76 -11.19
C THR H 574 -63.99 38.98 -11.49
N LEU H 575 -62.81 38.78 -12.07
CA LEU H 575 -61.90 39.90 -12.30
C LEU H 575 -62.49 40.91 -13.28
N PHE H 576 -63.04 40.42 -14.40
CA PHE H 576 -63.59 41.31 -15.40
C PHE H 576 -64.84 42.01 -14.89
N SER H 577 -65.71 41.29 -14.18
CA SER H 577 -66.88 41.93 -13.59
C SER H 577 -66.48 42.95 -12.53
N GLU H 578 -65.46 42.64 -11.73
CA GLU H 578 -65.00 43.59 -10.72
C GLU H 578 -64.45 44.86 -11.35
N MET H 579 -63.69 44.73 -12.44
CA MET H 579 -63.20 45.91 -13.15
C MET H 579 -64.35 46.69 -13.77
N GLY H 580 -65.30 45.99 -14.38
CA GLY H 580 -66.40 46.68 -15.05
C GLY H 580 -67.28 47.44 -14.07
N GLN H 581 -67.52 46.87 -12.89
CA GLN H 581 -68.37 47.52 -11.91
C GLN H 581 -67.82 48.89 -11.52
N LEU H 582 -66.50 48.99 -11.35
CA LEU H 582 -65.90 50.28 -11.04
C LEU H 582 -65.88 51.18 -12.27
N GLN H 583 -65.48 50.65 -13.43
CA GLN H 583 -65.23 51.50 -14.58
C GLN H 583 -66.50 52.01 -15.25
N GLU H 584 -67.63 51.33 -15.11
CA GLU H 584 -68.84 51.73 -15.81
C GLU H 584 -69.58 52.88 -15.14
N ARG H 585 -69.17 53.28 -13.95
CA ARG H 585 -69.77 54.43 -13.29
C ARG H 585 -69.09 55.75 -13.66
N ILE H 586 -67.97 55.70 -14.36
CA ILE H 586 -67.22 56.89 -14.76
C ILE H 586 -67.68 57.22 -16.17
N ASN H 587 -68.73 58.05 -16.27
CA ASN H 587 -69.32 58.41 -17.54
C ASN H 587 -69.65 59.88 -17.55
N SER H 588 -69.94 60.40 -18.75
CA SER H 588 -70.30 61.80 -18.95
C SER H 588 -71.80 61.90 -19.24
N THR H 589 -72.47 62.80 -18.54
CA THR H 589 -73.89 63.05 -18.78
C THR H 589 -74.14 64.52 -19.02
N LYS H 590 -75.42 64.92 -19.03
CA LYS H 590 -75.76 66.33 -19.25
C LYS H 590 -75.30 67.21 -18.10
N ASP H 591 -75.31 66.69 -16.88
CA ASP H 591 -74.92 67.48 -15.72
C ASP H 591 -73.44 67.83 -15.71
N GLY H 592 -72.62 67.11 -16.47
CA GLY H 592 -71.21 67.40 -16.53
C GLY H 592 -70.43 66.20 -17.04
N ASP H 593 -69.12 66.38 -17.10
CA ASP H 593 -68.21 65.34 -17.55
C ASP H 593 -67.38 64.82 -16.39
N ILE H 594 -66.95 63.58 -16.50
CA ILE H 594 -66.00 62.97 -15.56
C ILE H 594 -64.83 62.44 -16.38
N THR H 595 -63.79 63.26 -16.54
CA THR H 595 -62.57 62.81 -17.20
C THR H 595 -61.72 62.02 -16.22
N SER H 596 -61.33 60.80 -16.62
CA SER H 596 -60.59 59.91 -15.75
C SER H 596 -59.20 59.67 -16.33
N ILE H 597 -58.18 59.78 -15.48
CA ILE H 597 -56.81 59.47 -15.83
C ILE H 597 -56.30 58.45 -14.82
N GLN H 598 -56.00 57.24 -15.31
CA GLN H 598 -55.71 56.11 -14.44
C GLN H 598 -54.35 55.51 -14.78
N ALA H 599 -53.52 55.31 -13.77
CA ALA H 599 -52.29 54.56 -13.91
C ALA H 599 -52.57 53.08 -13.74
N MET H 600 -51.80 52.25 -14.43
CA MET H 600 -51.99 50.80 -14.41
C MET H 600 -50.65 50.11 -14.27
N TYR H 601 -50.50 49.30 -13.23
CA TYR H 601 -49.26 48.58 -12.98
C TYR H 601 -49.26 47.27 -13.75
N ILE H 602 -48.13 46.96 -14.37
CA ILE H 602 -47.94 45.73 -15.14
C ILE H 602 -47.01 44.81 -14.35
N PRO H 603 -47.50 43.71 -13.81
CA PRO H 603 -46.64 42.87 -12.95
C PRO H 603 -45.60 42.12 -13.75
N ALA H 604 -44.35 42.23 -13.33
CA ALA H 604 -43.22 41.54 -13.97
C ALA H 604 -43.11 41.89 -15.45
N ASP H 605 -43.57 43.08 -15.83
CA ASP H 605 -43.55 43.55 -17.21
C ASP H 605 -44.22 42.53 -18.15
N ASP H 606 -45.33 41.97 -17.70
CA ASP H 606 -46.11 41.01 -18.48
C ASP H 606 -47.40 41.71 -18.92
N PHE H 607 -47.45 42.10 -20.19
CA PHE H 607 -48.60 42.83 -20.71
C PHE H 607 -49.74 41.91 -21.14
N THR H 608 -49.57 40.60 -21.01
CA THR H 608 -50.65 39.65 -21.19
C THR H 608 -51.29 39.23 -19.88
N ASP H 609 -50.97 39.94 -18.79
CA ASP H 609 -51.57 39.64 -17.50
C ASP H 609 -53.08 39.81 -17.56
N PRO H 610 -53.85 38.95 -16.89
CA PRO H 610 -55.32 39.07 -16.97
C PRO H 610 -55.84 40.43 -16.52
N ALA H 611 -55.22 41.04 -15.50
CA ALA H 611 -55.67 42.36 -15.08
C ALA H 611 -55.44 43.40 -16.16
N ALA H 612 -54.29 43.34 -16.84
CA ALA H 612 -54.02 44.26 -17.94
C ALA H 612 -55.03 44.06 -19.07
N VAL H 613 -55.37 42.81 -19.39
CA VAL H 613 -56.34 42.54 -20.44
C VAL H 613 -57.71 43.08 -20.05
N ALA H 614 -58.09 42.93 -18.77
CA ALA H 614 -59.36 43.48 -18.32
C ALA H 614 -59.39 44.99 -18.41
N ALA H 615 -58.26 45.64 -18.08
CA ALA H 615 -58.21 47.10 -18.10
C ALA H 615 -58.14 47.66 -19.52
N PHE H 616 -57.55 46.91 -20.47
CA PHE H 616 -57.51 47.35 -21.86
C PHE H 616 -58.90 47.70 -22.39
N ALA H 617 -59.91 46.96 -21.96
CA ALA H 617 -61.25 47.10 -22.53
C ALA H 617 -61.94 48.41 -22.19
N HIS H 618 -61.38 49.21 -21.28
CA HIS H 618 -62.07 50.39 -20.79
C HIS H 618 -61.37 51.70 -21.12
N PHE H 619 -60.22 51.68 -21.79
CA PHE H 619 -59.40 52.87 -21.97
C PHE H 619 -59.62 53.43 -23.37
N ASP H 620 -60.03 54.71 -23.44
CA ASP H 620 -60.16 55.36 -24.74
C ASP H 620 -58.79 55.74 -25.30
N SER H 621 -57.86 56.13 -24.44
CA SER H 621 -56.49 56.44 -24.86
C SER H 621 -55.53 55.60 -24.02
N THR H 622 -54.82 54.68 -24.67
CA THR H 622 -53.94 53.74 -23.98
C THR H 622 -52.49 54.13 -24.22
N ILE H 623 -51.82 54.61 -23.17
CA ILE H 623 -50.43 55.04 -23.26
C ILE H 623 -49.58 54.03 -22.51
N ILE H 624 -48.63 53.41 -23.21
CA ILE H 624 -47.83 52.31 -22.68
C ILE H 624 -46.38 52.77 -22.56
N LEU H 625 -45.81 52.61 -21.38
CA LEU H 625 -44.43 52.99 -21.10
C LEU H 625 -43.52 51.77 -21.23
N SER H 626 -42.28 52.01 -21.65
CA SER H 626 -41.31 50.97 -21.93
C SER H 626 -40.13 51.09 -20.98
N ARG H 627 -39.64 49.94 -20.52
CA ARG H 627 -38.46 49.93 -19.67
C ARG H 627 -37.18 50.16 -20.46
N GLN H 628 -37.11 49.62 -21.68
CA GLN H 628 -35.93 49.82 -22.51
C GLN H 628 -35.79 51.27 -22.93
N LEU H 629 -36.91 51.94 -23.20
CA LEU H 629 -36.88 53.36 -23.53
C LEU H 629 -36.35 54.18 -22.36
N ALA H 630 -36.81 53.87 -21.14
CA ALA H 630 -36.31 54.56 -19.96
C ALA H 630 -34.83 54.28 -19.74
N ALA H 631 -34.40 53.04 -20.03
CA ALA H 631 -32.99 52.70 -19.91
C ALA H 631 -32.14 53.50 -20.89
N GLU H 632 -32.63 53.67 -22.12
CA GLU H 632 -31.91 54.47 -23.10
C GLU H 632 -31.86 55.95 -22.75
N GLY H 633 -32.64 56.39 -21.77
CA GLY H 633 -32.68 57.80 -21.39
C GLY H 633 -33.87 58.57 -21.93
N VAL H 634 -34.72 57.94 -22.74
CA VAL H 634 -35.90 58.61 -23.28
C VAL H 634 -36.88 58.89 -22.15
N TYR H 635 -37.32 60.14 -22.04
CA TYR H 635 -38.27 60.52 -21.00
C TYR H 635 -39.23 61.58 -21.53
N PRO H 636 -40.55 61.35 -21.47
CA PRO H 636 -41.20 60.14 -20.95
C PRO H 636 -40.98 58.92 -21.84
N ALA H 637 -40.86 57.75 -21.23
CA ALA H 637 -40.54 56.53 -21.96
C ALA H 637 -41.79 55.95 -22.60
N ILE H 638 -42.53 56.76 -23.34
CA ILE H 638 -43.77 56.32 -23.98
C ILE H 638 -43.41 55.64 -25.29
N ASP H 639 -43.88 54.39 -25.45
CA ASP H 639 -43.67 53.66 -26.69
C ASP H 639 -44.79 54.01 -27.66
N PRO H 640 -44.50 54.68 -28.79
CA PRO H 640 -45.57 55.03 -29.72
C PRO H 640 -46.01 53.90 -30.63
N LEU H 641 -45.20 52.84 -30.76
CA LEU H 641 -45.59 51.71 -31.60
C LEU H 641 -46.47 50.71 -30.87
N GLU H 642 -46.50 50.75 -29.53
CA GLU H 642 -47.36 49.87 -28.76
C GLU H 642 -48.62 50.55 -28.26
N SER H 643 -48.68 51.87 -28.31
CA SER H 643 -49.83 52.62 -27.82
C SER H 643 -50.80 52.90 -28.96
N ASN H 644 -52.01 53.29 -28.58
CA ASN H 644 -53.03 53.68 -29.55
C ASN H 644 -54.01 54.63 -28.88
N SER H 645 -54.72 55.41 -29.71
CA SER H 645 -55.72 56.34 -29.21
C SER H 645 -56.96 56.31 -30.11
N LYS H 646 -58.12 56.46 -29.49
CA LYS H 646 -59.39 56.49 -30.21
C LYS H 646 -59.82 57.90 -30.59
N MET H 647 -59.08 58.92 -30.17
CA MET H 647 -59.36 60.29 -30.54
C MET H 647 -58.64 60.73 -31.81
N LEU H 648 -57.85 59.83 -32.42
CA LEU H 648 -57.23 60.10 -33.71
C LEU H 648 -58.21 59.77 -34.82
N SER H 649 -59.20 60.67 -34.98
CA SER H 649 -60.19 60.53 -36.02
C SER H 649 -60.68 61.91 -36.43
N ILE H 650 -61.25 62.00 -37.62
CA ILE H 650 -61.67 63.28 -38.18
C ILE H 650 -62.77 63.92 -37.35
N LYS H 651 -63.49 63.13 -36.54
CA LYS H 651 -64.54 63.69 -35.70
C LYS H 651 -63.99 64.50 -34.54
N TYR H 652 -62.69 64.46 -34.28
CA TYR H 652 -62.13 65.14 -33.11
C TYR H 652 -60.97 66.05 -33.48
N THR H 653 -60.26 65.72 -34.57
CA THR H 653 -59.12 66.52 -35.00
C THR H 653 -59.21 66.89 -36.47
N SER H 654 -58.14 67.49 -36.99
CA SER H 654 -58.07 67.93 -38.38
C SER H 654 -57.35 66.88 -39.22
N ARG H 655 -57.43 67.04 -40.54
CA ARG H 655 -56.76 66.12 -41.45
C ARG H 655 -55.24 66.24 -41.33
N GLU H 656 -54.73 67.45 -41.12
CA GLU H 656 -53.29 67.65 -40.99
C GLU H 656 -52.75 66.89 -39.77
N HIS H 657 -53.47 66.94 -38.65
CA HIS H 657 -53.04 66.23 -37.45
C HIS H 657 -53.00 64.73 -37.69
N LEU H 658 -54.05 64.18 -38.31
CA LEU H 658 -54.10 62.74 -38.57
C LEU H 658 -52.97 62.33 -39.50
N ASP H 659 -52.75 63.09 -40.57
CA ASP H 659 -51.68 62.75 -41.51
C ASP H 659 -50.32 62.80 -40.84
N ILE H 660 -50.07 63.83 -40.03
CA ILE H 660 -48.78 63.95 -39.37
C ILE H 660 -48.57 62.81 -38.38
N ALA H 661 -49.59 62.46 -37.61
CA ALA H 661 -49.45 61.36 -36.65
C ALA H 661 -49.21 60.03 -37.36
N LYS H 662 -49.95 59.77 -38.44
CA LYS H 662 -49.76 58.53 -39.18
C LYS H 662 -48.37 58.45 -39.78
N LYS H 663 -47.88 59.56 -40.35
CA LYS H 663 -46.55 59.56 -40.95
C LYS H 663 -45.47 59.38 -39.87
N THR H 664 -45.66 60.00 -38.71
CA THR H 664 -44.70 59.86 -37.62
C THR H 664 -44.61 58.41 -37.17
N VAL H 665 -45.75 57.77 -36.94
CA VAL H 665 -45.74 56.38 -36.47
C VAL H 665 -45.14 55.47 -37.53
N GLN H 666 -45.48 55.70 -38.81
CA GLN H 666 -44.93 54.87 -39.87
C GLN H 666 -43.42 55.01 -39.95
N THR H 667 -42.91 56.24 -39.85
CA THR H 667 -41.47 56.47 -39.90
C THR H 667 -40.78 55.80 -38.72
N LEU H 668 -41.35 55.90 -37.52
CA LEU H 668 -40.74 55.27 -36.36
C LEU H 668 -40.71 53.76 -36.50
N GLU H 669 -41.80 53.17 -37.03
CA GLU H 669 -41.82 51.72 -37.22
C GLU H 669 -40.78 51.29 -38.25
N LYS H 670 -40.67 52.03 -39.36
CA LYS H 670 -39.66 51.71 -40.35
C LYS H 670 -38.24 51.83 -39.78
N THR H 671 -38.01 52.86 -38.96
CA THR H 671 -36.71 53.02 -38.33
C THR H 671 -36.40 51.86 -37.40
N LYS H 672 -37.38 51.42 -36.62
CA LYS H 672 -37.18 50.26 -35.76
C LYS H 672 -36.85 49.02 -36.57
N THR H 673 -37.52 48.86 -37.73
CA THR H 673 -37.20 47.73 -38.61
C THR H 673 -35.78 47.80 -39.12
N LEU H 674 -35.33 48.99 -39.51
CA LEU H 674 -34.00 49.15 -40.11
C LEU H 674 -32.87 49.11 -39.09
N GLU H 675 -33.16 49.39 -37.82
CA GLU H 675 -32.10 49.40 -36.82
C GLU H 675 -31.50 48.02 -36.60
N ASP H 676 -32.32 46.97 -36.69
CA ASP H 676 -31.78 45.62 -36.58
C ASP H 676 -30.85 45.29 -37.75
N ILE H 677 -31.22 45.71 -38.95
CA ILE H 677 -30.34 45.54 -40.11
C ILE H 677 -29.03 46.28 -39.90
N ILE H 678 -29.11 47.49 -39.35
CA ILE H 678 -27.90 48.25 -39.06
C ILE H 678 -27.04 47.51 -38.04
N ASN H 679 -27.67 46.97 -37.00
CA ASN H 679 -26.90 46.36 -35.91
C ASN H 679 -26.28 45.02 -36.31
N ILE H 680 -26.87 44.32 -37.27
CA ILE H 680 -26.38 42.99 -37.66
C ILE H 680 -25.51 43.06 -38.90
N LEU H 681 -26.01 43.65 -39.98
CA LEU H 681 -25.28 43.70 -41.24
C LEU H 681 -24.48 44.97 -41.44
N GLY H 682 -24.44 45.84 -40.45
CA GLY H 682 -23.68 47.07 -40.54
C GLY H 682 -24.47 48.18 -41.22
N PHE H 683 -23.97 49.41 -41.03
CA PHE H 683 -24.64 50.57 -41.61
C PHE H 683 -24.52 50.58 -43.13
N ASP H 684 -23.40 50.09 -43.68
CA ASP H 684 -23.13 50.23 -45.09
C ASP H 684 -24.09 49.45 -45.97
N ALA H 685 -24.75 48.42 -45.43
CA ALA H 685 -25.67 47.61 -46.25
C ALA H 685 -26.96 48.34 -46.57
N LEU H 686 -27.27 49.43 -45.89
CA LEU H 686 -28.49 50.18 -46.18
C LEU H 686 -28.34 51.00 -47.46
N SER H 687 -29.47 51.31 -48.06
CA SER H 687 -29.50 52.18 -49.23
C SER H 687 -29.51 53.64 -48.80
N GLU H 688 -29.59 54.55 -49.77
CA GLU H 688 -29.55 55.97 -49.45
C GLU H 688 -30.87 56.45 -48.83
N ASP H 689 -32.00 56.01 -49.40
CA ASP H 689 -33.29 56.36 -48.82
C ASP H 689 -33.47 55.73 -47.45
N ASP H 690 -32.94 54.52 -47.27
CA ASP H 690 -32.97 53.90 -45.95
C ASP H 690 -32.13 54.68 -44.95
N LYS H 691 -30.98 55.18 -45.38
CA LYS H 691 -30.18 56.05 -44.51
C LYS H 691 -30.96 57.30 -44.12
N LYS H 692 -31.63 57.92 -45.10
CA LYS H 692 -32.38 59.14 -44.82
C LYS H 692 -33.51 58.88 -43.84
N VAL H 693 -34.26 57.79 -44.03
CA VAL H 693 -35.37 57.51 -43.13
C VAL H 693 -34.85 57.10 -41.76
N VAL H 694 -33.69 56.45 -41.67
CA VAL H 694 -33.11 56.15 -40.37
C VAL H 694 -32.76 57.44 -39.63
N GLU H 695 -32.14 58.39 -40.32
CA GLU H 695 -31.81 59.67 -39.68
C GLU H 695 -33.06 60.41 -39.23
N VAL H 696 -34.08 60.45 -40.09
CA VAL H 696 -35.32 61.12 -39.74
C VAL H 696 -35.98 60.44 -38.54
N GLY H 697 -35.95 59.11 -38.51
CA GLY H 697 -36.53 58.40 -37.38
C GLY H 697 -35.80 58.64 -36.08
N ARG H 698 -34.46 58.67 -36.12
CA ARG H 698 -33.70 58.98 -34.91
C ARG H 698 -34.03 60.38 -34.39
N ARG H 699 -34.08 61.35 -35.30
CA ARG H 699 -34.38 62.72 -34.87
C ARG H 699 -35.81 62.84 -34.36
N LEU H 700 -36.76 62.15 -34.99
CA LEU H 700 -38.13 62.16 -34.51
C LEU H 700 -38.25 61.52 -33.14
N LYS H 701 -37.54 60.40 -32.93
CA LYS H 701 -37.58 59.72 -31.64
C LYS H 701 -37.04 60.62 -30.54
N TRP H 702 -35.92 61.29 -30.79
CA TRP H 702 -35.34 62.13 -29.75
C TRP H 702 -36.02 63.48 -29.62
N PHE H 703 -36.81 63.89 -30.61
CA PHE H 703 -37.56 65.14 -30.50
C PHE H 703 -38.77 65.01 -29.59
N LEU H 704 -39.30 63.79 -29.40
CA LEU H 704 -40.47 63.59 -28.58
C LEU H 704 -40.17 63.58 -27.09
N THR H 705 -38.89 63.53 -26.70
CA THR H 705 -38.54 63.70 -25.31
C THR H 705 -38.74 65.16 -24.90
N GLN H 706 -39.03 65.36 -23.62
CA GLN H 706 -39.41 66.69 -23.16
C GLN H 706 -39.18 66.78 -21.66
N PRO H 707 -38.63 67.89 -21.16
CA PRO H 707 -38.47 68.04 -19.71
C PRO H 707 -39.79 68.40 -19.04
N PHE H 708 -40.07 67.74 -17.92
CA PHE H 708 -41.29 67.96 -17.17
C PHE H 708 -41.09 69.02 -16.10
N VAL H 709 -42.16 69.74 -15.78
CA VAL H 709 -42.10 70.73 -14.72
C VAL H 709 -41.92 70.05 -13.36
N VAL H 710 -42.57 68.91 -13.16
CA VAL H 710 -42.51 68.23 -11.87
C VAL H 710 -41.19 67.52 -11.65
N ALA H 711 -40.41 67.30 -12.72
CA ALA H 711 -39.12 66.62 -12.60
C ALA H 711 -38.00 67.53 -12.12
N GLU H 712 -38.22 68.84 -12.15
CA GLU H 712 -37.18 69.79 -11.74
C GLU H 712 -36.63 69.45 -10.36
N LYS H 713 -37.51 69.03 -9.44
CA LYS H 713 -37.10 68.76 -8.07
C LYS H 713 -36.00 67.71 -8.00
N PHE H 714 -35.87 66.83 -8.99
CA PHE H 714 -34.78 65.87 -9.02
C PHE H 714 -33.90 66.01 -10.25
N SER H 715 -34.04 67.10 -11.01
CA SER H 715 -33.21 67.26 -12.20
C SER H 715 -32.59 68.66 -12.28
N GLY H 716 -33.25 69.63 -11.66
CA GLY H 716 -32.78 71.00 -11.78
C GLY H 716 -32.90 71.60 -13.16
N VAL H 717 -33.69 70.97 -14.03
CA VAL H 717 -33.92 71.43 -15.40
C VAL H 717 -35.35 71.96 -15.48
N PRO H 718 -35.56 73.23 -15.84
CA PRO H 718 -36.92 73.76 -15.91
C PRO H 718 -37.75 73.04 -16.94
N GLY H 719 -39.04 72.86 -16.63
CA GLY H 719 -39.94 72.14 -17.49
C GLY H 719 -40.42 72.97 -18.67
N LYS H 720 -41.18 72.32 -19.54
CA LYS H 720 -41.63 72.93 -20.80
C LYS H 720 -43.12 72.68 -20.99
N PHE H 721 -43.73 73.54 -21.80
CA PHE H 721 -45.13 73.39 -22.21
C PHE H 721 -45.19 73.73 -23.69
N VAL H 722 -45.43 72.74 -24.53
CA VAL H 722 -45.46 72.90 -25.98
C VAL H 722 -46.90 72.79 -26.45
N ARG H 723 -47.36 73.82 -27.15
CA ARG H 723 -48.71 73.79 -27.71
C ARG H 723 -48.80 72.76 -28.84
N LEU H 724 -50.03 72.36 -29.16
CA LEU H 724 -50.24 71.34 -30.17
C LEU H 724 -49.72 71.79 -31.54
N LYS H 725 -49.99 73.04 -31.91
CA LYS H 725 -49.57 73.53 -33.22
C LYS H 725 -48.05 73.56 -33.34
N ASP H 726 -47.35 73.93 -32.26
CA ASP H 726 -45.90 73.98 -32.30
C ASP H 726 -45.31 72.59 -32.48
N SER H 727 -45.86 71.59 -31.77
CA SER H 727 -45.39 70.22 -31.94
C SER H 727 -45.68 69.71 -33.34
N LEU H 728 -46.86 70.04 -33.88
CA LEU H 728 -47.19 69.63 -35.24
C LEU H 728 -46.20 70.22 -36.24
N LYS H 729 -45.89 71.51 -36.10
CA LYS H 729 -44.97 72.15 -37.02
C LYS H 729 -43.56 71.59 -36.87
N GLY H 730 -43.13 71.31 -35.64
CA GLY H 730 -41.81 70.73 -35.44
C GLY H 730 -41.69 69.35 -36.04
N ILE H 731 -42.72 68.51 -35.85
CA ILE H 731 -42.70 67.17 -36.42
C ILE H 731 -42.75 67.23 -37.94
N LYS H 732 -43.51 68.19 -38.50
CA LYS H 732 -43.55 68.35 -39.94
C LYS H 732 -42.18 68.79 -40.48
N THR H 733 -41.50 69.69 -39.77
CA THR H 733 -40.18 70.13 -40.20
C THR H 733 -39.17 68.99 -40.15
N ILE H 734 -39.19 68.19 -39.08
CA ILE H 734 -38.23 67.10 -38.96
C ILE H 734 -38.53 66.01 -40.00
N LEU H 735 -39.82 65.76 -40.26
CA LEU H 735 -40.19 64.71 -41.21
C LEU H 735 -39.73 65.05 -42.62
N ASP H 736 -39.70 66.33 -42.98
CA ASP H 736 -39.32 66.74 -44.33
C ASP H 736 -37.83 66.61 -44.58
N GLY H 737 -37.02 66.32 -43.56
CA GLY H 737 -35.58 66.26 -43.72
C GLY H 737 -34.90 67.61 -43.71
N ASP H 738 -35.58 68.67 -43.28
CA ASP H 738 -35.00 70.00 -43.31
C ASP H 738 -33.85 70.16 -42.32
N LEU H 739 -33.89 69.43 -41.21
CA LEU H 739 -32.93 69.60 -40.14
C LEU H 739 -32.00 68.39 -40.01
N ASN H 740 -31.66 67.76 -41.13
CA ASN H 740 -30.80 66.58 -41.09
C ASN H 740 -29.32 66.92 -40.92
N HIS H 741 -28.95 68.19 -41.04
CA HIS H 741 -27.56 68.59 -40.80
C HIS H 741 -27.23 68.64 -39.31
N ILE H 742 -28.19 69.00 -38.48
CA ILE H 742 -27.96 69.06 -37.03
C ILE H 742 -27.74 67.65 -36.50
N PRO H 743 -26.75 67.43 -35.64
CA PRO H 743 -26.58 66.11 -35.03
C PRO H 743 -27.74 65.78 -34.10
N VAL H 744 -27.93 64.47 -33.89
CA VAL H 744 -29.07 63.99 -33.11
C VAL H 744 -29.02 64.49 -31.68
N SER H 745 -27.82 64.74 -31.16
CA SER H 745 -27.65 65.07 -29.75
C SER H 745 -28.31 66.39 -29.37
N TYR H 746 -28.66 67.24 -30.34
CA TYR H 746 -29.27 68.52 -30.05
C TYR H 746 -30.78 68.45 -29.86
N PHE H 747 -31.41 67.33 -30.25
CA PHE H 747 -32.86 67.24 -30.25
C PHE H 747 -33.45 66.83 -28.90
N SER H 748 -32.63 66.37 -27.97
CA SER H 748 -33.13 65.75 -26.74
C SER H 748 -33.51 66.80 -25.71
N PHE H 749 -34.70 66.65 -25.14
CA PHE H 749 -35.17 67.45 -24.00
C PHE H 749 -35.18 68.94 -24.31
N VAL H 750 -35.93 69.28 -25.37
CA VAL H 750 -36.12 70.67 -25.77
C VAL H 750 -37.61 70.98 -25.79
N GLY H 751 -37.96 72.21 -26.16
CA GLY H 751 -39.35 72.58 -26.33
C GLY H 751 -39.73 72.61 -27.80
N VAL H 752 -39.94 73.80 -28.35
CA VAL H 752 -40.27 73.93 -29.76
C VAL H 752 -39.04 73.62 -30.60
N VAL H 753 -39.23 73.39 -31.90
CA VAL H 753 -38.14 72.94 -32.75
C VAL H 753 -37.08 74.04 -32.90
N GLU H 754 -37.50 75.29 -32.97
CA GLU H 754 -36.57 76.40 -33.22
C GLU H 754 -35.43 76.42 -32.21
N GLU H 755 -35.72 76.08 -30.95
CA GLU H 755 -34.69 76.02 -29.93
C GLU H 755 -33.49 75.22 -30.39
N ILE H 756 -33.75 74.02 -30.93
CA ILE H 756 -32.66 73.17 -31.40
C ILE H 756 -31.78 73.93 -32.38
N ILE H 757 -32.41 74.57 -33.37
CA ILE H 757 -31.66 75.31 -34.37
C ILE H 757 -30.77 76.33 -33.69
N GLU H 758 -31.35 77.11 -32.78
CA GLU H 758 -30.57 78.11 -32.07
C GLU H 758 -29.35 77.48 -31.44
N LYS H 759 -29.56 76.42 -30.66
CA LYS H 759 -28.43 75.75 -30.01
C LYS H 759 -27.37 75.40 -31.03
N PHE H 760 -27.78 74.73 -32.12
CA PHE H 760 -26.83 74.35 -33.15
C PHE H 760 -26.03 75.56 -33.61
N ASN H 761 -26.74 76.64 -33.98
CA ASN H 761 -26.07 77.83 -34.48
C ASN H 761 -25.01 78.29 -33.49
N LEU H 762 -25.39 78.39 -32.20
CA LEU H 762 -24.45 78.88 -31.21
C LEU H 762 -23.18 78.05 -31.22
N ASP H 763 -23.32 76.72 -31.20
CA ASP H 763 -22.13 75.88 -31.19
C ASP H 763 -21.28 76.16 -32.42
N ALA H 764 -21.92 76.19 -33.59
CA ALA H 764 -21.19 76.51 -34.81
C ALA H 764 -20.42 77.81 -34.66
N LYS H 765 -21.11 78.85 -34.16
CA LYS H 765 -20.47 80.14 -33.97
C LYS H 765 -19.19 79.98 -33.17
N LYS H 766 -19.28 79.31 -32.01
CA LYS H 766 -18.11 79.16 -31.17
C LYS H 766 -16.97 78.55 -31.96
N GLU H 767 -17.24 77.43 -32.65
CA GLU H 767 -16.19 76.76 -33.40
C GLU H 767 -15.58 77.70 -34.41
N ALA H 768 -16.43 78.43 -35.15
CA ALA H 768 -15.92 79.39 -36.13
C ALA H 768 -14.99 80.37 -35.45
N LEU H 769 -15.44 80.97 -34.34
CA LEU H 769 -14.59 81.92 -33.63
C LEU H 769 -13.27 81.27 -33.28
N LYS H 770 -13.31 80.06 -32.73
CA LYS H 770 -12.08 79.35 -32.39
C LYS H 770 -11.15 79.29 -33.58
N ASN H 771 -11.68 78.86 -34.73
CA ASN H 771 -10.85 78.76 -35.93
C ASN H 771 -10.20 80.10 -36.22
N GLU H 772 -11.01 81.18 -36.25
CA GLU H 772 -10.45 82.49 -36.55
C GLU H 772 -9.39 82.85 -35.53
N LEU H 773 -9.66 82.58 -34.25
CA LEU H 773 -8.68 82.88 -33.21
C LEU H 773 -7.36 82.20 -33.52
N GLU H 774 -7.42 80.93 -33.93
CA GLU H 774 -6.19 80.22 -34.28
C GLU H 774 -5.45 80.94 -35.39
N GLN H 775 -6.17 81.34 -36.45
CA GLN H 775 -5.51 82.01 -37.56
C GLN H 775 -5.10 83.43 -37.21
N ASN H 776 -5.57 83.96 -36.09
CA ASN H 776 -5.06 85.23 -35.59
C ASN H 776 -3.88 85.05 -34.64
N GLN H 777 -3.71 83.86 -34.07
CA GLN H 777 -2.59 83.59 -33.17
C GLN H 777 -1.43 82.93 -33.90
N LYS H 778 -1.67 81.75 -34.49
CA LYS H 778 -0.60 81.07 -35.22
C LYS H 778 -0.18 81.87 -36.45
N ASP H 779 -1.14 82.43 -37.18
CA ASP H 779 -0.83 83.21 -38.37
C ASP H 779 -1.19 84.67 -38.18
N LEU I 201 -69.11 -22.46 -69.87
CA LEU I 201 -69.97 -23.24 -70.74
C LEU I 201 -71.18 -22.45 -71.21
N ASP I 202 -72.33 -22.70 -70.58
CA ASP I 202 -73.58 -22.08 -70.99
C ASP I 202 -73.71 -20.69 -70.38
N PRO I 203 -73.77 -19.62 -71.17
CA PRO I 203 -74.03 -18.29 -70.59
C PRO I 203 -75.37 -18.20 -69.87
N GLU I 204 -76.38 -18.93 -70.34
CA GLU I 204 -77.69 -18.88 -69.70
C GLU I 204 -77.63 -19.42 -68.27
N PHE I 205 -76.92 -20.53 -68.07
CA PHE I 205 -76.76 -21.08 -66.72
C PHE I 205 -76.01 -20.11 -65.82
N VAL I 206 -74.96 -19.48 -66.36
CA VAL I 206 -74.19 -18.52 -65.57
C VAL I 206 -75.05 -17.33 -65.16
N ALA I 207 -75.86 -16.82 -66.09
CA ALA I 207 -76.67 -15.64 -65.81
C ALA I 207 -77.66 -15.86 -64.67
N SER I 208 -78.02 -17.10 -64.39
CA SER I 208 -78.95 -17.38 -63.29
C SER I 208 -78.32 -17.13 -61.93
N THR I 209 -76.99 -17.02 -61.86
CA THR I 209 -76.30 -16.79 -60.60
C THR I 209 -76.13 -15.30 -60.30
N TYR I 210 -75.49 -14.58 -61.22
CA TYR I 210 -75.27 -13.15 -61.03
C TYR I 210 -76.60 -12.39 -60.96
N THR I 211 -76.70 -11.51 -59.98
CA THR I 211 -77.86 -10.64 -59.86
C THR I 211 -77.83 -9.59 -60.97
N GLU I 212 -78.98 -8.97 -61.23
CA GLU I 212 -79.07 -7.96 -62.28
C GLU I 212 -78.02 -6.87 -62.09
N GLU I 213 -77.88 -6.37 -60.86
CA GLU I 213 -76.82 -5.41 -60.59
C GLU I 213 -75.45 -6.03 -60.86
N GLU I 214 -75.28 -7.30 -60.52
CA GLU I 214 -73.99 -7.95 -60.73
C GLU I 214 -73.64 -8.06 -62.21
N ILE I 215 -74.60 -8.45 -63.06
CA ILE I 215 -74.30 -8.53 -64.49
C ILE I 215 -74.06 -7.14 -65.06
N ILE I 216 -74.87 -6.15 -64.67
CA ILE I 216 -74.65 -4.79 -65.14
C ILE I 216 -73.25 -4.32 -64.79
N HIS I 217 -72.80 -4.61 -63.56
CA HIS I 217 -71.44 -4.28 -63.18
C HIS I 217 -70.41 -5.05 -64.01
N ASN I 218 -70.67 -6.34 -64.24
CA ASN I 218 -69.74 -7.18 -64.98
C ASN I 218 -69.63 -6.79 -66.45
N LEU I 219 -70.57 -5.99 -66.96
CA LEU I 219 -70.40 -5.43 -68.30
C LEU I 219 -69.14 -4.56 -68.39
N LEU I 220 -68.64 -4.04 -67.27
CA LEU I 220 -67.41 -3.26 -67.30
C LEU I 220 -66.22 -4.11 -67.70
N PHE I 221 -66.10 -5.31 -67.13
CA PHE I 221 -64.89 -6.12 -67.25
C PHE I 221 -64.80 -6.87 -68.58
N LYS I 222 -65.83 -6.82 -69.41
CA LYS I 222 -65.74 -7.48 -70.72
C LYS I 222 -64.62 -6.85 -71.53
N LEU I 223 -63.77 -7.71 -72.10
CA LEU I 223 -62.54 -7.26 -72.74
C LEU I 223 -62.75 -6.96 -74.21
N TYR I 224 -62.09 -5.90 -74.68
CA TYR I 224 -62.10 -5.53 -76.09
C TYR I 224 -60.69 -5.72 -76.65
N SER I 225 -60.60 -6.40 -77.78
CA SER I 225 -59.32 -6.64 -78.42
C SER I 225 -58.79 -5.36 -79.06
N VAL I 226 -57.54 -5.42 -79.52
CA VAL I 226 -56.94 -4.27 -80.21
C VAL I 226 -57.73 -3.94 -81.47
N GLU I 227 -58.08 -4.97 -82.24
CA GLU I 227 -58.93 -4.75 -83.41
C GLU I 227 -60.29 -4.20 -83.00
N GLN I 228 -60.80 -4.69 -81.88
CA GLN I 228 -62.07 -4.19 -81.40
C GLN I 228 -61.94 -2.73 -80.99
N LEU I 229 -60.85 -2.40 -80.31
CA LEU I 229 -60.63 -1.03 -79.88
C LEU I 229 -60.50 -0.09 -81.07
N ALA I 230 -59.86 -0.57 -82.15
CA ALA I 230 -59.60 0.29 -83.30
C ALA I 230 -60.89 0.82 -83.91
N LEU I 231 -61.93 -0.01 -83.98
CA LEU I 231 -63.17 0.38 -84.63
C LEU I 231 -64.12 1.09 -83.68
N PHE I 232 -63.61 2.09 -82.96
CA PHE I 232 -64.41 2.95 -82.09
C PHE I 232 -64.22 4.40 -82.47
N THR I 233 -65.30 5.17 -82.32
CA THR I 233 -65.18 6.62 -82.45
C THR I 233 -64.44 7.19 -81.25
N ILE I 234 -63.89 8.40 -81.44
CA ILE I 234 -63.08 8.99 -80.37
C ILE I 234 -63.93 9.29 -79.14
N ASP I 235 -65.20 9.67 -79.34
CA ASP I 235 -66.08 9.88 -78.20
C ASP I 235 -66.45 8.55 -77.53
N GLN I 236 -66.61 7.49 -78.31
CA GLN I 236 -66.83 6.17 -77.72
C GLN I 236 -65.64 5.73 -76.89
N LEU I 237 -64.43 5.96 -77.40
CA LEU I 237 -63.22 5.65 -76.63
C LEU I 237 -63.15 6.50 -75.37
N ASN I 238 -63.53 7.78 -75.47
CA ASN I 238 -63.53 8.63 -74.29
C ASN I 238 -64.52 8.12 -73.24
N ALA I 239 -65.71 7.70 -73.67
CA ALA I 239 -66.70 7.20 -72.73
C ALA I 239 -66.24 5.91 -72.06
N LEU I 240 -65.66 4.99 -72.86
CA LEU I 240 -65.15 3.76 -72.27
C LEU I 240 -64.01 4.02 -71.31
N LEU I 241 -63.13 4.97 -71.65
CA LEU I 241 -62.02 5.32 -70.79
C LEU I 241 -62.51 5.95 -69.49
N PHE I 242 -63.52 6.81 -69.58
CA PHE I 242 -64.11 7.43 -68.39
C PHE I 242 -64.75 6.39 -67.50
N ALA I 243 -65.49 5.43 -68.10
CA ALA I 243 -66.13 4.39 -67.30
C ALA I 243 -65.13 3.54 -66.56
N ARG I 244 -63.89 3.47 -67.03
CA ARG I 244 -62.83 2.75 -66.35
C ARG I 244 -61.97 3.66 -65.48
N GLY I 245 -62.36 4.91 -65.32
CA GLY I 245 -61.68 5.83 -64.42
C GLY I 245 -60.27 6.22 -64.81
N LEU I 246 -60.04 6.55 -66.08
CA LEU I 246 -58.74 7.00 -66.54
C LEU I 246 -58.80 8.35 -67.24
N GLY I 247 -59.79 9.17 -66.88
CA GLY I 247 -59.85 10.52 -67.41
C GLY I 247 -60.25 10.56 -68.89
N LEU I 248 -59.79 11.60 -69.57
CA LEU I 248 -60.12 11.84 -70.96
C LEU I 248 -58.84 11.97 -71.77
N GLU I 249 -58.91 11.56 -73.04
CA GLU I 249 -57.78 11.62 -73.95
C GLU I 249 -58.30 11.98 -75.33
N LYS I 250 -57.77 13.07 -75.91
CA LYS I 250 -58.13 13.46 -77.27
C LYS I 250 -57.45 12.58 -78.31
N ASN I 251 -56.22 12.14 -78.04
CA ASN I 251 -55.50 11.31 -78.99
C ASN I 251 -56.08 9.90 -78.99
N LYS I 252 -56.29 9.35 -80.19
CA LYS I 252 -56.84 7.99 -80.29
C LYS I 252 -55.79 6.95 -79.94
N VAL I 253 -54.55 7.15 -80.40
CA VAL I 253 -53.49 6.16 -80.17
C VAL I 253 -53.21 6.02 -78.68
N ARG I 254 -53.05 7.16 -77.99
CA ARG I 254 -52.78 7.12 -76.55
C ARG I 254 -53.94 6.50 -75.80
N ALA I 255 -55.17 6.84 -76.16
CA ALA I 255 -56.33 6.28 -75.48
C ALA I 255 -56.40 4.77 -75.66
N ILE I 256 -56.17 4.28 -76.89
CA ILE I 256 -56.18 2.85 -77.13
C ILE I 256 -55.07 2.16 -76.35
N LYS I 257 -53.88 2.76 -76.33
CA LYS I 257 -52.77 2.16 -75.59
C LYS I 257 -53.06 2.11 -74.10
N SER I 258 -53.69 3.17 -73.55
CA SER I 258 -54.03 3.17 -72.13
C SER I 258 -55.07 2.11 -71.82
N LEU I 259 -56.10 1.98 -72.66
CA LEU I 259 -57.10 0.96 -72.44
C LEU I 259 -56.50 -0.44 -72.52
N LEU I 260 -55.58 -0.65 -73.46
CA LEU I 260 -54.91 -1.94 -73.58
C LEU I 260 -54.05 -2.22 -72.35
N THR I 261 -53.31 -1.21 -71.87
CA THR I 261 -52.45 -1.39 -70.72
C THR I 261 -53.26 -1.73 -69.48
N LEU I 262 -54.37 -1.02 -69.26
CA LEU I 262 -55.23 -1.34 -68.12
C LEU I 262 -55.85 -2.72 -68.28
N GLN I 263 -56.26 -3.08 -69.50
CA GLN I 263 -56.75 -4.42 -69.76
C GLN I 263 -55.67 -5.47 -69.51
N THR I 264 -54.43 -5.15 -69.90
CA THR I 264 -53.30 -6.06 -69.68
C THR I 264 -52.77 -5.84 -68.26
N SER I 265 -53.63 -6.14 -67.29
CA SER I 265 -53.28 -6.05 -65.89
C SER I 265 -53.79 -7.30 -65.18
N TYR I 266 -53.03 -7.74 -64.17
CA TYR I 266 -53.33 -9.00 -63.50
C TYR I 266 -54.71 -8.96 -62.84
N GLU I 267 -54.98 -7.89 -62.08
CA GLU I 267 -56.28 -7.78 -61.42
C GLU I 267 -57.41 -7.71 -62.44
N PHE I 268 -57.22 -6.91 -63.50
CA PHE I 268 -58.27 -6.75 -64.50
C PHE I 268 -58.54 -8.06 -65.22
N MET I 269 -57.50 -8.80 -65.59
CA MET I 269 -57.71 -10.06 -66.30
C MET I 269 -58.33 -11.11 -65.38
N GLU I 270 -57.94 -11.14 -64.11
CA GLU I 270 -58.60 -12.04 -63.16
C GLU I 270 -60.09 -11.72 -63.04
N LYS I 271 -60.42 -10.44 -62.90
CA LYS I 271 -61.83 -10.07 -62.73
C LYS I 271 -62.63 -10.24 -64.02
N SER I 272 -61.96 -10.17 -65.17
CA SER I 272 -62.64 -10.42 -66.43
C SER I 272 -62.91 -11.90 -66.63
N GLN I 273 -61.94 -12.75 -66.28
CA GLN I 273 -62.17 -14.19 -66.36
C GLN I 273 -63.23 -14.64 -65.37
N ALA I 274 -63.23 -14.08 -64.16
CA ALA I 274 -64.24 -14.43 -63.17
C ALA I 274 -65.63 -13.93 -63.56
N ALA I 275 -65.73 -13.02 -64.53
CA ALA I 275 -67.03 -12.50 -64.95
C ALA I 275 -67.79 -13.45 -65.87
N LEU I 276 -67.15 -14.50 -66.36
CA LEU I 276 -67.79 -15.47 -67.24
C LEU I 276 -68.27 -16.71 -66.51
N LEU I 277 -67.53 -17.17 -65.50
CA LEU I 277 -67.95 -18.31 -64.69
C LEU I 277 -69.12 -17.91 -63.80
N PRO I 278 -69.86 -18.88 -63.27
CA PRO I 278 -70.97 -18.56 -62.36
C PRO I 278 -70.46 -17.87 -61.11
N LYS I 279 -71.41 -17.36 -60.33
CA LYS I 279 -71.08 -16.58 -59.14
C LYS I 279 -70.34 -17.43 -58.11
N VAL I 280 -69.32 -16.86 -57.50
CA VAL I 280 -68.59 -17.47 -56.40
C VAL I 280 -68.96 -16.74 -55.13
N SER I 281 -69.33 -17.51 -54.10
CA SER I 281 -69.75 -16.93 -52.83
C SER I 281 -68.54 -16.69 -51.96
N PHE I 282 -68.41 -15.47 -51.45
CA PHE I 282 -67.35 -15.14 -50.49
C PHE I 282 -67.71 -15.75 -49.14
N ASN I 283 -67.17 -16.92 -48.86
CA ASN I 283 -67.34 -17.52 -47.54
C ASN I 283 -66.42 -16.82 -46.56
N PRO I 284 -66.95 -16.12 -45.56
CA PRO I 284 -66.09 -15.30 -44.70
C PRO I 284 -65.36 -16.12 -43.65
N THR I 285 -64.18 -15.64 -43.29
CA THR I 285 -63.44 -16.14 -42.13
C THR I 285 -63.35 -15.03 -41.09
N ASN I 286 -63.69 -15.36 -39.86
CA ASN I 286 -63.80 -14.39 -38.77
C ASN I 286 -64.70 -13.23 -39.17
N PRO I 287 -66.00 -13.45 -39.35
CA PRO I 287 -66.90 -12.37 -39.72
C PRO I 287 -67.41 -11.60 -38.51
N LEU I 288 -67.94 -10.41 -38.79
CA LEU I 288 -68.62 -9.65 -37.75
C LEU I 288 -69.95 -10.28 -37.41
N LYS I 289 -70.26 -10.35 -36.12
CA LYS I 289 -71.52 -10.95 -35.71
C LYS I 289 -72.48 -9.90 -35.19
N PRO I 290 -73.78 -10.07 -35.40
CA PRO I 290 -74.75 -9.09 -34.90
C PRO I 290 -74.84 -9.12 -33.39
N ILE I 291 -75.53 -8.11 -32.84
CA ILE I 291 -75.69 -8.01 -31.40
C ILE I 291 -76.74 -9.01 -30.94
N GLU I 292 -76.62 -9.44 -29.69
CA GLU I 292 -77.57 -10.37 -29.11
C GLU I 292 -78.91 -9.69 -28.87
N GLU I 293 -79.99 -10.45 -29.05
CA GLU I 293 -81.33 -9.94 -28.80
C GLU I 293 -81.65 -10.04 -27.31
N LYS I 294 -82.04 -8.91 -26.71
CA LYS I 294 -82.34 -8.86 -25.30
C LYS I 294 -83.53 -7.94 -25.06
N GLU I 295 -84.17 -8.12 -23.92
CA GLU I 295 -85.16 -7.18 -23.42
C GLU I 295 -84.46 -6.11 -22.59
N PHE I 296 -85.24 -5.12 -22.16
CA PHE I 296 -84.70 -4.08 -21.28
C PHE I 296 -84.67 -4.61 -19.85
N THR I 297 -83.48 -4.69 -19.27
CA THR I 297 -83.29 -5.35 -17.99
C THR I 297 -82.93 -4.42 -16.84
N ILE I 298 -82.55 -3.17 -17.12
CA ILE I 298 -82.18 -2.23 -16.06
C ILE I 298 -83.04 -0.98 -16.19
N PHE I 299 -83.56 -0.50 -15.06
CA PHE I 299 -84.47 0.63 -15.04
C PHE I 299 -84.10 1.54 -13.88
N GLY I 300 -83.95 2.83 -14.17
CA GLY I 300 -83.61 3.81 -13.17
C GLY I 300 -84.12 5.20 -13.48
N GLU I 301 -83.66 6.20 -12.75
CA GLU I 301 -84.08 7.58 -12.97
C GLU I 301 -82.90 8.51 -12.74
N ILE I 302 -82.97 9.68 -13.37
CA ILE I 302 -81.91 10.69 -13.27
C ILE I 302 -82.04 11.40 -11.92
N VAL I 303 -80.94 11.47 -11.19
CA VAL I 303 -80.94 12.06 -9.85
C VAL I 303 -80.03 13.27 -9.73
N GLU I 304 -79.14 13.52 -10.70
CA GLU I 304 -78.27 14.68 -10.67
C GLU I 304 -78.02 15.14 -12.10
N ILE I 305 -78.12 16.44 -12.33
CA ILE I 305 -77.92 17.00 -13.66
C ILE I 305 -76.80 18.01 -13.63
N ARG I 306 -76.24 18.27 -14.80
CA ARG I 306 -75.13 19.18 -15.00
C ARG I 306 -75.10 19.55 -16.48
N SER I 307 -74.00 20.15 -16.92
CA SER I 307 -73.78 20.37 -18.34
C SER I 307 -73.12 19.12 -18.92
N GLN I 308 -73.89 18.36 -19.69
CA GLN I 308 -73.49 17.18 -20.46
C GLN I 308 -73.27 15.94 -19.59
N VAL I 309 -73.31 16.05 -18.26
CA VAL I 309 -73.05 14.92 -17.37
C VAL I 309 -74.27 14.71 -16.49
N TYR I 310 -74.81 13.50 -16.50
CA TYR I 310 -76.02 13.16 -15.76
C TYR I 310 -75.79 11.91 -14.93
N LYS I 311 -76.29 11.93 -13.69
CA LYS I 311 -76.13 10.82 -12.78
C LYS I 311 -77.42 10.02 -12.71
N ILE I 312 -77.32 8.70 -12.84
CA ILE I 312 -78.47 7.81 -12.91
C ILE I 312 -78.42 6.86 -11.72
N ARG I 313 -79.52 6.76 -10.99
CA ARG I 313 -79.66 5.81 -9.90
C ARG I 313 -80.54 4.66 -10.36
N ILE I 314 -80.00 3.45 -10.30
CA ILE I 314 -80.71 2.27 -10.79
C ILE I 314 -81.72 1.82 -9.74
N ASP I 315 -82.96 1.62 -10.16
CA ASP I 315 -84.03 1.18 -9.26
C ASP I 315 -84.29 -0.32 -9.37
N LYS I 316 -84.57 -0.81 -10.56
CA LYS I 316 -84.93 -2.21 -10.76
C LYS I 316 -84.02 -2.83 -11.81
N ALA I 317 -83.23 -3.83 -11.42
CA ALA I 317 -82.28 -4.44 -12.33
C ALA I 317 -82.24 -5.94 -12.10
N GLU I 318 -82.21 -6.70 -13.20
CA GLU I 318 -82.04 -8.15 -13.14
C GLU I 318 -80.59 -8.57 -13.31
N GLU I 319 -79.72 -7.69 -13.81
CA GLU I 319 -78.31 -7.98 -13.96
C GLU I 319 -77.50 -6.74 -13.62
N GLU I 320 -76.26 -6.96 -13.21
CA GLU I 320 -75.40 -5.87 -12.80
C GLU I 320 -74.99 -5.02 -14.01
N VAL I 321 -74.87 -3.71 -13.78
CA VAL I 321 -74.54 -2.78 -14.85
C VAL I 321 -73.08 -2.94 -15.25
N LEU I 322 -72.83 -2.89 -16.55
CA LEU I 322 -71.51 -3.02 -17.15
C LEU I 322 -71.02 -1.66 -17.64
N PRO I 323 -69.71 -1.46 -17.72
CA PRO I 323 -69.20 -0.17 -18.21
C PRO I 323 -69.51 0.05 -19.68
N LYS I 324 -69.66 1.33 -20.05
CA LYS I 324 -69.85 1.78 -21.42
C LYS I 324 -71.18 1.34 -22.02
N VAL I 325 -72.16 0.96 -21.19
CA VAL I 325 -73.47 0.56 -21.70
C VAL I 325 -74.34 1.81 -21.87
N ILE I 326 -75.44 1.68 -22.60
CA ILE I 326 -76.28 2.79 -22.99
C ILE I 326 -77.61 2.72 -22.25
N PHE I 327 -78.01 3.84 -21.67
CA PHE I 327 -79.35 4.02 -21.12
C PHE I 327 -80.19 4.87 -22.08
N TYR I 328 -81.46 4.51 -22.23
CA TYR I 328 -82.36 5.21 -23.14
C TYR I 328 -83.37 6.02 -22.35
N ALA I 329 -83.48 7.31 -22.67
CA ALA I 329 -84.47 8.19 -22.06
C ALA I 329 -85.42 8.67 -23.16
N ASP I 330 -86.71 8.46 -22.97
CA ASP I 330 -87.72 8.84 -23.95
C ASP I 330 -88.44 10.09 -23.47
N VAL I 331 -88.23 11.20 -24.15
CA VAL I 331 -88.84 12.48 -23.80
C VAL I 331 -89.41 13.12 -25.05
N ASN I 332 -90.65 13.60 -24.95
CA ASN I 332 -91.30 14.37 -26.02
C ASN I 332 -91.25 13.65 -27.37
N GLY I 333 -91.48 12.34 -27.32
CA GLY I 333 -91.44 11.56 -28.55
C GLY I 333 -90.08 11.52 -29.22
N LYS I 334 -89.02 11.43 -28.42
CA LYS I 334 -87.67 11.34 -28.95
C LYS I 334 -86.79 10.64 -27.93
N GLU I 335 -85.92 9.75 -28.40
CA GLU I 335 -85.05 8.98 -27.53
C GLU I 335 -83.67 9.62 -27.45
N ILE I 336 -83.06 9.53 -26.27
CA ILE I 336 -81.76 10.09 -25.98
C ILE I 336 -80.91 8.99 -25.36
N GLN I 337 -79.68 8.84 -25.85
CA GLN I 337 -78.78 7.79 -25.40
C GLN I 337 -77.75 8.36 -24.43
N LEU I 338 -77.56 7.67 -23.31
CA LEU I 338 -76.62 8.10 -22.26
C LEU I 338 -75.62 6.97 -22.07
N GLU I 339 -74.36 7.23 -22.40
CA GLU I 339 -73.32 6.23 -22.27
C GLU I 339 -72.75 6.25 -20.85
N VAL I 340 -72.67 5.07 -20.23
CA VAL I 340 -72.17 4.97 -18.87
C VAL I 340 -70.67 5.22 -18.85
N ALA I 341 -70.21 5.98 -17.87
CA ALA I 341 -68.79 6.30 -17.72
C ALA I 341 -68.19 5.68 -16.46
N ASP I 342 -68.74 6.01 -15.29
CA ASP I 342 -68.23 5.51 -14.01
C ASP I 342 -69.36 4.85 -13.24
N ILE I 343 -69.03 3.76 -12.54
CA ILE I 343 -69.98 3.04 -11.71
C ILE I 343 -69.53 3.24 -10.26
N PHE I 344 -70.22 4.14 -9.55
CA PHE I 344 -69.78 4.50 -8.19
C PHE I 344 -70.08 3.38 -7.21
N ASP I 345 -71.27 2.80 -7.28
CA ASP I 345 -71.61 1.64 -6.47
C ASP I 345 -72.62 0.80 -7.27
N LYS I 346 -73.34 -0.08 -6.58
CA LYS I 346 -74.25 -0.98 -7.27
C LYS I 346 -75.38 -0.24 -7.97
N ASN I 347 -75.78 0.93 -7.46
CA ASN I 347 -76.97 1.60 -7.96
C ASN I 347 -76.71 3.08 -8.26
N LEU I 348 -75.53 3.39 -8.79
CA LEU I 348 -75.24 4.77 -9.19
C LEU I 348 -74.23 4.76 -10.34
N VAL I 349 -74.57 5.46 -11.42
CA VAL I 349 -73.67 5.57 -12.57
C VAL I 349 -73.62 7.02 -13.03
N SER I 350 -72.50 7.38 -13.66
CA SER I 350 -72.36 8.63 -14.38
C SER I 350 -72.47 8.39 -15.87
N THR I 351 -73.13 9.30 -16.58
CA THR I 351 -73.37 9.16 -18.00
C THR I 351 -73.16 10.50 -18.68
N PHE I 352 -72.86 10.46 -19.97
CA PHE I 352 -72.80 11.65 -20.80
C PHE I 352 -73.68 11.45 -22.03
N VAL I 353 -74.35 12.51 -22.46
CA VAL I 353 -75.31 12.41 -23.55
C VAL I 353 -74.59 12.08 -24.86
N LEU I 354 -75.31 11.40 -25.75
CA LEU I 354 -74.86 11.14 -27.12
C LEU I 354 -75.85 11.85 -28.04
N GLY I 355 -75.62 13.13 -28.28
CA GLY I 355 -76.55 13.93 -29.05
C GLY I 355 -76.94 15.22 -28.36
N ASN I 356 -78.25 15.45 -28.24
CA ASN I 356 -78.77 16.67 -27.65
C ASN I 356 -79.33 16.38 -26.27
N GLU I 357 -78.95 17.19 -25.29
CA GLU I 357 -79.33 16.99 -23.90
C GLU I 357 -80.62 17.70 -23.53
N THR I 358 -81.30 18.30 -24.49
CA THR I 358 -82.52 19.06 -24.19
C THR I 358 -83.65 18.12 -23.80
N GLY I 359 -84.32 18.42 -22.69
CA GLY I 359 -85.43 17.65 -22.19
C GLY I 359 -85.11 16.74 -21.03
N LEU I 360 -83.83 16.46 -20.78
CA LEU I 360 -83.46 15.64 -19.64
C LEU I 360 -83.59 16.43 -18.35
N LYS I 361 -84.30 15.87 -17.38
CA LYS I 361 -84.57 16.55 -16.12
C LYS I 361 -84.53 15.54 -14.99
N ILE I 362 -84.46 16.06 -13.76
CA ILE I 362 -84.46 15.20 -12.58
C ILE I 362 -85.74 14.37 -12.56
N GLY I 363 -85.59 13.06 -12.45
CA GLY I 363 -86.70 12.15 -12.42
C GLY I 363 -87.02 11.47 -13.73
N THR I 364 -86.33 11.83 -14.82
CA THR I 364 -86.55 11.17 -16.09
C THR I 364 -86.22 9.69 -15.99
N LYS I 365 -87.11 8.86 -16.50
CA LYS I 365 -86.94 7.41 -16.42
C LYS I 365 -86.07 6.92 -17.57
N VAL I 366 -85.14 6.02 -17.24
CA VAL I 366 -84.19 5.50 -18.21
C VAL I 366 -84.17 3.98 -18.11
N LYS I 367 -84.06 3.32 -19.26
CA LYS I 367 -84.00 1.87 -19.33
C LYS I 367 -82.83 1.45 -20.21
N SER I 368 -82.21 0.33 -19.84
CA SER I 368 -81.02 -0.14 -20.51
C SER I 368 -81.06 -1.66 -20.66
N LYS I 369 -80.54 -2.13 -21.79
CA LYS I 369 -80.34 -3.55 -22.05
C LYS I 369 -79.00 -4.06 -21.53
N ASN I 370 -78.20 -3.19 -20.92
CA ASN I 370 -76.84 -3.52 -20.48
C ASN I 370 -75.95 -3.83 -21.68
N GLN I 371 -76.06 -3.02 -22.73
CA GLN I 371 -75.30 -3.22 -23.95
C GLN I 371 -74.75 -1.89 -24.43
N SER I 372 -73.69 -1.96 -25.23
CA SER I 372 -73.11 -0.77 -25.83
C SER I 372 -74.04 -0.22 -26.90
N TYR I 373 -73.64 0.91 -27.48
CA TYR I 373 -74.43 1.50 -28.55
C TYR I 373 -74.24 0.71 -29.83
N ALA I 374 -75.32 0.57 -30.60
CA ALA I 374 -75.33 -0.26 -31.80
C ALA I 374 -75.96 0.50 -32.95
N ILE I 375 -75.48 0.21 -34.16
CA ILE I 375 -75.99 0.82 -35.38
C ILE I 375 -76.29 -0.26 -36.41
N LYS I 376 -77.17 0.09 -37.35
CA LYS I 376 -77.53 -0.83 -38.42
C LYS I 376 -76.51 -0.72 -39.55
N ILE I 377 -75.89 -1.84 -39.90
CA ILE I 377 -74.91 -1.91 -40.97
C ILE I 377 -75.36 -2.96 -41.98
N SER I 378 -75.15 -2.66 -43.25
CA SER I 378 -75.36 -3.59 -44.36
C SER I 378 -74.78 -2.92 -45.61
N LYS I 379 -74.93 -3.59 -46.75
CA LYS I 379 -74.55 -2.96 -48.01
C LYS I 379 -75.50 -1.84 -48.40
N ARG I 380 -76.68 -1.77 -47.77
CA ARG I 380 -77.62 -0.69 -48.05
C ARG I 380 -77.16 0.63 -47.45
N LEU I 381 -76.25 0.59 -46.47
CA LEU I 381 -75.68 1.83 -45.93
C LEU I 381 -74.91 2.60 -46.98
N LEU I 382 -74.48 1.93 -48.05
CA LEU I 382 -73.68 2.57 -49.09
C LEU I 382 -74.55 3.53 -49.88
N GLY I 383 -74.23 4.82 -49.80
CA GLY I 383 -74.99 5.84 -50.49
C GLY I 383 -75.91 6.68 -49.63
N ARG I 384 -75.85 6.55 -48.31
CA ARG I 384 -76.68 7.31 -47.41
C ARG I 384 -75.81 8.07 -46.42
N VAL I 385 -76.43 9.05 -45.75
CA VAL I 385 -75.75 9.89 -44.78
C VAL I 385 -76.39 9.68 -43.41
N ILE I 386 -75.58 9.24 -42.44
CA ILE I 386 -76.04 8.98 -41.09
C ILE I 386 -75.05 9.63 -40.12
N ASP I 387 -75.45 9.67 -38.86
CA ASP I 387 -74.56 10.09 -37.79
C ASP I 387 -74.06 8.89 -37.00
N PRO I 388 -73.07 9.08 -36.11
CA PRO I 388 -72.49 7.94 -35.38
C PRO I 388 -73.50 6.97 -34.77
N ILE I 389 -74.65 7.44 -34.29
CA ILE I 389 -75.61 6.56 -33.63
C ILE I 389 -76.74 6.14 -34.59
N GLY I 390 -76.52 6.25 -35.89
CA GLY I 390 -77.41 5.67 -36.88
C GLY I 390 -78.53 6.56 -37.36
N LYS I 391 -78.73 7.72 -36.76
CA LYS I 391 -79.83 8.59 -37.15
C LYS I 391 -79.63 9.10 -38.58
N ILE I 392 -80.74 9.26 -39.29
CA ILE I 392 -80.71 9.61 -40.71
C ILE I 392 -80.54 11.11 -40.87
N LEU I 393 -79.68 11.51 -41.82
CA LEU I 393 -79.34 12.92 -42.01
C LEU I 393 -79.36 13.33 -43.47
N ASP I 394 -80.25 12.75 -44.28
CA ASP I 394 -80.34 13.18 -45.67
C ASP I 394 -81.77 13.33 -46.19
N ASP I 395 -82.79 13.10 -45.37
CA ASP I 395 -84.16 13.37 -45.78
C ASP I 395 -85.02 13.56 -44.54
N SER I 396 -86.07 14.38 -44.69
CA SER I 396 -86.94 14.69 -43.56
C SER I 396 -87.70 13.46 -43.09
N ILE I 397 -88.17 12.63 -44.02
CA ILE I 397 -88.95 11.45 -43.67
C ILE I 397 -88.11 10.40 -42.96
N ALA I 398 -86.77 10.46 -43.09
CA ALA I 398 -85.85 9.53 -42.43
C ALA I 398 -86.15 8.09 -42.84
N THR I 399 -85.95 7.83 -44.12
CA THR I 399 -86.14 6.48 -44.64
C THR I 399 -85.20 5.51 -43.93
N PRO I 400 -85.71 4.41 -43.37
CA PRO I 400 -84.86 3.53 -42.57
C PRO I 400 -83.76 2.88 -43.41
N VAL I 401 -82.64 2.62 -42.76
CA VAL I 401 -81.55 1.85 -43.34
C VAL I 401 -81.73 0.38 -42.97
N HIS I 402 -81.70 -0.49 -43.96
CA HIS I 402 -81.85 -1.92 -43.72
C HIS I 402 -80.50 -2.55 -43.42
N GLY I 403 -80.47 -3.42 -42.41
CA GLY I 403 -79.25 -4.10 -42.07
C GLY I 403 -79.36 -4.77 -40.72
N ASN I 404 -78.21 -5.22 -40.21
CA ASN I 404 -78.11 -5.87 -38.92
C ASN I 404 -77.50 -4.92 -37.90
N MET I 405 -77.89 -5.07 -36.64
CA MET I 405 -77.34 -4.28 -35.56
C MET I 405 -75.94 -4.78 -35.19
N TYR I 406 -74.98 -3.86 -35.14
CA TYR I 406 -73.63 -4.17 -34.71
C TYR I 406 -73.19 -3.14 -33.69
N ALA I 407 -72.35 -3.58 -32.75
CA ALA I 407 -71.82 -2.70 -31.72
C ALA I 407 -70.41 -2.27 -32.10
N PRO I 408 -70.19 -1.00 -32.45
CA PRO I 408 -68.85 -0.59 -32.90
C PRO I 408 -67.77 -0.69 -31.84
N LEU I 409 -68.14 -0.76 -30.56
CA LEU I 409 -67.14 -0.79 -29.49
C LEU I 409 -66.69 -2.20 -29.13
N GLU I 410 -67.27 -3.23 -29.73
CA GLU I 410 -66.89 -4.61 -29.46
C GLU I 410 -66.07 -5.15 -30.63
N MET I 411 -64.84 -5.57 -30.33
CA MET I 411 -63.95 -6.05 -31.37
C MET I 411 -64.31 -7.45 -31.85
N GLN I 412 -64.85 -8.29 -30.97
CA GLN I 412 -65.25 -9.66 -31.28
C GLN I 412 -64.05 -10.46 -31.80
N HIS I 413 -63.06 -10.63 -30.94
CA HIS I 413 -61.88 -11.42 -31.23
C HIS I 413 -61.86 -12.66 -30.33
N ASP I 414 -61.41 -13.78 -30.88
CA ASP I 414 -61.30 -15.00 -30.08
C ASP I 414 -60.30 -14.82 -28.95
N SER I 415 -59.15 -14.22 -29.24
CA SER I 415 -58.11 -14.01 -28.25
C SER I 415 -57.25 -12.84 -28.70
N GLU I 416 -56.39 -12.38 -27.79
CA GLU I 416 -55.48 -11.29 -28.12
C GLU I 416 -54.54 -11.69 -29.26
N ALA I 417 -54.11 -12.96 -29.28
CA ALA I 417 -53.21 -13.42 -30.33
C ALA I 417 -53.82 -13.25 -31.72
N THR I 418 -55.15 -13.30 -31.82
CA THR I 418 -55.80 -13.11 -33.10
C THR I 418 -55.49 -11.72 -33.67
N ARG I 419 -55.31 -10.72 -32.81
CA ARG I 419 -54.97 -9.39 -33.28
C ARG I 419 -53.57 -9.31 -33.86
N TYR I 420 -52.74 -10.33 -33.67
CA TYR I 420 -51.39 -10.35 -34.24
C TYR I 420 -51.33 -11.09 -35.56
N VAL I 421 -52.46 -11.63 -36.05
CA VAL I 421 -52.51 -12.23 -37.39
C VAL I 421 -52.86 -11.10 -38.33
N VAL I 422 -51.84 -10.36 -38.73
CA VAL I 422 -52.00 -9.17 -39.56
C VAL I 422 -50.84 -9.09 -40.55
N SER I 423 -51.14 -8.69 -41.77
CA SER I 423 -50.14 -8.64 -42.83
C SER I 423 -49.40 -7.31 -42.79
N PRO I 424 -48.07 -7.30 -42.68
CA PRO I 424 -47.34 -6.04 -42.78
C PRO I 424 -47.50 -5.42 -44.16
N LYS I 425 -47.41 -4.09 -44.21
CA LYS I 425 -47.66 -3.37 -45.45
C LYS I 425 -46.59 -3.71 -46.48
N ASN I 426 -47.04 -4.05 -47.69
CA ASN I 426 -46.13 -4.32 -48.80
C ASN I 426 -46.53 -3.67 -50.12
N ALA I 427 -47.80 -3.33 -50.31
CA ALA I 427 -48.28 -2.79 -51.57
C ALA I 427 -48.35 -1.27 -51.52
N ILE I 428 -48.54 -0.68 -52.69
CA ILE I 428 -48.65 0.77 -52.84
C ILE I 428 -49.94 1.06 -53.61
N LEU I 429 -50.74 1.99 -53.09
CA LEU I 429 -51.99 2.37 -53.73
C LEU I 429 -51.73 3.47 -54.75
N GLU I 430 -52.20 3.27 -55.98
CA GLU I 430 -52.03 4.23 -57.05
C GLU I 430 -53.21 5.19 -57.09
N THR I 431 -52.90 6.48 -57.28
CA THR I 431 -53.92 7.53 -57.22
C THR I 431 -54.05 8.33 -58.50
N GLY I 432 -53.09 8.25 -59.42
CA GLY I 432 -53.14 9.06 -60.61
C GLY I 432 -52.72 10.50 -60.42
N ILE I 433 -52.24 10.86 -59.23
CA ILE I 433 -51.74 12.19 -58.94
C ILE I 433 -50.22 12.13 -58.97
N LYS I 434 -49.60 12.99 -59.78
CA LYS I 434 -48.18 12.84 -60.08
C LYS I 434 -47.33 12.97 -58.83
N VAL I 435 -47.58 14.00 -58.01
CA VAL I 435 -46.75 14.24 -56.84
C VAL I 435 -46.86 13.07 -55.87
N ILE I 436 -48.09 12.65 -55.57
CA ILE I 436 -48.29 11.56 -54.62
C ILE I 436 -47.74 10.26 -55.17
N ASP I 437 -47.97 9.98 -56.46
CA ASP I 437 -47.52 8.72 -57.03
C ASP I 437 -45.99 8.64 -57.08
N VAL I 438 -45.31 9.75 -57.31
CA VAL I 438 -43.86 9.72 -57.47
C VAL I 438 -43.15 9.88 -56.13
N LEU I 439 -43.37 11.01 -55.46
CA LEU I 439 -42.55 11.36 -54.31
C LEU I 439 -43.14 10.94 -52.97
N LEU I 440 -44.45 10.71 -52.88
CA LEU I 440 -45.11 10.41 -51.61
C LEU I 440 -46.01 9.18 -51.77
N PRO I 441 -45.41 8.01 -52.00
CA PRO I 441 -46.22 6.81 -52.22
C PRO I 441 -47.12 6.52 -51.03
N ILE I 442 -48.34 6.08 -51.31
CA ILE I 442 -49.36 5.85 -50.30
C ILE I 442 -49.39 4.36 -49.99
N PRO I 443 -49.26 3.96 -48.73
CA PRO I 443 -49.33 2.54 -48.39
C PRO I 443 -50.73 1.99 -48.61
N LYS I 444 -50.80 0.68 -48.82
CA LYS I 444 -52.06 -0.03 -48.92
C LYS I 444 -52.30 -0.74 -47.59
N GLY I 445 -53.37 -0.36 -46.89
CA GLY I 445 -53.63 -0.85 -45.56
C GLY I 445 -52.96 -0.07 -44.46
N GLY I 446 -52.30 1.05 -44.78
CA GLY I 446 -51.64 1.86 -43.78
C GLY I 446 -52.35 3.16 -43.46
N LYS I 447 -51.60 4.17 -43.04
CA LYS I 447 -52.15 5.46 -42.67
C LYS I 447 -51.39 6.57 -43.39
N THR I 448 -52.15 7.55 -43.90
CA THR I 448 -51.60 8.72 -44.55
C THR I 448 -52.24 9.96 -43.95
N GLY I 449 -51.41 10.89 -43.49
CA GLY I 449 -51.88 12.10 -42.86
C GLY I 449 -51.84 13.28 -43.81
N LEU I 450 -53.00 13.84 -44.12
CA LEU I 450 -53.09 14.99 -45.01
C LEU I 450 -53.04 16.25 -44.18
N LEU I 451 -51.86 16.66 -43.75
CA LEU I 451 -51.74 17.79 -42.83
C LEU I 451 -51.72 19.15 -43.52
N GLY I 452 -52.79 19.92 -43.34
CA GLY I 452 -52.87 21.23 -43.95
C GLY I 452 -54.23 21.52 -44.53
N GLY I 453 -54.35 22.66 -45.21
CA GLY I 453 -55.62 23.02 -45.82
C GLY I 453 -55.88 24.51 -45.88
N ALA I 454 -57.14 24.92 -45.91
CA ALA I 454 -57.49 26.34 -45.89
C ALA I 454 -57.05 27.08 -47.13
N GLY I 455 -57.88 27.06 -48.17
CA GLY I 455 -57.57 27.78 -49.38
C GLY I 455 -56.47 27.16 -50.20
N VAL I 456 -56.05 25.97 -49.82
CA VAL I 456 -55.01 25.27 -50.53
C VAL I 456 -55.63 24.29 -51.51
N GLY I 457 -56.95 24.26 -51.57
CA GLY I 457 -57.63 23.30 -52.42
C GLY I 457 -57.49 21.90 -51.88
N LYS I 458 -57.84 21.71 -50.61
CA LYS I 458 -57.78 20.38 -50.02
C LYS I 458 -59.01 19.58 -50.39
N THR I 459 -60.16 20.24 -50.48
CA THR I 459 -61.38 19.53 -50.76
C THR I 459 -61.26 18.77 -52.04
N VAL I 460 -60.74 19.42 -53.08
CA VAL I 460 -60.55 18.74 -54.33
C VAL I 460 -59.66 17.51 -54.17
N ILE I 461 -58.74 17.55 -53.21
CA ILE I 461 -57.82 16.43 -52.99
C ILE I 461 -58.56 15.22 -52.47
N VAL I 462 -59.46 15.42 -51.52
CA VAL I 462 -60.19 14.30 -50.94
C VAL I 462 -61.24 13.80 -51.91
N GLN I 463 -61.91 14.68 -52.62
CA GLN I 463 -62.85 14.22 -53.64
C GLN I 463 -62.12 13.38 -54.67
N GLU I 464 -61.09 13.95 -55.29
CA GLU I 464 -60.34 13.23 -56.32
C GLU I 464 -59.91 11.86 -55.82
N LEU I 465 -59.45 11.78 -54.57
CA LEU I 465 -59.03 10.48 -54.03
C LEU I 465 -60.20 9.50 -53.90
N ILE I 466 -61.35 9.98 -53.41
CA ILE I 466 -62.50 9.09 -53.29
C ILE I 466 -62.93 8.60 -54.65
N ASN I 467 -62.99 9.50 -55.63
CA ASN I 467 -63.42 9.12 -56.97
C ASN I 467 -62.45 8.13 -57.61
N ALA I 468 -61.15 8.37 -57.45
CA ALA I 468 -60.16 7.48 -58.04
C ALA I 468 -60.22 6.09 -57.42
N PHE I 469 -60.44 6.01 -56.11
CA PHE I 469 -60.56 4.70 -55.49
C PHE I 469 -61.86 4.01 -55.86
N ILE I 470 -62.94 4.78 -56.04
CA ILE I 470 -64.22 4.17 -56.41
C ILE I 470 -64.16 3.61 -57.83
N LYS I 471 -63.51 4.33 -58.74
CA LYS I 471 -63.51 3.92 -60.14
C LYS I 471 -62.32 3.05 -60.51
N PHE I 472 -61.10 3.56 -60.35
CA PHE I 472 -59.93 2.86 -60.86
C PHE I 472 -59.66 1.58 -60.07
N HIS I 473 -60.05 1.52 -58.80
CA HIS I 473 -59.82 0.35 -57.98
C HIS I 473 -61.07 -0.45 -57.67
N ASP I 474 -62.25 0.05 -58.07
CA ASP I 474 -63.52 -0.63 -57.87
C ASP I 474 -63.74 -0.98 -56.39
N GLY I 475 -63.35 -0.05 -55.52
CA GLY I 475 -63.44 -0.25 -54.09
C GLY I 475 -64.64 0.43 -53.46
N VAL I 476 -64.74 0.27 -52.15
CA VAL I 476 -65.77 0.91 -51.33
C VAL I 476 -65.10 2.00 -50.51
N SER I 477 -65.82 3.09 -50.29
CA SER I 477 -65.29 4.22 -49.53
C SER I 477 -66.21 4.54 -48.36
N VAL I 478 -65.59 4.79 -47.20
CA VAL I 478 -66.30 5.21 -45.99
C VAL I 478 -65.72 6.55 -45.58
N PHE I 479 -66.58 7.56 -45.46
CA PHE I 479 -66.18 8.89 -45.04
C PHE I 479 -66.75 9.15 -43.65
N ALA I 480 -65.87 9.19 -42.65
CA ALA I 480 -66.25 9.50 -41.27
C ALA I 480 -65.85 10.95 -41.01
N GLY I 481 -66.83 11.84 -41.05
CA GLY I 481 -66.56 13.24 -40.78
C GLY I 481 -66.67 13.59 -39.31
N ILE I 482 -65.53 13.64 -38.63
CA ILE I 482 -65.47 13.96 -37.21
C ILE I 482 -65.46 15.47 -37.05
N GLY I 483 -66.41 16.00 -36.27
CA GLY I 483 -66.49 17.43 -36.13
C GLY I 483 -66.71 18.11 -37.46
N GLU I 484 -67.63 17.57 -38.26
CA GLU I 484 -67.82 18.06 -39.61
C GLU I 484 -68.73 19.29 -39.60
N ARG I 485 -68.31 20.33 -40.31
CA ARG I 485 -69.15 21.51 -40.48
C ARG I 485 -70.40 21.16 -41.28
N ILE I 486 -71.54 21.75 -40.89
CA ILE I 486 -72.80 21.43 -41.54
C ILE I 486 -72.77 21.86 -42.99
N ARG I 487 -72.26 23.06 -43.26
CA ARG I 487 -72.18 23.54 -44.64
C ARG I 487 -71.25 22.66 -45.47
N GLU I 488 -70.08 22.32 -44.92
CA GLU I 488 -69.13 21.50 -45.66
C GLU I 488 -69.66 20.09 -45.85
N GLY I 489 -70.37 19.54 -44.86
CA GLY I 489 -70.96 18.23 -45.02
C GLY I 489 -72.04 18.22 -46.09
N HIS I 490 -72.91 19.22 -46.08
CA HIS I 490 -73.95 19.32 -47.12
C HIS I 490 -73.33 19.47 -48.50
N GLU I 491 -72.29 20.30 -48.62
CA GLU I 491 -71.65 20.49 -49.91
C GLU I 491 -70.97 19.21 -50.38
N LEU I 492 -70.29 18.50 -49.48
CA LEU I 492 -69.66 17.24 -49.87
C LEU I 492 -70.69 16.21 -50.31
N TRP I 493 -71.82 16.13 -49.61
CA TRP I 493 -72.88 15.21 -50.01
C TRP I 493 -73.42 15.55 -51.38
N LYS I 494 -73.72 16.84 -51.62
CA LYS I 494 -74.25 17.24 -52.91
C LYS I 494 -73.25 17.00 -54.03
N GLU I 495 -71.98 17.30 -53.79
CA GLU I 495 -70.96 17.08 -54.82
C GLU I 495 -70.74 15.60 -55.09
N ALA I 496 -70.84 14.75 -54.07
CA ALA I 496 -70.78 13.32 -54.29
C ALA I 496 -71.96 12.86 -55.15
N GLU I 497 -73.14 13.41 -54.91
CA GLU I 497 -74.29 13.09 -55.75
C GLU I 497 -74.08 13.56 -57.18
N ALA I 498 -73.45 14.72 -57.36
CA ALA I 498 -73.28 15.29 -58.68
C ALA I 498 -72.16 14.63 -59.49
N LEU I 499 -71.11 14.14 -58.83
CA LEU I 499 -70.01 13.50 -59.54
C LEU I 499 -70.17 12.00 -59.68
N GLY I 500 -71.17 11.41 -59.05
CA GLY I 500 -71.44 10.00 -59.23
C GLY I 500 -70.57 9.04 -58.43
N PHE I 501 -70.06 9.47 -57.28
CA PHE I 501 -69.42 8.55 -56.34
C PHE I 501 -70.17 8.48 -55.02
N LEU I 502 -71.40 8.98 -54.98
CA LEU I 502 -72.23 8.84 -53.79
C LEU I 502 -72.67 7.39 -53.59
N ASN I 503 -73.03 6.70 -54.67
CA ASN I 503 -73.62 5.37 -54.58
C ASN I 503 -72.67 4.33 -54.03
N LYS I 504 -71.36 4.63 -53.97
CA LYS I 504 -70.38 3.69 -53.44
C LYS I 504 -69.66 4.25 -52.22
N THR I 505 -70.18 5.32 -51.62
CA THR I 505 -69.58 5.94 -50.45
C THR I 505 -70.59 5.93 -49.32
N ALA I 506 -70.13 5.62 -48.11
CA ALA I 506 -70.96 5.62 -46.91
C ALA I 506 -70.53 6.76 -46.01
N PHE I 507 -71.45 7.68 -45.72
CA PHE I 507 -71.14 8.89 -44.98
C PHE I 507 -71.61 8.76 -43.54
N ILE I 508 -70.72 9.04 -42.59
CA ILE I 508 -71.03 9.05 -41.16
C ILE I 508 -70.55 10.41 -40.65
N PHE I 509 -71.48 11.33 -40.43
CA PHE I 509 -71.16 12.71 -40.08
C PHE I 509 -71.46 12.95 -38.61
N GLY I 510 -70.42 13.15 -37.80
CA GLY I 510 -70.60 13.68 -36.46
C GLY I 510 -70.41 15.18 -36.51
N GLN I 511 -71.51 15.93 -36.42
CA GLN I 511 -71.52 17.35 -36.71
C GLN I 511 -70.81 18.13 -35.60
N MET I 512 -70.49 19.39 -35.90
CA MET I 512 -69.80 20.25 -34.95
C MET I 512 -70.68 20.67 -33.79
N ASN I 513 -71.99 20.70 -33.97
CA ASN I 513 -72.90 21.19 -32.94
C ASN I 513 -73.39 20.09 -32.01
N GLU I 514 -72.95 18.86 -32.20
CA GLU I 514 -73.37 17.76 -31.34
C GLU I 514 -72.53 17.74 -30.06
N SER I 515 -72.87 16.83 -29.16
CA SER I 515 -72.12 16.67 -27.93
C SER I 515 -70.73 16.12 -28.22
N PRO I 516 -69.79 16.27 -27.29
CA PRO I 516 -68.47 15.65 -27.49
C PRO I 516 -68.52 14.14 -27.65
N GLY I 517 -69.51 13.47 -27.05
CA GLY I 517 -69.58 12.02 -27.13
C GLY I 517 -69.81 11.52 -28.55
N LEU I 518 -70.72 12.17 -29.27
CA LEU I 518 -71.01 11.74 -30.64
C LEU I 518 -69.84 12.03 -31.57
N ARG I 519 -69.20 13.20 -31.40
CA ARG I 519 -68.01 13.50 -32.17
C ARG I 519 -66.87 12.54 -31.85
N PHE I 520 -66.85 12.00 -30.63
CA PHE I 520 -65.89 10.96 -30.29
C PHE I 520 -66.23 9.65 -31.00
N ARG I 521 -67.51 9.27 -31.00
CA ARG I 521 -67.94 7.99 -31.55
C ARG I 521 -67.94 7.97 -33.08
N SER I 522 -67.82 9.13 -33.74
CA SER I 522 -67.85 9.15 -35.20
C SER I 522 -66.75 8.27 -35.80
N GLY I 523 -65.52 8.40 -35.32
CA GLY I 523 -64.42 7.63 -35.88
C GLY I 523 -64.59 6.14 -35.65
N ILE I 524 -65.06 5.77 -34.47
CA ILE I 524 -65.28 4.35 -34.17
C ILE I 524 -66.37 3.78 -35.06
N SER I 525 -67.44 4.55 -35.29
CA SER I 525 -68.49 4.09 -36.19
C SER I 525 -67.97 3.90 -37.60
N GLY I 526 -67.15 4.84 -38.08
CA GLY I 526 -66.56 4.68 -39.41
C GLY I 526 -65.67 3.45 -39.51
N VAL I 527 -64.86 3.22 -38.48
CA VAL I 527 -63.99 2.04 -38.48
C VAL I 527 -64.81 0.77 -38.48
N LYS I 528 -65.92 0.75 -37.72
CA LYS I 528 -66.78 -0.43 -37.70
C LYS I 528 -67.42 -0.68 -39.06
N VAL I 529 -67.85 0.39 -39.74
CA VAL I 529 -68.43 0.23 -41.07
C VAL I 529 -67.40 -0.35 -42.04
N ALA I 530 -66.18 0.17 -41.99
CA ALA I 530 -65.13 -0.37 -42.84
C ALA I 530 -64.84 -1.83 -42.53
N GLU I 531 -64.82 -2.19 -41.23
CA GLU I 531 -64.57 -3.57 -40.85
C GLU I 531 -65.69 -4.49 -41.32
N TYR I 532 -66.93 -4.02 -41.28
CA TYR I 532 -68.02 -4.82 -41.84
C TYR I 532 -67.84 -5.01 -43.34
N PHE I 533 -67.49 -3.94 -44.05
CA PHE I 533 -67.36 -4.06 -45.50
C PHE I 533 -66.19 -4.94 -45.91
N ARG I 534 -65.17 -5.07 -45.05
CA ARG I 534 -64.05 -5.92 -45.41
C ARG I 534 -64.22 -7.36 -44.94
N ASN I 535 -64.63 -7.56 -43.69
CA ASN I 535 -64.68 -8.91 -43.14
C ASN I 535 -65.85 -9.71 -43.68
N ASN I 536 -67.01 -9.07 -43.82
CA ASN I 536 -68.22 -9.78 -44.27
C ASN I 536 -68.38 -9.81 -45.77
N LEU I 537 -67.85 -8.82 -46.51
CA LEU I 537 -68.02 -8.78 -47.95
C LEU I 537 -66.72 -8.92 -48.72
N GLY I 538 -65.57 -8.81 -48.06
CA GLY I 538 -64.30 -9.04 -48.73
C GLY I 538 -63.82 -7.90 -49.59
N LYS I 539 -64.48 -6.75 -49.56
CA LYS I 539 -64.13 -5.62 -50.42
C LYS I 539 -63.13 -4.72 -49.72
N SER I 540 -62.15 -4.24 -50.49
CA SER I 540 -61.19 -3.28 -49.97
C SER I 540 -61.86 -1.93 -49.75
N VAL I 541 -61.53 -1.29 -48.64
CA VAL I 541 -62.19 -0.07 -48.20
C VAL I 541 -61.15 1.05 -48.08
N LEU I 542 -61.57 2.27 -48.42
CA LEU I 542 -60.75 3.46 -48.22
C LEU I 542 -61.45 4.35 -47.20
N LEU I 543 -60.94 4.34 -45.96
CA LEU I 543 -61.57 5.04 -44.86
C LEU I 543 -61.01 6.46 -44.77
N PHE I 544 -61.91 7.44 -44.63
CA PHE I 544 -61.55 8.85 -44.59
C PHE I 544 -61.91 9.42 -43.23
N MET I 545 -60.96 10.13 -42.61
CA MET I 545 -61.17 10.76 -41.32
C MET I 545 -60.98 12.26 -41.45
N ASP I 546 -61.94 13.02 -40.94
CA ASP I 546 -61.86 14.49 -40.95
C ASP I 546 -62.78 14.99 -39.84
N ASN I 547 -62.20 15.47 -38.75
CA ASN I 547 -60.77 15.70 -38.60
C ASN I 547 -60.22 14.95 -37.38
N ILE I 548 -58.96 14.51 -37.45
CA ILE I 548 -58.35 13.79 -36.34
C ILE I 548 -58.17 14.72 -35.14
N PHE I 549 -57.74 15.97 -35.38
CA PHE I 549 -57.57 16.92 -34.29
C PHE I 549 -58.87 17.11 -33.52
N ARG I 550 -60.00 17.11 -34.22
CA ARG I 550 -61.28 17.26 -33.55
C ARG I 550 -61.66 16.01 -32.76
N TYR I 551 -61.25 14.84 -33.23
CA TYR I 551 -61.45 13.61 -32.45
C TYR I 551 -60.66 13.66 -31.15
N VAL I 552 -59.41 14.10 -31.22
CA VAL I 552 -58.59 14.26 -30.01
C VAL I 552 -59.22 15.30 -29.08
N GLN I 553 -59.69 16.41 -29.65
CA GLN I 553 -60.29 17.46 -28.84
C GLN I 553 -61.56 16.97 -28.15
N ALA I 554 -62.37 16.18 -28.86
CA ALA I 554 -63.58 15.63 -28.27
C ALA I 554 -63.25 14.67 -27.13
N GLY I 555 -62.24 13.82 -27.31
CA GLY I 555 -61.79 12.98 -26.21
C GLY I 555 -61.35 13.79 -25.01
N SER I 556 -60.60 14.87 -25.25
CA SER I 556 -60.15 15.74 -24.17
C SER I 556 -61.34 16.37 -23.45
N GLU I 557 -62.33 16.84 -24.21
CA GLU I 557 -63.52 17.45 -23.62
C GLU I 557 -64.26 16.45 -22.75
N ILE I 558 -64.44 15.23 -23.24
CA ILE I 558 -65.14 14.21 -22.46
C ILE I 558 -64.37 13.91 -21.18
N SER I 559 -63.06 13.75 -21.27
CA SER I 559 -62.26 13.44 -20.08
C SER I 559 -62.31 14.57 -19.07
N SER I 560 -62.28 15.82 -19.53
CA SER I 560 -62.36 16.95 -18.62
C SER I 560 -63.74 17.08 -17.99
N LEU I 561 -64.80 16.71 -18.73
CA LEU I 561 -66.15 16.81 -18.19
C LEU I 561 -66.40 15.78 -17.10
N LEU I 562 -65.72 14.64 -17.14
CA LEU I 562 -65.87 13.60 -16.14
C LEU I 562 -64.94 13.78 -14.95
N GLU I 563 -64.30 14.94 -14.83
CA GLU I 563 -63.48 15.29 -13.67
C GLU I 563 -62.26 14.38 -13.55
N LYS I 564 -61.48 14.33 -14.62
CA LYS I 564 -60.20 13.64 -14.65
C LYS I 564 -59.08 14.69 -14.75
N THR I 565 -58.01 14.46 -14.01
CA THR I 565 -56.93 15.45 -13.93
C THR I 565 -56.26 15.59 -15.29
N PRO I 566 -56.21 16.79 -15.86
CA PRO I 566 -55.64 16.95 -17.20
C PRO I 566 -54.13 16.72 -17.21
N SER I 567 -53.65 16.28 -18.37
CA SER I 567 -52.22 16.09 -18.61
C SER I 567 -51.64 17.38 -19.20
N ALA I 568 -50.45 17.30 -19.78
CA ALA I 568 -49.79 18.47 -20.34
C ALA I 568 -50.68 19.16 -21.37
N VAL I 569 -50.67 20.50 -21.33
CA VAL I 569 -51.44 21.35 -22.23
C VAL I 569 -52.93 21.05 -22.04
N GLY I 570 -53.29 20.60 -20.84
CA GLY I 570 -54.68 20.37 -20.53
C GLY I 570 -55.33 19.18 -21.21
N TYR I 571 -54.55 18.34 -21.89
CA TYR I 571 -55.11 17.20 -22.60
C TYR I 571 -55.45 16.08 -21.64
N GLN I 572 -56.14 15.07 -22.16
CA GLN I 572 -56.57 13.96 -21.34
C GLN I 572 -55.38 13.04 -21.01
N PRO I 573 -55.40 12.39 -19.86
CA PRO I 573 -54.32 11.43 -19.54
C PRO I 573 -54.24 10.29 -20.54
N THR I 574 -55.35 9.89 -21.13
CA THR I 574 -55.42 8.72 -22.01
C THR I 574 -55.40 9.11 -23.47
N LEU I 575 -54.65 10.15 -23.84
CA LEU I 575 -54.66 10.65 -25.21
C LEU I 575 -54.05 9.64 -26.17
N PHE I 576 -52.85 9.15 -25.85
CA PHE I 576 -52.15 8.22 -26.74
C PHE I 576 -52.86 6.88 -26.80
N SER I 577 -53.43 6.43 -25.67
CA SER I 577 -54.15 5.17 -25.68
C SER I 577 -55.42 5.27 -26.51
N GLU I 578 -56.12 6.41 -26.45
CA GLU I 578 -57.30 6.60 -27.30
C GLU I 578 -56.90 6.64 -28.77
N MET I 579 -55.80 7.31 -29.09
CA MET I 579 -55.31 7.31 -30.47
C MET I 579 -55.00 5.90 -30.94
N GLY I 580 -54.36 5.09 -30.08
CA GLY I 580 -54.11 3.71 -30.43
C GLY I 580 -55.39 2.92 -30.63
N GLN I 581 -56.37 3.12 -29.76
CA GLN I 581 -57.64 2.43 -29.88
C GLN I 581 -58.31 2.73 -31.22
N LEU I 582 -58.24 3.99 -31.67
CA LEU I 582 -58.80 4.32 -32.97
C LEU I 582 -57.97 3.71 -34.11
N GLN I 583 -56.66 3.86 -34.05
CA GLN I 583 -55.82 3.64 -35.22
C GLN I 583 -55.33 2.20 -35.39
N GLU I 584 -55.47 1.36 -34.37
CA GLU I 584 -54.96 0.00 -34.49
C GLU I 584 -55.93 -0.96 -35.18
N ARG I 585 -57.14 -0.52 -35.49
CA ARG I 585 -58.10 -1.33 -36.21
C ARG I 585 -58.05 -1.09 -37.71
N ILE I 586 -57.23 -0.16 -38.18
CA ILE I 586 -57.03 0.09 -39.59
C ILE I 586 -55.79 -0.72 -39.99
N ASN I 587 -56.01 -1.97 -40.41
CA ASN I 587 -54.91 -2.88 -40.71
C ASN I 587 -55.23 -3.62 -42.00
N SER I 588 -54.36 -4.57 -42.34
CA SER I 588 -54.48 -5.35 -43.56
C SER I 588 -54.46 -6.83 -43.23
N THR I 589 -55.47 -7.56 -43.71
CA THR I 589 -55.55 -9.00 -43.50
C THR I 589 -55.73 -9.72 -44.83
N LYS I 590 -56.01 -11.03 -44.78
CA LYS I 590 -56.20 -11.79 -46.00
C LYS I 590 -57.49 -11.41 -46.72
N ASP I 591 -58.53 -11.02 -45.97
CA ASP I 591 -59.81 -10.67 -46.58
C ASP I 591 -59.68 -9.44 -47.47
N GLY I 592 -58.93 -8.44 -47.01
CA GLY I 592 -58.73 -7.24 -47.79
C GLY I 592 -57.93 -6.23 -47.00
N ASP I 593 -57.71 -5.08 -47.63
CA ASP I 593 -56.93 -4.00 -47.03
C ASP I 593 -57.85 -2.82 -46.73
N ILE I 594 -57.73 -2.27 -45.54
CA ILE I 594 -58.40 -1.04 -45.15
C ILE I 594 -57.33 0.04 -45.10
N THR I 595 -57.23 0.84 -46.16
CA THR I 595 -56.29 1.95 -46.21
C THR I 595 -57.01 3.24 -45.86
N SER I 596 -56.38 4.07 -45.04
CA SER I 596 -57.02 5.22 -44.43
C SER I 596 -56.28 6.50 -44.78
N ILE I 597 -57.02 7.50 -45.24
CA ILE I 597 -56.50 8.84 -45.47
C ILE I 597 -57.10 9.75 -44.39
N GLN I 598 -56.24 10.35 -43.58
CA GLN I 598 -56.67 11.12 -42.41
C GLN I 598 -56.16 12.54 -42.54
N ALA I 599 -57.06 13.51 -42.48
CA ALA I 599 -56.71 14.92 -42.53
C ALA I 599 -56.64 15.48 -41.11
N MET I 600 -55.54 16.14 -40.79
CA MET I 600 -55.33 16.71 -39.47
C MET I 600 -55.11 18.22 -39.57
N TYR I 601 -55.61 18.94 -38.57
CA TYR I 601 -55.35 20.36 -38.41
C TYR I 601 -54.27 20.54 -37.36
N ILE I 602 -53.21 21.27 -37.72
CA ILE I 602 -52.12 21.58 -36.80
C ILE I 602 -52.36 22.98 -36.26
N PRO I 603 -52.69 23.15 -34.98
CA PRO I 603 -53.04 24.49 -34.46
C PRO I 603 -51.80 25.34 -34.30
N ALA I 604 -51.80 26.50 -34.96
CA ALA I 604 -50.71 27.48 -34.92
C ALA I 604 -49.41 26.90 -35.46
N ASP I 605 -49.49 25.86 -36.28
CA ASP I 605 -48.31 25.22 -36.88
C ASP I 605 -47.32 24.74 -35.81
N ASP I 606 -47.85 24.18 -34.74
CA ASP I 606 -47.04 23.63 -33.65
C ASP I 606 -47.02 22.11 -33.78
N PHE I 607 -45.99 21.59 -34.44
CA PHE I 607 -45.83 20.15 -34.62
C PHE I 607 -45.43 19.44 -33.33
N THR I 608 -45.10 20.18 -32.28
CA THR I 608 -44.80 19.61 -30.97
C THR I 608 -46.01 19.55 -30.07
N ASP I 609 -47.19 19.89 -30.57
CA ASP I 609 -48.42 19.74 -29.79
C ASP I 609 -48.65 18.26 -29.50
N PRO I 610 -49.17 17.92 -28.31
CA PRO I 610 -49.37 16.49 -28.00
C PRO I 610 -50.26 15.77 -28.99
N ALA I 611 -51.31 16.41 -29.50
CA ALA I 611 -52.19 15.77 -30.47
C ALA I 611 -51.44 15.46 -31.76
N ALA I 612 -50.65 16.41 -32.23
CA ALA I 612 -49.86 16.19 -33.44
C ALA I 612 -48.86 15.06 -33.26
N VAL I 613 -48.21 15.00 -32.09
CA VAL I 613 -47.26 13.93 -31.81
C VAL I 613 -47.96 12.58 -31.81
N ALA I 614 -49.13 12.51 -31.14
CA ALA I 614 -49.86 11.26 -31.08
C ALA I 614 -50.28 10.78 -32.46
N ALA I 615 -50.75 11.70 -33.31
CA ALA I 615 -51.13 11.31 -34.66
C ALA I 615 -49.93 10.91 -35.49
N PHE I 616 -48.81 11.64 -35.34
CA PHE I 616 -47.60 11.31 -36.08
C PHE I 616 -47.03 9.96 -35.66
N ALA I 617 -47.38 9.47 -34.47
CA ALA I 617 -46.95 8.15 -34.06
C ALA I 617 -47.51 7.04 -34.95
N HIS I 618 -48.56 7.32 -35.72
CA HIS I 618 -49.24 6.29 -36.50
C HIS I 618 -49.20 6.51 -38.00
N PHE I 619 -48.88 7.70 -38.48
CA PHE I 619 -48.94 7.99 -39.92
C PHE I 619 -47.79 7.29 -40.64
N ASP I 620 -48.12 6.40 -41.57
CA ASP I 620 -47.10 5.79 -42.41
C ASP I 620 -46.62 6.72 -43.51
N SER I 621 -47.48 7.65 -43.96
CA SER I 621 -47.08 8.67 -44.92
C SER I 621 -47.67 10.00 -44.50
N THR I 622 -47.01 11.09 -44.91
CA THR I 622 -47.50 12.43 -44.61
C THR I 622 -47.50 13.28 -45.88
N ILE I 623 -48.59 13.98 -46.12
CA ILE I 623 -48.74 14.91 -47.23
C ILE I 623 -49.00 16.28 -46.63
N ILE I 624 -48.04 17.20 -46.79
CA ILE I 624 -48.14 18.53 -46.20
C ILE I 624 -48.47 19.52 -47.30
N LEU I 625 -49.63 20.17 -47.17
CA LEU I 625 -50.06 21.18 -48.13
C LEU I 625 -49.59 22.55 -47.68
N SER I 626 -49.06 23.32 -48.63
CA SER I 626 -48.40 24.59 -48.35
C SER I 626 -49.26 25.76 -48.82
N ARG I 627 -49.45 26.74 -47.95
CA ARG I 627 -50.19 27.94 -48.32
C ARG I 627 -49.40 28.80 -49.29
N GLN I 628 -48.07 28.78 -49.20
CA GLN I 628 -47.25 29.56 -50.12
C GLN I 628 -47.40 29.08 -51.56
N LEU I 629 -47.38 27.76 -51.75
CA LEU I 629 -47.58 27.21 -53.10
C LEU I 629 -48.98 27.51 -53.60
N ALA I 630 -49.98 27.42 -52.73
CA ALA I 630 -51.35 27.75 -53.13
C ALA I 630 -51.46 29.20 -53.57
N ALA I 631 -50.80 30.11 -52.85
CA ALA I 631 -50.77 31.51 -53.28
C ALA I 631 -50.05 31.66 -54.60
N GLU I 632 -48.98 30.89 -54.81
CA GLU I 632 -48.21 30.98 -56.06
C GLU I 632 -49.02 30.52 -57.27
N GLY I 633 -50.14 29.83 -57.06
CA GLY I 633 -50.87 29.25 -58.16
C GLY I 633 -50.48 27.84 -58.51
N VAL I 634 -49.77 27.15 -57.63
CA VAL I 634 -49.33 25.78 -57.86
C VAL I 634 -50.33 24.86 -57.19
N TYR I 635 -50.98 24.01 -57.98
CA TYR I 635 -51.95 23.06 -57.48
C TYR I 635 -51.60 21.66 -57.99
N PRO I 636 -51.87 20.61 -57.22
CA PRO I 636 -52.63 20.53 -55.96
C PRO I 636 -51.93 21.02 -54.69
N ALA I 637 -50.88 21.82 -54.82
CA ALA I 637 -50.29 22.56 -53.69
C ALA I 637 -49.80 21.60 -52.60
N ILE I 638 -48.94 20.66 -53.01
CA ILE I 638 -48.30 19.73 -52.09
C ILE I 638 -46.82 20.04 -52.09
N ASP I 639 -46.28 20.34 -50.92
CA ASP I 639 -44.85 20.65 -50.81
C ASP I 639 -44.04 19.37 -50.93
N PRO I 640 -43.21 19.21 -51.95
CA PRO I 640 -42.48 17.95 -52.14
C PRO I 640 -41.18 17.86 -51.35
N LEU I 641 -40.84 18.88 -50.56
CA LEU I 641 -39.59 18.88 -49.81
C LEU I 641 -39.77 18.35 -48.39
N GLU I 642 -40.65 18.99 -47.60
CA GLU I 642 -40.81 18.60 -46.21
C GLU I 642 -41.74 17.41 -46.02
N SER I 643 -42.51 17.03 -47.05
CA SER I 643 -43.30 15.82 -46.99
C SER I 643 -42.42 14.60 -47.25
N ASN I 644 -42.83 13.46 -46.70
CA ASN I 644 -42.12 12.21 -46.92
C ASN I 644 -43.08 11.05 -46.81
N SER I 645 -42.60 9.88 -47.24
CA SER I 645 -43.35 8.64 -47.14
C SER I 645 -42.38 7.50 -46.86
N LYS I 646 -42.83 6.54 -46.06
CA LYS I 646 -41.99 5.39 -45.71
C LYS I 646 -42.03 4.29 -46.75
N MET I 647 -42.93 4.38 -47.74
CA MET I 647 -42.98 3.40 -48.81
C MET I 647 -42.00 3.68 -49.94
N LEU I 648 -41.34 4.84 -49.92
CA LEU I 648 -40.28 5.15 -50.86
C LEU I 648 -39.01 4.46 -50.40
N SER I 649 -38.90 3.19 -50.74
CA SER I 649 -37.78 2.37 -50.32
C SER I 649 -37.62 1.21 -51.29
N ILE I 650 -36.46 0.56 -51.23
CA ILE I 650 -36.16 -0.54 -52.14
C ILE I 650 -37.11 -1.71 -51.94
N LYS I 651 -37.70 -1.84 -50.74
CA LYS I 651 -38.58 -2.97 -50.47
C LYS I 651 -39.88 -2.92 -51.26
N TYR I 652 -40.27 -1.74 -51.76
CA TYR I 652 -41.57 -1.59 -52.40
C TYR I 652 -41.54 -0.98 -53.79
N THR I 653 -40.45 -0.33 -54.19
CA THR I 653 -40.40 0.35 -55.48
C THR I 653 -39.15 -0.06 -56.24
N SER I 654 -39.22 0.10 -57.56
CA SER I 654 -38.07 -0.14 -58.42
C SER I 654 -36.97 0.88 -58.13
N ARG I 655 -35.72 0.45 -58.32
CA ARG I 655 -34.60 1.37 -58.09
C ARG I 655 -34.65 2.55 -59.04
N GLU I 656 -35.26 2.39 -60.22
CA GLU I 656 -35.46 3.52 -61.11
C GLU I 656 -36.34 4.58 -60.44
N HIS I 657 -37.44 4.17 -59.83
CA HIS I 657 -38.32 5.10 -59.13
C HIS I 657 -37.59 5.77 -57.97
N LEU I 658 -36.82 4.99 -57.21
CA LEU I 658 -36.08 5.55 -56.07
C LEU I 658 -35.08 6.60 -56.53
N ASP I 659 -34.32 6.30 -57.57
CA ASP I 659 -33.32 7.25 -58.05
C ASP I 659 -33.98 8.48 -58.65
N ILE I 660 -35.10 8.31 -59.37
CA ILE I 660 -35.81 9.46 -59.92
C ILE I 660 -36.32 10.36 -58.81
N ALA I 661 -36.90 9.78 -57.76
CA ALA I 661 -37.41 10.57 -56.65
C ALA I 661 -36.29 11.30 -55.94
N LYS I 662 -35.17 10.63 -55.69
CA LYS I 662 -34.04 11.27 -55.01
C LYS I 662 -33.48 12.42 -55.84
N LYS I 663 -33.31 12.20 -57.16
CA LYS I 663 -32.81 13.26 -58.02
C LYS I 663 -33.77 14.43 -58.06
N THR I 664 -35.08 14.15 -58.12
CA THR I 664 -36.06 15.23 -58.15
C THR I 664 -36.01 16.06 -56.88
N VAL I 665 -35.94 15.40 -55.72
CA VAL I 665 -35.90 16.13 -54.46
C VAL I 665 -34.62 16.97 -54.36
N GLN I 666 -33.48 16.39 -54.73
CA GLN I 666 -32.23 17.14 -54.68
C GLN I 666 -32.25 18.34 -55.64
N THR I 667 -32.78 18.13 -56.85
CA THR I 667 -32.86 19.22 -57.82
C THR I 667 -33.77 20.34 -57.31
N LEU I 668 -34.91 19.98 -56.73
CA LEU I 668 -35.83 21.00 -56.23
C LEU I 668 -35.21 21.77 -55.07
N GLU I 669 -34.51 21.07 -54.17
CA GLU I 669 -33.86 21.76 -53.06
C GLU I 669 -32.77 22.70 -53.55
N LYS I 670 -31.96 22.26 -54.51
CA LYS I 670 -30.91 23.13 -55.04
C LYS I 670 -31.51 24.34 -55.75
N THR I 671 -32.60 24.13 -56.50
CA THR I 671 -33.27 25.25 -57.17
C THR I 671 -33.81 26.25 -56.16
N LYS I 672 -34.40 25.76 -55.07
CA LYS I 672 -34.91 26.64 -54.03
C LYS I 672 -33.77 27.43 -53.40
N THR I 673 -32.62 26.78 -53.17
CA THR I 673 -31.47 27.49 -52.60
C THR I 673 -30.97 28.57 -53.57
N LEU I 674 -30.92 28.26 -54.86
CA LEU I 674 -30.41 29.22 -55.85
C LEU I 674 -31.39 30.34 -56.14
N GLU I 675 -32.68 30.15 -55.87
CA GLU I 675 -33.65 31.20 -56.16
C GLU I 675 -33.42 32.45 -55.32
N ASP I 676 -32.92 32.30 -54.09
CA ASP I 676 -32.61 33.48 -53.29
C ASP I 676 -31.48 34.29 -53.91
N ILE I 677 -30.43 33.60 -54.38
CA ILE I 677 -29.35 34.27 -55.08
C ILE I 677 -29.87 34.95 -56.34
N ILE I 678 -30.80 34.30 -57.04
CA ILE I 678 -31.42 34.90 -58.20
C ILE I 678 -32.13 36.20 -57.83
N ASN I 679 -32.90 36.15 -56.73
CA ASN I 679 -33.69 37.31 -56.32
C ASN I 679 -32.80 38.46 -55.89
N ILE I 680 -31.67 38.17 -55.26
CA ILE I 680 -30.81 39.23 -54.72
C ILE I 680 -29.75 39.66 -55.73
N LEU I 681 -29.00 38.71 -56.28
CA LEU I 681 -27.86 39.06 -57.13
C LEU I 681 -28.26 39.21 -58.61
N GLY I 682 -29.01 38.25 -59.14
CA GLY I 682 -29.41 38.33 -60.53
C GLY I 682 -29.15 37.05 -61.30
N PHE I 683 -29.80 36.90 -62.45
CA PHE I 683 -29.64 35.67 -63.23
C PHE I 683 -28.25 35.55 -63.84
N ASP I 684 -27.56 36.66 -64.05
CA ASP I 684 -26.22 36.65 -64.63
C ASP I 684 -25.12 36.48 -63.59
N ALA I 685 -25.48 36.33 -62.32
CA ALA I 685 -24.50 36.11 -61.26
C ALA I 685 -24.26 34.64 -60.96
N LEU I 686 -24.90 33.73 -61.70
CA LEU I 686 -24.72 32.30 -61.49
C LEU I 686 -23.80 31.72 -62.56
N SER I 687 -23.34 30.50 -62.28
CA SER I 687 -22.55 29.74 -63.25
C SER I 687 -23.49 29.08 -64.26
N GLU I 688 -22.88 28.55 -65.33
CA GLU I 688 -23.66 27.85 -66.35
C GLU I 688 -24.35 26.62 -65.77
N ASP I 689 -23.62 25.84 -64.96
CA ASP I 689 -24.21 24.66 -64.34
C ASP I 689 -25.37 25.05 -63.43
N ASP I 690 -25.20 26.11 -62.65
CA ASP I 690 -26.27 26.55 -61.76
C ASP I 690 -27.46 27.06 -62.54
N LYS I 691 -27.22 27.75 -63.67
CA LYS I 691 -28.33 28.15 -64.54
C LYS I 691 -29.10 26.94 -65.05
N LYS I 692 -28.38 25.91 -65.50
CA LYS I 692 -29.04 24.70 -65.98
C LYS I 692 -29.85 24.04 -64.88
N VAL I 693 -29.28 23.97 -63.67
CA VAL I 693 -29.98 23.37 -62.55
C VAL I 693 -31.24 24.16 -62.22
N VAL I 694 -31.16 25.48 -62.25
CA VAL I 694 -32.32 26.33 -61.97
C VAL I 694 -33.41 26.08 -62.99
N GLU I 695 -33.05 26.01 -64.27
CA GLU I 695 -34.06 25.80 -65.31
C GLU I 695 -34.70 24.42 -65.18
N VAL I 696 -33.89 23.39 -64.94
CA VAL I 696 -34.43 22.04 -64.77
C VAL I 696 -35.35 21.98 -63.56
N GLY I 697 -34.96 22.67 -62.47
CA GLY I 697 -35.80 22.67 -61.28
C GLY I 697 -37.11 23.39 -61.48
N ARG I 698 -37.09 24.50 -62.22
CA ARG I 698 -38.35 25.19 -62.54
C ARG I 698 -39.26 24.32 -63.38
N ARG I 699 -38.70 23.64 -64.38
CA ARG I 699 -39.50 22.72 -65.20
C ARG I 699 -40.09 21.61 -64.33
N LEU I 700 -39.29 21.04 -63.43
CA LEU I 700 -39.79 19.98 -62.56
C LEU I 700 -40.89 20.49 -61.64
N LYS I 701 -40.71 21.68 -61.07
CA LYS I 701 -41.72 22.24 -60.18
C LYS I 701 -43.04 22.44 -60.90
N TRP I 702 -43.01 22.99 -62.11
CA TRP I 702 -44.27 23.26 -62.79
C TRP I 702 -44.85 22.02 -63.45
N PHE I 703 -44.05 20.98 -63.69
CA PHE I 703 -44.60 19.76 -64.26
C PHE I 703 -45.47 19.01 -63.26
N LEU I 704 -45.16 19.13 -61.96
CA LEU I 704 -45.89 18.41 -60.93
C LEU I 704 -47.29 18.95 -60.72
N THR I 705 -47.61 20.11 -61.30
CA THR I 705 -48.99 20.58 -61.27
C THR I 705 -49.87 19.73 -62.19
N GLN I 706 -51.13 19.57 -61.79
CA GLN I 706 -52.04 18.68 -62.48
C GLN I 706 -53.47 19.19 -62.38
N PRO I 707 -54.24 19.16 -63.47
CA PRO I 707 -55.67 19.47 -63.36
C PRO I 707 -56.48 18.24 -62.98
N PHE I 708 -57.33 18.37 -61.97
CA PHE I 708 -58.08 17.24 -61.46
C PHE I 708 -59.39 17.04 -62.23
N VAL I 709 -59.83 15.79 -62.28
CA VAL I 709 -61.06 15.46 -63.00
C VAL I 709 -62.26 16.13 -62.34
N VAL I 710 -62.39 15.98 -61.03
CA VAL I 710 -63.59 16.39 -60.31
C VAL I 710 -63.72 17.90 -60.28
N ALA I 711 -62.76 18.59 -60.90
CA ALA I 711 -62.74 20.04 -60.95
C ALA I 711 -63.03 20.61 -62.34
N GLU I 712 -63.17 19.76 -63.36
CA GLU I 712 -63.32 20.30 -64.71
C GLU I 712 -64.61 21.09 -64.89
N LYS I 713 -65.57 20.96 -63.97
CA LYS I 713 -66.76 21.80 -64.02
C LYS I 713 -66.39 23.27 -63.85
N PHE I 714 -65.41 23.56 -63.00
CA PHE I 714 -65.00 24.93 -62.74
C PHE I 714 -63.88 25.39 -63.68
N SER I 715 -62.80 24.61 -63.76
CA SER I 715 -61.67 24.98 -64.61
C SER I 715 -62.05 24.97 -66.09
N GLY I 716 -63.06 24.18 -66.47
CA GLY I 716 -63.45 24.10 -67.85
C GLY I 716 -62.48 23.36 -68.75
N VAL I 717 -61.48 22.70 -68.17
CA VAL I 717 -60.50 21.93 -68.94
C VAL I 717 -60.55 20.49 -68.42
N PRO I 718 -60.56 19.49 -69.30
CA PRO I 718 -60.67 18.10 -68.82
C PRO I 718 -59.53 17.73 -67.88
N GLY I 719 -59.88 16.99 -66.83
CA GLY I 719 -58.89 16.51 -65.89
C GLY I 719 -58.11 15.32 -66.41
N LYS I 720 -57.08 14.97 -65.68
CA LYS I 720 -56.14 13.93 -66.10
C LYS I 720 -55.96 12.91 -64.99
N PHE I 721 -55.54 11.71 -65.39
CA PHE I 721 -55.21 10.63 -64.46
C PHE I 721 -53.91 10.01 -64.99
N VAL I 722 -52.79 10.49 -64.46
CA VAL I 722 -51.47 10.08 -64.94
C VAL I 722 -51.08 8.78 -64.25
N ARG I 723 -50.83 7.75 -65.04
CA ARG I 723 -50.34 6.50 -64.49
C ARG I 723 -48.90 6.67 -64.00
N LEU I 724 -48.51 5.80 -63.07
CA LEU I 724 -47.22 5.96 -62.40
C LEU I 724 -46.07 5.89 -63.39
N LYS I 725 -46.11 4.93 -64.31
CA LYS I 725 -45.02 4.77 -65.27
C LYS I 725 -44.89 5.99 -66.19
N ASP I 726 -46.03 6.55 -66.61
CA ASP I 726 -45.99 7.70 -67.50
C ASP I 726 -45.39 8.91 -66.78
N SER I 727 -45.80 9.15 -65.53
CA SER I 727 -45.22 10.25 -64.76
C SER I 727 -43.74 10.03 -64.50
N LEU I 728 -43.34 8.79 -64.22
CA LEU I 728 -41.94 8.48 -64.00
C LEU I 728 -41.12 8.79 -65.26
N LYS I 729 -41.62 8.37 -66.42
CA LYS I 729 -40.91 8.64 -67.66
C LYS I 729 -40.86 10.14 -67.96
N GLY I 730 -41.95 10.85 -67.68
CA GLY I 730 -41.94 12.29 -67.89
C GLY I 730 -40.92 13.00 -67.02
N ILE I 731 -40.85 12.64 -65.75
CA ILE I 731 -39.86 13.24 -64.86
C ILE I 731 -38.46 12.85 -65.29
N LYS I 732 -38.28 11.62 -65.76
CA LYS I 732 -36.95 11.19 -66.23
C LYS I 732 -36.51 12.02 -67.43
N THR I 733 -37.40 12.25 -68.38
CA THR I 733 -37.06 13.06 -69.55
C THR I 733 -36.80 14.51 -69.16
N ILE I 734 -37.60 15.06 -68.23
CA ILE I 734 -37.39 16.44 -67.82
C ILE I 734 -36.07 16.60 -67.09
N LEU I 735 -35.70 15.60 -66.28
CA LEU I 735 -34.43 15.65 -65.56
C LEU I 735 -33.25 15.70 -66.51
N ASP I 736 -33.36 15.07 -67.67
CA ASP I 736 -32.28 15.02 -68.64
C ASP I 736 -32.08 16.33 -69.39
N GLY I 737 -32.97 17.31 -69.21
CA GLY I 737 -32.88 18.55 -69.96
C GLY I 737 -33.35 18.47 -71.39
N ASP I 738 -34.02 17.37 -71.78
CA ASP I 738 -34.44 17.17 -73.14
C ASP I 738 -35.51 18.15 -73.60
N LEU I 739 -36.11 18.90 -72.68
CA LEU I 739 -37.13 19.89 -73.02
C LEU I 739 -36.78 21.28 -72.52
N ASN I 740 -35.51 21.54 -72.22
CA ASN I 740 -35.13 22.84 -71.69
C ASN I 740 -35.32 23.96 -72.71
N HIS I 741 -35.46 23.64 -73.99
CA HIS I 741 -35.71 24.67 -74.99
C HIS I 741 -37.15 25.17 -74.94
N ILE I 742 -38.09 24.33 -74.53
CA ILE I 742 -39.49 24.75 -74.40
C ILE I 742 -39.60 25.77 -73.27
N PRO I 743 -40.36 26.85 -73.45
CA PRO I 743 -40.61 27.77 -72.33
C PRO I 743 -41.36 27.08 -71.20
N VAL I 744 -41.08 27.52 -69.97
CA VAL I 744 -41.69 26.90 -68.80
C VAL I 744 -43.19 27.06 -68.78
N SER I 745 -43.72 28.09 -69.45
CA SER I 745 -45.16 28.35 -69.42
C SER I 745 -45.99 27.22 -70.04
N TYR I 746 -45.37 26.36 -70.84
CA TYR I 746 -46.07 25.23 -71.43
C TYR I 746 -46.13 24.02 -70.51
N PHE I 747 -45.50 24.09 -69.34
CA PHE I 747 -45.47 22.97 -68.40
C PHE I 747 -46.57 23.07 -67.34
N SER I 748 -47.40 24.10 -67.38
CA SER I 748 -48.34 24.37 -66.30
C SER I 748 -49.65 23.64 -66.55
N PHE I 749 -50.05 22.79 -65.60
CA PHE I 749 -51.32 22.09 -65.62
C PHE I 749 -51.49 21.26 -66.89
N VAL I 750 -50.60 20.28 -67.05
CA VAL I 750 -50.62 19.37 -68.19
C VAL I 750 -50.74 17.95 -67.67
N GLY I 751 -51.06 17.04 -68.58
CA GLY I 751 -51.15 15.64 -68.23
C GLY I 751 -49.80 14.94 -68.23
N VAL I 752 -49.15 14.88 -69.40
CA VAL I 752 -47.93 14.09 -69.57
C VAL I 752 -46.93 14.92 -70.38
N VAL I 753 -45.71 14.40 -70.47
CA VAL I 753 -44.64 15.09 -71.20
C VAL I 753 -44.95 15.13 -72.69
N GLU I 754 -45.57 14.07 -73.21
CA GLU I 754 -45.94 14.05 -74.63
C GLU I 754 -46.86 15.21 -74.97
N GLU I 755 -47.77 15.57 -74.06
CA GLU I 755 -48.64 16.70 -74.31
C GLU I 755 -47.86 18.00 -74.41
N ILE I 756 -46.85 18.17 -73.54
CA ILE I 756 -45.99 19.35 -73.61
C ILE I 756 -45.28 19.41 -74.96
N ILE I 757 -44.69 18.29 -75.37
CA ILE I 757 -43.94 18.26 -76.63
C ILE I 757 -44.86 18.58 -77.80
N GLU I 758 -46.03 17.96 -77.82
CA GLU I 758 -46.97 18.17 -78.93
C GLU I 758 -47.46 19.61 -78.97
N LYS I 759 -47.78 20.20 -77.81
CA LYS I 759 -48.25 21.57 -77.78
C LYS I 759 -47.16 22.53 -78.23
N PHE I 760 -45.92 22.29 -77.81
CA PHE I 760 -44.82 23.15 -78.25
C PHE I 760 -44.60 23.04 -79.75
N ASN I 761 -44.63 21.82 -80.29
CA ASN I 761 -44.47 21.66 -81.73
C ASN I 761 -45.59 22.35 -82.48
N LEU I 762 -46.83 22.19 -82.01
CA LEU I 762 -47.97 22.80 -82.68
C LEU I 762 -47.80 24.32 -82.70
N ASP I 763 -47.66 24.92 -81.51
CA ASP I 763 -47.53 26.36 -81.41
C ASP I 763 -46.42 26.88 -82.31
N ALA I 764 -45.22 26.31 -82.23
CA ALA I 764 -44.11 26.80 -83.02
C ALA I 764 -44.38 26.66 -84.50
N LYS I 765 -44.86 25.49 -84.93
CA LYS I 765 -45.20 25.28 -86.33
C LYS I 765 -46.15 26.35 -86.84
N LYS I 766 -47.23 26.58 -86.10
CA LYS I 766 -48.24 27.55 -86.52
C LYS I 766 -47.67 28.96 -86.57
N GLU I 767 -46.87 29.33 -85.56
CA GLU I 767 -46.06 30.55 -85.62
C GLU I 767 -45.33 30.67 -86.95
N ALA I 768 -44.51 29.67 -87.28
CA ALA I 768 -43.73 29.71 -88.52
C ALA I 768 -44.63 29.73 -89.75
N LEU I 769 -45.76 29.02 -89.70
CA LEU I 769 -46.68 29.01 -90.83
C LEU I 769 -47.15 30.41 -91.18
N LYS I 770 -47.57 31.18 -90.17
CA LYS I 770 -47.97 32.56 -90.41
C LYS I 770 -46.81 33.39 -90.95
N ASN I 771 -45.67 33.34 -90.26
CA ASN I 771 -44.45 34.07 -90.65
C ASN I 771 -44.16 34.04 -92.14
N LYS J 125 50.86 10.22 75.26
CA LYS J 125 52.22 10.52 74.81
C LYS J 125 52.79 9.36 74.01
N ILE J 126 52.12 8.21 74.07
CA ILE J 126 52.56 7.05 73.30
C ILE J 126 52.46 7.34 71.81
N ILE J 127 51.33 7.88 71.38
CA ILE J 127 51.08 8.19 69.97
C ILE J 127 51.30 9.69 69.78
N SER J 128 52.20 10.03 68.86
CA SER J 128 52.45 11.43 68.57
C SER J 128 51.29 12.06 67.82
N GLU J 129 51.18 13.39 67.93
CA GLU J 129 50.09 14.09 67.27
C GLU J 129 50.17 13.99 65.76
N GLU J 130 51.39 14.02 65.21
CA GLU J 130 51.58 13.90 63.77
C GLU J 130 51.07 12.55 63.25
N LYS J 131 51.40 11.47 63.96
CA LYS J 131 50.91 10.15 63.58
C LYS J 131 49.39 10.05 63.74
N GLU J 132 48.84 10.71 64.75
CA GLU J 132 47.39 10.73 64.91
C GLU J 132 46.72 11.46 63.74
N ILE J 133 47.32 12.55 63.27
CA ILE J 133 46.80 13.25 62.11
C ILE J 133 46.85 12.35 60.88
N LEU J 134 47.95 11.63 60.70
CA LEU J 134 48.05 10.72 59.57
C LEU J 134 47.01 9.61 59.64
N HIS J 135 46.78 9.07 60.84
CA HIS J 135 45.75 8.05 61.01
C HIS J 135 44.37 8.61 60.70
N LEU J 136 44.10 9.84 61.16
CA LEU J 136 42.82 10.48 60.83
C LEU J 136 42.65 10.66 59.34
N ILE J 137 43.71 11.06 58.64
CA ILE J 137 43.63 11.25 57.20
C ILE J 137 43.33 9.92 56.52
N GLU J 138 44.02 8.85 56.93
CA GLU J 138 43.81 7.54 56.33
C GLU J 138 42.40 7.03 56.59
N GLN J 139 41.90 7.22 57.82
CA GLN J 139 40.56 6.76 58.15
C GLN J 139 39.50 7.54 57.38
N SER J 140 39.72 8.85 57.21
CA SER J 140 38.79 9.64 56.40
C SER J 140 38.81 9.19 54.94
N LYS J 141 39.99 8.88 54.41
CA LYS J 141 40.07 8.37 53.04
C LYS J 141 39.31 7.05 52.91
N ARG J 142 39.47 6.17 53.89
CA ARG J 142 38.76 4.88 53.85
C ARG J 142 37.25 5.09 53.95
N ASP J 143 36.81 5.99 54.82
CA ASP J 143 35.38 6.25 54.96
C ASP J 143 34.78 6.88 53.71
N ARG J 144 35.57 7.69 53.00
CA ARG J 144 35.07 8.28 51.75
C ARG J 144 35.03 7.25 50.63
N ASP J 145 36.07 6.41 50.52
CA ASP J 145 36.16 5.48 49.40
C ASP J 145 35.09 4.40 49.50
N PHE J 146 34.97 3.77 50.66
CA PHE J 146 34.02 2.68 50.88
C PHE J 146 33.00 3.13 51.90
N ILE J 147 31.73 3.13 51.50
CA ILE J 147 30.64 3.66 52.32
C ILE J 147 29.74 2.51 52.73
N ASP J 148 29.49 2.40 54.03
CA ASP J 148 28.65 1.33 54.57
C ASP J 148 27.20 1.77 54.73
N ASN J 149 26.98 3.02 55.13
CA ASN J 149 25.64 3.56 55.35
C ASN J 149 25.24 4.35 54.12
N PHE J 150 24.16 3.93 53.46
CA PHE J 150 23.74 4.54 52.20
C PHE J 150 23.19 5.95 52.39
N SER J 151 22.96 6.38 53.63
CA SER J 151 22.55 7.75 53.90
C SER J 151 23.70 8.74 53.83
N LYS J 152 24.89 8.29 53.42
CA LYS J 152 26.07 9.14 53.31
C LYS J 152 26.43 9.44 51.86
N ILE J 153 25.55 9.16 50.91
CA ILE J 153 25.79 9.41 49.49
C ILE J 153 24.89 10.55 49.04
N LEU J 154 25.46 11.48 48.30
CA LEU J 154 24.74 12.69 47.91
C LEU J 154 23.56 12.35 46.98
N GLU J 155 22.42 12.97 47.25
CA GLU J 155 21.20 12.75 46.48
C GLU J 155 20.74 14.05 45.86
N GLU J 156 20.36 13.99 44.58
CA GLU J 156 19.81 15.15 43.89
C GLU J 156 18.33 15.27 44.18
N LYS J 157 17.91 16.46 44.60
CA LYS J 157 16.52 16.70 45.00
C LYS J 157 15.69 17.10 43.79
N ASN J 158 14.52 16.48 43.65
CA ASN J 158 13.63 16.79 42.55
C ASN J 158 13.03 18.18 42.72
N LEU J 159 12.92 18.91 41.61
CA LEU J 159 12.36 20.25 41.63
C LEU J 159 11.37 20.45 40.48
N GLU J 213 -8.82 31.90 46.63
CA GLU J 213 -8.08 31.05 45.70
C GLU J 213 -6.74 31.67 45.32
N GLU J 214 -6.73 33.00 45.16
CA GLU J 214 -5.51 33.68 44.80
C GLU J 214 -4.55 33.79 45.97
N ILE J 215 -5.05 34.12 47.16
CA ILE J 215 -4.17 34.34 48.31
C ILE J 215 -3.59 33.01 48.79
N ILE J 216 -4.39 31.94 48.81
CA ILE J 216 -3.88 30.64 49.22
C ILE J 216 -2.84 30.15 48.21
N HIS J 217 -3.08 30.39 46.92
CA HIS J 217 -2.10 30.04 45.90
C HIS J 217 -0.79 30.80 46.09
N ASN J 218 -0.90 32.10 46.40
CA ASN J 218 0.31 32.89 46.63
C ASN J 218 1.06 32.40 47.86
N LEU J 219 0.33 32.03 48.92
CA LEU J 219 0.96 31.49 50.11
C LEU J 219 1.69 30.19 49.82
N LEU J 220 1.03 29.28 49.11
CA LEU J 220 1.50 27.91 48.98
C LEU J 220 2.41 27.69 47.76
N PHE J 221 2.55 28.67 46.88
CA PHE J 221 3.34 28.50 45.67
C PHE J 221 4.46 29.51 45.49
N LYS J 222 4.52 30.57 46.31
CA LYS J 222 5.59 31.55 46.16
C LYS J 222 6.94 30.92 46.48
N LEU J 223 7.90 31.10 45.57
CA LEU J 223 9.23 30.51 45.69
C LEU J 223 10.27 31.61 45.73
N TYR J 224 11.18 31.53 46.69
CA TYR J 224 12.23 32.52 46.87
C TYR J 224 13.59 31.89 46.57
N SER J 225 14.49 32.70 46.02
CA SER J 225 15.85 32.24 45.78
C SER J 225 16.68 32.39 47.05
N VAL J 226 17.79 31.66 47.10
CA VAL J 226 18.66 31.73 48.26
C VAL J 226 19.31 33.11 48.37
N GLU J 227 19.64 33.72 47.24
CA GLU J 227 20.11 35.10 47.25
C GLU J 227 19.01 36.05 47.69
N GLN J 228 17.78 35.81 47.24
CA GLN J 228 16.65 36.65 47.65
C GLN J 228 16.46 36.59 49.17
N LEU J 229 16.47 35.38 49.73
CA LEU J 229 16.35 35.25 51.18
C LEU J 229 17.58 35.80 51.89
N ALA J 230 18.73 35.82 51.23
CA ALA J 230 19.91 36.44 51.81
C ALA J 230 19.74 37.95 51.92
N LEU J 231 19.14 38.57 50.90
CA LEU J 231 18.88 40.00 50.94
C LEU J 231 17.81 40.38 51.95
N PHE J 232 17.04 39.41 52.45
CA PHE J 232 15.98 39.70 53.40
C PHE J 232 16.56 40.14 54.74
N THR J 233 15.69 40.75 55.56
CA THR J 233 16.03 41.06 56.93
C THR J 233 15.57 39.93 57.85
N ILE J 234 16.03 39.98 59.10
CA ILE J 234 15.71 38.93 60.05
C ILE J 234 14.21 38.90 60.35
N ASP J 235 13.58 40.07 60.47
CA ASP J 235 12.16 40.12 60.79
C ASP J 235 11.31 39.57 59.64
N GLN J 236 11.69 39.88 58.40
CA GLN J 236 10.94 39.37 57.26
C GLN J 236 11.02 37.84 57.19
N LEU J 237 12.20 37.29 57.42
CA LEU J 237 12.35 35.84 57.40
C LEU J 237 11.58 35.19 58.55
N ASN J 238 11.60 35.82 59.74
CA ASN J 238 10.81 35.31 60.84
C ASN J 238 9.32 35.32 60.50
N ALA J 239 8.85 36.39 59.89
CA ALA J 239 7.45 36.47 59.49
C ALA J 239 7.10 35.40 58.47
N LEU J 240 8.01 35.15 57.51
CA LEU J 240 7.75 34.12 56.51
C LEU J 240 7.72 32.73 57.13
N LEU J 241 8.60 32.46 58.09
CA LEU J 241 8.57 31.20 58.81
C LEU J 241 7.28 31.05 59.61
N PHE J 242 6.82 32.13 60.23
CA PHE J 242 5.57 32.09 60.99
C PHE J 242 4.38 31.83 60.07
N ALA J 243 4.41 32.41 58.86
CA ALA J 243 3.30 32.27 57.94
C ALA J 243 3.10 30.82 57.50
N ARG J 244 4.19 30.05 57.40
CA ARG J 244 4.13 28.65 57.02
C ARG J 244 4.11 27.70 58.20
N GLY J 245 4.02 28.23 59.43
CA GLY J 245 3.89 27.40 60.61
C GLY J 245 5.11 26.55 60.92
N LEU J 246 6.29 27.14 60.85
CA LEU J 246 7.53 26.47 61.21
C LEU J 246 8.27 27.29 62.27
N GLY J 247 9.35 26.70 62.77
CA GLY J 247 10.05 27.32 63.89
C GLY J 247 10.65 28.66 63.53
N LEU J 248 10.73 29.53 64.53
CA LEU J 248 11.33 30.86 64.38
C LEU J 248 12.65 30.89 65.14
N GLU J 249 13.69 31.40 64.50
CA GLU J 249 15.03 31.41 65.05
C GLU J 249 15.59 32.83 65.06
N LYS J 250 16.44 33.10 66.04
CA LYS J 250 17.11 34.39 66.14
C LYS J 250 18.29 34.51 65.19
N ASN J 251 18.68 33.43 64.53
CA ASN J 251 19.80 33.44 63.61
C ASN J 251 19.33 33.60 62.17
N LYS J 252 20.12 34.33 61.38
CA LYS J 252 19.81 34.51 59.96
C LYS J 252 19.93 33.20 59.20
N VAL J 253 21.06 32.52 59.37
CA VAL J 253 21.36 31.31 58.60
C VAL J 253 20.37 30.20 58.93
N ARG J 254 20.00 30.07 60.21
CA ARG J 254 19.05 29.02 60.58
C ARG J 254 17.69 29.26 59.91
N ALA J 255 17.25 30.51 59.87
CA ALA J 255 15.99 30.84 59.21
C ALA J 255 16.06 30.52 57.72
N ILE J 256 17.15 30.92 57.06
CA ILE J 256 17.30 30.65 55.64
C ILE J 256 17.30 29.14 55.39
N LYS J 257 18.03 28.39 56.21
CA LYS J 257 18.13 26.94 56.04
C LYS J 257 16.77 26.28 56.22
N SER J 258 16.02 26.68 57.26
CA SER J 258 14.71 26.08 57.49
C SER J 258 13.76 26.38 56.34
N LEU J 259 13.73 27.63 55.87
CA LEU J 259 12.86 27.96 54.74
C LEU J 259 13.25 27.19 53.49
N LEU J 260 14.54 27.08 53.21
CA LEU J 260 14.99 26.35 52.03
C LEU J 260 14.63 24.88 52.12
N THR J 261 14.84 24.27 53.29
CA THR J 261 14.49 22.86 53.45
C THR J 261 12.99 22.65 53.28
N LEU J 262 12.18 23.58 53.80
CA LEU J 262 10.75 23.43 53.67
C LEU J 262 10.30 23.55 52.22
N GLN J 263 10.81 24.56 51.50
CA GLN J 263 10.32 24.80 50.14
C GLN J 263 10.89 23.81 49.14
N THR J 264 12.13 23.36 49.31
CA THR J 264 12.72 22.42 48.35
C THR J 264 12.20 21.00 48.55
N SER J 265 11.93 20.60 49.78
CA SER J 265 11.40 19.26 50.04
C SER J 265 9.96 19.17 49.56
N TYR J 266 9.70 18.27 48.63
CA TYR J 266 8.36 18.11 48.08
C TYR J 266 7.59 17.10 48.93
N GLU J 267 6.44 17.54 49.47
CA GLU J 267 5.68 16.71 50.39
C GLU J 267 5.18 15.44 49.72
N PHE J 268 4.68 15.55 48.50
CA PHE J 268 4.14 14.40 47.77
C PHE J 268 5.15 13.81 46.80
N MET J 269 5.84 14.64 46.03
CA MET J 269 6.87 14.14 45.12
C MET J 269 8.05 13.58 45.89
N GLU J 270 8.55 12.43 45.44
CA GLU J 270 9.74 11.82 46.02
C GLU J 270 10.76 11.45 44.94
N LYS J 271 10.66 12.07 43.77
CA LYS J 271 11.52 11.78 42.62
C LYS J 271 11.31 10.35 42.12
N SER J 272 10.37 9.64 42.73
CA SER J 272 9.99 8.29 42.30
C SER J 272 8.56 8.23 41.79
N GLN J 273 7.92 9.38 41.55
CA GLN J 273 6.54 9.42 41.11
C GLN J 273 6.39 9.65 39.61
N ALA J 274 7.37 10.28 38.96
CA ALA J 274 7.33 10.40 37.51
C ALA J 274 7.38 9.03 36.84
N ALA J 275 8.01 8.05 37.49
CA ALA J 275 7.97 6.67 37.00
C ALA J 275 6.60 6.03 37.18
N LEU J 276 5.76 6.58 38.05
CA LEU J 276 4.43 6.03 38.31
C LEU J 276 3.34 6.80 37.61
N LEU J 277 3.68 7.81 36.81
CA LEU J 277 2.67 8.63 36.15
C LEU J 277 2.40 8.10 34.76
N PRO J 278 1.19 7.65 34.46
CA PRO J 278 0.89 7.18 33.11
C PRO J 278 1.09 8.28 32.08
N LYS J 279 1.57 7.90 30.90
CA LYS J 279 1.82 8.85 29.83
C LYS J 279 0.51 9.47 29.36
N VAL J 280 0.59 10.71 28.88
CA VAL J 280 -0.58 11.48 28.51
C VAL J 280 -0.75 11.44 27.00
N SER J 281 -1.86 10.88 26.54
CA SER J 281 -2.24 10.88 25.13
C SER J 281 -3.39 11.86 24.94
N PHE J 282 -3.29 12.69 23.90
CA PHE J 282 -4.22 13.80 23.76
C PHE J 282 -5.65 13.28 23.57
N ASN J 283 -6.60 14.03 24.11
CA ASN J 283 -7.98 13.57 24.25
C ASN J 283 -8.93 14.57 23.61
N PRO J 284 -10.11 14.12 23.16
CA PRO J 284 -11.11 15.06 22.65
C PRO J 284 -11.82 15.76 23.80
N THR J 285 -11.81 17.09 23.77
CA THR J 285 -12.48 17.87 24.80
C THR J 285 -13.97 18.03 24.52
N ASN J 286 -14.39 17.92 23.27
CA ASN J 286 -15.80 18.08 22.87
C ASN J 286 -16.18 16.90 21.99
N PRO J 287 -16.36 15.72 22.56
CA PRO J 287 -16.65 14.53 21.77
C PRO J 287 -18.13 14.28 21.58
N LEU J 288 -18.45 13.65 20.45
CA LEU J 288 -19.80 13.16 20.23
C LEU J 288 -20.14 12.04 21.19
N LYS J 289 -21.41 11.97 21.57
CA LYS J 289 -21.85 10.92 22.48
C LYS J 289 -22.76 9.95 21.75
N PRO J 290 -22.68 8.66 22.05
CA PRO J 290 -23.55 7.68 21.39
C PRO J 290 -25.01 7.89 21.77
N ILE J 291 -25.88 7.23 21.02
CA ILE J 291 -27.31 7.32 21.28
C ILE J 291 -27.61 6.71 22.65
N GLU J 292 -28.66 7.23 23.28
CA GLU J 292 -29.08 6.69 24.57
C GLU J 292 -29.67 5.30 24.40
N GLU J 293 -29.18 4.35 25.18
CA GLU J 293 -29.70 3.00 25.13
C GLU J 293 -31.12 2.97 25.69
N LYS J 294 -32.00 2.24 25.00
CA LYS J 294 -33.41 2.22 25.35
C LYS J 294 -34.02 0.88 24.94
N GLU J 295 -35.21 0.63 25.45
CA GLU J 295 -36.01 -0.53 25.09
C GLU J 295 -37.10 -0.12 24.11
N PHE J 296 -37.61 -1.12 23.38
CA PHE J 296 -38.71 -0.88 22.45
C PHE J 296 -39.96 -0.49 23.23
N THR J 297 -40.46 0.72 22.98
CA THR J 297 -41.54 1.29 23.79
C THR J 297 -42.84 1.50 23.04
N ILE J 298 -42.81 1.59 21.71
CA ILE J 298 -44.00 1.83 20.92
C ILE J 298 -44.20 0.65 19.97
N PHE J 299 -45.42 0.14 19.90
CA PHE J 299 -45.75 -1.02 19.09
C PHE J 299 -47.03 -0.73 18.33
N GLY J 300 -47.04 -1.05 17.04
CA GLY J 300 -48.19 -0.76 16.21
C GLY J 300 -48.26 -1.64 14.99
N GLU J 301 -49.19 -1.30 14.10
CA GLU J 301 -49.54 -2.13 12.96
C GLU J 301 -49.79 -1.26 11.74
N ILE J 302 -49.36 -1.73 10.58
CA ILE J 302 -49.54 -0.99 9.34
C ILE J 302 -51.00 -1.06 8.92
N VAL J 303 -51.60 0.09 8.65
CA VAL J 303 -53.01 0.16 8.31
C VAL J 303 -53.27 0.68 6.90
N GLU J 304 -52.36 1.42 6.29
CA GLU J 304 -52.51 1.85 4.91
C GLU J 304 -51.18 1.72 4.20
N ILE J 305 -51.19 1.13 3.00
CA ILE J 305 -49.98 0.89 2.23
C ILE J 305 -50.04 1.69 0.94
N ARG J 306 -48.85 1.97 0.41
CA ARG J 306 -48.68 2.64 -0.88
C ARG J 306 -47.23 2.43 -1.29
N SER J 307 -46.84 3.04 -2.40
CA SER J 307 -45.46 2.96 -2.85
C SER J 307 -44.63 3.98 -2.08
N GLN J 308 -43.69 3.49 -1.28
CA GLN J 308 -42.72 4.30 -0.54
C GLN J 308 -43.33 5.07 0.63
N VAL J 309 -44.65 5.04 0.78
CA VAL J 309 -45.34 5.74 1.86
C VAL J 309 -46.28 4.77 2.56
N TYR J 310 -46.20 4.71 3.89
CA TYR J 310 -47.00 3.78 4.67
C TYR J 310 -47.60 4.50 5.87
N LYS J 311 -48.71 3.96 6.38
CA LYS J 311 -49.37 4.50 7.55
C LYS J 311 -49.36 3.46 8.66
N ILE J 312 -49.06 3.92 9.88
CA ILE J 312 -48.94 3.05 11.04
C ILE J 312 -49.95 3.51 12.09
N ARG J 313 -50.71 2.56 12.62
CA ARG J 313 -51.59 2.79 13.76
C ARG J 313 -50.90 2.28 15.02
N ILE J 314 -50.73 3.15 16.00
CA ILE J 314 -50.05 2.78 17.23
C ILE J 314 -51.01 2.05 18.15
N ASP J 315 -50.61 0.86 18.60
CA ASP J 315 -51.44 0.01 19.42
C ASP J 315 -51.08 0.08 20.91
N LYS J 316 -49.78 0.02 21.23
CA LYS J 316 -49.33 0.00 22.62
C LYS J 316 -48.13 0.92 22.76
N ALA J 317 -48.28 1.99 23.53
CA ALA J 317 -47.23 2.99 23.65
C ALA J 317 -46.98 3.32 25.12
N GLU J 318 -45.71 3.36 25.50
CA GLU J 318 -45.30 3.84 26.81
C GLU J 318 -45.08 5.35 26.83
N GLU J 319 -45.15 6.00 25.67
CA GLU J 319 -44.87 7.42 25.54
C GLU J 319 -45.57 7.91 24.28
N GLU J 320 -45.20 9.10 23.82
CA GLU J 320 -45.79 9.69 22.63
C GLU J 320 -44.75 9.74 21.52
N VAL J 321 -45.20 9.54 20.29
CA VAL J 321 -44.30 9.35 19.16
C VAL J 321 -43.77 10.69 18.67
N LEU J 322 -42.47 10.89 18.80
CA LEU J 322 -41.81 12.10 18.34
C LEU J 322 -41.68 12.12 16.83
N PRO J 323 -41.53 13.30 16.23
CA PRO J 323 -41.29 13.34 14.78
C PRO J 323 -39.94 12.76 14.41
N LYS J 324 -39.87 12.22 13.19
CA LYS J 324 -38.67 11.70 12.55
C LYS J 324 -38.13 10.42 13.17
N VAL J 325 -38.89 9.77 14.06
CA VAL J 325 -38.42 8.55 14.70
C VAL J 325 -38.58 7.39 13.73
N ILE J 326 -37.97 6.26 14.06
CA ILE J 326 -37.91 5.10 13.16
C ILE J 326 -38.77 3.98 13.73
N PHE J 327 -39.55 3.35 12.85
CA PHE J 327 -40.29 2.14 13.16
C PHE J 327 -39.65 0.98 12.42
N TYR J 328 -39.37 -0.10 13.14
CA TYR J 328 -38.68 -1.25 12.58
C TYR J 328 -39.68 -2.39 12.35
N ALA J 329 -39.60 -3.01 11.18
CA ALA J 329 -40.44 -4.14 10.82
C ALA J 329 -39.56 -5.33 10.46
N ASP J 330 -40.02 -6.53 10.81
CA ASP J 330 -39.33 -7.77 10.51
C ASP J 330 -40.07 -8.49 9.39
N VAL J 331 -39.36 -8.79 8.31
CA VAL J 331 -39.92 -9.49 7.16
C VAL J 331 -38.91 -10.55 6.73
N ASN J 332 -39.24 -11.81 6.99
CA ASN J 332 -38.42 -12.95 6.56
C ASN J 332 -36.97 -12.78 7.01
N GLY J 333 -36.78 -12.30 8.23
CA GLY J 333 -35.47 -12.17 8.80
C GLY J 333 -34.73 -10.89 8.45
N LYS J 334 -35.32 -10.01 7.65
CA LYS J 334 -34.69 -8.74 7.32
C LYS J 334 -35.48 -7.60 7.95
N GLU J 335 -34.76 -6.56 8.39
CA GLU J 335 -35.39 -5.43 9.04
C GLU J 335 -35.59 -4.29 8.04
N ILE J 336 -36.74 -3.63 8.15
CA ILE J 336 -37.09 -2.50 7.30
C ILE J 336 -37.39 -1.31 8.21
N GLN J 337 -36.79 -0.17 7.90
CA GLN J 337 -36.93 1.03 8.71
C GLN J 337 -37.86 2.03 8.02
N LEU J 338 -38.83 2.55 8.77
CA LEU J 338 -39.78 3.54 8.27
C LEU J 338 -39.66 4.78 9.13
N GLU J 339 -39.34 5.91 8.50
CA GLU J 339 -39.10 7.16 9.22
C GLU J 339 -40.38 7.98 9.27
N VAL J 340 -40.77 8.37 10.49
CA VAL J 340 -42.04 9.06 10.68
C VAL J 340 -41.97 10.44 10.02
N ALA J 341 -42.99 10.76 9.23
CA ALA J 341 -43.08 12.03 8.53
C ALA J 341 -44.18 12.92 9.07
N ASP J 342 -45.39 12.40 9.26
CA ASP J 342 -46.50 13.19 9.75
C ASP J 342 -47.19 12.46 10.90
N ILE J 343 -47.71 13.23 11.84
CA ILE J 343 -48.44 12.71 12.99
C ILE J 343 -49.84 13.30 12.94
N PHE J 344 -50.80 12.56 12.37
CA PHE J 344 -52.17 13.04 12.30
C PHE J 344 -52.88 12.98 13.64
N ASP J 345 -52.49 12.04 14.49
CA ASP J 345 -53.18 11.78 15.75
C ASP J 345 -52.22 11.03 16.66
N LYS J 346 -52.62 10.87 17.93
CA LYS J 346 -51.78 10.14 18.87
C LYS J 346 -51.70 8.65 18.55
N ASN J 347 -52.54 8.15 17.63
CA ASN J 347 -52.52 6.75 17.26
C ASN J 347 -52.08 6.50 15.82
N LEU J 348 -52.19 7.50 14.94
CA LEU J 348 -51.93 7.33 13.51
C LEU J 348 -50.76 8.20 13.09
N VAL J 349 -49.80 7.60 12.38
CA VAL J 349 -48.67 8.33 11.82
C VAL J 349 -48.45 7.88 10.38
N SER J 350 -47.76 8.72 9.61
CA SER J 350 -47.41 8.42 8.24
C SER J 350 -45.90 8.51 8.08
N THR J 351 -45.32 7.49 7.47
CA THR J 351 -43.88 7.31 7.34
C THR J 351 -43.53 7.03 5.88
N PHE J 352 -42.24 7.20 5.56
CA PHE J 352 -41.71 6.77 4.28
C PHE J 352 -40.56 5.80 4.49
N VAL J 353 -40.32 4.96 3.49
CA VAL J 353 -39.40 3.83 3.62
C VAL J 353 -37.96 4.31 3.46
N LEU J 354 -37.08 3.80 4.31
CA LEU J 354 -35.64 4.00 4.21
C LEU J 354 -35.03 2.69 3.73
N GLY J 355 -34.98 2.51 2.40
CA GLY J 355 -34.40 1.33 1.81
C GLY J 355 -35.40 0.62 0.91
N ASN J 356 -35.37 -0.72 0.95
CA ASN J 356 -36.23 -1.54 0.11
C ASN J 356 -37.53 -1.84 0.83
N GLU J 357 -38.64 -1.63 0.14
CA GLU J 357 -39.97 -1.74 0.73
C GLU J 357 -40.59 -3.11 0.54
N THR J 358 -39.93 -4.03 -0.16
CA THR J 358 -40.52 -5.33 -0.45
C THR J 358 -40.73 -6.11 0.85
N GLY J 359 -41.90 -6.72 0.97
CA GLY J 359 -42.26 -7.48 2.14
C GLY J 359 -43.20 -6.77 3.10
N LEU J 360 -43.34 -5.46 2.98
CA LEU J 360 -44.33 -4.74 3.78
C LEU J 360 -45.72 -4.98 3.21
N LYS J 361 -46.70 -5.01 4.11
CA LYS J 361 -48.08 -5.26 3.71
C LYS J 361 -49.00 -4.82 4.85
N ILE J 362 -50.30 -4.95 4.61
CA ILE J 362 -51.28 -4.61 5.63
C ILE J 362 -51.14 -5.57 6.80
N GLY J 363 -51.12 -5.01 8.01
CA GLY J 363 -51.04 -5.82 9.21
C GLY J 363 -49.64 -6.13 9.70
N THR J 364 -48.61 -5.69 9.00
CA THR J 364 -47.24 -5.91 9.46
C THR J 364 -47.03 -5.23 10.81
N LYS J 365 -46.42 -5.95 11.74
CA LYS J 365 -46.19 -5.45 13.09
C LYS J 365 -44.89 -4.67 13.13
N VAL J 366 -44.94 -3.48 13.74
CA VAL J 366 -43.78 -2.59 13.79
C VAL J 366 -43.56 -2.13 15.22
N LYS J 367 -42.30 -1.81 15.54
CA LYS J 367 -41.93 -1.34 16.86
C LYS J 367 -40.96 -0.18 16.71
N SER J 368 -40.90 0.64 17.76
CA SER J 368 -40.07 1.85 17.75
C SER J 368 -39.61 2.17 19.17
N LYS J 369 -38.37 2.65 19.27
CA LYS J 369 -37.82 3.15 20.52
C LYS J 369 -38.03 4.64 20.69
N ASN J 370 -38.72 5.29 19.76
CA ASN J 370 -38.89 6.75 19.75
C ASN J 370 -37.56 7.46 19.55
N GLN J 371 -36.76 6.96 18.61
CA GLN J 371 -35.48 7.58 18.27
C GLN J 371 -35.31 7.59 16.76
N SER J 372 -34.51 8.54 16.27
CA SER J 372 -34.22 8.62 14.85
C SER J 372 -33.19 7.55 14.46
N TYR J 373 -32.92 7.45 13.16
CA TYR J 373 -32.07 6.39 12.67
C TYR J 373 -30.62 6.60 13.11
N ALA J 374 -29.94 5.50 13.39
CA ALA J 374 -28.58 5.53 13.90
C ALA J 374 -27.70 4.57 13.10
N ILE J 375 -26.41 4.90 13.02
CA ILE J 375 -25.44 4.09 12.30
C ILE J 375 -24.21 3.91 13.20
N LYS J 376 -23.46 2.84 12.94
CA LYS J 376 -22.25 2.56 13.68
C LYS J 376 -21.10 3.37 13.09
N ILE J 377 -20.44 4.18 13.92
CA ILE J 377 -19.35 5.03 13.48
C ILE J 377 -18.13 4.74 14.35
N SER J 378 -16.97 4.60 13.71
CA SER J 378 -15.70 4.39 14.40
C SER J 378 -14.58 4.65 13.40
N LYS J 379 -13.34 4.55 13.88
CA LYS J 379 -12.20 4.69 12.98
C LYS J 379 -12.07 3.51 12.03
N ARG J 380 -12.63 2.35 12.38
CA ARG J 380 -12.63 1.19 11.50
C ARG J 380 -13.59 1.35 10.33
N LEU J 381 -14.43 2.39 10.35
CA LEU J 381 -15.28 2.71 9.21
C LEU J 381 -14.47 3.20 8.02
N LEU J 382 -13.24 3.66 8.24
CA LEU J 382 -12.35 4.02 7.14
C LEU J 382 -11.99 2.79 6.33
N GLY J 383 -11.99 2.94 5.01
CA GLY J 383 -11.72 1.84 4.12
C GLY J 383 -12.91 0.95 3.81
N ARG J 384 -14.08 1.22 4.38
CA ARG J 384 -15.28 0.46 4.13
C ARG J 384 -16.25 1.25 3.24
N VAL J 385 -17.16 0.53 2.59
CA VAL J 385 -18.20 1.13 1.78
C VAL J 385 -19.54 0.69 2.35
N ILE J 386 -20.35 1.65 2.78
CA ILE J 386 -21.66 1.39 3.37
C ILE J 386 -22.69 2.29 2.70
N ASP J 387 -23.94 2.11 3.09
CA ASP J 387 -25.02 2.96 2.60
C ASP J 387 -25.47 3.89 3.72
N PRO J 388 -26.39 4.84 3.47
CA PRO J 388 -26.79 5.78 4.54
C PRO J 388 -27.26 5.12 5.82
N ILE J 389 -27.95 3.98 5.76
CA ILE J 389 -28.48 3.36 6.97
C ILE J 389 -27.51 2.37 7.60
N GLY J 390 -26.33 2.18 7.02
CA GLY J 390 -25.32 1.33 7.62
C GLY J 390 -25.17 -0.05 7.04
N LYS J 391 -25.86 -0.37 5.96
CA LYS J 391 -25.71 -1.67 5.32
C LYS J 391 -24.34 -1.79 4.67
N ILE J 392 -23.79 -3.00 4.71
CA ILE J 392 -22.46 -3.25 4.15
C ILE J 392 -22.58 -3.45 2.64
N LEU J 393 -21.73 -2.75 1.88
CA LEU J 393 -21.79 -2.78 0.43
C LEU J 393 -20.53 -3.31 -0.24
N ASP J 394 -19.45 -3.56 0.51
CA ASP J 394 -18.21 -4.00 -0.11
C ASP J 394 -17.92 -5.49 0.09
N ASP J 395 -18.51 -6.12 1.09
CA ASP J 395 -18.37 -7.55 1.30
C ASP J 395 -19.71 -8.24 1.09
N SER J 396 -19.65 -9.44 0.51
CA SER J 396 -20.85 -10.26 0.33
C SER J 396 -21.26 -11.01 1.60
N ILE J 397 -20.40 -11.06 2.61
CA ILE J 397 -20.71 -11.72 3.87
C ILE J 397 -21.20 -10.72 4.92
N ALA J 398 -21.38 -9.45 4.52
CA ALA J 398 -21.92 -8.41 5.40
C ALA J 398 -21.11 -8.30 6.69
N THR J 399 -19.80 -8.11 6.55
CA THR J 399 -18.90 -7.93 7.69
C THR J 399 -19.29 -6.68 8.46
N PRO J 400 -19.84 -6.82 9.67
CA PRO J 400 -20.33 -5.65 10.40
C PRO J 400 -19.20 -4.70 10.77
N VAL J 401 -19.54 -3.42 10.86
CA VAL J 401 -18.59 -2.39 11.26
C VAL J 401 -18.64 -2.25 12.79
N HIS J 402 -17.47 -2.29 13.42
CA HIS J 402 -17.36 -2.24 14.86
C HIS J 402 -17.33 -0.79 15.33
N GLY J 403 -18.23 -0.44 16.25
CA GLY J 403 -18.26 0.91 16.78
C GLY J 403 -19.53 1.14 17.58
N ASN J 404 -19.74 2.42 17.90
CA ASN J 404 -20.92 2.86 18.62
C ASN J 404 -21.94 3.48 17.68
N MET J 405 -23.20 3.49 18.13
CA MET J 405 -24.31 3.96 17.33
C MET J 405 -24.54 5.45 17.57
N TYR J 406 -24.49 6.23 16.49
CA TYR J 406 -24.76 7.66 16.53
C TYR J 406 -25.92 7.99 15.61
N ALA J 407 -26.65 9.05 15.96
CA ALA J 407 -27.82 9.45 15.19
C ALA J 407 -27.47 10.66 14.34
N PRO J 408 -27.39 10.54 13.01
CA PRO J 408 -26.99 11.69 12.19
C PRO J 408 -27.93 12.89 12.29
N LEU J 409 -29.23 12.67 12.45
CA LEU J 409 -30.16 13.79 12.50
C LEU J 409 -30.06 14.58 13.80
N GLU J 410 -29.44 14.02 14.82
CA GLU J 410 -29.29 14.69 16.11
C GLU J 410 -27.99 15.48 16.14
N MET J 411 -28.08 16.74 16.56
CA MET J 411 -26.92 17.59 16.77
C MET J 411 -26.74 17.81 18.27
N GLN J 412 -25.51 17.70 18.74
CA GLN J 412 -25.21 17.87 20.16
C GLN J 412 -24.80 19.32 20.39
N HIS J 413 -25.75 20.15 20.81
CA HIS J 413 -25.49 21.54 21.12
C HIS J 413 -26.18 21.89 22.44
N ASP J 414 -25.46 22.59 23.31
CA ASP J 414 -26.05 23.03 24.57
C ASP J 414 -27.22 23.97 24.33
N SER J 415 -27.06 24.91 23.40
CA SER J 415 -28.12 25.84 23.04
C SER J 415 -27.82 26.39 21.65
N GLU J 416 -28.75 27.19 21.13
CA GLU J 416 -28.55 27.81 19.84
C GLU J 416 -27.35 28.76 19.85
N ALA J 417 -27.05 29.33 21.02
CA ALA J 417 -25.95 30.28 21.13
C ALA J 417 -24.63 29.64 20.72
N THR J 418 -24.40 28.40 21.12
CA THR J 418 -23.16 27.72 20.78
C THR J 418 -23.03 27.49 19.28
N ARG J 419 -24.14 27.58 18.52
CA ARG J 419 -24.05 27.48 17.07
C ARG J 419 -23.37 28.69 16.45
N TYR J 420 -23.25 29.78 17.19
CA TYR J 420 -22.64 31.00 16.69
C TYR J 420 -21.20 31.18 17.16
N VAL J 421 -20.60 30.14 17.75
CA VAL J 421 -19.22 30.20 18.20
C VAL J 421 -18.24 29.80 17.09
N VAL J 422 -18.76 29.37 15.94
CA VAL J 422 -17.89 28.86 14.88
C VAL J 422 -16.89 29.93 14.44
N SER J 423 -15.69 29.47 14.08
CA SER J 423 -14.66 30.39 13.64
C SER J 423 -14.95 30.86 12.21
N PRO J 424 -14.81 32.15 11.95
CA PRO J 424 -14.91 32.64 10.56
C PRO J 424 -13.76 32.11 9.73
N LYS J 425 -14.03 31.91 8.44
CA LYS J 425 -13.03 31.34 7.55
C LYS J 425 -11.87 32.31 7.38
N ASN J 426 -10.65 31.82 7.63
CA ASN J 426 -9.49 32.70 7.56
C ASN J 426 -8.33 32.06 6.79
N ALA J 427 -8.27 30.74 6.76
CA ALA J 427 -7.13 30.03 6.18
C ALA J 427 -7.54 29.32 4.91
N ILE J 428 -6.65 29.35 3.92
CA ILE J 428 -6.88 28.65 2.66
C ILE J 428 -6.35 27.23 2.77
N LEU J 429 -6.85 26.36 1.90
CA LEU J 429 -6.42 24.98 1.83
C LEU J 429 -5.45 24.82 0.67
N GLU J 430 -4.26 24.30 0.95
CA GLU J 430 -3.26 24.07 -0.08
C GLU J 430 -3.56 22.76 -0.78
N THR J 431 -3.90 22.83 -2.07
CA THR J 431 -4.25 21.65 -2.84
C THR J 431 -3.11 21.13 -3.70
N GLY J 432 -2.08 21.94 -3.95
CA GLY J 432 -1.00 21.55 -4.83
C GLY J 432 -1.25 21.82 -6.29
N ILE J 433 -2.38 22.42 -6.64
CA ILE J 433 -2.71 22.76 -8.02
C ILE J 433 -2.51 24.27 -8.19
N LYS J 434 -1.69 24.66 -9.16
CA LYS J 434 -1.27 26.06 -9.28
C LYS J 434 -2.47 26.98 -9.49
N VAL J 435 -3.34 26.63 -10.45
CA VAL J 435 -4.46 27.50 -10.77
C VAL J 435 -5.40 27.62 -9.60
N ILE J 436 -5.70 26.51 -8.93
CA ILE J 436 -6.58 26.54 -7.76
C ILE J 436 -5.91 27.31 -6.62
N ASP J 437 -4.64 27.05 -6.37
CA ASP J 437 -3.97 27.69 -5.24
C ASP J 437 -3.88 29.20 -5.42
N VAL J 438 -3.62 29.66 -6.64
CA VAL J 438 -3.39 31.08 -6.88
C VAL J 438 -4.69 31.83 -7.12
N LEU J 439 -5.54 31.35 -8.02
CA LEU J 439 -6.71 32.11 -8.44
C LEU J 439 -7.99 31.69 -7.75
N LEU J 440 -8.08 30.47 -7.21
CA LEU J 440 -9.32 29.94 -6.65
C LEU J 440 -9.06 29.30 -5.29
N PRO J 441 -8.64 30.09 -4.30
CA PRO J 441 -8.30 29.49 -3.00
C PRO J 441 -9.51 28.82 -2.36
N ILE J 442 -9.26 27.69 -1.73
CA ILE J 442 -10.29 26.90 -1.06
C ILE J 442 -10.22 27.17 0.43
N PRO J 443 -11.24 27.76 1.04
CA PRO J 443 -11.16 28.06 2.48
C PRO J 443 -11.18 26.80 3.32
N LYS J 444 -10.51 26.86 4.46
CA LYS J 444 -10.61 25.80 5.45
C LYS J 444 -11.91 25.93 6.22
N GLY J 445 -12.66 24.84 6.33
CA GLY J 445 -13.97 24.88 6.94
C GLY J 445 -15.05 25.46 6.06
N GLY J 446 -14.81 25.59 4.75
CA GLY J 446 -15.77 26.14 3.84
C GLY J 446 -16.35 25.09 2.91
N LYS J 447 -17.03 25.57 1.87
CA LYS J 447 -17.67 24.73 0.87
C LYS J 447 -17.28 25.22 -0.51
N THR J 448 -16.93 24.28 -1.39
CA THR J 448 -16.52 24.59 -2.75
C THR J 448 -17.32 23.75 -3.72
N GLY J 449 -17.74 24.36 -4.83
CA GLY J 449 -18.52 23.66 -5.82
C GLY J 449 -17.76 23.37 -7.10
N LEU J 450 -17.64 22.10 -7.45
CA LEU J 450 -16.89 21.67 -8.64
C LEU J 450 -17.90 21.37 -9.75
N LEU J 451 -18.07 22.32 -10.66
CA LEU J 451 -19.03 22.19 -11.75
C LEU J 451 -18.34 21.60 -12.98
N GLY J 452 -18.87 20.49 -13.47
CA GLY J 452 -18.28 19.84 -14.61
C GLY J 452 -19.05 18.58 -14.96
N GLY J 453 -18.50 17.82 -15.89
CA GLY J 453 -19.11 16.59 -16.32
C GLY J 453 -18.10 15.67 -16.98
N ALA J 454 -18.59 14.82 -17.88
CA ALA J 454 -17.72 13.90 -18.59
C ALA J 454 -16.88 14.64 -19.63
N GLY J 455 -15.67 14.15 -19.83
CA GLY J 455 -14.79 14.69 -20.85
C GLY J 455 -13.96 15.89 -20.46
N VAL J 456 -14.01 16.31 -19.20
CA VAL J 456 -13.19 17.40 -18.72
C VAL J 456 -12.30 16.98 -17.54
N GLY J 457 -12.15 15.67 -17.35
CA GLY J 457 -11.28 15.16 -16.30
C GLY J 457 -11.72 15.47 -14.88
N LYS J 458 -13.02 15.35 -14.61
CA LYS J 458 -13.50 15.57 -13.25
C LYS J 458 -12.96 14.50 -12.30
N THR J 459 -12.96 13.24 -12.73
CA THR J 459 -12.57 12.15 -11.85
C THR J 459 -11.11 12.26 -11.42
N VAL J 460 -10.23 12.65 -12.35
CA VAL J 460 -8.83 12.79 -12.02
C VAL J 460 -8.63 13.92 -11.02
N ILE J 461 -9.36 15.02 -11.19
CA ILE J 461 -9.28 16.12 -10.24
C ILE J 461 -9.75 15.67 -8.86
N VAL J 462 -10.85 14.92 -8.80
CA VAL J 462 -11.37 14.42 -7.53
C VAL J 462 -10.32 13.55 -6.84
N GLN J 463 -9.75 12.60 -7.60
CA GLN J 463 -8.77 11.70 -7.03
C GLN J 463 -7.54 12.44 -6.55
N GLU J 464 -7.05 13.40 -7.33
CA GLU J 464 -5.87 14.16 -6.93
C GLU J 464 -6.15 14.99 -5.68
N LEU J 465 -7.33 15.60 -5.60
CA LEU J 465 -7.67 16.38 -4.42
C LEU J 465 -7.69 15.51 -3.17
N ILE J 466 -8.38 14.36 -3.25
CA ILE J 466 -8.45 13.48 -2.09
C ILE J 466 -7.07 12.97 -1.69
N ASN J 467 -6.29 12.54 -2.68
CA ASN J 467 -4.97 11.96 -2.42
C ASN J 467 -4.04 13.00 -1.80
N ALA J 468 -4.02 14.21 -2.37
CA ALA J 468 -3.16 15.26 -1.84
C ALA J 468 -3.57 15.67 -0.44
N PHE J 469 -4.89 15.77 -0.17
CA PHE J 469 -5.32 16.11 1.17
C PHE J 469 -4.92 15.04 2.17
N ILE J 470 -5.06 13.76 1.80
CA ILE J 470 -4.71 12.69 2.72
C ILE J 470 -3.21 12.67 2.98
N LYS J 471 -2.40 12.85 1.94
CA LYS J 471 -0.95 12.76 2.11
C LYS J 471 -0.38 13.99 2.81
N PHE J 472 -0.54 15.17 2.19
CA PHE J 472 0.13 16.37 2.68
C PHE J 472 -0.42 16.81 4.02
N HIS J 473 -1.74 16.92 4.13
CA HIS J 473 -2.34 17.50 5.34
C HIS J 473 -2.48 16.51 6.48
N ASP J 474 -2.23 15.22 6.23
CA ASP J 474 -2.35 14.17 7.26
C ASP J 474 -3.76 14.14 7.86
N GLY J 475 -4.75 14.02 6.99
CA GLY J 475 -6.14 13.96 7.41
C GLY J 475 -6.86 12.79 6.75
N VAL J 476 -8.11 12.61 7.16
CA VAL J 476 -8.96 11.58 6.62
C VAL J 476 -9.97 12.22 5.68
N SER J 477 -10.62 11.40 4.87
CA SER J 477 -11.59 11.87 3.88
C SER J 477 -12.87 11.07 3.97
N VAL J 478 -13.99 11.73 3.71
CA VAL J 478 -15.30 11.11 3.66
C VAL J 478 -15.92 11.42 2.31
N PHE J 479 -16.30 10.39 1.57
CA PHE J 479 -16.92 10.53 0.26
C PHE J 479 -18.37 10.06 0.36
N ALA J 480 -19.30 10.98 0.22
CA ALA J 480 -20.73 10.69 0.23
C ALA J 480 -21.26 10.82 -1.19
N GLY J 481 -21.48 9.68 -1.84
CA GLY J 481 -22.09 9.67 -3.16
C GLY J 481 -23.60 9.67 -3.04
N ILE J 482 -24.23 10.62 -3.74
CA ILE J 482 -25.66 10.84 -3.65
C ILE J 482 -26.26 10.68 -5.05
N GLY J 483 -27.06 9.64 -5.24
CA GLY J 483 -27.85 9.48 -6.45
C GLY J 483 -27.10 9.48 -7.76
N GLU J 484 -26.01 8.73 -7.84
CA GLU J 484 -25.23 8.62 -9.07
C GLU J 484 -25.22 7.17 -9.54
N ARG J 485 -24.48 6.93 -10.62
CA ARG J 485 -24.46 5.61 -11.23
C ARG J 485 -23.74 4.60 -10.34
N ILE J 486 -24.20 3.35 -10.40
CA ILE J 486 -23.53 2.27 -9.68
C ILE J 486 -22.17 1.99 -10.30
N ARG J 487 -22.09 2.00 -11.63
CA ARG J 487 -20.83 1.70 -12.31
C ARG J 487 -19.76 2.70 -11.94
N GLU J 488 -20.12 3.99 -11.88
CA GLU J 488 -19.13 5.02 -11.56
C GLU J 488 -18.69 4.91 -10.10
N GLY J 489 -19.60 4.58 -9.19
CA GLY J 489 -19.21 4.37 -7.81
C GLY J 489 -18.29 3.17 -7.64
N HIS J 490 -18.58 2.08 -8.35
CA HIS J 490 -17.71 0.92 -8.32
C HIS J 490 -16.33 1.26 -8.88
N GLU J 491 -16.28 2.00 -9.98
CA GLU J 491 -15.00 2.42 -10.54
C GLU J 491 -14.24 3.29 -9.56
N LEU J 492 -14.91 4.23 -8.91
CA LEU J 492 -14.23 5.12 -7.98
C LEU J 492 -13.69 4.35 -6.78
N TRP J 493 -14.45 3.38 -6.29
CA TRP J 493 -13.97 2.52 -5.21
C TRP J 493 -12.74 1.73 -5.64
N LYS J 494 -12.75 1.19 -6.86
CA LYS J 494 -11.61 0.42 -7.35
C LYS J 494 -10.37 1.29 -7.49
N GLU J 495 -10.52 2.50 -8.05
CA GLU J 495 -9.37 3.39 -8.13
C GLU J 495 -8.90 3.86 -6.77
N ALA J 496 -9.82 4.01 -5.81
CA ALA J 496 -9.40 4.32 -4.44
C ALA J 496 -8.53 3.21 -3.88
N GLU J 497 -8.92 1.96 -4.12
CA GLU J 497 -8.10 0.83 -3.67
C GLU J 497 -6.75 0.81 -4.38
N ALA J 498 -6.75 1.05 -5.70
CA ALA J 498 -5.53 0.90 -6.49
C ALA J 498 -4.53 2.04 -6.28
N LEU J 499 -5.00 3.25 -6.00
CA LEU J 499 -4.13 4.40 -5.85
C LEU J 499 -3.66 4.61 -4.41
N GLY J 500 -4.14 3.81 -3.46
CA GLY J 500 -3.58 3.79 -2.13
C GLY J 500 -4.33 4.58 -1.09
N PHE J 501 -5.29 5.42 -1.47
CA PHE J 501 -5.97 6.28 -0.51
C PHE J 501 -7.30 5.69 -0.03
N LEU J 502 -7.54 4.40 -0.29
CA LEU J 502 -8.77 3.77 0.18
C LEU J 502 -8.79 3.65 1.70
N ASN J 503 -7.64 3.28 2.30
CA ASN J 503 -7.61 3.01 3.73
C ASN J 503 -7.76 4.25 4.59
N LYS J 504 -7.69 5.45 3.99
CA LYS J 504 -7.89 6.69 4.71
C LYS J 504 -9.16 7.41 4.27
N THR J 505 -10.06 6.71 3.59
CA THR J 505 -11.29 7.30 3.08
C THR J 505 -12.48 6.43 3.47
N ALA J 506 -13.57 7.09 3.85
CA ALA J 506 -14.80 6.42 4.26
C ALA J 506 -15.90 6.74 3.26
N PHE J 507 -16.51 5.70 2.70
CA PHE J 507 -17.47 5.84 1.61
C PHE J 507 -18.88 5.58 2.10
N ILE J 508 -19.81 6.46 1.73
CA ILE J 508 -21.24 6.28 1.96
C ILE J 508 -21.94 6.50 0.63
N PHE J 509 -22.60 5.46 0.12
CA PHE J 509 -23.15 5.47 -1.23
C PHE J 509 -24.67 5.28 -1.20
N GLY J 510 -25.41 6.37 -1.42
CA GLY J 510 -26.81 6.25 -1.77
C GLY J 510 -27.03 6.63 -3.22
N GLN J 511 -27.21 5.66 -4.10
CA GLN J 511 -27.09 5.85 -5.53
C GLN J 511 -28.45 5.78 -6.22
N MET J 512 -28.42 5.82 -7.55
CA MET J 512 -29.65 5.84 -8.34
C MET J 512 -30.55 4.67 -8.03
N ASN J 513 -29.97 3.49 -7.82
CA ASN J 513 -30.77 2.29 -7.58
C ASN J 513 -31.57 2.38 -6.29
N GLU J 514 -31.18 3.26 -5.37
CA GLU J 514 -31.80 3.31 -4.06
C GLU J 514 -33.10 4.10 -4.09
N SER J 515 -33.87 3.95 -3.02
CA SER J 515 -35.11 4.69 -2.85
C SER J 515 -34.82 6.15 -2.50
N PRO J 516 -35.81 7.04 -2.64
CA PRO J 516 -35.58 8.45 -2.30
C PRO J 516 -35.13 8.66 -0.87
N GLY J 517 -35.52 7.79 0.07
CA GLY J 517 -35.14 7.99 1.46
C GLY J 517 -33.64 7.91 1.67
N LEU J 518 -32.99 6.90 1.09
CA LEU J 518 -31.54 6.77 1.24
C LEU J 518 -30.80 7.87 0.51
N ARG J 519 -31.29 8.24 -0.68
CA ARG J 519 -30.67 9.37 -1.39
C ARG J 519 -30.80 10.66 -0.60
N PHE J 520 -31.88 10.81 0.15
CA PHE J 520 -32.05 11.97 1.00
C PHE J 520 -31.10 11.93 2.20
N ARG J 521 -30.92 10.75 2.79
CA ARG J 521 -30.16 10.63 4.03
C ARG J 521 -28.66 10.47 3.83
N SER J 522 -28.20 10.27 2.59
CA SER J 522 -26.77 10.02 2.36
C SER J 522 -25.92 11.20 2.81
N GLY J 523 -26.33 12.41 2.46
CA GLY J 523 -25.55 13.59 2.83
C GLY J 523 -25.48 13.79 4.34
N ILE J 524 -26.60 13.56 5.03
CA ILE J 524 -26.62 13.70 6.48
C ILE J 524 -25.74 12.65 7.13
N SER J 525 -25.75 11.41 6.61
CA SER J 525 -24.87 10.39 7.14
C SER J 525 -23.40 10.76 6.95
N GLY J 526 -23.06 11.29 5.77
CA GLY J 526 -21.69 11.72 5.55
C GLY J 526 -21.27 12.86 6.48
N VAL J 527 -22.17 13.82 6.70
CA VAL J 527 -21.87 14.92 7.59
C VAL J 527 -21.65 14.42 9.01
N LYS J 528 -22.48 13.48 9.48
CA LYS J 528 -22.31 12.93 10.81
C LYS J 528 -20.98 12.20 10.93
N VAL J 529 -20.61 11.43 9.90
CA VAL J 529 -19.34 10.71 9.94
C VAL J 529 -18.17 11.68 10.01
N ALA J 530 -18.23 12.77 9.22
CA ALA J 530 -17.18 13.77 9.27
C ALA J 530 -17.11 14.45 10.63
N GLU J 531 -18.28 14.75 11.22
CA GLU J 531 -18.31 15.35 12.55
C GLU J 531 -17.68 14.43 13.58
N TYR J 532 -17.96 13.12 13.49
CA TYR J 532 -17.33 12.18 14.41
C TYR J 532 -15.82 12.14 14.21
N PHE J 533 -15.37 12.12 12.96
CA PHE J 533 -13.93 12.07 12.69
C PHE J 533 -13.22 13.32 13.19
N ARG J 534 -13.91 14.47 13.18
CA ARG J 534 -13.28 15.69 13.68
C ARG J 534 -13.31 15.78 15.19
N ASN J 535 -14.49 15.63 15.80
CA ASN J 535 -14.63 15.86 17.22
C ASN J 535 -13.98 14.75 18.05
N ASN J 536 -14.19 13.49 17.66
CA ASN J 536 -13.76 12.37 18.48
C ASN J 536 -12.35 11.89 18.17
N LEU J 537 -11.76 12.30 17.05
CA LEU J 537 -10.43 11.85 16.69
C LEU J 537 -9.47 13.00 16.38
N GLY J 538 -9.93 14.24 16.40
CA GLY J 538 -9.05 15.38 16.16
C GLY J 538 -8.38 15.36 14.81
N LYS J 539 -9.13 15.04 13.76
CA LYS J 539 -8.60 14.92 12.41
C LYS J 539 -9.21 15.98 11.51
N SER J 540 -8.40 16.52 10.61
CA SER J 540 -8.90 17.46 9.60
C SER J 540 -9.56 16.66 8.49
N VAL J 541 -10.87 16.83 8.32
CA VAL J 541 -11.67 16.00 7.44
C VAL J 541 -11.93 16.74 6.15
N LEU J 542 -11.97 16.01 5.04
CA LEU J 542 -12.39 16.53 3.74
C LEU J 542 -13.60 15.74 3.29
N LEU J 543 -14.78 16.36 3.37
CA LEU J 543 -16.04 15.69 3.04
C LEU J 543 -16.39 16.00 1.58
N PHE J 544 -16.41 14.97 0.76
CA PHE J 544 -16.65 15.12 -0.67
C PHE J 544 -18.05 14.60 -0.99
N MET J 545 -18.82 15.39 -1.75
CA MET J 545 -20.19 15.02 -2.08
C MET J 545 -20.42 15.11 -3.57
N ASP J 546 -21.09 14.10 -4.12
CA ASP J 546 -21.38 14.02 -5.55
C ASP J 546 -22.49 12.99 -5.72
N ASN J 547 -23.66 13.43 -6.20
CA ASN J 547 -23.93 14.77 -6.69
C ASN J 547 -24.86 15.51 -5.74
N ILE J 548 -24.52 16.77 -5.44
CA ILE J 548 -25.29 17.54 -4.45
C ILE J 548 -26.70 17.84 -4.97
N PHE J 549 -26.86 17.94 -6.29
CA PHE J 549 -28.20 18.16 -6.85
C PHE J 549 -29.14 17.01 -6.56
N ARG J 550 -28.60 15.79 -6.44
CA ARG J 550 -29.46 14.64 -6.20
C ARG J 550 -30.07 14.67 -4.81
N TYR J 551 -29.41 15.32 -3.85
CA TYR J 551 -30.01 15.53 -2.54
C TYR J 551 -31.28 16.36 -2.64
N VAL J 552 -31.21 17.45 -3.42
CA VAL J 552 -32.39 18.28 -3.67
C VAL J 552 -33.46 17.48 -4.37
N GLN J 553 -33.08 16.71 -5.38
CA GLN J 553 -34.06 15.93 -6.14
C GLN J 553 -34.74 14.89 -5.26
N ALA J 554 -33.98 14.22 -4.39
CA ALA J 554 -34.56 13.24 -3.48
C ALA J 554 -35.50 13.89 -2.48
N GLY J 555 -35.13 15.06 -1.96
CA GLY J 555 -36.05 15.78 -1.09
C GLY J 555 -37.34 16.15 -1.80
N SER J 556 -37.22 16.58 -3.06
CA SER J 556 -38.41 16.92 -3.85
C SER J 556 -39.29 15.70 -4.06
N GLU J 557 -38.69 14.55 -4.36
CA GLU J 557 -39.46 13.33 -4.55
C GLU J 557 -40.16 12.92 -3.26
N ILE J 558 -39.47 13.01 -2.13
CA ILE J 558 -40.10 12.65 -0.85
C ILE J 558 -41.26 13.59 -0.56
N SER J 559 -41.08 14.89 -0.80
CA SER J 559 -42.17 15.83 -0.57
C SER J 559 -43.35 15.55 -1.49
N SER J 560 -43.08 15.17 -2.74
CA SER J 560 -44.16 14.82 -3.65
C SER J 560 -44.92 13.60 -3.17
N LEU J 561 -44.20 12.57 -2.71
CA LEU J 561 -44.87 11.33 -2.28
C LEU J 561 -45.73 11.56 -1.05
N LEU J 562 -45.40 12.54 -0.22
CA LEU J 562 -46.18 12.86 0.97
C LEU J 562 -47.32 13.83 0.67
N GLU J 563 -47.64 14.06 -0.60
CA GLU J 563 -48.80 14.86 -1.01
C GLU J 563 -48.72 16.29 -0.48
N LYS J 564 -47.66 16.98 -0.89
CA LYS J 564 -47.45 18.38 -0.56
C LYS J 564 -47.43 19.21 -1.84
N THR J 565 -47.88 20.45 -1.73
CA THR J 565 -48.01 21.31 -2.90
C THR J 565 -46.64 21.67 -3.44
N PRO J 566 -46.33 21.37 -4.69
CA PRO J 566 -45.02 21.72 -5.25
C PRO J 566 -44.86 23.22 -5.42
N SER J 567 -43.61 23.65 -5.40
CA SER J 567 -43.25 25.06 -5.56
C SER J 567 -42.25 25.19 -6.69
N ALA J 568 -42.18 26.38 -7.26
CA ALA J 568 -41.27 26.70 -8.38
C ALA J 568 -41.51 25.65 -9.46
N VAL J 569 -40.47 25.01 -9.99
CA VAL J 569 -40.66 23.97 -11.02
C VAL J 569 -40.76 22.64 -10.27
N GLY J 570 -41.96 22.38 -9.73
CA GLY J 570 -42.24 21.12 -9.09
C GLY J 570 -41.39 20.80 -7.89
N TYR J 571 -40.70 21.78 -7.31
CA TYR J 571 -39.82 21.54 -6.19
C TYR J 571 -40.58 21.66 -4.87
N GLN J 572 -39.99 21.11 -3.81
CA GLN J 572 -40.60 21.14 -2.51
C GLN J 572 -40.63 22.57 -1.97
N PRO J 573 -41.65 22.92 -1.18
CA PRO J 573 -41.66 24.24 -0.54
C PRO J 573 -40.48 24.47 0.38
N THR J 574 -39.97 23.43 1.01
CA THR J 574 -38.85 23.54 1.95
C THR J 574 -37.53 23.16 1.27
N LEU J 575 -37.16 23.93 0.25
CA LEU J 575 -35.96 23.63 -0.53
C LEU J 575 -34.73 24.30 0.09
N PHE J 576 -34.76 25.63 0.21
CA PHE J 576 -33.63 26.34 0.79
C PHE J 576 -33.44 25.97 2.25
N SER J 577 -34.51 25.66 2.97
CA SER J 577 -34.39 25.21 4.35
C SER J 577 -33.62 23.90 4.43
N GLU J 578 -33.93 22.95 3.53
CA GLU J 578 -33.21 21.68 3.53
C GLU J 578 -31.76 21.85 3.12
N MET J 579 -31.50 22.70 2.12
CA MET J 579 -30.13 22.96 1.72
C MET J 579 -29.33 23.56 2.87
N GLY J 580 -29.92 24.51 3.59
CA GLY J 580 -29.25 25.05 4.77
C GLY J 580 -29.05 24.01 5.85
N GLN J 581 -30.06 23.15 6.07
CA GLN J 581 -29.94 22.07 7.05
C GLN J 581 -28.73 21.21 6.77
N LEU J 582 -28.52 20.87 5.50
CA LEU J 582 -27.36 20.05 5.15
C LEU J 582 -26.06 20.85 5.28
N GLN J 583 -26.01 22.07 4.75
CA GLN J 583 -24.75 22.76 4.56
C GLN J 583 -24.30 23.59 5.77
N GLU J 584 -25.13 23.75 6.78
CA GLU J 584 -24.74 24.56 7.94
C GLU J 584 -23.87 23.80 8.93
N ARG J 585 -23.76 22.49 8.80
CA ARG J 585 -22.95 21.69 9.70
C ARG J 585 -21.53 21.49 9.19
N ILE J 586 -21.19 22.07 8.04
CA ILE J 586 -19.83 22.08 7.53
C ILE J 586 -19.23 23.43 7.89
N ASN J 587 -18.43 23.48 8.94
CA ASN J 587 -17.91 24.74 9.45
C ASN J 587 -16.52 24.51 10.03
N SER J 588 -15.98 25.53 10.67
CA SER J 588 -14.67 25.48 11.31
C SER J 588 -14.82 25.89 12.77
N THR J 589 -14.37 25.03 13.68
CA THR J 589 -14.48 25.30 15.10
C THR J 589 -13.12 25.15 15.78
N LYS J 590 -13.11 25.20 17.12
CA LYS J 590 -11.87 25.01 17.86
C LYS J 590 -11.36 23.59 17.80
N ASP J 591 -12.24 22.61 17.51
CA ASP J 591 -11.81 21.23 17.43
C ASP J 591 -11.06 20.93 16.13
N GLY J 592 -11.49 21.52 15.03
CA GLY J 592 -10.84 21.26 13.75
C GLY J 592 -11.62 21.87 12.62
N ASP J 593 -11.33 21.41 11.41
CA ASP J 593 -11.92 21.94 10.19
C ASP J 593 -12.57 20.80 9.40
N ILE J 594 -13.81 21.01 8.98
CA ILE J 594 -14.47 20.16 8.00
C ILE J 594 -14.54 20.96 6.70
N THR J 595 -13.76 20.55 5.71
CA THR J 595 -13.74 21.21 4.41
C THR J 595 -14.48 20.35 3.41
N SER J 596 -15.44 20.95 2.72
CA SER J 596 -16.30 20.23 1.80
C SER J 596 -16.07 20.70 0.37
N ILE J 597 -15.81 19.75 -0.52
CA ILE J 597 -15.76 19.99 -1.96
C ILE J 597 -16.88 19.17 -2.59
N GLN J 598 -17.81 19.86 -3.25
CA GLN J 598 -19.03 19.24 -3.73
C GLN J 598 -19.12 19.40 -5.24
N ALA J 599 -19.44 18.31 -5.93
CA ALA J 599 -19.59 18.31 -7.38
C ALA J 599 -21.06 18.42 -7.73
N MET J 600 -21.39 19.39 -8.57
CA MET J 600 -22.76 19.63 -9.00
C MET J 600 -22.88 19.39 -10.50
N TYR J 601 -23.99 18.78 -10.90
CA TYR J 601 -24.33 18.59 -12.30
C TYR J 601 -25.83 18.72 -12.44
N ILE J 602 -26.29 19.82 -13.01
CA ILE J 602 -27.71 20.05 -13.27
C ILE J 602 -28.02 19.52 -14.67
N PRO J 603 -28.97 18.61 -14.83
CA PRO J 603 -29.37 18.19 -16.17
C PRO J 603 -29.86 19.38 -16.98
N ALA J 604 -29.51 19.39 -18.26
CA ALA J 604 -29.72 20.48 -19.21
C ALA J 604 -28.88 21.70 -18.90
N ASP J 605 -27.95 21.61 -17.94
CA ASP J 605 -26.98 22.66 -17.65
C ASP J 605 -27.66 24.01 -17.39
N ASP J 606 -28.76 23.97 -16.63
CA ASP J 606 -29.51 25.16 -16.27
C ASP J 606 -29.07 25.62 -14.89
N PHE J 607 -28.31 26.71 -14.84
CA PHE J 607 -27.84 27.27 -13.59
C PHE J 607 -28.83 28.23 -12.95
N THR J 608 -29.97 28.46 -13.58
CA THR J 608 -31.08 29.19 -12.98
C THR J 608 -32.06 28.24 -12.29
N ASP J 609 -31.82 26.94 -12.39
CA ASP J 609 -32.66 25.96 -11.72
C ASP J 609 -32.66 26.22 -10.22
N PRO J 610 -33.81 26.07 -9.54
CA PRO J 610 -33.85 26.37 -8.10
C PRO J 610 -32.87 25.56 -7.27
N ALA J 611 -32.57 24.33 -7.69
CA ALA J 611 -31.54 23.56 -6.99
C ALA J 611 -30.18 24.22 -7.11
N ALA J 612 -29.82 24.69 -8.31
CA ALA J 612 -28.56 25.38 -8.49
C ALA J 612 -28.53 26.69 -7.71
N VAL J 613 -29.67 27.39 -7.67
CA VAL J 613 -29.74 28.64 -6.92
C VAL J 613 -29.52 28.37 -5.43
N ALA J 614 -30.15 27.32 -4.90
CA ALA J 614 -29.99 26.98 -3.49
C ALA J 614 -28.56 26.58 -3.19
N ALA J 615 -27.95 25.78 -4.06
CA ALA J 615 -26.58 25.33 -3.81
C ALA J 615 -25.59 26.48 -3.87
N PHE J 616 -25.77 27.40 -4.84
CA PHE J 616 -24.86 28.52 -4.99
C PHE J 616 -24.93 29.49 -3.81
N ALA J 617 -25.98 29.41 -2.99
CA ALA J 617 -26.10 30.28 -1.83
C ALA J 617 -25.16 29.89 -0.69
N HIS J 618 -24.50 28.74 -0.79
CA HIS J 618 -23.64 28.26 0.28
C HIS J 618 -22.20 28.03 -0.16
N PHE J 619 -21.89 28.14 -1.45
CA PHE J 619 -20.52 27.92 -1.91
C PHE J 619 -19.67 29.14 -1.64
N ASP J 620 -18.49 28.92 -1.06
CA ASP J 620 -17.51 29.97 -0.87
C ASP J 620 -16.56 30.10 -2.06
N SER J 621 -16.63 29.18 -3.03
CA SER J 621 -15.73 29.13 -4.16
C SER J 621 -16.30 28.14 -5.17
N THR J 622 -16.07 28.42 -6.45
CA THR J 622 -16.53 27.54 -7.51
C THR J 622 -15.39 27.26 -8.47
N ILE J 623 -15.18 25.98 -8.76
CA ILE J 623 -14.23 25.52 -9.76
C ILE J 623 -15.04 25.04 -10.95
N ILE J 624 -14.96 25.76 -12.07
CA ILE J 624 -15.75 25.46 -13.26
C ILE J 624 -14.83 24.84 -14.30
N LEU J 625 -15.13 23.60 -14.68
CA LEU J 625 -14.39 22.90 -15.72
C LEU J 625 -14.97 23.25 -17.08
N SER J 626 -14.08 23.42 -18.06
CA SER J 626 -14.46 23.89 -19.39
C SER J 626 -14.18 22.83 -20.44
N ARG J 627 -15.11 22.68 -21.39
CA ARG J 627 -14.92 21.73 -22.48
C ARG J 627 -13.92 22.26 -23.51
N GLN J 628 -13.93 23.56 -23.76
CA GLN J 628 -13.03 24.14 -24.76
C GLN J 628 -11.57 24.01 -24.33
N LEU J 629 -11.27 24.29 -23.06
CA LEU J 629 -9.90 24.15 -22.58
C LEU J 629 -9.44 22.70 -22.64
N ALA J 630 -10.34 21.75 -22.35
CA ALA J 630 -10.03 20.35 -22.56
C ALA J 630 -9.77 20.05 -24.03
N ALA J 631 -10.46 20.77 -24.93
CA ALA J 631 -10.24 20.57 -26.36
C ALA J 631 -8.94 21.19 -26.84
N GLU J 632 -8.33 22.07 -26.05
CA GLU J 632 -7.06 22.70 -26.39
C GLU J 632 -5.87 21.97 -25.77
N GLY J 633 -6.09 20.82 -25.15
CA GLY J 633 -5.03 20.13 -24.45
C GLY J 633 -4.55 20.86 -23.21
N VAL J 634 -5.45 21.52 -22.49
CA VAL J 634 -5.13 22.20 -21.24
C VAL J 634 -5.70 21.38 -20.10
N TYR J 635 -4.83 20.84 -19.25
CA TYR J 635 -5.25 19.97 -18.17
C TYR J 635 -4.51 20.38 -16.90
N PRO J 636 -5.22 20.59 -15.78
CA PRO J 636 -6.68 20.46 -15.64
C PRO J 636 -7.44 21.56 -16.38
N ALA J 637 -8.67 21.26 -16.77
CA ALA J 637 -9.45 22.14 -17.63
C ALA J 637 -10.14 23.26 -16.86
N ILE J 638 -9.66 23.58 -15.66
CA ILE J 638 -10.28 24.63 -14.86
C ILE J 638 -10.21 25.95 -15.60
N ASP J 639 -11.34 26.63 -15.72
CA ASP J 639 -11.40 27.92 -16.39
C ASP J 639 -11.15 29.02 -15.37
N PRO J 640 -10.04 29.75 -15.45
CA PRO J 640 -9.72 30.74 -14.41
C PRO J 640 -10.55 32.02 -14.51
N LEU J 641 -11.29 32.23 -15.60
CA LEU J 641 -12.09 33.43 -15.74
C LEU J 641 -13.52 33.24 -15.22
N GLU J 642 -14.16 32.13 -15.60
CA GLU J 642 -15.51 31.87 -15.11
C GLU J 642 -15.53 31.52 -13.64
N SER J 643 -14.49 30.83 -13.17
CA SER J 643 -14.43 30.42 -11.77
C SER J 643 -14.10 31.60 -10.87
N ASN J 644 -14.51 31.50 -9.61
CA ASN J 644 -14.29 32.59 -8.66
C ASN J 644 -14.18 32.03 -7.25
N SER J 645 -13.61 32.85 -6.36
CA SER J 645 -13.45 32.49 -4.96
C SER J 645 -13.69 33.73 -4.11
N LYS J 646 -14.54 33.58 -3.09
CA LYS J 646 -14.80 34.67 -2.16
C LYS J 646 -13.66 34.91 -1.19
N MET J 647 -12.66 34.03 -1.15
CA MET J 647 -11.53 34.21 -0.24
C MET J 647 -10.40 35.01 -0.86
N LEU J 648 -10.57 35.50 -2.08
CA LEU J 648 -9.65 36.48 -2.67
C LEU J 648 -10.07 37.88 -2.24
N SER J 649 -9.92 38.12 -0.93
CA SER J 649 -10.31 39.39 -0.33
C SER J 649 -9.26 39.81 0.67
N ILE J 650 -9.28 41.10 1.03
CA ILE J 650 -8.28 41.62 1.96
C ILE J 650 -8.51 41.11 3.37
N LYS J 651 -9.71 40.61 3.67
CA LYS J 651 -9.98 40.06 4.99
C LYS J 651 -9.28 38.73 5.24
N TYR J 652 -8.77 38.08 4.20
CA TYR J 652 -8.15 36.78 4.37
C TYR J 652 -6.77 36.70 3.70
N THR J 653 -6.55 37.53 2.68
CA THR J 653 -5.40 37.39 1.80
C THR J 653 -4.59 38.67 1.77
N SER J 654 -3.30 38.53 1.50
CA SER J 654 -2.39 39.66 1.46
C SER J 654 -2.57 40.48 0.18
N ARG J 655 -1.97 41.67 0.17
CA ARG J 655 -2.02 42.52 -1.01
C ARG J 655 -1.27 41.91 -2.19
N GLU J 656 -0.13 41.26 -1.91
CA GLU J 656 0.68 40.70 -2.99
C GLU J 656 -0.09 39.65 -3.77
N HIS J 657 -0.71 38.70 -3.07
CA HIS J 657 -1.44 37.64 -3.75
C HIS J 657 -2.63 38.19 -4.52
N LEU J 658 -3.36 39.13 -3.92
CA LEU J 658 -4.50 39.75 -4.60
C LEU J 658 -4.07 40.44 -5.88
N ASP J 659 -2.99 41.22 -5.80
CA ASP J 659 -2.50 41.93 -6.98
C ASP J 659 -2.04 40.95 -8.07
N ILE J 660 -1.35 39.87 -7.66
CA ILE J 660 -0.89 38.89 -8.64
C ILE J 660 -2.08 38.24 -9.34
N ALA J 661 -3.10 37.85 -8.57
CA ALA J 661 -4.27 37.22 -9.16
C ALA J 661 -5.00 38.17 -10.10
N LYS J 662 -5.17 39.44 -9.70
CA LYS J 662 -5.84 40.41 -10.55
C LYS J 662 -5.06 40.64 -11.84
N LYS J 663 -3.73 40.77 -11.73
CA LYS J 663 -2.91 40.99 -12.92
C LYS J 663 -2.98 39.79 -13.86
N THR J 664 -2.97 38.57 -13.30
CA THR J 664 -3.07 37.38 -14.12
C THR J 664 -4.40 37.33 -14.86
N VAL J 665 -5.50 37.63 -14.16
CA VAL J 665 -6.81 37.60 -14.80
C VAL J 665 -6.89 38.66 -15.90
N GLN J 666 -6.42 39.87 -15.61
CA GLN J 666 -6.46 40.94 -16.61
C GLN J 666 -5.63 40.58 -17.83
N THR J 667 -4.44 40.03 -17.62
CA THR J 667 -3.59 39.63 -18.72
C THR J 667 -4.22 38.52 -19.55
N LEU J 668 -4.87 37.56 -18.88
CA LEU J 668 -5.53 36.49 -19.61
C LEU J 668 -6.66 37.02 -20.47
N GLU J 669 -7.46 37.95 -19.94
CA GLU J 669 -8.54 38.54 -20.73
C GLU J 669 -8.01 39.34 -21.91
N LYS J 670 -7.00 40.17 -21.67
CA LYS J 670 -6.43 40.96 -22.75
C LYS J 670 -5.79 40.07 -23.81
N THR J 671 -5.16 38.98 -23.38
CA THR J 671 -4.57 38.03 -24.32
C THR J 671 -5.65 37.34 -25.15
N LYS J 672 -6.79 37.01 -24.52
CA LYS J 672 -7.89 36.41 -25.27
C LYS J 672 -8.37 37.35 -26.36
N THR J 673 -8.61 38.62 -25.99
CA THR J 673 -9.07 39.59 -26.98
C THR J 673 -8.05 39.79 -28.09
N LEU J 674 -6.77 39.91 -27.72
CA LEU J 674 -5.73 40.16 -28.71
C LEU J 674 -5.52 38.96 -29.63
N GLU J 675 -5.65 37.74 -29.09
CA GLU J 675 -5.58 36.55 -29.94
C GLU J 675 -6.76 36.49 -30.89
N ASP J 676 -7.94 36.90 -30.43
CA ASP J 676 -9.08 37.01 -31.34
C ASP J 676 -8.78 37.98 -32.47
N ILE J 677 -8.14 39.12 -32.15
CA ILE J 677 -7.76 40.07 -33.18
C ILE J 677 -6.74 39.47 -34.13
N ILE J 678 -5.73 38.78 -33.58
CA ILE J 678 -4.65 38.22 -34.40
C ILE J 678 -5.19 37.18 -35.38
N ASN J 679 -6.13 36.35 -34.92
CA ASN J 679 -6.68 35.30 -35.78
C ASN J 679 -7.27 35.87 -37.06
N ILE J 680 -7.80 37.10 -37.02
CA ILE J 680 -8.40 37.70 -38.20
C ILE J 680 -7.33 38.42 -39.01
N LEU J 681 -6.63 39.37 -38.41
CA LEU J 681 -5.68 40.20 -39.15
C LEU J 681 -4.35 39.48 -39.32
N GLY J 682 -3.67 39.19 -38.23
CA GLY J 682 -2.34 38.61 -38.27
C GLY J 682 -1.51 39.10 -37.10
N PHE J 683 -0.46 38.33 -36.79
CA PHE J 683 0.33 38.62 -35.60
C PHE J 683 1.09 39.93 -35.74
N ASP J 684 1.47 40.31 -36.95
CA ASP J 684 2.32 41.47 -37.17
C ASP J 684 1.55 42.78 -37.18
N ALA J 685 0.22 42.74 -37.03
CA ALA J 685 -0.59 43.95 -37.02
C ALA J 685 -0.69 44.58 -35.64
N LEU J 686 -0.05 44.00 -34.63
CA LEU J 686 -0.08 44.51 -33.27
C LEU J 686 1.18 45.29 -32.94
N SER J 687 1.06 46.21 -31.98
CA SER J 687 2.21 46.96 -31.53
C SER J 687 3.07 46.10 -30.59
N GLU J 688 4.20 46.67 -30.15
CA GLU J 688 5.11 45.92 -29.30
C GLU J 688 4.49 45.61 -27.94
N ASP J 689 3.74 46.55 -27.38
CA ASP J 689 3.05 46.30 -26.12
C ASP J 689 2.04 45.17 -26.26
N ASP J 690 1.27 45.18 -27.36
CA ASP J 690 0.28 44.13 -27.57
C ASP J 690 0.95 42.78 -27.78
N LYS J 691 2.05 42.74 -28.53
CA LYS J 691 2.78 41.49 -28.71
C LYS J 691 3.33 40.97 -27.39
N LYS J 692 3.84 41.87 -26.55
CA LYS J 692 4.34 41.46 -25.23
C LYS J 692 3.21 40.90 -24.39
N VAL J 693 2.05 41.55 -24.41
CA VAL J 693 0.91 41.06 -23.64
C VAL J 693 0.46 39.70 -24.15
N VAL J 694 0.46 39.50 -25.47
CA VAL J 694 0.08 38.21 -26.04
C VAL J 694 1.06 37.12 -25.60
N GLU J 695 2.35 37.40 -25.65
CA GLU J 695 3.35 36.40 -25.28
C GLU J 695 3.25 36.04 -23.80
N VAL J 696 3.13 37.06 -22.94
CA VAL J 696 3.01 36.78 -21.51
C VAL J 696 1.71 36.06 -21.20
N GLY J 697 0.63 36.37 -21.92
CA GLY J 697 -0.62 35.67 -21.69
C GLY J 697 -0.56 34.22 -22.10
N ARG J 698 0.09 33.93 -23.23
CA ARG J 698 0.28 32.54 -23.63
C ARG J 698 1.12 31.79 -22.61
N ARG J 699 2.19 32.41 -22.12
CA ARG J 699 3.03 31.77 -21.11
C ARG J 699 2.24 31.52 -19.83
N LEU J 700 1.41 32.48 -19.42
CA LEU J 700 0.58 32.29 -18.23
C LEU J 700 -0.44 31.17 -18.44
N LYS J 701 -1.06 31.13 -19.62
CA LYS J 701 -2.06 30.10 -19.89
C LYS J 701 -1.44 28.71 -19.83
N TRP J 702 -0.26 28.55 -20.42
CA TRP J 702 0.33 27.21 -20.48
C TRP J 702 1.07 26.83 -19.21
N PHE J 703 1.52 27.81 -18.42
CA PHE J 703 2.16 27.49 -17.14
C PHE J 703 1.18 26.93 -16.14
N LEU J 704 -0.12 27.22 -16.29
CA LEU J 704 -1.11 26.77 -15.32
C LEU J 704 -1.46 25.29 -15.49
N THR J 705 -1.10 24.68 -16.61
CA THR J 705 -1.27 23.24 -16.75
C THR J 705 -0.27 22.49 -15.87
N GLN J 706 -0.64 21.28 -15.47
CA GLN J 706 0.13 20.57 -14.46
C GLN J 706 -0.09 19.08 -14.58
N PRO J 707 0.93 18.26 -14.41
CA PRO J 707 0.71 16.81 -14.29
C PRO J 707 0.36 16.44 -12.87
N PHE J 708 -0.41 15.36 -12.74
CA PHE J 708 -0.91 14.91 -11.45
C PHE J 708 -0.20 13.63 -11.02
N VAL J 709 0.08 13.54 -9.71
CA VAL J 709 0.70 12.34 -9.15
C VAL J 709 -0.21 11.14 -9.35
N VAL J 710 -1.53 11.33 -9.20
CA VAL J 710 -2.47 10.23 -9.19
C VAL J 710 -2.66 9.59 -10.55
N ALA J 711 -2.21 10.23 -11.62
CA ALA J 711 -2.41 9.73 -12.98
C ALA J 711 -1.09 9.40 -13.67
N GLU J 712 -0.03 9.14 -12.91
CA GLU J 712 1.29 8.94 -13.48
C GLU J 712 1.58 7.49 -13.84
N LYS J 713 0.62 6.58 -13.63
CA LYS J 713 0.85 5.18 -13.97
C LYS J 713 0.59 4.91 -15.46
N PHE J 714 -0.52 5.44 -15.98
CA PHE J 714 -0.85 5.28 -17.40
C PHE J 714 -0.40 6.44 -18.26
N SER J 715 0.32 7.42 -17.68
CA SER J 715 0.85 8.53 -18.43
C SER J 715 2.37 8.58 -18.48
N GLY J 716 3.05 7.97 -17.51
CA GLY J 716 4.51 7.95 -17.48
C GLY J 716 5.12 9.17 -16.81
N VAL J 717 4.59 10.34 -17.12
CA VAL J 717 5.15 11.58 -16.59
C VAL J 717 4.95 11.64 -15.09
N PRO J 718 5.98 11.87 -14.29
CA PRO J 718 5.79 11.99 -12.84
C PRO J 718 5.02 13.26 -12.48
N GLY J 719 4.04 13.10 -11.59
CA GLY J 719 3.23 14.23 -11.18
C GLY J 719 3.95 15.14 -10.21
N LYS J 720 3.45 16.38 -10.12
CA LYS J 720 4.08 17.40 -9.30
C LYS J 720 3.07 17.99 -8.33
N PHE J 721 3.46 18.10 -7.07
CA PHE J 721 2.74 18.87 -6.06
C PHE J 721 3.47 20.18 -5.88
N VAL J 722 2.79 21.30 -6.16
CA VAL J 722 3.39 22.62 -6.13
C VAL J 722 2.86 23.39 -4.93
N ARG J 723 3.76 23.92 -4.13
CA ARG J 723 3.38 24.74 -2.99
C ARG J 723 2.92 26.12 -3.47
N LEU J 724 2.18 26.79 -2.59
CA LEU J 724 1.60 28.09 -2.95
C LEU J 724 2.69 29.12 -3.24
N LYS J 725 3.76 29.13 -2.43
CA LYS J 725 4.83 30.10 -2.63
C LYS J 725 5.49 29.92 -3.99
N ASP J 726 5.74 28.67 -4.38
CA ASP J 726 6.37 28.42 -5.67
C ASP J 726 5.47 28.89 -6.82
N SER J 727 4.17 28.64 -6.71
CA SER J 727 3.24 29.08 -7.75
C SER J 727 3.21 30.60 -7.84
N LEU J 728 3.16 31.28 -6.70
CA LEU J 728 3.13 32.73 -6.70
C LEU J 728 4.42 33.30 -7.29
N LYS J 729 5.57 32.74 -6.91
CA LYS J 729 6.84 33.21 -7.46
C LYS J 729 6.90 32.99 -8.97
N GLY J 730 6.45 31.82 -9.44
CA GLY J 730 6.47 31.56 -10.86
C GLY J 730 5.56 32.49 -11.65
N ILE J 731 4.36 32.74 -11.12
CA ILE J 731 3.43 33.62 -11.82
C ILE J 731 3.95 35.06 -11.81
N LYS J 732 4.56 35.49 -10.70
CA LYS J 732 5.14 36.82 -10.66
C LYS J 732 6.31 36.94 -11.64
N THR J 733 7.15 35.92 -11.73
CA THR J 733 8.27 35.94 -12.66
C THR J 733 7.77 36.00 -14.10
N ILE J 734 6.75 35.22 -14.45
CA ILE J 734 6.24 35.22 -15.81
C ILE J 734 5.55 36.53 -16.12
N LEU J 735 4.80 37.08 -15.16
CA LEU J 735 4.03 38.31 -15.40
C LEU J 735 4.94 39.48 -15.76
N ASP J 736 6.10 39.58 -15.12
CA ASP J 736 7.04 40.64 -15.41
C ASP J 736 7.66 40.53 -16.81
N GLY J 737 7.47 39.40 -17.48
CA GLY J 737 8.03 39.21 -18.81
C GLY J 737 9.47 38.78 -18.85
N ASP J 738 10.03 38.33 -17.73
CA ASP J 738 11.44 37.94 -17.68
C ASP J 738 11.73 36.74 -18.56
N LEU J 739 10.71 35.94 -18.91
CA LEU J 739 10.90 34.69 -19.63
C LEU J 739 10.35 34.73 -21.04
N ASN J 740 10.13 35.92 -21.60
CA ASN J 740 9.56 36.03 -22.94
C ASN J 740 10.49 35.50 -24.01
N HIS J 741 11.77 35.27 -23.70
CA HIS J 741 12.70 34.73 -24.68
C HIS J 741 12.50 33.23 -24.89
N ILE J 742 12.05 32.52 -23.87
CA ILE J 742 11.85 31.07 -24.00
C ILE J 742 10.62 30.80 -24.87
N PRO J 743 10.67 29.85 -25.81
CA PRO J 743 9.47 29.50 -26.56
C PRO J 743 8.39 28.92 -25.66
N VAL J 744 7.13 29.17 -26.04
CA VAL J 744 6.00 28.84 -25.19
C VAL J 744 5.84 27.34 -24.98
N SER J 745 6.48 26.52 -25.82
CA SER J 745 6.31 25.07 -25.73
C SER J 745 6.94 24.47 -24.49
N TYR J 746 7.80 25.19 -23.79
CA TYR J 746 8.47 24.66 -22.60
C TYR J 746 7.67 24.91 -21.32
N PHE J 747 6.60 25.71 -21.38
CA PHE J 747 5.86 26.08 -20.18
C PHE J 747 4.74 25.10 -19.86
N SER J 748 4.48 24.12 -20.71
CA SER J 748 3.32 23.25 -20.56
C SER J 748 3.66 22.03 -19.73
N PHE J 749 2.74 21.64 -18.84
CA PHE J 749 2.83 20.42 -18.05
C PHE J 749 4.16 20.33 -17.31
N VAL J 750 4.39 21.30 -16.43
CA VAL J 750 5.62 21.42 -15.67
C VAL J 750 5.27 21.84 -14.25
N GLY J 751 6.24 21.71 -13.35
CA GLY J 751 6.06 22.13 -11.98
C GLY J 751 6.44 23.58 -11.78
N VAL J 752 7.46 23.82 -10.96
CA VAL J 752 7.93 25.18 -10.70
C VAL J 752 8.61 25.74 -11.95
N VAL J 753 8.85 27.06 -11.96
CA VAL J 753 9.46 27.71 -13.10
C VAL J 753 10.92 27.30 -13.26
N GLU J 754 11.58 26.94 -12.15
CA GLU J 754 12.97 26.50 -12.22
C GLU J 754 13.14 25.32 -13.16
N GLU J 755 12.12 24.45 -13.26
CA GLU J 755 12.20 23.34 -14.19
C GLU J 755 12.20 23.83 -15.63
N ILE J 756 11.38 24.85 -15.93
CA ILE J 756 11.37 25.43 -17.27
C ILE J 756 12.74 26.00 -17.60
N ILE J 757 13.31 26.77 -16.66
CA ILE J 757 14.61 27.38 -16.88
C ILE J 757 15.68 26.30 -17.10
N GLU J 758 15.64 25.25 -16.29
CA GLU J 758 16.64 24.18 -16.40
C GLU J 758 16.51 23.45 -17.72
N LYS J 759 15.28 23.15 -18.16
CA LYS J 759 15.10 22.48 -19.44
C LYS J 759 15.57 23.35 -20.59
N PHE J 760 15.28 24.65 -20.53
CA PHE J 760 15.75 25.55 -21.58
C PHE J 760 17.28 25.59 -21.62
N ASN J 761 17.92 25.66 -20.46
CA ASN J 761 19.38 25.70 -20.43
C ASN J 761 19.98 24.40 -20.94
N LEU J 762 19.40 23.26 -20.56
CA LEU J 762 19.91 21.98 -21.03
C LEU J 762 19.75 21.85 -22.54
N ASP J 763 18.62 22.32 -23.08
CA ASP J 763 18.45 22.31 -24.53
C ASP J 763 19.48 23.20 -25.21
N ALA J 764 19.75 24.38 -24.63
CA ALA J 764 20.76 25.26 -25.21
C ALA J 764 22.13 24.61 -25.20
N LYS J 765 22.48 23.94 -24.10
CA LYS J 765 23.78 23.27 -24.03
C LYS J 765 23.88 22.15 -25.05
N LYS J 766 22.81 21.35 -25.19
CA LYS J 766 22.83 20.28 -26.20
C LYS J 766 22.95 20.85 -27.60
N GLU J 767 22.25 21.95 -27.88
CA GLU J 767 22.35 22.58 -29.19
C GLU J 767 23.75 23.09 -29.45
N ALA J 768 24.38 23.70 -28.45
CA ALA J 768 25.75 24.17 -28.60
C ALA J 768 26.70 23.02 -28.86
N LEU J 769 26.53 21.91 -28.14
CA LEU J 769 27.38 20.75 -28.34
C LEU J 769 27.22 20.17 -29.74
N LYS J 770 25.96 20.07 -30.22
CA LYS J 770 25.73 19.55 -31.56
C LYS J 770 26.31 20.48 -32.63
N ASN J 771 26.18 21.80 -32.42
CA ASN J 771 26.73 22.75 -33.38
C ASN J 771 28.25 22.70 -33.40
N GLU J 772 28.89 22.52 -32.24
CA GLU J 772 30.33 22.37 -32.20
C GLU J 772 30.77 21.06 -32.85
N LEU J 773 29.99 19.99 -32.68
CA LEU J 773 30.32 18.70 -33.27
C LEU J 773 30.09 18.68 -34.77
N GLU J 774 29.46 19.70 -35.35
CA GLU J 774 29.23 19.75 -36.78
C GLU J 774 30.54 19.90 -37.55
N MET K 1 -50.75 26.73 34.68
CA MET K 1 -51.99 26.65 33.91
C MET K 1 -51.70 26.36 32.44
N LYS K 2 -52.27 25.25 31.94
CA LYS K 2 -52.08 24.80 30.57
C LYS K 2 -53.45 24.53 29.97
N ASN K 3 -53.99 25.51 29.23
CA ASN K 3 -55.32 25.36 28.65
C ASN K 3 -55.32 24.41 27.46
N LEU K 4 -54.30 24.49 26.61
CA LEU K 4 -54.32 23.81 25.32
C LEU K 4 -53.66 22.44 25.41
N LYS K 5 -53.96 21.61 24.41
CA LYS K 5 -53.32 20.30 24.29
C LYS K 5 -53.04 20.03 22.82
N ILE K 6 -51.84 19.54 22.53
CA ILE K 6 -51.46 19.25 21.16
C ILE K 6 -52.14 17.97 20.70
N THR K 7 -52.73 18.00 19.49
CA THR K 7 -53.38 16.83 18.91
C THR K 7 -52.69 16.30 17.66
N ALA K 8 -52.02 17.16 16.89
CA ALA K 8 -51.35 16.71 15.68
C ALA K 8 -50.19 17.64 15.36
N ILE K 9 -49.24 17.12 14.59
CA ILE K 9 -48.13 17.90 14.04
C ILE K 9 -47.99 17.51 12.57
N LYS K 10 -48.36 18.42 11.67
CA LYS K 10 -48.28 18.17 10.24
C LYS K 10 -47.67 19.37 9.54
N ASP K 11 -46.76 19.10 8.60
CA ASP K 11 -46.17 20.14 7.74
C ASP K 11 -45.54 21.25 8.58
N ASN K 12 -44.83 20.87 9.62
CA ASN K 12 -44.15 21.79 10.54
C ASN K 12 -45.12 22.73 11.24
N LEU K 13 -46.39 22.35 11.36
CA LEU K 13 -47.39 23.11 12.08
C LEU K 13 -47.90 22.28 13.24
N ILE K 14 -48.43 22.98 14.25
CA ILE K 14 -48.91 22.35 15.47
C ILE K 14 -50.39 22.63 15.59
N PHE K 15 -51.17 21.61 15.93
CA PHE K 15 -52.61 21.75 16.08
C PHE K 15 -52.96 21.59 17.56
N VAL K 16 -53.61 22.61 18.12
CA VAL K 16 -53.89 22.65 19.55
C VAL K 16 -55.40 22.66 19.76
N GLU K 17 -55.83 22.09 20.87
CA GLU K 17 -57.24 21.93 21.20
C GLU K 17 -57.50 22.47 22.60
N GLY K 18 -58.65 23.09 22.78
CA GLY K 18 -59.05 23.70 24.04
C GLY K 18 -59.78 24.99 23.78
N GLU K 19 -60.72 25.30 24.67
CA GLU K 19 -61.55 26.49 24.50
C GLU K 19 -60.82 27.73 24.98
N HIS K 20 -60.76 28.74 24.11
CA HIS K 20 -60.06 29.98 24.42
C HIS K 20 -60.52 31.05 23.43
N GLN K 21 -60.19 32.30 23.73
CA GLN K 21 -60.48 33.42 22.85
C GLN K 21 -59.22 33.74 22.05
N PHE K 22 -59.01 32.98 20.98
CA PHE K 22 -57.81 33.11 20.18
C PHE K 22 -57.83 34.40 19.37
N SER K 23 -56.64 34.84 18.99
CA SER K 23 -56.47 36.01 18.13
C SER K 23 -55.28 35.78 17.21
N PHE K 24 -55.22 36.55 16.13
CA PHE K 24 -54.12 36.43 15.19
C PHE K 24 -52.81 36.83 15.86
N LEU K 25 -51.78 36.00 15.68
CA LEU K 25 -50.47 36.19 16.31
C LEU K 25 -50.58 36.29 17.83
N GLU K 26 -51.44 35.48 18.42
CA GLU K 26 -51.48 35.36 19.87
C GLU K 26 -50.42 34.37 20.31
N ILE K 27 -49.61 34.77 21.29
CA ILE K 27 -48.49 33.93 21.72
C ILE K 27 -49.03 32.72 22.48
N ILE K 28 -48.56 31.54 22.10
CA ILE K 28 -48.83 30.30 22.80
C ILE K 28 -47.51 29.83 23.40
N LYS K 29 -47.50 29.60 24.72
CA LYS K 29 -46.29 29.19 25.41
C LYS K 29 -46.36 27.71 25.72
N PHE K 30 -45.34 26.97 25.26
CA PHE K 30 -45.20 25.55 25.59
C PHE K 30 -44.25 25.32 26.75
N SER K 31 -43.30 26.22 26.95
CA SER K 31 -42.42 26.20 28.12
C SER K 31 -42.06 27.65 28.44
N ASP K 32 -41.03 27.85 29.25
CA ASP K 32 -40.56 29.19 29.54
C ASP K 32 -39.93 29.86 28.33
N LYS K 33 -39.41 29.09 27.37
CA LYS K 33 -38.64 29.65 26.27
C LYS K 33 -39.14 29.25 24.89
N VAL K 34 -40.13 28.37 24.78
CA VAL K 34 -40.64 27.90 23.50
C VAL K 34 -42.01 28.54 23.28
N GLU K 35 -42.15 29.31 22.20
CA GLU K 35 -43.37 30.03 21.93
C GLU K 35 -43.75 29.88 20.46
N GLY K 36 -45.06 29.87 20.20
CA GLY K 36 -45.58 29.91 18.84
C GLY K 36 -46.62 31.01 18.70
N VAL K 37 -47.09 31.17 17.47
CA VAL K 37 -48.10 32.18 17.15
C VAL K 37 -49.26 31.51 16.44
N VAL K 38 -50.45 32.09 16.62
CA VAL K 38 -51.68 31.53 16.08
C VAL K 38 -51.91 32.10 14.68
N LEU K 39 -52.01 31.21 13.69
CA LEU K 39 -52.28 31.61 12.31
C LEU K 39 -53.76 31.50 11.95
N LYS K 40 -54.42 30.43 12.40
CA LYS K 40 -55.84 30.23 12.21
C LYS K 40 -56.40 29.64 13.49
N ALA K 41 -57.69 29.85 13.73
CA ALA K 41 -58.26 29.35 14.97
C ALA K 41 -59.76 29.16 14.82
N ASN K 42 -60.32 28.43 15.78
CA ASN K 42 -61.73 28.15 15.90
C ASN K 42 -62.17 28.59 17.30
N ASP K 43 -63.39 28.20 17.69
CA ASP K 43 -63.80 28.46 19.06
C ASP K 43 -63.14 27.52 20.05
N ARG K 44 -62.60 26.38 19.59
CA ARG K 44 -62.00 25.41 20.48
C ARG K 44 -60.73 24.75 19.94
N SER K 45 -60.16 25.24 18.85
CA SER K 45 -58.93 24.68 18.31
C SER K 45 -58.19 25.75 17.54
N ALA K 46 -56.89 25.54 17.34
CA ALA K 46 -56.06 26.52 16.67
C ALA K 46 -54.88 25.85 15.98
N ILE K 47 -54.29 26.59 15.05
CA ILE K 47 -53.10 26.18 14.31
C ILE K 47 -51.97 27.14 14.66
N VAL K 48 -50.83 26.58 15.05
CA VAL K 48 -49.71 27.33 15.60
C VAL K 48 -48.45 27.03 14.79
N ALA K 49 -47.68 28.07 14.50
CA ALA K 49 -46.36 27.93 13.89
C ALA K 49 -45.31 28.26 14.96
N ILE K 50 -44.43 27.29 15.23
CA ILE K 50 -43.49 27.44 16.32
C ILE K 50 -42.37 28.40 15.92
N LEU K 51 -41.80 29.08 16.92
CA LEU K 51 -40.69 30.00 16.71
C LEU K 51 -39.36 29.48 17.24
N ASN K 52 -39.38 28.72 18.33
CA ASN K 52 -38.16 28.17 18.91
C ASN K 52 -38.17 26.65 18.80
N GLU K 53 -37.11 26.04 19.34
CA GLU K 53 -37.00 24.60 19.48
C GLU K 53 -36.04 24.32 20.63
N ASP K 54 -36.45 23.46 21.55
CA ASP K 54 -35.61 23.07 22.68
C ASP K 54 -35.36 21.57 22.65
N LYS K 55 -34.15 21.19 23.09
CA LYS K 55 -33.73 19.80 23.00
C LYS K 55 -34.53 18.91 23.94
N ASP K 56 -34.80 19.37 25.17
CA ASP K 56 -35.37 18.52 26.20
C ASP K 56 -36.89 18.66 26.34
N LEU K 57 -37.50 19.61 25.63
CA LEU K 57 -38.94 19.81 25.78
C LEU K 57 -39.73 18.69 25.09
N ASN K 58 -39.33 18.31 23.88
CA ASN K 58 -39.95 17.20 23.13
C ASN K 58 -41.44 17.42 22.90
N LEU K 59 -41.74 18.45 22.10
CA LEU K 59 -43.13 18.71 21.72
C LEU K 59 -43.69 17.53 20.93
N THR K 60 -44.90 17.11 21.31
CA THR K 60 -45.53 15.93 20.74
C THR K 60 -47.02 16.01 21.04
N VAL K 61 -47.79 15.14 20.37
CA VAL K 61 -49.21 15.01 20.68
C VAL K 61 -49.38 14.71 22.16
N GLY K 62 -50.31 15.42 22.79
CA GLY K 62 -50.58 15.27 24.20
C GLY K 62 -49.88 16.28 25.09
N SER K 63 -48.86 16.96 24.57
CA SER K 63 -48.19 17.99 25.35
C SER K 63 -49.13 19.17 25.60
N LEU K 64 -49.05 19.72 26.81
CA LEU K 64 -49.93 20.81 27.20
C LEU K 64 -49.28 22.16 26.93
N ALA K 65 -50.11 23.14 26.63
CA ALA K 65 -49.65 24.49 26.33
C ALA K 65 -50.59 25.50 26.96
N GLU K 66 -50.10 26.73 27.10
CA GLU K 66 -50.87 27.82 27.68
C GLU K 66 -51.06 28.92 26.63
N ALA K 67 -52.30 29.37 26.49
CA ALA K 67 -52.62 30.49 25.61
C ALA K 67 -52.55 31.78 26.42
N THR K 68 -51.50 32.57 26.18
CA THR K 68 -51.22 33.72 27.04
C THR K 68 -52.26 34.84 26.89
N GLY K 69 -52.96 34.89 25.77
CA GLY K 69 -53.96 35.93 25.55
C GLY K 69 -53.39 37.26 25.12
N GLU K 70 -52.08 37.37 24.92
CA GLU K 70 -51.44 38.58 24.43
C GLU K 70 -50.86 38.33 23.05
N LEU K 71 -50.64 39.43 22.32
CA LEU K 71 -50.09 39.34 20.98
C LEU K 71 -48.58 39.19 21.02
N TYR K 72 -48.01 38.79 19.90
CA TYR K 72 -46.56 38.62 19.78
C TYR K 72 -45.90 39.99 19.81
N LYS K 73 -45.36 40.35 20.97
CA LYS K 73 -44.67 41.62 21.17
C LYS K 73 -43.21 41.34 21.50
N ILE K 74 -42.31 41.97 20.76
CA ILE K 74 -40.89 41.81 21.04
C ILE K 74 -40.49 42.77 22.16
N PRO K 75 -39.79 42.30 23.18
CA PRO K 75 -39.31 43.20 24.23
C PRO K 75 -38.04 43.93 23.82
N ILE K 76 -37.75 45.01 24.54
CA ILE K 76 -36.57 45.82 24.31
C ILE K 76 -35.71 45.78 25.56
N TYR K 77 -34.44 45.44 25.39
CA TYR K 77 -33.49 45.34 26.49
C TYR K 77 -32.30 46.24 26.23
N ASP K 78 -31.64 46.65 27.32
CA ASP K 78 -30.57 47.63 27.20
C ASP K 78 -29.32 47.07 26.54
N ASN K 79 -29.15 45.75 26.53
CA ASN K 79 -27.95 45.13 25.97
C ASN K 79 -28.17 44.64 24.54
N TYR K 80 -29.22 45.10 23.88
CA TYR K 80 -29.38 44.78 22.46
C TYR K 80 -28.24 45.32 21.63
N LEU K 81 -27.78 46.54 21.93
CA LEU K 81 -26.69 47.14 21.19
C LEU K 81 -25.42 46.33 21.37
N GLY K 82 -24.74 46.06 20.26
CA GLY K 82 -23.58 45.18 20.28
C GLY K 82 -23.90 43.74 20.58
N SER K 83 -24.98 43.21 20.01
CA SER K 83 -25.35 41.82 20.25
C SER K 83 -26.11 41.26 19.07
N ILE K 84 -26.12 39.93 18.99
CA ILE K 84 -26.89 39.16 18.02
C ILE K 84 -28.04 38.50 18.77
N ILE K 85 -29.25 38.81 18.35
CA ILE K 85 -30.46 38.28 18.97
C ILE K 85 -31.29 37.57 17.92
N ASN K 86 -32.15 36.66 18.38
CA ASN K 86 -33.13 36.02 17.51
C ASN K 86 -34.45 36.79 17.59
N VAL K 87 -35.50 36.24 16.97
CA VAL K 87 -36.75 36.98 16.82
C VAL K 87 -37.46 37.20 18.16
N LEU K 88 -37.11 36.44 19.19
CA LEU K 88 -37.69 36.62 20.52
C LEU K 88 -36.80 37.43 21.46
N GLY K 89 -35.67 37.94 20.98
CA GLY K 89 -34.80 38.76 21.78
C GLY K 89 -33.76 38.01 22.58
N GLU K 90 -33.80 36.68 22.59
CA GLU K 90 -32.80 35.90 23.32
C GLU K 90 -31.43 36.11 22.68
N SER K 91 -30.43 36.41 23.51
CA SER K 91 -29.10 36.73 23.02
C SER K 91 -28.37 35.47 22.58
N LEU K 92 -27.76 35.54 21.40
CA LEU K 92 -26.89 34.49 20.91
C LEU K 92 -25.42 34.84 21.10
N VAL K 93 -25.03 36.07 20.80
CA VAL K 93 -23.71 36.61 21.11
C VAL K 93 -23.93 37.99 21.71
N LYS K 94 -23.33 38.23 22.88
CA LYS K 94 -23.54 39.48 23.59
C LYS K 94 -22.20 40.11 23.97
N GLN K 95 -22.22 41.43 24.13
CA GLN K 95 -21.06 42.19 24.57
C GLN K 95 -21.20 42.74 25.98
N TYR K 96 -22.42 42.90 26.48
CA TYR K 96 -22.67 43.36 27.84
C TYR K 96 -23.76 42.50 28.47
N GLU K 97 -23.73 42.44 29.80
CA GLU K 97 -24.73 41.69 30.55
C GLU K 97 -26.08 42.42 30.52
N ARG K 98 -27.14 41.65 30.68
CA ARG K 98 -28.50 42.14 30.53
C ARG K 98 -29.18 42.26 31.89
N THR K 99 -29.66 43.45 32.20
CA THR K 99 -30.60 43.62 33.30
C THR K 99 -32.00 43.23 32.84
N ASN K 100 -32.72 42.51 33.69
CA ASN K 100 -33.99 41.92 33.27
C ASN K 100 -35.17 42.84 33.54
N VAL K 101 -35.05 44.09 33.09
CA VAL K 101 -36.15 45.04 33.09
C VAL K 101 -36.40 45.46 31.63
N ALA K 102 -37.62 45.25 31.16
CA ALA K 102 -37.94 45.50 29.76
C ALA K 102 -38.20 46.99 29.56
N LEU K 103 -37.42 47.61 28.67
CA LEU K 103 -37.62 49.02 28.37
C LEU K 103 -38.97 49.26 27.70
N ASP K 104 -39.37 48.36 26.81
CA ASP K 104 -40.66 48.46 26.14
C ASP K 104 -41.02 47.10 25.56
N LYS K 105 -42.26 46.99 25.10
CA LYS K 105 -42.75 45.80 24.40
C LYS K 105 -43.49 46.27 23.16
N LYS K 106 -42.90 46.06 21.99
CA LYS K 106 -43.41 46.60 20.73
C LYS K 106 -44.13 45.50 19.95
N TYR K 107 -45.31 45.84 19.44
CA TYR K 107 -46.08 44.90 18.63
C TYR K 107 -45.41 44.69 17.28
N VAL K 108 -45.47 43.45 16.79
CA VAL K 108 -44.75 43.06 15.59
C VAL K 108 -45.42 43.65 14.35
N PHE K 109 -46.74 43.52 14.24
CA PHE K 109 -47.48 44.11 13.12
C PHE K 109 -48.12 45.44 13.46
N THR K 110 -47.42 46.31 14.19
CA THR K 110 -47.89 47.68 14.39
C THR K 110 -48.06 48.35 13.04
N GLU K 111 -49.22 48.98 12.85
CA GLU K 111 -49.51 49.61 11.57
C GLU K 111 -48.66 50.86 11.37
N ALA K 112 -48.35 51.15 10.12
CA ALA K 112 -47.53 52.31 9.80
C ALA K 112 -48.26 53.59 10.16
N GLN K 113 -47.51 54.58 10.63
CA GLN K 113 -48.10 55.85 11.02
C GLN K 113 -48.65 56.57 9.79
N PRO K 114 -49.78 57.25 9.91
CA PRO K 114 -50.45 57.81 8.72
C PRO K 114 -49.73 59.03 8.14
N ILE K 115 -50.37 59.66 7.15
CA ILE K 115 -49.69 60.65 6.32
C ILE K 115 -49.37 61.91 7.11
N PHE K 116 -50.26 62.33 8.01
CA PHE K 116 -50.01 63.59 8.72
C PHE K 116 -48.85 63.49 9.70
N THR K 117 -48.31 62.30 9.93
CA THR K 117 -47.17 62.12 10.81
C THR K 117 -45.84 62.14 10.06
N ARG K 118 -45.86 62.35 8.74
CA ARG K 118 -44.66 62.27 7.92
C ARG K 118 -44.04 63.66 7.73
N SER K 119 -42.82 63.66 7.23
CA SER K 119 -42.13 64.89 6.86
C SER K 119 -41.23 64.61 5.67
N ALA K 120 -40.93 65.67 4.91
CA ALA K 120 -40.13 65.52 3.70
C ALA K 120 -38.71 65.12 4.04
N VAL K 121 -38.16 64.18 3.27
CA VAL K 121 -36.78 63.75 3.44
C VAL K 121 -35.87 64.78 2.79
N ASN K 122 -34.97 65.37 3.58
CA ASN K 122 -34.08 66.41 3.07
C ASN K 122 -32.65 66.32 3.59
N GLU K 123 -32.30 65.32 4.38
CA GLU K 123 -30.98 65.24 4.99
C GLU K 123 -30.25 64.01 4.48
N PRO K 124 -29.00 64.15 4.02
CA PRO K 124 -28.30 63.01 3.43
C PRO K 124 -27.94 61.96 4.47
N LEU K 125 -27.84 60.72 4.01
CA LEU K 125 -27.31 59.60 4.78
C LEU K 125 -26.00 59.20 4.11
N VAL K 126 -24.87 59.58 4.70
CA VAL K 126 -23.58 59.35 4.07
C VAL K 126 -23.27 57.86 4.10
N THR K 127 -23.17 57.26 2.93
CA THR K 127 -22.85 55.84 2.80
C THR K 127 -21.37 55.58 2.63
N GLY K 128 -20.57 56.61 2.39
CA GLY K 128 -19.14 56.44 2.19
C GLY K 128 -18.73 56.00 0.81
N ILE K 129 -19.67 55.89 -0.13
CA ILE K 129 -19.39 55.52 -1.50
C ILE K 129 -19.62 56.73 -2.39
N THR K 130 -18.63 57.06 -3.22
CA THR K 130 -18.67 58.32 -3.96
C THR K 130 -19.86 58.37 -4.90
N VAL K 131 -20.08 57.30 -5.68
CA VAL K 131 -21.14 57.30 -6.68
C VAL K 131 -22.51 57.34 -6.02
N VAL K 132 -22.67 56.60 -4.91
CA VAL K 132 -23.94 56.64 -4.20
C VAL K 132 -24.15 57.99 -3.53
N ASP K 133 -23.07 58.59 -3.02
CA ASP K 133 -23.21 59.88 -2.35
C ASP K 133 -23.56 60.99 -3.32
N GLY K 134 -23.05 60.92 -4.55
CA GLY K 134 -23.19 62.03 -5.48
C GLY K 134 -24.22 61.89 -6.56
N VAL K 135 -24.35 60.70 -7.14
CA VAL K 135 -25.25 60.50 -8.28
C VAL K 135 -26.53 59.79 -7.86
N LEU K 136 -26.44 58.93 -6.84
CA LEU K 136 -27.59 58.15 -6.38
C LEU K 136 -27.82 58.37 -4.88
N PRO K 137 -28.12 59.60 -4.47
CA PRO K 137 -28.13 59.92 -3.05
C PRO K 137 -29.22 59.18 -2.28
N VAL K 138 -28.91 58.88 -1.02
CA VAL K 138 -29.85 58.25 -0.10
C VAL K 138 -30.10 59.22 1.05
N GLY K 139 -31.36 59.62 1.23
CA GLY K 139 -31.73 60.53 2.29
C GLY K 139 -32.20 59.81 3.53
N ARG K 140 -32.13 60.50 4.66
CA ARG K 140 -32.49 59.92 5.95
C ARG K 140 -34.00 59.73 5.99
N GLY K 141 -34.45 58.51 5.72
CA GLY K 141 -35.87 58.23 5.67
C GLY K 141 -36.31 57.71 4.32
N GLN K 142 -35.34 57.41 3.46
CA GLN K 142 -35.59 56.95 2.09
C GLN K 142 -35.27 55.47 2.00
N LYS K 143 -36.17 54.71 1.37
CA LYS K 143 -35.97 53.28 1.15
C LYS K 143 -35.29 53.08 -0.20
N GLU K 144 -34.01 52.78 -0.16
CA GLU K 144 -33.24 52.50 -1.37
C GLU K 144 -32.95 51.01 -1.44
N LEU K 145 -33.25 50.39 -2.57
CA LEU K 145 -33.13 48.95 -2.74
C LEU K 145 -31.78 48.63 -3.38
N ILE K 146 -31.05 47.70 -2.77
CA ILE K 146 -29.83 47.16 -3.34
C ILE K 146 -30.18 45.82 -3.98
N ILE K 147 -30.01 45.73 -5.29
CA ILE K 147 -30.49 44.60 -6.05
C ILE K 147 -29.44 44.16 -7.06
N GLY K 148 -29.30 42.85 -7.23
CA GLY K 148 -28.36 42.35 -8.21
C GLY K 148 -28.11 40.87 -8.04
N ASP K 149 -27.28 40.34 -8.93
CA ASP K 149 -26.98 38.92 -8.97
C ASP K 149 -26.20 38.49 -7.73
N ARG K 150 -25.92 37.20 -7.64
CA ARG K 150 -25.16 36.67 -6.53
C ARG K 150 -23.69 37.02 -6.67
N GLY K 151 -23.05 37.32 -5.53
CA GLY K 151 -21.63 37.61 -5.52
C GLY K 151 -21.25 38.84 -6.31
N THR K 152 -22.06 39.90 -6.22
CA THR K 152 -21.78 41.15 -6.91
C THR K 152 -21.43 42.29 -5.98
N GLY K 153 -21.59 42.12 -4.67
CA GLY K 153 -21.19 43.14 -3.72
C GLY K 153 -22.32 43.96 -3.15
N LYS K 154 -23.44 43.31 -2.82
CA LYS K 154 -24.58 44.01 -2.22
C LYS K 154 -24.42 44.10 -0.70
N THR K 155 -24.10 42.98 -0.06
CA THR K 155 -23.80 43.00 1.36
C THR K 155 -22.64 43.94 1.65
N ALA K 156 -21.66 44.01 0.75
CA ALA K 156 -20.55 44.93 0.93
C ALA K 156 -21.03 46.38 0.92
N ILE K 157 -21.96 46.72 0.02
CA ILE K 157 -22.47 48.08 -0.03
C ILE K 157 -23.23 48.42 1.25
N ALA K 158 -24.08 47.49 1.70
CA ALA K 158 -24.82 47.75 2.94
C ALA K 158 -23.88 47.88 4.14
N LEU K 159 -22.85 47.02 4.20
CA LEU K 159 -21.88 47.10 5.29
C LEU K 159 -21.11 48.40 5.23
N ASN K 160 -20.75 48.86 4.03
CA ASN K 160 -20.07 50.15 3.90
C ASN K 160 -20.96 51.29 4.40
N ALA K 161 -22.24 51.24 4.07
CA ALA K 161 -23.17 52.26 4.56
C ALA K 161 -23.25 52.23 6.08
N MET K 162 -23.28 51.04 6.68
CA MET K 162 -23.34 50.94 8.13
C MET K 162 -22.04 51.41 8.78
N LEU K 163 -20.90 51.15 8.13
CA LEU K 163 -19.61 51.54 8.68
C LEU K 163 -19.37 53.04 8.55
N ALA K 164 -19.99 53.68 7.56
CA ALA K 164 -19.84 55.12 7.40
C ALA K 164 -20.50 55.92 8.52
N GLN K 165 -21.31 55.28 9.36
CA GLN K 165 -21.95 55.94 10.49
C GLN K 165 -21.12 55.85 11.77
N GLU K 166 -19.80 55.74 11.63
CA GLU K 166 -18.95 55.58 12.82
C GLU K 166 -18.99 56.80 13.71
N ASN K 167 -19.03 58.00 13.12
CA ASN K 167 -18.96 59.25 13.86
C ASN K 167 -20.25 60.06 13.75
N THR K 168 -21.39 59.39 13.61
CA THR K 168 -22.69 60.04 13.52
C THR K 168 -23.59 59.53 14.64
N ASP K 169 -24.83 60.02 14.65
CA ASP K 169 -25.81 59.65 15.67
C ASP K 169 -26.74 58.53 15.21
N VAL K 170 -26.52 57.98 14.02
CA VAL K 170 -27.40 56.92 13.52
C VAL K 170 -27.21 55.65 14.35
N ILE K 171 -28.25 54.80 14.34
CA ILE K 171 -28.22 53.51 15.00
C ILE K 171 -28.46 52.43 13.94
N ASN K 172 -27.55 51.47 13.86
CA ASN K 172 -27.57 50.46 12.81
C ASN K 172 -28.28 49.20 13.30
N ILE K 173 -29.25 48.73 12.50
CA ILE K 173 -29.92 47.46 12.76
C ILE K 173 -29.79 46.60 11.52
N PHE K 174 -29.18 45.43 11.68
CA PHE K 174 -28.94 44.48 10.59
C PHE K 174 -29.81 43.25 10.81
N ILE K 175 -30.74 43.01 9.88
CA ILE K 175 -31.61 41.85 9.93
C ILE K 175 -31.13 40.85 8.88
N ALA K 176 -30.89 39.61 9.32
CA ALA K 176 -30.38 38.56 8.46
C ALA K 176 -31.43 37.46 8.38
N ILE K 177 -31.91 37.18 7.16
CA ILE K 177 -32.92 36.16 6.92
C ILE K 177 -32.26 35.05 6.10
N GLY K 178 -32.10 33.88 6.70
CA GLY K 178 -31.52 32.75 6.00
C GLY K 178 -30.09 32.94 5.58
N LYS K 179 -29.30 33.63 6.40
CA LYS K 179 -27.89 33.82 6.12
C LYS K 179 -27.06 32.74 6.82
N LYS K 180 -25.78 32.67 6.44
CA LYS K 180 -24.86 31.71 7.05
C LYS K 180 -24.33 32.25 8.37
N ARG K 181 -24.22 31.35 9.35
CA ARG K 181 -23.80 31.78 10.69
C ARG K 181 -22.38 32.31 10.70
N ASP K 182 -21.49 31.72 9.89
CA ASP K 182 -20.13 32.21 9.83
C ASP K 182 -20.09 33.62 9.24
N GLU K 183 -20.92 33.89 8.24
CA GLU K 183 -20.99 35.24 7.69
C GLU K 183 -21.50 36.23 8.73
N ILE K 184 -22.47 35.82 9.54
CA ILE K 184 -23.01 36.71 10.56
C ILE K 184 -21.97 37.01 11.62
N VAL K 185 -21.23 35.99 12.08
CA VAL K 185 -20.21 36.27 13.09
C VAL K 185 -19.06 37.08 12.49
N GLU K 186 -18.77 36.89 11.19
CA GLU K 186 -17.76 37.72 10.55
C GLU K 186 -18.21 39.17 10.47
N ILE K 187 -19.49 39.41 10.18
CA ILE K 187 -20.02 40.76 10.17
C ILE K 187 -19.96 41.37 11.58
N TYR K 188 -20.25 40.56 12.60
CA TYR K 188 -20.12 41.03 13.98
C TYR K 188 -18.69 41.43 14.30
N GLY K 189 -17.72 40.61 13.86
CA GLY K 189 -16.33 40.96 14.07
C GLY K 189 -15.91 42.20 13.33
N THR K 190 -16.41 42.39 12.11
CA THR K 190 -16.12 43.60 11.36
C THR K 190 -16.72 44.83 12.03
N PHE K 191 -17.94 44.70 12.57
CA PHE K 191 -18.53 45.78 13.34
C PHE K 191 -17.67 46.14 14.54
N LYS K 192 -17.18 45.12 15.26
CA LYS K 192 -16.32 45.38 16.41
C LYS K 192 -15.03 46.07 15.99
N LYS K 193 -14.43 45.61 14.88
CA LYS K 193 -13.12 46.12 14.48
C LYS K 193 -13.17 47.59 14.07
N HIS K 194 -14.26 48.02 13.45
CA HIS K 194 -14.38 49.38 12.95
C HIS K 194 -15.07 50.32 13.94
N ASN K 195 -15.20 49.91 15.20
CA ASN K 195 -15.65 50.78 16.29
C ASN K 195 -17.07 51.28 16.06
N ILE K 196 -17.97 50.38 15.64
CA ILE K 196 -19.39 50.69 15.54
C ILE K 196 -20.26 49.66 16.25
N LEU K 197 -19.68 48.69 16.93
CA LEU K 197 -20.47 47.65 17.58
C LEU K 197 -21.30 48.22 18.73
N HIS K 198 -20.85 49.30 19.36
CA HIS K 198 -21.55 49.86 20.51
C HIS K 198 -22.90 50.45 20.14
N LYS K 199 -23.19 50.62 18.85
CA LYS K 199 -24.45 51.22 18.39
C LYS K 199 -25.17 50.33 17.39
N SER K 200 -24.83 49.06 17.32
CA SER K 200 -25.36 48.16 16.30
C SER K 200 -26.07 46.98 16.95
N ILE K 201 -27.15 46.53 16.31
CA ILE K 201 -27.86 45.31 16.68
C ILE K 201 -27.89 44.38 15.48
N ILE K 202 -27.73 43.09 15.71
CA ILE K 202 -27.92 42.08 14.67
C ILE K 202 -29.08 41.20 15.07
N VAL K 203 -30.04 41.03 14.15
CA VAL K 203 -31.15 40.11 14.34
C VAL K 203 -31.00 38.99 13.33
N SER K 204 -30.95 37.76 13.81
CA SER K 204 -30.57 36.62 12.97
C SER K 204 -31.67 35.58 12.94
N ALA K 205 -31.94 35.06 11.74
CA ALA K 205 -32.86 33.95 11.53
C ALA K 205 -32.20 33.05 10.49
N ALA K 206 -31.51 32.00 10.95
CA ALA K 206 -30.67 31.21 10.06
C ALA K 206 -31.52 30.41 9.07
N SER K 207 -30.85 29.88 8.06
CA SER K 207 -31.54 29.22 6.95
C SER K 207 -32.32 28.00 7.42
N ASP K 208 -31.86 27.33 8.47
CA ASP K 208 -32.54 26.14 8.98
C ASP K 208 -33.29 26.40 10.27
N ASP K 209 -33.61 27.67 10.56
CA ASP K 209 -34.45 27.99 11.69
C ASP K 209 -35.91 27.71 11.35
N ALA K 210 -36.80 27.94 12.30
CA ALA K 210 -38.22 27.77 12.04
C ALA K 210 -38.69 28.76 10.99
N VAL K 211 -39.63 28.31 10.15
CA VAL K 211 -40.11 29.15 9.05
C VAL K 211 -40.78 30.41 9.58
N ALA K 212 -41.48 30.30 10.72
CA ALA K 212 -42.12 31.47 11.31
C ALA K 212 -41.09 32.51 11.72
N ALA K 213 -39.95 32.08 12.26
CA ALA K 213 -38.91 33.03 12.65
C ALA K 213 -38.35 33.76 11.43
N ARG K 214 -38.08 33.02 10.35
CA ARG K 214 -37.56 33.64 9.14
C ARG K 214 -38.59 34.57 8.51
N TYR K 215 -39.87 34.27 8.67
CA TYR K 215 -40.90 35.16 8.13
C TYR K 215 -41.07 36.42 8.98
N LEU K 216 -40.98 36.30 10.30
CA LEU K 216 -41.27 37.41 11.21
C LEU K 216 -40.03 38.18 11.64
N ALA K 217 -38.84 37.81 11.18
CA ALA K 217 -37.64 38.57 11.56
C ALA K 217 -37.67 40.03 11.12
N PRO K 218 -37.95 40.38 9.86
CA PRO K 218 -37.94 41.81 9.50
C PRO K 218 -38.94 42.65 10.27
N TYR K 219 -40.11 42.08 10.61
CA TYR K 219 -41.09 42.83 11.38
C TYR K 219 -40.60 43.10 12.80
N ALA K 220 -39.94 42.13 13.42
CA ALA K 220 -39.34 42.36 14.74
C ALA K 220 -38.25 43.42 14.67
N GLY K 221 -37.42 43.35 13.63
CA GLY K 221 -36.40 44.38 13.45
C GLY K 221 -37.00 45.76 13.28
N MET K 222 -38.08 45.86 12.51
CA MET K 222 -38.76 47.14 12.36
C MET K 222 -39.40 47.61 13.65
N ALA K 223 -39.85 46.68 14.50
CA ALA K 223 -40.37 47.08 15.80
C ALA K 223 -39.26 47.67 16.67
N ILE K 224 -38.07 47.06 16.64
CA ILE K 224 -36.94 47.62 17.38
C ILE K 224 -36.57 49.00 16.82
N ALA K 225 -36.56 49.13 15.49
CA ALA K 225 -36.30 50.42 14.88
C ALA K 225 -37.35 51.46 15.26
N GLU K 226 -38.60 51.04 15.38
CA GLU K 226 -39.65 51.95 15.81
C GLU K 226 -39.43 52.40 17.25
N PHE K 227 -39.01 51.48 18.12
CA PHE K 227 -38.68 51.86 19.49
C PHE K 227 -37.58 52.92 19.50
N PHE K 228 -36.54 52.72 18.70
CA PHE K 228 -35.44 53.69 18.70
C PHE K 228 -35.85 55.00 18.04
N GLN K 229 -36.76 54.95 17.07
CA GLN K 229 -37.23 56.18 16.42
C GLN K 229 -38.11 57.00 17.34
N GLN K 230 -38.89 56.35 18.21
CA GLN K 230 -39.85 57.06 19.04
C GLN K 230 -39.18 58.03 20.00
N ILE K 231 -37.87 57.90 20.22
CA ILE K 231 -37.14 58.82 21.09
C ILE K 231 -36.29 59.82 20.30
N GLY K 232 -36.48 59.88 18.98
CA GLY K 232 -35.83 60.89 18.16
C GLY K 232 -34.59 60.43 17.42
N LYS K 233 -34.17 59.19 17.62
CA LYS K 233 -32.95 58.71 16.98
C LYS K 233 -33.18 58.48 15.48
N ASP K 234 -32.10 58.55 14.72
CA ASP K 234 -32.11 58.21 13.31
C ASP K 234 -31.60 56.78 13.15
N VAL K 235 -32.41 55.93 12.53
CA VAL K 235 -32.13 54.50 12.45
C VAL K 235 -31.82 54.14 11.00
N LEU K 236 -30.83 53.27 10.80
CA LEU K 236 -30.51 52.71 9.50
C LEU K 236 -30.66 51.20 9.59
N VAL K 237 -31.60 50.66 8.82
CA VAL K 237 -31.94 49.25 8.83
C VAL K 237 -31.49 48.61 7.52
N VAL K 238 -30.89 47.43 7.61
CA VAL K 238 -30.45 46.69 6.43
C VAL K 238 -31.02 45.28 6.51
N MET K 239 -31.83 44.91 5.53
CA MET K 239 -32.44 43.58 5.45
C MET K 239 -31.71 42.76 4.40
N ASP K 240 -31.11 41.65 4.83
CA ASP K 240 -30.35 40.78 3.94
C ASP K 240 -30.84 39.35 4.12
N ASP K 241 -31.64 38.85 3.18
CA ASP K 241 -32.18 39.62 2.07
C ASP K 241 -33.65 39.26 1.89
N LEU K 242 -34.41 40.13 1.21
CA LEU K 242 -35.85 39.93 1.11
C LEU K 242 -36.24 38.79 0.17
N THR K 243 -35.31 38.31 -0.66
CA THR K 243 -35.60 37.12 -1.47
C THR K 243 -35.80 35.89 -0.58
N ASN K 244 -34.94 35.72 0.43
CA ASN K 244 -35.14 34.63 1.38
C ASN K 244 -36.39 34.81 2.20
N HIS K 245 -36.75 36.06 2.53
CA HIS K 245 -38.00 36.30 3.23
C HIS K 245 -39.20 35.89 2.39
N ALA K 246 -39.19 36.23 1.10
CA ALA K 246 -40.26 35.81 0.21
C ALA K 246 -40.32 34.30 0.10
N ASP K 247 -39.15 33.64 0.01
CA ASP K 247 -39.12 32.19 -0.03
C ASP K 247 -39.72 31.57 1.23
N ALA K 248 -39.38 32.13 2.39
CA ALA K 248 -39.91 31.60 3.66
C ALA K 248 -41.42 31.80 3.74
N TYR K 249 -41.92 32.96 3.32
CA TYR K 249 -43.36 33.17 3.34
C TYR K 249 -44.06 32.24 2.37
N ARG K 250 -43.47 31.99 1.20
CA ARG K 250 -44.07 31.06 0.26
C ARG K 250 -44.11 29.65 0.84
N GLU K 251 -43.04 29.24 1.51
CA GLU K 251 -43.02 27.92 2.15
C GLU K 251 -44.11 27.82 3.20
N LEU K 252 -44.22 28.83 4.05
CA LEU K 252 -45.24 28.82 5.09
C LEU K 252 -46.64 28.76 4.51
N SER K 253 -46.90 29.53 3.45
CA SER K 253 -48.24 29.55 2.86
C SER K 253 -48.56 28.26 2.14
N LEU K 254 -47.61 27.72 1.38
CA LEU K 254 -47.86 26.50 0.62
C LEU K 254 -48.06 25.32 1.56
N LEU K 255 -47.29 25.25 2.65
CA LEU K 255 -47.51 24.17 3.61
C LEU K 255 -48.80 24.34 4.40
N ALA K 256 -49.47 25.48 4.29
CA ALA K 256 -50.70 25.76 5.02
C ALA K 256 -51.94 25.66 4.14
N GLY K 257 -51.80 25.26 2.89
CA GLY K 257 -52.95 25.07 2.02
C GLY K 257 -53.32 26.24 1.14
N ILE K 258 -52.46 27.23 1.01
CA ILE K 258 -52.76 28.41 0.18
C ILE K 258 -52.43 28.10 -1.27
N ALA K 259 -53.34 28.49 -2.16
CA ALA K 259 -53.14 28.25 -3.59
C ALA K 259 -52.01 29.13 -4.12
N PRO K 260 -51.20 28.62 -5.04
CA PRO K 260 -50.10 29.43 -5.58
C PRO K 260 -50.56 30.51 -6.55
N ALA K 261 -49.62 31.31 -7.04
CA ALA K 261 -49.87 32.36 -8.00
C ALA K 261 -48.62 32.51 -8.85
N ARG K 262 -48.46 33.66 -9.50
CA ARG K 262 -47.30 33.95 -10.34
C ARG K 262 -46.00 33.56 -9.65
N GLU K 263 -45.22 32.71 -10.32
CA GLU K 263 -43.93 32.22 -9.83
C GLU K 263 -44.06 31.46 -8.52
N ALA K 264 -45.22 30.83 -8.30
CA ALA K 264 -45.54 29.96 -7.18
C ALA K 264 -45.65 30.69 -5.85
N TYR K 265 -45.50 32.02 -5.82
CA TYR K 265 -45.76 32.77 -4.61
C TYR K 265 -47.26 32.93 -4.39
N PRO K 266 -47.69 33.21 -3.17
CA PRO K 266 -49.09 33.59 -2.95
C PRO K 266 -49.37 34.98 -3.49
N GLY K 267 -50.66 35.32 -3.56
CA GLY K 267 -51.03 36.66 -3.98
C GLY K 267 -50.71 37.74 -2.97
N ASP K 268 -50.56 37.37 -1.70
CA ASP K 268 -50.26 38.32 -0.63
C ASP K 268 -48.84 38.87 -0.73
N ILE K 269 -47.99 38.30 -1.57
CA ILE K 269 -46.55 38.55 -1.50
C ILE K 269 -46.20 40.02 -1.71
N PHE K 270 -47.05 40.79 -2.39
CA PHE K 270 -46.82 42.22 -2.47
C PHE K 270 -47.12 42.89 -1.13
N TYR K 271 -48.31 42.67 -0.61
CA TYR K 271 -48.71 43.30 0.65
C TYR K 271 -47.75 42.92 1.77
N VAL K 272 -47.40 41.64 1.86
CA VAL K 272 -46.45 41.15 2.85
C VAL K 272 -45.22 42.04 2.91
N HIS K 273 -44.77 42.53 1.76
CA HIS K 273 -43.60 43.40 1.76
C HIS K 273 -43.99 44.86 1.95
N SER K 274 -45.07 45.30 1.30
CA SER K 274 -45.41 46.73 1.32
C SER K 274 -45.67 47.18 2.75
N SER K 275 -46.57 46.49 3.46
CA SER K 275 -46.89 46.85 4.83
C SER K 275 -45.65 46.79 5.72
N LEU K 276 -44.63 46.06 5.31
CA LEU K 276 -43.36 46.09 6.03
C LEU K 276 -42.60 47.36 5.72
N LEU K 277 -42.32 47.60 4.43
CA LEU K 277 -41.42 48.69 4.07
C LEU K 277 -42.07 50.05 4.24
N GLU K 278 -43.39 50.10 4.39
CA GLU K 278 -44.06 51.36 4.69
C GLU K 278 -43.88 51.77 6.14
N ARG K 279 -43.29 50.92 6.98
CA ARG K 279 -43.06 51.26 8.38
C ARG K 279 -41.80 52.08 8.59
N GLY K 280 -41.27 52.69 7.52
CA GLY K 280 -40.12 53.56 7.65
C GLY K 280 -40.34 54.86 6.92
N GLY K 281 -39.54 55.85 7.28
CA GLY K 281 -39.64 57.17 6.66
C GLY K 281 -39.10 58.23 7.60
N LYS K 282 -39.46 59.48 7.29
CA LYS K 282 -39.10 60.63 8.10
C LYS K 282 -40.34 61.15 8.81
N TYR K 283 -40.24 61.36 10.12
CA TYR K 283 -41.40 61.67 10.93
C TYR K 283 -41.28 63.05 11.56
N GLY K 284 -42.43 63.63 11.87
CA GLY K 284 -42.49 64.93 12.48
C GLY K 284 -42.20 64.91 13.97
N PRO K 285 -41.86 66.06 14.54
CA PRO K 285 -41.44 66.10 15.95
C PRO K 285 -42.51 65.66 16.93
N GLU K 286 -43.78 65.73 16.58
CA GLU K 286 -44.85 65.37 17.50
C GLU K 286 -45.13 63.87 17.54
N PHE K 287 -44.45 63.07 16.72
CA PHE K 287 -44.69 61.65 16.65
C PHE K 287 -43.42 60.84 16.81
N GLY K 288 -42.40 61.42 17.45
CA GLY K 288 -41.13 60.76 17.64
C GLY K 288 -39.97 61.57 17.10
N GLY K 289 -40.16 62.19 15.93
CA GLY K 289 -39.18 63.09 15.39
C GLY K 289 -37.96 62.46 14.75
N GLY K 290 -37.90 61.14 14.68
CA GLY K 290 -36.75 60.44 14.13
C GLY K 290 -36.86 60.18 12.65
N SER K 291 -36.19 59.11 12.20
CA SER K 291 -36.25 58.68 10.81
C SER K 291 -35.68 57.29 10.65
N ILE K 292 -36.41 56.41 9.96
CA ILE K 292 -35.94 55.05 9.68
C ILE K 292 -35.56 54.97 8.22
N THR K 293 -34.30 54.66 7.96
CA THR K 293 -33.80 54.45 6.60
C THR K 293 -33.62 52.95 6.37
N ILE K 294 -34.20 52.44 5.29
CA ILE K 294 -34.17 51.01 4.99
C ILE K 294 -33.36 50.78 3.72
N LEU K 295 -32.56 49.72 3.74
CA LEU K 295 -31.77 49.30 2.58
C LEU K 295 -32.01 47.81 2.32
N PRO K 296 -33.17 47.47 1.77
CA PRO K 296 -33.44 46.05 1.47
C PRO K 296 -32.57 45.55 0.33
N ILE K 297 -32.31 44.23 0.35
CA ILE K 297 -31.43 43.58 -0.61
C ILE K 297 -32.22 42.51 -1.35
N ALA K 298 -32.05 42.46 -2.67
CA ALA K 298 -32.73 41.48 -3.50
C ALA K 298 -31.76 40.91 -4.54
N GLN K 299 -31.94 39.63 -4.83
CA GLN K 299 -31.11 38.92 -5.79
C GLN K 299 -31.89 38.66 -7.07
N THR K 300 -31.29 39.00 -8.20
CA THR K 300 -31.82 38.67 -9.52
C THR K 300 -31.10 37.47 -10.09
N LEU K 301 -31.70 36.87 -11.12
CA LEU K 301 -31.16 35.67 -11.75
C LEU K 301 -30.79 36.00 -13.19
N ALA K 302 -29.51 35.82 -13.52
CA ALA K 302 -29.00 36.02 -14.88
C ALA K 302 -29.23 37.44 -15.38
N GLY K 303 -29.32 38.40 -14.46
CA GLY K 303 -29.51 39.79 -14.85
C GLY K 303 -30.94 40.17 -15.19
N ASP K 304 -31.89 39.27 -14.99
CA ASP K 304 -33.30 39.54 -15.30
C ASP K 304 -33.87 40.42 -14.20
N ILE K 305 -33.86 41.73 -14.43
CA ILE K 305 -34.40 42.68 -13.46
C ILE K 305 -35.92 42.74 -13.47
N SER K 306 -36.57 42.13 -14.46
CA SER K 306 -38.02 42.15 -14.56
C SER K 306 -38.67 40.91 -13.95
N GLY K 307 -38.09 40.37 -12.90
CA GLY K 307 -38.72 39.29 -12.16
C GLY K 307 -39.85 39.81 -11.30
N TYR K 308 -40.56 38.87 -10.67
CA TYR K 308 -41.74 39.23 -9.90
C TYR K 308 -41.35 39.96 -8.61
N ILE K 309 -40.57 39.31 -7.75
CA ILE K 309 -40.16 39.94 -6.50
C ILE K 309 -39.31 41.19 -6.74
N PRO K 310 -38.31 41.09 -7.64
CA PRO K 310 -37.48 42.25 -7.91
C PRO K 310 -38.32 43.45 -8.32
N THR K 311 -39.30 43.26 -9.18
CA THR K 311 -40.17 44.36 -9.60
C THR K 311 -41.15 44.80 -8.52
N ASN K 312 -41.67 43.87 -7.73
CA ASN K 312 -42.56 44.23 -6.65
C ASN K 312 -41.85 45.17 -5.73
N LEU K 313 -40.57 44.93 -5.51
CA LEU K 313 -39.80 45.75 -4.60
C LEU K 313 -39.37 47.08 -5.21
N ILE K 314 -39.10 47.12 -6.50
CA ILE K 314 -38.78 48.38 -7.17
C ILE K 314 -39.98 49.28 -7.15
N SER K 315 -41.15 48.70 -6.98
CA SER K 315 -42.37 49.49 -6.93
C SER K 315 -42.69 49.99 -5.52
N ILE K 316 -42.14 49.35 -4.51
CA ILE K 316 -42.41 49.75 -3.14
C ILE K 316 -41.36 50.70 -2.64
N THR K 317 -40.17 50.60 -3.20
CA THR K 317 -39.06 51.41 -2.71
C THR K 317 -38.92 52.71 -3.44
N ASP K 318 -38.00 53.53 -3.00
CA ASP K 318 -37.82 54.86 -3.57
C ASP K 318 -36.57 54.95 -4.44
N GLY K 319 -36.14 53.84 -5.00
CA GLY K 319 -34.94 53.82 -5.82
C GLY K 319 -34.34 52.44 -5.85
N GLN K 320 -33.18 52.36 -6.51
CA GLN K 320 -32.53 51.07 -6.68
C GLN K 320 -31.05 51.29 -6.97
N ILE K 321 -30.21 50.42 -6.39
CA ILE K 321 -28.79 50.36 -6.70
C ILE K 321 -28.53 49.01 -7.34
N TYR K 322 -28.33 49.00 -8.66
CA TYR K 322 -28.20 47.75 -9.41
C TYR K 322 -26.72 47.40 -9.56
N THR K 323 -26.36 46.22 -9.05
CA THR K 323 -25.00 45.72 -9.18
C THR K 323 -24.93 44.76 -10.37
N SER K 324 -23.92 44.95 -11.22
CA SER K 324 -23.81 44.24 -12.49
C SER K 324 -22.74 43.16 -12.39
N ALA K 325 -23.09 41.94 -12.81
CA ALA K 325 -22.11 40.86 -12.83
C ALA K 325 -21.04 41.08 -13.90
N LYS K 326 -21.42 41.71 -15.02
CA LYS K 326 -20.43 42.01 -16.06
C LYS K 326 -19.36 42.95 -15.55
N LEU K 327 -19.76 43.98 -14.81
CA LEU K 327 -18.77 44.88 -14.21
C LEU K 327 -17.98 44.19 -13.12
N PHE K 328 -18.61 43.29 -12.36
CA PHE K 328 -17.91 42.59 -11.29
C PHE K 328 -16.81 41.69 -11.85
N ASN K 329 -17.11 40.94 -12.92
CA ASN K 329 -16.09 40.07 -13.51
C ASN K 329 -14.99 40.84 -14.20
N GLU K 330 -15.24 42.10 -14.57
CA GLU K 330 -14.24 42.91 -15.25
C GLU K 330 -13.28 43.61 -14.30
N GLY K 331 -13.48 43.48 -12.99
CA GLY K 331 -12.60 44.07 -12.01
C GLY K 331 -13.15 45.32 -11.34
N THR K 332 -14.26 45.87 -11.84
CA THR K 332 -14.86 47.03 -11.21
C THR K 332 -15.44 46.67 -9.85
N ARG K 333 -15.12 47.45 -8.84
CA ARG K 333 -15.60 47.22 -7.48
C ARG K 333 -15.70 48.55 -6.73
N PRO K 334 -16.91 48.97 -6.31
CA PRO K 334 -18.19 48.27 -6.45
C PRO K 334 -18.70 48.22 -7.88
N ALA K 335 -19.33 47.11 -8.25
CA ALA K 335 -19.81 46.90 -9.62
C ALA K 335 -21.21 47.46 -9.80
N ILE K 336 -21.34 48.76 -9.57
CA ILE K 336 -22.61 49.45 -9.68
C ILE K 336 -22.81 49.92 -11.12
N ASP K 337 -23.92 49.53 -11.72
CA ASP K 337 -24.31 50.02 -13.05
C ASP K 337 -25.12 51.28 -12.85
N VAL K 338 -24.48 52.44 -12.99
CA VAL K 338 -25.16 53.72 -12.76
C VAL K 338 -26.26 53.92 -13.78
N ASN K 339 -26.13 53.33 -14.97
CA ASN K 339 -27.15 53.48 -16.00
C ASN K 339 -28.46 52.81 -15.58
N LEU K 340 -28.37 51.68 -14.87
CA LEU K 340 -29.54 50.94 -14.43
C LEU K 340 -29.95 51.26 -13.01
N SER K 341 -29.27 52.20 -12.36
CA SER K 341 -29.60 52.62 -11.00
C SER K 341 -30.29 53.98 -11.05
N VAL K 342 -30.99 54.30 -9.96
CA VAL K 342 -31.72 55.56 -9.88
C VAL K 342 -32.00 55.87 -8.42
N SER K 343 -32.11 57.15 -8.10
CA SER K 343 -32.61 57.63 -6.82
C SER K 343 -33.73 58.61 -7.10
N ARG K 344 -34.90 58.37 -6.53
CA ARG K 344 -36.04 59.22 -6.86
C ARG K 344 -36.09 60.49 -6.04
N LEU K 345 -35.33 60.57 -4.95
CA LEU K 345 -35.28 61.80 -4.19
C LEU K 345 -34.46 62.86 -4.91
N GLY K 346 -33.37 62.45 -5.56
CA GLY K 346 -32.53 63.38 -6.29
C GLY K 346 -31.82 64.35 -5.36
N SER K 347 -31.65 65.58 -5.85
CA SER K 347 -30.90 66.59 -5.12
C SER K 347 -31.56 66.95 -3.79
N ALA K 348 -32.83 66.59 -3.60
CA ALA K 348 -33.49 66.82 -2.31
C ALA K 348 -32.84 66.00 -1.20
N ALA K 349 -32.14 64.92 -1.53
CA ALA K 349 -31.44 64.12 -0.54
C ALA K 349 -30.00 64.57 -0.33
N GLN K 350 -29.57 65.64 -1.00
CA GLN K 350 -28.18 66.10 -0.97
C GLN K 350 -28.09 67.47 -0.34
N SER K 351 -26.90 67.78 0.17
CA SER K 351 -26.61 69.14 0.61
C SER K 351 -26.38 70.03 -0.62
N LYS K 352 -26.32 71.34 -0.37
CA LYS K 352 -26.29 72.30 -1.47
C LYS K 352 -25.02 72.16 -2.31
N PHE K 353 -23.87 72.04 -1.65
CA PHE K 353 -22.62 71.95 -2.40
C PHE K 353 -22.51 70.63 -3.15
N MET K 354 -22.98 69.53 -2.55
CA MET K 354 -22.99 68.26 -3.24
C MET K 354 -24.00 68.26 -4.38
N ALA K 355 -25.14 68.93 -4.19
CA ALA K 355 -26.12 69.03 -5.27
C ALA K 355 -25.58 69.83 -6.44
N PHE K 356 -24.83 70.90 -6.17
CA PHE K 356 -24.26 71.69 -7.26
C PHE K 356 -23.07 71.00 -7.91
N ALA K 357 -22.29 70.23 -7.15
CA ALA K 357 -21.15 69.55 -7.74
C ALA K 357 -21.58 68.48 -8.74
N SER K 358 -22.68 67.79 -8.45
CA SER K 358 -23.15 66.71 -9.32
C SER K 358 -24.55 67.01 -9.83
N SER K 359 -24.77 68.23 -10.33
CA SER K 359 -26.11 68.66 -10.72
C SER K 359 -26.66 67.82 -11.86
N GLY K 360 -25.87 67.64 -12.92
CA GLY K 360 -26.38 66.96 -14.10
C GLY K 360 -25.49 65.86 -14.67
N LEU K 361 -24.87 65.07 -13.78
CA LEU K 361 -23.89 64.09 -14.22
C LEU K 361 -24.52 62.76 -14.65
N LYS K 362 -25.61 62.35 -14.02
CA LYS K 362 -26.22 61.07 -14.38
C LYS K 362 -26.78 61.09 -15.79
N LYS K 363 -27.40 62.20 -16.19
CA LYS K 363 -27.85 62.35 -17.56
C LYS K 363 -26.68 62.28 -18.54
N ILE K 364 -25.54 62.87 -18.16
CA ILE K 364 -24.36 62.82 -19.01
C ILE K 364 -23.87 61.39 -19.16
N TYR K 365 -23.89 60.62 -18.06
CA TYR K 365 -23.46 59.22 -18.14
C TYR K 365 -24.40 58.40 -19.01
N THR K 366 -25.71 58.63 -18.88
CA THR K 366 -26.67 57.94 -19.74
C THR K 366 -26.44 58.27 -21.20
N GLU K 367 -26.22 59.55 -21.51
CA GLU K 367 -25.95 59.96 -22.88
C GLU K 367 -24.65 59.36 -23.39
N TYR K 368 -23.64 59.25 -22.52
CA TYR K 368 -22.37 58.66 -22.92
C TYR K 368 -22.54 57.19 -23.26
N LYS K 369 -23.29 56.45 -22.45
CA LYS K 369 -23.56 55.05 -22.77
C LYS K 369 -24.33 54.92 -24.09
N TYR K 370 -25.34 55.76 -24.28
CA TYR K 370 -26.12 55.72 -25.51
C TYR K 370 -25.24 56.00 -26.73
N LEU K 371 -24.38 57.02 -26.62
CA LEU K 371 -23.52 57.39 -27.74
C LEU K 371 -22.49 56.30 -28.02
N LYS K 372 -21.98 55.65 -26.97
CA LYS K 372 -21.04 54.56 -27.17
C LYS K 372 -21.70 53.39 -27.89
N ARG K 373 -22.96 53.10 -27.55
CA ARG K 373 -23.65 52.00 -28.22
C ARG K 373 -24.04 52.37 -29.65
N LEU K 374 -24.46 53.63 -29.86
CA LEU K 374 -25.03 54.02 -31.15
C LEU K 374 -24.00 53.95 -32.27
N SER K 375 -24.44 53.51 -33.44
CA SER K 375 -23.61 53.40 -34.64
C SER K 375 -24.15 54.36 -35.70
N SER K 376 -23.25 55.16 -36.27
CA SER K 376 -23.64 56.19 -37.23
C SER K 376 -22.78 56.08 -38.49
N PHE K 377 -23.31 56.64 -39.59
CA PHE K 377 -22.62 56.56 -40.86
C PHE K 377 -21.42 57.50 -40.92
N SER K 378 -21.55 58.70 -40.36
CA SER K 378 -20.46 59.66 -40.40
C SER K 378 -19.26 59.13 -39.61
N SER K 379 -18.07 59.26 -40.20
CA SER K 379 -16.84 58.83 -39.55
C SER K 379 -16.33 59.86 -38.54
N LYS K 380 -16.82 61.08 -38.58
CA LYS K 380 -16.39 62.12 -37.66
C LYS K 380 -17.40 62.29 -36.54
N ILE K 381 -16.91 62.72 -35.38
CA ILE K 381 -17.72 62.90 -34.19
C ILE K 381 -17.85 64.40 -33.93
N SER K 382 -19.08 64.86 -33.71
CA SER K 382 -19.29 66.24 -33.35
C SER K 382 -18.63 66.56 -32.01
N ASN K 383 -18.29 67.83 -31.81
CA ASN K 383 -17.49 68.20 -30.65
C ASN K 383 -18.25 68.01 -29.34
N ARG K 384 -19.57 68.25 -29.34
CA ARG K 384 -20.35 68.00 -28.14
C ARG K 384 -20.32 66.52 -27.75
N ASP K 385 -20.43 65.64 -28.75
CA ASP K 385 -20.37 64.20 -28.48
C ASP K 385 -18.99 63.81 -27.98
N LEU K 386 -17.93 64.41 -28.53
CA LEU K 386 -16.59 64.11 -28.04
C LEU K 386 -16.41 64.56 -26.60
N GLU K 387 -16.93 65.74 -26.26
CA GLU K 387 -16.87 66.21 -24.88
C GLU K 387 -17.64 65.29 -23.96
N THR K 388 -18.81 64.82 -24.40
CA THR K 388 -19.59 63.89 -23.60
C THR K 388 -18.84 62.58 -23.38
N LEU K 389 -18.17 62.07 -24.42
CA LEU K 389 -17.38 60.85 -24.28
C LEU K 389 -16.24 61.06 -23.29
N GLN K 390 -15.53 62.18 -23.39
CA GLN K 390 -14.45 62.48 -22.46
C GLN K 390 -14.97 62.52 -21.02
N LYS K 391 -16.08 63.23 -20.81
CA LYS K 391 -16.61 63.36 -19.46
C LYS K 391 -17.08 62.01 -18.92
N GLY K 392 -17.71 61.19 -19.75
CA GLY K 392 -18.16 59.89 -19.28
C GLY K 392 -17.01 58.97 -18.92
N LYS K 393 -15.98 58.94 -19.76
CA LYS K 393 -14.81 58.12 -19.45
C LYS K 393 -14.14 58.60 -18.17
N ALA K 394 -14.05 59.92 -17.98
CA ALA K 394 -13.46 60.44 -16.74
C ALA K 394 -14.32 60.10 -15.53
N PHE K 395 -15.66 60.14 -15.70
CA PHE K 395 -16.56 59.81 -14.61
C PHE K 395 -16.46 58.34 -14.22
N GLU K 396 -16.17 57.47 -15.19
CA GLU K 396 -16.10 56.04 -14.89
C GLU K 396 -14.95 55.68 -13.95
N SER K 397 -14.01 56.60 -13.72
CA SER K 397 -12.88 56.34 -12.83
C SER K 397 -13.14 56.79 -11.40
N LEU K 398 -14.29 57.40 -11.12
CA LEU K 398 -14.66 57.81 -9.78
C LEU K 398 -15.46 56.75 -9.03
N ILE K 399 -15.59 55.55 -9.60
CA ILE K 399 -16.45 54.53 -9.03
C ILE K 399 -15.61 53.53 -8.23
N ASP K 400 -14.36 53.34 -8.65
CA ASP K 400 -13.51 52.36 -7.99
C ASP K 400 -13.19 52.78 -6.57
N GLN K 401 -13.20 51.80 -5.66
CA GLN K 401 -13.11 52.05 -4.23
C GLN K 401 -12.89 50.73 -3.52
N ALA K 402 -11.97 50.72 -2.56
CA ALA K 402 -11.61 49.49 -1.87
C ALA K 402 -12.73 49.07 -0.91
N GLU K 403 -12.64 47.83 -0.46
CA GLU K 403 -13.66 47.28 0.41
C GLU K 403 -13.61 47.91 1.79
N TYR K 404 -14.79 48.24 2.32
CA TYR K 404 -14.94 48.87 3.63
C TYR K 404 -14.21 50.20 3.72
N GLU K 405 -14.11 50.91 2.60
CA GLU K 405 -13.46 52.21 2.54
C GLU K 405 -14.54 53.30 2.61
N VAL K 406 -14.44 54.18 3.60
CA VAL K 406 -15.42 55.24 3.82
C VAL K 406 -14.80 56.55 3.36
N ILE K 407 -15.40 57.15 2.33
CA ILE K 407 -14.96 58.43 1.80
C ILE K 407 -15.94 59.50 2.27
N ASP K 408 -15.41 60.57 2.85
CA ASP K 408 -16.27 61.58 3.44
C ASP K 408 -17.09 62.31 2.37
N TYR K 409 -18.16 62.95 2.82
CA TYR K 409 -19.08 63.63 1.91
C TYR K 409 -18.37 64.73 1.12
N GLU K 410 -17.53 65.51 1.79
CA GLU K 410 -16.88 66.64 1.14
C GLU K 410 -15.80 66.19 0.17
N THR K 411 -15.11 65.09 0.46
CA THR K 411 -14.15 64.56 -0.50
C THR K 411 -14.84 64.15 -1.80
N SER K 412 -16.00 63.48 -1.68
CA SER K 412 -16.76 63.11 -2.86
C SER K 412 -17.26 64.35 -3.60
N ALA K 413 -17.72 65.36 -2.85
CA ALA K 413 -18.18 66.58 -3.50
C ALA K 413 -17.05 67.27 -4.26
N ILE K 414 -15.86 67.33 -3.66
CA ILE K 414 -14.72 67.96 -4.32
C ILE K 414 -14.32 67.19 -5.57
N LEU K 415 -14.30 65.86 -5.48
CA LEU K 415 -13.94 65.05 -6.65
C LEU K 415 -14.97 65.24 -7.77
N PHE K 416 -16.25 65.26 -7.43
CA PHE K 416 -17.28 65.45 -8.45
C PHE K 416 -17.21 66.84 -9.06
N LEU K 417 -16.91 67.86 -8.25
CA LEU K 417 -16.74 69.20 -8.81
C LEU K 417 -15.54 69.27 -9.74
N LEU K 418 -14.44 68.60 -9.38
CA LEU K 418 -13.29 68.55 -10.27
C LEU K 418 -13.64 67.87 -11.58
N LEU K 419 -14.41 66.78 -11.52
CA LEU K 419 -14.85 66.10 -12.73
C LEU K 419 -15.75 66.99 -13.58
N LYS K 420 -16.67 67.71 -12.95
CA LYS K 420 -17.66 68.49 -13.69
C LYS K 420 -17.03 69.66 -14.42
N LYS K 421 -16.11 70.37 -13.78
CA LYS K 421 -15.54 71.59 -14.34
C LYS K 421 -14.55 71.32 -15.47
N GLY K 422 -14.37 70.08 -15.89
CA GLY K 422 -13.54 69.76 -17.02
C GLY K 422 -12.08 69.50 -16.73
N PHE K 423 -11.66 69.59 -15.47
CA PHE K 423 -10.24 69.43 -15.15
C PHE K 423 -9.77 67.99 -15.31
N LEU K 424 -10.68 67.02 -15.26
CA LEU K 424 -10.31 65.61 -15.34
C LEU K 424 -10.42 65.04 -16.74
N ASN K 425 -10.81 65.85 -17.73
CA ASN K 425 -11.02 65.33 -19.07
C ASN K 425 -9.71 65.04 -19.80
N PHE K 426 -8.59 65.60 -19.34
CA PHE K 426 -7.32 65.46 -20.04
C PHE K 426 -6.64 64.13 -19.76
N TYR K 427 -7.16 63.33 -18.84
CA TYR K 427 -6.56 62.06 -18.47
C TYR K 427 -7.05 60.89 -19.32
N THR K 428 -7.88 61.15 -20.33
CA THR K 428 -8.58 60.08 -21.03
C THR K 428 -7.63 59.09 -21.71
N GLU K 429 -6.37 59.47 -21.93
CA GLU K 429 -5.38 58.54 -22.47
C GLU K 429 -4.59 57.82 -21.38
N LYS K 430 -4.80 58.16 -20.11
CA LYS K 430 -4.08 57.54 -19.00
C LYS K 430 -5.06 57.41 -17.82
N THR K 431 -5.72 56.27 -17.72
CA THR K 431 -6.67 56.06 -16.64
C THR K 431 -5.96 55.78 -15.32
N GLU K 432 -4.86 55.04 -15.35
CA GLU K 432 -4.11 54.75 -14.12
C GLU K 432 -3.54 56.02 -13.50
N ALA K 433 -3.11 56.97 -14.33
CA ALA K 433 -2.69 58.26 -13.80
C ALA K 433 -3.82 58.97 -13.08
N LEU K 434 -5.03 58.88 -13.65
CA LEU K 434 -6.19 59.48 -12.99
C LEU K 434 -6.46 58.81 -11.65
N LYS K 435 -6.34 57.48 -11.59
CA LYS K 435 -6.52 56.78 -10.33
C LYS K 435 -5.48 57.21 -9.30
N VAL K 436 -4.23 57.34 -9.75
CA VAL K 436 -3.15 57.75 -8.84
C VAL K 436 -3.42 59.14 -8.28
N ILE K 437 -3.79 60.08 -9.15
CA ILE K 437 -4.01 61.44 -8.68
C ILE K 437 -5.26 61.53 -7.81
N ILE K 438 -6.28 60.72 -8.09
CA ILE K 438 -7.47 60.71 -7.24
C ILE K 438 -7.12 60.18 -5.85
N GLY K 439 -6.30 59.13 -5.79
CA GLY K 439 -5.84 58.64 -4.50
C GLY K 439 -5.02 59.67 -3.75
N VAL K 440 -4.14 60.38 -4.45
CA VAL K 440 -3.33 61.42 -3.81
C VAL K 440 -4.22 62.52 -3.25
N ILE K 441 -5.22 62.96 -4.03
CA ILE K 441 -6.14 63.99 -3.57
C ILE K 441 -6.91 63.50 -2.35
N LYS K 442 -7.35 62.25 -2.37
CA LYS K 442 -8.09 61.72 -1.23
C LYS K 442 -7.23 61.68 0.03
N VAL K 443 -5.98 61.24 -0.09
CA VAL K 443 -5.10 61.22 1.07
C VAL K 443 -4.86 62.63 1.58
N PHE K 444 -4.63 63.59 0.67
CA PHE K 444 -4.42 64.97 1.09
C PHE K 444 -5.62 65.52 1.84
N LEU K 445 -6.83 65.27 1.32
CA LEU K 445 -8.03 65.78 1.96
C LEU K 445 -8.32 65.09 3.28
N ALA K 446 -7.92 63.83 3.43
CA ALA K 446 -8.25 63.08 4.64
C ALA K 446 -7.25 63.33 5.76
N LYS K 447 -5.97 63.50 5.44
CA LYS K 447 -4.93 63.55 6.46
C LYS K 447 -4.41 64.96 6.72
N ASP K 448 -4.13 65.73 5.67
CA ASP K 448 -3.44 67.00 5.84
C ASP K 448 -4.35 68.01 6.52
N VAL K 449 -3.75 68.84 7.39
CA VAL K 449 -4.53 69.82 8.15
C VAL K 449 -5.20 70.81 7.22
N LEU K 450 -4.48 71.27 6.20
CA LEU K 450 -5.06 72.24 5.27
C LEU K 450 -6.19 71.61 4.45
N GLY K 451 -6.10 70.32 4.15
CA GLY K 451 -7.19 69.65 3.47
C GLY K 451 -8.44 69.56 4.32
N ARG K 452 -8.30 69.24 5.60
CA ARG K 452 -9.45 69.20 6.48
C ARG K 452 -10.05 70.59 6.67
N LYS K 453 -9.19 71.61 6.77
CA LYS K 453 -9.68 72.98 6.82
C LYS K 453 -10.44 73.34 5.54
N MET K 454 -9.95 72.90 4.39
CA MET K 454 -10.63 73.14 3.12
C MET K 454 -12.00 72.47 3.11
N ARG K 455 -12.08 71.23 3.63
CA ARG K 455 -13.37 70.56 3.72
C ARG K 455 -14.34 71.31 4.63
N ALA K 456 -13.84 71.79 5.78
CA ALA K 456 -14.70 72.56 6.68
C ALA K 456 -15.17 73.86 6.04
N ILE K 457 -14.30 74.52 5.29
CA ILE K 457 -14.69 75.74 4.58
C ILE K 457 -15.73 75.43 3.52
N LEU K 458 -15.56 74.31 2.80
CA LEU K 458 -16.57 73.90 1.83
C LEU K 458 -17.91 73.66 2.52
N VAL K 459 -17.89 73.08 3.71
CA VAL K 459 -19.12 72.85 4.46
C VAL K 459 -19.78 74.17 4.84
N GLU K 460 -19.00 75.10 5.38
CA GLU K 460 -19.57 76.26 6.06
C GLU K 460 -19.84 77.45 5.13
N HIS K 461 -18.94 77.72 4.19
CA HIS K 461 -19.02 78.95 3.40
C HIS K 461 -19.57 78.73 1.99
N GLY K 462 -19.49 77.53 1.44
CA GLY K 462 -20.06 77.24 0.15
C GLY K 462 -19.05 77.34 -0.97
N ILE K 463 -19.39 76.73 -2.10
CA ILE K 463 -18.52 76.72 -3.27
C ILE K 463 -18.37 78.12 -3.85
N ASP K 464 -19.44 78.92 -3.82
CA ASP K 464 -19.39 80.26 -4.36
C ASP K 464 -18.44 81.17 -3.60
N SER K 465 -18.18 80.86 -2.33
CA SER K 465 -17.36 81.74 -1.50
C SER K 465 -15.95 81.85 -2.08
N ILE K 466 -15.38 83.07 -1.97
CA ILE K 466 -14.06 83.32 -2.53
C ILE K 466 -12.99 82.55 -1.75
N VAL K 467 -13.22 82.30 -0.46
CA VAL K 467 -12.25 81.56 0.34
C VAL K 467 -12.03 80.15 -0.21
N TRP K 468 -13.12 79.45 -0.55
CA TRP K 468 -12.96 78.10 -1.08
C TRP K 468 -12.35 78.12 -2.47
N ASN K 469 -12.65 79.15 -3.28
CA ASN K 469 -12.02 79.26 -4.59
C ASN K 469 -10.53 79.47 -4.46
N LEU K 470 -10.10 80.30 -3.50
CA LEU K 470 -8.67 80.46 -3.24
C LEU K 470 -8.04 79.15 -2.80
N TYR K 471 -8.70 78.44 -1.88
CA TYR K 471 -8.17 77.15 -1.43
C TYR K 471 -8.00 76.20 -2.61
N LEU K 472 -9.02 76.09 -3.47
CA LEU K 472 -8.94 75.21 -4.63
C LEU K 472 -7.78 75.62 -5.54
N ASN K 473 -7.77 76.88 -5.96
CA ASN K 473 -6.79 77.36 -6.93
C ASN K 473 -5.36 77.29 -6.40
N HIS K 474 -5.18 77.34 -5.08
CA HIS K 474 -3.83 77.32 -4.54
C HIS K 474 -3.38 75.97 -4.02
N MET K 475 -4.29 75.02 -3.81
CA MET K 475 -3.90 73.71 -3.33
C MET K 475 -4.15 72.59 -4.31
N ILE K 476 -5.35 72.50 -4.88
CA ILE K 476 -5.73 71.32 -5.66
C ILE K 476 -5.32 71.46 -7.12
N LEU K 477 -5.68 72.58 -7.74
CA LEU K 477 -5.35 72.78 -9.15
C LEU K 477 -3.86 72.74 -9.45
N PRO K 478 -2.96 73.35 -8.66
CA PRO K 478 -1.53 73.21 -8.97
C PRO K 478 -1.04 71.77 -9.03
N LEU K 479 -1.52 70.93 -8.11
CA LEU K 479 -1.10 69.53 -8.13
C LEU K 479 -1.58 68.81 -9.38
N LEU K 480 -2.84 69.05 -9.76
CA LEU K 480 -3.36 68.48 -11.00
C LEU K 480 -2.56 68.95 -12.20
N LYS K 481 -2.22 70.24 -12.25
CA LYS K 481 -1.45 70.78 -13.37
C LYS K 481 -0.08 70.12 -13.44
N TYR K 482 0.60 70.00 -12.29
CA TYR K 482 1.91 69.36 -12.27
C TYR K 482 1.84 67.93 -12.75
N HIS K 483 0.91 67.14 -12.19
CA HIS K 483 0.84 65.73 -12.55
C HIS K 483 0.46 65.56 -14.01
N LEU K 484 -0.48 66.39 -14.49
CA LEU K 484 -0.93 66.30 -15.87
C LEU K 484 0.20 66.65 -16.84
N LEU K 485 1.00 67.67 -16.52
CA LEU K 485 2.11 68.02 -17.39
C LEU K 485 3.25 67.01 -17.29
N SER K 486 3.38 66.33 -16.15
CA SER K 486 4.41 65.31 -16.03
C SER K 486 4.06 64.06 -16.82
N GLU K 487 2.80 63.60 -16.73
CA GLU K 487 2.41 62.40 -17.46
C GLU K 487 2.32 62.65 -18.96
N LEU K 488 1.76 63.79 -19.36
CA LEU K 488 1.61 64.15 -20.77
C LEU K 488 2.19 65.53 -20.99
N GLN K 489 3.12 65.64 -21.94
CA GLN K 489 3.81 66.90 -22.19
C GLN K 489 3.17 67.74 -23.29
N TYR K 490 2.45 67.12 -24.22
CA TYR K 490 1.88 67.86 -25.34
C TYR K 490 0.74 68.78 -24.93
N LEU K 491 0.28 68.70 -23.68
CA LEU K 491 -0.80 69.57 -23.22
C LEU K 491 -0.37 71.03 -23.14
N ALA K 492 0.93 71.31 -23.10
CA ALA K 492 1.38 72.70 -23.09
C ALA K 492 0.97 73.41 -24.38
N THR K 493 1.12 72.73 -25.52
CA THR K 493 0.70 73.32 -26.79
C THR K 493 -0.82 73.39 -26.90
N ASN K 494 -1.52 72.43 -26.27
CA ASN K 494 -2.98 72.39 -26.35
C ASN K 494 -3.60 73.67 -25.80
N ARG K 495 -4.49 74.27 -26.59
CA ARG K 495 -5.11 75.53 -26.18
C ARG K 495 -6.19 75.33 -25.12
N GLU K 496 -6.89 74.19 -25.15
CA GLU K 496 -7.91 73.92 -24.13
C GLU K 496 -7.27 73.80 -22.75
N PHE K 497 -6.13 73.10 -22.66
CA PHE K 497 -5.40 73.01 -21.40
C PHE K 497 -4.92 74.37 -20.94
N ILE K 498 -4.41 75.18 -21.86
CA ILE K 498 -3.91 76.51 -21.52
C ILE K 498 -5.05 77.37 -20.98
N LYS K 499 -6.22 77.31 -21.62
CA LYS K 499 -7.37 78.07 -21.13
C LYS K 499 -7.81 77.57 -19.76
N LYS K 500 -7.81 76.25 -19.56
CA LYS K 500 -8.20 75.71 -18.26
C LYS K 500 -7.22 76.12 -17.17
N PHE K 501 -5.92 76.01 -17.45
CA PHE K 501 -4.85 76.41 -16.51
C PHE K 501 -4.11 77.59 -17.12
N LYS K 502 -4.56 78.80 -16.80
CA LYS K 502 -3.96 80.01 -17.33
C LYS K 502 -3.20 80.82 -16.29
N ASP K 503 -3.56 80.71 -15.01
CA ASP K 503 -2.84 81.40 -13.95
C ASP K 503 -2.68 80.52 -12.72
N ILE K 504 -2.58 79.21 -12.92
CA ILE K 504 -2.33 78.26 -11.84
C ILE K 504 -0.88 77.81 -11.93
N ARG K 505 -0.18 77.83 -10.80
CA ARG K 505 1.23 77.51 -10.81
C ARG K 505 1.45 76.00 -10.82
N ASN K 506 2.63 75.59 -11.28
CA ASN K 506 2.99 74.18 -11.39
C ASN K 506 3.74 73.77 -10.13
N ASP K 507 2.99 73.34 -9.13
CA ASP K 507 3.54 73.02 -7.79
C ASP K 507 2.98 71.66 -7.37
N GLY K 508 3.71 70.60 -7.70
CA GLY K 508 3.30 69.26 -7.32
C GLY K 508 4.16 68.68 -6.21
N ARG K 509 4.51 69.50 -5.23
CA ARG K 509 5.36 69.04 -4.14
C ARG K 509 4.61 68.12 -3.17
N ILE K 510 3.28 68.21 -3.13
CA ILE K 510 2.51 67.28 -2.31
C ILE K 510 2.65 65.86 -2.84
N LEU K 511 2.60 65.71 -4.17
CA LEU K 511 2.78 64.40 -4.78
C LEU K 511 4.14 63.80 -4.41
N LEU K 512 5.20 64.58 -4.56
CA LEU K 512 6.53 64.09 -4.25
C LEU K 512 6.68 63.78 -2.77
N ALA K 513 6.11 64.62 -1.90
CA ALA K 513 6.19 64.38 -0.47
C ALA K 513 5.50 63.07 -0.09
N TYR K 514 4.30 62.84 -0.64
CA TYR K 514 3.60 61.60 -0.33
C TYR K 514 4.33 60.39 -0.90
N GLU K 515 4.90 60.52 -2.10
CA GLU K 515 5.66 59.41 -2.68
C GLU K 515 6.87 59.07 -1.82
N ARG K 516 7.58 60.09 -1.33
CA ARG K 516 8.73 59.83 -0.47
C ARG K 516 8.30 59.23 0.87
N LYS K 517 7.18 59.71 1.43
CA LYS K 517 6.69 59.14 2.67
C LYS K 517 6.33 57.66 2.49
N GLY K 518 5.74 57.32 1.35
CA GLY K 518 5.47 55.91 1.07
C GLY K 518 6.74 55.09 0.87
N TYR K 519 7.70 55.63 0.13
CA TYR K 519 8.92 54.91 -0.18
C TYR K 519 9.91 54.89 0.98
N GLU K 520 9.61 55.58 2.08
CA GLU K 520 10.48 55.53 3.26
C GLU K 520 10.80 54.09 3.66
N ARG K 521 9.80 53.21 3.62
CA ARG K 521 10.03 51.78 3.85
C ARG K 521 10.48 51.10 2.55
N GLY K 522 11.56 51.63 1.98
CA GLY K 522 12.08 51.08 0.71
C GLY K 522 13.30 50.23 0.94
N ILE K 523 13.34 49.03 0.36
CA ILE K 523 14.48 48.10 0.59
C ILE K 523 15.24 47.97 -0.73
N ALA K 524 16.51 48.40 -0.76
CA ALA K 524 17.32 48.34 -1.99
C ALA K 524 17.50 46.89 -2.45
N TYR K 525 17.52 45.94 -1.51
CA TYR K 525 17.63 44.50 -1.86
C TYR K 525 16.44 43.74 -1.27
N ASP K 526 15.64 43.10 -2.11
CA ASP K 526 14.44 42.34 -1.64
C ASP K 526 14.89 41.10 -0.86
N TYR K 527 14.15 40.75 0.19
CA TYR K 527 14.47 39.54 1.00
C TYR K 527 13.77 38.35 0.39
N LYS K 528 12.57 38.58 -0.15
CA LYS K 528 11.77 37.49 -0.75
C LYS K 528 11.46 37.84 -2.22
N MET L 1 -97.38 28.40 -7.19
CA MET L 1 -96.92 28.48 -5.81
C MET L 1 -95.40 28.41 -5.74
N LYS L 2 -94.83 29.13 -4.79
CA LYS L 2 -93.38 29.19 -4.60
C LYS L 2 -92.92 27.91 -3.91
N ASN L 3 -92.39 26.97 -4.69
CA ASN L 3 -92.01 25.66 -4.19
C ASN L 3 -90.50 25.52 -3.98
N LEU L 4 -89.77 26.63 -3.93
CA LEU L 4 -88.35 26.63 -3.63
C LEU L 4 -88.04 27.76 -2.65
N LYS L 5 -87.05 27.53 -1.79
CA LYS L 5 -86.63 28.56 -0.85
C LYS L 5 -85.11 28.70 -0.86
N ILE L 6 -84.64 29.93 -0.66
CA ILE L 6 -83.21 30.23 -0.67
C ILE L 6 -82.59 29.78 0.64
N THR L 7 -81.43 29.14 0.57
CA THR L 7 -80.70 28.70 1.75
C THR L 7 -79.31 29.31 1.88
N ALA L 8 -78.68 29.72 0.79
CA ALA L 8 -77.34 30.29 0.86
C ALA L 8 -77.12 31.19 -0.35
N ILE L 9 -76.34 32.24 -0.15
CA ILE L 9 -76.00 33.20 -1.20
C ILE L 9 -74.49 33.40 -1.17
N LYS L 10 -73.79 32.82 -2.15
CA LYS L 10 -72.35 32.93 -2.25
C LYS L 10 -71.96 33.29 -3.68
N ASP L 11 -71.07 34.27 -3.81
CA ASP L 11 -70.52 34.68 -5.11
C ASP L 11 -71.62 35.05 -6.09
N ASN L 12 -72.64 35.76 -5.60
CA ASN L 12 -73.79 36.21 -6.38
C ASN L 12 -74.61 35.06 -6.95
N LEU L 13 -74.39 33.83 -6.48
CA LEU L 13 -75.19 32.69 -6.85
C LEU L 13 -76.20 32.39 -5.74
N ILE L 14 -77.38 31.91 -6.14
CA ILE L 14 -78.46 31.61 -5.22
C ILE L 14 -78.59 30.10 -5.11
N PHE L 15 -78.53 29.58 -3.89
CA PHE L 15 -78.73 28.15 -3.65
C PHE L 15 -80.15 27.96 -3.15
N VAL L 16 -80.92 27.13 -3.84
CA VAL L 16 -82.33 26.95 -3.54
C VAL L 16 -82.61 25.50 -3.22
N GLU L 17 -83.56 25.29 -2.32
CA GLU L 17 -83.98 23.97 -1.87
C GLU L 17 -85.46 23.78 -2.17
N GLY L 18 -85.84 22.52 -2.38
CA GLY L 18 -87.21 22.17 -2.69
C GLY L 18 -87.25 20.94 -3.57
N GLU L 19 -88.44 20.39 -3.73
CA GLU L 19 -88.68 19.20 -4.53
C GLU L 19 -89.16 19.63 -5.92
N HIS L 20 -88.35 19.35 -6.94
CA HIS L 20 -88.70 19.75 -8.30
C HIS L 20 -87.93 18.89 -9.28
N GLN L 21 -88.42 18.86 -10.52
CA GLN L 21 -87.74 18.18 -11.62
C GLN L 21 -86.91 19.23 -12.38
N PHE L 22 -85.77 19.57 -11.79
CA PHE L 22 -84.91 20.59 -12.35
C PHE L 22 -84.34 20.15 -13.70
N SER L 23 -84.13 21.11 -14.58
CA SER L 23 -83.47 20.91 -15.85
C SER L 23 -82.36 21.93 -16.01
N PHE L 24 -81.41 21.63 -16.90
CA PHE L 24 -80.31 22.55 -17.14
C PHE L 24 -80.81 23.85 -17.72
N LEU L 25 -80.34 24.97 -17.16
CA LEU L 25 -80.70 26.31 -17.62
C LEU L 25 -82.20 26.57 -17.50
N GLU L 26 -82.86 25.88 -16.57
CA GLU L 26 -84.27 26.10 -16.31
C GLU L 26 -84.48 27.46 -15.66
N ILE L 27 -85.58 28.12 -15.99
CA ILE L 27 -85.87 29.46 -15.49
C ILE L 27 -86.54 29.35 -14.13
N ILE L 28 -85.99 30.05 -13.14
CA ILE L 28 -86.55 30.16 -11.80
C ILE L 28 -86.97 31.61 -11.59
N LYS L 29 -88.20 31.83 -11.15
CA LYS L 29 -88.74 33.16 -10.94
C LYS L 29 -88.70 33.50 -9.45
N PHE L 30 -87.98 34.57 -9.12
CA PHE L 30 -87.94 35.05 -7.75
C PHE L 30 -88.89 36.20 -7.50
N SER L 31 -89.40 36.82 -8.56
CA SER L 31 -90.41 37.87 -8.48
C SER L 31 -91.03 38.00 -9.88
N ASP L 32 -91.81 39.06 -10.08
CA ASP L 32 -92.34 39.33 -11.41
C ASP L 32 -91.34 40.04 -12.32
N LYS L 33 -90.17 40.43 -11.80
CA LYS L 33 -89.17 41.09 -12.61
C LYS L 33 -87.77 40.50 -12.45
N VAL L 34 -87.58 39.51 -11.58
CA VAL L 34 -86.28 38.91 -11.32
C VAL L 34 -86.37 37.41 -11.58
N GLU L 35 -85.48 36.92 -12.45
CA GLU L 35 -85.45 35.50 -12.78
C GLU L 35 -84.01 35.08 -13.01
N GLY L 36 -83.77 33.78 -12.89
CA GLY L 36 -82.44 33.21 -13.08
C GLY L 36 -82.50 31.87 -13.78
N VAL L 37 -81.32 31.33 -14.07
CA VAL L 37 -81.19 30.03 -14.71
C VAL L 37 -80.49 29.08 -13.76
N VAL L 38 -80.68 27.78 -14.00
CA VAL L 38 -80.15 26.73 -13.14
C VAL L 38 -78.85 26.21 -13.75
N LEU L 39 -77.81 26.07 -12.92
CA LEU L 39 -76.53 25.54 -13.36
C LEU L 39 -76.34 24.08 -12.96
N LYS L 40 -76.52 23.75 -11.70
CA LYS L 40 -76.40 22.38 -11.20
C LYS L 40 -77.59 22.09 -10.29
N ALA L 41 -77.92 20.81 -10.17
CA ALA L 41 -79.10 20.44 -9.39
C ALA L 41 -78.97 19.02 -8.88
N ASN L 42 -79.38 18.82 -7.63
CA ASN L 42 -79.59 17.50 -7.06
C ASN L 42 -81.07 17.12 -7.20
N ASP L 43 -81.50 16.06 -6.53
CA ASP L 43 -82.92 15.74 -6.49
C ASP L 43 -83.72 16.70 -5.62
N ARG L 44 -83.07 17.50 -4.78
CA ARG L 44 -83.78 18.43 -3.91
C ARG L 44 -83.11 19.79 -3.75
N SER L 45 -82.10 20.11 -4.56
CA SER L 45 -81.41 21.38 -4.43
C SER L 45 -80.93 21.84 -5.80
N ALA L 46 -80.66 23.13 -5.91
CA ALA L 46 -80.20 23.69 -7.18
C ALA L 46 -79.37 24.94 -6.94
N ILE L 47 -78.50 25.23 -7.91
CA ILE L 47 -77.69 26.44 -7.95
C ILE L 47 -78.18 27.30 -9.11
N VAL L 48 -78.41 28.58 -8.84
CA VAL L 48 -79.09 29.48 -9.76
C VAL L 48 -78.24 30.74 -9.94
N ALA L 49 -78.13 31.21 -11.17
CA ALA L 49 -77.47 32.46 -11.49
C ALA L 49 -78.51 33.47 -11.94
N ILE L 50 -78.48 34.67 -11.37
CA ILE L 50 -79.50 35.68 -11.61
C ILE L 50 -79.18 36.45 -12.89
N LEU L 51 -80.23 36.85 -13.60
CA LEU L 51 -80.10 37.56 -14.87
C LEU L 51 -80.21 39.07 -14.74
N ASN L 52 -81.04 39.57 -13.83
CA ASN L 52 -81.27 40.99 -13.68
C ASN L 52 -81.24 41.32 -12.19
N GLU L 53 -81.68 42.52 -11.83
CA GLU L 53 -81.69 42.93 -10.44
C GLU L 53 -82.84 43.91 -10.21
N ASP L 54 -83.28 44.00 -8.96
CA ASP L 54 -84.33 44.92 -8.56
C ASP L 54 -83.87 45.65 -7.30
N LYS L 55 -84.04 46.98 -7.28
CA LYS L 55 -83.65 47.75 -6.11
C LYS L 55 -84.58 47.48 -4.94
N ASP L 56 -85.87 47.30 -5.21
CA ASP L 56 -86.84 47.10 -4.13
C ASP L 56 -86.76 45.68 -3.56
N LEU L 57 -86.54 44.68 -4.40
CA LEU L 57 -86.47 43.30 -3.95
C LEU L 57 -85.09 43.00 -3.37
N ASN L 58 -85.07 42.49 -2.14
CA ASN L 58 -83.83 42.16 -1.45
C ASN L 58 -83.83 40.65 -1.18
N LEU L 59 -83.16 39.90 -2.05
CA LEU L 59 -83.11 38.45 -1.90
C LEU L 59 -82.28 38.08 -0.67
N THR L 60 -82.86 37.30 0.22
CA THR L 60 -82.21 36.87 1.45
C THR L 60 -82.43 35.37 1.64
N VAL L 61 -81.80 34.82 2.69
CA VAL L 61 -82.03 33.44 3.04
C VAL L 61 -83.44 33.29 3.61
N GLY L 62 -84.20 32.34 3.06
CA GLY L 62 -85.58 32.16 3.43
C GLY L 62 -86.57 32.70 2.42
N SER L 63 -86.11 33.44 1.41
CA SER L 63 -87.00 33.97 0.40
C SER L 63 -87.58 32.84 -0.44
N LEU L 64 -88.74 33.09 -1.03
CA LEU L 64 -89.48 32.09 -1.79
C LEU L 64 -89.26 32.29 -3.28
N ALA L 65 -89.16 31.19 -4.01
CA ALA L 65 -88.92 31.22 -5.45
C ALA L 65 -89.81 30.19 -6.12
N GLU L 66 -90.14 30.46 -7.39
CA GLU L 66 -91.03 29.63 -8.17
C GLU L 66 -90.27 29.01 -9.34
N ALA L 67 -90.35 27.70 -9.47
CA ALA L 67 -89.71 26.99 -10.59
C ALA L 67 -90.71 26.89 -11.74
N THR L 68 -90.36 27.49 -12.88
CA THR L 68 -91.28 27.53 -14.01
C THR L 68 -91.35 26.20 -14.74
N GLY L 69 -90.27 25.43 -14.73
CA GLY L 69 -90.25 24.15 -15.40
C GLY L 69 -89.89 24.18 -16.87
N GLU L 70 -89.68 25.37 -17.44
CA GLU L 70 -89.34 25.50 -18.84
C GLU L 70 -88.12 26.40 -19.00
N LEU L 71 -87.35 26.15 -20.05
CA LEU L 71 -86.16 26.95 -20.32
C LEU L 71 -86.55 28.33 -20.82
N TYR L 72 -85.56 29.18 -21.02
CA TYR L 72 -85.79 30.58 -21.31
C TYR L 72 -86.26 30.78 -22.75
N LYS L 73 -87.34 31.54 -22.91
CA LYS L 73 -87.80 32.01 -24.21
C LYS L 73 -87.72 33.53 -24.25
N ILE L 74 -87.27 34.07 -25.37
CA ILE L 74 -87.25 35.51 -25.59
C ILE L 74 -88.48 35.89 -26.40
N PRO L 75 -89.19 36.95 -26.03
CA PRO L 75 -90.33 37.43 -26.83
C PRO L 75 -89.89 38.39 -27.92
N ILE L 76 -90.63 38.39 -29.01
CA ILE L 76 -90.34 39.22 -30.17
C ILE L 76 -91.40 40.31 -30.24
N TYR L 77 -90.99 41.56 -30.11
CA TYR L 77 -91.88 42.70 -30.20
C TYR L 77 -91.63 43.46 -31.50
N ASP L 78 -92.64 44.20 -31.93
CA ASP L 78 -92.58 44.88 -33.22
C ASP L 78 -91.60 46.04 -33.24
N ASN L 79 -91.23 46.56 -32.07
CA ASN L 79 -90.35 47.73 -31.99
C ASN L 79 -88.92 47.36 -31.64
N TYR L 80 -88.52 46.10 -31.84
CA TYR L 80 -87.10 45.76 -31.73
C TYR L 80 -86.27 46.49 -32.77
N LEU L 81 -86.81 46.66 -33.98
CA LEU L 81 -86.08 47.37 -35.03
C LEU L 81 -85.84 48.82 -34.63
N GLY L 82 -84.61 49.26 -34.79
CA GLY L 82 -84.23 50.59 -34.36
C GLY L 82 -84.25 50.78 -32.86
N SER L 83 -83.70 49.82 -32.12
CA SER L 83 -83.74 49.89 -30.67
C SER L 83 -82.53 49.18 -30.08
N ILE L 84 -82.24 49.51 -28.83
CA ILE L 84 -81.26 48.81 -28.00
C ILE L 84 -82.01 48.18 -26.85
N ILE L 85 -81.88 46.86 -26.70
CA ILE L 85 -82.69 46.07 -25.78
C ILE L 85 -81.77 45.25 -24.89
N ASN L 86 -82.36 44.71 -23.81
CA ASN L 86 -81.70 43.77 -22.93
C ASN L 86 -81.74 42.37 -23.54
N VAL L 87 -81.28 41.37 -22.78
CA VAL L 87 -81.54 39.98 -23.12
C VAL L 87 -82.90 39.51 -22.66
N LEU L 88 -83.65 40.37 -21.96
CA LEU L 88 -85.00 40.07 -21.52
C LEU L 88 -86.07 40.78 -22.34
N GLY L 89 -85.66 41.52 -23.38
CA GLY L 89 -86.61 42.20 -24.24
C GLY L 89 -87.03 43.58 -23.79
N GLU L 90 -86.42 44.12 -22.74
CA GLU L 90 -86.73 45.47 -22.29
C GLU L 90 -86.03 46.49 -23.17
N SER L 91 -86.77 47.51 -23.60
CA SER L 91 -86.21 48.54 -24.49
C SER L 91 -85.39 49.51 -23.68
N LEU L 92 -84.07 49.52 -23.90
CA LEU L 92 -83.22 50.50 -23.26
C LEU L 92 -83.22 51.82 -24.04
N VAL L 93 -83.08 51.73 -25.35
CA VAL L 93 -83.26 52.87 -26.24
C VAL L 93 -84.26 52.45 -27.32
N LYS L 94 -85.16 53.35 -27.68
CA LYS L 94 -86.18 53.00 -28.66
C LYS L 94 -86.50 54.20 -29.53
N GLN L 95 -87.03 53.91 -30.72
CA GLN L 95 -87.49 54.92 -31.66
C GLN L 95 -88.98 54.85 -31.93
N TYR L 96 -89.63 53.73 -31.64
CA TYR L 96 -91.06 53.57 -31.84
C TYR L 96 -91.66 52.89 -30.63
N GLU L 97 -92.90 53.23 -30.31
CA GLU L 97 -93.57 52.68 -29.15
C GLU L 97 -93.93 51.21 -29.37
N ARG L 98 -93.97 50.46 -28.28
CA ARG L 98 -94.27 49.03 -28.32
C ARG L 98 -95.78 48.79 -28.33
N THR L 99 -96.20 47.82 -29.13
CA THR L 99 -97.61 47.45 -29.24
C THR L 99 -98.08 46.62 -28.05
N ASN L 100 -97.15 46.15 -27.21
CA ASN L 100 -97.47 45.36 -26.02
C ASN L 100 -98.21 44.07 -26.39
N VAL L 101 -97.71 43.41 -27.44
CA VAL L 101 -98.15 42.06 -27.78
C VAL L 101 -97.00 41.37 -28.51
N ALA L 102 -96.65 40.17 -28.05
CA ALA L 102 -95.50 39.47 -28.58
C ALA L 102 -95.84 38.79 -29.90
N LEU L 103 -95.04 39.08 -30.94
CA LEU L 103 -95.22 38.40 -32.21
C LEU L 103 -94.96 36.90 -32.07
N ASP L 104 -93.94 36.54 -31.30
CA ASP L 104 -93.59 35.14 -31.07
C ASP L 104 -92.77 35.04 -29.79
N LYS L 105 -92.60 33.81 -29.32
CA LYS L 105 -91.73 33.52 -28.19
C LYS L 105 -90.82 32.37 -28.60
N LYS L 106 -89.51 32.63 -28.65
CA LYS L 106 -88.56 31.69 -29.22
C LYS L 106 -87.58 31.22 -28.16
N TYR L 107 -87.35 29.91 -28.11
CA TYR L 107 -86.32 29.35 -27.26
C TYR L 107 -84.95 29.90 -27.66
N VAL L 108 -84.16 30.29 -26.66
CA VAL L 108 -82.82 30.82 -26.93
C VAL L 108 -81.78 29.72 -27.08
N PHE L 109 -82.13 28.47 -26.75
CA PHE L 109 -81.18 27.37 -26.82
C PHE L 109 -81.64 26.27 -27.76
N THR L 110 -82.10 26.64 -28.95
CA THR L 110 -82.52 25.64 -29.91
C THR L 110 -81.30 24.92 -30.49
N GLU L 111 -81.57 23.79 -31.14
CA GLU L 111 -80.52 23.02 -31.80
C GLU L 111 -80.40 23.46 -33.25
N ALA L 112 -79.17 23.48 -33.75
CA ALA L 112 -78.94 23.83 -35.15
C ALA L 112 -79.63 22.84 -36.07
N GLN L 113 -80.18 23.35 -37.16
CA GLN L 113 -80.91 22.51 -38.09
C GLN L 113 -79.95 21.56 -38.82
N PRO L 114 -80.40 20.34 -39.15
CA PRO L 114 -79.49 19.33 -39.69
C PRO L 114 -79.08 19.57 -41.14
N ILE L 115 -78.38 18.58 -41.71
CA ILE L 115 -77.77 18.74 -43.03
C ILE L 115 -78.83 18.82 -44.13
N PHE L 116 -79.91 18.04 -44.00
CA PHE L 116 -80.91 18.05 -45.07
C PHE L 116 -81.74 19.33 -45.10
N THR L 117 -81.50 20.26 -44.18
CA THR L 117 -82.23 21.52 -44.12
C THR L 117 -81.46 22.68 -44.73
N ARG L 118 -80.31 22.42 -45.34
CA ARG L 118 -79.42 23.46 -45.80
C ARG L 118 -79.55 23.70 -47.29
N SER L 119 -78.81 24.69 -47.79
CA SER L 119 -78.72 25.00 -49.20
C SER L 119 -77.37 25.64 -49.46
N ALA L 120 -76.95 25.62 -50.73
CA ALA L 120 -75.61 26.06 -51.07
C ALA L 120 -75.47 27.58 -50.90
N VAL L 121 -74.32 28.00 -50.41
CA VAL L 121 -74.01 29.41 -50.20
C VAL L 121 -73.41 29.95 -51.49
N ASN L 122 -74.18 30.75 -52.23
CA ASN L 122 -73.72 31.21 -53.53
C ASN L 122 -74.09 32.66 -53.83
N GLU L 123 -74.47 33.44 -52.83
CA GLU L 123 -74.85 34.82 -53.03
C GLU L 123 -73.98 35.75 -52.20
N PRO L 124 -73.39 36.78 -52.79
CA PRO L 124 -72.47 37.64 -52.04
C PRO L 124 -73.16 38.43 -50.94
N LEU L 125 -72.44 38.66 -49.86
CA LEU L 125 -72.82 39.62 -48.82
C LEU L 125 -71.92 40.83 -48.98
N VAL L 126 -72.47 41.95 -49.42
CA VAL L 126 -71.67 43.12 -49.73
C VAL L 126 -71.15 43.70 -48.42
N THR L 127 -69.84 43.55 -48.18
CA THR L 127 -69.22 44.09 -46.98
C THR L 127 -69.02 45.60 -47.09
N GLY L 128 -68.71 46.10 -48.28
CA GLY L 128 -68.35 47.48 -48.47
C GLY L 128 -66.87 47.76 -48.40
N ILE L 129 -66.05 46.73 -48.20
CA ILE L 129 -64.60 46.87 -48.13
C ILE L 129 -64.02 46.21 -49.36
N THR L 130 -63.18 46.95 -50.10
CA THR L 130 -62.71 46.48 -51.40
C THR L 130 -61.92 45.19 -51.28
N VAL L 131 -61.00 45.13 -50.32
CA VAL L 131 -60.17 43.94 -50.16
C VAL L 131 -60.99 42.74 -49.73
N VAL L 132 -61.95 42.95 -48.82
CA VAL L 132 -62.78 41.85 -48.35
C VAL L 132 -63.71 41.37 -49.46
N ASP L 133 -64.27 42.30 -50.23
CA ASP L 133 -65.16 41.91 -51.33
C ASP L 133 -64.40 41.16 -52.41
N GLY L 134 -63.17 41.57 -52.70
CA GLY L 134 -62.46 41.00 -53.83
C GLY L 134 -61.55 39.80 -53.56
N VAL L 135 -60.99 39.70 -52.36
CA VAL L 135 -59.94 38.72 -52.10
C VAL L 135 -60.39 37.72 -51.04
N LEU L 136 -61.29 38.15 -50.16
CA LEU L 136 -61.78 37.31 -49.05
C LEU L 136 -63.30 37.36 -49.05
N PRO L 137 -63.94 36.78 -50.06
CA PRO L 137 -65.39 36.97 -50.23
C PRO L 137 -66.18 36.37 -49.08
N VAL L 138 -67.31 37.02 -48.78
CA VAL L 138 -68.24 36.55 -47.77
C VAL L 138 -69.59 36.32 -48.45
N GLY L 139 -70.12 35.12 -48.31
CA GLY L 139 -71.43 34.79 -48.84
C GLY L 139 -72.52 34.95 -47.78
N ARG L 140 -73.76 34.89 -48.25
CA ARG L 140 -74.91 34.93 -47.36
C ARG L 140 -75.15 33.54 -46.79
N GLY L 141 -74.99 33.40 -45.48
CA GLY L 141 -74.98 32.10 -44.85
C GLY L 141 -73.61 31.62 -44.40
N GLN L 142 -72.58 32.46 -44.50
CA GLN L 142 -71.23 32.11 -44.13
C GLN L 142 -70.89 32.62 -42.74
N LYS L 143 -69.89 32.00 -42.12
CA LYS L 143 -69.36 32.42 -40.84
C LYS L 143 -67.93 32.87 -41.04
N GLU L 144 -67.69 34.18 -40.94
CA GLU L 144 -66.37 34.77 -41.16
C GLU L 144 -65.91 35.42 -39.87
N LEU L 145 -65.01 34.75 -39.15
CA LEU L 145 -64.44 35.32 -37.95
C LEU L 145 -63.60 36.53 -38.31
N ILE L 146 -63.61 37.53 -37.43
CA ILE L 146 -62.69 38.67 -37.52
C ILE L 146 -61.84 38.63 -36.27
N ILE L 147 -60.54 38.42 -36.45
CA ILE L 147 -59.65 38.14 -35.33
C ILE L 147 -58.45 39.07 -35.39
N GLY L 148 -58.04 39.57 -34.23
CA GLY L 148 -56.85 40.41 -34.20
C GLY L 148 -56.57 40.93 -32.80
N ASP L 149 -55.60 41.83 -32.72
CA ASP L 149 -55.20 42.44 -31.46
C ASP L 149 -56.11 43.61 -31.10
N ARG L 150 -55.84 44.22 -29.97
CA ARG L 150 -56.62 45.37 -29.51
C ARG L 150 -56.35 46.58 -30.40
N GLY L 151 -57.41 47.34 -30.67
CA GLY L 151 -57.30 48.59 -31.40
C GLY L 151 -56.74 48.46 -32.81
N THR L 152 -57.24 47.51 -33.58
CA THR L 152 -56.79 47.32 -34.95
C THR L 152 -57.91 47.39 -35.98
N GLY L 153 -59.14 47.68 -35.57
CA GLY L 153 -60.22 47.95 -36.49
C GLY L 153 -61.17 46.81 -36.79
N LYS L 154 -61.36 45.87 -35.87
CA LYS L 154 -62.31 44.78 -36.10
C LYS L 154 -63.75 45.28 -36.00
N THR L 155 -64.04 46.09 -34.97
CA THR L 155 -65.38 46.65 -34.82
C THR L 155 -65.73 47.54 -36.00
N ALA L 156 -64.76 48.30 -36.50
CA ALA L 156 -65.02 49.14 -37.67
C ALA L 156 -65.33 48.30 -38.90
N ILE L 157 -64.66 47.14 -39.04
CA ILE L 157 -64.94 46.25 -40.16
C ILE L 157 -66.36 45.71 -40.08
N ALA L 158 -66.76 45.25 -38.89
CA ALA L 158 -68.13 44.75 -38.73
C ALA L 158 -69.16 45.85 -38.96
N LEU L 159 -68.87 47.06 -38.47
CA LEU L 159 -69.80 48.16 -38.66
C LEU L 159 -69.91 48.53 -40.13
N ASN L 160 -68.80 48.46 -40.86
CA ASN L 160 -68.84 48.68 -42.30
C ASN L 160 -69.69 47.62 -43.00
N ALA L 161 -69.54 46.35 -42.59
CA ALA L 161 -70.37 45.30 -43.15
C ALA L 161 -71.85 45.55 -42.90
N MET L 162 -72.18 46.15 -41.75
CA MET L 162 -73.60 46.49 -41.54
C MET L 162 -74.04 47.73 -42.30
N LEU L 163 -73.16 48.72 -42.46
CA LEU L 163 -73.56 49.94 -43.14
C LEU L 163 -73.68 49.71 -44.64
N ALA L 164 -72.97 48.73 -45.18
CA ALA L 164 -73.08 48.46 -46.61
C ALA L 164 -74.45 47.92 -46.99
N GLN L 165 -75.27 47.53 -46.02
CA GLN L 165 -76.61 47.02 -46.24
C GLN L 165 -77.67 48.11 -46.14
N GLU L 166 -77.33 49.35 -46.45
CA GLU L 166 -78.32 50.43 -46.41
C GLU L 166 -79.40 50.21 -47.46
N ASN L 167 -79.00 50.00 -48.72
CA ASN L 167 -79.93 49.71 -49.80
C ASN L 167 -79.97 48.21 -50.09
N THR L 168 -80.44 47.45 -49.11
CA THR L 168 -80.45 45.99 -49.21
C THR L 168 -81.52 45.47 -48.26
N ASP L 169 -81.96 44.24 -48.51
CA ASP L 169 -83.01 43.59 -47.72
C ASP L 169 -82.47 42.74 -46.58
N VAL L 170 -81.32 43.11 -46.01
CA VAL L 170 -80.66 42.33 -44.98
C VAL L 170 -80.84 43.03 -43.64
N ILE L 171 -81.35 42.29 -42.65
CA ILE L 171 -81.60 42.82 -41.32
C ILE L 171 -80.35 42.66 -40.47
N ASN L 172 -79.94 43.74 -39.80
CA ASN L 172 -78.71 43.78 -39.03
C ASN L 172 -79.01 43.53 -37.56
N ILE L 173 -78.23 42.66 -36.93
CA ILE L 173 -78.31 42.41 -35.50
C ILE L 173 -76.91 42.52 -34.91
N PHE L 174 -76.71 43.49 -34.03
CA PHE L 174 -75.42 43.73 -33.36
C PHE L 174 -75.56 43.32 -31.91
N ILE L 175 -74.83 42.28 -31.50
CA ILE L 175 -74.81 41.80 -30.14
C ILE L 175 -73.50 42.25 -29.51
N ALA L 176 -73.60 43.02 -28.43
CA ALA L 176 -72.42 43.49 -27.71
C ALA L 176 -72.39 42.82 -26.35
N ILE L 177 -71.26 42.16 -26.05
CA ILE L 177 -71.08 41.40 -24.82
C ILE L 177 -69.89 42.01 -24.08
N GLY L 178 -70.15 42.63 -22.93
CA GLY L 178 -69.08 43.21 -22.15
C GLY L 178 -68.52 44.50 -22.69
N LYS L 179 -69.26 45.19 -23.56
CA LYS L 179 -68.78 46.45 -24.13
C LYS L 179 -69.21 47.64 -23.26
N LYS L 180 -68.65 48.80 -23.56
CA LYS L 180 -69.00 50.02 -22.86
C LYS L 180 -70.30 50.59 -23.40
N ARG L 181 -71.06 51.24 -22.51
CA ARG L 181 -72.31 51.85 -22.93
C ARG L 181 -72.06 53.06 -23.82
N ASP L 182 -70.94 53.76 -23.61
CA ASP L 182 -70.58 54.87 -24.49
C ASP L 182 -70.35 54.40 -25.92
N GLU L 183 -69.62 53.29 -26.09
CA GLU L 183 -69.38 52.77 -27.43
C GLU L 183 -70.68 52.30 -28.08
N ILE L 184 -71.56 51.69 -27.29
CA ILE L 184 -72.84 51.22 -27.85
C ILE L 184 -73.69 52.40 -28.30
N VAL L 185 -73.73 53.48 -27.50
CA VAL L 185 -74.48 54.66 -27.89
C VAL L 185 -73.86 55.30 -29.12
N GLU L 186 -72.53 55.28 -29.23
CA GLU L 186 -71.88 55.78 -30.44
C GLU L 186 -72.28 54.95 -31.66
N ILE L 187 -72.34 53.63 -31.51
CA ILE L 187 -72.75 52.78 -32.62
C ILE L 187 -74.20 53.05 -33.01
N TYR L 188 -75.06 53.28 -32.00
CA TYR L 188 -76.45 53.63 -32.28
C TYR L 188 -76.54 54.94 -33.06
N GLY L 189 -75.74 55.94 -32.67
CA GLY L 189 -75.72 57.18 -33.42
C GLY L 189 -75.20 57.01 -34.83
N THR L 190 -74.21 56.15 -35.00
CA THR L 190 -73.70 55.85 -36.35
C THR L 190 -74.77 55.19 -37.20
N PHE L 191 -75.54 54.27 -36.61
CA PHE L 191 -76.65 53.66 -37.33
C PHE L 191 -77.69 54.71 -37.72
N LYS L 192 -78.02 55.61 -36.79
CA LYS L 192 -79.00 56.65 -37.08
C LYS L 192 -78.53 57.57 -38.20
N LYS L 193 -77.23 57.92 -38.20
CA LYS L 193 -76.72 58.86 -39.19
C LYS L 193 -76.73 58.27 -40.59
N HIS L 194 -76.36 56.99 -40.73
CA HIS L 194 -76.20 56.37 -42.04
C HIS L 194 -77.48 55.72 -42.55
N ASN L 195 -78.61 55.95 -41.88
CA ASN L 195 -79.93 55.53 -42.38
C ASN L 195 -80.04 54.01 -42.48
N ILE L 196 -79.65 53.32 -41.41
CA ILE L 196 -79.88 51.88 -41.32
C ILE L 196 -80.52 51.58 -39.97
N LEU L 197 -81.00 52.61 -39.29
CA LEU L 197 -81.62 52.42 -37.99
C LEU L 197 -82.92 51.64 -38.09
N HIS L 198 -83.71 51.90 -39.14
CA HIS L 198 -85.02 51.26 -39.28
C HIS L 198 -84.93 49.77 -39.54
N LYS L 199 -83.73 49.19 -39.61
CA LYS L 199 -83.56 47.78 -39.92
C LYS L 199 -82.50 47.11 -39.06
N SER L 200 -82.05 47.75 -37.98
CA SER L 200 -80.94 47.26 -37.18
C SER L 200 -81.37 47.15 -35.72
N ILE L 201 -81.03 46.03 -35.10
CA ILE L 201 -81.30 45.78 -33.68
C ILE L 201 -79.96 45.69 -32.97
N ILE L 202 -79.95 46.11 -31.70
CA ILE L 202 -78.79 45.97 -30.83
C ILE L 202 -79.20 45.23 -29.57
N VAL L 203 -78.50 44.14 -29.26
CA VAL L 203 -78.69 43.40 -28.02
C VAL L 203 -77.45 43.65 -27.16
N SER L 204 -77.65 44.32 -26.03
CA SER L 204 -76.55 44.82 -25.21
C SER L 204 -76.45 44.07 -23.89
N ALA L 205 -75.22 43.71 -23.52
CA ALA L 205 -74.92 43.21 -22.18
C ALA L 205 -73.55 43.80 -21.81
N ALA L 206 -73.58 44.93 -21.12
CA ALA L 206 -72.35 45.65 -20.80
C ALA L 206 -71.55 44.89 -19.75
N SER L 207 -70.32 45.36 -19.52
CA SER L 207 -69.45 44.73 -18.53
C SER L 207 -70.01 44.86 -17.12
N ASP L 208 -70.85 45.85 -16.88
CA ASP L 208 -71.46 46.03 -15.57
C ASP L 208 -72.60 45.06 -15.31
N ASP L 209 -73.10 44.39 -16.34
CA ASP L 209 -74.31 43.59 -16.22
C ASP L 209 -74.02 42.25 -15.58
N ALA L 210 -75.09 41.50 -15.30
CA ALA L 210 -74.95 40.18 -14.71
C ALA L 210 -74.20 39.26 -15.64
N VAL L 211 -73.42 38.35 -15.05
CA VAL L 211 -72.61 37.44 -15.86
C VAL L 211 -73.49 36.51 -16.68
N ALA L 212 -74.67 36.15 -16.17
CA ALA L 212 -75.58 35.29 -16.92
C ALA L 212 -76.17 36.02 -18.12
N ALA L 213 -76.43 37.31 -17.99
CA ALA L 213 -76.91 38.09 -19.13
C ALA L 213 -75.85 38.18 -20.21
N ARG L 214 -74.59 38.42 -19.83
CA ARG L 214 -73.50 38.43 -20.79
C ARG L 214 -73.29 37.05 -21.41
N TYR L 215 -73.66 35.99 -20.68
CA TYR L 215 -73.58 34.65 -21.26
C TYR L 215 -74.70 34.42 -22.27
N LEU L 216 -75.91 34.86 -21.97
CA LEU L 216 -77.06 34.55 -22.82
C LEU L 216 -77.26 35.53 -23.97
N ALA L 217 -76.56 36.66 -23.98
CA ALA L 217 -76.77 37.66 -25.04
C ALA L 217 -76.66 37.10 -26.45
N PRO L 218 -75.61 36.37 -26.84
CA PRO L 218 -75.56 35.86 -28.23
C PRO L 218 -76.69 34.90 -28.56
N TYR L 219 -77.11 34.07 -27.60
CA TYR L 219 -78.19 33.15 -27.85
C TYR L 219 -79.51 33.88 -28.11
N ALA L 220 -79.81 34.89 -27.31
CA ALA L 220 -81.04 35.66 -27.54
C ALA L 220 -80.99 36.40 -28.86
N GLY L 221 -79.83 37.01 -29.18
CA GLY L 221 -79.70 37.69 -30.45
C GLY L 221 -79.91 36.76 -31.63
N MET L 222 -79.31 35.57 -31.58
CA MET L 222 -79.44 34.66 -32.71
C MET L 222 -80.80 33.98 -32.72
N ALA L 223 -81.50 33.91 -31.58
CA ALA L 223 -82.90 33.50 -31.61
C ALA L 223 -83.76 34.52 -32.34
N ILE L 224 -83.51 35.81 -32.12
CA ILE L 224 -84.21 36.84 -32.89
C ILE L 224 -83.86 36.71 -34.37
N ALA L 225 -82.59 36.46 -34.66
CA ALA L 225 -82.17 36.25 -36.04
C ALA L 225 -82.89 35.07 -36.68
N GLU L 226 -83.06 33.98 -35.92
CA GLU L 226 -83.77 32.82 -36.45
C GLU L 226 -85.25 33.11 -36.65
N PHE L 227 -85.84 33.92 -35.77
CA PHE L 227 -87.22 34.38 -36.00
C PHE L 227 -87.32 35.11 -37.33
N PHE L 228 -86.38 36.01 -37.60
CA PHE L 228 -86.42 36.74 -38.86
C PHE L 228 -86.11 35.85 -40.05
N GLN L 229 -85.29 34.82 -39.86
CA GLN L 229 -84.98 33.90 -40.94
C GLN L 229 -86.16 32.99 -41.28
N GLN L 230 -86.99 32.68 -40.28
CA GLN L 230 -88.12 31.77 -40.51
C GLN L 230 -89.13 32.34 -41.50
N ILE L 231 -89.12 33.64 -41.76
CA ILE L 231 -90.05 34.25 -42.69
C ILE L 231 -89.31 34.68 -43.95
N GLY L 232 -88.20 34.02 -44.25
CA GLY L 232 -87.50 34.21 -45.50
C GLY L 232 -86.57 35.38 -45.58
N LYS L 233 -86.26 36.03 -44.46
CA LYS L 233 -85.37 37.18 -44.51
C LYS L 233 -83.91 36.75 -44.46
N ASP L 234 -83.04 37.65 -44.89
CA ASP L 234 -81.60 37.50 -44.76
C ASP L 234 -81.13 38.33 -43.57
N VAL L 235 -80.37 37.69 -42.67
CA VAL L 235 -79.95 38.33 -41.42
C VAL L 235 -78.44 38.34 -41.36
N LEU L 236 -77.88 39.46 -40.89
CA LEU L 236 -76.45 39.58 -40.64
C LEU L 236 -76.25 39.89 -39.17
N VAL L 237 -75.57 38.99 -38.46
CA VAL L 237 -75.39 39.06 -37.01
C VAL L 237 -73.91 39.26 -36.73
N VAL L 238 -73.59 40.21 -35.84
CA VAL L 238 -72.23 40.43 -35.37
C VAL L 238 -72.21 40.21 -33.86
N MET L 239 -71.25 39.43 -33.40
CA MET L 239 -71.01 39.21 -31.97
C MET L 239 -69.71 39.90 -31.59
N ASP L 240 -69.80 40.84 -30.65
CA ASP L 240 -68.67 41.71 -30.30
C ASP L 240 -68.55 41.72 -28.78
N ASP L 241 -67.73 40.83 -28.22
CA ASP L 241 -67.06 39.79 -28.97
C ASP L 241 -67.20 38.46 -28.21
N LEU L 242 -66.65 37.38 -28.77
CA LEU L 242 -66.86 36.06 -28.19
C LEU L 242 -65.86 35.73 -27.10
N THR L 243 -64.74 36.44 -27.00
CA THR L 243 -63.81 36.21 -25.90
C THR L 243 -64.44 36.61 -24.57
N ASN L 244 -65.17 37.73 -24.55
CA ASN L 244 -65.86 38.12 -23.33
C ASN L 244 -66.97 37.13 -22.98
N HIS L 245 -67.66 36.58 -23.98
CA HIS L 245 -68.65 35.55 -23.72
C HIS L 245 -68.00 34.31 -23.09
N ALA L 246 -66.85 33.90 -23.62
CA ALA L 246 -66.14 32.76 -23.06
C ALA L 246 -65.70 33.04 -21.63
N ASP L 247 -65.23 34.26 -21.36
CA ASP L 247 -64.84 34.63 -20.00
C ASP L 247 -66.04 34.61 -19.05
N ALA L 248 -67.19 35.08 -19.52
CA ALA L 248 -68.40 35.05 -18.68
C ALA L 248 -68.79 33.62 -18.35
N TYR L 249 -68.74 32.73 -19.35
CA TYR L 249 -69.06 31.33 -19.08
C TYR L 249 -68.06 30.70 -18.13
N ARG L 250 -66.76 31.05 -18.29
CA ARG L 250 -65.75 30.52 -17.38
C ARG L 250 -66.01 30.97 -15.95
N GLU L 251 -66.38 32.24 -15.77
CA GLU L 251 -66.67 32.73 -14.43
C GLU L 251 -67.87 32.01 -13.84
N LEU L 252 -68.94 31.84 -14.63
CA LEU L 252 -70.11 31.11 -14.14
C LEU L 252 -69.74 29.70 -13.71
N SER L 253 -68.98 28.99 -14.55
CA SER L 253 -68.64 27.60 -14.25
C SER L 253 -67.71 27.50 -13.04
N LEU L 254 -66.74 28.41 -12.93
CA LEU L 254 -65.83 28.36 -11.79
C LEU L 254 -66.54 28.70 -10.49
N LEU L 255 -67.53 29.60 -10.53
CA LEU L 255 -68.27 29.90 -9.32
C LEU L 255 -69.25 28.80 -8.95
N ALA L 256 -69.83 28.13 -9.94
CA ALA L 256 -70.76 27.04 -9.64
C ALA L 256 -70.04 25.88 -8.96
N GLY L 257 -68.83 25.54 -9.41
CA GLY L 257 -68.07 24.47 -8.82
C GLY L 257 -67.56 23.47 -9.83
N ILE L 258 -67.67 23.82 -11.13
CA ILE L 258 -67.21 22.94 -12.19
C ILE L 258 -65.69 22.87 -12.17
N ALA L 259 -65.16 21.68 -12.45
CA ALA L 259 -63.71 21.49 -12.45
C ALA L 259 -63.07 22.29 -13.59
N PRO L 260 -61.96 22.97 -13.34
CA PRO L 260 -61.30 23.72 -14.41
C PRO L 260 -60.62 22.79 -15.41
N ALA L 261 -60.36 23.37 -16.58
CA ALA L 261 -59.65 22.69 -17.67
C ALA L 261 -58.53 23.62 -18.12
N ARG L 262 -57.97 23.33 -19.29
CA ARG L 262 -56.98 24.21 -19.91
C ARG L 262 -57.40 25.67 -19.82
N GLU L 263 -56.50 26.51 -19.30
CA GLU L 263 -56.71 27.94 -19.12
C GLU L 263 -57.87 28.26 -18.18
N ALA L 264 -58.22 27.32 -17.31
CA ALA L 264 -59.27 27.43 -16.30
C ALA L 264 -60.67 27.53 -16.89
N TYR L 265 -60.84 27.26 -18.18
CA TYR L 265 -62.16 27.22 -18.77
C TYR L 265 -62.86 25.92 -18.40
N PRO L 266 -64.19 25.90 -18.43
CA PRO L 266 -64.92 24.64 -18.22
C PRO L 266 -64.63 23.66 -19.35
N GLY L 267 -65.02 22.40 -19.12
CA GLY L 267 -64.70 21.38 -20.08
C GLY L 267 -65.54 21.37 -21.34
N ASP L 268 -66.58 22.20 -21.41
CA ASP L 268 -67.49 22.19 -22.55
C ASP L 268 -67.55 23.54 -23.25
N ILE L 269 -66.47 24.33 -23.18
CA ILE L 269 -66.48 25.66 -23.77
C ILE L 269 -66.57 25.56 -25.30
N PHE L 270 -65.90 24.57 -25.89
CA PHE L 270 -65.97 24.39 -27.33
C PHE L 270 -67.39 24.06 -27.77
N TYR L 271 -68.07 23.19 -27.03
CA TYR L 271 -69.46 22.88 -27.37
C TYR L 271 -70.36 24.10 -27.20
N VAL L 272 -70.08 24.92 -26.20
CA VAL L 272 -70.84 26.14 -25.99
C VAL L 272 -70.73 27.07 -27.19
N HIS L 273 -69.51 27.25 -27.71
CA HIS L 273 -69.36 28.14 -28.86
C HIS L 273 -69.81 27.49 -30.16
N SER L 274 -69.60 26.18 -30.32
CA SER L 274 -69.89 25.53 -31.58
C SER L 274 -71.39 25.31 -31.78
N SER L 275 -72.12 25.02 -30.71
CA SER L 275 -73.57 24.90 -30.82
C SER L 275 -74.23 26.23 -31.13
N LEU L 276 -73.52 27.33 -30.98
CA LEU L 276 -74.03 28.66 -31.28
C LEU L 276 -73.69 29.09 -32.71
N LEU L 277 -72.46 28.86 -33.14
CA LEU L 277 -72.07 29.18 -34.52
C LEU L 277 -72.23 27.97 -35.44
N GLU L 278 -73.39 27.33 -35.36
CA GLU L 278 -73.76 26.31 -36.33
C GLU L 278 -75.23 26.39 -36.70
N ARG L 279 -76.00 27.27 -36.06
CA ARG L 279 -77.37 27.56 -36.42
C ARG L 279 -77.48 28.74 -37.38
N GLY L 280 -76.36 29.13 -38.00
CA GLY L 280 -76.37 30.16 -39.02
C GLY L 280 -75.90 29.64 -40.37
N GLY L 281 -76.68 29.92 -41.41
CA GLY L 281 -76.37 29.44 -42.74
C GLY L 281 -77.56 29.66 -43.66
N LYS L 282 -77.43 29.16 -44.88
CA LYS L 282 -78.52 29.24 -45.84
C LYS L 282 -79.40 28.00 -45.74
N TYR L 283 -80.70 28.20 -45.79
CA TYR L 283 -81.68 27.15 -45.57
C TYR L 283 -82.57 26.98 -46.78
N GLY L 284 -83.11 25.77 -46.92
CA GLY L 284 -83.97 25.44 -48.04
C GLY L 284 -85.30 26.14 -47.97
N PRO L 285 -86.00 26.22 -49.10
CA PRO L 285 -87.26 26.98 -49.14
C PRO L 285 -88.32 26.48 -48.17
N GLU L 286 -88.32 25.19 -47.84
CA GLU L 286 -89.33 24.63 -46.96
C GLU L 286 -88.92 24.66 -45.49
N PHE L 287 -87.75 25.20 -45.18
CA PHE L 287 -87.27 25.32 -43.80
C PHE L 287 -87.07 26.78 -43.41
N GLY L 288 -87.78 27.68 -44.07
CA GLY L 288 -87.64 29.10 -43.82
C GLY L 288 -87.18 29.88 -45.04
N GLY L 289 -86.21 29.33 -45.76
CA GLY L 289 -85.79 29.88 -47.03
C GLY L 289 -84.85 31.07 -46.95
N GLY L 290 -84.50 31.53 -45.76
CA GLY L 290 -83.64 32.67 -45.58
C GLY L 290 -82.19 32.27 -45.39
N SER L 291 -81.45 33.13 -44.68
CA SER L 291 -80.05 32.85 -44.38
C SER L 291 -79.62 33.72 -43.21
N ILE L 292 -78.62 33.23 -42.48
CA ILE L 292 -78.00 33.98 -41.38
C ILE L 292 -76.50 33.98 -41.59
N THR L 293 -75.93 35.17 -41.80
CA THR L 293 -74.49 35.36 -41.84
C THR L 293 -74.03 35.85 -40.49
N ILE L 294 -72.92 35.32 -40.00
CA ILE L 294 -72.38 35.70 -38.70
C ILE L 294 -70.96 36.22 -38.88
N LEU L 295 -70.62 37.25 -38.12
CA LEU L 295 -69.27 37.82 -38.10
C LEU L 295 -68.77 37.91 -36.66
N PRO L 296 -68.40 36.77 -36.07
CA PRO L 296 -67.85 36.80 -34.71
C PRO L 296 -66.50 37.50 -34.68
N ILE L 297 -66.18 38.07 -33.52
CA ILE L 297 -64.95 38.83 -33.32
C ILE L 297 -64.15 38.19 -32.20
N ALA L 298 -62.84 38.09 -32.41
CA ALA L 298 -61.93 37.51 -31.43
C ALA L 298 -60.71 38.40 -31.25
N GLN L 299 -60.32 38.60 -29.99
CA GLN L 299 -59.15 39.36 -29.64
C GLN L 299 -58.01 38.41 -29.28
N THR L 300 -56.84 38.65 -29.86
CA THR L 300 -55.63 37.92 -29.53
C THR L 300 -54.67 38.83 -28.77
N LEU L 301 -53.77 38.20 -28.02
CA LEU L 301 -52.78 38.92 -27.23
C LEU L 301 -51.44 38.85 -27.95
N ALA L 302 -50.94 40.00 -28.39
CA ALA L 302 -49.67 40.10 -29.09
C ALA L 302 -49.63 39.18 -30.32
N GLY L 303 -50.76 39.07 -31.00
CA GLY L 303 -50.85 38.24 -32.19
C GLY L 303 -50.60 36.77 -31.95
N ASP L 304 -51.09 36.24 -30.83
CA ASP L 304 -50.95 34.83 -30.51
C ASP L 304 -52.27 34.13 -30.78
N ILE L 305 -52.34 33.41 -31.89
CA ILE L 305 -53.56 32.74 -32.31
C ILE L 305 -53.57 31.31 -31.77
N SER L 306 -52.64 31.01 -30.86
CA SER L 306 -52.52 29.68 -30.28
C SER L 306 -53.32 29.52 -29.00
N GLY L 307 -54.04 30.54 -28.55
CA GLY L 307 -54.86 30.40 -27.37
C GLY L 307 -56.02 29.45 -27.59
N TYR L 308 -56.60 29.01 -26.47
CA TYR L 308 -57.64 27.98 -26.54
C TYR L 308 -58.87 28.48 -27.28
N ILE L 309 -59.40 29.64 -26.86
CA ILE L 309 -60.61 30.20 -27.46
C ILE L 309 -60.38 30.60 -28.91
N PRO L 310 -59.29 31.31 -29.27
CA PRO L 310 -59.05 31.58 -30.70
C PRO L 310 -58.90 30.32 -31.53
N THR L 311 -58.27 29.28 -30.99
CA THR L 311 -58.15 28.03 -31.73
C THR L 311 -59.52 27.40 -31.96
N ASN L 312 -60.37 27.39 -30.94
CA ASN L 312 -61.72 26.86 -31.11
C ASN L 312 -62.48 27.65 -32.17
N LEU L 313 -62.39 28.98 -32.11
CA LEU L 313 -63.13 29.82 -33.05
C LEU L 313 -62.64 29.63 -34.48
N ILE L 314 -61.32 29.49 -34.66
CA ILE L 314 -60.79 29.21 -35.99
C ILE L 314 -61.25 27.85 -36.48
N SER L 315 -61.33 26.87 -35.57
CA SER L 315 -61.82 25.55 -35.95
C SER L 315 -63.28 25.59 -36.36
N ILE L 316 -64.07 26.49 -35.78
CA ILE L 316 -65.51 26.47 -36.04
C ILE L 316 -65.85 27.21 -37.33
N THR L 317 -65.26 28.38 -37.53
CA THR L 317 -65.73 29.29 -38.56
C THR L 317 -65.31 28.82 -39.96
N ASP L 318 -65.90 29.45 -40.97
CA ASP L 318 -65.63 29.14 -42.37
C ASP L 318 -64.47 29.93 -42.95
N GLY L 319 -63.93 30.88 -42.20
CA GLY L 319 -62.85 31.70 -42.70
C GLY L 319 -62.51 32.76 -41.67
N GLN L 320 -61.33 33.34 -41.83
CA GLN L 320 -60.82 34.30 -40.86
C GLN L 320 -60.31 35.55 -41.56
N ILE L 321 -60.61 36.70 -40.97
CA ILE L 321 -60.08 37.99 -41.40
C ILE L 321 -59.15 38.45 -40.28
N TYR L 322 -57.85 38.40 -40.54
CA TYR L 322 -56.84 38.78 -39.56
C TYR L 322 -56.55 40.27 -39.67
N THR L 323 -56.60 40.96 -38.53
CA THR L 323 -56.18 42.35 -38.45
C THR L 323 -54.84 42.42 -37.76
N SER L 324 -53.89 43.12 -38.37
CA SER L 324 -52.50 43.14 -37.92
C SER L 324 -52.18 44.45 -37.22
N ALA L 325 -51.45 44.36 -36.11
CA ALA L 325 -50.97 45.56 -35.43
C ALA L 325 -49.80 46.18 -36.18
N LYS L 326 -48.93 45.33 -36.76
CA LYS L 326 -47.81 45.83 -37.55
C LYS L 326 -48.31 46.59 -38.77
N LEU L 327 -49.31 46.04 -39.46
CA LEU L 327 -49.89 46.74 -40.60
C LEU L 327 -50.59 48.02 -40.17
N PHE L 328 -51.18 48.04 -38.99
CA PHE L 328 -51.79 49.26 -38.46
C PHE L 328 -50.73 50.33 -38.22
N ASN L 329 -49.58 49.93 -37.68
CA ASN L 329 -48.50 50.88 -37.42
C ASN L 329 -47.83 51.37 -38.70
N GLU L 330 -48.07 50.72 -39.84
CA GLU L 330 -47.52 51.15 -41.12
C GLU L 330 -48.43 52.08 -41.88
N GLY L 331 -49.55 52.49 -41.28
CA GLY L 331 -50.46 53.43 -41.90
C GLY L 331 -51.60 52.81 -42.69
N THR L 332 -51.65 51.49 -42.80
CA THR L 332 -52.66 50.83 -43.60
C THR L 332 -54.00 50.83 -42.87
N ARG L 333 -55.05 51.28 -43.55
CA ARG L 333 -56.40 51.21 -43.02
C ARG L 333 -57.33 50.77 -44.14
N PRO L 334 -58.13 49.71 -43.94
CA PRO L 334 -58.12 48.88 -42.73
C PRO L 334 -56.91 47.92 -42.72
N ALA L 335 -56.36 47.67 -41.53
CA ALA L 335 -55.13 46.90 -41.40
C ALA L 335 -55.46 45.41 -41.43
N ILE L 336 -55.80 44.93 -42.62
CA ILE L 336 -56.18 43.54 -42.85
C ILE L 336 -54.98 42.79 -43.41
N ASP L 337 -54.63 41.68 -42.77
CA ASP L 337 -53.50 40.85 -43.20
C ASP L 337 -54.01 39.87 -44.25
N VAL L 338 -53.76 40.17 -45.52
CA VAL L 338 -54.28 39.35 -46.60
C VAL L 338 -53.57 37.99 -46.65
N ASN L 339 -52.29 37.95 -46.26
CA ASN L 339 -51.57 36.67 -46.26
C ASN L 339 -52.18 35.68 -45.27
N LEU L 340 -52.46 36.13 -44.05
CA LEU L 340 -52.97 35.22 -43.03
C LEU L 340 -54.44 34.90 -43.23
N SER L 341 -55.20 35.82 -43.81
CA SER L 341 -56.64 35.64 -43.93
C SER L 341 -56.97 34.55 -44.96
N VAL L 342 -58.14 33.93 -44.76
CA VAL L 342 -58.58 32.84 -45.63
C VAL L 342 -60.10 32.89 -45.74
N SER L 343 -60.64 32.41 -46.85
CA SER L 343 -62.08 32.32 -47.02
C SER L 343 -62.39 31.02 -47.72
N ARG L 344 -62.88 30.03 -47.00
CA ARG L 344 -63.12 28.70 -47.57
C ARG L 344 -64.13 28.67 -48.70
N LEU L 345 -65.09 29.60 -48.71
CA LEU L 345 -66.13 29.64 -49.74
C LEU L 345 -65.55 29.99 -51.11
N GLY L 346 -64.64 30.96 -51.15
CA GLY L 346 -64.01 31.33 -52.41
C GLY L 346 -64.86 32.06 -53.39
N SER L 347 -64.71 31.74 -54.68
CA SER L 347 -65.44 32.44 -55.71
C SER L 347 -66.91 32.15 -55.59
N ALA L 348 -67.25 30.98 -55.11
CA ALA L 348 -68.63 30.62 -54.97
C ALA L 348 -69.37 31.71 -54.24
N ALA L 349 -68.66 32.43 -53.39
CA ALA L 349 -69.33 33.46 -52.60
C ALA L 349 -69.41 34.80 -53.34
N GLN L 350 -68.92 34.87 -54.56
CA GLN L 350 -68.92 36.09 -55.35
C GLN L 350 -69.94 35.99 -56.48
N SER L 351 -70.16 37.11 -57.13
CA SER L 351 -70.89 37.10 -58.39
C SER L 351 -69.95 36.66 -59.51
N LYS L 352 -70.55 36.29 -60.65
CA LYS L 352 -69.73 35.85 -61.78
C LYS L 352 -68.86 36.98 -62.30
N PHE L 353 -69.41 38.19 -62.35
CA PHE L 353 -68.60 39.34 -62.76
C PHE L 353 -67.44 39.59 -61.81
N MET L 354 -67.71 39.51 -60.51
CA MET L 354 -66.63 39.74 -59.54
C MET L 354 -65.64 38.58 -59.54
N ALA L 355 -66.13 37.35 -59.72
CA ALA L 355 -65.23 36.21 -59.83
C ALA L 355 -64.31 36.36 -61.03
N PHE L 356 -64.82 36.93 -62.12
CA PHE L 356 -63.97 37.17 -63.29
C PHE L 356 -63.01 38.33 -63.04
N ALA L 357 -63.49 39.39 -62.37
CA ALA L 357 -62.69 40.59 -62.18
C ALA L 357 -61.51 40.37 -61.24
N SER L 358 -61.67 39.52 -60.24
CA SER L 358 -60.67 39.35 -59.20
C SER L 358 -60.04 37.96 -59.25
N SER L 359 -59.68 37.52 -60.46
CA SER L 359 -59.19 36.16 -60.64
C SER L 359 -57.81 35.97 -60.01
N GLY L 360 -56.89 36.89 -60.28
CA GLY L 360 -55.51 36.67 -59.89
C GLY L 360 -54.89 37.73 -59.01
N LEU L 361 -55.66 38.25 -58.05
CA LEU L 361 -55.15 39.30 -57.18
C LEU L 361 -54.21 38.75 -56.11
N LYS L 362 -54.47 37.53 -55.63
CA LYS L 362 -53.66 36.97 -54.55
C LYS L 362 -52.20 36.81 -54.95
N LYS L 363 -51.96 36.34 -56.16
CA LYS L 363 -50.58 36.21 -56.64
C LYS L 363 -49.90 37.57 -56.73
N ILE L 364 -50.62 38.58 -57.25
CA ILE L 364 -50.05 39.92 -57.34
C ILE L 364 -49.64 40.41 -55.96
N TYR L 365 -50.55 40.27 -54.98
CA TYR L 365 -50.25 40.75 -53.63
C TYR L 365 -49.09 39.98 -53.01
N THR L 366 -49.05 38.66 -53.20
CA THR L 366 -48.01 37.84 -52.57
C THR L 366 -46.62 38.20 -53.12
N GLU L 367 -46.47 38.18 -54.44
CA GLU L 367 -45.17 38.54 -55.00
C GLU L 367 -44.81 40.00 -54.75
N TYR L 368 -45.79 40.91 -54.73
CA TYR L 368 -45.47 42.29 -54.40
C TYR L 368 -44.94 42.40 -52.98
N LYS L 369 -45.58 41.72 -52.03
CA LYS L 369 -45.11 41.80 -50.64
C LYS L 369 -43.73 41.18 -50.49
N TYR L 370 -43.47 40.07 -51.19
CA TYR L 370 -42.15 39.46 -51.13
C TYR L 370 -41.08 40.40 -51.68
N LEU L 371 -41.34 40.98 -52.85
CA LEU L 371 -40.37 41.90 -53.43
C LEU L 371 -40.21 43.16 -52.57
N LYS L 372 -41.28 43.62 -51.94
CA LYS L 372 -41.21 44.78 -51.07
C LYS L 372 -40.33 44.50 -49.86
N ARG L 373 -40.47 43.31 -49.27
CA ARG L 373 -39.62 42.96 -48.15
C ARG L 373 -38.16 42.82 -48.57
N LEU L 374 -37.92 42.21 -49.73
CA LEU L 374 -36.54 42.01 -50.19
C LEU L 374 -35.92 43.27 -50.79
N SER L 375 -36.70 44.32 -51.01
CA SER L 375 -36.18 45.53 -51.64
C SER L 375 -35.13 46.24 -50.78
N SER L 376 -35.08 45.96 -49.49
CA SER L 376 -34.13 46.61 -48.60
C SER L 376 -32.78 45.90 -48.56
N PHE L 377 -32.60 44.82 -49.32
CA PHE L 377 -31.35 44.08 -49.35
C PHE L 377 -30.75 43.93 -50.73
N SER L 378 -31.53 44.07 -51.80
CA SER L 378 -31.02 43.89 -53.14
C SER L 378 -30.49 45.20 -53.72
N SER L 379 -29.75 45.07 -54.82
CA SER L 379 -29.26 46.21 -55.58
C SER L 379 -29.68 46.18 -57.04
N LYS L 380 -29.71 44.99 -57.64
CA LYS L 380 -30.15 44.82 -59.02
C LYS L 380 -31.59 44.31 -59.01
N ILE L 381 -32.49 45.07 -59.64
CA ILE L 381 -33.91 44.71 -59.72
C ILE L 381 -34.30 44.63 -61.19
N SER L 382 -34.89 43.50 -61.57
CA SER L 382 -35.24 43.26 -62.97
C SER L 382 -36.34 44.21 -63.43
N ASN L 383 -36.49 44.32 -64.75
CA ASN L 383 -37.57 45.12 -65.31
C ASN L 383 -38.93 44.52 -64.97
N ARG L 384 -39.05 43.19 -65.05
CA ARG L 384 -40.28 42.53 -64.63
C ARG L 384 -40.53 42.76 -63.14
N ASP L 385 -39.47 42.72 -62.32
CA ASP L 385 -39.63 42.98 -60.89
C ASP L 385 -40.05 44.42 -60.64
N LEU L 386 -39.50 45.37 -61.39
CA LEU L 386 -39.93 46.76 -61.23
C LEU L 386 -41.39 46.92 -61.63
N GLU L 387 -41.80 46.28 -62.73
CA GLU L 387 -43.19 46.37 -63.17
C GLU L 387 -44.15 45.77 -62.15
N THR L 388 -43.77 44.64 -61.55
CA THR L 388 -44.66 44.03 -60.57
C THR L 388 -44.65 44.82 -59.25
N LEU L 389 -43.54 45.48 -58.91
CA LEU L 389 -43.56 46.41 -57.79
C LEU L 389 -44.53 47.55 -58.06
N GLN L 390 -44.51 48.08 -59.29
CA GLN L 390 -45.43 49.16 -59.65
C GLN L 390 -46.88 48.71 -59.54
N LYS L 391 -47.19 47.54 -60.09
CA LYS L 391 -48.56 47.01 -60.02
C LYS L 391 -48.97 46.74 -58.58
N GLY L 392 -48.06 46.19 -57.77
CA GLY L 392 -48.39 45.92 -56.38
C GLY L 392 -48.62 47.19 -55.58
N LYS L 393 -47.82 48.23 -55.82
CA LYS L 393 -48.06 49.51 -55.17
C LYS L 393 -49.42 50.07 -55.57
N ALA L 394 -49.78 49.95 -56.85
CA ALA L 394 -51.10 50.38 -57.29
C ALA L 394 -52.20 49.64 -56.54
N PHE L 395 -52.05 48.31 -56.42
CA PHE L 395 -53.06 47.52 -55.72
C PHE L 395 -53.14 47.91 -54.25
N GLU L 396 -51.99 48.13 -53.61
CA GLU L 396 -51.99 48.51 -52.20
C GLU L 396 -52.64 49.88 -51.99
N SER L 397 -52.43 50.80 -52.93
CA SER L 397 -53.12 52.09 -52.85
C SER L 397 -54.62 51.93 -53.09
N LEU L 398 -55.01 50.93 -53.89
CA LEU L 398 -56.42 50.77 -54.23
C LEU L 398 -57.27 50.39 -53.03
N ILE L 399 -56.74 49.58 -52.13
CA ILE L 399 -57.53 48.99 -51.04
C ILE L 399 -57.40 49.80 -49.75
N ASP L 400 -56.96 51.05 -49.83
CA ASP L 400 -56.82 51.92 -48.67
C ASP L 400 -58.02 52.86 -48.64
N GLN L 401 -59.02 52.52 -47.82
CA GLN L 401 -60.26 53.28 -47.76
C GLN L 401 -60.50 53.77 -46.34
N ALA L 402 -61.27 54.87 -46.24
CA ALA L 402 -61.48 55.56 -44.98
C ALA L 402 -62.48 54.81 -44.11
N GLU L 403 -62.55 55.23 -42.85
CA GLU L 403 -63.47 54.62 -41.90
C GLU L 403 -64.92 54.93 -42.28
N TYR L 404 -65.78 53.91 -42.14
CA TYR L 404 -67.21 54.03 -42.45
C TYR L 404 -67.46 54.38 -43.90
N GLU L 405 -66.55 53.99 -44.80
CA GLU L 405 -66.68 54.24 -46.22
C GLU L 405 -67.16 52.96 -46.89
N VAL L 406 -68.30 53.04 -47.58
CA VAL L 406 -68.86 51.92 -48.30
C VAL L 406 -68.57 52.09 -49.78
N ILE L 407 -67.80 51.16 -50.33
CA ILE L 407 -67.54 51.10 -51.77
C ILE L 407 -68.36 49.96 -52.34
N ASP L 408 -69.18 50.27 -53.35
CA ASP L 408 -70.11 49.28 -53.88
C ASP L 408 -69.39 48.15 -54.60
N TYR L 409 -70.11 47.05 -54.78
CA TYR L 409 -69.50 45.79 -55.20
C TYR L 409 -69.01 45.89 -56.64
N GLU L 410 -69.85 46.41 -57.53
CA GLU L 410 -69.48 46.55 -58.93
C GLU L 410 -68.36 47.57 -59.11
N THR L 411 -68.35 48.63 -58.29
CA THR L 411 -67.25 49.58 -58.34
C THR L 411 -65.92 48.91 -58.01
N SER L 412 -65.92 48.03 -56.99
CA SER L 412 -64.71 47.29 -56.67
C SER L 412 -64.30 46.37 -57.82
N ALA L 413 -65.27 45.69 -58.44
CA ALA L 413 -64.94 44.83 -59.57
C ALA L 413 -64.33 45.62 -60.72
N ILE L 414 -64.90 46.80 -61.02
CA ILE L 414 -64.39 47.63 -62.10
C ILE L 414 -62.99 48.13 -61.77
N LEU L 415 -62.76 48.52 -60.51
CA LEU L 415 -61.42 48.95 -60.11
C LEU L 415 -60.40 47.83 -60.23
N PHE L 416 -60.80 46.61 -59.87
CA PHE L 416 -59.91 45.46 -60.03
C PHE L 416 -59.56 45.24 -61.50
N LEU L 417 -60.55 45.34 -62.38
CA LEU L 417 -60.28 45.14 -63.80
C LEU L 417 -59.40 46.26 -64.36
N LEU L 418 -59.61 47.50 -63.91
CA LEU L 418 -58.75 48.59 -64.32
C LEU L 418 -57.31 48.38 -63.84
N LEU L 419 -57.15 47.88 -62.62
CA LEU L 419 -55.83 47.55 -62.11
C LEU L 419 -55.15 46.49 -62.97
N LYS L 420 -55.87 45.40 -63.26
CA LYS L 420 -55.27 44.30 -64.00
C LYS L 420 -54.99 44.68 -65.45
N LYS L 421 -55.78 45.60 -66.01
CA LYS L 421 -55.62 46.00 -67.39
C LYS L 421 -54.60 47.12 -67.59
N GLY L 422 -54.03 47.65 -66.52
CA GLY L 422 -52.92 48.57 -66.59
C GLY L 422 -53.25 50.04 -66.51
N PHE L 423 -54.53 50.41 -66.51
CA PHE L 423 -54.92 51.81 -66.50
C PHE L 423 -54.97 52.41 -65.10
N LEU L 424 -54.28 51.81 -64.14
CA LEU L 424 -54.16 52.34 -62.78
C LEU L 424 -52.71 52.38 -62.36
N ASN L 425 -51.84 52.88 -63.24
CA ASN L 425 -50.42 52.93 -62.95
C ASN L 425 -49.75 54.25 -63.32
N PHE L 426 -50.47 55.19 -63.96
CA PHE L 426 -49.84 56.43 -64.39
C PHE L 426 -49.44 57.30 -63.21
N TYR L 427 -50.19 57.24 -62.12
CA TYR L 427 -49.99 58.16 -61.01
C TYR L 427 -48.70 57.80 -60.27
N THR L 428 -48.36 58.62 -59.26
CA THR L 428 -47.19 58.39 -58.42
C THR L 428 -47.60 58.68 -56.98
N GLU L 429 -48.08 57.65 -56.29
CA GLU L 429 -48.47 57.75 -54.87
C GLU L 429 -49.46 58.89 -54.64
N LYS L 430 -50.42 59.01 -55.54
CA LYS L 430 -51.47 60.02 -55.44
C LYS L 430 -52.82 59.32 -55.22
N THR L 431 -53.55 59.78 -54.21
CA THR L 431 -54.82 59.17 -53.83
C THR L 431 -56.03 59.89 -54.41
N GLU L 432 -55.93 61.19 -54.67
CA GLU L 432 -57.08 61.94 -55.19
C GLU L 432 -57.53 61.39 -56.54
N ALA L 433 -56.61 60.80 -57.31
CA ALA L 433 -57.00 60.17 -58.56
C ALA L 433 -57.96 59.00 -58.30
N LEU L 434 -57.64 58.17 -57.32
CA LEU L 434 -58.51 57.04 -56.98
C LEU L 434 -59.86 57.53 -56.47
N LYS L 435 -59.86 58.59 -55.65
CA LYS L 435 -61.11 59.13 -55.15
C LYS L 435 -61.98 59.66 -56.28
N VAL L 436 -61.38 60.37 -57.24
CA VAL L 436 -62.13 60.89 -58.37
C VAL L 436 -62.69 59.75 -59.21
N ILE L 437 -61.86 58.73 -59.48
CA ILE L 437 -62.33 57.59 -60.25
C ILE L 437 -63.49 56.89 -59.56
N ILE L 438 -63.38 56.69 -58.24
CA ILE L 438 -64.43 56.02 -57.49
C ILE L 438 -65.72 56.83 -57.55
N GLY L 439 -65.62 58.16 -57.37
CA GLY L 439 -66.81 58.98 -57.46
C GLY L 439 -67.46 58.94 -58.83
N VAL L 440 -66.65 59.01 -59.88
CA VAL L 440 -67.17 58.97 -61.25
C VAL L 440 -67.89 57.65 -61.51
N ILE L 441 -67.26 56.53 -61.11
CA ILE L 441 -67.87 55.23 -61.35
C ILE L 441 -69.15 55.07 -60.54
N LYS L 442 -69.14 55.53 -59.28
CA LYS L 442 -70.32 55.41 -58.43
C LYS L 442 -71.50 56.20 -59.00
N VAL L 443 -71.25 57.45 -59.40
CA VAL L 443 -72.33 58.25 -59.98
C VAL L 443 -72.71 57.77 -61.38
N PHE L 444 -71.80 57.10 -62.09
CA PHE L 444 -72.15 56.52 -63.38
C PHE L 444 -73.09 55.34 -63.22
N LEU L 445 -72.79 54.44 -62.26
CA LEU L 445 -73.60 53.25 -62.07
C LEU L 445 -74.83 53.48 -61.22
N ALA L 446 -74.94 54.62 -60.54
CA ALA L 446 -76.10 54.92 -59.71
C ALA L 446 -76.98 56.02 -60.29
N LYS L 447 -76.40 57.16 -60.62
CA LYS L 447 -77.17 58.33 -61.10
C LYS L 447 -77.20 58.40 -62.62
N ASP L 448 -77.77 57.37 -63.25
CA ASP L 448 -77.83 57.35 -64.71
C ASP L 448 -78.98 56.44 -65.14
N VAL L 449 -79.34 56.54 -66.41
CA VAL L 449 -80.38 55.70 -67.00
C VAL L 449 -79.75 54.53 -67.75
N LEU L 450 -78.56 54.73 -68.32
CA LEU L 450 -77.83 53.64 -68.95
C LEU L 450 -76.84 52.99 -68.00
N GLY L 451 -76.20 53.78 -67.15
CA GLY L 451 -75.34 53.21 -66.12
C GLY L 451 -76.09 52.30 -65.18
N ARG L 452 -77.36 52.61 -64.90
CA ARG L 452 -78.18 51.72 -64.08
C ARG L 452 -78.36 50.36 -64.73
N LYS L 453 -78.64 50.35 -66.04
CA LYS L 453 -78.78 49.08 -66.75
C LYS L 453 -77.46 48.32 -66.80
N MET L 454 -76.36 49.03 -66.98
CA MET L 454 -75.05 48.36 -66.95
C MET L 454 -74.77 47.76 -65.58
N ARG L 455 -75.13 48.48 -64.51
CA ARG L 455 -74.97 47.93 -63.18
C ARG L 455 -75.84 46.70 -62.98
N ALA L 456 -77.07 46.73 -63.49
CA ALA L 456 -77.95 45.58 -63.35
C ALA L 456 -77.41 44.36 -64.09
N ILE L 457 -76.92 44.55 -65.32
CA ILE L 457 -76.38 43.43 -66.07
C ILE L 457 -75.11 42.90 -65.42
N LEU L 458 -74.29 43.78 -64.83
CA LEU L 458 -73.11 43.33 -64.11
C LEU L 458 -73.47 42.56 -62.85
N VAL L 459 -74.57 42.95 -62.20
CA VAL L 459 -75.02 42.26 -60.99
C VAL L 459 -75.56 40.87 -61.33
N GLU L 460 -76.37 40.77 -62.39
CA GLU L 460 -77.16 39.56 -62.60
C GLU L 460 -76.48 38.52 -63.49
N HIS L 461 -75.63 38.94 -64.42
CA HIS L 461 -75.09 38.03 -65.42
C HIS L 461 -73.56 38.11 -65.43
N GLY L 462 -72.94 36.98 -65.76
CA GLY L 462 -71.50 36.92 -65.89
C GLY L 462 -71.04 37.04 -67.33
N ILE L 463 -70.54 38.23 -67.69
CA ILE L 463 -70.17 38.48 -69.08
C ILE L 463 -68.77 37.96 -69.36
N ASP L 464 -68.49 37.74 -70.64
CA ASP L 464 -67.17 37.30 -71.05
C ASP L 464 -66.23 38.50 -71.19
N SER L 465 -65.01 38.25 -71.66
CA SER L 465 -64.00 39.30 -71.71
C SER L 465 -64.25 40.29 -72.85
N ILE L 466 -64.80 39.83 -73.97
CA ILE L 466 -64.91 40.70 -75.14
C ILE L 466 -65.91 41.83 -74.89
N VAL L 467 -67.11 41.48 -74.40
CA VAL L 467 -68.11 42.50 -74.16
C VAL L 467 -67.68 43.40 -73.00
N TRP L 468 -66.92 42.86 -72.03
CA TRP L 468 -66.36 43.71 -70.99
C TRP L 468 -65.39 44.72 -71.58
N ASN L 469 -64.55 44.28 -72.51
CA ASN L 469 -63.61 45.19 -73.16
C ASN L 469 -64.36 46.28 -73.91
N LEU L 470 -65.46 45.92 -74.58
CA LEU L 470 -66.29 46.93 -75.23
C LEU L 470 -66.86 47.91 -74.22
N TYR L 471 -67.42 47.39 -73.12
CA TYR L 471 -67.96 48.24 -72.06
C TYR L 471 -66.93 49.24 -71.57
N LEU L 472 -65.72 48.75 -71.31
CA LEU L 472 -64.69 49.59 -70.71
C LEU L 472 -64.18 50.62 -71.71
N ASN L 473 -63.88 50.19 -72.93
CA ASN L 473 -63.26 51.05 -73.94
C ASN L 473 -64.24 51.95 -74.66
N HIS L 474 -65.55 51.80 -74.44
CA HIS L 474 -66.50 52.63 -75.18
C HIS L 474 -67.19 53.68 -74.32
N MET L 475 -67.47 53.38 -73.05
CA MET L 475 -68.14 54.33 -72.16
C MET L 475 -67.29 54.69 -70.94
N ILE L 476 -66.72 53.71 -70.26
CA ILE L 476 -66.00 53.99 -69.02
C ILE L 476 -64.72 54.76 -69.31
N LEU L 477 -63.93 54.28 -70.26
CA LEU L 477 -62.62 54.88 -70.50
C LEU L 477 -62.69 56.34 -70.94
N PRO L 478 -63.54 56.74 -71.90
CA PRO L 478 -63.55 58.16 -72.29
C PRO L 478 -64.02 59.09 -71.19
N LEU L 479 -65.08 58.71 -70.48
CA LEU L 479 -65.56 59.51 -69.36
C LEU L 479 -64.49 59.65 -68.29
N LEU L 480 -63.86 58.53 -67.92
CA LEU L 480 -62.82 58.58 -66.90
C LEU L 480 -61.65 59.44 -67.35
N LYS L 481 -61.25 59.31 -68.63
CA LYS L 481 -60.14 60.10 -69.13
C LYS L 481 -60.45 61.59 -69.08
N TYR L 482 -61.66 61.98 -69.52
CA TYR L 482 -62.02 63.39 -69.50
C TYR L 482 -62.02 63.92 -68.08
N HIS L 483 -62.63 63.17 -67.14
CA HIS L 483 -62.73 63.67 -65.77
C HIS L 483 -61.37 63.76 -65.11
N LEU L 484 -60.51 62.76 -65.34
CA LEU L 484 -59.16 62.81 -64.78
C LEU L 484 -58.37 63.98 -65.37
N LEU L 485 -58.50 64.21 -66.67
CA LEU L 485 -57.79 65.34 -67.29
C LEU L 485 -58.31 66.67 -66.76
N SER L 486 -59.62 66.80 -66.54
CA SER L 486 -60.17 68.04 -66.04
C SER L 486 -59.75 68.27 -64.58
N GLU L 487 -59.68 67.22 -63.78
CA GLU L 487 -59.29 67.37 -62.38
C GLU L 487 -57.78 67.33 -62.21
N LEU L 488 -57.12 66.31 -62.78
CA LEU L 488 -55.67 66.22 -62.74
C LEU L 488 -55.11 66.86 -64.01
N GLN L 489 -54.36 67.93 -63.86
CA GLN L 489 -53.88 68.69 -65.01
C GLN L 489 -52.56 68.15 -65.56
N TYR L 490 -51.56 67.96 -64.68
CA TYR L 490 -50.23 67.58 -65.15
C TYR L 490 -50.20 66.20 -65.79
N LEU L 491 -51.23 65.38 -65.56
CA LEU L 491 -51.21 63.99 -66.04
C LEU L 491 -51.09 63.90 -67.56
N ALA L 492 -51.42 64.97 -68.28
CA ALA L 492 -51.26 64.97 -69.73
C ALA L 492 -49.79 64.83 -70.11
N THR L 493 -48.90 65.47 -69.35
CA THR L 493 -47.48 65.39 -69.65
C THR L 493 -46.90 64.01 -69.41
N ASN L 494 -47.58 63.15 -68.64
CA ASN L 494 -47.07 61.82 -68.37
C ASN L 494 -47.11 60.98 -69.63
N ARG L 495 -45.97 60.35 -69.95
CA ARG L 495 -45.88 59.53 -71.16
C ARG L 495 -46.79 58.32 -71.08
N GLU L 496 -46.84 57.66 -69.92
CA GLU L 496 -47.67 56.47 -69.79
C GLU L 496 -49.16 56.80 -69.79
N PHE L 497 -49.52 57.99 -69.30
CA PHE L 497 -50.93 58.37 -69.30
C PHE L 497 -51.46 58.50 -70.72
N ILE L 498 -50.65 59.03 -71.64
CA ILE L 498 -51.10 59.23 -73.02
C ILE L 498 -50.81 58.03 -73.91
N LYS L 499 -49.81 57.21 -73.59
CA LYS L 499 -49.54 56.02 -74.40
C LYS L 499 -50.70 55.05 -74.36
N LYS L 500 -51.30 54.87 -73.17
CA LYS L 500 -52.43 53.95 -73.03
C LYS L 500 -53.76 54.59 -73.41
N PHE L 501 -53.82 55.92 -73.51
CA PHE L 501 -55.10 56.61 -73.71
C PHE L 501 -55.20 57.28 -75.08
N LYS L 502 -54.38 56.87 -76.05
CA LYS L 502 -54.46 57.46 -77.37
C LYS L 502 -55.65 56.93 -78.17
N ASP L 503 -56.01 55.65 -77.99
CA ASP L 503 -57.07 55.01 -78.75
C ASP L 503 -58.44 55.13 -78.09
N ILE L 504 -58.66 56.18 -77.31
CA ILE L 504 -59.93 56.40 -76.62
C ILE L 504 -60.49 57.76 -77.03
N ARG L 505 -61.80 57.78 -77.31
CA ARG L 505 -62.49 58.97 -77.82
C ARG L 505 -62.27 60.17 -76.93
N ASN L 506 -62.53 61.35 -77.48
CA ASN L 506 -62.45 62.62 -76.78
C ASN L 506 -63.86 63.17 -76.60
N ASP L 507 -64.47 62.86 -75.46
CA ASP L 507 -65.81 63.32 -75.13
C ASP L 507 -65.80 64.58 -74.28
N GLY L 508 -64.78 65.42 -74.45
CA GLY L 508 -64.62 66.57 -73.57
C GLY L 508 -65.73 67.60 -73.68
N ARG L 509 -66.14 67.93 -74.91
CA ARG L 509 -67.09 69.02 -75.10
C ARG L 509 -68.47 68.68 -74.56
N ILE L 510 -68.95 67.47 -74.83
CA ILE L 510 -70.28 67.08 -74.35
C ILE L 510 -70.31 67.05 -72.83
N LEU L 511 -69.28 66.51 -72.20
CA LEU L 511 -69.26 66.44 -70.74
C LEU L 511 -69.05 67.82 -70.12
N LEU L 512 -68.31 68.70 -70.79
CA LEU L 512 -68.20 70.08 -70.29
C LEU L 512 -69.55 70.79 -70.37
N ALA L 513 -70.31 70.55 -71.45
CA ALA L 513 -71.66 71.09 -71.52
C ALA L 513 -72.54 70.49 -70.43
N TYR L 514 -72.36 69.21 -70.13
CA TYR L 514 -73.12 68.58 -69.05
C TYR L 514 -72.83 69.24 -67.71
N GLU L 515 -71.55 69.42 -67.39
CA GLU L 515 -71.19 69.98 -66.09
C GLU L 515 -71.56 71.46 -66.00
N ARG L 516 -71.53 72.18 -67.13
CA ARG L 516 -72.02 73.56 -67.14
C ARG L 516 -73.52 73.60 -66.87
N LYS L 517 -74.25 72.55 -67.25
CA LYS L 517 -75.66 72.45 -66.92
C LYS L 517 -75.90 72.15 -65.45
N GLY L 518 -74.86 71.82 -64.69
CA GLY L 518 -74.99 71.52 -63.28
C GLY L 518 -75.05 70.06 -62.93
N TYR L 519 -74.80 69.17 -63.87
CA TYR L 519 -74.84 67.74 -63.58
C TYR L 519 -73.65 67.31 -62.74
N GLU L 520 -73.85 66.24 -61.97
CA GLU L 520 -72.79 65.73 -61.10
C GLU L 520 -71.68 65.10 -61.93
N ARG L 521 -70.45 65.19 -61.41
CA ARG L 521 -69.27 64.79 -62.16
C ARG L 521 -69.28 63.27 -62.37
N GLY L 522 -69.57 62.85 -63.59
CA GLY L 522 -69.51 61.43 -63.91
C GLY L 522 -70.72 60.89 -64.63
N ILE L 523 -71.80 61.68 -64.67
CA ILE L 523 -72.98 61.28 -65.42
C ILE L 523 -72.74 61.53 -66.91
N ALA L 524 -73.26 60.63 -67.74
CA ALA L 524 -73.03 60.71 -69.18
C ALA L 524 -74.19 60.04 -69.89
N TYR L 525 -74.30 60.33 -71.19
CA TYR L 525 -75.33 59.74 -72.05
C TYR L 525 -76.73 60.09 -71.51
N ASP L 526 -76.92 61.38 -71.21
CA ASP L 526 -78.25 61.84 -70.75
C ASP L 526 -79.21 61.82 -71.96
N TYR L 527 -79.88 60.69 -72.17
CA TYR L 527 -80.88 60.59 -73.27
C TYR L 527 -82.26 60.63 -72.64
N LYS L 528 -82.37 61.32 -71.49
CA LYS L 528 -83.67 61.45 -70.79
C LYS L 528 -83.91 62.94 -70.46
N MET M 1 -60.62 -20.29 -3.43
CA MET M 1 -61.35 -19.44 -2.49
C MET M 1 -61.57 -18.04 -3.06
N LYS M 2 -62.67 -17.42 -2.65
CA LYS M 2 -62.99 -16.05 -3.04
C LYS M 2 -63.21 -15.22 -1.79
N ASN M 3 -62.56 -14.05 -1.72
CA ASN M 3 -62.65 -13.22 -0.53
C ASN M 3 -62.81 -11.74 -0.82
N LEU M 4 -62.85 -11.31 -2.08
CA LEU M 4 -62.97 -9.91 -2.44
C LEU M 4 -64.22 -9.70 -3.28
N LYS M 5 -64.84 -8.53 -3.12
CA LYS M 5 -66.00 -8.17 -3.93
C LYS M 5 -65.78 -6.81 -4.57
N ILE M 6 -66.05 -6.71 -5.86
CA ILE M 6 -65.91 -5.44 -6.56
C ILE M 6 -67.01 -4.49 -6.08
N THR M 7 -66.64 -3.25 -5.77
CA THR M 7 -67.60 -2.25 -5.33
C THR M 7 -67.70 -1.04 -6.26
N ALA M 8 -66.68 -0.75 -7.06
CA ALA M 8 -66.72 0.39 -7.97
C ALA M 8 -65.74 0.15 -9.09
N ILE M 9 -66.09 0.66 -10.27
CA ILE M 9 -65.25 0.56 -11.46
C ILE M 9 -65.13 1.97 -12.04
N LYS M 10 -64.07 2.68 -11.63
CA LYS M 10 -63.87 4.06 -12.01
C LYS M 10 -62.48 4.23 -12.61
N ASP M 11 -62.37 5.09 -13.63
CA ASP M 11 -61.09 5.51 -14.18
C ASP M 11 -60.25 4.33 -14.66
N ASN M 12 -60.91 3.29 -15.17
CA ASN M 12 -60.30 2.04 -15.62
C ASN M 12 -59.63 1.27 -14.49
N LEU M 13 -59.87 1.64 -13.24
CA LEU M 13 -59.43 0.90 -12.07
C LEU M 13 -60.62 0.21 -11.42
N ILE M 14 -60.32 -0.79 -10.60
CA ILE M 14 -61.35 -1.59 -9.94
C ILE M 14 -61.14 -1.52 -8.43
N PHE M 15 -62.20 -1.20 -7.70
CA PHE M 15 -62.12 -1.10 -6.25
C PHE M 15 -62.66 -2.38 -5.64
N VAL M 16 -61.88 -3.02 -4.79
CA VAL M 16 -62.27 -4.29 -4.18
C VAL M 16 -62.41 -4.11 -2.67
N GLU M 17 -63.45 -4.71 -2.11
CA GLU M 17 -63.74 -4.71 -0.69
C GLU M 17 -63.46 -6.10 -0.12
N GLY M 18 -62.80 -6.13 1.03
CA GLY M 18 -62.46 -7.37 1.69
C GLY M 18 -61.28 -7.19 2.64
N GLU M 19 -61.24 -7.99 3.70
CA GLU M 19 -60.18 -7.90 4.70
C GLU M 19 -59.06 -8.85 4.31
N HIS M 20 -57.91 -8.30 3.94
CA HIS M 20 -56.78 -9.10 3.49
C HIS M 20 -55.50 -8.34 3.76
N GLN M 21 -54.39 -9.08 3.80
CA GLN M 21 -53.07 -8.49 4.00
C GLN M 21 -52.51 -8.06 2.64
N PHE M 22 -53.09 -6.97 2.13
CA PHE M 22 -52.71 -6.46 0.83
C PHE M 22 -51.27 -5.96 0.83
N SER M 23 -50.60 -6.12 -0.30
CA SER M 23 -49.24 -5.62 -0.49
C SER M 23 -49.13 -4.98 -1.86
N PHE M 24 -48.13 -4.13 -2.02
CA PHE M 24 -47.92 -3.44 -3.28
C PHE M 24 -47.53 -4.43 -4.38
N LEU M 25 -48.19 -4.31 -5.54
CA LEU M 25 -48.03 -5.24 -6.65
C LEU M 25 -48.34 -6.68 -6.25
N GLU M 26 -49.41 -6.85 -5.46
CA GLU M 26 -49.95 -8.17 -5.19
C GLU M 26 -50.92 -8.56 -6.30
N ILE M 27 -50.92 -9.84 -6.67
CA ILE M 27 -51.76 -10.31 -7.75
C ILE M 27 -53.14 -10.62 -7.22
N ILE M 28 -54.16 -10.11 -7.89
CA ILE M 28 -55.56 -10.40 -7.59
C ILE M 28 -56.16 -11.07 -8.82
N LYS M 29 -56.82 -12.21 -8.60
CA LYS M 29 -57.35 -13.03 -9.68
C LYS M 29 -58.86 -12.87 -9.76
N PHE M 30 -59.35 -12.51 -10.95
CA PHE M 30 -60.78 -12.42 -11.20
C PHE M 30 -61.32 -13.60 -11.97
N SER M 31 -60.46 -14.31 -12.69
CA SER M 31 -60.79 -15.57 -13.34
C SER M 31 -59.51 -16.40 -13.38
N ASP M 32 -59.49 -17.43 -14.22
CA ASP M 32 -58.30 -18.24 -14.40
C ASP M 32 -57.34 -17.65 -15.43
N LYS M 33 -57.68 -16.52 -16.03
CA LYS M 33 -56.80 -15.86 -17.00
C LYS M 33 -56.66 -14.36 -16.78
N VAL M 34 -57.54 -13.72 -16.03
CA VAL M 34 -57.54 -12.27 -15.87
C VAL M 34 -56.99 -11.93 -14.49
N GLU M 35 -56.02 -11.03 -14.46
CA GLU M 35 -55.32 -10.70 -13.22
C GLU M 35 -55.10 -9.19 -13.15
N GLY M 36 -54.96 -8.70 -11.91
CA GLY M 36 -54.63 -7.31 -11.69
C GLY M 36 -53.63 -7.18 -10.55
N VAL M 37 -53.06 -5.98 -10.45
CA VAL M 37 -52.09 -5.68 -9.40
C VAL M 37 -52.71 -4.68 -8.44
N VAL M 38 -52.14 -4.61 -7.23
CA VAL M 38 -52.63 -3.73 -6.18
C VAL M 38 -51.77 -2.47 -6.17
N LEU M 39 -52.42 -1.30 -6.28
CA LEU M 39 -51.74 -0.02 -6.24
C LEU M 39 -51.80 0.63 -4.86
N LYS M 40 -53.00 0.78 -4.31
CA LYS M 40 -53.20 1.35 -2.99
C LYS M 40 -54.12 0.45 -2.20
N ALA M 41 -53.96 0.43 -0.88
CA ALA M 41 -54.77 -0.44 -0.06
C ALA M 41 -54.82 0.06 1.37
N ASN M 42 -55.86 -0.34 2.09
CA ASN M 42 -55.96 -0.14 3.53
C ASN M 42 -56.47 -1.45 4.13
N ASP M 43 -56.88 -1.37 5.40
CA ASP M 43 -57.23 -2.59 6.13
C ASP M 43 -58.50 -3.25 5.64
N ARG M 44 -59.28 -2.61 4.77
CA ARG M 44 -60.52 -3.21 4.30
C ARG M 44 -60.80 -3.07 2.81
N SER M 45 -59.95 -2.42 2.03
CA SER M 45 -60.23 -2.24 0.62
C SER M 45 -58.93 -2.05 -0.14
N ALA M 46 -59.02 -2.18 -1.47
CA ALA M 46 -57.84 -2.02 -2.32
C ALA M 46 -58.25 -1.49 -3.68
N ILE M 47 -57.27 -0.90 -4.37
CA ILE M 47 -57.44 -0.36 -5.71
C ILE M 47 -56.57 -1.20 -6.65
N VAL M 48 -57.16 -1.68 -7.73
CA VAL M 48 -56.54 -2.69 -8.59
C VAL M 48 -56.54 -2.19 -10.03
N ALA M 49 -55.41 -2.35 -10.71
CA ALA M 49 -55.29 -2.08 -12.13
C ALA M 49 -55.11 -3.41 -12.85
N ILE M 50 -55.98 -3.67 -13.83
CA ILE M 50 -56.01 -4.96 -14.51
C ILE M 50 -54.89 -5.04 -15.54
N LEU M 51 -54.37 -6.25 -15.75
CA LEU M 51 -53.37 -6.51 -16.77
C LEU M 51 -53.92 -7.21 -18.00
N ASN M 52 -54.99 -7.99 -17.85
CA ASN M 52 -55.56 -8.78 -18.93
C ASN M 52 -56.99 -8.35 -19.21
N GLU M 53 -57.55 -8.92 -20.28
CA GLU M 53 -58.94 -8.72 -20.64
C GLU M 53 -59.49 -10.02 -21.21
N ASP M 54 -60.73 -10.34 -20.88
CA ASP M 54 -61.41 -11.51 -21.39
C ASP M 54 -62.73 -11.12 -22.01
N LYS M 55 -63.04 -11.72 -23.17
CA LYS M 55 -64.31 -11.45 -23.83
C LYS M 55 -65.49 -11.95 -22.99
N ASP M 56 -65.37 -13.16 -22.43
CA ASP M 56 -66.48 -13.78 -21.72
C ASP M 56 -66.58 -13.33 -20.27
N LEU M 57 -65.56 -12.68 -19.72
CA LEU M 57 -65.57 -12.23 -18.33
C LEU M 57 -66.08 -10.80 -18.29
N ASN M 58 -67.26 -10.60 -17.69
CA ASN M 58 -67.88 -9.30 -17.58
C ASN M 58 -67.76 -8.85 -16.12
N LEU M 59 -66.72 -8.06 -15.83
CA LEU M 59 -66.46 -7.62 -14.47
C LEU M 59 -67.43 -6.51 -14.09
N THR M 60 -68.28 -6.78 -13.11
CA THR M 60 -69.28 -5.83 -12.65
C THR M 60 -69.15 -5.65 -11.14
N VAL M 61 -69.89 -4.67 -10.62
CA VAL M 61 -69.98 -4.52 -9.17
C VAL M 61 -70.64 -5.76 -8.59
N GLY M 62 -70.07 -6.26 -7.50
CA GLY M 62 -70.52 -7.49 -6.90
C GLY M 62 -69.83 -8.74 -7.41
N SER M 63 -68.92 -8.62 -8.37
CA SER M 63 -68.14 -9.76 -8.81
C SER M 63 -67.16 -10.20 -7.72
N LEU M 64 -66.67 -11.43 -7.86
CA LEU M 64 -65.81 -12.04 -6.85
C LEU M 64 -64.39 -12.18 -7.37
N ALA M 65 -63.42 -11.93 -6.48
CA ALA M 65 -62.02 -12.01 -6.82
C ALA M 65 -61.27 -12.68 -5.68
N GLU M 66 -60.09 -13.22 -6.00
CA GLU M 66 -59.26 -13.91 -5.04
C GLU M 66 -57.94 -13.19 -4.87
N ALA M 67 -57.60 -12.85 -3.63
CA ALA M 67 -56.31 -12.28 -3.29
C ALA M 67 -55.31 -13.41 -3.09
N THR M 68 -54.40 -13.59 -4.06
CA THR M 68 -53.50 -14.73 -4.02
C THR M 68 -52.47 -14.63 -2.89
N GLY M 69 -52.18 -13.42 -2.42
CA GLY M 69 -51.19 -13.25 -1.38
C GLY M 69 -49.75 -13.24 -1.86
N GLU M 70 -49.53 -13.28 -3.16
CA GLU M 70 -48.19 -13.32 -3.74
C GLU M 70 -47.96 -12.09 -4.61
N LEU M 71 -46.70 -11.70 -4.73
CA LEU M 71 -46.34 -10.59 -5.60
C LEU M 71 -46.44 -11.01 -7.06
N TYR M 72 -46.46 -10.01 -7.93
CA TYR M 72 -46.52 -10.25 -9.38
C TYR M 72 -45.16 -10.77 -9.82
N LYS M 73 -45.07 -12.09 -10.02
CA LYS M 73 -43.86 -12.74 -10.48
C LYS M 73 -44.11 -13.32 -11.87
N ILE M 74 -43.29 -12.93 -12.83
CA ILE M 74 -43.43 -13.45 -14.19
C ILE M 74 -42.83 -14.85 -14.26
N PRO M 75 -43.53 -15.82 -14.84
CA PRO M 75 -42.98 -17.16 -15.00
C PRO M 75 -42.11 -17.29 -16.25
N ILE M 76 -41.17 -18.22 -16.18
CA ILE M 76 -40.26 -18.50 -17.28
C ILE M 76 -40.63 -19.85 -17.88
N TYR M 77 -40.84 -19.87 -19.19
CA TYR M 77 -41.19 -21.09 -19.91
C TYR M 77 -40.19 -21.32 -21.03
N ASP M 78 -40.05 -22.59 -21.42
CA ASP M 78 -39.03 -22.98 -22.38
C ASP M 78 -39.28 -22.35 -23.75
N ASN M 79 -40.55 -22.24 -24.16
CA ASN M 79 -40.90 -21.76 -25.49
C ASN M 79 -40.96 -20.24 -25.58
N TYR M 80 -40.39 -19.51 -24.61
CA TYR M 80 -40.25 -18.07 -24.75
C TYR M 80 -39.35 -17.72 -25.91
N LEU M 81 -38.32 -18.53 -26.14
CA LEU M 81 -37.38 -18.27 -27.23
C LEU M 81 -38.10 -18.35 -28.57
N GLY M 82 -37.86 -17.36 -29.43
CA GLY M 82 -38.55 -17.29 -30.71
C GLY M 82 -40.04 -17.09 -30.56
N SER M 83 -40.46 -16.15 -29.72
CA SER M 83 -41.87 -15.96 -29.44
C SER M 83 -42.14 -14.49 -29.14
N ILE M 84 -43.42 -14.13 -29.29
CA ILE M 84 -43.95 -12.85 -28.86
C ILE M 84 -44.92 -13.12 -27.72
N ILE M 85 -44.62 -12.56 -26.55
CA ILE M 85 -45.42 -12.76 -25.34
C ILE M 85 -45.86 -11.41 -24.79
N ASN M 86 -46.91 -11.46 -23.98
CA ASN M 86 -47.35 -10.28 -23.24
C ASN M 86 -46.68 -10.29 -21.86
N VAL M 87 -47.10 -9.37 -20.99
CA VAL M 87 -46.46 -9.20 -19.69
C VAL M 87 -46.84 -10.31 -18.72
N LEU M 88 -47.67 -11.26 -19.16
CA LEU M 88 -48.11 -12.35 -18.31
C LEU M 88 -47.65 -13.72 -18.79
N GLY M 89 -46.82 -13.78 -19.83
CA GLY M 89 -46.28 -15.03 -20.31
C GLY M 89 -47.08 -15.70 -21.41
N GLU M 90 -48.30 -15.24 -21.69
CA GLU M 90 -49.08 -15.84 -22.76
C GLU M 90 -48.40 -15.60 -24.10
N SER M 91 -48.42 -16.62 -24.95
CA SER M 91 -47.77 -16.55 -26.26
C SER M 91 -48.76 -16.03 -27.28
N LEU M 92 -48.51 -14.81 -27.77
CA LEU M 92 -49.29 -14.31 -28.90
C LEU M 92 -48.87 -14.98 -30.21
N VAL M 93 -47.57 -15.19 -30.39
CA VAL M 93 -47.03 -15.95 -31.50
C VAL M 93 -45.95 -16.86 -30.94
N LYS M 94 -45.89 -18.10 -31.42
CA LYS M 94 -44.94 -19.07 -30.92
C LYS M 94 -44.49 -19.98 -32.06
N GLN M 95 -43.34 -20.62 -31.87
CA GLN M 95 -42.81 -21.55 -32.84
C GLN M 95 -42.99 -23.02 -32.45
N TYR M 96 -43.21 -23.30 -31.17
CA TYR M 96 -43.49 -24.65 -30.72
C TYR M 96 -44.24 -24.56 -29.39
N GLU M 97 -44.63 -25.72 -28.87
CA GLU M 97 -45.44 -25.80 -27.66
C GLU M 97 -44.57 -25.75 -26.41
N ARG M 98 -45.20 -25.42 -25.28
CA ARG M 98 -44.50 -25.29 -24.01
C ARG M 98 -44.68 -26.52 -23.15
N THR M 99 -43.61 -26.88 -22.43
CA THR M 99 -43.67 -28.01 -21.50
C THR M 99 -44.65 -27.75 -20.36
N ASN M 100 -45.05 -26.50 -20.15
CA ASN M 100 -46.06 -26.10 -19.18
C ASN M 100 -45.61 -26.31 -17.74
N VAL M 101 -44.30 -26.34 -17.51
CA VAL M 101 -43.72 -26.30 -16.17
C VAL M 101 -42.79 -25.09 -16.12
N ALA M 102 -43.07 -24.17 -15.20
CA ALA M 102 -42.28 -22.94 -15.13
C ALA M 102 -40.87 -23.24 -14.66
N LEU M 103 -39.88 -22.76 -15.43
CA LEU M 103 -38.49 -22.89 -15.01
C LEU M 103 -38.22 -22.10 -13.74
N ASP M 104 -38.77 -20.90 -13.65
CA ASP M 104 -38.60 -20.05 -12.48
C ASP M 104 -39.71 -19.01 -12.49
N LYS M 105 -39.79 -18.23 -11.40
CA LYS M 105 -40.74 -17.14 -11.28
C LYS M 105 -40.01 -15.94 -10.71
N LYS M 106 -39.80 -14.92 -11.53
CA LYS M 106 -38.98 -13.77 -11.15
C LYS M 106 -39.87 -12.59 -10.79
N TYR M 107 -39.59 -11.96 -9.65
CA TYR M 107 -40.33 -10.77 -9.24
C TYR M 107 -39.95 -9.60 -10.14
N VAL M 108 -40.96 -8.90 -10.65
CA VAL M 108 -40.72 -7.87 -11.66
C VAL M 108 -39.98 -6.68 -11.07
N PHE M 109 -40.27 -6.34 -9.82
CA PHE M 109 -39.66 -5.17 -9.18
C PHE M 109 -38.45 -5.56 -8.34
N THR M 110 -37.69 -6.56 -8.76
CA THR M 110 -36.47 -6.93 -8.08
C THR M 110 -35.50 -5.75 -8.04
N GLU M 111 -34.91 -5.49 -6.88
CA GLU M 111 -33.97 -4.39 -6.75
C GLU M 111 -32.65 -4.73 -7.43
N ALA M 112 -31.90 -3.69 -7.75
CA ALA M 112 -30.59 -3.88 -8.35
C ALA M 112 -29.62 -4.47 -7.35
N GLN M 113 -28.73 -5.32 -7.84
CA GLN M 113 -27.75 -5.95 -6.98
C GLN M 113 -26.73 -4.93 -6.48
N PRO M 114 -26.19 -5.12 -5.27
CA PRO M 114 -25.32 -4.10 -4.67
C PRO M 114 -24.00 -3.92 -5.41
N ILE M 115 -23.13 -3.06 -4.86
CA ILE M 115 -21.93 -2.67 -5.59
C ILE M 115 -20.82 -3.71 -5.52
N PHE M 116 -20.84 -4.60 -4.51
CA PHE M 116 -19.86 -5.68 -4.48
C PHE M 116 -20.15 -6.75 -5.53
N THR M 117 -21.35 -6.75 -6.09
CA THR M 117 -21.74 -7.75 -7.09
C THR M 117 -21.13 -7.45 -8.46
N ARG M 118 -20.91 -6.19 -8.78
CA ARG M 118 -20.63 -5.77 -10.15
C ARG M 118 -19.20 -6.14 -10.56
N SER M 119 -18.88 -5.85 -11.82
CA SER M 119 -17.55 -6.06 -12.36
C SER M 119 -17.33 -5.06 -13.49
N ALA M 120 -16.07 -4.81 -13.81
CA ALA M 120 -15.75 -3.82 -14.83
C ALA M 120 -16.26 -4.26 -16.20
N VAL M 121 -16.61 -3.28 -17.02
CA VAL M 121 -17.06 -3.51 -18.38
C VAL M 121 -15.83 -3.51 -19.28
N ASN M 122 -15.50 -4.66 -19.85
CA ASN M 122 -14.27 -4.79 -20.63
C ASN M 122 -14.39 -5.61 -21.90
N GLU M 123 -15.58 -6.08 -22.27
CA GLU M 123 -15.72 -6.84 -23.50
C GLU M 123 -16.73 -6.18 -24.43
N PRO M 124 -16.42 -6.11 -25.73
CA PRO M 124 -17.30 -5.36 -26.64
C PRO M 124 -18.61 -6.08 -26.91
N LEU M 125 -19.65 -5.29 -27.18
CA LEU M 125 -20.88 -5.76 -27.76
C LEU M 125 -20.91 -5.32 -29.21
N VAL M 126 -20.83 -6.28 -30.14
CA VAL M 126 -20.78 -5.93 -31.56
C VAL M 126 -22.18 -5.51 -32.02
N THR M 127 -22.25 -4.32 -32.62
CA THR M 127 -23.51 -3.79 -33.12
C THR M 127 -23.69 -3.94 -34.62
N GLY M 128 -22.61 -4.16 -35.36
CA GLY M 128 -22.68 -4.20 -36.81
C GLY M 128 -22.64 -2.85 -37.48
N ILE M 129 -22.52 -1.77 -36.73
CA ILE M 129 -22.47 -0.42 -37.27
C ILE M 129 -21.05 0.09 -37.10
N THR M 130 -20.40 0.40 -38.23
CA THR M 130 -18.98 0.77 -38.21
C THR M 130 -18.74 2.00 -37.35
N VAL M 131 -19.61 3.02 -37.48
CA VAL M 131 -19.44 4.24 -36.70
C VAL M 131 -19.56 3.94 -35.21
N VAL M 132 -20.54 3.14 -34.82
CA VAL M 132 -20.73 2.82 -33.41
C VAL M 132 -19.61 1.92 -32.92
N ASP M 133 -19.20 0.94 -33.73
CA ASP M 133 -18.17 0.02 -33.28
C ASP M 133 -16.81 0.70 -33.16
N GLY M 134 -16.57 1.76 -33.92
CA GLY M 134 -15.26 2.38 -33.89
C GLY M 134 -15.18 3.70 -33.13
N VAL M 135 -16.27 4.48 -33.16
CA VAL M 135 -16.27 5.80 -32.56
C VAL M 135 -17.09 5.86 -31.27
N LEU M 136 -18.17 5.08 -31.17
CA LEU M 136 -19.10 5.15 -30.04
C LEU M 136 -19.27 3.76 -29.45
N PRO M 137 -18.21 3.19 -28.90
CA PRO M 137 -18.24 1.76 -28.58
C PRO M 137 -19.21 1.41 -27.46
N VAL M 138 -19.76 0.20 -27.54
CA VAL M 138 -20.69 -0.33 -26.55
C VAL M 138 -20.06 -1.60 -25.98
N GLY M 139 -19.98 -1.66 -24.65
CA GLY M 139 -19.49 -2.84 -23.98
C GLY M 139 -20.62 -3.63 -23.35
N ARG M 140 -20.34 -4.88 -23.02
CA ARG M 140 -21.34 -5.73 -22.39
C ARG M 140 -21.55 -5.27 -20.95
N GLY M 141 -22.80 -4.97 -20.61
CA GLY M 141 -23.12 -4.36 -19.34
C GLY M 141 -23.25 -2.85 -19.38
N GLN M 142 -23.13 -2.25 -20.55
CA GLN M 142 -23.24 -0.80 -20.69
C GLN M 142 -24.67 -0.42 -21.07
N LYS M 143 -25.06 0.81 -20.70
CA LYS M 143 -26.35 1.36 -21.06
C LYS M 143 -26.14 2.52 -22.02
N GLU M 144 -26.46 2.30 -23.29
CA GLU M 144 -26.39 3.34 -24.31
C GLU M 144 -27.81 3.74 -24.70
N LEU M 145 -28.07 5.04 -24.73
CA LEU M 145 -29.36 5.58 -25.11
C LEU M 145 -29.34 5.95 -26.59
N ILE M 146 -30.36 5.51 -27.32
CA ILE M 146 -30.57 5.94 -28.70
C ILE M 146 -31.68 6.97 -28.68
N ILE M 147 -31.32 8.23 -28.92
CA ILE M 147 -32.23 9.36 -28.74
C ILE M 147 -32.30 10.16 -30.03
N GLY M 148 -33.50 10.52 -30.43
CA GLY M 148 -33.64 11.27 -31.67
C GLY M 148 -35.06 11.72 -31.90
N ASP M 149 -35.30 12.21 -33.11
CA ASP M 149 -36.63 12.62 -33.52
C ASP M 149 -37.39 11.43 -34.11
N ARG M 150 -38.63 11.67 -34.50
CA ARG M 150 -39.42 10.62 -35.14
C ARG M 150 -38.89 10.33 -36.53
N GLY M 151 -38.89 9.05 -36.90
CA GLY M 151 -38.48 8.64 -38.23
C GLY M 151 -37.05 8.97 -38.59
N THR M 152 -36.12 8.75 -37.68
CA THR M 152 -34.70 8.98 -37.94
C THR M 152 -33.87 7.71 -37.97
N GLY M 153 -34.45 6.56 -37.63
CA GLY M 153 -33.77 5.30 -37.71
C GLY M 153 -33.28 4.72 -36.39
N LYS M 154 -33.91 5.05 -35.27
CA LYS M 154 -33.48 4.50 -33.99
C LYS M 154 -33.79 3.01 -33.89
N THR M 155 -35.01 2.62 -34.27
CA THR M 155 -35.38 1.22 -34.25
C THR M 155 -34.50 0.40 -35.17
N ALA M 156 -34.13 0.96 -36.31
CA ALA M 156 -33.22 0.27 -37.23
C ALA M 156 -31.87 0.03 -36.58
N ILE M 157 -31.36 1.03 -35.85
CA ILE M 157 -30.08 0.88 -35.16
C ILE M 157 -30.17 -0.22 -34.11
N ALA M 158 -31.24 -0.22 -33.32
CA ALA M 158 -31.40 -1.24 -32.30
C ALA M 158 -31.52 -2.63 -32.89
N LEU M 159 -32.28 -2.78 -33.98
CA LEU M 159 -32.39 -4.07 -34.63
C LEU M 159 -31.08 -4.49 -35.28
N ASN M 160 -30.29 -3.55 -35.79
CA ASN M 160 -28.97 -3.90 -36.31
C ASN M 160 -28.08 -4.45 -35.20
N ALA M 161 -28.10 -3.79 -34.04
CA ALA M 161 -27.32 -4.30 -32.91
C ALA M 161 -27.79 -5.69 -32.49
N MET M 162 -29.10 -5.91 -32.50
CA MET M 162 -29.61 -7.22 -32.06
C MET M 162 -29.42 -8.30 -33.12
N LEU M 163 -29.34 -7.93 -34.40
CA LEU M 163 -29.06 -8.89 -35.46
C LEU M 163 -27.58 -9.26 -35.51
N ALA M 164 -26.69 -8.35 -35.12
CA ALA M 164 -25.27 -8.64 -35.18
C ALA M 164 -24.84 -9.77 -34.25
N GLN M 165 -25.80 -10.35 -33.51
CA GLN M 165 -25.52 -11.48 -32.62
C GLN M 165 -25.92 -12.81 -33.24
N GLU M 166 -25.74 -12.97 -34.56
CA GLU M 166 -26.11 -14.21 -35.22
C GLU M 166 -25.17 -15.35 -34.84
N ASN M 167 -23.89 -15.06 -34.66
CA ASN M 167 -22.87 -16.04 -34.31
C ASN M 167 -22.10 -15.60 -33.06
N THR M 168 -22.85 -15.22 -32.02
CA THR M 168 -22.24 -14.63 -30.84
C THR M 168 -22.70 -15.28 -29.53
N ASP M 169 -23.87 -15.92 -29.50
CA ASP M 169 -24.46 -16.49 -28.30
C ASP M 169 -24.74 -15.39 -27.26
N VAL M 170 -25.59 -14.44 -27.66
CA VAL M 170 -26.14 -13.42 -26.78
C VAL M 170 -27.65 -13.49 -26.88
N ILE M 171 -28.32 -13.57 -25.74
CA ILE M 171 -29.78 -13.68 -25.74
C ILE M 171 -30.37 -12.30 -25.96
N ASN M 172 -31.19 -12.17 -27.00
CA ASN M 172 -31.82 -10.91 -27.34
C ASN M 172 -33.21 -10.83 -26.72
N ILE M 173 -33.49 -9.72 -26.05
CA ILE M 173 -34.83 -9.44 -25.53
C ILE M 173 -35.27 -8.08 -26.06
N PHE M 174 -36.44 -8.05 -26.69
CA PHE M 174 -37.00 -6.83 -27.27
C PHE M 174 -38.30 -6.52 -26.55
N ILE M 175 -38.36 -5.37 -25.89
CA ILE M 175 -39.56 -4.92 -25.19
C ILE M 175 -40.17 -3.80 -26.02
N ALA M 176 -41.40 -4.01 -26.47
CA ALA M 176 -42.13 -3.04 -27.27
C ALA M 176 -43.25 -2.45 -26.43
N ILE M 177 -43.24 -1.13 -26.28
CA ILE M 177 -44.13 -0.44 -25.34
C ILE M 177 -44.99 0.50 -26.17
N GLY M 178 -46.27 0.21 -26.27
CA GLY M 178 -47.19 1.06 -27.01
C GLY M 178 -46.86 1.17 -28.48
N LYS M 179 -46.46 0.07 -29.11
CA LYS M 179 -46.03 0.06 -30.49
C LYS M 179 -47.08 -0.59 -31.38
N LYS M 180 -46.91 -0.42 -32.68
CA LYS M 180 -47.87 -0.93 -33.65
C LYS M 180 -47.68 -2.44 -33.83
N ARG M 181 -48.79 -3.16 -33.88
CA ARG M 181 -48.74 -4.62 -33.95
C ARG M 181 -48.12 -5.08 -35.26
N ASP M 182 -48.42 -4.40 -36.36
CA ASP M 182 -47.83 -4.79 -37.64
C ASP M 182 -46.32 -4.57 -37.65
N GLU M 183 -45.84 -3.51 -36.98
CA GLU M 183 -44.40 -3.31 -36.87
C GLU M 183 -43.74 -4.44 -36.08
N ILE M 184 -44.41 -4.91 -35.03
CA ILE M 184 -43.86 -6.02 -34.25
C ILE M 184 -43.85 -7.30 -35.06
N VAL M 185 -44.90 -7.53 -35.85
CA VAL M 185 -44.92 -8.70 -36.73
C VAL M 185 -43.80 -8.61 -37.77
N GLU M 186 -43.55 -7.40 -38.29
CA GLU M 186 -42.46 -7.21 -39.23
C GLU M 186 -41.11 -7.49 -38.58
N ILE M 187 -40.93 -7.05 -37.33
CA ILE M 187 -39.67 -7.33 -36.63
C ILE M 187 -39.52 -8.82 -36.38
N TYR M 188 -40.62 -9.52 -36.09
CA TYR M 188 -40.59 -10.96 -35.94
C TYR M 188 -40.16 -11.64 -37.24
N GLY M 189 -40.70 -11.18 -38.37
CA GLY M 189 -40.28 -11.72 -39.66
C GLY M 189 -38.83 -11.43 -39.96
N THR M 190 -38.34 -10.25 -39.58
CA THR M 190 -36.94 -9.92 -39.77
C THR M 190 -36.04 -10.80 -38.92
N PHE M 191 -36.49 -11.12 -37.70
CA PHE M 191 -35.76 -12.06 -36.86
C PHE M 191 -35.68 -13.43 -37.53
N LYS M 192 -36.80 -13.88 -38.08
CA LYS M 192 -36.82 -15.19 -38.74
C LYS M 192 -35.91 -15.21 -39.95
N LYS M 193 -35.92 -14.14 -40.75
CA LYS M 193 -35.16 -14.12 -41.99
C LYS M 193 -33.66 -14.18 -41.72
N HIS M 194 -33.18 -13.47 -40.70
CA HIS M 194 -31.76 -13.41 -40.41
C HIS M 194 -31.30 -14.48 -39.42
N ASN M 195 -32.20 -15.39 -39.04
CA ASN M 195 -31.84 -16.58 -38.25
C ASN M 195 -31.32 -16.19 -36.86
N ILE M 196 -32.12 -15.42 -36.13
CA ILE M 196 -31.82 -15.15 -34.73
C ILE M 196 -33.06 -15.39 -33.88
N LEU M 197 -34.06 -16.07 -34.45
CA LEU M 197 -35.28 -16.33 -33.69
C LEU M 197 -35.01 -17.23 -32.48
N HIS M 198 -34.15 -18.23 -32.65
CA HIS M 198 -33.94 -19.20 -31.58
C HIS M 198 -33.34 -18.57 -30.32
N LYS M 199 -32.81 -17.35 -30.41
CA LYS M 199 -32.22 -16.67 -29.27
C LYS M 199 -32.90 -15.35 -28.96
N SER M 200 -34.10 -15.12 -29.48
CA SER M 200 -34.76 -13.82 -29.36
C SER M 200 -36.14 -13.97 -28.76
N ILE M 201 -36.52 -13.00 -27.93
CA ILE M 201 -37.84 -12.91 -27.33
C ILE M 201 -38.39 -11.51 -27.62
N ILE M 202 -39.71 -11.41 -27.76
CA ILE M 202 -40.36 -10.13 -27.96
C ILE M 202 -41.48 -9.98 -26.94
N VAL M 203 -41.32 -9.04 -26.02
CA VAL M 203 -42.34 -8.71 -25.03
C VAL M 203 -43.12 -7.51 -25.55
N SER M 204 -44.43 -7.65 -25.70
CA SER M 204 -45.25 -6.67 -26.40
C SER M 204 -46.38 -6.18 -25.50
N ALA M 205 -46.54 -4.86 -25.43
CA ALA M 205 -47.67 -4.21 -24.79
C ALA M 205 -48.12 -3.10 -25.74
N ALA M 206 -49.22 -3.32 -26.44
CA ALA M 206 -49.60 -2.46 -27.55
C ALA M 206 -50.17 -1.14 -27.05
N SER M 207 -50.36 -0.21 -27.99
CA SER M 207 -50.75 1.15 -27.64
C SER M 207 -52.12 1.20 -26.97
N ASP M 208 -53.01 0.26 -27.29
CA ASP M 208 -54.34 0.22 -26.72
C ASP M 208 -54.51 -0.87 -25.67
N ASP M 209 -53.41 -1.46 -25.20
CA ASP M 209 -53.49 -2.44 -24.12
C ASP M 209 -53.75 -1.74 -22.80
N ALA M 210 -53.89 -2.53 -21.74
CA ALA M 210 -54.10 -1.97 -20.41
C ALA M 210 -52.90 -1.14 -19.98
N VAL M 211 -53.17 -0.08 -19.21
CA VAL M 211 -52.11 0.86 -18.84
C VAL M 211 -51.10 0.19 -17.92
N ALA M 212 -51.56 -0.71 -17.05
CA ALA M 212 -50.63 -1.42 -16.17
C ALA M 212 -49.68 -2.31 -16.96
N ALA M 213 -50.17 -2.92 -18.05
CA ALA M 213 -49.30 -3.73 -18.89
C ALA M 213 -48.21 -2.88 -19.52
N ARG M 214 -48.57 -1.70 -20.05
CA ARG M 214 -47.58 -0.83 -20.65
C ARG M 214 -46.61 -0.28 -19.62
N TYR M 215 -47.06 -0.13 -18.37
CA TYR M 215 -46.16 0.35 -17.33
C TYR M 215 -45.18 -0.75 -16.89
N LEU M 216 -45.65 -1.99 -16.80
CA LEU M 216 -44.85 -3.07 -16.26
C LEU M 216 -44.10 -3.88 -17.31
N ALA M 217 -44.28 -3.60 -18.61
CA ALA M 217 -43.57 -4.36 -19.63
C ALA M 217 -42.05 -4.33 -19.47
N PRO M 218 -41.39 -3.17 -19.31
CA PRO M 218 -39.93 -3.19 -19.17
C PRO M 218 -39.46 -3.94 -17.93
N TYR M 219 -40.22 -3.89 -16.84
CA TYR M 219 -39.83 -4.64 -15.65
C TYR M 219 -39.92 -6.14 -15.87
N ALA M 220 -40.95 -6.60 -16.57
CA ALA M 220 -41.04 -8.02 -16.90
C ALA M 220 -39.90 -8.43 -17.83
N GLY M 221 -39.58 -7.60 -18.82
CA GLY M 221 -38.45 -7.91 -19.68
C GLY M 221 -37.15 -7.99 -18.90
N MET M 222 -36.94 -7.07 -17.96
CA MET M 222 -35.75 -7.11 -17.13
C MET M 222 -35.73 -8.34 -16.22
N ALA M 223 -36.89 -8.78 -15.74
CA ALA M 223 -36.94 -10.00 -14.94
C ALA M 223 -36.54 -11.21 -15.77
N ILE M 224 -37.00 -11.29 -17.01
CA ILE M 224 -36.58 -12.37 -17.90
C ILE M 224 -35.07 -12.30 -18.15
N ALA M 225 -34.57 -11.09 -18.40
CA ALA M 225 -33.14 -10.92 -18.62
C ALA M 225 -32.34 -11.34 -17.39
N GLU M 226 -32.86 -11.06 -16.19
CA GLU M 226 -32.18 -11.46 -14.98
C GLU M 226 -32.19 -12.96 -14.79
N PHE M 227 -33.29 -13.62 -15.17
CA PHE M 227 -33.30 -15.08 -15.17
C PHE M 227 -32.22 -15.62 -16.07
N PHE M 228 -32.09 -15.07 -17.28
CA PHE M 228 -31.08 -15.56 -18.21
C PHE M 228 -29.67 -15.23 -17.73
N GLN M 229 -29.51 -14.13 -16.99
CA GLN M 229 -28.20 -13.75 -16.48
C GLN M 229 -27.79 -14.59 -15.28
N GLN M 230 -28.76 -15.11 -14.51
CA GLN M 230 -28.42 -15.93 -13.37
C GLN M 230 -27.72 -17.23 -13.75
N ILE M 231 -27.81 -17.65 -15.01
CA ILE M 231 -27.12 -18.85 -15.49
C ILE M 231 -25.96 -18.43 -16.37
N GLY M 232 -25.42 -17.23 -16.11
CA GLY M 232 -24.17 -16.81 -16.71
C GLY M 232 -24.18 -16.59 -18.21
N LYS M 233 -25.21 -15.92 -18.73
CA LYS M 233 -25.30 -15.62 -20.14
C LYS M 233 -25.38 -14.11 -20.36
N ASP M 234 -24.90 -13.66 -21.52
CA ASP M 234 -24.95 -12.25 -21.88
C ASP M 234 -26.25 -11.94 -22.59
N VAL M 235 -26.98 -10.95 -22.07
CA VAL M 235 -28.30 -10.59 -22.58
C VAL M 235 -28.24 -9.16 -23.12
N LEU M 236 -28.88 -8.95 -24.26
CA LEU M 236 -29.02 -7.63 -24.87
C LEU M 236 -30.49 -7.25 -24.87
N VAL M 237 -30.84 -6.23 -24.09
CA VAL M 237 -32.21 -5.78 -23.91
C VAL M 237 -32.40 -4.48 -24.68
N VAL M 238 -33.46 -4.41 -25.47
CA VAL M 238 -33.81 -3.19 -26.19
C VAL M 238 -35.22 -2.81 -25.80
N MET M 239 -35.36 -1.70 -25.07
CA MET M 239 -36.65 -1.16 -24.67
C MET M 239 -37.04 -0.04 -25.63
N ASP M 240 -38.17 -0.21 -26.31
CA ASP M 240 -38.59 0.71 -27.36
C ASP M 240 -40.07 1.00 -27.18
N ASP M 241 -40.39 2.21 -26.70
CA ASP M 241 -39.39 3.17 -26.24
C ASP M 241 -39.84 3.72 -24.89
N LEU M 242 -38.91 4.35 -24.17
CA LEU M 242 -39.16 4.74 -22.79
C LEU M 242 -40.00 6.01 -22.66
N THR M 243 -40.15 6.79 -23.73
CA THR M 243 -41.09 7.91 -23.69
C THR M 243 -42.52 7.40 -23.57
N ASN M 244 -42.86 6.33 -24.28
CA ASN M 244 -44.17 5.70 -24.13
C ASN M 244 -44.34 5.14 -22.72
N HIS M 245 -43.28 4.58 -22.14
CA HIS M 245 -43.36 4.07 -20.78
C HIS M 245 -43.64 5.19 -19.78
N ALA M 246 -42.96 6.32 -19.95
CA ALA M 246 -43.22 7.47 -19.08
C ALA M 246 -44.65 7.98 -19.26
N ASP M 247 -45.12 8.01 -20.50
CA ASP M 247 -46.51 8.39 -20.77
C ASP M 247 -47.48 7.48 -20.04
N ALA M 248 -47.25 6.17 -20.12
CA ALA M 248 -48.14 5.20 -19.49
C ALA M 248 -48.13 5.35 -17.97
N TYR M 249 -46.95 5.55 -17.39
CA TYR M 249 -46.88 5.76 -15.95
C TYR M 249 -47.63 7.03 -15.54
N ARG M 250 -47.46 8.11 -16.32
CA ARG M 250 -48.16 9.35 -16.00
C ARG M 250 -49.68 9.15 -16.08
N GLU M 251 -50.14 8.45 -17.12
CA GLU M 251 -51.57 8.21 -17.26
C GLU M 251 -52.12 7.38 -16.10
N LEU M 252 -51.40 6.31 -15.73
CA LEU M 252 -51.84 5.46 -14.64
C LEU M 252 -51.88 6.23 -13.32
N SER M 253 -50.87 7.07 -13.07
CA SER M 253 -50.83 7.80 -11.81
C SER M 253 -51.90 8.90 -11.77
N LEU M 254 -52.09 9.61 -12.88
CA LEU M 254 -53.10 10.67 -12.92
C LEU M 254 -54.50 10.10 -12.76
N LEU M 255 -54.78 8.98 -13.41
CA LEU M 255 -56.10 8.36 -13.27
C LEU M 255 -56.34 7.86 -11.85
N ALA M 256 -55.29 7.58 -11.09
CA ALA M 256 -55.41 7.05 -9.73
C ALA M 256 -55.43 8.13 -8.66
N GLY M 257 -55.39 9.41 -9.04
CA GLY M 257 -55.47 10.49 -8.08
C GLY M 257 -54.15 11.06 -7.61
N ILE M 258 -53.05 10.79 -8.31
CA ILE M 258 -51.75 11.32 -7.93
C ILE M 258 -51.62 12.76 -8.44
N ALA M 259 -50.98 13.60 -7.64
CA ALA M 259 -50.80 14.99 -8.01
C ALA M 259 -49.79 15.13 -9.15
N PRO M 260 -50.10 15.89 -10.19
CA PRO M 260 -49.11 16.12 -11.25
C PRO M 260 -47.98 17.03 -10.78
N ALA M 261 -46.83 16.84 -11.42
CA ALA M 261 -45.64 17.64 -11.15
C ALA M 261 -45.18 18.18 -12.50
N ARG M 262 -43.94 18.67 -12.54
CA ARG M 262 -43.34 19.23 -13.76
C ARG M 262 -43.74 18.43 -14.99
N GLU M 263 -44.28 19.13 -15.98
CA GLU M 263 -44.74 18.53 -17.25
C GLU M 263 -45.79 17.46 -17.03
N ALA M 264 -46.60 17.62 -15.98
CA ALA M 264 -47.73 16.74 -15.65
C ALA M 264 -47.29 15.33 -15.29
N TYR M 265 -45.99 15.07 -15.24
CA TYR M 265 -45.52 13.77 -14.80
C TYR M 265 -45.55 13.67 -13.28
N PRO M 266 -45.65 12.47 -12.73
CA PRO M 266 -45.63 12.32 -11.27
C PRO M 266 -44.32 12.80 -10.68
N GLY M 267 -44.28 12.82 -9.34
CA GLY M 267 -43.12 13.34 -8.65
C GLY M 267 -41.91 12.43 -8.67
N ASP M 268 -42.12 11.13 -8.93
CA ASP M 268 -41.04 10.15 -8.91
C ASP M 268 -40.78 9.57 -10.30
N ILE M 269 -40.95 10.39 -11.35
CA ILE M 269 -40.77 9.89 -12.71
C ILE M 269 -39.30 9.57 -12.98
N PHE M 270 -38.37 10.24 -12.29
CA PHE M 270 -36.96 9.91 -12.44
C PHE M 270 -36.63 8.58 -11.77
N TYR M 271 -37.25 8.31 -10.62
CA TYR M 271 -36.95 7.10 -9.87
C TYR M 271 -37.38 5.85 -10.62
N VAL M 272 -38.56 5.88 -11.25
CA VAL M 272 -39.07 4.70 -11.93
C VAL M 272 -38.20 4.31 -13.11
N HIS M 273 -37.43 5.25 -13.66
CA HIS M 273 -36.50 4.93 -14.74
C HIS M 273 -35.11 4.59 -14.23
N SER M 274 -34.64 5.30 -13.20
CA SER M 274 -33.31 5.01 -12.68
C SER M 274 -33.26 3.63 -12.02
N SER M 275 -34.29 3.27 -11.24
CA SER M 275 -34.31 1.97 -10.59
C SER M 275 -34.54 0.85 -11.59
N LEU M 276 -35.12 1.16 -12.75
CA LEU M 276 -35.25 0.16 -13.81
C LEU M 276 -33.93 -0.05 -14.53
N LEU M 277 -33.28 1.03 -14.93
CA LEU M 277 -32.07 0.93 -15.74
C LEU M 277 -30.85 0.51 -14.92
N GLU M 278 -30.84 0.73 -13.61
CA GLU M 278 -29.70 0.32 -12.81
C GLU M 278 -29.60 -1.19 -12.65
N ARG M 279 -30.62 -1.94 -13.07
CA ARG M 279 -30.57 -3.39 -12.98
C ARG M 279 -29.70 -4.03 -14.06
N GLY M 280 -29.22 -3.25 -15.02
CA GLY M 280 -28.27 -3.76 -16.00
C GLY M 280 -26.83 -3.57 -15.56
N GLY M 281 -25.93 -4.24 -16.26
CA GLY M 281 -24.52 -4.16 -15.99
C GLY M 281 -23.87 -5.52 -16.09
N LYS M 282 -22.64 -5.60 -15.59
CA LYS M 282 -21.88 -6.84 -15.55
C LYS M 282 -21.72 -7.29 -14.11
N TYR M 283 -21.77 -8.60 -13.89
CA TYR M 283 -21.75 -9.15 -12.54
C TYR M 283 -20.66 -10.20 -12.42
N GLY M 284 -20.21 -10.42 -11.19
CA GLY M 284 -19.12 -11.32 -10.91
C GLY M 284 -19.54 -12.77 -10.97
N PRO M 285 -18.55 -13.66 -11.02
CA PRO M 285 -18.85 -15.10 -11.14
C PRO M 285 -19.67 -15.64 -9.98
N GLU M 286 -19.46 -15.14 -8.76
CA GLU M 286 -20.23 -15.62 -7.62
C GLU M 286 -21.70 -15.24 -7.71
N PHE M 287 -22.04 -14.24 -8.52
CA PHE M 287 -23.41 -13.76 -8.67
C PHE M 287 -23.78 -13.87 -10.14
N GLY M 288 -24.26 -15.05 -10.55
CA GLY M 288 -24.62 -15.27 -11.93
C GLY M 288 -23.42 -15.41 -12.85
N GLY M 289 -22.70 -14.31 -13.04
CA GLY M 289 -21.53 -14.32 -13.89
C GLY M 289 -21.75 -13.83 -15.31
N GLY M 290 -22.96 -13.41 -15.65
CA GLY M 290 -23.28 -12.91 -16.96
C GLY M 290 -23.24 -11.40 -17.03
N SER M 291 -24.05 -10.85 -17.93
CA SER M 291 -24.16 -9.40 -18.07
C SER M 291 -25.48 -9.09 -18.76
N ILE M 292 -25.94 -7.85 -18.58
CA ILE M 292 -27.14 -7.35 -19.24
C ILE M 292 -26.83 -6.02 -19.88
N THR M 293 -26.97 -5.93 -21.19
CA THR M 293 -26.77 -4.70 -21.95
C THR M 293 -28.12 -4.13 -22.35
N ILE M 294 -28.35 -2.87 -22.01
CA ILE M 294 -29.64 -2.21 -22.22
C ILE M 294 -29.46 -1.09 -23.23
N LEU M 295 -30.37 -1.03 -24.21
CA LEU M 295 -30.36 -0.01 -25.25
C LEU M 295 -31.72 0.66 -25.32
N PRO M 296 -32.04 1.53 -24.36
CA PRO M 296 -33.32 2.22 -24.40
C PRO M 296 -33.37 3.26 -25.52
N ILE M 297 -34.59 3.55 -25.95
CA ILE M 297 -34.83 4.48 -27.05
C ILE M 297 -35.66 5.65 -26.53
N ALA M 298 -35.32 6.86 -26.98
CA ALA M 298 -36.01 8.07 -26.56
C ALA M 298 -36.26 8.96 -27.77
N GLN M 299 -37.44 9.56 -27.82
CA GLN M 299 -37.84 10.45 -28.90
C GLN M 299 -37.84 11.89 -28.42
N THR M 300 -37.25 12.78 -29.20
CA THR M 300 -37.24 14.21 -28.94
C THR M 300 -38.19 14.91 -29.92
N LEU M 301 -38.26 16.23 -29.81
CA LEU M 301 -39.15 17.04 -30.64
C LEU M 301 -38.34 18.16 -31.28
N ALA M 302 -38.09 18.04 -32.59
CA ALA M 302 -37.36 19.04 -33.36
C ALA M 302 -35.99 19.30 -32.76
N GLY M 303 -35.31 18.24 -32.34
CA GLY M 303 -33.97 18.35 -31.81
C GLY M 303 -33.88 18.86 -30.39
N ASP M 304 -35.01 19.03 -29.70
CA ASP M 304 -34.99 19.53 -28.33
C ASP M 304 -34.51 18.43 -27.39
N ILE M 305 -33.20 18.33 -27.20
CA ILE M 305 -32.60 17.28 -26.40
C ILE M 305 -32.56 17.74 -24.95
N SER M 306 -33.20 18.87 -24.68
CA SER M 306 -33.27 19.43 -23.33
C SER M 306 -34.61 19.16 -22.65
N GLY M 307 -35.41 18.26 -23.20
CA GLY M 307 -36.68 17.93 -22.59
C GLY M 307 -36.51 17.19 -21.28
N TYR M 308 -37.62 17.09 -20.54
CA TYR M 308 -37.58 16.51 -19.20
C TYR M 308 -37.15 15.06 -19.24
N ILE M 309 -37.95 14.20 -19.89
CA ILE M 309 -37.63 12.77 -19.94
C ILE M 309 -36.33 12.49 -20.68
N PRO M 310 -36.04 13.09 -21.84
CA PRO M 310 -34.74 12.85 -22.47
C PRO M 310 -33.55 13.21 -21.60
N THR M 311 -33.62 14.31 -20.86
CA THR M 311 -32.49 14.68 -20.01
C THR M 311 -32.42 13.82 -18.77
N ASN M 312 -33.56 13.31 -18.29
CA ASN M 312 -33.53 12.32 -17.22
C ASN M 312 -32.83 11.05 -17.70
N LEU M 313 -33.18 10.58 -18.89
CA LEU M 313 -32.61 9.34 -19.40
C LEU M 313 -31.14 9.49 -19.76
N ILE M 314 -30.73 10.69 -20.20
CA ILE M 314 -29.34 10.89 -20.58
C ILE M 314 -28.42 10.75 -19.37
N SER M 315 -28.88 11.21 -18.21
CA SER M 315 -28.07 11.19 -17.00
C SER M 315 -28.09 9.85 -16.27
N ILE M 316 -28.83 8.87 -16.76
CA ILE M 316 -28.87 7.54 -16.16
C ILE M 316 -27.98 6.58 -16.93
N THR M 317 -27.92 6.75 -18.26
CA THR M 317 -27.18 5.82 -19.10
C THR M 317 -25.70 6.21 -19.15
N ASP M 318 -24.91 5.36 -19.81
CA ASP M 318 -23.47 5.56 -19.95
C ASP M 318 -23.09 6.14 -21.30
N GLY M 319 -23.93 7.03 -21.85
CA GLY M 319 -23.71 7.62 -23.15
C GLY M 319 -24.95 7.54 -24.01
N GLN M 320 -24.90 8.28 -25.11
CA GLN M 320 -26.05 8.38 -26.00
C GLN M 320 -25.59 8.38 -27.44
N ILE M 321 -26.45 7.86 -28.32
CA ILE M 321 -26.29 7.96 -29.76
C ILE M 321 -27.43 8.84 -30.27
N TYR M 322 -27.10 10.02 -30.78
CA TYR M 322 -28.09 10.97 -31.24
C TYR M 322 -28.22 10.87 -32.76
N THR M 323 -29.43 10.60 -33.23
CA THR M 323 -29.73 10.57 -34.66
C THR M 323 -30.29 11.92 -35.08
N SER M 324 -29.71 12.49 -36.13
CA SER M 324 -30.02 13.84 -36.56
C SER M 324 -31.05 13.81 -37.69
N ALA M 325 -32.11 14.62 -37.55
CA ALA M 325 -33.10 14.72 -38.61
C ALA M 325 -32.54 15.42 -39.84
N LYS M 326 -31.65 16.39 -39.65
CA LYS M 326 -31.02 17.06 -40.78
C LYS M 326 -30.17 16.10 -41.60
N LEU M 327 -29.38 15.26 -40.93
CA LEU M 327 -28.59 14.25 -41.64
C LEU M 327 -29.49 13.25 -42.34
N PHE M 328 -30.61 12.88 -41.70
CA PHE M 328 -31.56 11.96 -42.33
C PHE M 328 -32.15 12.58 -43.59
N ASN M 329 -32.44 13.88 -43.57
CA ASN M 329 -32.96 14.57 -44.74
C ASN M 329 -31.88 14.82 -45.79
N GLU M 330 -30.61 14.73 -45.40
CA GLU M 330 -29.51 14.83 -46.35
C GLU M 330 -29.17 13.49 -47.00
N GLY M 331 -29.92 12.44 -46.69
CA GLY M 331 -29.70 11.15 -47.31
C GLY M 331 -28.64 10.29 -46.66
N THR M 332 -28.23 10.61 -45.44
CA THR M 332 -27.20 9.85 -44.74
C THR M 332 -27.85 8.78 -43.87
N ARG M 333 -27.47 7.52 -44.09
CA ARG M 333 -27.99 6.40 -43.32
C ARG M 333 -26.82 5.53 -42.87
N PRO M 334 -26.70 5.23 -41.57
CA PRO M 334 -27.56 5.75 -40.51
C PRO M 334 -27.23 7.20 -40.17
N ALA M 335 -28.22 7.94 -39.67
CA ALA M 335 -28.08 9.39 -39.47
C ALA M 335 -27.51 9.71 -38.09
N ILE M 336 -26.38 9.09 -37.75
CA ILE M 336 -25.81 9.24 -36.41
C ILE M 336 -24.99 10.53 -36.38
N ASP M 337 -25.31 11.40 -35.43
CA ASP M 337 -24.57 12.65 -35.23
C ASP M 337 -23.41 12.38 -34.28
N VAL M 338 -22.20 12.35 -34.84
CA VAL M 338 -21.02 11.99 -34.04
C VAL M 338 -20.67 13.09 -33.05
N ASN M 339 -20.95 14.35 -33.40
CA ASN M 339 -20.61 15.46 -32.51
C ASN M 339 -21.39 15.39 -31.21
N LEU M 340 -22.69 15.07 -31.28
CA LEU M 340 -23.54 15.07 -30.10
C LEU M 340 -23.65 13.69 -29.44
N SER M 341 -22.95 12.69 -29.95
CA SER M 341 -22.97 11.35 -29.38
C SER M 341 -21.73 11.12 -28.53
N VAL M 342 -21.83 10.17 -27.59
CA VAL M 342 -20.72 9.86 -26.72
C VAL M 342 -20.86 8.51 -26.04
N SER M 343 -19.75 7.85 -25.71
CA SER M 343 -19.80 6.62 -24.94
C SER M 343 -18.89 6.86 -23.77
N ARG M 344 -19.40 6.69 -22.56
CA ARG M 344 -18.60 6.97 -21.39
C ARG M 344 -17.51 5.95 -21.16
N LEU M 345 -17.79 4.69 -21.47
CA LEU M 345 -16.81 3.64 -21.24
C LEU M 345 -15.57 3.90 -22.08
N GLY M 346 -15.74 4.18 -23.36
CA GLY M 346 -14.62 4.48 -24.21
C GLY M 346 -13.78 3.27 -24.57
N SER M 347 -12.52 3.47 -24.90
CA SER M 347 -11.67 2.36 -25.30
C SER M 347 -11.74 1.19 -24.32
N ALA M 348 -12.26 1.41 -23.12
CA ALA M 348 -12.46 0.33 -22.18
C ALA M 348 -13.56 -0.64 -22.62
N ALA M 349 -14.37 -0.26 -23.60
CA ALA M 349 -15.42 -1.12 -24.14
C ALA M 349 -15.01 -1.78 -25.44
N GLN M 350 -13.75 -1.62 -25.85
CA GLN M 350 -13.26 -2.15 -27.11
C GLN M 350 -12.20 -3.21 -26.86
N SER M 351 -12.04 -4.12 -27.82
CA SER M 351 -10.92 -5.04 -27.78
C SER M 351 -9.63 -4.28 -28.07
N LYS M 352 -8.50 -4.93 -27.77
CA LYS M 352 -7.21 -4.26 -27.96
C LYS M 352 -6.97 -3.90 -29.41
N PHE M 353 -7.30 -4.81 -30.34
CA PHE M 353 -7.10 -4.53 -31.75
C PHE M 353 -7.96 -3.37 -32.23
N MET M 354 -9.23 -3.33 -31.81
CA MET M 354 -10.10 -2.23 -32.23
C MET M 354 -9.73 -0.94 -31.53
N ALA M 355 -9.28 -1.01 -30.27
CA ALA M 355 -8.81 0.19 -29.59
C ALA M 355 -7.61 0.78 -30.31
N PHE M 356 -6.69 -0.07 -30.76
CA PHE M 356 -5.52 0.42 -31.49
C PHE M 356 -5.91 0.90 -32.89
N ALA M 357 -6.88 0.25 -33.53
CA ALA M 357 -7.23 0.57 -34.90
C ALA M 357 -8.03 1.86 -35.01
N SER M 358 -8.88 2.16 -34.04
CA SER M 358 -9.75 3.31 -34.09
C SER M 358 -9.23 4.50 -33.30
N SER M 359 -7.97 4.45 -32.86
CA SER M 359 -7.43 5.52 -32.03
C SER M 359 -7.36 6.82 -32.82
N GLY M 360 -7.78 7.91 -32.18
CA GLY M 360 -7.70 9.23 -32.78
C GLY M 360 -8.53 9.42 -34.03
N LEU M 361 -9.78 8.93 -34.03
CA LEU M 361 -10.68 9.16 -35.15
C LEU M 361 -11.67 10.28 -34.90
N LYS M 362 -12.06 10.51 -33.65
CA LYS M 362 -12.99 11.61 -33.37
C LYS M 362 -12.34 12.96 -33.64
N LYS M 363 -11.07 13.12 -33.29
CA LYS M 363 -10.37 14.38 -33.54
C LYS M 363 -10.26 14.65 -35.04
N ILE M 364 -10.01 13.62 -35.83
CA ILE M 364 -9.96 13.78 -37.28
C ILE M 364 -11.30 14.26 -37.82
N TYR M 365 -12.38 13.63 -37.35
CA TYR M 365 -13.70 14.01 -37.85
C TYR M 365 -14.07 15.44 -37.45
N THR M 366 -13.77 15.82 -36.19
CA THR M 366 -14.09 17.18 -35.75
C THR M 366 -13.27 18.21 -36.51
N GLU M 367 -11.98 17.95 -36.72
CA GLU M 367 -11.18 18.92 -37.46
C GLU M 367 -11.59 18.97 -38.93
N TYR M 368 -12.03 17.84 -39.49
CA TYR M 368 -12.53 17.85 -40.86
C TYR M 368 -13.79 18.70 -40.99
N LYS M 369 -14.73 18.54 -40.04
CA LYS M 369 -15.93 19.35 -40.08
C LYS M 369 -15.61 20.84 -39.88
N TYR M 370 -14.71 21.13 -38.95
CA TYR M 370 -14.33 22.53 -38.70
C TYR M 370 -13.68 23.15 -39.93
N LEU M 371 -12.81 22.40 -40.60
CA LEU M 371 -12.13 22.93 -41.79
C LEU M 371 -13.08 23.02 -42.98
N LYS M 372 -14.09 22.14 -43.05
CA LYS M 372 -15.08 22.26 -44.11
C LYS M 372 -15.97 23.48 -43.89
N ARG M 373 -16.31 23.77 -42.63
CA ARG M 373 -17.03 25.02 -42.35
C ARG M 373 -16.17 26.22 -42.67
N LEU M 374 -14.86 26.11 -42.52
CA LEU M 374 -13.96 27.22 -42.76
C LEU M 374 -13.83 27.49 -44.26
N SER M 375 -13.49 28.73 -44.60
CA SER M 375 -13.28 29.12 -45.99
C SER M 375 -12.29 30.29 -46.00
N SER M 376 -11.04 30.01 -46.32
CA SER M 376 -10.00 31.02 -46.39
C SER M 376 -9.44 31.08 -47.81
N PHE M 377 -8.39 31.89 -47.99
CA PHE M 377 -7.73 32.05 -49.28
C PHE M 377 -6.30 31.55 -49.17
N SER M 378 -6.08 30.30 -49.58
CA SER M 378 -4.75 29.68 -49.59
C SER M 378 -4.11 29.65 -48.21
N SER M 379 -4.92 29.53 -47.17
CA SER M 379 -4.43 29.36 -45.80
C SER M 379 -4.41 27.88 -45.43
N LYS M 380 -3.65 27.11 -46.21
CA LYS M 380 -3.56 25.66 -46.05
C LYS M 380 -2.21 25.32 -45.43
N ILE M 381 -2.23 24.49 -44.39
CA ILE M 381 -1.02 24.08 -43.69
C ILE M 381 -0.36 22.92 -44.43
N SER M 382 0.51 23.25 -45.38
CA SER M 382 1.24 22.26 -46.19
C SER M 382 0.23 21.31 -46.84
N ASN M 383 0.66 20.09 -47.15
CA ASN M 383 -0.23 19.05 -47.66
C ASN M 383 -1.08 18.43 -46.57
N ARG M 384 -0.92 18.85 -45.32
CA ARG M 384 -1.71 18.29 -44.23
C ARG M 384 -3.18 18.65 -44.38
N ASP M 385 -3.48 19.83 -44.93
CA ASP M 385 -4.87 20.19 -45.20
C ASP M 385 -5.51 19.20 -46.16
N LEU M 386 -4.83 18.91 -47.28
CA LEU M 386 -5.39 17.97 -48.25
C LEU M 386 -5.47 16.56 -47.65
N GLU M 387 -4.46 16.19 -46.85
CA GLU M 387 -4.50 14.89 -46.18
C GLU M 387 -5.73 14.76 -45.30
N THR M 388 -5.98 15.76 -44.47
CA THR M 388 -7.15 15.75 -43.60
C THR M 388 -8.44 15.74 -44.41
N LEU M 389 -8.48 16.50 -45.51
CA LEU M 389 -9.68 16.50 -46.35
C LEU M 389 -9.97 15.12 -46.90
N GLN M 390 -8.96 14.46 -47.46
CA GLN M 390 -9.16 13.12 -48.02
C GLN M 390 -9.56 12.12 -46.94
N LYS M 391 -8.89 12.18 -45.79
CA LYS M 391 -9.23 11.25 -44.71
C LYS M 391 -10.65 11.46 -44.22
N GLY M 392 -11.06 12.72 -44.06
CA GLY M 392 -12.41 12.99 -43.60
C GLY M 392 -13.46 12.55 -44.60
N LYS M 393 -13.22 12.79 -45.89
CA LYS M 393 -14.17 12.34 -46.91
C LYS M 393 -14.27 10.82 -46.92
N ALA M 394 -13.13 10.13 -46.82
CA ALA M 394 -13.15 8.68 -46.83
C ALA M 394 -13.84 8.11 -45.60
N PHE M 395 -13.62 8.74 -44.44
CA PHE M 395 -14.33 8.32 -43.23
C PHE M 395 -15.83 8.55 -43.36
N GLU M 396 -16.23 9.69 -43.94
CA GLU M 396 -17.65 9.96 -44.16
C GLU M 396 -18.27 8.91 -45.07
N SER M 397 -17.54 8.47 -46.09
CA SER M 397 -18.06 7.42 -46.95
C SER M 397 -18.07 6.05 -46.25
N LEU M 398 -17.11 5.83 -45.34
CA LEU M 398 -17.15 4.63 -44.51
C LEU M 398 -18.34 4.63 -43.56
N ILE M 399 -18.85 5.81 -43.21
CA ILE M 399 -20.00 5.89 -42.32
C ILE M 399 -21.23 5.24 -42.95
N ASP M 400 -21.42 5.44 -44.25
CA ASP M 400 -22.63 4.99 -44.92
C ASP M 400 -22.82 3.48 -44.80
N GLN M 401 -24.06 3.06 -44.61
CA GLN M 401 -24.38 1.66 -44.36
C GLN M 401 -25.83 1.42 -44.75
N ALA M 402 -26.11 0.21 -45.21
CA ALA M 402 -27.46 -0.17 -45.62
C ALA M 402 -28.27 -0.66 -44.42
N GLU M 403 -29.59 -0.72 -44.61
CA GLU M 403 -30.48 -1.21 -43.57
C GLU M 403 -30.29 -2.70 -43.35
N TYR M 404 -30.26 -3.11 -42.08
CA TYR M 404 -30.07 -4.50 -41.66
C TYR M 404 -28.75 -5.08 -42.16
N GLU M 405 -27.79 -4.24 -42.51
CA GLU M 405 -26.49 -4.69 -42.98
C GLU M 405 -25.54 -4.78 -41.79
N VAL M 406 -25.07 -5.99 -41.51
CA VAL M 406 -24.14 -6.22 -40.41
C VAL M 406 -22.73 -6.22 -40.97
N ILE M 407 -21.89 -5.34 -40.43
CA ILE M 407 -20.48 -5.27 -40.79
C ILE M 407 -19.68 -5.76 -39.59
N ASP M 408 -18.85 -6.78 -39.82
CA ASP M 408 -18.21 -7.46 -38.70
C ASP M 408 -17.19 -6.57 -38.02
N TYR M 409 -16.95 -6.86 -36.74
CA TYR M 409 -16.19 -5.96 -35.88
C TYR M 409 -14.75 -5.82 -36.38
N GLU M 410 -14.11 -6.95 -36.67
CA GLU M 410 -12.76 -6.94 -37.23
C GLU M 410 -12.73 -6.32 -38.62
N THR M 411 -13.79 -6.50 -39.41
CA THR M 411 -13.85 -5.87 -40.72
C THR M 411 -13.78 -4.36 -40.60
N SER M 412 -14.55 -3.79 -39.67
CA SER M 412 -14.51 -2.34 -39.45
C SER M 412 -13.15 -1.91 -38.90
N ALA M 413 -12.55 -2.73 -38.04
CA ALA M 413 -11.21 -2.38 -37.53
C ALA M 413 -10.19 -2.32 -38.67
N ILE M 414 -10.23 -3.31 -39.56
CA ILE M 414 -9.30 -3.32 -40.69
C ILE M 414 -9.59 -2.16 -41.63
N LEU M 415 -10.86 -1.80 -41.79
CA LEU M 415 -11.18 -0.63 -42.60
C LEU M 415 -10.61 0.65 -42.00
N PHE M 416 -10.70 0.79 -40.67
CA PHE M 416 -10.12 1.95 -40.01
C PHE M 416 -8.61 1.98 -40.20
N LEU M 417 -7.95 0.84 -40.07
CA LEU M 417 -6.50 0.79 -40.24
C LEU M 417 -6.09 1.11 -41.68
N LEU M 418 -6.89 0.66 -42.66
CA LEU M 418 -6.64 1.05 -44.04
C LEU M 418 -6.82 2.55 -44.23
N LEU M 419 -7.83 3.12 -43.59
CA LEU M 419 -8.06 4.56 -43.65
C LEU M 419 -6.86 5.33 -43.13
N LYS M 420 -6.37 4.96 -41.94
CA LYS M 420 -5.35 5.76 -41.27
C LYS M 420 -4.02 5.71 -42.00
N LYS M 421 -3.78 4.71 -42.83
CA LYS M 421 -2.51 4.56 -43.54
C LYS M 421 -2.55 5.11 -44.96
N GLY M 422 -3.67 5.70 -45.38
CA GLY M 422 -3.74 6.27 -46.71
C GLY M 422 -4.02 5.29 -47.82
N PHE M 423 -4.55 4.11 -47.51
CA PHE M 423 -4.86 3.11 -48.53
C PHE M 423 -6.27 3.26 -49.08
N LEU M 424 -7.03 4.25 -48.62
CA LEU M 424 -8.36 4.54 -49.16
C LEU M 424 -8.41 5.91 -49.83
N ASN M 425 -7.25 6.50 -50.13
CA ASN M 425 -7.23 7.83 -50.72
C ASN M 425 -7.72 7.83 -52.15
N PHE M 426 -7.58 6.70 -52.86
CA PHE M 426 -8.01 6.63 -54.25
C PHE M 426 -9.52 6.75 -54.40
N TYR M 427 -10.28 6.64 -53.32
CA TYR M 427 -11.73 6.77 -53.37
C TYR M 427 -12.14 8.12 -53.93
N THR M 428 -13.07 8.11 -54.88
CA THR M 428 -13.54 9.30 -55.58
C THR M 428 -15.07 9.30 -55.65
N GLU M 429 -15.71 9.07 -54.51
CA GLU M 429 -17.16 9.03 -54.36
C GLU M 429 -17.80 7.85 -55.09
N LYS M 430 -17.01 6.86 -55.51
CA LYS M 430 -17.52 5.65 -56.15
C LYS M 430 -17.58 4.57 -55.08
N THR M 431 -18.76 4.41 -54.46
CA THR M 431 -18.91 3.56 -53.28
C THR M 431 -18.70 2.08 -53.56
N GLU M 432 -18.65 1.66 -54.83
CA GLU M 432 -18.47 0.25 -55.12
C GLU M 432 -17.12 -0.27 -54.65
N ALA M 433 -16.10 0.59 -54.59
CA ALA M 433 -14.80 0.15 -54.09
C ALA M 433 -14.88 -0.26 -52.63
N LEU M 434 -15.57 0.53 -51.80
CA LEU M 434 -15.72 0.19 -50.39
C LEU M 434 -16.52 -1.08 -50.22
N LYS M 435 -17.57 -1.26 -51.02
CA LYS M 435 -18.37 -2.49 -50.93
C LYS M 435 -17.53 -3.70 -51.30
N VAL M 436 -16.71 -3.59 -52.36
CA VAL M 436 -15.86 -4.70 -52.77
C VAL M 436 -14.86 -5.03 -51.67
N ILE M 437 -14.25 -4.00 -51.08
CA ILE M 437 -13.27 -4.23 -50.01
C ILE M 437 -13.94 -4.90 -48.82
N ILE M 438 -15.12 -4.42 -48.43
CA ILE M 438 -15.82 -5.00 -47.28
C ILE M 438 -16.18 -6.45 -47.54
N GLY M 439 -16.70 -6.76 -48.74
CA GLY M 439 -17.03 -8.13 -49.07
C GLY M 439 -15.81 -9.04 -49.05
N VAL M 440 -14.71 -8.58 -49.65
CA VAL M 440 -13.50 -9.39 -49.71
C VAL M 440 -12.98 -9.68 -48.31
N ILE M 441 -12.92 -8.64 -47.47
CA ILE M 441 -12.39 -8.81 -46.12
C ILE M 441 -13.29 -9.72 -45.31
N LYS M 442 -14.61 -9.55 -45.41
CA LYS M 442 -15.54 -10.38 -44.68
C LYS M 442 -15.40 -11.85 -45.07
N VAL M 443 -15.34 -12.12 -46.38
CA VAL M 443 -15.21 -13.51 -46.83
C VAL M 443 -13.87 -14.08 -46.38
N PHE M 444 -12.80 -13.30 -46.50
CA PHE M 444 -11.48 -13.79 -46.10
C PHE M 444 -11.44 -14.15 -44.62
N LEU M 445 -12.03 -13.29 -43.77
CA LEU M 445 -12.00 -13.53 -42.34
C LEU M 445 -13.01 -14.56 -41.87
N ALA M 446 -14.01 -14.89 -42.68
CA ALA M 446 -15.02 -15.85 -42.25
C ALA M 446 -14.88 -17.23 -42.88
N LYS M 447 -14.22 -17.36 -44.02
CA LYS M 447 -14.20 -18.61 -44.77
C LYS M 447 -12.81 -19.16 -45.03
N ASP M 448 -11.80 -18.31 -45.18
CA ASP M 448 -10.46 -18.77 -45.56
C ASP M 448 -9.86 -19.62 -44.44
N VAL M 449 -8.90 -20.46 -44.82
CA VAL M 449 -8.24 -21.33 -43.83
C VAL M 449 -7.37 -20.51 -42.89
N LEU M 450 -6.60 -19.56 -43.45
CA LEU M 450 -5.77 -18.69 -42.63
C LEU M 450 -6.50 -17.42 -42.21
N GLY M 451 -7.56 -17.03 -42.91
CA GLY M 451 -8.33 -15.88 -42.51
C GLY M 451 -9.02 -16.07 -41.17
N ARG M 452 -9.53 -17.28 -40.93
CA ARG M 452 -10.14 -17.57 -39.63
C ARG M 452 -9.11 -17.47 -38.51
N LYS M 453 -7.89 -17.95 -38.76
CA LYS M 453 -6.84 -17.85 -37.76
C LYS M 453 -6.47 -16.39 -37.50
N MET M 454 -6.38 -15.57 -38.55
CA MET M 454 -6.17 -14.14 -38.34
C MET M 454 -7.30 -13.53 -37.54
N ARG M 455 -8.54 -13.91 -37.82
CA ARG M 455 -9.67 -13.35 -37.09
C ARG M 455 -9.60 -13.71 -35.62
N ALA M 456 -9.25 -14.97 -35.31
CA ALA M 456 -9.13 -15.38 -33.91
C ALA M 456 -8.01 -14.63 -33.21
N ILE M 457 -6.87 -14.45 -33.89
CA ILE M 457 -5.77 -13.70 -33.30
C ILE M 457 -6.18 -12.26 -33.03
N LEU M 458 -6.87 -11.64 -33.99
CA LEU M 458 -7.28 -10.25 -33.84
C LEU M 458 -8.30 -10.11 -32.72
N VAL M 459 -9.21 -11.07 -32.58
CA VAL M 459 -10.20 -11.01 -31.52
C VAL M 459 -9.54 -11.17 -30.15
N GLU M 460 -8.69 -12.17 -29.99
CA GLU M 460 -8.23 -12.54 -28.65
C GLU M 460 -7.12 -11.62 -28.16
N HIS M 461 -6.08 -11.42 -28.97
CA HIS M 461 -4.86 -10.78 -28.49
C HIS M 461 -4.77 -9.33 -28.96
N GLY M 462 -3.75 -8.64 -28.45
CA GLY M 462 -3.41 -7.30 -28.88
C GLY M 462 -2.17 -7.30 -29.74
N ILE M 463 -2.33 -7.07 -31.04
CA ILE M 463 -1.24 -7.28 -31.99
C ILE M 463 -0.39 -6.01 -32.09
N ASP M 464 0.84 -6.19 -32.55
CA ASP M 464 1.82 -5.12 -32.63
C ASP M 464 1.70 -4.41 -33.97
N SER M 465 2.23 -3.18 -34.02
CA SER M 465 2.18 -2.41 -35.24
C SER M 465 2.96 -3.08 -36.37
N ILE M 466 4.16 -3.56 -36.06
CA ILE M 466 4.96 -4.26 -37.07
C ILE M 466 4.28 -5.55 -37.50
N VAL M 467 3.71 -6.28 -36.54
CA VAL M 467 3.00 -7.51 -36.86
C VAL M 467 1.80 -7.22 -37.75
N TRP M 468 1.07 -6.13 -37.46
CA TRP M 468 -0.07 -5.78 -38.29
C TRP M 468 0.38 -5.39 -39.70
N ASN M 469 1.49 -4.66 -39.80
CA ASN M 469 2.00 -4.29 -41.12
C ASN M 469 2.40 -5.52 -41.93
N LEU M 470 3.04 -6.49 -41.29
CA LEU M 470 3.34 -7.75 -41.97
C LEU M 470 2.07 -8.46 -42.41
N TYR M 471 1.08 -8.57 -41.50
CA TYR M 471 -0.17 -9.21 -41.86
C TYR M 471 -0.78 -8.57 -43.10
N LEU M 472 -0.92 -7.25 -43.07
CA LEU M 472 -1.48 -6.48 -44.17
C LEU M 472 -0.72 -6.71 -45.46
N ASN M 473 0.55 -6.17 -45.45
CA ASN M 473 1.42 -6.31 -46.61
C ASN M 473 1.47 -7.70 -47.22
N HIS M 474 1.52 -8.73 -46.45
CA HIS M 474 1.76 -10.05 -46.99
C HIS M 474 0.50 -10.87 -47.28
N MET M 475 -0.65 -10.54 -46.68
CA MET M 475 -1.80 -11.38 -47.02
C MET M 475 -3.04 -10.58 -47.43
N ILE M 476 -3.25 -9.42 -46.84
CA ILE M 476 -4.50 -8.69 -47.06
C ILE M 476 -4.41 -7.77 -48.27
N LEU M 477 -3.30 -7.04 -48.39
CA LEU M 477 -3.16 -6.11 -49.50
C LEU M 477 -3.16 -6.78 -50.87
N PRO M 478 -2.46 -7.89 -51.11
CA PRO M 478 -2.55 -8.52 -52.44
C PRO M 478 -3.97 -8.93 -52.83
N LEU M 479 -4.74 -9.45 -51.87
CA LEU M 479 -6.11 -9.87 -52.15
C LEU M 479 -6.97 -8.68 -52.57
N LEU M 480 -6.93 -7.62 -51.77
CA LEU M 480 -7.69 -6.42 -52.12
C LEU M 480 -7.22 -5.81 -53.43
N LYS M 481 -5.91 -5.84 -53.67
CA LYS M 481 -5.37 -5.26 -54.90
C LYS M 481 -5.89 -6.00 -56.12
N TYR M 482 -5.83 -7.34 -56.10
CA TYR M 482 -6.32 -8.09 -57.24
C TYR M 482 -7.82 -7.90 -57.41
N HIS M 483 -8.58 -7.93 -56.32
CA HIS M 483 -10.04 -7.87 -56.47
C HIS M 483 -10.51 -6.48 -56.87
N LEU M 484 -9.77 -5.43 -56.48
CA LEU M 484 -10.11 -4.08 -56.91
C LEU M 484 -9.71 -3.84 -58.36
N LEU M 485 -8.51 -4.31 -58.75
CA LEU M 485 -8.02 -4.07 -60.10
C LEU M 485 -8.83 -4.82 -61.16
N SER M 486 -9.64 -5.80 -60.76
CA SER M 486 -10.41 -6.60 -61.70
C SER M 486 -11.86 -6.17 -61.80
N GLU M 487 -12.24 -5.05 -61.19
CA GLU M 487 -13.61 -4.55 -61.28
C GLU M 487 -13.73 -3.06 -61.57
N LEU M 488 -12.70 -2.26 -61.35
CA LEU M 488 -12.77 -0.82 -61.56
C LEU M 488 -11.69 -0.39 -62.53
N GLN M 489 -12.10 0.21 -63.66
CA GLN M 489 -11.13 0.63 -64.66
C GLN M 489 -10.28 1.81 -64.18
N TYR M 490 -10.88 2.76 -63.48
CA TYR M 490 -10.15 3.97 -63.11
C TYR M 490 -9.01 3.67 -62.15
N LEU M 491 -8.98 2.47 -61.57
CA LEU M 491 -7.91 2.13 -60.65
C LEU M 491 -6.61 1.92 -61.42
N ALA M 492 -6.71 1.39 -62.65
CA ALA M 492 -5.51 1.13 -63.44
C ALA M 492 -4.74 2.41 -63.76
N THR M 493 -5.42 3.56 -63.76
CA THR M 493 -4.80 4.84 -64.03
C THR M 493 -4.77 5.77 -62.83
N ASN M 494 -5.48 5.45 -61.75
CA ASN M 494 -5.52 6.31 -60.58
C ASN M 494 -4.15 6.41 -59.95
N ARG M 495 -3.60 7.62 -59.91
CA ARG M 495 -2.22 7.80 -59.49
C ARG M 495 -2.01 7.35 -58.05
N GLU M 496 -2.97 7.67 -57.16
CA GLU M 496 -2.83 7.28 -55.77
C GLU M 496 -2.85 5.76 -55.61
N PHE M 497 -3.72 5.08 -56.36
CA PHE M 497 -3.75 3.62 -56.32
C PHE M 497 -2.44 3.02 -56.82
N ILE M 498 -1.90 3.58 -57.90
CA ILE M 498 -0.63 3.07 -58.45
C ILE M 498 0.50 3.31 -57.46
N LYS M 499 0.47 4.44 -56.75
CA LYS M 499 1.50 4.71 -55.75
C LYS M 499 1.40 3.74 -54.57
N LYS M 500 0.19 3.57 -54.03
CA LYS M 500 0.05 2.80 -52.80
C LYS M 500 0.25 1.30 -53.04
N PHE M 501 -0.17 0.80 -54.21
CA PHE M 501 -0.17 -0.63 -54.49
C PHE M 501 0.91 -1.04 -55.49
N LYS M 502 1.96 -0.22 -55.64
CA LYS M 502 3.00 -0.53 -56.61
C LYS M 502 3.81 -1.76 -56.19
N ASP M 503 4.14 -1.86 -54.90
CA ASP M 503 5.03 -2.89 -54.41
C ASP M 503 4.30 -4.12 -53.89
N ILE M 504 2.99 -4.17 -54.01
CA ILE M 504 2.22 -5.29 -53.49
C ILE M 504 2.31 -6.47 -54.45
N ARG M 505 2.35 -7.68 -53.90
CA ARG M 505 2.48 -8.89 -54.69
C ARG M 505 1.26 -9.08 -55.59
N ASN M 506 1.49 -9.69 -56.75
CA ASN M 506 0.44 -10.03 -57.69
C ASN M 506 0.04 -11.49 -57.49
N ASP M 507 -1.27 -11.73 -57.37
CA ASP M 507 -1.80 -13.07 -57.13
C ASP M 507 -2.87 -13.41 -58.16
N GLY M 508 -2.60 -13.11 -59.43
CA GLY M 508 -3.59 -13.37 -60.46
C GLY M 508 -3.90 -14.85 -60.64
N ARG M 509 -2.86 -15.68 -60.71
CA ARG M 509 -3.04 -17.08 -61.03
C ARG M 509 -3.91 -17.79 -59.99
N ILE M 510 -3.53 -17.66 -58.72
CA ILE M 510 -4.18 -18.43 -57.66
C ILE M 510 -5.62 -17.96 -57.48
N LEU M 511 -5.83 -16.65 -57.46
CA LEU M 511 -7.17 -16.11 -57.23
C LEU M 511 -8.09 -16.40 -58.41
N LEU M 512 -7.57 -16.36 -59.64
CA LEU M 512 -8.45 -16.67 -60.76
C LEU M 512 -8.73 -18.16 -60.86
N ALA M 513 -7.78 -19.01 -60.44
CA ALA M 513 -8.08 -20.43 -60.34
C ALA M 513 -9.15 -20.69 -59.30
N TYR M 514 -9.08 -19.99 -58.16
CA TYR M 514 -10.12 -20.12 -57.15
C TYR M 514 -11.47 -19.65 -57.68
N GLU M 515 -11.45 -18.59 -58.49
CA GLU M 515 -12.69 -18.12 -59.11
C GLU M 515 -13.26 -19.20 -60.03
N ARG M 516 -12.41 -19.87 -60.81
CA ARG M 516 -12.91 -20.93 -61.68
C ARG M 516 -13.50 -22.07 -60.86
N LYS M 517 -12.82 -22.47 -59.78
CA LYS M 517 -13.27 -23.60 -58.98
C LYS M 517 -14.61 -23.35 -58.30
N GLY M 518 -15.16 -22.15 -58.37
CA GLY M 518 -16.46 -21.86 -57.82
C GLY M 518 -16.47 -21.26 -56.42
N TYR M 519 -15.31 -20.88 -55.90
CA TYR M 519 -15.24 -20.31 -54.57
C TYR M 519 -15.78 -18.89 -54.57
N GLU M 520 -15.85 -18.29 -53.37
CA GLU M 520 -16.27 -16.91 -53.23
C GLU M 520 -15.07 -15.97 -53.33
N ARG M 521 -15.34 -14.68 -53.22
CA ARG M 521 -14.43 -13.66 -53.72
C ARG M 521 -13.31 -13.31 -52.74
N GLY M 522 -13.23 -14.00 -51.61
CA GLY M 522 -12.18 -13.69 -50.65
C GLY M 522 -11.37 -14.89 -50.21
N ILE M 523 -11.42 -15.98 -50.96
CA ILE M 523 -10.64 -17.17 -50.66
C ILE M 523 -9.24 -17.00 -51.25
N ALA M 524 -8.23 -17.14 -50.41
CA ALA M 524 -6.85 -16.97 -50.85
C ALA M 524 -5.96 -18.18 -50.58
N TYR M 525 -6.38 -19.12 -49.74
CA TYR M 525 -5.58 -20.29 -49.42
C TYR M 525 -6.51 -21.50 -49.27
N ASP M 526 -6.55 -22.34 -50.32
CA ASP M 526 -7.30 -23.59 -50.28
C ASP M 526 -6.30 -24.67 -49.90
N TYR M 527 -5.98 -24.71 -48.60
CA TYR M 527 -4.96 -25.68 -48.11
C TYR M 527 -5.67 -26.85 -47.46
N LYS M 528 -5.93 -27.89 -48.25
CA LYS M 528 -6.61 -29.11 -47.71
C LYS M 528 -5.65 -30.30 -47.82
N MET N 1 -43.90 36.61 -23.90
CA MET N 1 -42.93 35.81 -24.64
C MET N 1 -43.54 34.46 -25.03
N LYS N 2 -44.27 34.44 -26.13
CA LYS N 2 -44.94 33.24 -26.60
C LYS N 2 -44.09 32.56 -27.66
N ARG N 3 -44.58 31.44 -28.18
CA ARG N 3 -43.86 30.74 -29.25
C ARG N 3 -43.88 31.51 -30.56
N LYS N 4 -44.84 32.40 -30.76
CA LYS N 4 -44.88 33.20 -31.98
C LYS N 4 -43.65 34.09 -32.10
N ASP N 5 -43.30 34.79 -31.01
CA ASP N 5 -42.14 35.67 -31.05
C ASP N 5 -40.85 34.89 -31.23
N VAL N 6 -40.74 33.73 -30.58
CA VAL N 6 -39.55 32.90 -30.73
C VAL N 6 -39.42 32.43 -32.17
N GLU N 7 -40.52 32.00 -32.79
CA GLU N 7 -40.48 31.58 -34.19
C GLU N 7 -40.09 32.73 -35.10
N GLU N 8 -40.62 33.94 -34.84
CA GLU N 8 -40.26 35.09 -35.66
C GLU N 8 -38.78 35.43 -35.54
N LYS N 9 -38.25 35.38 -34.32
CA LYS N 9 -36.82 35.62 -34.14
C LYS N 9 -35.99 34.55 -34.84
N LYS N 10 -36.43 33.29 -34.76
CA LYS N 10 -35.72 32.21 -35.42
C LYS N 10 -35.67 32.42 -36.93
N GLN N 11 -36.82 32.77 -37.53
CA GLN N 11 -36.82 32.95 -38.98
C GLN N 11 -36.02 34.18 -39.39
N ASN N 12 -36.02 35.24 -38.58
CA ASN N 12 -35.20 36.40 -38.89
C ASN N 12 -33.71 36.03 -38.86
N LEU N 13 -33.30 35.25 -37.84
CA LEU N 13 -31.91 34.82 -37.77
C LEU N 13 -31.54 33.95 -38.96
N ASP N 14 -32.44 33.05 -39.36
CA ASP N 14 -32.18 32.22 -40.54
C ASP N 14 -32.03 33.07 -41.81
N PHE N 15 -32.90 34.07 -41.97
CA PHE N 15 -32.82 34.95 -43.13
C PHE N 15 -31.49 35.68 -43.18
N TYR N 16 -31.05 36.21 -42.04
CA TYR N 16 -29.76 36.89 -42.01
C TYR N 16 -28.62 35.90 -42.26
N HIS N 17 -28.76 34.67 -41.77
CA HIS N 17 -27.73 33.67 -41.99
C HIS N 17 -27.55 33.36 -43.47
N ASN N 18 -28.65 33.31 -44.21
CA ASN N 18 -28.55 33.08 -45.66
C ASN N 18 -28.04 34.32 -46.39
N TYR N 19 -28.50 35.50 -45.96
CA TYR N 19 -28.05 36.73 -46.61
C TYR N 19 -26.56 36.93 -46.44
N ILE N 20 -25.98 36.44 -45.34
CA ILE N 20 -24.53 36.57 -45.16
C ILE N 20 -23.79 35.79 -46.23
N ASP N 21 -24.25 34.58 -46.55
CA ASP N 21 -23.63 33.81 -47.64
C ASP N 21 -23.79 34.52 -48.97
N ILE N 22 -24.96 35.08 -49.23
CA ILE N 22 -25.16 35.80 -50.48
C ILE N 22 -24.22 36.99 -50.59
N SER N 23 -24.08 37.75 -49.50
CA SER N 23 -23.16 38.87 -49.46
C SER N 23 -21.72 38.41 -49.65
N LYS N 24 -21.38 37.24 -49.11
CA LYS N 24 -20.04 36.69 -49.33
C LYS N 24 -19.79 36.44 -50.80
N ILE N 25 -20.77 35.88 -51.50
CA ILE N 25 -20.62 35.65 -52.94
C ILE N 25 -20.41 36.98 -53.67
N LYS N 26 -21.23 37.98 -53.33
CA LYS N 26 -21.12 39.27 -53.98
C LYS N 26 -19.76 39.90 -53.73
N VAL N 27 -19.26 39.83 -52.50
CA VAL N 27 -17.98 40.43 -52.15
C VAL N 27 -16.84 39.71 -52.86
N LEU N 28 -16.96 38.38 -53.01
CA LEU N 28 -15.94 37.66 -53.76
C LEU N 28 -15.90 38.10 -55.23
N GLN N 29 -17.08 38.28 -55.83
CA GLN N 29 -17.10 38.78 -57.20
C GLN N 29 -16.48 40.17 -57.30
N LYS N 30 -16.78 41.04 -56.34
CA LYS N 30 -16.19 42.38 -56.34
C LYS N 30 -14.67 42.31 -56.19
N LEU N 31 -14.19 41.41 -55.34
CA LEU N 31 -12.75 41.25 -55.15
C LEU N 31 -12.08 40.80 -56.43
N ASN N 32 -12.67 39.83 -57.13
CA ASN N 32 -12.09 39.38 -58.40
C ASN N 32 -12.05 40.50 -59.43
N GLU N 33 -13.13 41.28 -59.51
CA GLU N 33 -13.15 42.41 -60.44
C GLU N 33 -12.06 43.41 -60.11
N GLU N 34 -11.90 43.75 -58.82
CA GLU N 34 -10.86 44.69 -58.43
C GLU N 34 -9.47 44.14 -58.70
N ILE N 35 -9.27 42.83 -58.54
CA ILE N 35 -7.97 42.23 -58.84
C ILE N 35 -7.64 42.38 -60.32
N ALA N 36 -8.63 42.10 -61.18
CA ALA N 36 -8.40 42.27 -62.61
C ALA N 36 -8.08 43.73 -62.96
N SER N 37 -8.82 44.66 -62.38
CA SER N 37 -8.58 46.08 -62.63
C SER N 37 -7.18 46.47 -62.18
N LEU N 38 -6.75 46.00 -61.01
CA LEU N 38 -5.44 46.35 -60.49
C LEU N 38 -4.33 45.78 -61.37
N ASN N 39 -4.50 44.55 -61.86
CA ASN N 39 -3.48 43.97 -62.73
C ASN N 39 -3.36 44.77 -64.03
N MET N 40 -4.51 45.15 -64.61
CA MET N 40 -4.45 45.97 -65.82
C MET N 40 -3.77 47.30 -65.55
N LEU N 41 -4.09 47.92 -64.40
CA LEU N 41 -3.48 49.21 -64.07
C LEU N 41 -1.97 49.06 -63.86
N LYS N 42 -1.54 47.96 -63.25
CA LYS N 42 -0.11 47.73 -63.06
C LYS N 42 0.61 47.58 -64.39
N LEU N 43 0.01 46.84 -65.33
CA LEU N 43 0.63 46.69 -66.64
C LEU N 43 0.74 48.04 -67.35
N GLN N 44 -0.35 48.82 -67.32
CA GLN N 44 -0.31 50.13 -67.97
C GLN N 44 0.70 51.05 -67.30
N LYS N 45 0.82 50.98 -65.97
CA LYS N 45 1.77 51.82 -65.26
C LYS N 45 3.21 51.43 -65.60
N GLY N 46 3.48 50.14 -65.73
CA GLY N 46 4.81 49.72 -66.15
C GLY N 46 5.15 50.21 -67.54
N GLU N 47 4.20 50.11 -68.48
CA GLU N 47 4.44 50.63 -69.82
C GLU N 47 4.67 52.14 -69.79
N SER N 48 3.89 52.86 -68.97
CA SER N 48 4.04 54.31 -68.89
C SER N 48 5.40 54.69 -68.32
N HIS N 49 5.86 53.97 -67.29
CA HIS N 49 7.18 54.21 -66.74
C HIS N 49 8.26 53.97 -67.79
N TYR N 50 8.15 52.88 -68.56
CA TYR N 50 9.14 52.59 -69.58
C TYR N 50 9.18 53.70 -70.63
N LEU N 51 8.01 54.15 -71.08
CA LEU N 51 7.96 55.19 -72.11
C LEU N 51 8.48 56.52 -71.58
N LEU N 52 8.17 56.86 -70.32
CA LEU N 52 8.69 58.10 -69.75
C LEU N 52 10.21 58.04 -69.61
N ASN N 53 10.74 56.89 -69.17
CA ASN N 53 12.18 56.76 -69.04
C ASN N 53 12.88 56.87 -70.40
N ARG N 54 12.27 56.30 -71.44
CA ARG N 54 12.84 56.45 -72.77
C ARG N 54 12.74 57.89 -73.27
N ILE N 55 11.65 58.58 -72.94
CA ILE N 55 11.49 59.97 -73.35
C ILE N 55 12.56 60.84 -72.72
N ILE N 56 12.80 60.66 -71.41
CA ILE N 56 13.78 61.50 -70.72
C ILE N 56 15.19 61.15 -71.17
N ASN N 57 15.49 59.87 -71.32
CA ASN N 57 16.83 59.44 -71.72
C ASN N 57 17.11 59.80 -73.17
N LYS N 77 14.30 65.51 -45.95
CA LYS N 77 12.92 65.96 -45.75
C LYS N 77 11.93 65.08 -46.50
N GLU N 78 10.89 64.63 -45.79
CA GLU N 78 9.90 63.74 -46.36
C GLU N 78 8.50 64.26 -46.10
N LEU N 79 7.59 64.00 -47.04
CA LEU N 79 6.18 64.27 -46.87
C LEU N 79 5.47 62.96 -46.52
N TYR N 80 4.87 62.91 -45.34
CA TYR N 80 4.20 61.72 -44.84
C TYR N 80 2.69 61.97 -44.86
N ILE N 81 1.99 61.25 -45.73
CA ILE N 81 0.54 61.35 -45.83
C ILE N 81 -0.08 60.23 -45.01
N LEU N 82 -0.95 60.59 -44.08
CA LEU N 82 -1.57 59.63 -43.16
C LEU N 82 -3.09 59.62 -43.34
N ILE N 83 -3.66 58.43 -43.35
CA ILE N 83 -5.10 58.24 -43.51
C ILE N 83 -5.59 57.28 -42.42
N ASP N 84 -6.64 57.69 -41.72
CA ASP N 84 -7.23 56.88 -40.65
C ASP N 84 -8.18 55.84 -41.24
N PRO N 85 -8.53 54.81 -40.47
CA PRO N 85 -9.43 53.77 -40.99
C PRO N 85 -10.84 54.29 -41.21
N LYS N 86 -11.62 53.52 -41.97
CA LYS N 86 -12.98 53.92 -42.29
C LYS N 86 -13.86 53.95 -41.04
N LYS N 87 -13.74 52.95 -40.18
CA LYS N 87 -14.54 52.86 -38.96
C LYS N 87 -13.62 52.79 -37.75
N LEU N 88 -14.23 52.63 -36.57
CA LEU N 88 -13.51 52.61 -35.30
C LEU N 88 -14.02 51.44 -34.46
N ASP N 89 -13.40 50.28 -34.64
CA ASP N 89 -13.63 49.10 -33.82
C ASP N 89 -12.31 48.70 -33.16
N LEU N 90 -12.30 47.53 -32.52
CA LEU N 90 -11.10 47.07 -31.84
C LEU N 90 -9.94 46.90 -32.82
N PHE N 91 -10.22 46.33 -34.00
CA PHE N 91 -9.20 46.21 -35.02
C PHE N 91 -8.66 47.59 -35.41
N SER N 92 -9.57 48.56 -35.56
CA SER N 92 -9.13 49.91 -35.93
C SER N 92 -8.25 50.52 -34.85
N GLU N 93 -8.61 50.31 -33.58
CA GLU N 93 -7.79 50.85 -32.49
C GLU N 93 -6.40 50.22 -32.46
N ALA N 94 -6.32 48.90 -32.65
CA ALA N 94 -5.02 48.25 -32.67
C ALA N 94 -4.17 48.75 -33.83
N LEU N 95 -4.78 48.86 -35.02
CA LEU N 95 -4.04 49.37 -36.17
C LEU N 95 -3.62 50.82 -35.94
N LEU N 96 -4.46 51.61 -35.28
CA LEU N 96 -4.13 52.99 -34.98
C LEU N 96 -2.92 53.08 -34.07
N ARG N 97 -2.87 52.25 -33.03
CA ARG N 97 -1.73 52.33 -32.13
C ARG N 97 -0.46 51.80 -32.78
N LYS N 98 -0.57 50.79 -33.65
CA LYS N 98 0.63 50.36 -34.38
C LYS N 98 1.11 51.44 -35.33
N LEU N 99 0.18 52.12 -36.02
CA LEU N 99 0.57 53.26 -36.84
C LEU N 99 1.22 54.35 -35.99
N SER N 100 0.74 54.51 -34.76
CA SER N 100 1.34 55.49 -33.85
C SER N 100 2.80 55.14 -33.57
N GLN N 101 3.08 53.87 -33.28
CA GLN N 101 4.49 53.53 -33.00
C GLN N 101 5.32 53.61 -34.27
N THR N 102 4.74 53.28 -35.42
CA THR N 102 5.48 53.40 -36.68
C THR N 102 5.84 54.86 -36.95
N VAL N 103 4.91 55.78 -36.69
CA VAL N 103 5.20 57.20 -36.78
C VAL N 103 6.31 57.59 -35.80
N LYS N 104 6.22 57.10 -34.57
CA LYS N 104 7.23 57.44 -33.57
C LYS N 104 8.61 56.90 -33.94
N GLU N 105 8.67 55.82 -34.71
CA GLU N 105 9.94 55.20 -35.06
C GLU N 105 10.41 55.55 -36.47
N ARG N 106 9.62 56.28 -37.26
CA ARG N 106 10.01 56.55 -38.64
C ARG N 106 9.77 58.00 -39.06
N ILE N 107 9.74 58.94 -38.13
CA ILE N 107 9.57 60.35 -38.46
C ILE N 107 10.53 61.18 -37.62
N ARG N 108 11.19 62.14 -38.26
CA ARG N 108 11.97 63.16 -37.56
C ARG N 108 11.25 64.49 -37.70
N PRO N 109 10.60 64.99 -36.65
CA PRO N 109 9.80 66.22 -36.80
C PRO N 109 10.59 67.44 -37.24
N ASP N 110 11.86 67.55 -36.83
CA ASP N 110 12.66 68.72 -37.17
C ASP N 110 13.01 68.81 -38.65
N LYS N 111 12.78 67.74 -39.41
CA LYS N 111 13.16 67.71 -40.82
C LYS N 111 12.06 67.25 -41.76
N ASP N 112 10.92 66.77 -41.25
CA ASP N 112 9.90 66.16 -42.08
C ASP N 112 8.56 66.85 -41.87
N PHE N 113 7.70 66.73 -42.88
CA PHE N 113 6.37 67.34 -42.85
C PHE N 113 5.32 66.26 -43.05
N VAL N 114 4.24 66.35 -42.30
CA VAL N 114 3.22 65.31 -42.24
C VAL N 114 1.87 65.96 -42.55
N ILE N 115 1.17 65.44 -43.56
CA ILE N 115 -0.20 65.83 -43.86
C ILE N 115 -1.11 64.65 -43.56
N THR N 116 -2.21 64.91 -42.86
CA THR N 116 -3.08 63.87 -42.37
C THR N 116 -4.51 64.15 -42.82
N VAL N 117 -5.30 63.08 -42.94
CA VAL N 117 -6.73 63.18 -43.17
C VAL N 117 -7.45 62.26 -42.21
N GLY N 118 -8.40 62.80 -41.46
CA GLY N 118 -9.10 62.04 -40.44
C GLY N 118 -8.73 62.53 -39.05
N THR N 119 -9.71 62.53 -38.16
CA THR N 119 -9.51 63.09 -36.82
C THR N 119 -8.44 62.33 -36.05
N ASN N 120 -8.43 61.00 -36.17
CA ASN N 120 -7.53 60.19 -35.35
C ASN N 120 -6.07 60.42 -35.72
N VAL N 121 -5.73 60.32 -37.01
CA VAL N 121 -4.36 60.53 -37.41
C VAL N 121 -3.96 62.00 -37.22
N ASP N 122 -4.92 62.91 -37.34
CA ASP N 122 -4.63 64.32 -37.06
C ASP N 122 -4.24 64.50 -35.60
N ASN N 123 -4.95 63.83 -34.69
CA ASN N 123 -4.58 63.89 -33.27
C ASN N 123 -3.22 63.25 -33.03
N ILE N 124 -2.93 62.13 -33.71
CA ILE N 124 -1.65 61.47 -33.54
C ILE N 124 -0.52 62.39 -34.00
N ALA N 125 -0.72 63.08 -35.11
CA ALA N 125 0.27 64.07 -35.58
C ALA N 125 0.40 65.22 -34.59
N ARG N 126 -0.73 65.68 -34.03
CA ARG N 126 -0.69 66.79 -33.09
C ARG N 126 0.11 66.43 -31.84
N GLN N 127 -0.10 65.24 -31.30
CA GLN N 127 0.57 64.84 -30.06
C GLN N 127 2.08 64.72 -30.22
N LEU N 128 2.57 64.55 -31.45
CA LEU N 128 3.99 64.47 -31.72
C LEU N 128 4.55 65.78 -32.27
N ASN N 129 3.76 66.85 -32.25
CA ASN N 129 4.21 68.20 -32.62
C ASN N 129 4.75 68.26 -34.05
N LEU N 130 4.21 67.41 -34.92
CA LEU N 130 4.65 67.40 -36.31
C LEU N 130 4.02 68.57 -37.07
N ASN N 131 4.62 68.89 -38.22
CA ASN N 131 4.17 70.01 -39.04
C ASN N 131 3.06 69.53 -39.97
N ILE N 132 1.84 70.01 -39.74
CA ILE N 132 0.69 69.59 -40.52
C ILE N 132 0.51 70.54 -41.69
N ILE N 133 0.61 70.02 -42.91
CA ILE N 133 0.41 70.84 -44.11
C ILE N 133 -1.03 71.33 -44.15
N ASP N 134 -1.98 70.42 -43.99
CA ASP N 134 -3.40 70.75 -43.99
C ASP N 134 -4.16 69.56 -43.42
N HIS N 135 -5.41 69.82 -43.03
CA HIS N 135 -6.29 68.78 -42.51
C HIS N 135 -7.55 68.71 -43.37
N TYR N 136 -7.95 67.50 -43.73
CA TYR N 136 -9.08 67.25 -44.63
C TYR N 136 -10.14 66.41 -43.91
N ASP N 137 -11.16 66.01 -44.67
CA ASP N 137 -12.17 65.08 -44.21
C ASP N 137 -11.93 63.71 -44.83
N LEU N 138 -12.17 62.66 -44.03
CA LEU N 138 -11.78 61.31 -44.44
C LEU N 138 -12.47 60.89 -45.73
N ASP N 139 -13.74 61.26 -45.89
CA ASP N 139 -14.51 60.83 -47.05
C ASP N 139 -13.97 61.39 -48.36
N LEU N 140 -13.09 62.39 -48.32
CA LEU N 140 -12.42 62.84 -49.54
C LEU N 140 -11.57 61.72 -50.15
N PHE N 141 -11.08 60.80 -49.32
CA PHE N 141 -10.33 59.67 -49.83
C PHE N 141 -11.20 58.73 -50.67
N ASN N 142 -12.52 58.74 -50.46
CA ASN N 142 -13.40 57.85 -51.20
C ASN N 142 -13.39 58.19 -52.69
N GLN N 143 -13.35 59.47 -53.02
CA GLN N 143 -13.29 59.92 -54.41
C GLN N 143 -11.84 59.96 -54.83
N ILE N 144 -11.37 58.89 -55.48
CA ILE N 144 -9.95 58.76 -55.80
C ILE N 144 -9.54 59.80 -56.83
N ASP N 145 -10.42 60.13 -57.78
CA ASP N 145 -10.08 61.08 -58.82
C ASP N 145 -9.79 62.46 -58.23
N ASP N 146 -10.72 62.98 -57.42
CA ASP N 146 -10.51 64.29 -56.79
C ASP N 146 -9.33 64.26 -55.84
N PHE N 147 -9.19 63.16 -55.08
CA PHE N 147 -8.08 63.02 -54.14
C PHE N 147 -6.76 63.15 -54.87
N ALA N 148 -6.61 62.44 -55.99
CA ALA N 148 -5.38 62.53 -56.78
C ALA N 148 -5.21 63.93 -57.36
N ASN N 149 -6.26 64.46 -58.00
CA ASN N 149 -6.16 65.77 -58.63
C ASN N 149 -5.76 66.85 -57.64
N ARG N 150 -6.05 66.64 -56.35
CA ARG N 150 -5.67 67.62 -55.34
C ARG N 150 -4.27 67.37 -54.80
N ILE N 151 -4.00 66.16 -54.29
CA ILE N 151 -2.75 65.99 -53.58
C ILE N 151 -1.58 65.85 -54.55
N GLY N 152 -1.81 65.40 -55.79
CA GLY N 152 -0.71 65.39 -56.76
C GLY N 152 -0.25 66.79 -57.11
N GLU N 153 -1.19 67.71 -57.34
CA GLU N 153 -0.80 69.09 -57.59
C GLU N 153 -0.14 69.70 -56.36
N LEU N 154 -0.63 69.35 -55.16
CA LEU N 154 0.01 69.87 -53.95
C LEU N 154 1.45 69.37 -53.84
N VAL N 155 1.68 68.09 -54.13
CA VAL N 155 3.01 67.52 -54.03
C VAL N 155 3.93 68.10 -55.08
N ASP N 156 3.41 68.34 -56.29
CA ASP N 156 4.22 68.99 -57.32
C ASP N 156 4.62 70.40 -56.90
N VAL N 157 3.66 71.17 -56.36
CA VAL N 157 3.97 72.52 -55.89
C VAL N 157 5.01 72.46 -54.77
N GLY N 158 4.91 71.46 -53.91
CA GLY N 158 5.88 71.28 -52.85
C GLY N 158 7.28 70.95 -53.33
N LEU N 159 7.42 69.85 -54.08
CA LEU N 159 8.74 69.43 -54.52
C LEU N 159 9.35 70.40 -55.52
N ASN N 160 8.54 71.21 -56.20
CA ASN N 160 9.10 72.26 -57.05
C ASN N 160 9.81 73.32 -56.22
N ASN N 161 9.29 73.62 -55.03
CA ASN N 161 9.89 74.57 -54.11
C ASN N 161 10.97 73.94 -53.23
N LYS N 162 11.20 72.64 -53.37
CA LYS N 162 12.21 71.89 -52.61
C LYS N 162 11.92 71.87 -51.11
N ILE N 163 10.68 72.11 -50.71
CA ILE N 163 10.33 71.98 -49.29
C ILE N 163 10.43 70.53 -48.85
N PHE N 164 10.07 69.59 -49.74
CA PHE N 164 10.27 68.17 -49.50
C PHE N 164 10.59 67.50 -50.83
N ASN N 165 11.24 66.33 -50.74
CA ASN N 165 11.55 65.53 -51.91
C ASN N 165 11.21 64.06 -51.74
N TYR N 166 10.74 63.64 -50.58
CA TYR N 166 10.30 62.27 -50.33
C TYR N 166 8.82 62.29 -49.98
N VAL N 167 8.03 61.47 -50.67
CA VAL N 167 6.60 61.37 -50.43
C VAL N 167 6.24 59.90 -50.28
N SER N 168 5.44 59.58 -49.26
CA SER N 168 5.04 58.21 -49.00
C SER N 168 3.64 58.20 -48.38
N LEU N 169 3.01 57.04 -48.44
CA LEU N 169 1.62 56.85 -48.03
C LEU N 169 1.55 55.73 -47.01
N LEU N 170 0.86 55.99 -45.89
CA LEU N 170 0.64 54.99 -44.86
C LEU N 170 -0.85 54.97 -44.50
N ILE N 171 -1.41 53.77 -44.36
CA ILE N 171 -2.82 53.62 -43.97
C ILE N 171 -2.89 52.76 -42.73
N ALA N 172 -3.80 53.11 -41.82
CA ALA N 172 -4.09 52.29 -40.64
C ALA N 172 -4.97 51.12 -41.08
N GLN N 173 -4.35 50.19 -41.80
CA GLN N 173 -5.05 49.06 -42.38
C GLN N 173 -4.05 47.93 -42.58
N SER N 174 -4.53 46.70 -42.46
CA SER N 174 -3.68 45.51 -42.50
C SER N 174 -3.62 44.93 -43.90
N SER N 175 -2.46 44.34 -44.22
CA SER N 175 -2.22 43.73 -45.53
C SER N 175 -1.92 42.25 -45.36
N THR N 176 -2.61 41.42 -46.15
CA THR N 176 -2.39 39.98 -46.08
C THR N 176 -1.06 39.55 -46.70
N LYS N 177 -0.37 40.45 -47.40
CA LYS N 177 0.92 40.14 -48.00
C LYS N 177 2.08 40.35 -47.03
N ASN N 178 1.99 41.35 -46.15
CA ASN N 178 3.04 41.67 -45.21
C ASN N 178 2.88 40.95 -43.88
N ASN N 179 2.20 39.79 -43.89
CA ASN N 179 1.91 39.02 -42.67
C ASN N 179 1.07 39.82 -41.68
N GLY N 180 0.25 40.74 -42.18
CA GLY N 180 -0.66 41.52 -41.37
C GLY N 180 -0.24 42.96 -41.14
N GLY N 181 0.98 43.34 -41.50
CA GLY N 181 1.44 44.68 -41.23
C GLY N 181 0.71 45.74 -42.03
N LEU N 182 0.96 46.99 -41.68
CA LEU N 182 0.25 48.11 -42.30
C LEU N 182 0.63 48.25 -43.76
N VAL N 183 -0.28 48.85 -44.53
CA VAL N 183 -0.01 49.17 -45.93
C VAL N 183 0.66 50.53 -46.00
N GLN N 184 1.79 50.57 -46.71
CA GLN N 184 2.58 51.77 -46.87
C GLN N 184 3.41 51.63 -48.14
N GLU N 185 3.66 52.76 -48.79
CA GLU N 185 4.41 52.77 -50.04
C GLU N 185 5.12 54.10 -50.20
N ARG N 186 6.39 54.07 -50.57
CA ARG N 186 7.18 55.28 -50.80
C ARG N 186 7.08 55.64 -52.29
N ILE N 187 6.15 56.54 -52.61
CA ILE N 187 5.92 56.89 -54.02
C ILE N 187 7.08 57.70 -54.59
N VAL N 188 7.60 58.65 -53.82
CA VAL N 188 8.54 59.64 -54.34
C VAL N 188 9.77 59.67 -53.45
N PRO N 189 11.00 59.64 -54.00
CA PRO N 189 11.29 59.52 -55.44
C PRO N 189 11.12 58.10 -55.98
N PHE N 190 11.02 57.98 -57.29
CA PHE N 190 10.78 56.69 -57.94
C PHE N 190 11.95 55.74 -57.75
N PHE N 247 3.79 64.76 -68.20
CA PHE N 247 3.61 63.31 -68.27
C PHE N 247 3.87 62.67 -66.91
N VAL N 248 4.56 63.41 -66.03
CA VAL N 248 4.81 62.92 -64.68
C VAL N 248 3.52 62.81 -63.90
N LYS N 249 2.60 63.75 -64.12
CA LYS N 249 1.34 63.77 -63.36
C LYS N 249 0.49 62.56 -63.66
N SER N 250 0.51 62.06 -64.90
CA SER N 250 -0.22 60.85 -65.23
C SER N 250 0.32 59.65 -64.45
N VAL N 251 1.65 59.54 -64.35
CA VAL N 251 2.26 58.47 -63.57
C VAL N 251 1.89 58.60 -62.10
N PHE N 252 1.89 59.83 -61.58
CA PHE N 252 1.50 60.05 -60.19
C PHE N 252 0.06 59.60 -59.94
N LYS N 253 -0.85 59.96 -60.85
CA LYS N 253 -2.23 59.53 -60.73
C LYS N 253 -2.35 58.02 -60.80
N GLN N 254 -1.59 57.39 -61.70
CA GLN N 254 -1.65 55.93 -61.82
C GLN N 254 -1.18 55.26 -60.53
N GLU N 255 -0.12 55.78 -59.93
CA GLU N 255 0.37 55.23 -58.67
C GLU N 255 -0.66 55.38 -57.56
N LEU N 256 -1.30 56.56 -57.48
CA LEU N 256 -2.32 56.76 -56.45
C LEU N 256 -3.52 55.82 -56.67
N PHE N 257 -3.93 55.64 -57.93
CA PHE N 257 -5.01 54.71 -58.22
C PHE N 257 -4.64 53.29 -57.82
N GLU N 258 -3.39 52.89 -58.08
CA GLU N 258 -2.95 51.56 -57.67
C GLU N 258 -2.99 51.40 -56.15
N PHE N 259 -2.56 52.44 -55.43
CA PHE N 259 -2.62 52.39 -53.97
C PHE N 259 -4.06 52.23 -53.49
N LYS N 260 -4.98 52.99 -54.06
CA LYS N 260 -6.38 52.88 -53.68
C LYS N 260 -6.92 51.48 -53.97
N SER N 261 -6.57 50.92 -55.14
CA SER N 261 -7.05 49.59 -55.47
C SER N 261 -6.50 48.53 -54.52
N ILE N 262 -5.23 48.66 -54.13
CA ILE N 262 -4.66 47.75 -53.15
C ILE N 262 -5.42 47.82 -51.83
N SER N 263 -5.71 49.05 -51.39
CA SER N 263 -6.46 49.22 -50.14
C SER N 263 -7.83 48.57 -50.24
N VAL N 264 -8.52 48.74 -51.37
CA VAL N 264 -9.85 48.16 -51.52
C VAL N 264 -9.78 46.64 -51.53
N ILE N 265 -8.75 46.07 -52.17
CA ILE N 265 -8.60 44.62 -52.19
C ILE N 265 -8.39 44.08 -50.78
N GLU N 266 -7.52 44.73 -50.01
CA GLU N 266 -7.30 44.31 -48.63
C GLU N 266 -8.59 44.42 -47.81
N GLU N 267 -9.35 45.49 -48.02
CA GLU N 267 -10.59 45.69 -47.29
C GLU N 267 -11.59 44.56 -47.59
N LEU N 268 -11.71 44.17 -48.86
CA LEU N 268 -12.62 43.08 -49.20
C LEU N 268 -12.16 41.76 -48.58
N LYS N 269 -10.85 41.50 -48.63
CA LYS N 269 -10.34 40.28 -48.03
C LYS N 269 -10.62 40.22 -46.54
N ILE N 270 -10.58 41.37 -45.86
CA ILE N 270 -10.94 41.40 -44.44
C ILE N 270 -12.45 41.20 -44.27
N GLU N 271 -13.25 41.82 -45.14
CA GLU N 271 -14.70 41.73 -45.04
C GLU N 271 -15.19 40.28 -45.13
N LEU N 272 -14.51 39.45 -45.93
CA LEU N 272 -14.92 38.05 -46.01
C LEU N 272 -14.86 37.37 -44.64
N GLN N 273 -13.74 37.53 -43.93
CA GLN N 273 -13.62 36.95 -42.61
C GLN N 273 -14.58 37.58 -41.61
N LEU N 274 -14.85 38.88 -41.76
CA LEU N 274 -15.83 39.52 -40.88
C LEU N 274 -17.22 38.90 -41.03
N LEU N 275 -17.62 38.62 -42.27
CA LEU N 275 -18.89 37.92 -42.49
C LEU N 275 -18.86 36.53 -41.88
N ASP N 276 -17.74 35.82 -42.05
CA ASP N 276 -17.61 34.50 -41.44
C ASP N 276 -17.78 34.56 -39.93
N GLU N 277 -17.32 35.63 -39.29
CA GLU N 277 -17.53 35.78 -37.84
C GLU N 277 -18.99 36.08 -37.52
N LYS N 278 -19.62 36.95 -38.31
CA LYS N 278 -21.02 37.31 -38.06
C LYS N 278 -21.91 36.08 -38.08
N LYS N 279 -21.59 35.11 -38.95
CA LYS N 279 -22.39 33.88 -38.99
C LYS N 279 -22.38 33.16 -37.64
N LYS N 280 -21.19 33.01 -37.05
CA LYS N 280 -21.08 32.35 -35.75
C LYS N 280 -21.82 33.14 -34.68
N ARG N 281 -21.74 34.47 -34.73
CA ARG N 281 -22.47 35.29 -33.78
C ARG N 281 -23.96 35.01 -33.85
N LEU N 282 -24.51 34.93 -35.07
CA LEU N 282 -25.93 34.66 -35.24
C LEU N 282 -26.29 33.28 -34.68
N GLU N 283 -25.45 32.29 -34.94
CA GLU N 283 -25.73 30.94 -34.43
C GLU N 283 -25.79 30.93 -32.90
N GLU N 284 -24.82 31.57 -32.25
CA GLU N 284 -24.82 31.57 -30.79
C GLU N 284 -26.01 32.35 -30.24
N GLN N 285 -26.42 33.42 -30.93
CA GLN N 285 -27.63 34.14 -30.51
C GLN N 285 -28.85 33.23 -30.57
N LYS N 286 -28.97 32.45 -31.64
CA LYS N 286 -30.10 31.54 -31.77
C LYS N 286 -30.11 30.51 -30.65
N LYS N 287 -28.94 29.96 -30.32
CA LYS N 287 -28.87 28.96 -29.26
C LYS N 287 -29.32 29.55 -27.91
N GLU N 288 -28.82 30.75 -27.60
CA GLU N 288 -29.20 31.39 -26.33
C GLU N 288 -30.70 31.64 -26.29
N LEU N 289 -31.27 32.14 -27.39
CA LEU N 289 -32.70 32.43 -27.42
C LEU N 289 -33.53 31.17 -27.20
N ILE N 290 -33.15 30.07 -27.85
CA ILE N 290 -33.91 28.83 -27.70
C ILE N 290 -33.85 28.33 -26.26
N LEU N 291 -32.66 28.38 -25.66
CA LEU N 291 -32.53 27.95 -24.26
C LEU N 291 -33.45 28.76 -23.36
N LYS N 292 -33.43 30.09 -23.52
CA LYS N 292 -34.26 30.94 -22.66
C LYS N 292 -35.74 30.64 -22.84
N TRP N 293 -36.17 30.46 -24.09
CA TRP N 293 -37.58 30.21 -24.36
C TRP N 293 -38.05 28.91 -23.72
N ASN N 294 -37.27 27.84 -23.89
CA ASN N 294 -37.65 26.56 -23.28
C ASN N 294 -37.68 26.66 -21.76
N ARG N 295 -36.71 27.37 -21.18
CA ARG N 295 -36.68 27.54 -19.73
C ARG N 295 -37.93 28.25 -19.22
N ALA N 296 -38.40 29.27 -19.94
CA ALA N 296 -39.63 29.94 -19.51
C ALA N 296 -40.84 29.03 -19.67
N ARG N 297 -40.91 28.31 -20.79
CA ARG N 297 -42.09 27.50 -21.08
C ARG N 297 -42.30 26.41 -20.03
N LYS N 298 -41.23 25.74 -19.62
CA LYS N 298 -41.40 24.64 -18.67
C LYS N 298 -41.97 25.13 -17.34
N GLU N 299 -41.46 26.27 -16.84
CA GLU N 299 -41.99 26.82 -15.60
C GLU N 299 -43.45 27.22 -15.73
N GLU N 300 -43.81 27.85 -16.85
CA GLU N 300 -45.21 28.24 -17.03
C GLU N 300 -46.13 27.03 -17.00
N ALA N 301 -45.74 25.98 -17.73
CA ALA N 301 -46.59 24.79 -17.78
C ALA N 301 -46.72 24.14 -16.41
N THR N 302 -45.61 24.03 -15.68
CA THR N 302 -45.67 23.41 -14.35
C THR N 302 -46.58 24.21 -13.42
N LEU N 303 -46.48 25.54 -13.45
CA LEU N 303 -47.33 26.35 -12.58
C LEU N 303 -48.81 26.17 -12.93
N GLN N 304 -49.13 26.14 -14.23
CA GLN N 304 -50.52 25.96 -14.62
C GLN N 304 -51.07 24.63 -14.13
N SER N 305 -50.29 23.55 -14.30
CA SER N 305 -50.76 22.24 -13.86
C SER N 305 -50.93 22.19 -12.35
N THR N 306 -50.01 22.81 -11.60
CA THR N 306 -50.13 22.83 -10.15
C THR N 306 -51.38 23.59 -9.71
N LEU N 307 -51.66 24.72 -10.35
CA LEU N 307 -52.89 25.46 -10.02
C LEU N 307 -54.13 24.63 -10.27
N LEU N 308 -54.18 23.96 -11.43
CA LEU N 308 -55.35 23.14 -11.74
C LEU N 308 -55.55 22.03 -10.71
N PHE N 309 -54.46 21.34 -10.34
CA PHE N 309 -54.66 20.26 -9.38
C PHE N 309 -54.96 20.79 -7.98
N SER N 310 -54.47 21.96 -7.61
CA SER N 310 -54.85 22.52 -6.32
C SER N 310 -56.34 22.82 -6.29
N ALA N 311 -56.86 23.39 -7.38
CA ALA N 311 -58.29 23.61 -7.50
C ALA N 311 -59.05 22.29 -7.38
N PHE N 312 -58.52 21.22 -7.96
CA PHE N 312 -59.14 19.91 -7.80
C PHE N 312 -59.14 19.47 -6.33
N LYS N 313 -57.97 19.48 -5.71
CA LYS N 313 -57.75 18.86 -4.41
C LYS N 313 -58.33 19.65 -3.24
N VAL N 314 -58.79 20.89 -3.49
CA VAL N 314 -59.53 21.59 -2.45
C VAL N 314 -60.80 20.83 -2.08
N LYS N 315 -61.46 20.23 -3.08
CA LYS N 315 -62.75 19.57 -2.87
C LYS N 315 -62.64 18.17 -2.29
N ASN N 316 -61.43 17.61 -2.17
CA ASN N 316 -61.26 16.26 -1.62
C ASN N 316 -60.85 16.26 -0.16
N GLN N 317 -60.94 17.40 0.52
CA GLN N 317 -60.51 17.47 1.92
C GLN N 317 -61.37 16.60 2.83
N LYS N 318 -62.69 16.64 2.63
CA LYS N 318 -63.60 15.96 3.54
C LYS N 318 -63.38 14.46 3.55
N SER N 319 -63.21 13.85 2.38
CA SER N 319 -62.97 12.41 2.31
C SER N 319 -61.64 12.04 2.95
N THR N 320 -60.62 12.87 2.76
CA THR N 320 -59.33 12.61 3.39
C THR N 320 -59.44 12.65 4.91
N ARG N 321 -60.12 13.66 5.44
CA ARG N 321 -60.29 13.76 6.89
C ARG N 321 -61.10 12.58 7.43
N ASP N 322 -62.15 12.19 6.71
CA ASP N 322 -62.95 11.03 7.13
C ASP N 322 -62.11 9.77 7.15
N GLU N 323 -61.29 9.55 6.13
CA GLU N 323 -60.46 8.35 6.08
C GLU N 323 -59.43 8.36 7.20
N ILE N 324 -58.83 9.52 7.48
CA ILE N 324 -57.87 9.61 8.57
C ILE N 324 -58.55 9.28 9.90
N LEU N 325 -59.74 9.84 10.12
CA LEU N 325 -60.45 9.57 11.37
C LEU N 325 -60.81 8.10 11.51
N ARG N 326 -61.28 7.48 10.42
CA ARG N 326 -61.63 6.07 10.47
C ARG N 326 -60.40 5.21 10.76
N LEU N 327 -59.28 5.54 10.13
CA LEU N 327 -58.05 4.80 10.41
C LEU N 327 -57.61 4.98 11.86
N SER N 328 -57.77 6.18 12.40
CA SER N 328 -57.33 6.46 13.77
C SER N 328 -58.28 5.90 14.82
N LYS N 329 -59.52 5.58 14.44
CA LYS N 329 -60.46 5.04 15.42
C LYS N 329 -59.97 3.71 16.00
N GLY N 330 -59.44 2.85 15.15
CA GLY N 330 -58.89 1.58 15.59
C GLY N 330 -59.74 0.40 15.14
N LYS N 331 -59.19 -0.79 15.38
CA LYS N 331 -59.84 -2.03 14.99
C LYS N 331 -59.28 -3.21 15.78
N GLU O 179 97.17 -27.07 86.50
CA GLU O 179 97.41 -25.84 87.23
C GLU O 179 97.71 -24.68 86.29
N ILE O 180 99.00 -24.40 86.09
CA ILE O 180 99.39 -23.34 85.18
C ILE O 180 99.05 -23.67 83.74
N LYS O 181 98.83 -24.95 83.41
CA LYS O 181 98.48 -25.34 82.05
C LYS O 181 97.12 -24.79 81.63
N ASN O 182 96.29 -24.35 82.57
CA ASN O 182 94.99 -23.77 82.28
C ASN O 182 94.91 -22.30 82.62
N LEU O 183 95.22 -21.93 83.87
CA LEU O 183 95.08 -20.54 84.29
C LEU O 183 96.15 -19.64 83.68
N ASP O 184 97.35 -20.17 83.43
CA ASP O 184 98.46 -19.39 82.93
C ASP O 184 98.83 -19.73 81.50
N LYS O 185 99.12 -21.01 81.22
CA LYS O 185 99.53 -21.39 79.87
C LYS O 185 98.40 -21.19 78.86
N ALA O 186 97.17 -21.55 79.25
CA ALA O 186 96.03 -21.46 78.34
C ALA O 186 95.40 -20.07 78.30
N LEU O 187 95.97 -19.10 79.02
CA LEU O 187 95.45 -17.74 79.04
C LEU O 187 96.33 -16.78 78.23
N SER O 188 97.17 -17.31 77.34
CA SER O 188 98.10 -16.49 76.57
C SER O 188 97.78 -16.51 75.08
N ARG O 189 97.72 -17.68 74.46
CA ARG O 189 97.53 -17.81 73.01
C ARG O 189 96.38 -18.77 72.73
N PRO O 190 95.16 -18.39 73.09
CA PRO O 190 94.01 -19.25 72.80
C PRO O 190 93.76 -19.37 71.30
N GLU O 191 93.22 -20.51 70.90
CA GLU O 191 92.92 -20.79 69.50
C GLU O 191 91.49 -20.37 69.19
N ARG O 192 91.33 -19.45 68.25
CA ARG O 192 90.01 -18.99 67.88
C ARG O 192 89.22 -20.10 67.20
N PRO O 193 87.89 -20.13 67.37
CA PRO O 193 87.10 -19.22 68.22
C PRO O 193 87.21 -19.56 69.69
N ILE O 194 86.99 -18.58 70.56
CA ILE O 194 87.06 -18.77 72.00
C ILE O 194 85.78 -18.26 72.64
N VAL O 195 85.21 -19.05 73.53
CA VAL O 195 83.94 -18.73 74.17
C VAL O 195 84.03 -19.09 75.64
N ALA O 196 83.49 -18.23 76.50
CA ALA O 196 83.59 -18.38 77.95
C ALA O 196 82.20 -18.31 78.57
N ILE O 197 82.02 -19.08 79.64
CA ILE O 197 80.75 -19.15 80.36
C ILE O 197 80.99 -18.71 81.79
N LEU O 198 80.21 -17.74 82.25
CA LEU O 198 80.30 -17.23 83.62
C LEU O 198 78.95 -17.41 84.31
N GLY O 199 78.89 -18.27 85.32
CA GLY O 199 77.63 -18.53 86.00
C GLY O 199 77.66 -17.99 87.41
N GLY O 200 76.90 -16.94 87.67
CA GLY O 200 76.93 -16.33 88.99
C GLY O 200 75.69 -15.56 89.34
N ALA O 201 75.50 -15.28 90.63
CA ALA O 201 74.31 -14.57 91.06
C ALA O 201 74.63 -13.16 91.55
N LYS O 202 75.74 -12.61 91.09
CA LYS O 202 76.08 -11.24 91.47
C LYS O 202 76.76 -10.51 90.33
N VAL O 203 76.19 -9.39 89.93
CA VAL O 203 76.78 -8.58 88.87
C VAL O 203 78.05 -7.92 89.35
N SER O 204 78.06 -7.52 90.62
CA SER O 204 79.23 -6.84 91.17
C SER O 204 80.19 -7.82 91.83
N ASP O 205 80.13 -9.08 91.44
CA ASP O 205 81.05 -10.07 92.00
C ASP O 205 82.05 -10.56 90.96
N LYS O 206 81.94 -10.07 89.73
CA LYS O 206 82.82 -10.53 88.66
C LYS O 206 83.22 -9.40 87.72
N ILE O 207 83.16 -8.16 88.18
CA ILE O 207 83.45 -7.03 87.29
C ILE O 207 84.84 -7.10 86.67
N GLY O 208 85.85 -7.28 87.50
CA GLY O 208 87.22 -7.35 87.00
C GLY O 208 87.37 -8.49 86.02
N VAL O 209 86.75 -9.62 86.33
CA VAL O 209 86.83 -10.77 85.46
C VAL O 209 86.42 -10.35 84.07
N LEU O 210 85.35 -9.57 83.98
CA LEU O 210 84.89 -9.10 82.68
C LEU O 210 86.00 -8.37 81.97
N ASN O 211 86.65 -7.46 82.67
CA ASN O 211 87.69 -6.66 82.03
C ASN O 211 88.75 -7.52 81.37
N ASN O 212 89.31 -8.48 82.11
CA ASN O 212 90.35 -9.32 81.56
C ASN O 212 89.76 -10.28 80.55
N LEU O 213 88.49 -10.61 80.73
CA LEU O 213 87.80 -11.50 79.80
C LEU O 213 87.49 -10.80 78.49
N LEU O 214 86.91 -9.60 78.56
CA LEU O 214 86.59 -8.86 77.35
C LEU O 214 87.83 -8.49 76.56
N LYS O 215 88.95 -8.23 77.23
CA LYS O 215 90.19 -8.01 76.48
C LYS O 215 90.88 -9.31 76.11
N TYR O 216 90.38 -10.46 76.55
CA TYR O 216 90.91 -11.75 76.16
C TYR O 216 89.94 -12.57 75.32
N VAL O 217 88.69 -12.71 75.77
CA VAL O 217 87.70 -13.53 75.09
C VAL O 217 86.59 -12.64 74.56
N ASP O 218 86.14 -12.92 73.32
CA ASP O 218 85.14 -12.11 72.65
C ASP O 218 83.71 -12.51 73.01
N LYS O 219 83.37 -13.79 72.85
CA LYS O 219 82.00 -14.27 73.02
C LYS O 219 81.87 -14.92 74.40
N ILE O 220 80.91 -14.44 75.19
CA ILE O 220 80.74 -14.86 76.58
C ILE O 220 79.27 -15.15 76.84
N ILE O 221 79.01 -16.30 77.50
CA ILE O 221 77.68 -16.62 78.03
C ILE O 221 77.61 -16.10 79.46
N ILE O 222 76.45 -15.59 79.85
CA ILE O 222 76.23 -15.05 81.19
C ILE O 222 74.94 -15.63 81.73
N GLY O 223 75.00 -16.17 82.94
CA GLY O 223 73.82 -16.77 83.56
C GLY O 223 73.79 -16.48 85.05
N GLY O 224 72.57 -16.40 85.57
CA GLY O 224 72.39 -16.16 87.00
C GLY O 224 71.64 -14.88 87.31
N ALA O 225 71.80 -14.39 88.54
CA ALA O 225 71.13 -13.15 88.94
C ALA O 225 71.76 -11.93 88.29
N MET O 226 73.08 -11.96 88.07
CA MET O 226 73.72 -10.88 87.33
C MET O 226 73.16 -10.76 85.92
N ALA O 227 72.71 -11.89 85.33
CA ALA O 227 72.02 -11.81 84.05
C ALA O 227 70.73 -11.02 84.17
N TYR O 228 69.99 -11.20 85.26
CA TYR O 228 68.79 -10.41 85.47
C TYR O 228 69.11 -8.94 85.72
N THR O 229 70.25 -8.67 86.37
CA THR O 229 70.71 -7.29 86.49
C THR O 229 70.98 -6.69 85.11
N PHE O 230 71.62 -7.46 84.24
CA PHE O 230 71.85 -7.01 82.87
C PHE O 230 70.54 -6.75 82.14
N LEU O 231 69.55 -7.64 82.33
CA LEU O 231 68.25 -7.44 81.70
C LEU O 231 67.58 -6.15 82.20
N ALA O 232 67.69 -5.89 83.50
CA ALA O 232 67.18 -4.62 84.04
C ALA O 232 67.91 -3.44 83.42
N ALA O 233 69.22 -3.57 83.22
CA ALA O 233 69.99 -2.49 82.61
C ALA O 233 69.54 -2.23 81.18
N GLN O 234 69.25 -3.29 80.43
CA GLN O 234 68.85 -3.15 79.03
C GLN O 234 67.48 -2.48 78.89
N GLY O 235 66.67 -2.47 79.95
CA GLY O 235 65.32 -1.93 79.88
C GLY O 235 64.24 -2.98 79.87
N ILE O 236 64.59 -4.25 79.78
CA ILE O 236 63.58 -5.32 79.82
C ILE O 236 62.97 -5.40 81.22
N GLY O 237 61.74 -5.88 81.28
CA GLY O 237 61.12 -6.12 82.58
C GLY O 237 61.80 -7.25 83.33
N ILE O 238 61.73 -7.18 84.65
CA ILE O 238 62.40 -8.14 85.51
C ILE O 238 61.49 -8.79 86.54
N GLY O 239 60.32 -8.23 86.84
CA GLY O 239 59.44 -8.85 87.81
C GLY O 239 60.00 -8.73 89.21
N LYS O 240 59.78 -9.78 90.01
CA LYS O 240 60.24 -9.83 91.40
C LYS O 240 61.59 -10.52 91.55
N SER O 241 62.44 -10.44 90.53
CA SER O 241 63.75 -11.08 90.58
C SER O 241 64.74 -10.23 91.36
N LEU O 242 65.71 -10.90 91.99
CA LEU O 242 66.76 -10.20 92.69
C LEU O 242 67.69 -9.50 91.70
N VAL O 243 68.07 -8.27 92.03
CA VAL O 243 68.90 -7.45 91.17
C VAL O 243 69.99 -6.79 92.02
N GLU O 244 70.85 -6.01 91.36
CA GLU O 244 71.85 -5.17 92.01
C GLU O 244 71.78 -3.80 91.34
N GLU O 245 71.01 -2.90 91.94
CA GLU O 245 70.72 -1.59 91.34
C GLU O 245 71.94 -0.68 91.29
N ASP O 246 73.03 -1.04 91.97
CA ASP O 246 74.21 -0.18 91.96
C ASP O 246 74.93 -0.23 90.62
N LYS O 247 75.05 -1.43 90.02
CA LYS O 247 75.85 -1.64 88.84
C LYS O 247 75.02 -1.68 87.56
N ILE O 248 73.82 -1.10 87.56
CA ILE O 248 73.01 -1.02 86.35
C ILE O 248 73.73 -0.17 85.30
N ASP O 249 74.24 1.00 85.72
CA ASP O 249 74.97 1.85 84.79
C ASP O 249 76.28 1.22 84.37
N LEU O 250 76.88 0.40 85.22
CA LEU O 250 78.08 -0.34 84.83
C LEU O 250 77.76 -1.32 83.71
N ALA O 251 76.62 -2.01 83.81
CA ALA O 251 76.20 -2.91 82.74
C ALA O 251 75.90 -2.14 81.46
N ARG O 252 75.25 -0.98 81.58
CA ARG O 252 75.01 -0.16 80.39
C ARG O 252 76.31 0.25 79.74
N GLU O 253 77.32 0.58 80.54
CA GLU O 253 78.62 0.96 79.99
C GLU O 253 79.32 -0.22 79.32
N TYR O 254 79.27 -1.39 79.95
CA TYR O 254 79.90 -2.57 79.36
C TYR O 254 79.19 -3.05 78.10
N LEU O 255 77.91 -2.72 77.93
CA LEU O 255 77.23 -3.01 76.67
C LEU O 255 77.43 -1.93 75.62
N LYS O 256 77.55 -0.66 76.02
CA LYS O 256 77.69 0.41 75.04
C LYS O 256 79.03 0.31 74.31
N ASN O 257 80.12 0.15 75.05
CA ASN O 257 81.43 0.06 74.42
C ASN O 257 81.53 -1.18 73.54
N ASN O 258 81.21 -2.34 74.09
CA ASN O 258 81.22 -3.60 73.37
C ASN O 258 79.82 -4.17 73.39
N LEU O 259 79.28 -4.48 72.21
CA LEU O 259 77.87 -4.83 72.10
C LEU O 259 77.62 -6.20 71.51
N ASP O 260 78.42 -6.64 70.53
CA ASP O 260 78.26 -7.97 69.95
C ASP O 260 79.18 -8.99 70.61
N LYS O 261 79.12 -9.07 71.94
CA LYS O 261 79.98 -9.98 72.70
C LYS O 261 79.19 -10.97 73.53
N PHE O 262 78.19 -10.51 74.28
CA PHE O 262 77.53 -11.34 75.28
C PHE O 262 76.31 -12.01 74.69
N VAL O 263 75.98 -13.19 75.20
CA VAL O 263 74.81 -13.95 74.78
C VAL O 263 73.99 -14.25 76.04
N LEU O 264 73.03 -13.37 76.32
CA LEU O 264 72.14 -13.59 77.46
C LEU O 264 70.97 -14.49 77.07
N PRO O 265 70.48 -15.29 78.02
CA PRO O 265 69.37 -16.20 77.72
C PRO O 265 68.07 -15.46 77.45
N ILE O 266 67.18 -16.14 76.73
CA ILE O 266 65.89 -15.59 76.34
C ILE O 266 64.75 -16.15 77.19
N ASP O 267 64.74 -17.47 77.39
CA ASP O 267 63.67 -18.11 78.14
C ASP O 267 64.06 -18.27 79.60
N TYR O 268 63.10 -18.03 80.49
CA TYR O 268 63.33 -18.03 81.93
C TYR O 268 62.21 -18.80 82.61
N ALA O 269 62.54 -19.94 83.20
CA ALA O 269 61.58 -20.63 84.05
C ALA O 269 61.37 -19.84 85.32
N LEU O 270 60.10 -19.64 85.70
CA LEU O 270 59.75 -18.79 86.83
C LEU O 270 58.86 -19.54 87.80
N ALA O 271 58.90 -19.09 89.05
CA ALA O 271 58.04 -19.59 90.10
C ALA O 271 57.55 -18.42 90.94
N LYS O 272 56.44 -18.64 91.65
CA LYS O 272 55.84 -17.56 92.42
C LYS O 272 56.77 -17.07 93.52
N ASP O 273 57.43 -17.99 94.23
CA ASP O 273 58.30 -17.61 95.34
C ASP O 273 59.58 -18.43 95.25
N PHE O 274 60.39 -18.37 96.32
CA PHE O 274 61.67 -19.06 96.35
C PHE O 274 61.53 -20.58 96.41
N GLU O 275 60.33 -21.09 96.74
CA GLU O 275 60.13 -22.52 96.85
C GLU O 275 60.26 -23.18 95.49
N ASP O 276 60.93 -24.34 95.46
CA ASP O 276 61.12 -25.09 94.22
C ASP O 276 59.84 -25.85 93.88
N VAL O 277 58.92 -25.12 93.26
CA VAL O 277 57.64 -25.67 92.85
C VAL O 277 57.67 -25.88 91.34
N LYS O 278 56.61 -26.49 90.81
CA LYS O 278 56.53 -26.74 89.38
C LYS O 278 56.63 -25.42 88.62
N PRO O 279 57.58 -25.29 87.69
CA PRO O 279 57.83 -23.98 87.08
C PRO O 279 56.70 -23.54 86.17
N PHE O 280 56.70 -22.23 85.89
CA PHE O 280 55.74 -21.61 84.99
C PHE O 280 56.49 -20.76 83.97
N TYR O 281 55.99 -20.75 82.75
CA TYR O 281 56.67 -20.10 81.63
C TYR O 281 55.85 -18.94 81.09
N ASN O 282 56.55 -18.00 80.46
CA ASN O 282 55.92 -16.92 79.70
C ASN O 282 55.96 -17.31 78.23
N LEU O 283 54.82 -17.79 77.72
CA LEU O 283 54.79 -18.34 76.38
C LEU O 283 55.00 -17.26 75.32
N GLU O 284 54.29 -16.14 75.44
CA GLU O 284 54.45 -15.01 74.54
C GLU O 284 55.38 -13.98 75.16
N ASN O 285 56.29 -13.46 74.34
CA ASN O 285 57.29 -12.48 74.79
C ASN O 285 58.12 -13.06 75.94
N THR O 286 58.88 -14.11 75.60
CA THR O 286 59.65 -14.84 76.60
C THR O 286 60.68 -13.97 77.30
N LEU O 287 61.11 -12.87 76.66
CA LEU O 287 62.08 -11.98 77.31
C LEU O 287 61.51 -11.37 78.57
N GLU O 288 60.26 -10.91 78.53
CA GLU O 288 59.67 -10.22 79.65
C GLU O 288 59.39 -11.18 80.80
N ILE O 289 59.68 -10.73 82.01
CA ILE O 289 59.40 -11.48 83.23
C ILE O 289 58.26 -10.76 83.96
N PRO O 290 57.08 -11.35 84.06
CA PRO O 290 55.94 -10.64 84.63
C PRO O 290 56.08 -10.45 86.13
N ASN O 291 55.23 -9.58 86.67
CA ASN O 291 55.23 -9.29 88.09
C ASN O 291 54.81 -10.53 88.88
N GLY O 292 55.29 -10.60 90.12
CA GLY O 292 55.00 -11.73 90.99
C GLY O 292 55.81 -12.97 90.71
N TYR O 293 56.81 -12.88 89.86
CA TYR O 293 57.68 -14.01 89.54
C TYR O 293 59.13 -13.56 89.58
N MET O 294 60.01 -14.48 89.97
CA MET O 294 61.44 -14.22 89.97
C MET O 294 62.13 -15.25 89.09
N GLY O 295 63.27 -14.86 88.51
CA GLY O 295 64.02 -15.74 87.65
C GLY O 295 65.04 -16.55 88.44
N LEU O 296 65.06 -17.84 88.18
CA LEU O 296 66.02 -18.73 88.83
C LEU O 296 66.78 -19.60 87.85
N ASP O 297 66.13 -20.05 86.77
CA ASP O 297 66.75 -20.94 85.80
C ASP O 297 66.28 -20.54 84.40
N ILE O 298 67.08 -20.92 83.41
CA ILE O 298 66.78 -20.60 82.02
C ILE O 298 65.84 -21.66 81.46
N GLY O 299 65.05 -21.27 80.46
CA GLY O 299 64.06 -22.14 79.88
C GLY O 299 64.58 -22.95 78.70
N PRO O 300 63.71 -23.81 78.15
CA PRO O 300 64.17 -24.71 77.07
C PRO O 300 64.66 -23.98 75.83
N LYS O 301 64.07 -22.84 75.48
CA LYS O 301 64.57 -22.07 74.34
C LYS O 301 65.97 -21.57 74.62
N SER O 302 66.21 -21.07 75.83
CA SER O 302 67.56 -20.66 76.22
C SER O 302 68.52 -21.84 76.19
N ILE O 303 68.04 -23.01 76.62
CA ILE O 303 68.85 -24.22 76.56
C ILE O 303 69.28 -24.51 75.13
N GLU O 304 68.33 -24.46 74.20
CA GLU O 304 68.62 -24.78 72.81
C GLU O 304 69.58 -23.77 72.18
N VAL O 305 69.36 -22.48 72.45
CA VAL O 305 70.25 -21.47 71.85
C VAL O 305 71.64 -21.56 72.45
N PHE O 306 71.74 -21.85 73.75
CA PHE O 306 73.06 -22.05 74.36
C PHE O 306 73.76 -23.27 73.78
N LYS O 307 73.01 -24.35 73.54
CA LYS O 307 73.60 -25.53 72.92
C LYS O 307 74.09 -25.21 71.51
N LYS O 308 73.32 -24.43 70.76
CA LYS O 308 73.75 -24.02 69.42
C LYS O 308 75.03 -23.20 69.48
N TYR O 309 75.13 -22.27 70.45
CA TYR O 309 76.36 -21.51 70.60
C TYR O 309 77.53 -22.40 71.01
N ILE O 310 77.25 -23.41 71.84
CA ILE O 310 78.31 -24.31 72.31
C ILE O 310 78.84 -25.17 71.17
N LYS O 311 77.96 -25.58 70.26
CA LYS O 311 78.36 -26.50 69.19
C LYS O 311 79.54 -25.96 68.40
N ASP O 312 79.47 -24.70 67.97
CA ASP O 312 80.56 -24.05 67.25
C ASP O 312 81.45 -23.35 68.27
N ALA O 313 82.48 -24.06 68.72
CA ALA O 313 83.39 -23.53 69.73
C ALA O 313 84.68 -24.33 69.70
N LYS O 314 85.72 -23.75 70.32
CA LYS O 314 87.02 -24.41 70.43
C LYS O 314 87.59 -24.41 71.84
N THR O 315 87.19 -23.49 72.71
CA THR O 315 87.62 -23.49 74.10
C THR O 315 86.40 -23.26 74.98
N ILE O 316 86.34 -23.98 76.10
CA ILE O 316 85.25 -23.82 77.07
C ILE O 316 85.86 -23.52 78.43
N LEU O 317 85.41 -22.42 79.05
CA LEU O 317 85.86 -21.99 80.37
C LEU O 317 84.65 -21.81 81.27
N TRP O 318 84.21 -22.89 81.90
CA TRP O 318 83.03 -22.85 82.75
C TRP O 318 83.39 -22.31 84.13
N ASN O 319 82.55 -21.40 84.64
CA ASN O 319 82.75 -20.82 85.97
C ASN O 319 81.39 -20.50 86.56
N GLY O 320 80.89 -21.39 87.42
CA GLY O 320 79.67 -21.14 88.15
C GLY O 320 78.43 -21.66 87.46
N PRO O 321 77.33 -21.76 88.21
CA PRO O 321 76.07 -22.23 87.61
C PRO O 321 75.24 -21.10 87.03
N LEU O 322 74.81 -21.25 85.77
CA LEU O 322 73.98 -20.22 85.15
C LEU O 322 72.59 -20.17 85.76
N GLY O 323 72.12 -21.28 86.30
CA GLY O 323 70.84 -21.35 86.98
C GLY O 323 70.98 -21.36 88.48
N VAL O 324 70.05 -22.01 89.15
CA VAL O 324 70.09 -22.21 90.60
C VAL O 324 70.18 -23.72 90.82
N THR O 325 71.39 -24.20 91.12
CA THR O 325 71.60 -25.64 91.27
C THR O 325 71.03 -26.16 92.59
N GLU O 326 70.95 -25.32 93.62
CA GLU O 326 70.52 -25.75 94.93
C GLU O 326 69.05 -26.20 94.96
N PHE O 327 68.27 -25.89 93.93
CA PHE O 327 66.88 -26.29 93.87
C PHE O 327 66.71 -27.45 92.90
N LYS O 328 65.87 -28.41 93.28
CA LYS O 328 65.65 -29.58 92.43
C LYS O 328 64.99 -29.21 91.11
N TYR O 329 63.94 -28.38 91.17
CA TYR O 329 63.19 -27.97 89.99
C TYR O 329 63.81 -26.78 89.27
N PHE O 330 65.10 -26.50 89.50
CA PHE O 330 65.77 -25.42 88.79
C PHE O 330 67.20 -25.78 88.39
N LYS O 331 67.53 -27.07 88.29
CA LYS O 331 68.88 -27.51 87.95
C LYS O 331 68.94 -28.22 86.61
N GLU O 332 67.88 -28.13 85.78
CA GLU O 332 67.94 -28.75 84.47
C GLU O 332 68.89 -28.01 83.54
N GLY O 333 69.00 -26.68 83.70
CA GLY O 333 69.86 -25.92 82.81
C GLY O 333 71.32 -26.30 82.95
N THR O 334 71.79 -26.44 84.20
CA THR O 334 73.20 -26.76 84.42
C THR O 334 73.54 -28.15 83.88
N LYS O 335 72.67 -29.14 84.12
CA LYS O 335 72.95 -30.47 83.61
C LYS O 335 72.90 -30.50 82.09
N ALA O 336 71.95 -29.78 81.48
CA ALA O 336 71.87 -29.74 80.03
C ALA O 336 73.11 -29.10 79.42
N ILE O 337 73.56 -27.98 80.00
CA ILE O 337 74.75 -27.32 79.46
C ILE O 337 75.99 -28.17 79.69
N ALA O 338 76.05 -28.89 80.81
CA ALA O 338 77.18 -29.79 81.04
C ALA O 338 77.21 -30.92 80.01
N LYS O 339 76.05 -31.49 79.70
CA LYS O 339 75.99 -32.52 78.68
C LYS O 339 76.39 -31.97 77.32
N ALA O 340 75.95 -30.74 77.00
CA ALA O 340 76.32 -30.12 75.74
C ALA O 340 77.83 -29.90 75.66
N ILE O 341 78.44 -29.43 76.75
CA ILE O 341 79.87 -29.16 76.76
C ILE O 341 80.67 -30.46 76.73
N THR O 342 80.15 -31.54 77.30
CA THR O 342 80.90 -32.79 77.36
C THR O 342 80.76 -33.63 76.10
N GLU O 343 79.59 -33.62 75.46
CA GLU O 343 79.38 -34.41 74.25
C GLU O 343 80.26 -33.94 73.09
N LEU O 344 80.73 -32.70 73.13
CA LEU O 344 81.59 -32.17 72.08
C LEU O 344 82.62 -31.20 72.65
N VAL O 348 89.70 -28.66 70.07
CA VAL O 348 88.72 -28.13 71.01
C VAL O 348 89.02 -28.63 72.42
N TYR O 349 89.12 -27.72 73.38
CA TYR O 349 89.44 -28.07 74.76
C TYR O 349 88.47 -27.41 75.72
N THR O 350 87.93 -28.21 76.64
CA THR O 350 87.03 -27.71 77.67
C THR O 350 87.69 -27.86 79.03
N VAL O 351 87.45 -26.89 79.90
CA VAL O 351 88.03 -26.91 81.25
C VAL O 351 87.03 -26.28 82.21
N VAL O 352 87.40 -26.21 83.49
CA VAL O 352 86.56 -25.58 84.50
C VAL O 352 87.40 -24.56 85.25
N GLY O 353 86.84 -23.37 85.46
CA GLY O 353 87.58 -22.31 86.11
C GLY O 353 86.83 -21.64 87.24
N GLY O 354 86.04 -22.41 87.99
CA GLY O 354 85.28 -21.84 89.09
C GLY O 354 85.03 -22.85 90.18
N GLY O 355 84.95 -22.36 91.41
CA GLY O 355 84.66 -23.23 92.54
C GLY O 355 83.25 -23.77 92.48
N ASP O 356 82.28 -22.92 92.12
CA ASP O 356 80.91 -23.37 91.96
C ASP O 356 80.78 -24.36 90.80
N SER O 357 81.52 -24.11 89.72
CA SER O 357 81.56 -25.08 88.62
C SER O 357 82.16 -26.40 89.07
N VAL O 358 83.20 -26.34 89.91
CA VAL O 358 83.80 -27.57 90.44
C VAL O 358 82.79 -28.33 91.29
N ALA O 359 82.03 -27.61 92.12
CA ALA O 359 81.01 -28.25 92.93
C ALA O 359 79.93 -28.90 92.06
N ILE O 360 79.50 -28.19 91.02
CA ILE O 360 78.48 -28.73 90.12
C ILE O 360 79.01 -29.98 89.42
N ILE O 361 80.28 -29.95 89.02
CA ILE O 361 80.88 -31.11 88.35
C ILE O 361 80.94 -32.30 89.31
N GLU O 362 81.37 -32.06 90.56
CA GLU O 362 81.45 -33.14 91.53
C GLU O 362 80.07 -33.72 91.82
N GLU O 363 79.06 -32.86 91.95
CA GLU O 363 77.71 -33.33 92.26
C GLU O 363 76.98 -33.90 91.04
N LEU O 364 77.51 -33.70 89.84
CA LEU O 364 76.85 -34.18 88.63
C LEU O 364 77.74 -35.02 87.72
N GLY O 365 79.03 -35.11 87.98
CA GLY O 365 79.93 -35.85 87.11
C GLY O 365 80.18 -35.14 85.80
N LEU O 366 80.82 -33.97 85.86
CA LEU O 366 81.06 -33.16 84.67
C LEU O 366 82.54 -32.97 84.41
N ASP O 367 83.32 -34.05 84.55
CA ASP O 367 84.75 -34.03 84.25
C ASP O 367 85.08 -34.84 83.00
N ARG O 368 84.07 -35.20 82.21
CA ARG O 368 84.30 -35.98 81.00
C ARG O 368 85.10 -35.18 79.97
N ARG O 369 84.77 -33.90 79.82
CA ARG O 369 85.46 -33.03 78.88
C ARG O 369 86.38 -32.03 79.54
N PHE O 370 86.02 -31.51 80.72
CA PHE O 370 86.89 -30.56 81.42
C PHE O 370 88.15 -31.26 81.89
N SER O 371 89.31 -30.66 81.57
CA SER O 371 90.58 -31.24 82.00
C SER O 371 90.73 -31.17 83.52
N HIS O 372 90.51 -29.99 84.10
CA HIS O 372 90.64 -29.81 85.54
C HIS O 372 89.82 -28.59 85.95
N VAL O 373 89.55 -28.52 87.25
CA VAL O 373 88.81 -27.41 87.84
C VAL O 373 89.75 -26.66 88.77
N SER O 374 89.51 -25.35 88.91
CA SER O 374 90.37 -24.49 89.70
C SER O 374 89.96 -24.46 91.17
N THR O 375 88.69 -24.15 91.45
CA THR O 375 88.19 -23.93 92.80
C THR O 375 89.02 -22.89 93.54
N GLY O 376 89.41 -21.84 92.82
CA GLY O 376 90.27 -20.82 93.38
C GLY O 376 89.52 -19.73 94.13
N GLY O 377 88.23 -19.58 93.85
CA GLY O 377 87.45 -18.53 94.47
C GLY O 377 88.02 -17.15 94.20
N GLY O 378 88.55 -16.51 95.25
CA GLY O 378 89.27 -15.27 95.05
C GLY O 378 90.53 -15.46 94.24
N ALA O 379 91.21 -16.61 94.41
CA ALA O 379 92.39 -16.91 93.61
C ALA O 379 92.02 -17.07 92.14
N THR O 380 90.90 -17.74 91.86
CA THR O 380 90.45 -17.88 90.48
C THR O 380 90.09 -16.52 89.89
N LEU O 381 89.44 -15.66 90.67
CA LEU O 381 89.10 -14.33 90.19
C LEU O 381 90.35 -13.52 89.89
N GLU O 382 91.36 -13.61 90.77
CA GLU O 382 92.61 -12.88 90.53
C GLU O 382 93.34 -13.41 89.32
N PHE O 383 93.38 -14.73 89.15
CA PHE O 383 94.00 -15.31 87.96
C PHE O 383 93.21 -14.98 86.70
N LEU O 384 91.90 -14.80 86.83
CA LEU O 384 91.07 -14.38 85.71
C LEU O 384 90.98 -12.87 85.57
N GLU O 385 91.59 -12.12 86.49
CA GLU O 385 91.62 -10.66 86.39
C GLU O 385 92.98 -10.18 85.91
N GLU P 179 -87.82 24.57 -102.18
CA GLU P 179 -86.62 24.13 -101.47
C GLU P 179 -85.50 23.78 -102.45
N ILE P 180 -85.60 24.30 -103.66
CA ILE P 180 -84.55 24.07 -104.66
C ILE P 180 -83.28 24.81 -104.28
N LYS P 181 -83.40 26.05 -103.82
CA LYS P 181 -82.23 26.82 -103.42
C LYS P 181 -81.53 26.20 -102.22
N ASN P 182 -82.30 25.88 -101.17
CA ASN P 182 -81.71 25.30 -99.97
C ASN P 182 -81.05 23.94 -100.25
N LEU P 183 -81.49 23.24 -101.29
CA LEU P 183 -80.91 21.94 -101.63
C LEU P 183 -79.73 22.06 -102.59
N ASP P 184 -79.70 23.10 -103.43
CA ASP P 184 -78.64 23.23 -104.43
C ASP P 184 -77.49 24.10 -103.95
N LYS P 185 -77.78 25.29 -103.43
CA LYS P 185 -76.70 26.18 -102.97
C LYS P 185 -75.97 25.60 -101.77
N ALA P 186 -76.70 25.00 -100.83
CA ALA P 186 -76.07 24.39 -99.66
C ALA P 186 -75.28 23.14 -100.02
N LEU P 187 -75.46 22.59 -101.22
CA LEU P 187 -74.72 21.42 -101.68
C LEU P 187 -73.51 21.78 -102.51
N SER P 188 -73.65 22.71 -103.45
CA SER P 188 -72.55 23.06 -104.34
C SER P 188 -71.50 23.90 -103.62
N ARG P 189 -71.93 24.81 -102.75
CA ARG P 189 -71.02 25.69 -102.02
C ARG P 189 -71.37 25.69 -100.54
N PRO P 190 -71.21 24.55 -99.88
CA PRO P 190 -71.46 24.50 -98.43
C PRO P 190 -70.34 25.18 -97.65
N GLU P 191 -70.70 25.71 -96.49
CA GLU P 191 -69.77 26.40 -95.62
C GLU P 191 -69.02 25.35 -94.79
N ARG P 192 -67.94 24.83 -95.36
CA ARG P 192 -67.13 23.85 -94.65
C ARG P 192 -66.42 24.50 -93.47
N PRO P 193 -66.25 23.79 -92.34
CA PRO P 193 -66.68 22.40 -92.12
C PRO P 193 -68.18 22.28 -91.87
N ILE P 194 -68.75 21.11 -92.15
CA ILE P 194 -70.17 20.87 -91.99
C ILE P 194 -70.38 19.59 -91.18
N VAL P 195 -71.64 19.33 -90.85
CA VAL P 195 -72.02 18.15 -90.09
C VAL P 195 -73.23 17.51 -90.78
N ALA P 196 -73.38 16.21 -90.56
CA ALA P 196 -74.50 15.45 -91.12
C ALA P 196 -75.20 14.68 -90.02
N ILE P 197 -76.51 14.86 -89.92
CA ILE P 197 -77.27 14.17 -88.89
C ILE P 197 -78.24 13.22 -89.56
N LEU P 198 -77.75 12.05 -89.94
CA LEU P 198 -78.60 11.05 -90.58
C LEU P 198 -79.41 10.26 -89.57
N GLY P 199 -80.66 10.66 -89.36
CA GLY P 199 -81.53 9.93 -88.46
C GLY P 199 -82.43 9.01 -89.24
N GLY P 200 -82.45 7.72 -88.90
CA GLY P 200 -83.25 6.77 -89.65
C GLY P 200 -83.40 5.42 -88.98
N ALA P 201 -84.22 4.55 -89.56
CA ALA P 201 -84.46 3.23 -88.96
C ALA P 201 -83.54 2.16 -89.48
N LYS P 202 -83.12 2.28 -90.73
CA LYS P 202 -82.24 1.27 -91.30
C LYS P 202 -81.04 1.89 -91.99
N VAL P 203 -79.92 1.18 -91.97
CA VAL P 203 -78.72 1.68 -92.63
C VAL P 203 -78.94 1.66 -94.14
N SER P 204 -79.42 0.54 -94.65
CA SER P 204 -79.65 0.43 -96.09
C SER P 204 -80.54 1.55 -96.56
N ASP P 205 -81.36 2.08 -95.65
CA ASP P 205 -82.28 3.15 -96.03
C ASP P 205 -81.56 4.33 -96.64
N LYS P 206 -80.44 4.74 -96.05
CA LYS P 206 -79.77 5.94 -96.54
C LYS P 206 -78.29 5.73 -96.87
N ILE P 207 -77.95 4.55 -97.37
CA ILE P 207 -76.54 4.25 -97.67
C ILE P 207 -75.97 5.16 -98.75
N GLY P 208 -76.74 5.43 -99.79
CA GLY P 208 -76.24 6.24 -100.88
C GLY P 208 -75.88 7.63 -100.43
N VAL P 209 -76.77 8.25 -99.67
CA VAL P 209 -76.48 9.58 -99.16
C VAL P 209 -75.17 9.49 -98.39
N LEU P 210 -75.00 8.40 -97.66
CA LEU P 210 -73.78 8.21 -96.86
C LEU P 210 -72.55 8.15 -97.75
N ASN P 211 -72.62 7.33 -98.80
CA ASN P 211 -71.49 7.22 -99.70
C ASN P 211 -71.15 8.60 -100.18
N ASN P 212 -72.18 9.40 -100.45
CA ASN P 212 -71.96 10.77 -100.86
C ASN P 212 -71.46 11.57 -99.67
N LEU P 213 -72.21 11.55 -98.57
CA LEU P 213 -71.77 12.27 -97.37
C LEU P 213 -70.39 11.85 -96.92
N LEU P 214 -69.94 10.64 -97.25
CA LEU P 214 -68.56 10.24 -96.99
C LEU P 214 -67.56 11.06 -97.78
N LYS P 215 -67.99 11.81 -98.79
CA LYS P 215 -67.13 12.72 -99.51
C LYS P 215 -67.53 14.19 -99.34
N TYR P 216 -68.75 14.46 -98.88
CA TYR P 216 -69.21 15.83 -98.69
C TYR P 216 -68.82 16.42 -97.34
N VAL P 217 -68.75 15.60 -96.29
CA VAL P 217 -68.47 16.09 -94.94
C VAL P 217 -67.42 15.19 -94.29
N ASP P 218 -66.96 15.62 -93.13
CA ASP P 218 -65.97 14.88 -92.35
C ASP P 218 -66.53 14.28 -91.07
N LYS P 219 -67.34 15.03 -90.31
CA LYS P 219 -68.02 14.50 -89.14
C LYS P 219 -69.43 14.08 -89.54
N ILE P 220 -69.83 12.87 -89.13
CA ILE P 220 -71.11 12.30 -89.50
C ILE P 220 -71.80 11.80 -88.23
N ILE P 221 -72.94 12.38 -87.90
CA ILE P 221 -73.76 11.91 -86.79
C ILE P 221 -74.80 10.94 -87.33
N ILE P 222 -74.89 9.77 -86.70
CA ILE P 222 -75.84 8.74 -87.08
C ILE P 222 -76.84 8.55 -85.95
N GLY P 223 -78.12 8.67 -86.27
CA GLY P 223 -79.16 8.52 -85.27
C GLY P 223 -80.24 7.56 -85.72
N GLY P 224 -80.73 6.78 -84.78
CA GLY P 224 -81.71 5.74 -85.06
C GLY P 224 -81.07 4.36 -84.95
N ALA P 225 -81.80 3.38 -85.48
CA ALA P 225 -81.32 2.01 -85.47
C ALA P 225 -80.10 1.80 -86.36
N MET P 226 -79.76 2.77 -87.21
CA MET P 226 -78.50 2.70 -87.94
C MET P 226 -77.32 2.72 -86.98
N ALA P 227 -77.39 3.54 -85.92
CA ALA P 227 -76.36 3.54 -84.90
C ALA P 227 -76.27 2.18 -84.22
N TYR P 228 -77.42 1.53 -84.02
CA TYR P 228 -77.43 0.21 -83.42
C TYR P 228 -76.79 -0.82 -84.35
N THR P 229 -77.02 -0.70 -85.65
CA THR P 229 -76.32 -1.54 -86.62
C THR P 229 -74.81 -1.32 -86.55
N PHE P 230 -74.39 -0.06 -86.46
CA PHE P 230 -72.98 0.25 -86.33
C PHE P 230 -72.39 -0.40 -85.08
N LEU P 231 -73.11 -0.31 -83.96
CA LEU P 231 -72.63 -0.89 -82.71
C LEU P 231 -72.54 -2.41 -82.81
N ALA P 232 -73.54 -3.04 -83.41
CA ALA P 232 -73.49 -4.49 -83.60
C ALA P 232 -72.33 -4.88 -84.50
N ALA P 233 -71.99 -4.05 -85.47
CA ALA P 233 -70.80 -4.28 -86.28
C ALA P 233 -69.52 -4.10 -85.47
N GLN P 234 -69.61 -3.44 -84.31
CA GLN P 234 -68.44 -3.06 -83.52
C GLN P 234 -68.24 -3.95 -82.31
N GLY P 235 -68.71 -5.20 -82.37
CA GLY P 235 -68.51 -6.14 -81.28
C GLY P 235 -69.09 -5.66 -79.97
N ILE P 236 -70.32 -5.16 -80.00
CA ILE P 236 -70.99 -4.59 -78.84
C ILE P 236 -72.30 -5.32 -78.64
N GLY P 237 -72.58 -5.72 -77.41
CA GLY P 237 -73.85 -6.34 -77.08
C GLY P 237 -75.01 -5.40 -77.31
N ILE P 238 -75.99 -5.83 -78.10
CA ILE P 238 -77.12 -4.97 -78.47
C ILE P 238 -78.42 -5.60 -77.98
N GLY P 239 -78.45 -6.93 -77.89
CA GLY P 239 -79.66 -7.62 -77.50
C GLY P 239 -80.51 -8.04 -78.69
N LYS P 240 -81.60 -7.30 -78.95
CA LYS P 240 -82.49 -7.63 -80.04
C LYS P 240 -82.97 -6.39 -80.79
N SER P 241 -82.17 -5.32 -80.77
CA SER P 241 -82.55 -4.10 -81.47
C SER P 241 -82.45 -4.31 -82.98
N LEU P 242 -83.45 -3.80 -83.70
CA LEU P 242 -83.53 -4.03 -85.14
C LEU P 242 -82.33 -3.41 -85.85
N VAL P 243 -81.71 -4.19 -86.73
CA VAL P 243 -80.49 -3.79 -87.43
C VAL P 243 -80.43 -4.51 -88.76
N GLU P 244 -79.91 -3.82 -89.77
CA GLU P 244 -79.68 -4.41 -91.08
C GLU P 244 -78.41 -5.24 -91.02
N GLU P 245 -78.58 -6.53 -90.73
CA GLU P 245 -77.44 -7.44 -90.63
C GLU P 245 -76.68 -7.53 -91.95
N ASP P 246 -77.37 -7.30 -93.07
CA ASP P 246 -76.66 -7.24 -94.35
C ASP P 246 -75.80 -5.99 -94.46
N LYS P 247 -76.19 -4.91 -93.79
CA LYS P 247 -75.41 -3.69 -93.77
C LYS P 247 -74.37 -3.65 -92.66
N ILE P 248 -74.35 -4.66 -91.78
CA ILE P 248 -73.38 -4.69 -90.69
C ILE P 248 -71.96 -4.75 -91.24
N ASP P 249 -71.72 -5.67 -92.17
CA ASP P 249 -70.39 -5.83 -92.73
C ASP P 249 -69.99 -4.62 -93.57
N LEU P 250 -70.95 -4.02 -94.28
CA LEU P 250 -70.66 -2.81 -95.03
C LEU P 250 -70.26 -1.67 -94.10
N ALA P 251 -70.96 -1.50 -92.98
CA ALA P 251 -70.60 -0.47 -92.02
C ALA P 251 -69.24 -0.75 -91.39
N ARG P 252 -68.95 -2.01 -91.10
CA ARG P 252 -67.63 -2.36 -90.55
C ARG P 252 -66.53 -2.05 -91.54
N GLU P 253 -66.74 -2.38 -92.82
CA GLU P 253 -65.74 -2.07 -93.84
C GLU P 253 -65.58 -0.57 -94.01
N TYR P 254 -66.68 0.19 -93.92
CA TYR P 254 -66.58 1.64 -93.96
C TYR P 254 -65.75 2.17 -92.80
N LEU P 255 -65.97 1.63 -91.59
CA LEU P 255 -65.15 2.02 -90.46
C LEU P 255 -63.68 1.68 -90.68
N LYS P 256 -63.41 0.52 -91.28
CA LYS P 256 -62.03 0.13 -91.54
C LYS P 256 -61.37 1.08 -92.53
N ASN P 257 -62.10 1.49 -93.58
CA ASN P 257 -61.55 2.40 -94.57
C ASN P 257 -61.56 3.84 -94.06
N ASN P 258 -62.68 4.27 -93.47
CA ASN P 258 -62.82 5.63 -92.94
C ASN P 258 -62.75 5.55 -91.41
N LEU P 259 -61.67 6.10 -90.85
CA LEU P 259 -61.34 5.90 -89.45
C LEU P 259 -61.80 7.03 -88.55
N ASP P 260 -62.03 8.23 -89.10
CA ASP P 260 -62.44 9.38 -88.32
C ASP P 260 -63.57 10.11 -89.03
N LYS P 261 -64.56 9.36 -89.53
CA LYS P 261 -65.66 9.94 -90.27
C LYS P 261 -67.01 9.44 -89.75
N PHE P 262 -67.08 9.11 -88.46
CA PHE P 262 -68.33 8.65 -87.86
C PHE P 262 -68.42 9.18 -86.43
N VAL P 263 -69.65 9.45 -86.00
CA VAL P 263 -69.95 9.80 -84.62
C VAL P 263 -71.10 8.91 -84.15
N LEU P 264 -70.90 8.21 -83.04
CA LEU P 264 -71.90 7.29 -82.52
C LEU P 264 -72.24 7.62 -81.08
N PRO P 265 -73.50 7.47 -80.68
CA PRO P 265 -73.89 7.83 -79.32
C PRO P 265 -73.28 6.89 -78.29
N ILE P 266 -73.12 7.40 -77.08
CA ILE P 266 -72.50 6.66 -75.99
C ILE P 266 -73.50 6.29 -74.90
N ASP P 267 -74.46 7.18 -74.62
CA ASP P 267 -75.40 7.00 -73.54
C ASP P 267 -76.81 6.88 -74.09
N TYR P 268 -77.60 5.98 -73.50
CA TYR P 268 -78.92 5.65 -74.01
C TYR P 268 -79.92 5.64 -72.87
N ALA P 269 -81.19 5.81 -73.23
CA ALA P 269 -82.32 5.64 -72.32
C ALA P 269 -83.11 4.44 -72.79
N LEU P 270 -83.01 3.33 -72.06
CA LEU P 270 -83.44 2.03 -72.55
C LEU P 270 -84.67 1.55 -71.81
N ALA P 271 -85.50 0.77 -72.52
CA ALA P 271 -86.67 0.15 -71.94
C ALA P 271 -86.87 -1.22 -72.59
N LYS P 272 -87.15 -2.24 -71.77
CA LYS P 272 -87.32 -3.58 -72.30
C LYS P 272 -88.53 -3.67 -73.22
N ASP P 273 -89.64 -3.05 -72.84
CA ASP P 273 -90.85 -3.04 -73.65
C ASP P 273 -90.86 -1.78 -74.52
N PHE P 274 -92.00 -1.52 -75.17
CA PHE P 274 -92.16 -0.35 -76.02
C PHE P 274 -93.33 0.53 -75.60
N GLU P 275 -94.18 0.08 -74.69
CA GLU P 275 -95.42 0.79 -74.35
C GLU P 275 -95.13 1.87 -73.29
N ASP P 276 -94.39 2.89 -73.73
CA ASP P 276 -94.13 4.08 -72.92
C ASP P 276 -93.53 3.72 -71.57
N VAL P 277 -92.52 2.86 -71.61
CA VAL P 277 -91.89 2.35 -70.39
C VAL P 277 -90.85 3.34 -69.91
N LYS P 278 -90.71 3.45 -68.59
CA LYS P 278 -89.74 4.38 -68.02
C LYS P 278 -88.33 3.97 -68.43
N PRO P 279 -87.49 4.93 -68.83
CA PRO P 279 -86.14 4.58 -69.30
C PRO P 279 -85.28 3.99 -68.20
N PHE P 280 -84.38 3.10 -68.60
CA PHE P 280 -83.40 2.50 -67.72
C PHE P 280 -82.01 2.94 -68.16
N TYR P 281 -81.23 3.45 -67.21
CA TYR P 281 -79.94 4.07 -67.50
C TYR P 281 -78.80 3.14 -67.10
N ASN P 282 -77.76 3.11 -67.92
CA ASN P 282 -76.57 2.32 -67.64
C ASN P 282 -75.56 3.20 -66.92
N LEU P 283 -75.33 2.92 -65.64
CA LEU P 283 -74.45 3.77 -64.84
C LEU P 283 -72.99 3.62 -65.27
N GLU P 284 -72.56 2.41 -65.56
CA GLU P 284 -71.16 2.12 -65.85
C GLU P 284 -71.05 1.22 -67.07
N ASN P 285 -70.06 1.51 -67.91
CA ASN P 285 -69.92 0.91 -69.23
C ASN P 285 -71.21 1.06 -70.05
N THR P 286 -71.54 2.33 -70.33
CA THR P 286 -72.79 2.65 -70.99
C THR P 286 -72.81 2.17 -72.44
N LEU P 287 -71.65 1.97 -73.07
CA LEU P 287 -71.61 1.56 -74.46
C LEU P 287 -72.24 0.19 -74.69
N GLU P 288 -72.37 -0.62 -73.65
CA GLU P 288 -72.85 -1.98 -73.79
C GLU P 288 -74.32 -2.04 -73.42
N ILE P 289 -75.13 -2.64 -74.31
CA ILE P 289 -76.54 -2.88 -74.02
C ILE P 289 -76.65 -4.22 -73.30
N PRO P 290 -77.29 -4.27 -72.13
CA PRO P 290 -77.34 -5.53 -71.37
C PRO P 290 -78.14 -6.62 -72.06
N ASN P 291 -78.19 -7.80 -71.44
CA ASN P 291 -78.98 -8.91 -71.97
C ASN P 291 -80.45 -8.70 -71.62
N GLY P 292 -81.31 -8.84 -72.62
CA GLY P 292 -82.73 -8.64 -72.44
C GLY P 292 -83.20 -7.20 -72.52
N TYR P 293 -82.28 -6.26 -72.68
CA TYR P 293 -82.60 -4.85 -72.82
C TYR P 293 -82.41 -4.42 -74.27
N MET P 294 -83.16 -3.41 -74.68
CA MET P 294 -83.03 -2.86 -76.03
C MET P 294 -83.12 -1.34 -75.95
N GLY P 295 -82.40 -0.68 -76.86
CA GLY P 295 -82.32 0.77 -76.86
C GLY P 295 -83.40 1.42 -77.72
N LEU P 296 -83.80 2.61 -77.31
CA LEU P 296 -84.82 3.37 -78.02
C LEU P 296 -84.39 4.79 -78.34
N ASP P 297 -83.61 5.44 -77.46
CA ASP P 297 -83.26 6.84 -77.64
C ASP P 297 -81.93 7.10 -76.95
N ILE P 298 -81.24 8.15 -77.41
CA ILE P 298 -79.93 8.49 -76.88
C ILE P 298 -80.09 9.33 -75.62
N GLY P 299 -79.14 9.19 -74.70
CA GLY P 299 -79.23 9.84 -73.41
C GLY P 299 -78.50 11.16 -73.34
N PRO P 300 -78.46 11.76 -72.14
CA PRO P 300 -77.84 13.09 -71.99
C PRO P 300 -76.36 13.13 -72.38
N LYS P 301 -75.60 12.09 -72.09
CA LYS P 301 -74.18 12.10 -72.46
C LYS P 301 -74.01 12.05 -73.97
N SER P 302 -74.82 11.23 -74.65
CA SER P 302 -74.84 11.27 -76.11
C SER P 302 -75.31 12.62 -76.62
N ILE P 303 -76.25 13.24 -75.89
CA ILE P 303 -76.70 14.58 -76.26
C ILE P 303 -75.54 15.57 -76.24
N GLU P 304 -74.73 15.52 -75.18
CA GLU P 304 -73.58 16.42 -75.09
C GLU P 304 -72.54 16.09 -76.15
N VAL P 305 -72.30 14.80 -76.41
CA VAL P 305 -71.32 14.40 -77.42
C VAL P 305 -71.71 14.93 -78.79
N PHE P 306 -72.99 14.80 -79.15
CA PHE P 306 -73.45 15.33 -80.44
C PHE P 306 -73.49 16.84 -80.44
N LYS P 307 -73.82 17.46 -79.28
CA LYS P 307 -73.89 18.91 -79.19
C LYS P 307 -72.53 19.54 -79.46
N LYS P 308 -71.47 18.94 -78.91
CA LYS P 308 -70.12 19.44 -79.17
C LYS P 308 -69.85 19.48 -80.67
N TYR P 309 -70.14 18.38 -81.37
CA TYR P 309 -69.85 18.30 -82.80
C TYR P 309 -70.70 19.28 -83.60
N ILE P 310 -71.98 19.42 -83.28
CA ILE P 310 -72.81 20.32 -84.08
C ILE P 310 -72.43 21.77 -83.83
N LYS P 311 -72.13 22.13 -82.58
CA LYS P 311 -71.73 23.50 -82.30
C LYS P 311 -70.36 23.81 -82.91
N ASP P 312 -69.48 22.81 -83.00
CA ASP P 312 -68.18 23.03 -83.64
C ASP P 312 -68.33 23.35 -85.12
N ALA P 313 -69.25 22.66 -85.79
CA ALA P 313 -69.36 22.76 -87.25
C ALA P 313 -70.05 24.06 -87.64
N LYS P 314 -70.38 24.20 -88.92
CA LYS P 314 -71.02 25.39 -89.45
C LYS P 314 -72.44 25.14 -89.94
N THR P 315 -72.64 24.15 -90.80
CA THR P 315 -73.95 23.88 -91.39
C THR P 315 -74.39 22.47 -91.00
N ILE P 316 -75.71 22.26 -91.01
CA ILE P 316 -76.31 20.98 -90.63
C ILE P 316 -77.36 20.59 -91.67
N LEU P 317 -77.67 19.30 -91.68
CA LEU P 317 -78.65 18.71 -92.60
C LEU P 317 -79.55 17.76 -91.83
N TRP P 318 -80.09 18.23 -90.71
CA TRP P 318 -80.87 17.39 -89.81
C TRP P 318 -82.03 16.72 -90.54
N ASN P 319 -82.10 15.39 -90.46
CA ASN P 319 -83.12 14.68 -91.27
C ASN P 319 -83.53 13.37 -90.59
N GLY P 320 -83.50 13.34 -89.26
CA GLY P 320 -83.79 12.07 -88.58
C GLY P 320 -84.23 12.27 -87.15
N PRO P 321 -85.26 11.52 -86.68
CA PRO P 321 -85.61 11.59 -85.28
C PRO P 321 -84.74 10.47 -84.71
N LEU P 322 -83.53 10.82 -84.26
CA LEU P 322 -82.61 9.77 -83.76
C LEU P 322 -83.37 8.87 -82.79
N GLY P 323 -84.46 9.39 -82.21
CA GLY P 323 -85.23 8.64 -81.24
C GLY P 323 -86.56 8.14 -81.79
N VAL P 324 -87.40 7.66 -80.88
CA VAL P 324 -88.71 7.14 -81.21
C VAL P 324 -89.74 8.19 -80.81
N THR P 325 -90.46 8.73 -81.78
CA THR P 325 -91.47 9.74 -81.53
C THR P 325 -92.83 9.15 -81.15
N GLU P 326 -92.95 7.82 -81.16
CA GLU P 326 -94.23 7.20 -80.81
C GLU P 326 -94.62 7.52 -79.37
N PHE P 327 -93.67 7.44 -78.45
CA PHE P 327 -93.91 7.74 -77.05
C PHE P 327 -92.87 8.73 -76.54
N LYS P 328 -93.28 9.55 -75.57
CA LYS P 328 -92.40 10.56 -75.01
C LYS P 328 -91.26 9.96 -74.18
N TYR P 329 -91.32 8.67 -73.87
CA TYR P 329 -90.23 8.02 -73.13
C TYR P 329 -88.98 7.86 -73.99
N PHE P 330 -89.08 8.00 -75.31
CA PHE P 330 -87.92 7.87 -76.19
C PHE P 330 -87.92 8.94 -77.28
N LYS P 331 -88.58 10.07 -77.04
CA LYS P 331 -88.59 11.18 -77.98
C LYS P 331 -87.87 12.41 -77.45
N GLU P 332 -87.42 12.39 -76.19
CA GLU P 332 -86.76 13.56 -75.63
C GLU P 332 -85.40 13.83 -76.27
N GLY P 333 -84.76 12.79 -76.83
CA GLY P 333 -83.49 13.01 -77.49
C GLY P 333 -83.61 13.84 -78.76
N THR P 334 -84.62 13.53 -79.59
CA THR P 334 -84.83 14.32 -80.80
C THR P 334 -85.20 15.76 -80.47
N LYS P 335 -86.08 15.95 -79.48
CA LYS P 335 -86.44 17.30 -79.06
C LYS P 335 -85.22 18.05 -78.53
N ALA P 336 -84.37 17.37 -77.74
CA ALA P 336 -83.19 18.01 -77.19
C ALA P 336 -82.22 18.43 -78.30
N ILE P 337 -81.98 17.55 -79.27
CA ILE P 337 -81.06 17.89 -80.36
C ILE P 337 -81.65 19.01 -81.22
N ALA P 338 -82.97 19.01 -81.41
CA ALA P 338 -83.61 20.09 -82.17
C ALA P 338 -83.46 21.42 -81.45
N LYS P 339 -83.66 21.43 -80.13
CA LYS P 339 -83.48 22.66 -79.37
C LYS P 339 -82.02 23.12 -79.42
N ALA P 340 -81.08 22.17 -79.34
CA ALA P 340 -79.67 22.52 -79.41
C ALA P 340 -79.32 23.15 -80.75
N ILE P 341 -79.79 22.58 -81.86
CA ILE P 341 -79.46 23.13 -83.17
C ILE P 341 -80.17 24.46 -83.38
N THR P 342 -81.40 24.60 -82.90
CA THR P 342 -82.15 25.84 -83.07
C THR P 342 -81.72 26.94 -82.10
N GLU P 343 -80.89 26.61 -81.10
CA GLU P 343 -80.35 27.60 -80.18
C GLU P 343 -78.94 28.03 -80.54
N LEU P 344 -78.42 27.59 -81.69
CA LEU P 344 -77.06 27.91 -82.12
C LEU P 344 -77.07 29.31 -82.75
N LYS P 345 -76.81 30.32 -81.92
CA LYS P 345 -76.77 31.68 -82.41
C LYS P 345 -75.57 31.90 -83.32
N GLY P 346 -75.79 32.64 -84.41
CA GLY P 346 -74.74 32.92 -85.36
C GLY P 346 -75.22 32.93 -86.80
N ASN P 347 -74.55 32.16 -87.65
CA ASN P 347 -74.89 32.08 -89.07
C ASN P 347 -74.86 30.62 -89.52
N VAL P 348 -75.43 29.73 -88.71
CA VAL P 348 -75.41 28.31 -89.00
C VAL P 348 -76.54 27.97 -89.96
N TYR P 349 -76.18 27.42 -91.12
CA TYR P 349 -77.17 26.99 -92.10
C TYR P 349 -77.75 25.65 -91.72
N THR P 350 -79.05 25.48 -91.94
CA THR P 350 -79.77 24.29 -91.53
C THR P 350 -80.61 23.75 -92.69
N VAL P 351 -80.69 22.43 -92.79
CA VAL P 351 -81.48 21.76 -93.82
C VAL P 351 -82.34 20.69 -93.16
N VAL P 352 -83.37 20.28 -93.88
CA VAL P 352 -84.31 19.26 -93.41
C VAL P 352 -84.47 18.21 -94.50
N GLY P 353 -84.39 16.94 -94.12
CA GLY P 353 -84.51 15.85 -95.07
C GLY P 353 -85.25 14.65 -94.53
N GLY P 354 -85.92 14.82 -93.40
CA GLY P 354 -86.65 13.73 -92.77
C GLY P 354 -88.09 14.11 -92.48
N GLY P 355 -88.99 13.17 -92.77
CA GLY P 355 -90.40 13.40 -92.48
C GLY P 355 -90.68 13.48 -90.99
N ASP P 356 -90.10 12.56 -90.21
CA ASP P 356 -90.23 12.65 -88.76
C ASP P 356 -89.49 13.87 -88.22
N SER P 357 -88.36 14.22 -88.84
CA SER P 357 -87.69 15.46 -88.48
C SER P 357 -88.57 16.67 -88.80
N VAL P 358 -89.30 16.63 -89.92
CA VAL P 358 -90.22 17.70 -90.26
C VAL P 358 -91.33 17.80 -89.21
N ALA P 359 -91.87 16.65 -88.79
CA ALA P 359 -92.90 16.65 -87.76
C ALA P 359 -92.37 17.23 -86.45
N ILE P 360 -91.15 16.85 -86.06
CA ILE P 360 -90.56 17.37 -84.83
C ILE P 360 -90.35 18.87 -84.94
N ILE P 361 -89.90 19.35 -86.10
CA ILE P 361 -89.68 20.78 -86.29
C ILE P 361 -91.00 21.54 -86.22
N GLU P 362 -92.05 20.99 -86.82
CA GLU P 362 -93.36 21.64 -86.77
C GLU P 362 -93.90 21.68 -85.35
N GLU P 363 -93.75 20.58 -84.60
CA GLU P 363 -94.27 20.54 -83.24
C GLU P 363 -93.47 21.43 -82.31
N LEU P 364 -92.16 21.59 -82.56
CA LEU P 364 -91.31 22.38 -81.68
C LEU P 364 -91.72 23.84 -81.69
N GLY P 365 -91.98 24.40 -82.87
CA GLY P 365 -92.34 25.79 -83.00
C GLY P 365 -91.17 26.74 -82.90
N PHE P 370 -84.88 25.58 -88.17
CA PHE P 370 -84.07 25.50 -89.37
C PHE P 370 -84.16 26.78 -90.18
N SER P 371 -83.07 27.12 -90.88
CA SER P 371 -83.08 28.31 -91.73
C SER P 371 -84.11 28.18 -92.85
N HIS P 372 -84.18 27.02 -93.49
CA HIS P 372 -85.18 26.75 -94.51
C HIS P 372 -85.43 25.25 -94.51
N VAL P 373 -86.49 24.83 -93.84
CA VAL P 373 -86.84 23.41 -93.73
C VAL P 373 -87.69 23.03 -94.94
N SER P 374 -87.19 22.13 -95.77
CA SER P 374 -87.94 21.65 -96.91
C SER P 374 -89.25 21.02 -96.46
N THR P 375 -90.34 21.35 -97.15
CA THR P 375 -91.64 20.81 -96.77
C THR P 375 -91.67 19.30 -96.91
N GLY P 376 -91.09 18.77 -97.97
CA GLY P 376 -91.00 17.33 -98.17
C GLY P 376 -89.59 16.83 -98.06
N GLY P 377 -89.35 15.85 -97.19
CA GLY P 377 -88.03 15.27 -97.06
C GLY P 377 -87.63 14.40 -98.23
N GLY P 378 -88.61 13.87 -98.98
CA GLY P 378 -88.29 13.05 -100.13
C GLY P 378 -87.52 13.81 -101.20
N ALA P 379 -87.80 15.10 -101.35
CA ALA P 379 -87.07 15.91 -102.34
C ALA P 379 -85.58 15.94 -102.02
N THR P 380 -85.23 16.29 -100.78
CA THR P 380 -83.84 16.30 -100.36
C THR P 380 -83.23 14.91 -100.39
N LEU P 381 -84.03 13.88 -100.05
CA LEU P 381 -83.52 12.52 -100.11
C LEU P 381 -83.14 12.12 -101.53
N GLU P 382 -83.97 12.47 -102.50
CA GLU P 382 -83.66 12.21 -103.90
C GLU P 382 -82.46 13.04 -104.36
N PHE P 383 -82.38 14.30 -103.91
CA PHE P 383 -81.28 15.17 -104.31
C PHE P 383 -79.95 14.62 -103.82
N LEU P 384 -79.89 14.15 -102.58
CA LEU P 384 -78.66 13.62 -102.01
C LEU P 384 -78.42 12.17 -102.37
N GLU P 385 -79.40 11.48 -102.95
CA GLU P 385 -79.27 10.08 -103.31
C GLU P 385 -78.20 9.87 -104.38
N GLU Q 179 17.47 74.60 69.03
CA GLU Q 179 17.42 73.59 67.98
C GLU Q 179 18.79 72.99 67.73
N ILE Q 180 19.83 73.84 67.75
CA ILE Q 180 21.18 73.37 67.49
C ILE Q 180 21.67 72.50 68.64
N LYS Q 181 21.33 72.87 69.88
CA LYS Q 181 21.83 72.13 71.04
C LYS Q 181 21.31 70.71 71.06
N ASN Q 182 20.01 70.52 70.80
CA ASN Q 182 19.43 69.18 70.84
C ASN Q 182 20.01 68.29 69.75
N LEU Q 183 20.12 68.81 68.52
CA LEU Q 183 20.70 68.02 67.44
C LEU Q 183 22.16 67.68 67.72
N ASP Q 184 22.92 68.65 68.25
CA ASP Q 184 24.32 68.38 68.58
C ASP Q 184 24.44 67.32 69.66
N LYS Q 185 23.58 67.38 70.68
CA LYS Q 185 23.60 66.36 71.72
C LYS Q 185 23.24 64.98 71.16
N ALA Q 186 22.25 64.92 70.28
CA ALA Q 186 21.82 63.64 69.73
C ALA Q 186 22.88 63.05 68.81
N LEU Q 187 23.60 63.89 68.06
CA LEU Q 187 24.54 63.39 67.07
C LEU Q 187 25.95 63.21 67.63
N SER Q 188 26.55 64.30 68.12
CA SER Q 188 27.93 64.23 68.59
C SER Q 188 28.06 63.43 69.88
N ARG Q 189 27.07 63.51 70.76
CA ARG Q 189 27.07 62.79 72.04
C ARG Q 189 25.93 61.77 72.06
N PRO Q 190 25.89 60.88 71.08
CA PRO Q 190 24.79 59.90 71.03
C PRO Q 190 24.87 58.91 72.18
N GLU Q 191 23.70 58.42 72.58
CA GLU Q 191 23.58 57.43 73.64
C GLU Q 191 23.07 56.13 73.02
N ARG Q 192 23.99 55.21 72.73
CA ARG Q 192 23.61 53.97 72.08
C ARG Q 192 22.95 53.03 73.08
N PRO Q 193 21.98 52.19 72.63
CA PRO Q 193 21.50 52.06 71.24
C PRO Q 193 20.72 53.27 70.75
N ILE Q 194 20.73 53.49 69.44
CA ILE Q 194 20.15 54.67 68.81
C ILE Q 194 19.27 54.23 67.66
N VAL Q 195 18.06 54.79 67.56
CA VAL Q 195 17.11 54.46 66.51
C VAL Q 195 16.78 55.72 65.75
N ALA Q 196 16.85 55.65 64.42
CA ALA Q 196 16.59 56.78 63.54
C ALA Q 196 15.50 56.40 62.53
N ILE Q 197 14.25 56.63 62.90
CA ILE Q 197 13.14 56.33 62.01
C ILE Q 197 12.91 57.47 61.06
N LEU Q 198 13.30 57.32 59.80
CA LEU Q 198 13.11 58.37 58.82
C LEU Q 198 11.89 58.10 57.97
N GLY Q 199 10.79 58.78 58.25
CA GLY Q 199 9.56 58.56 57.51
C GLY Q 199 9.57 59.31 56.19
N GLY Q 200 9.57 58.58 55.08
CA GLY Q 200 9.62 59.23 53.78
C GLY Q 200 8.92 58.46 52.68
N ALA Q 201 8.25 59.18 51.79
CA ALA Q 201 7.55 58.55 50.68
C ALA Q 201 8.33 58.76 49.39
N LYS Q 202 9.60 59.13 49.52
CA LYS Q 202 10.43 59.31 48.34
C LYS Q 202 11.83 58.84 48.65
N VAL Q 203 12.37 57.97 47.81
CA VAL Q 203 13.70 57.44 48.07
C VAL Q 203 14.69 58.58 48.18
N SER Q 204 14.62 59.52 47.24
CA SER Q 204 15.53 60.66 47.27
C SER Q 204 15.28 61.52 48.50
N ASP Q 205 14.02 61.60 48.93
CA ASP Q 205 13.69 62.48 50.05
C ASP Q 205 14.57 62.23 51.27
N LYS Q 206 14.68 60.98 51.70
CA LYS Q 206 15.48 60.67 52.87
C LYS Q 206 16.85 60.12 52.49
N ILE Q 207 17.15 60.08 51.20
CA ILE Q 207 18.41 59.50 50.76
C ILE Q 207 19.57 60.13 51.52
N GLY Q 208 19.61 61.47 51.57
CA GLY Q 208 20.69 62.15 52.25
C GLY Q 208 20.71 61.87 53.74
N VAL Q 209 19.55 61.87 54.37
CA VAL Q 209 19.47 61.62 55.79
C VAL Q 209 20.02 60.24 56.11
N LEU Q 210 19.62 59.25 55.31
CA LEU Q 210 20.12 57.90 55.51
C LEU Q 210 21.60 57.87 55.19
N ASN Q 211 21.99 58.60 54.16
CA ASN Q 211 23.39 58.64 53.76
C ASN Q 211 24.22 59.16 54.92
N ASN Q 212 23.60 59.90 55.82
CA ASN Q 212 24.30 60.41 56.99
C ASN Q 212 24.33 59.40 58.14
N LEU Q 213 23.55 58.34 58.05
CA LEU Q 213 23.46 57.40 59.17
C LEU Q 213 23.95 55.97 58.89
N LEU Q 214 24.72 55.76 57.83
CA LEU Q 214 25.15 54.41 57.49
C LEU Q 214 26.28 53.94 58.40
N LYS Q 215 27.22 54.82 58.71
CA LYS Q 215 28.28 54.52 59.68
C LYS Q 215 28.19 55.41 60.92
N TYR Q 216 27.04 56.06 61.15
CA TYR Q 216 26.87 56.92 62.31
C TYR Q 216 25.63 56.55 63.12
N VAL Q 217 25.00 55.41 62.85
CA VAL Q 217 23.82 54.97 63.59
C VAL Q 217 23.95 53.47 63.89
N ASP Q 218 23.17 53.02 64.86
CA ASP Q 218 23.13 51.61 65.20
C ASP Q 218 21.98 50.89 64.50
N LYS Q 219 20.82 51.53 64.40
CA LYS Q 219 19.68 50.99 63.68
C LYS Q 219 18.99 52.10 62.90
N ILE Q 220 18.57 51.79 61.69
CA ILE Q 220 17.82 52.71 60.85
C ILE Q 220 16.53 52.02 60.43
N ILE Q 221 15.44 52.78 60.39
CA ILE Q 221 14.12 52.26 60.02
C ILE Q 221 13.64 53.03 58.80
N ILE Q 222 13.14 52.31 57.81
CA ILE Q 222 12.67 52.89 56.56
C ILE Q 222 11.16 52.65 56.46
N GLY Q 223 10.40 53.74 56.44
CA GLY Q 223 8.95 53.62 56.36
C GLY Q 223 8.31 54.66 55.45
N GLY Q 224 7.57 54.19 54.44
CA GLY Q 224 6.96 55.08 53.48
C GLY Q 224 6.96 54.51 52.08
N ALA Q 225 6.93 55.38 51.07
CA ALA Q 225 7.00 54.91 49.69
C ALA Q 225 8.38 54.38 49.36
N MET Q 226 9.42 55.03 49.89
CA MET Q 226 10.78 54.51 49.69
C MET Q 226 10.98 53.18 50.39
N ALA Q 227 10.21 52.91 51.45
CA ALA Q 227 10.22 51.58 52.04
C ALA Q 227 9.70 50.54 51.05
N TYR Q 228 8.66 50.88 50.29
CA TYR Q 228 8.18 49.95 49.28
C TYR Q 228 9.14 49.88 48.08
N THR Q 229 9.90 50.94 47.83
CA THR Q 229 10.99 50.85 46.87
C THR Q 229 12.02 49.83 47.32
N PHE Q 230 12.41 49.89 48.60
CA PHE Q 230 13.34 48.92 49.16
C PHE Q 230 12.76 47.50 49.06
N LEU Q 231 11.48 47.35 49.35
CA LEU Q 231 10.81 46.05 49.21
C LEU Q 231 10.86 45.56 47.76
N ALA Q 232 10.70 46.47 46.80
CA ALA Q 232 10.84 46.10 45.40
C ALA Q 232 12.25 45.62 45.10
N ALA Q 233 13.26 46.28 45.67
CA ALA Q 233 14.63 45.83 45.52
C ALA Q 233 14.86 44.47 46.18
N GLN Q 234 13.95 44.05 47.07
CA GLN Q 234 14.05 42.77 47.73
C GLN Q 234 13.44 41.62 46.93
N GLY Q 235 12.86 41.92 45.77
CA GLY Q 235 12.20 40.91 44.97
C GLY Q 235 10.75 40.63 45.33
N ILE Q 236 10.18 41.38 46.27
CA ILE Q 236 8.81 41.19 46.70
C ILE Q 236 7.93 42.15 45.92
N GLY Q 237 6.94 41.60 45.22
CA GLY Q 237 6.08 42.38 44.34
C GLY Q 237 5.32 43.51 45.01
N ILE Q 238 5.41 44.71 44.44
CA ILE Q 238 4.76 45.88 45.00
C ILE Q 238 3.41 46.17 44.35
N GLY Q 239 3.17 45.66 43.14
CA GLY Q 239 1.88 45.83 42.50
C GLY Q 239 1.54 47.26 42.15
N LYS Q 240 0.55 47.84 42.84
CA LYS Q 240 0.12 49.20 42.60
C LYS Q 240 0.94 50.23 43.39
N SER Q 241 1.72 49.80 44.37
CA SER Q 241 2.49 50.73 45.19
C SER Q 241 3.62 51.34 44.36
N LEU Q 242 3.75 52.66 44.41
CA LEU Q 242 4.77 53.34 43.62
C LEU Q 242 6.15 53.12 44.23
N VAL Q 243 7.17 53.40 43.42
CA VAL Q 243 8.55 53.22 43.84
C VAL Q 243 9.44 53.97 42.87
N GLU Q 244 10.54 54.54 43.38
CA GLU Q 244 11.50 55.26 42.56
C GLU Q 244 12.35 54.24 41.82
N GLU Q 245 11.92 53.91 40.59
CA GLU Q 245 12.62 52.90 39.80
C GLU Q 245 14.02 53.35 39.44
N ASP Q 246 14.20 54.63 39.11
CA ASP Q 246 15.50 55.10 38.64
C ASP Q 246 16.60 54.92 39.66
N LYS Q 247 16.26 54.75 40.94
CA LYS Q 247 17.25 54.54 42.00
C LYS Q 247 17.21 53.13 42.58
N ILE Q 248 16.40 52.24 42.00
CA ILE Q 248 16.15 50.94 42.65
C ILE Q 248 17.47 50.21 42.91
N ASP Q 249 18.37 50.19 41.93
CA ASP Q 249 19.64 49.51 42.12
C ASP Q 249 20.39 50.08 43.30
N LEU Q 250 20.48 51.40 43.40
CA LEU Q 250 21.12 52.02 44.55
C LEU Q 250 20.46 51.56 45.83
N ALA Q 251 19.13 51.52 45.86
CA ALA Q 251 18.41 51.01 47.01
C ALA Q 251 18.92 49.63 47.38
N ARG Q 252 18.99 48.72 46.40
CA ARG Q 252 19.50 47.38 46.66
C ARG Q 252 20.91 47.45 47.22
N GLU Q 253 21.75 48.32 46.65
CA GLU Q 253 23.11 48.46 47.16
C GLU Q 253 23.10 48.79 48.64
N TYR Q 254 22.20 49.69 49.06
CA TYR Q 254 22.08 50.00 50.48
C TYR Q 254 21.78 48.73 51.27
N LEU Q 255 20.79 47.96 50.82
CA LEU Q 255 20.47 46.71 51.50
C LEU Q 255 21.66 45.76 51.52
N LYS Q 256 22.50 45.82 50.48
CA LYS Q 256 23.70 44.98 50.48
C LYS Q 256 24.72 45.49 51.49
N ASN Q 257 24.86 46.81 51.61
CA ASN Q 257 25.90 47.36 52.48
C ASN Q 257 25.58 47.11 53.95
N ASN Q 258 24.35 47.42 54.36
CA ASN Q 258 23.93 47.29 55.75
C ASN Q 258 22.70 46.39 55.80
N LEU Q 259 22.78 45.30 56.57
CA LEU Q 259 21.70 44.34 56.69
C LEU Q 259 20.96 44.46 58.02
N ASP Q 260 21.69 44.44 59.14
CA ASP Q 260 21.07 44.60 60.44
C ASP Q 260 20.60 46.04 60.66
N LYS Q 261 21.33 47.00 60.09
CA LYS Q 261 21.05 48.43 60.25
C LYS Q 261 19.83 48.88 59.47
N PHE Q 262 19.07 47.97 58.87
CA PHE Q 262 17.90 48.31 58.08
C PHE Q 262 16.70 47.54 58.63
N VAL Q 263 15.57 48.22 58.74
CA VAL Q 263 14.33 47.62 59.21
C VAL Q 263 13.22 47.93 58.21
N LEU Q 264 12.44 46.91 57.84
CA LEU Q 264 11.37 47.08 56.88
C LEU Q 264 10.09 46.45 57.41
N PRO Q 265 8.93 47.03 57.07
CA PRO Q 265 7.67 46.49 57.58
C PRO Q 265 7.37 45.10 57.02
N ILE Q 266 6.63 44.32 57.81
CA ILE Q 266 6.33 42.93 57.46
C ILE Q 266 4.83 42.72 57.35
N ASP Q 267 4.06 43.54 58.05
CA ASP Q 267 2.60 43.45 58.02
C ASP Q 267 2.04 44.61 57.23
N TYR Q 268 1.35 44.31 56.13
CA TYR Q 268 0.85 45.30 55.18
C TYR Q 268 -0.67 45.29 55.18
N ALA Q 269 -1.27 46.46 55.33
CA ALA Q 269 -2.71 46.65 55.17
C ALA Q 269 -2.95 47.31 53.82
N LEU Q 270 -3.41 46.52 52.86
CA LEU Q 270 -3.61 47.00 51.50
C LEU Q 270 -4.90 47.82 51.41
N ALA Q 271 -5.05 48.53 50.29
CA ALA Q 271 -6.21 49.35 50.03
C ALA Q 271 -6.74 49.07 48.64
N LYS Q 272 -8.07 49.12 48.48
CA LYS Q 272 -8.66 48.92 47.17
C LYS Q 272 -8.23 50.01 46.19
N ASP Q 273 -8.17 51.25 46.66
CA ASP Q 273 -7.72 52.36 45.83
C ASP Q 273 -7.08 53.40 46.75
N PHE Q 274 -6.90 54.62 46.24
CA PHE Q 274 -6.37 55.71 47.04
C PHE Q 274 -7.44 56.45 47.83
N GLU Q 275 -8.68 55.97 47.80
CA GLU Q 275 -9.76 56.59 48.55
C GLU Q 275 -9.64 56.27 50.03
N ASP Q 276 -10.56 56.79 50.83
CA ASP Q 276 -10.60 56.55 52.26
C ASP Q 276 -11.47 55.35 52.61
N VAL Q 277 -11.22 54.23 51.93
CA VAL Q 277 -11.94 52.98 52.19
C VAL Q 277 -11.29 52.27 53.36
N LYS Q 278 -11.98 51.25 53.90
CA LYS Q 278 -11.43 50.48 54.99
C LYS Q 278 -10.20 49.69 54.52
N PRO Q 279 -9.22 49.50 55.40
CA PRO Q 279 -8.01 48.77 55.00
C PRO Q 279 -8.28 47.29 54.78
N PHE Q 280 -7.43 46.69 53.95
CA PHE Q 280 -7.50 45.27 53.64
C PHE Q 280 -6.20 44.61 54.07
N TYR Q 281 -6.30 43.55 54.87
CA TYR Q 281 -5.14 42.82 55.37
C TYR Q 281 -5.17 41.40 54.83
N ASN Q 282 -4.05 40.70 55.03
CA ASN Q 282 -3.90 39.31 54.60
C ASN Q 282 -3.74 38.42 55.81
N LEU Q 283 -4.61 37.40 55.91
CA LEU Q 283 -4.57 36.49 57.06
C LEU Q 283 -3.29 35.67 57.08
N GLU Q 284 -2.84 35.20 55.92
CA GLU Q 284 -1.63 34.40 55.80
C GLU Q 284 -0.70 35.03 54.77
N ASN Q 285 0.60 35.01 55.07
CA ASN Q 285 1.63 35.58 54.21
C ASN Q 285 1.37 37.06 53.93
N THR Q 286 1.19 37.82 55.01
CA THR Q 286 0.86 39.25 54.89
C THR Q 286 1.99 40.07 54.31
N LEU Q 287 3.20 39.50 54.20
CA LEU Q 287 4.31 40.21 53.59
C LEU Q 287 4.11 40.43 52.10
N GLU Q 288 3.31 39.57 51.46
CA GLU Q 288 3.11 39.65 50.01
C GLU Q 288 1.90 40.52 49.69
N ILE Q 289 2.09 41.45 48.77
CA ILE Q 289 1.02 42.35 48.32
C ILE Q 289 0.35 41.71 47.10
N PRO Q 290 -0.95 41.43 47.16
CA PRO Q 290 -1.62 40.88 45.97
C PRO Q 290 -1.62 41.88 44.82
N ASN Q 291 -1.64 41.35 43.60
CA ASN Q 291 -1.61 42.19 42.41
C ASN Q 291 -2.96 42.87 42.22
N GLY Q 292 -2.95 44.19 42.08
CA GLY Q 292 -4.13 45.00 41.93
C GLY Q 292 -4.38 45.94 43.10
N TYR Q 293 -3.95 45.56 44.30
CA TYR Q 293 -4.07 46.42 45.47
C TYR Q 293 -2.81 47.25 45.66
N MET Q 294 -2.94 48.32 46.43
CA MET Q 294 -1.87 49.26 46.69
C MET Q 294 -1.45 49.16 48.15
N GLY Q 295 -0.14 49.08 48.38
CA GLY Q 295 0.38 49.07 49.74
C GLY Q 295 0.06 50.37 50.46
N LEU Q 296 -0.79 50.30 51.48
CA LEU Q 296 -1.37 51.48 52.09
C LEU Q 296 -0.85 51.72 53.51
N ASP Q 297 -1.01 50.76 54.41
CA ASP Q 297 -0.79 51.01 55.82
C ASP Q 297 0.11 49.95 56.43
N ILE Q 298 0.69 50.30 57.57
CA ILE Q 298 1.55 49.39 58.34
C ILE Q 298 0.66 48.58 59.27
N GLY Q 299 0.89 47.27 59.30
CA GLY Q 299 0.05 46.37 60.06
C GLY Q 299 0.39 46.36 61.53
N PRO Q 300 -0.48 45.72 62.31
CA PRO Q 300 -0.21 45.60 63.76
C PRO Q 300 1.06 44.85 64.10
N LYS Q 301 1.44 43.86 63.29
CA LYS Q 301 2.66 43.09 63.60
C LYS Q 301 3.91 43.97 63.47
N SER Q 302 3.97 44.81 62.45
CA SER Q 302 5.15 45.65 62.26
C SER Q 302 5.28 46.68 63.38
N ILE Q 303 4.16 47.29 63.81
CA ILE Q 303 4.24 48.24 64.91
C ILE Q 303 4.53 47.53 66.23
N GLU Q 304 4.06 46.28 66.38
CA GLU Q 304 4.42 45.52 67.57
C GLU Q 304 5.91 45.25 67.62
N VAL Q 305 6.50 44.88 66.48
CA VAL Q 305 7.94 44.67 66.41
C VAL Q 305 8.68 45.97 66.67
N PHE Q 306 8.16 47.08 66.15
CA PHE Q 306 8.77 48.39 66.36
C PHE Q 306 8.79 48.74 67.84
N LYS Q 307 7.68 48.52 68.53
CA LYS Q 307 7.62 48.79 69.97
C LYS Q 307 8.54 47.86 70.75
N LYS Q 308 8.61 46.58 70.35
CA LYS Q 308 9.48 45.64 71.04
C LYS Q 308 10.94 46.02 70.89
N TYR Q 309 11.33 46.48 69.70
CA TYR Q 309 12.71 46.90 69.47
C TYR Q 309 13.03 48.21 70.20
N ILE Q 310 12.14 49.19 70.08
CA ILE Q 310 12.36 50.52 70.64
C ILE Q 310 12.23 50.50 72.16
N LYS Q 311 11.87 49.35 72.72
CA LYS Q 311 11.74 49.25 74.17
C LYS Q 311 13.08 49.45 74.88
N ASP Q 312 14.20 49.33 74.16
CA ASP Q 312 15.53 49.60 74.69
C ASP Q 312 16.24 50.52 73.71
N ALA Q 313 16.04 51.83 73.87
CA ALA Q 313 16.60 52.81 72.94
C ALA Q 313 16.68 54.15 73.64
N LYS Q 314 17.90 54.67 73.81
CA LYS Q 314 18.07 55.96 74.48
C LYS Q 314 17.69 57.13 73.60
N THR Q 315 17.91 57.03 72.28
CA THR Q 315 17.57 58.09 71.34
C THR Q 315 16.65 57.54 70.27
N ILE Q 316 15.54 58.24 70.02
CA ILE Q 316 14.56 57.87 69.02
C ILE Q 316 14.34 59.09 68.14
N LEU Q 317 15.07 59.18 67.03
CA LEU Q 317 14.97 60.30 66.12
C LEU Q 317 13.74 60.13 65.22
N TRP Q 318 13.50 61.13 64.38
CA TRP Q 318 12.40 61.13 63.43
C TRP Q 318 12.61 62.26 62.44
N ASN Q 319 12.28 62.01 61.16
CA ASN Q 319 12.49 63.02 60.13
C ASN Q 319 11.34 63.10 59.12
N GLY Q 320 10.24 62.38 59.33
CA GLY Q 320 9.13 62.42 58.41
C GLY Q 320 7.97 61.54 58.81
N PRO Q 321 6.84 61.71 58.13
CA PRO Q 321 5.65 60.92 58.47
C PRO Q 321 5.82 59.45 58.13
N LEU Q 322 5.08 58.61 58.84
CA LEU Q 322 5.12 57.17 58.65
C LEU Q 322 3.93 56.65 57.84
N GLY Q 323 3.11 57.55 57.29
CA GLY Q 323 1.97 57.11 56.51
C GLY Q 323 1.22 58.31 55.96
N VAL Q 324 0.21 58.01 55.16
CA VAL Q 324 -0.61 59.05 54.54
C VAL Q 324 -1.69 59.49 55.52
N THR Q 325 -1.78 60.79 55.77
CA THR Q 325 -2.74 61.33 56.72
C THR Q 325 -3.93 62.02 56.06
N GLU Q 326 -3.93 62.17 54.73
CA GLU Q 326 -5.07 62.76 54.04
C GLU Q 326 -6.30 61.87 54.11
N PHE Q 327 -6.15 60.60 54.48
CA PHE Q 327 -7.26 59.68 54.63
C PHE Q 327 -7.23 59.08 56.03
N LYS Q 328 -8.38 59.11 56.71
CA LYS Q 328 -8.41 58.71 58.11
C LYS Q 328 -8.08 57.23 58.29
N TYR Q 329 -8.52 56.39 57.35
CA TYR Q 329 -8.32 54.96 57.49
C TYR Q 329 -6.86 54.53 57.41
N PHE Q 330 -5.97 55.41 56.94
CA PHE Q 330 -4.55 55.07 56.82
C PHE Q 330 -3.65 56.06 57.53
N LYS Q 331 -4.19 56.90 58.41
CA LYS Q 331 -3.40 57.88 59.16
C LYS Q 331 -3.00 57.38 60.54
N GLU Q 332 -3.37 56.16 60.90
CA GLU Q 332 -3.15 55.67 62.27
C GLU Q 332 -1.71 55.27 62.54
N GLY Q 333 -0.91 55.04 61.49
CA GLY Q 333 0.43 54.50 61.70
C GLY Q 333 1.34 55.44 62.47
N THR Q 334 1.43 56.69 62.03
CA THR Q 334 2.31 57.65 62.70
C THR Q 334 1.81 57.97 64.10
N LYS Q 335 0.50 58.09 64.28
CA LYS Q 335 -0.05 58.35 65.61
C LYS Q 335 0.25 57.20 66.57
N ALA Q 336 0.06 55.96 66.10
CA ALA Q 336 0.37 54.81 66.94
C ALA Q 336 1.85 54.75 67.26
N ILE Q 337 2.72 55.06 66.29
CA ILE Q 337 4.15 55.03 66.53
C ILE Q 337 4.54 56.08 67.57
N ALA Q 338 3.98 57.28 67.46
CA ALA Q 338 4.27 58.34 68.42
C ALA Q 338 3.78 57.96 69.81
N LYS Q 339 2.57 57.39 69.90
CA LYS Q 339 2.04 57.00 71.19
C LYS Q 339 2.89 55.90 71.84
N ALA Q 340 3.34 54.93 71.03
CA ALA Q 340 4.18 53.87 71.57
C ALA Q 340 5.54 54.40 72.00
N ILE Q 341 6.13 55.31 71.21
CA ILE Q 341 7.46 55.83 71.53
C ILE Q 341 7.42 56.70 72.78
N THR Q 342 6.35 57.49 72.93
CA THR Q 342 6.23 58.34 74.11
C THR Q 342 6.07 57.54 75.40
N GLU Q 343 5.59 56.31 75.33
CA GLU Q 343 5.42 55.48 76.51
C GLU Q 343 6.58 54.50 76.67
N TYR Q 349 15.56 59.36 75.18
CA TYR Q 349 15.03 60.63 74.72
C TYR Q 349 14.06 60.42 73.56
N THR Q 350 13.19 61.41 73.34
CA THR Q 350 12.18 61.35 72.27
C THR Q 350 12.27 62.64 71.46
N VAL Q 351 12.99 62.59 70.34
CA VAL Q 351 13.22 63.73 69.47
C VAL Q 351 12.50 63.49 68.16
N VAL Q 352 11.71 64.47 67.72
CA VAL Q 352 10.99 64.39 66.46
C VAL Q 352 11.22 65.68 65.67
N GLY Q 353 11.55 65.53 64.40
CA GLY Q 353 11.82 66.67 63.54
C GLY Q 353 11.24 66.53 62.15
N GLY Q 354 10.11 65.83 62.04
CA GLY Q 354 9.53 65.57 60.73
C GLY Q 354 8.67 66.73 60.24
N GLY Q 355 8.57 66.84 58.92
CA GLY Q 355 7.73 67.87 58.34
C GLY Q 355 6.26 67.66 58.62
N ASP Q 356 5.79 66.41 58.52
CA ASP Q 356 4.42 66.07 58.84
C ASP Q 356 4.28 65.33 60.16
N SER Q 357 5.33 64.59 60.56
CA SER Q 357 5.27 63.83 61.81
C SER Q 357 5.13 64.75 63.01
N VAL Q 358 5.84 65.89 63.00
CA VAL Q 358 5.78 66.82 64.13
C VAL Q 358 4.37 67.38 64.30
N ALA Q 359 3.74 67.76 63.17
CA ALA Q 359 2.40 68.32 63.24
C ALA Q 359 1.40 67.30 63.78
N ILE Q 360 1.49 66.06 63.32
CA ILE Q 360 0.58 65.02 63.80
C ILE Q 360 0.84 64.74 65.28
N ILE Q 361 2.11 64.78 65.70
CA ILE Q 361 2.43 64.57 67.11
C ILE Q 361 1.83 65.68 67.97
N GLU Q 362 1.94 66.92 67.50
CA GLU Q 362 1.34 68.04 68.22
C GLU Q 362 -0.17 67.91 68.29
N GLU Q 363 -0.80 67.48 67.17
CA GLU Q 363 -2.23 67.23 67.17
C GLU Q 363 -2.62 66.06 68.05
N LEU Q 364 -1.67 65.17 68.36
CA LEU Q 364 -1.98 64.00 69.19
C LEU Q 364 -2.10 64.38 70.66
N GLY Q 365 -1.29 65.33 71.11
CA GLY Q 365 -1.28 65.73 72.51
C GLY Q 365 -0.18 65.15 73.36
N LEU Q 366 0.81 64.49 72.75
CA LEU Q 366 1.95 63.93 73.48
C LEU Q 366 3.22 64.77 73.27
N ASP Q 367 3.05 66.07 73.04
CA ASP Q 367 4.19 66.94 72.79
C ASP Q 367 5.10 67.04 74.01
N ARG Q 368 4.50 67.07 75.20
CA ARG Q 368 5.29 67.25 76.42
C ARG Q 368 6.24 66.08 76.64
N ARG Q 369 5.79 64.85 76.36
CA ARG Q 369 6.63 63.68 76.58
C ARG Q 369 7.87 63.69 75.69
N PHE Q 370 7.76 64.26 74.49
CA PHE Q 370 8.90 64.32 73.59
C PHE Q 370 9.99 65.23 74.17
N SER Q 371 11.24 64.78 74.04
CA SER Q 371 12.36 65.56 74.58
C SER Q 371 12.53 66.87 73.82
N HIS Q 372 12.39 66.83 72.50
CA HIS Q 372 12.53 68.05 71.69
C HIS Q 372 11.78 67.85 70.38
N VAL Q 373 10.75 68.66 70.15
CA VAL Q 373 10.01 68.66 68.90
C VAL Q 373 10.39 69.91 68.13
N SER Q 374 11.07 69.72 67.00
CA SER Q 374 11.53 70.84 66.20
C SER Q 374 10.36 71.52 65.50
N THR Q 375 10.57 72.80 65.15
CA THR Q 375 9.56 73.59 64.47
C THR Q 375 9.64 73.49 62.96
N GLY Q 376 10.62 72.77 62.43
CA GLY Q 376 10.75 72.59 60.98
C GLY Q 376 11.18 71.18 60.62
N GLY Q 377 10.63 70.67 59.51
CA GLY Q 377 10.92 69.30 59.12
C GLY Q 377 12.08 69.13 58.16
N GLY Q 378 12.02 69.83 57.02
CA GLY Q 378 13.09 69.71 56.05
C GLY Q 378 14.40 70.31 56.55
N ALA Q 379 14.32 71.48 57.20
CA ALA Q 379 15.53 72.12 57.71
C ALA Q 379 16.21 71.24 58.76
N THR Q 380 15.42 70.62 59.65
CA THR Q 380 16.00 69.77 60.68
C THR Q 380 16.69 68.56 60.07
N LEU Q 381 16.05 67.92 59.09
CA LEU Q 381 16.68 66.76 58.44
C LEU Q 381 17.94 67.16 57.70
N GLU Q 382 17.92 68.30 57.01
CA GLU Q 382 19.12 68.77 56.31
C GLU Q 382 20.25 69.07 57.29
N PHE Q 383 19.92 69.66 58.45
CA PHE Q 383 20.92 69.90 59.46
C PHE Q 383 21.48 68.60 60.02
N LEU Q 384 20.61 67.61 60.24
CA LEU Q 384 21.05 66.32 60.78
C LEU Q 384 21.87 65.53 59.77
N GLU Q 385 21.69 65.78 58.47
CA GLU Q 385 22.47 65.08 57.47
C GLU Q 385 23.96 65.40 57.60
N GLY Q 386 24.28 66.66 57.86
CA GLY Q 386 25.67 67.07 58.01
C GLY Q 386 26.01 68.36 57.30
N GLU R 47 -55.98 1.06 -91.89
CA GLU R 47 -56.22 0.76 -90.48
C GLU R 47 -54.92 0.64 -89.71
N GLU R 48 -53.84 0.31 -90.42
CA GLU R 48 -52.53 0.20 -89.79
C GLU R 48 -52.00 1.55 -89.32
N LEU R 49 -52.60 2.66 -89.78
CA LEU R 49 -52.23 3.97 -89.26
C LEU R 49 -52.57 4.11 -87.77
N ILE R 50 -53.48 3.28 -87.27
CA ILE R 50 -53.86 3.29 -85.86
C ILE R 50 -53.36 2.04 -85.14
N ASN R 51 -53.39 0.88 -85.82
CA ASN R 51 -53.07 -0.40 -85.20
C ASN R 51 -51.60 -0.49 -84.75
N GLN R 52 -50.82 0.57 -84.96
CA GLN R 52 -49.43 0.60 -84.54
C GLN R 52 -49.26 0.87 -83.05
N THR R 53 -50.32 0.71 -82.26
CA THR R 53 -50.27 0.91 -80.82
C THR R 53 -49.20 0.06 -80.16
N VAL R 58 -45.02 -6.28 -71.88
CA VAL R 58 -43.69 -5.71 -71.95
C VAL R 58 -42.84 -6.24 -70.81
N ASN R 59 -43.44 -6.36 -69.62
CA ASN R 59 -42.71 -6.79 -68.43
C ASN R 59 -42.16 -8.20 -68.61
N SER R 60 -42.97 -9.11 -69.15
CA SER R 60 -42.48 -10.46 -69.40
C SER R 60 -41.35 -10.45 -70.41
N LYS R 61 -41.48 -9.64 -71.46
CA LYS R 61 -40.38 -9.49 -72.41
C LYS R 61 -39.15 -8.91 -71.75
N ILE R 62 -39.34 -7.97 -70.82
CA ILE R 62 -38.21 -7.39 -70.09
C ILE R 62 -37.48 -8.46 -69.32
N VAL R 63 -38.22 -9.30 -68.59
CA VAL R 63 -37.58 -10.35 -67.79
C VAL R 63 -36.86 -11.34 -68.69
N LYS R 64 -37.49 -11.74 -69.79
CA LYS R 64 -36.86 -12.69 -70.70
C LYS R 64 -35.58 -12.12 -71.30
N THR R 65 -35.64 -10.87 -71.75
CA THR R 65 -34.46 -10.21 -72.31
C THR R 65 -33.33 -10.18 -71.30
N GLU R 66 -33.63 -9.70 -70.08
CA GLU R 66 -32.61 -9.60 -69.05
C GLU R 66 -31.98 -10.96 -68.73
N LEU R 67 -32.81 -12.00 -68.62
CA LEU R 67 -32.28 -13.35 -68.44
C LEU R 67 -31.35 -13.79 -69.56
N GLU R 68 -31.72 -13.53 -70.81
CA GLU R 68 -30.81 -13.91 -71.90
C GLU R 68 -29.53 -13.08 -71.90
N TYR R 69 -29.60 -11.81 -71.49
CA TYR R 69 -28.39 -11.00 -71.41
C TYR R 69 -27.47 -11.49 -70.30
N VAL R 70 -28.01 -11.82 -69.14
CA VAL R 70 -27.17 -12.34 -68.06
C VAL R 70 -26.56 -13.68 -68.44
N GLU R 71 -27.34 -14.57 -69.06
CA GLU R 71 -26.79 -15.87 -69.46
C GLU R 71 -25.66 -15.70 -70.48
N GLU R 72 -25.84 -14.81 -71.47
CA GLU R 72 -24.78 -14.61 -72.45
C GLU R 72 -23.54 -13.99 -71.82
N ASP R 73 -23.72 -13.04 -70.89
CA ASP R 73 -22.60 -12.44 -70.19
C ASP R 73 -21.82 -13.49 -69.41
N SER R 74 -22.53 -14.34 -68.67
CA SER R 74 -21.86 -15.36 -67.87
C SER R 74 -21.10 -16.34 -68.76
N ARG R 75 -21.71 -16.74 -69.89
CA ARG R 75 -21.01 -17.64 -70.80
C ARG R 75 -19.74 -17.00 -71.35
N LEU R 76 -19.80 -15.73 -71.74
CA LEU R 76 -18.61 -15.07 -72.28
C LEU R 76 -17.54 -14.97 -71.21
N ARG R 77 -17.95 -14.68 -69.98
CA ARG R 77 -16.98 -14.61 -68.89
C ARG R 77 -16.29 -15.94 -68.67
N LYS R 78 -17.04 -17.05 -68.71
CA LYS R 78 -16.39 -18.33 -68.47
C LYS R 78 -15.43 -18.73 -69.59
N GLU R 79 -15.75 -18.45 -70.87
CA GLU R 79 -14.72 -18.67 -71.89
C GLU R 79 -13.50 -17.77 -71.70
N LYS R 80 -13.71 -16.50 -71.35
CA LYS R 80 -12.56 -15.63 -71.16
C LYS R 80 -11.70 -16.07 -69.99
N ILE R 81 -12.34 -16.54 -68.92
CA ILE R 81 -11.61 -17.07 -67.77
C ILE R 81 -10.78 -18.29 -68.15
N GLU R 82 -11.36 -19.22 -68.91
CA GLU R 82 -10.60 -20.39 -69.31
C GLU R 82 -9.44 -20.06 -70.24
N LEU R 83 -9.63 -19.08 -71.13
CA LEU R 83 -8.51 -18.65 -71.97
C LEU R 83 -7.42 -17.98 -71.14
N ILE R 84 -7.80 -17.17 -70.15
CA ILE R 84 -6.84 -16.56 -69.25
C ILE R 84 -6.02 -17.63 -68.54
N GLN R 85 -6.71 -18.65 -68.00
CA GLN R 85 -6.00 -19.70 -67.28
C GLN R 85 -5.04 -20.45 -68.21
N LYS R 86 -5.48 -20.76 -69.43
CA LYS R 86 -4.58 -21.50 -70.30
C LYS R 86 -3.38 -20.63 -70.69
N ASN R 87 -3.58 -19.32 -70.76
CA ASN R 87 -2.48 -18.40 -71.03
C ASN R 87 -1.48 -18.36 -69.88
N TYR R 88 -2.00 -18.39 -68.64
CA TYR R 88 -1.13 -18.47 -67.48
C TYR R 88 -0.37 -19.78 -67.44
N ASP R 89 -1.04 -20.89 -67.77
CA ASP R 89 -0.35 -22.17 -67.76
C ASP R 89 0.75 -22.20 -68.80
N ASN R 90 0.46 -21.70 -70.01
CA ASN R 90 1.43 -21.67 -71.09
C ASN R 90 2.57 -20.68 -70.81
N LEU R 91 2.36 -19.72 -69.91
CA LEU R 91 3.43 -18.82 -69.51
C LEU R 91 4.38 -19.43 -68.48
N ASN R 92 4.01 -20.53 -67.82
CA ASN R 92 4.84 -21.06 -66.73
C ASN R 92 4.94 -22.59 -66.83
N ALA R 93 5.04 -23.11 -68.05
CA ALA R 93 5.01 -24.55 -68.28
C ALA R 93 6.21 -25.01 -69.07
N LYS R 94 7.40 -24.50 -68.72
CA LYS R 94 8.64 -24.94 -69.37
C LYS R 94 9.66 -25.42 -68.35
N PRO R 95 9.83 -26.74 -68.22
CA PRO R 95 10.84 -27.27 -67.29
C PRO R 95 12.21 -26.74 -67.65
N LEU R 96 13.01 -26.44 -66.63
CA LEU R 96 14.35 -25.91 -66.89
C LEU R 96 15.18 -26.95 -67.62
N VAL R 97 15.27 -28.15 -67.08
CA VAL R 97 16.08 -29.20 -67.69
C VAL R 97 15.08 -30.18 -68.31
N GLY R 98 15.49 -30.87 -69.37
CA GLY R 98 14.58 -31.81 -70.01
C GLY R 98 14.34 -33.06 -69.18
N VAL R 99 15.41 -33.71 -68.76
CA VAL R 99 15.33 -34.94 -67.95
C VAL R 99 16.05 -34.67 -66.64
N ASP R 100 16.13 -35.67 -65.77
CA ASP R 100 16.71 -35.48 -64.45
C ASP R 100 18.04 -36.20 -64.35
N LEU R 101 18.89 -35.70 -63.45
CA LEU R 101 20.25 -36.23 -63.27
C LEU R 101 20.29 -37.74 -63.13
N TYR R 102 19.20 -38.37 -62.73
CA TYR R 102 19.18 -39.82 -62.65
C TYR R 102 18.94 -40.46 -64.02
N GLU R 103 18.36 -39.73 -64.96
CA GLU R 103 17.95 -40.29 -66.24
C GLU R 103 19.14 -40.58 -67.16
N SER R 104 20.35 -40.19 -66.77
CA SER R 104 21.51 -40.35 -67.64
C SER R 104 22.62 -41.10 -66.93
N TYR R 105 23.34 -41.91 -67.71
CA TYR R 105 24.44 -42.71 -67.19
C TYR R 105 25.60 -41.87 -66.69
N SER R 106 25.97 -40.80 -67.42
CA SER R 106 27.17 -40.05 -67.06
C SER R 106 27.06 -39.35 -65.72
N LEU R 107 25.93 -38.69 -65.44
CA LEU R 107 25.79 -37.95 -64.19
C LEU R 107 25.79 -38.90 -63.00
N VAL R 108 25.02 -39.99 -63.10
CA VAL R 108 24.96 -40.96 -62.01
C VAL R 108 26.32 -41.61 -61.80
N LEU R 109 27.01 -41.94 -62.89
CA LEU R 109 28.34 -42.53 -62.75
C LEU R 109 29.30 -41.55 -62.09
N ASN R 110 29.22 -40.27 -62.43
CA ASN R 110 30.11 -39.28 -61.82
C ASN R 110 29.85 -39.19 -60.32
N LYS R 111 28.57 -39.14 -59.92
CA LYS R 111 28.25 -39.08 -58.49
C LYS R 111 28.73 -40.34 -57.77
N SER R 112 28.49 -41.52 -58.35
CA SER R 112 28.91 -42.76 -57.72
C SER R 112 30.41 -42.83 -57.58
N ALA R 113 31.14 -42.42 -58.63
CA ALA R 113 32.58 -42.42 -58.60
C ALA R 113 33.11 -41.45 -57.54
N TRP R 114 32.49 -40.28 -57.43
CA TRP R 114 32.94 -39.32 -56.42
C TRP R 114 32.74 -39.88 -55.02
N ASN R 115 31.58 -40.50 -54.76
CA ASN R 115 31.36 -41.09 -53.44
C ASN R 115 32.36 -42.20 -53.15
N TYR R 116 32.59 -43.09 -54.14
CA TYR R 116 33.53 -44.18 -53.94
C TYR R 116 34.94 -43.66 -53.69
N ASN R 117 35.36 -42.65 -54.46
CA ASN R 117 36.69 -42.09 -54.29
C ASN R 117 36.84 -41.45 -52.93
N GLU R 118 35.80 -40.76 -52.45
CA GLU R 118 35.88 -40.16 -51.13
C GLU R 118 36.01 -41.21 -50.04
N ILE R 119 35.22 -42.29 -50.14
CA ILE R 119 35.32 -43.33 -49.12
C ILE R 119 36.67 -44.03 -49.18
N ILE R 120 37.21 -44.21 -50.39
CA ILE R 120 38.53 -44.83 -50.55
C ILE R 120 39.62 -43.95 -49.94
N GLN R 121 39.55 -42.64 -50.18
CA GLN R 121 40.56 -41.75 -49.65
C GLN R 121 40.42 -41.57 -48.13
N ARG R 122 39.24 -41.82 -47.58
CA ARG R 122 39.15 -41.87 -46.12
C ARG R 122 39.89 -43.07 -45.55
N ASP R 123 39.96 -44.16 -46.30
CA ASP R 123 40.61 -45.40 -45.88
C ASP R 123 39.97 -45.95 -44.60
N THR R 124 38.66 -46.17 -44.67
CA THR R 124 37.91 -46.74 -43.57
C THR R 124 37.07 -47.95 -43.99
N GLN R 125 37.30 -48.48 -45.20
CA GLN R 125 36.46 -49.54 -45.73
C GLN R 125 37.09 -50.90 -45.43
N LEU R 126 36.24 -51.92 -45.41
CA LEU R 126 36.67 -53.28 -45.14
C LEU R 126 36.74 -54.04 -46.46
N THR R 127 37.90 -54.62 -46.74
CA THR R 127 38.11 -55.35 -47.99
C THR R 127 37.58 -56.78 -47.85
N ILE R 128 37.88 -57.60 -48.86
CA ILE R 128 37.45 -59.00 -48.83
C ILE R 128 38.30 -59.79 -47.86
N LEU R 129 39.57 -59.42 -47.70
CA LEU R 129 40.44 -60.08 -46.73
C LEU R 129 39.87 -59.97 -45.32
N ASP R 130 39.32 -58.80 -44.98
CA ASP R 130 38.76 -58.61 -43.64
C ASP R 130 37.59 -59.56 -43.40
N MET R 131 36.71 -59.71 -44.40
CA MET R 131 35.58 -60.62 -44.24
C MET R 131 36.05 -62.07 -44.21
N ALA R 132 37.09 -62.40 -44.98
CA ALA R 132 37.64 -63.74 -44.93
C ALA R 132 38.20 -64.06 -43.55
N LEU R 133 38.89 -63.09 -42.93
CA LEU R 133 39.44 -63.32 -41.60
C LEU R 133 38.35 -63.41 -40.55
N GLN R 134 37.29 -62.60 -40.69
CA GLN R 134 36.16 -62.69 -39.78
C GLN R 134 35.46 -64.04 -39.90
N VAL R 135 35.29 -64.54 -41.14
CA VAL R 135 34.68 -65.85 -41.32
C VAL R 135 35.57 -66.94 -40.74
N HIS R 136 36.88 -66.84 -40.97
CA HIS R 136 37.82 -67.82 -40.42
C HIS R 136 37.74 -67.85 -38.89
N LEU R 137 37.62 -66.68 -38.27
CA LEU R 137 37.51 -66.65 -36.81
C LEU R 137 36.16 -67.18 -36.35
N PHE R 138 35.10 -66.91 -37.10
CA PHE R 138 33.77 -67.34 -36.65
C PHE R 138 33.61 -68.85 -36.81
N LEU R 139 34.26 -69.42 -37.81
CA LEU R 139 34.20 -70.85 -38.13
C LEU R 139 35.34 -71.63 -37.50
N TYR R 140 36.16 -70.99 -36.68
CA TYR R 140 37.35 -71.60 -36.09
C TYR R 140 37.02 -72.56 -34.94
N GLU R 141 35.80 -73.11 -34.86
CA GLU R 141 35.54 -74.06 -33.79
C GLU R 141 34.78 -75.28 -34.29
N GLY R 142 34.77 -75.52 -35.59
CA GLY R 142 34.09 -76.67 -36.16
C GLY R 142 35.10 -77.41 -37.01
N LYS R 143 36.01 -76.63 -37.59
CA LYS R 143 37.11 -77.07 -38.43
C LYS R 143 37.88 -75.82 -38.83
N ILE R 144 39.20 -75.87 -38.91
CA ILE R 144 39.93 -74.67 -39.32
C ILE R 144 39.96 -74.64 -40.84
N ILE R 145 39.51 -73.52 -41.42
CA ILE R 145 39.56 -73.28 -42.86
C ILE R 145 40.62 -72.23 -43.17
N ASP R 146 41.45 -72.50 -44.17
CA ASP R 146 42.52 -71.58 -44.53
C ASP R 146 41.91 -70.24 -44.93
N ILE R 147 42.55 -69.14 -44.52
CA ILE R 147 42.04 -67.81 -44.85
C ILE R 147 42.15 -67.54 -46.36
N ALA R 148 43.23 -67.98 -46.98
CA ALA R 148 43.37 -67.76 -48.43
C ALA R 148 42.27 -68.51 -49.17
N HIS R 149 41.95 -69.71 -48.71
CA HIS R 149 40.86 -70.49 -49.28
C HIS R 149 39.55 -69.72 -49.19
N ILE R 150 39.28 -69.12 -48.02
CA ILE R 150 38.04 -68.36 -47.83
C ILE R 150 38.01 -67.16 -48.77
N GLN R 151 39.15 -66.48 -48.91
CA GLN R 151 39.18 -65.32 -49.82
C GLN R 151 38.89 -65.75 -51.25
N LYS R 152 39.49 -66.86 -51.70
CA LYS R 152 39.24 -67.36 -53.04
C LYS R 152 37.78 -67.73 -53.24
N ILE R 153 37.19 -68.39 -52.24
CA ILE R 153 35.79 -68.81 -52.33
C ILE R 153 34.87 -67.59 -52.38
N ILE R 154 35.16 -66.58 -51.57
CA ILE R 154 34.34 -65.38 -51.56
C ILE R 154 34.43 -64.67 -52.90
N LYS R 155 35.64 -64.56 -53.46
CA LYS R 155 35.79 -63.91 -54.75
C LYS R 155 35.09 -64.68 -55.87
N THR R 156 35.17 -66.01 -55.87
CA THR R 156 34.43 -66.76 -56.88
C THR R 156 32.93 -66.56 -56.73
N PHE R 157 32.43 -66.53 -55.49
CA PHE R 157 31.00 -66.31 -55.29
C PHE R 157 30.56 -64.94 -55.79
N VAL R 158 31.34 -63.90 -55.49
CA VAL R 158 30.95 -62.56 -55.93
C VAL R 158 31.07 -62.45 -57.45
N LEU R 159 32.02 -63.18 -58.06
CA LEU R 159 32.09 -63.17 -59.52
C LEU R 159 30.89 -63.89 -60.13
N ASN R 160 30.42 -64.95 -59.47
CA ASN R 160 29.20 -65.61 -59.91
C ASN R 160 28.02 -64.65 -59.82
N VAL R 161 27.93 -63.88 -58.74
CA VAL R 161 26.88 -62.88 -58.61
C VAL R 161 26.99 -61.85 -59.73
N PHE R 162 28.21 -61.42 -60.04
CA PHE R 162 28.42 -60.45 -61.11
C PHE R 162 27.94 -61.00 -62.45
N ALA R 163 28.28 -62.26 -62.74
CA ALA R 163 27.86 -62.88 -63.98
C ALA R 163 26.35 -63.04 -64.04
N LYS R 164 25.71 -63.27 -62.90
CA LYS R 164 24.26 -63.42 -62.92
C LYS R 164 23.57 -62.08 -63.08
N ILE R 165 24.16 -61.00 -62.55
CA ILE R 165 23.49 -59.71 -62.61
C ILE R 165 23.73 -59.03 -63.95
N ILE R 166 24.80 -59.42 -64.66
CA ILE R 166 25.01 -58.90 -66.00
C ILE R 166 24.06 -59.51 -67.03
N LYS R 167 23.32 -60.56 -66.64
CA LYS R 167 22.34 -61.16 -67.52
C LYS R 167 20.91 -60.72 -67.18
N GLY R 168 20.76 -59.68 -66.36
CA GLY R 168 19.47 -59.11 -66.06
C GLY R 168 18.61 -59.88 -65.09
N VAL R 169 19.20 -60.79 -64.31
CA VAL R 169 18.46 -61.57 -63.32
C VAL R 169 18.87 -61.07 -61.94
N PRO R 170 17.99 -60.41 -61.20
CA PRO R 170 18.34 -60.00 -59.83
C PRO R 170 18.57 -61.18 -58.90
N ILE R 171 19.47 -60.98 -57.94
CA ILE R 171 19.82 -61.98 -56.94
C ILE R 171 19.54 -61.43 -55.55
N VAL R 172 18.83 -62.21 -54.75
CA VAL R 172 18.49 -61.82 -53.38
C VAL R 172 19.43 -62.57 -52.43
N LEU R 173 20.23 -61.81 -51.70
CA LEU R 173 21.12 -62.39 -50.70
C LEU R 173 20.51 -62.45 -49.31
N ASN R 174 19.48 -61.66 -49.07
CA ASN R 174 18.88 -61.50 -47.75
C ASN R 174 17.57 -60.74 -47.93
N PRO R 175 16.62 -60.89 -47.01
CA PRO R 175 15.39 -60.07 -47.09
C PRO R 175 15.67 -58.58 -47.09
N ILE R 176 16.88 -58.17 -46.75
CA ILE R 176 17.25 -56.76 -46.64
C ILE R 176 17.98 -56.28 -47.88
N ILE R 177 18.92 -57.06 -48.40
CA ILE R 177 19.75 -56.67 -49.52
C ILE R 177 19.36 -57.49 -50.74
N ILE R 178 19.06 -56.81 -51.85
CA ILE R 178 18.76 -57.47 -53.11
C ILE R 178 19.59 -56.80 -54.20
N PHE R 179 20.39 -57.60 -54.90
CA PHE R 179 21.26 -57.09 -55.96
C PHE R 179 20.51 -57.09 -57.28
N ASP R 180 20.47 -55.93 -57.94
CA ASP R 180 19.78 -55.81 -59.21
C ASP R 180 20.64 -54.99 -60.16
N SER R 181 20.17 -54.82 -61.39
CA SER R 181 20.88 -54.02 -62.38
C SER R 181 19.91 -53.07 -63.05
N VAL R 182 20.40 -51.88 -63.38
CA VAL R 182 19.62 -50.87 -64.10
C VAL R 182 20.40 -50.52 -65.36
N ARG R 183 19.77 -50.68 -66.51
CA ARG R 183 20.39 -50.35 -67.80
C ARG R 183 19.72 -49.17 -68.49
N PHE R 184 20.54 -48.21 -68.91
CA PHE R 184 20.14 -47.02 -69.65
C PHE R 184 20.38 -47.26 -71.15
N ASP R 185 20.33 -46.18 -71.92
CA ASP R 185 20.52 -46.25 -73.37
C ASP R 185 21.92 -46.74 -73.71
N LYS R 186 22.10 -47.07 -75.00
CA LYS R 186 23.37 -47.44 -75.60
C LYS R 186 23.91 -48.75 -74.99
N SER R 187 23.01 -49.54 -74.40
CA SER R 187 23.27 -50.83 -73.74
C SER R 187 24.04 -50.71 -72.43
N LYS R 188 24.25 -49.50 -71.91
CA LYS R 188 25.01 -49.36 -70.68
C LYS R 188 24.22 -49.93 -69.52
N ILE R 189 24.92 -50.57 -68.58
CA ILE R 189 24.30 -51.14 -67.38
C ILE R 189 25.08 -50.69 -66.15
N LEU R 190 24.40 -50.76 -64.99
CA LEU R 190 24.96 -50.36 -63.72
C LEU R 190 24.36 -51.21 -62.60
N PRO R 191 25.19 -51.88 -61.79
CA PRO R 191 24.62 -52.66 -60.67
C PRO R 191 24.12 -51.72 -59.59
N VAL R 192 22.99 -52.09 -58.98
CA VAL R 192 22.36 -51.31 -57.93
C VAL R 192 21.87 -52.22 -56.81
N ALA R 193 21.63 -51.61 -55.66
CA ALA R 193 20.96 -52.20 -54.52
C ALA R 193 19.73 -51.34 -54.32
N VAL R 194 18.55 -51.97 -54.31
CA VAL R 194 17.32 -51.20 -54.29
C VAL R 194 16.93 -50.84 -52.87
N ALA R 195 16.13 -49.78 -52.75
CA ALA R 195 15.48 -49.39 -51.52
C ALA R 195 14.20 -50.23 -51.32
N ASN R 196 13.67 -50.16 -50.10
CA ASN R 196 12.45 -50.84 -49.69
C ASN R 196 12.33 -52.26 -50.26
N PRO R 197 13.33 -53.14 -50.06
CA PRO R 197 13.24 -54.48 -50.63
C PRO R 197 12.17 -55.33 -49.96
N LYS R 198 11.39 -54.71 -49.07
CA LYS R 198 10.41 -55.42 -48.25
C LYS R 198 9.03 -55.44 -48.89
N LEU R 199 8.66 -54.37 -49.61
CA LEU R 199 7.31 -54.26 -50.15
C LEU R 199 7.29 -54.08 -51.66
N MET R 200 8.43 -53.81 -52.30
CA MET R 200 8.49 -53.66 -53.75
C MET R 200 9.56 -54.57 -54.37
N PRO R 201 9.57 -55.85 -53.99
CA PRO R 201 10.63 -56.75 -54.46
C PRO R 201 10.65 -56.89 -55.98
N PRO R 202 11.84 -56.97 -56.57
CA PRO R 202 11.94 -57.14 -58.02
C PRO R 202 11.34 -58.48 -58.44
N LEU R 203 10.86 -58.53 -59.68
CA LEU R 203 10.11 -59.70 -60.11
C LEU R 203 11.05 -60.82 -60.52
N GLY R 204 10.64 -62.05 -60.23
CA GLY R 204 11.39 -63.26 -60.54
C GLY R 204 12.67 -63.39 -59.74
N VAL R 205 12.62 -63.09 -58.44
CA VAL R 205 13.78 -63.19 -57.56
C VAL R 205 14.11 -64.64 -57.26
N GLN R 206 15.40 -64.96 -57.25
CA GLN R 206 15.88 -66.31 -56.95
C GLN R 206 16.82 -66.19 -55.76
N ASP R 207 16.84 -67.22 -54.92
CA ASP R 207 17.78 -67.25 -53.82
C ASP R 207 19.22 -67.43 -54.31
N TRP R 208 20.16 -67.04 -53.44
CA TRP R 208 21.57 -67.28 -53.66
C TRP R 208 21.88 -68.77 -53.69
N ASP R 209 21.12 -69.59 -52.96
CA ASP R 209 21.39 -71.03 -52.90
C ASP R 209 21.39 -71.66 -54.29
N THR R 210 20.67 -71.06 -55.24
CA THR R 210 20.64 -71.61 -56.59
C THR R 210 21.99 -71.51 -57.28
N ILE R 211 22.73 -70.42 -57.03
CA ILE R 211 23.94 -70.15 -57.79
C ILE R 211 25.20 -70.52 -56.99
N VAL R 212 25.07 -71.42 -56.02
CA VAL R 212 26.18 -71.87 -55.20
C VAL R 212 26.29 -73.38 -55.33
N ASP R 213 27.52 -73.88 -55.37
CA ASP R 213 27.74 -75.31 -55.46
C ASP R 213 27.06 -76.01 -54.27
N GLU R 214 26.62 -77.24 -54.52
CA GLU R 214 25.82 -77.98 -53.54
C GLU R 214 26.66 -78.52 -52.38
N ASP R 215 27.98 -78.38 -52.42
CA ASP R 215 28.80 -78.86 -51.32
C ASP R 215 28.43 -78.13 -50.02
N GLU R 216 28.45 -78.88 -48.92
CA GLU R 216 28.00 -78.33 -47.63
C GLU R 216 28.96 -77.26 -47.14
N GLU R 217 30.26 -77.47 -47.34
CA GLU R 217 31.26 -76.52 -46.87
C GLU R 217 31.11 -75.18 -47.57
N ILE R 218 30.91 -75.21 -48.90
CA ILE R 218 30.80 -73.96 -49.66
C ILE R 218 29.56 -73.19 -49.21
N LYS R 219 28.43 -73.89 -49.05
CA LYS R 219 27.21 -73.22 -48.61
C LYS R 219 27.34 -72.64 -47.21
N LYS R 220 28.00 -73.38 -46.31
CA LYS R 220 28.21 -72.85 -44.95
C LYS R 220 29.11 -71.62 -44.97
N ILE R 221 30.18 -71.67 -45.78
CA ILE R 221 31.10 -70.54 -45.89
C ILE R 221 30.37 -69.31 -46.40
N VAL R 222 29.55 -69.48 -47.44
CA VAL R 222 28.87 -68.35 -48.03
C VAL R 222 27.80 -67.81 -47.07
N SER R 223 27.11 -68.70 -46.36
CA SER R 223 26.13 -68.25 -45.37
C SER R 223 26.79 -67.43 -44.27
N THR R 224 27.94 -67.90 -43.76
CA THR R 224 28.65 -67.13 -42.75
C THR R 224 29.09 -65.78 -43.30
N PHE R 225 29.58 -65.76 -44.54
CA PHE R 225 29.98 -64.50 -45.15
C PHE R 225 28.81 -63.54 -45.24
N ILE R 226 27.64 -64.04 -45.64
CA ILE R 226 26.44 -63.19 -45.75
C ILE R 226 26.06 -62.64 -44.38
N LYS R 227 26.09 -63.48 -43.35
CA LYS R 227 25.74 -63.02 -42.00
C LYS R 227 26.70 -61.94 -41.54
N LEU R 228 28.00 -62.14 -41.77
CA LEU R 228 28.98 -61.15 -41.36
C LEU R 228 28.81 -59.86 -42.14
N LEU R 229 28.46 -59.97 -43.43
CA LEU R 229 28.20 -58.77 -44.23
C LEU R 229 27.01 -57.99 -43.68
N GLU R 230 25.94 -58.70 -43.30
CA GLU R 230 24.79 -58.03 -42.72
C GLU R 230 25.16 -57.34 -41.42
N ASN R 231 25.92 -58.02 -40.57
CA ASN R 231 26.34 -57.41 -39.31
C ASN R 231 27.22 -56.19 -39.53
N ALA R 232 28.17 -56.29 -40.47
CA ALA R 232 29.07 -55.17 -40.74
C ALA R 232 28.30 -53.98 -41.28
N LEU R 233 27.32 -54.20 -42.16
CA LEU R 233 26.50 -53.11 -42.63
C LEU R 233 25.66 -52.51 -41.51
N THR R 234 25.15 -53.36 -40.61
CA THR R 234 24.34 -52.85 -39.51
C THR R 234 25.16 -51.96 -38.58
N VAL R 235 26.37 -52.40 -38.21
CA VAL R 235 27.16 -51.59 -37.29
C VAL R 235 27.69 -50.32 -37.94
N GLY R 236 27.83 -50.29 -39.26
CA GLY R 236 28.20 -49.05 -39.93
C GLY R 236 29.49 -49.12 -40.74
N HIS R 237 29.90 -50.33 -41.13
CA HIS R 237 31.11 -50.49 -41.92
C HIS R 237 30.83 -50.20 -43.40
N GLU R 238 31.89 -50.22 -44.20
CA GLU R 238 31.80 -50.06 -45.66
C GLU R 238 32.51 -51.25 -46.30
N VAL R 239 31.73 -52.23 -46.75
CA VAL R 239 32.28 -53.50 -47.23
C VAL R 239 32.38 -53.44 -48.76
N GLU R 240 33.44 -54.05 -49.30
CA GLU R 240 33.63 -54.14 -50.74
C GLU R 240 33.08 -55.47 -51.24
N PHE R 241 32.25 -55.42 -52.29
CA PHE R 241 31.58 -56.62 -52.80
C PHE R 241 32.12 -57.01 -54.17
N PHE R 242 31.99 -56.13 -55.17
CA PHE R 242 32.65 -56.34 -56.44
C PHE R 242 34.01 -55.65 -56.44
N GLN R 243 34.74 -55.79 -57.54
CA GLN R 243 36.02 -55.11 -57.66
C GLN R 243 35.79 -53.62 -57.80
N ASP R 244 36.43 -52.84 -56.94
CA ASP R 244 36.33 -51.37 -56.96
C ASP R 244 34.89 -50.89 -56.85
N THR R 245 34.12 -51.51 -55.95
CA THR R 245 32.83 -50.99 -55.54
C THR R 245 32.69 -51.10 -54.02
N LEU R 246 31.63 -50.49 -53.50
CA LEU R 246 31.47 -50.35 -52.06
C LEU R 246 30.00 -50.40 -51.68
N LEU R 247 29.69 -51.10 -50.58
CA LEU R 247 28.31 -51.30 -50.14
C LEU R 247 28.10 -50.60 -48.81
N VAL R 248 27.13 -49.68 -48.75
CA VAL R 248 26.89 -48.93 -47.53
C VAL R 248 25.42 -49.00 -47.17
N ARG R 249 25.12 -48.96 -45.86
CA ARG R 249 23.78 -48.85 -45.32
C ARG R 249 23.64 -47.50 -44.61
N ASN R 250 22.75 -46.64 -45.11
CA ASN R 250 22.65 -45.32 -44.50
C ASN R 250 21.83 -45.27 -43.20
N VAL R 251 21.44 -44.05 -42.82
CA VAL R 251 20.64 -43.82 -41.60
C VAL R 251 19.30 -44.56 -41.65
N ASP R 252 18.54 -44.36 -42.72
CA ASP R 252 17.25 -45.01 -42.92
C ASP R 252 17.33 -46.46 -43.36
N GLY R 253 18.46 -47.13 -43.13
CA GLY R 253 18.59 -48.52 -43.52
C GLY R 253 18.45 -48.70 -45.01
N ILE R 254 19.02 -47.77 -45.77
CA ILE R 254 19.01 -47.76 -47.22
C ILE R 254 20.38 -48.24 -47.68
N THR R 255 20.43 -49.27 -48.51
CA THR R 255 21.71 -49.78 -48.92
C THR R 255 21.99 -49.32 -50.35
N SER R 256 23.25 -48.99 -50.59
CA SER R 256 23.69 -48.47 -51.87
C SER R 256 25.02 -49.11 -52.25
N LEU R 257 25.24 -49.19 -53.56
CA LEU R 257 26.46 -49.74 -54.14
C LEU R 257 27.11 -48.64 -54.96
N TYR R 258 28.28 -48.20 -54.53
CA TYR R 258 29.01 -47.12 -55.19
C TYR R 258 30.08 -47.74 -56.07
N VAL R 259 30.03 -47.40 -57.36
CA VAL R 259 30.83 -48.02 -58.39
C VAL R 259 31.85 -47.02 -58.88
N SER R 260 33.12 -47.42 -58.90
CA SER R 260 34.16 -46.55 -59.44
C SER R 260 34.03 -46.45 -60.96
N GLU R 261 34.90 -45.66 -61.58
CA GLU R 261 34.87 -45.52 -63.03
C GLU R 261 35.28 -46.82 -63.71
N LYS R 262 36.38 -47.43 -63.25
CA LYS R 262 36.90 -48.61 -63.91
C LYS R 262 36.03 -49.84 -63.62
N ALA R 263 35.40 -49.88 -62.45
CA ALA R 263 34.46 -50.97 -62.17
C ALA R 263 33.25 -50.90 -63.09
N ALA R 264 32.69 -49.70 -63.29
CA ALA R 264 31.59 -49.56 -64.23
C ALA R 264 32.03 -49.83 -65.65
N GLN R 265 33.27 -49.49 -66.00
CA GLN R 265 33.78 -49.80 -67.33
C GLN R 265 33.83 -51.30 -67.56
N VAL R 266 34.31 -52.05 -66.56
CA VAL R 266 34.41 -53.50 -66.69
C VAL R 266 33.01 -54.12 -66.70
N PHE R 267 32.09 -53.57 -65.91
CA PHE R 267 30.69 -53.99 -65.97
C PHE R 267 30.13 -53.83 -67.38
N ASN R 268 30.35 -52.66 -67.98
CA ASN R 268 29.81 -52.39 -69.31
C ASN R 268 30.44 -53.26 -70.37
N ASN R 269 31.73 -53.57 -70.23
CA ASN R 269 32.40 -54.48 -71.16
C ASN R 269 31.75 -55.86 -71.15
N SER R 270 31.46 -56.39 -69.96
CA SER R 270 30.81 -57.69 -69.85
C SER R 270 29.44 -57.71 -70.53
N LEU S 109 120.39 -45.41 53.39
CA LEU S 109 119.13 -44.69 53.32
C LEU S 109 118.64 -44.58 51.89
N ASN S 110 119.57 -44.65 50.93
CA ASN S 110 119.21 -44.51 49.52
C ASN S 110 118.33 -45.67 49.08
N LYS S 111 118.71 -46.90 49.43
CA LYS S 111 117.91 -48.07 49.04
C LYS S 111 116.53 -48.04 49.71
N SER S 112 116.49 -47.72 51.01
CA SER S 112 115.21 -47.65 51.71
C SER S 112 114.32 -46.55 51.14
N ALA S 113 114.91 -45.39 50.85
CA ALA S 113 114.13 -44.30 50.25
C ALA S 113 113.61 -44.71 48.88
N TRP S 114 114.41 -45.40 48.08
CA TRP S 114 113.95 -45.86 46.78
C TRP S 114 112.81 -46.86 46.93
N ASN S 115 112.92 -47.78 47.90
CA ASN S 115 111.86 -48.75 48.13
C ASN S 115 110.56 -48.07 48.55
N TYR S 116 110.65 -47.11 49.47
CA TYR S 116 109.45 -46.39 49.89
C TYR S 116 108.86 -45.59 48.73
N ASN S 117 109.71 -44.96 47.92
CA ASN S 117 109.22 -44.17 46.79
C ASN S 117 108.52 -45.05 45.76
N GLU S 118 109.08 -46.23 45.48
CA GLU S 118 108.44 -47.11 44.49
C GLU S 118 107.18 -47.75 45.05
N ILE S 119 107.11 -48.02 46.35
CA ILE S 119 105.87 -48.57 46.89
C ILE S 119 104.79 -47.51 46.96
N ILE S 120 105.14 -46.25 47.23
CA ILE S 120 104.16 -45.17 47.20
C ILE S 120 103.71 -44.91 45.78
N GLN S 121 104.64 -45.00 44.81
CA GLN S 121 104.28 -44.81 43.41
C GLN S 121 103.29 -45.86 42.94
N ARG S 122 103.43 -47.10 43.43
CA ARG S 122 102.46 -48.14 43.10
C ARG S 122 101.06 -47.81 43.61
N ASP S 123 100.93 -46.87 44.53
CA ASP S 123 99.65 -46.41 45.06
C ASP S 123 98.86 -47.57 45.69
N THR S 124 99.58 -48.52 46.28
CA THR S 124 98.97 -49.62 47.01
C THR S 124 99.17 -49.49 48.52
N GLN S 125 99.70 -48.36 48.97
CA GLN S 125 99.97 -48.17 50.39
C GLN S 125 98.71 -47.70 51.11
N LEU S 126 98.64 -48.02 52.40
CA LEU S 126 97.50 -47.67 53.24
C LEU S 126 97.97 -46.61 54.23
N THR S 127 97.30 -45.46 54.23
CA THR S 127 97.67 -44.36 55.11
C THR S 127 97.10 -44.60 56.51
N ILE S 128 97.36 -43.64 57.40
CA ILE S 128 96.82 -43.70 58.76
C ILE S 128 95.29 -43.72 58.73
N LEU S 129 94.71 -42.91 57.85
CA LEU S 129 93.25 -42.83 57.76
C LEU S 129 92.62 -44.19 57.52
N ASP S 130 93.27 -45.06 56.74
CA ASP S 130 92.68 -46.35 56.41
C ASP S 130 92.45 -47.18 57.67
N MET S 131 93.48 -47.36 58.50
CA MET S 131 93.31 -48.15 59.70
C MET S 131 92.51 -47.41 60.76
N ALA S 132 92.59 -46.08 60.76
CA ALA S 132 91.74 -45.30 61.67
C ALA S 132 90.27 -45.55 61.39
N LEU S 133 89.89 -45.52 60.11
CA LEU S 133 88.51 -45.80 59.71
C LEU S 133 88.15 -47.26 59.94
N GLN S 134 89.10 -48.18 59.75
CA GLN S 134 88.81 -49.58 60.00
C GLN S 134 88.50 -49.81 61.48
N VAL S 135 89.24 -49.14 62.37
CA VAL S 135 88.90 -49.17 63.79
C VAL S 135 87.55 -48.51 64.03
N HIS S 136 87.30 -47.38 63.37
CA HIS S 136 86.01 -46.70 63.47
C HIS S 136 84.85 -47.64 63.19
N LEU S 137 84.94 -48.40 62.10
CA LEU S 137 83.87 -49.33 61.77
C LEU S 137 83.83 -50.51 62.74
N PHE S 138 84.99 -51.09 63.04
CA PHE S 138 85.01 -52.30 63.86
C PHE S 138 84.55 -52.04 65.29
N LEU S 139 84.88 -50.87 65.82
CA LEU S 139 84.53 -50.54 67.21
C LEU S 139 83.07 -50.20 67.40
N TYR S 140 82.31 -50.02 66.32
CA TYR S 140 80.93 -49.56 66.45
C TYR S 140 80.05 -50.61 67.11
N GLU S 141 79.32 -50.20 68.15
CA GLU S 141 78.42 -51.11 68.85
C GLU S 141 77.07 -50.46 69.12
N GLY S 142 76.77 -49.32 68.50
CA GLY S 142 75.54 -48.60 68.75
C GLY S 142 75.75 -47.10 68.78
N LYS S 143 77.00 -46.69 68.98
CA LYS S 143 77.38 -45.29 69.04
C LYS S 143 78.58 -45.05 68.14
N ILE S 144 78.54 -43.97 67.38
CA ILE S 144 79.64 -43.63 66.48
C ILE S 144 80.79 -43.07 67.31
N ILE S 145 81.96 -43.67 67.15
CA ILE S 145 83.20 -43.15 67.72
C ILE S 145 83.87 -42.26 66.69
N ASP S 146 84.10 -41.00 67.03
CA ASP S 146 84.55 -40.02 66.06
C ASP S 146 85.86 -40.44 65.43
N ILE S 147 86.09 -39.98 64.19
CA ILE S 147 87.30 -40.36 63.48
C ILE S 147 88.46 -39.40 63.75
N ALA S 148 88.15 -38.14 64.08
CA ALA S 148 89.22 -37.21 64.42
C ALA S 148 89.96 -37.65 65.67
N HIS S 149 89.24 -38.11 66.69
CA HIS S 149 89.88 -38.61 67.90
C HIS S 149 90.75 -39.83 67.60
N ILE S 150 90.26 -40.72 66.72
CA ILE S 150 91.04 -41.89 66.35
C ILE S 150 92.33 -41.50 65.66
N GLN S 151 92.24 -40.55 64.71
CA GLN S 151 93.45 -40.11 64.02
C GLN S 151 94.42 -39.46 65.00
N LYS S 152 93.91 -38.64 65.92
CA LYS S 152 94.78 -37.97 66.89
C LYS S 152 95.46 -38.99 67.80
N ILE S 153 94.72 -39.97 68.30
CA ILE S 153 95.31 -40.96 69.20
C ILE S 153 96.35 -41.80 68.47
N ILE S 154 96.09 -42.14 67.20
CA ILE S 154 97.07 -42.94 66.47
C ILE S 154 98.33 -42.13 66.20
N LYS S 155 98.17 -40.85 65.82
CA LYS S 155 99.34 -40.00 65.59
C LYS S 155 100.17 -39.86 66.85
N THR S 156 99.51 -39.58 67.99
CA THR S 156 100.23 -39.44 69.24
C THR S 156 100.92 -40.74 69.64
N PHE S 157 100.24 -41.87 69.45
CA PHE S 157 100.84 -43.15 69.82
C PHE S 157 102.06 -43.46 68.98
N VAL S 158 101.98 -43.25 67.66
CA VAL S 158 103.13 -43.57 66.81
C VAL S 158 104.28 -42.60 67.10
N LEU S 159 103.97 -41.34 67.38
CA LEU S 159 105.02 -40.40 67.77
C LEU S 159 105.70 -40.82 69.06
N ASN S 160 104.92 -41.25 70.05
CA ASN S 160 105.51 -41.72 71.31
C ASN S 160 106.36 -42.96 71.10
N VAL S 161 105.89 -43.89 70.27
CA VAL S 161 106.68 -45.09 69.97
C VAL S 161 108.00 -44.72 69.31
N PHE S 162 107.95 -43.81 68.33
CA PHE S 162 109.18 -43.40 67.66
C PHE S 162 110.13 -42.72 68.63
N ALA S 163 109.61 -41.85 69.51
CA ALA S 163 110.46 -41.18 70.47
C ALA S 163 111.11 -42.17 71.44
N LYS S 164 110.34 -43.17 71.89
CA LYS S 164 110.88 -44.16 72.81
C LYS S 164 111.92 -45.04 72.12
N ILE S 165 111.69 -45.40 70.86
CA ILE S 165 112.59 -46.34 70.18
C ILE S 165 113.82 -45.65 69.60
N ILE S 166 113.79 -44.33 69.44
CA ILE S 166 114.95 -43.63 68.89
C ILE S 166 116.17 -43.77 69.80
N LYS S 167 115.94 -43.96 71.10
CA LYS S 167 117.04 -44.09 72.06
C LYS S 167 117.49 -45.53 72.24
N GLY S 168 117.25 -46.40 71.26
CA GLY S 168 117.69 -47.78 71.35
C GLY S 168 116.88 -48.66 72.27
N VAL S 169 115.78 -48.15 72.82
CA VAL S 169 114.97 -48.94 73.75
C VAL S 169 114.11 -49.92 72.96
N PRO S 170 114.17 -51.21 73.25
CA PRO S 170 113.35 -52.18 72.50
C PRO S 170 111.86 -51.94 72.74
N ILE S 171 111.08 -52.12 71.67
CA ILE S 171 109.63 -51.96 71.73
C ILE S 171 108.98 -52.93 70.76
N VAL S 172 108.17 -53.85 71.28
CA VAL S 172 107.47 -54.85 70.48
C VAL S 172 105.98 -54.56 70.55
N LEU S 173 105.34 -54.47 69.39
CA LEU S 173 103.89 -54.25 69.33
C LEU S 173 103.12 -55.56 69.41
N ASN S 174 103.66 -56.64 68.86
CA ASN S 174 102.99 -57.93 68.85
C ASN S 174 104.02 -59.03 68.63
N PRO S 175 103.61 -60.30 68.62
CA PRO S 175 104.57 -61.40 68.43
C PRO S 175 105.16 -61.49 67.04
N ILE S 176 104.79 -60.60 66.12
CA ILE S 176 105.35 -60.56 64.78
C ILE S 176 105.96 -59.22 64.43
N ILE S 177 105.89 -58.23 65.32
CA ILE S 177 106.41 -56.89 65.06
C ILE S 177 107.15 -56.41 66.31
N ILE S 178 108.47 -56.31 66.22
CA ILE S 178 109.30 -55.71 67.25
C ILE S 178 110.27 -54.76 66.57
N PHE S 179 110.19 -53.48 66.90
CA PHE S 179 110.96 -52.45 66.22
C PHE S 179 112.13 -52.01 67.09
N ASP S 180 113.32 -52.03 66.51
CA ASP S 180 114.53 -51.58 67.19
C ASP S 180 115.28 -50.61 66.29
N SER S 181 116.49 -50.20 66.70
CA SER S 181 117.29 -49.25 65.94
C SER S 181 118.63 -49.88 65.57
N VAL S 182 119.12 -49.54 64.39
CA VAL S 182 120.44 -49.95 63.93
C VAL S 182 121.26 -48.69 63.70
N ARG S 183 122.45 -48.64 64.29
CA ARG S 183 123.30 -47.45 64.26
C ARG S 183 124.57 -47.75 63.47
N PHE S 184 124.85 -46.90 62.48
CA PHE S 184 126.08 -47.02 61.70
C PHE S 184 127.20 -46.14 62.26
N ASP S 185 126.89 -44.89 62.61
CA ASP S 185 127.84 -43.97 63.19
C ASP S 185 127.05 -42.86 63.89
N LYS S 186 127.75 -41.81 64.29
CA LYS S 186 127.09 -40.68 64.94
C LYS S 186 126.07 -40.05 63.99
N SER S 187 124.87 -39.79 64.52
CA SER S 187 123.74 -39.23 63.77
C SER S 187 123.34 -40.12 62.59
N LYS S 188 123.67 -41.40 62.63
CA LYS S 188 123.32 -42.36 61.59
C LYS S 188 122.59 -43.52 62.26
N ILE S 189 121.27 -43.39 62.37
CA ILE S 189 120.43 -44.42 62.98
C ILE S 189 119.26 -44.70 62.04
N LEU S 190 118.74 -45.93 62.13
CA LEU S 190 117.60 -46.31 61.30
C LEU S 190 116.74 -47.33 62.03
N PRO S 191 115.44 -47.10 62.13
CA PRO S 191 114.56 -48.11 62.72
C PRO S 191 114.40 -49.31 61.79
N VAL S 192 114.12 -50.46 62.39
CA VAL S 192 113.95 -51.70 61.64
C VAL S 192 113.18 -52.69 62.52
N ALA S 193 112.29 -53.45 61.88
CA ALA S 193 111.50 -54.47 62.57
C ALA S 193 112.12 -55.83 62.34
N VAL S 194 112.16 -56.65 63.40
CA VAL S 194 112.74 -57.98 63.32
C VAL S 194 112.02 -58.93 64.27
N ASP S 207 106.34 -54.96 73.80
CA ASP S 207 105.47 -54.59 74.91
C ASP S 207 105.30 -53.07 74.97
N TRP S 208 104.35 -52.56 74.21
CA TRP S 208 104.11 -51.12 74.11
C TRP S 208 102.99 -50.65 75.02
N ASP S 209 102.45 -51.54 75.86
CA ASP S 209 101.37 -51.13 76.77
C ASP S 209 101.83 -50.02 77.72
N THR S 210 103.10 -50.03 78.11
CA THR S 210 103.61 -48.97 78.97
C THR S 210 103.60 -47.62 78.27
N ILE S 211 103.74 -47.60 76.94
CA ILE S 211 103.68 -46.34 76.20
C ILE S 211 102.29 -45.73 76.31
N VAL S 212 101.25 -46.55 76.16
CA VAL S 212 99.89 -46.04 76.24
C VAL S 212 99.49 -45.86 77.70
N ASP S 213 98.51 -44.98 77.93
CA ASP S 213 98.04 -44.69 79.27
C ASP S 213 97.03 -45.75 79.71
N GLU S 214 96.43 -45.55 80.88
CA GLU S 214 95.53 -46.53 81.48
C GLU S 214 94.08 -46.34 81.09
N ASP S 215 93.75 -45.30 80.32
CA ASP S 215 92.37 -45.05 79.94
C ASP S 215 91.84 -46.22 79.11
N GLU S 216 90.64 -46.68 79.46
CA GLU S 216 90.06 -47.85 78.80
C GLU S 216 89.83 -47.61 77.31
N GLU S 217 89.33 -46.42 76.97
CA GLU S 217 89.11 -46.09 75.57
C GLU S 217 90.41 -46.09 74.78
N ILE S 218 91.46 -45.48 75.35
CA ILE S 218 92.76 -45.45 74.67
C ILE S 218 93.28 -46.87 74.48
N LYS S 219 93.19 -47.69 75.52
CA LYS S 219 93.71 -49.06 75.44
C LYS S 219 92.96 -49.87 74.39
N LYS S 220 91.63 -49.80 74.40
CA LYS S 220 90.87 -50.56 73.41
C LYS S 220 91.13 -50.05 72.00
N ILE S 221 91.28 -48.74 71.83
CA ILE S 221 91.55 -48.20 70.50
C ILE S 221 92.89 -48.67 69.97
N VAL S 222 93.93 -48.63 70.82
CA VAL S 222 95.25 -49.03 70.35
C VAL S 222 95.32 -50.54 70.12
N SER S 223 94.63 -51.32 70.96
CA SER S 223 94.58 -52.77 70.74
C SER S 223 93.90 -53.09 69.42
N THR S 224 92.77 -52.43 69.12
CA THR S 224 92.11 -52.62 67.84
C THR S 224 93.03 -52.20 66.69
N PHE S 225 93.74 -51.09 66.86
CA PHE S 225 94.63 -50.59 65.82
C PHE S 225 95.71 -51.61 65.50
N ILE S 226 96.38 -52.15 66.52
CA ILE S 226 97.45 -53.10 66.27
C ILE S 226 96.90 -54.41 65.72
N LYS S 227 95.71 -54.84 66.20
CA LYS S 227 95.11 -56.06 65.68
C LYS S 227 94.79 -55.93 64.20
N LEU S 228 94.21 -54.79 63.81
CA LEU S 228 93.92 -54.57 62.39
C LEU S 228 95.20 -54.42 61.58
N LEU S 229 96.25 -53.84 62.16
CA LEU S 229 97.54 -53.78 61.48
C LEU S 229 98.05 -55.17 61.17
N GLU S 230 97.99 -56.07 62.16
CA GLU S 230 98.42 -57.45 61.94
C GLU S 230 97.54 -58.13 60.89
N ASN S 231 96.23 -57.91 60.96
CA ASN S 231 95.32 -58.57 60.03
C ASN S 231 95.57 -58.10 58.60
N ALA S 232 95.87 -56.81 58.42
CA ALA S 232 96.18 -56.29 57.09
C ALA S 232 97.53 -56.79 56.60
N LEU S 233 98.56 -56.72 57.45
CA LEU S 233 99.91 -57.09 57.03
C LEU S 233 100.00 -58.57 56.70
N THR S 234 99.34 -59.43 57.49
CA THR S 234 99.42 -60.87 57.27
C THR S 234 98.73 -61.30 55.98
N VAL S 235 97.95 -60.42 55.35
CA VAL S 235 97.31 -60.71 54.08
C VAL S 235 98.01 -60.01 52.92
N GLY S 236 99.22 -59.51 53.14
CA GLY S 236 100.00 -58.86 52.11
C GLY S 236 99.53 -57.46 51.77
N HIS S 237 99.48 -56.59 52.77
CA HIS S 237 99.10 -55.20 52.59
C HIS S 237 100.11 -54.31 53.28
N GLU S 238 100.46 -53.20 52.62
CA GLU S 238 101.32 -52.21 53.23
C GLU S 238 100.60 -51.49 54.37
N VAL S 239 101.36 -51.12 55.40
CA VAL S 239 100.84 -50.40 56.54
C VAL S 239 101.74 -49.22 56.84
N GLU S 240 101.16 -48.16 57.40
CA GLU S 240 101.89 -46.92 57.68
C GLU S 240 101.89 -46.67 59.19
N PHE S 241 103.09 -46.48 59.75
CA PHE S 241 103.24 -46.16 61.16
C PHE S 241 104.01 -44.87 61.39
N PHE S 242 104.56 -44.26 60.35
CA PHE S 242 105.26 -42.98 60.45
C PHE S 242 105.26 -42.33 59.08
N GLN S 243 105.55 -41.04 59.05
CA GLN S 243 105.56 -40.30 57.80
C GLN S 243 106.57 -40.92 56.84
N ASP S 244 106.12 -41.21 55.61
CA ASP S 244 106.96 -41.80 54.58
C ASP S 244 107.60 -43.11 55.07
N THR S 245 106.80 -43.93 55.75
CA THR S 245 107.25 -45.22 56.25
C THR S 245 106.28 -46.30 55.81
N LEU S 246 106.81 -47.46 55.44
CA LEU S 246 105.99 -48.57 54.97
C LEU S 246 106.35 -49.82 55.78
N LEU S 247 105.35 -50.43 56.39
CA LEU S 247 105.51 -51.65 57.17
C LEU S 247 104.90 -52.80 56.36
N VAL S 248 105.75 -53.50 55.61
CA VAL S 248 105.30 -54.56 54.72
C VAL S 248 105.64 -55.91 55.35
N ARG S 249 105.13 -56.98 54.73
CA ARG S 249 105.37 -58.32 55.22
C ARG S 249 105.37 -59.33 54.08
N THR S 255 108.75 -59.96 57.75
CA THR S 255 108.36 -58.55 57.80
C THR S 255 109.46 -57.66 57.27
N SER S 256 109.14 -56.40 56.99
CA SER S 256 110.11 -55.44 56.49
C SER S 256 109.60 -54.03 56.76
N LEU S 257 110.53 -53.11 56.95
CA LEU S 257 110.23 -51.71 57.19
C LEU S 257 111.00 -50.85 56.19
N TYR S 258 110.37 -49.78 55.74
CA TYR S 258 110.98 -48.86 54.79
C TYR S 258 110.77 -47.42 55.22
N VAL S 259 111.82 -46.60 55.08
CA VAL S 259 111.77 -45.18 55.38
C VAL S 259 112.23 -44.42 54.13
N SER S 260 112.12 -43.10 54.20
CA SER S 260 112.41 -42.24 53.06
C SER S 260 113.43 -41.17 53.47
N GLU S 261 113.77 -40.32 52.49
CA GLU S 261 114.74 -39.26 52.74
C GLU S 261 114.23 -38.27 53.78
N LYS S 262 112.95 -37.88 53.69
CA LYS S 262 112.36 -37.06 54.73
C LYS S 262 112.32 -37.79 56.06
N ALA S 263 112.01 -39.08 56.04
CA ALA S 263 112.08 -39.88 57.26
C ALA S 263 113.50 -39.96 57.79
N ALA S 264 114.48 -40.05 56.90
CA ALA S 264 115.88 -40.05 57.33
C ALA S 264 116.25 -38.73 58.00
N GLN S 265 115.80 -37.61 57.43
CA GLN S 265 116.06 -36.31 58.05
C GLN S 265 115.38 -36.20 59.40
N VAL S 266 114.15 -36.71 59.51
CA VAL S 266 113.42 -36.67 60.78
C VAL S 266 114.16 -37.47 61.84
N PHE S 267 114.62 -38.68 61.47
CA PHE S 267 115.35 -39.51 62.41
C PHE S 267 116.67 -38.85 62.81
N ASN S 268 117.36 -38.24 61.85
CA ASN S 268 118.63 -37.58 62.17
C ASN S 268 118.43 -36.40 63.12
N ASN S 269 117.38 -35.61 62.89
CA ASN S 269 117.11 -34.48 63.78
C ASN S 269 116.64 -34.95 65.15
N SER S 270 115.92 -36.08 65.21
CA SER S 270 115.52 -36.62 66.51
C SER S 270 116.71 -37.15 67.28
N VAL S 271 117.67 -37.76 66.59
CA VAL S 271 118.85 -38.29 67.25
C VAL S 271 119.73 -37.16 67.77
N ILE S 272 119.85 -36.08 67.00
CA ILE S 272 120.70 -34.96 67.37
C ILE S 272 120.06 -34.16 68.50
N PRO S 277 109.92 -33.76 67.06
CA PRO S 277 108.70 -33.24 66.42
C PRO S 277 107.68 -32.73 67.43
N GLU S 278 106.81 -31.82 67.00
CA GLU S 278 105.78 -31.29 67.88
C GLU S 278 104.74 -32.36 68.18
N LYS S 279 104.02 -32.14 69.29
CA LYS S 279 103.07 -33.14 69.75
C LYS S 279 101.95 -33.32 68.72
N PRO S 280 101.49 -34.55 68.49
CA PRO S 280 100.44 -34.77 67.50
C PRO S 280 99.10 -34.18 67.94
N LYS S 281 98.30 -33.80 66.95
CA LYS S 281 97.00 -33.20 67.21
C LYS S 281 95.93 -33.86 66.35
N TYR S 282 94.72 -33.29 66.37
CA TYR S 282 93.59 -33.82 65.61
C TYR S 282 93.37 -32.97 64.37
N GLU S 283 93.44 -33.60 63.20
CA GLU S 283 93.20 -32.92 61.93
C GLU S 283 91.82 -33.29 61.40
N ALA S 284 91.05 -32.28 61.01
CA ALA S 284 89.67 -32.52 60.58
C ALA S 284 89.63 -33.38 59.33
N LEU S 285 88.61 -34.23 59.24
CA LEU S 285 88.40 -35.04 58.05
C LEU S 285 88.17 -34.15 56.84
N GLU S 286 88.80 -34.50 55.72
CA GLU S 286 88.72 -33.70 54.51
C GLU S 286 88.52 -34.61 53.31
N ASP S 287 87.95 -34.05 52.26
CA ASP S 287 87.71 -34.79 51.02
C ASP S 287 89.02 -35.09 50.31
N ILE T 62 59.68 3.26 32.76
CA ILE T 62 59.80 2.10 33.63
C ILE T 62 58.93 2.29 34.87
N VAL T 63 59.04 1.36 35.81
CA VAL T 63 58.25 1.44 37.04
C VAL T 63 58.70 2.63 37.87
N LYS T 64 57.77 3.14 38.68
CA LYS T 64 58.02 4.34 39.48
C LYS T 64 57.50 4.14 40.89
N THR T 65 58.09 4.87 41.84
CA THR T 65 57.65 4.89 43.22
C THR T 65 56.53 5.93 43.38
N GLU T 66 55.77 5.80 44.48
CA GLU T 66 54.64 6.70 44.71
C GLU T 66 55.10 8.15 44.75
N LEU T 67 56.22 8.43 45.41
CA LEU T 67 56.79 9.77 45.38
C LEU T 67 57.08 10.21 43.96
N GLU T 68 57.61 9.30 43.14
CA GLU T 68 57.86 9.62 41.75
C GLU T 68 56.56 9.86 41.00
N TYR T 69 55.48 9.20 41.38
CA TYR T 69 54.18 9.48 40.77
C TYR T 69 53.71 10.89 41.12
N VAL T 70 53.90 11.30 42.37
CA VAL T 70 53.53 12.67 42.76
C VAL T 70 54.37 13.69 41.98
N GLU T 71 55.67 13.42 41.87
CA GLU T 71 56.53 14.33 41.11
C GLU T 71 56.11 14.40 39.65
N GLU T 72 55.73 13.26 39.06
CA GLU T 72 55.27 13.26 37.68
C GLU T 72 53.98 14.06 37.52
N ASP T 73 53.08 13.95 38.50
CA ASP T 73 51.85 14.74 38.46
C ASP T 73 52.16 16.22 38.46
N SER T 74 53.06 16.65 39.36
CA SER T 74 53.42 18.06 39.41
C SER T 74 54.10 18.50 38.12
N ARG T 75 54.96 17.66 37.56
CA ARG T 75 55.63 17.97 36.31
C ARG T 75 54.60 18.17 35.19
N LEU T 76 53.59 17.31 35.14
CA LEU T 76 52.56 17.47 34.11
C LEU T 76 51.77 18.76 34.30
N ARG T 77 51.44 19.10 35.55
CA ARG T 77 50.70 20.35 35.79
C ARG T 77 51.51 21.56 35.34
N LYS T 78 52.79 21.61 35.70
CA LYS T 78 53.62 22.74 35.29
C LYS T 78 53.84 22.75 33.78
N GLU T 79 53.93 21.56 33.17
CA GLU T 79 54.00 21.49 31.71
C GLU T 79 52.75 22.08 31.08
N LYS T 80 51.58 21.80 31.65
CA LYS T 80 50.34 22.35 31.12
C LYS T 80 50.30 23.88 31.28
N ILE T 81 50.84 24.39 32.38
CA ILE T 81 50.93 25.84 32.55
C ILE T 81 51.80 26.44 31.44
N GLU T 82 52.95 25.82 31.19
CA GLU T 82 53.83 26.31 30.14
C GLU T 82 53.17 26.18 28.77
N LEU T 83 52.37 25.14 28.57
CA LEU T 83 51.59 25.00 27.35
C LEU T 83 50.57 26.13 27.20
N ILE T 84 49.96 26.53 28.31
CA ILE T 84 49.05 27.67 28.29
C ILE T 84 49.77 28.90 27.76
N GLN T 85 50.96 29.18 28.30
CA GLN T 85 51.71 30.35 27.82
C GLN T 85 52.12 30.17 26.35
N LYS T 86 52.59 28.98 25.99
CA LYS T 86 53.06 28.73 24.63
C LYS T 86 51.94 28.80 23.60
N ASN T 87 50.70 28.52 24.00
CA ASN T 87 49.60 28.64 23.04
C ASN T 87 49.37 30.08 22.64
N TYR T 88 49.47 31.01 23.59
CA TYR T 88 49.41 32.43 23.24
C TYR T 88 50.65 32.83 22.44
N ASP T 89 51.83 32.32 22.82
CA ASP T 89 53.05 32.68 22.11
C ASP T 89 53.02 32.24 20.65
N ASN T 90 52.54 31.02 20.38
CA ASN T 90 52.51 30.51 19.01
C ASN T 90 51.54 31.26 18.12
N LEU T 91 50.57 31.97 18.69
CA LEU T 91 49.70 32.85 17.91
C LEU T 91 50.46 34.15 17.70
N ASN T 92 51.19 34.23 16.60
CA ASN T 92 52.06 35.37 16.35
C ASN T 92 51.18 36.59 16.09
N ALA T 93 50.99 37.39 17.14
CA ALA T 93 50.06 38.52 17.10
C ALA T 93 50.77 39.79 17.53
N LYS T 94 50.31 40.91 17.00
CA LYS T 94 50.81 42.22 17.39
C LYS T 94 49.65 43.10 17.84
N PRO T 95 49.88 43.98 18.80
CA PRO T 95 48.81 44.88 19.27
C PRO T 95 48.25 45.71 18.12
N LEU T 96 46.93 45.85 18.11
CA LEU T 96 46.26 46.62 17.08
C LEU T 96 46.62 48.10 17.20
N VAL T 97 46.91 48.73 16.07
CA VAL T 97 47.37 50.11 16.02
C VAL T 97 46.22 51.00 15.56
N GLY T 98 46.27 52.26 15.99
CA GLY T 98 45.24 53.22 15.63
C GLY T 98 45.79 54.63 15.58
N VAL T 99 44.91 55.56 15.20
CA VAL T 99 45.25 56.98 15.10
C VAL T 99 44.35 57.74 16.06
N ASP T 100 44.49 59.07 16.11
CA ASP T 100 43.74 59.86 17.07
C ASP T 100 42.70 60.78 16.45
N LEU T 101 42.82 61.15 15.18
CA LEU T 101 41.89 62.06 14.54
C LEU T 101 41.58 61.61 13.12
N TYR T 102 40.39 61.98 12.63
CA TYR T 102 40.01 61.71 11.25
C TYR T 102 40.67 62.73 10.32
N GLU T 103 42.00 62.74 10.35
CA GLU T 103 42.74 63.79 9.65
C GLU T 103 42.70 63.59 8.15
N SER T 104 43.22 62.47 7.67
CA SER T 104 43.30 62.18 6.25
C SER T 104 42.69 60.82 5.95
N TYR T 105 42.08 60.72 4.77
CA TYR T 105 41.47 59.47 4.35
C TYR T 105 42.51 58.37 4.19
N SER T 106 43.67 58.72 3.62
CA SER T 106 44.68 57.71 3.31
C SER T 106 45.24 57.07 4.57
N LEU T 107 45.53 57.87 5.61
CA LEU T 107 46.10 57.32 6.83
C LEU T 107 45.12 56.38 7.53
N VAL T 108 43.86 56.78 7.65
CA VAL T 108 42.86 55.93 8.29
C VAL T 108 42.65 54.65 7.50
N LEU T 109 42.62 54.77 6.16
CA LEU T 109 42.47 53.57 5.34
C LEU T 109 43.66 52.64 5.50
N ASN T 110 44.87 53.19 5.56
CA ASN T 110 46.06 52.36 5.71
C ASN T 110 46.05 51.63 7.06
N LYS T 111 45.71 52.34 8.13
CA LYS T 111 45.64 51.69 9.44
C LYS T 111 44.56 50.61 9.47
N SER T 112 43.38 50.92 8.90
CA SER T 112 42.31 49.92 8.90
C SER T 112 42.68 48.70 8.10
N ALA T 113 43.29 48.88 6.92
CA ALA T 113 43.70 47.75 6.11
C ALA T 113 44.75 46.91 6.81
N TRP T 114 45.73 47.56 7.46
CA TRP T 114 46.75 46.80 8.17
C TRP T 114 46.14 46.01 9.32
N ASN T 115 45.22 46.63 10.08
CA ASN T 115 44.57 45.92 11.17
C ASN T 115 43.78 44.73 10.66
N TYR T 116 43.04 44.92 9.56
CA TYR T 116 42.27 43.83 9.00
C TYR T 116 43.18 42.69 8.56
N ASN T 117 44.29 43.02 7.89
CA ASN T 117 45.22 41.99 7.42
C ASN T 117 45.83 41.23 8.58
N GLU T 118 46.19 41.95 9.65
CA GLU T 118 46.77 41.28 10.82
C GLU T 118 45.76 40.35 11.48
N ILE T 119 44.52 40.80 11.66
CA ILE T 119 43.52 39.93 12.29
C ILE T 119 43.23 38.73 11.39
N ILE T 120 43.23 38.92 10.07
CA ILE T 120 43.01 37.82 9.16
C ILE T 120 44.14 36.79 9.26
N GLN T 121 45.39 37.27 9.34
CA GLN T 121 46.50 36.32 9.45
C GLN T 121 46.55 35.67 10.83
N ARG T 122 45.93 36.27 11.84
CA ARG T 122 45.78 35.57 13.11
C ARG T 122 44.85 34.36 12.97
N ASP T 123 43.88 34.43 12.05
CA ASP T 123 42.90 33.38 11.82
C ASP T 123 42.08 33.10 13.09
N THR T 124 41.46 34.16 13.61
CA THR T 124 40.57 34.06 14.76
C THR T 124 39.20 34.68 14.50
N GLN T 125 38.89 35.03 13.26
CA GLN T 125 37.67 35.77 12.95
C GLN T 125 36.54 34.84 12.54
N LEU T 126 35.31 35.31 12.74
CA LEU T 126 34.11 34.57 12.39
C LEU T 126 33.52 35.15 11.12
N THR T 127 33.33 34.31 10.11
CA THR T 127 32.79 34.78 8.84
C THR T 127 31.26 34.83 8.92
N ILE T 128 30.62 35.09 7.77
CA ILE T 128 29.17 35.14 7.73
C ILE T 128 28.59 33.73 7.83
N LEU T 129 29.28 32.74 7.27
CA LEU T 129 28.82 31.35 7.39
C LEU T 129 28.75 30.93 8.85
N ASP T 130 29.72 31.35 9.67
CA ASP T 130 29.73 30.97 11.07
C ASP T 130 28.51 31.52 11.79
N MET T 131 28.21 32.81 11.58
CA MET T 131 27.06 33.42 12.24
C MET T 131 25.75 32.81 11.72
N ALA T 132 25.70 32.49 10.43
CA ALA T 132 24.51 31.84 9.88
C ALA T 132 24.29 30.49 10.53
N LEU T 133 25.38 29.74 10.75
CA LEU T 133 25.27 28.43 11.38
C LEU T 133 24.88 28.56 12.84
N GLN T 134 25.39 29.58 13.53
CA GLN T 134 24.98 29.83 14.90
C GLN T 134 23.51 30.18 14.98
N VAL T 135 23.00 30.99 14.04
CA VAL T 135 21.58 31.32 14.00
C VAL T 135 20.76 30.07 13.72
N HIS T 136 21.22 29.23 12.79
CA HIS T 136 20.53 27.99 12.49
C HIS T 136 20.40 27.10 13.72
N LEU T 137 21.48 27.02 14.52
CA LEU T 137 21.42 26.22 15.74
C LEU T 137 20.55 26.87 16.79
N PHE T 138 20.56 28.20 16.87
CA PHE T 138 19.83 28.90 17.92
C PHE T 138 18.32 28.90 17.68
N LEU T 139 17.89 28.86 16.42
CA LEU T 139 16.47 28.92 16.09
C LEU T 139 15.82 27.56 16.00
N TYR T 140 16.54 26.48 16.31
CA TYR T 140 15.96 25.15 16.21
C TYR T 140 14.98 24.90 17.35
N GLU T 141 13.74 24.58 17.00
CA GLU T 141 12.72 24.27 17.99
C GLU T 141 11.89 23.05 17.60
N GLY T 142 12.40 22.22 16.68
CA GLY T 142 11.66 21.07 16.20
C GLY T 142 11.75 20.93 14.70
N LYS T 143 11.86 22.06 14.00
CA LYS T 143 11.97 22.09 12.55
C LYS T 143 13.33 22.64 12.15
N ILE T 144 13.89 22.08 11.08
CA ILE T 144 15.19 22.51 10.58
C ILE T 144 15.00 23.71 9.67
N ILE T 145 15.79 24.75 9.91
CA ILE T 145 15.81 25.93 9.05
C ILE T 145 17.06 25.87 8.18
N ASP T 146 16.88 26.09 6.88
CA ASP T 146 17.98 25.96 5.93
C ASP T 146 19.11 26.92 6.27
N ILE T 147 20.34 26.42 6.18
CA ILE T 147 21.51 27.26 6.45
C ILE T 147 21.71 28.27 5.32
N ALA T 148 21.51 27.84 4.07
CA ALA T 148 21.68 28.72 2.93
C ALA T 148 20.66 29.86 2.96
N HIS T 149 19.41 29.55 3.35
CA HIS T 149 18.39 30.57 3.45
C HIS T 149 18.80 31.65 4.45
N ILE T 150 19.28 31.23 5.62
CA ILE T 150 19.69 32.19 6.65
C ILE T 150 20.89 33.00 6.17
N GLN T 151 21.84 32.35 5.50
CA GLN T 151 23.00 33.09 4.98
C GLN T 151 22.58 34.13 3.96
N LYS T 152 21.66 33.76 3.06
CA LYS T 152 21.18 34.71 2.05
C LYS T 152 20.47 35.88 2.71
N ILE T 153 19.64 35.60 3.72
CA ILE T 153 18.93 36.69 4.40
C ILE T 153 19.91 37.61 5.11
N ILE T 154 20.92 37.05 5.75
CA ILE T 154 21.91 37.86 6.46
C ILE T 154 22.67 38.75 5.48
N LYS T 155 23.06 38.18 4.34
CA LYS T 155 23.77 38.97 3.33
C LYS T 155 22.88 40.07 2.77
N THR T 156 21.60 39.77 2.56
CA THR T 156 20.68 40.81 2.09
C THR T 156 20.55 41.92 3.12
N PHE T 157 20.48 41.57 4.40
CA PHE T 157 20.38 42.59 5.45
C PHE T 157 21.62 43.46 5.49
N VAL T 158 22.82 42.86 5.40
CA VAL T 158 24.01 43.68 5.46
C VAL T 158 24.13 44.55 4.21
N LEU T 159 23.64 44.07 3.07
CA LEU T 159 23.64 44.91 1.87
C LEU T 159 22.66 46.07 2.00
N ASN T 160 21.52 45.83 2.65
CA ASN T 160 20.60 46.93 2.92
C ASN T 160 21.23 47.98 3.82
N VAL T 161 21.94 47.53 4.86
CA VAL T 161 22.66 48.46 5.73
C VAL T 161 23.69 49.23 4.91
N PHE T 162 24.41 48.55 4.04
CA PHE T 162 25.42 49.20 3.21
C PHE T 162 24.81 50.27 2.33
N ALA T 163 23.68 49.95 1.68
CA ALA T 163 23.02 50.92 0.82
C ALA T 163 22.46 52.10 1.62
N LYS T 164 22.03 51.85 2.86
CA LYS T 164 21.47 52.94 3.65
C LYS T 164 22.54 53.86 4.22
N ILE T 165 23.73 53.33 4.54
CA ILE T 165 24.74 54.17 5.19
C ILE T 165 25.56 54.98 4.19
N ILE T 166 25.62 54.58 2.93
CA ILE T 166 26.30 55.38 1.92
C ILE T 166 25.53 56.62 1.53
N LYS T 167 24.27 56.74 1.98
CA LYS T 167 23.46 57.91 1.75
C LYS T 167 23.39 58.82 2.97
N GLY T 168 24.29 58.62 3.94
CA GLY T 168 24.37 59.48 5.09
C GLY T 168 23.34 59.23 6.16
N VAL T 169 22.70 58.06 6.16
CA VAL T 169 21.70 57.70 7.15
C VAL T 169 22.32 56.67 8.09
N PRO T 170 22.62 57.02 9.33
CA PRO T 170 23.11 56.01 10.28
C PRO T 170 22.05 54.98 10.61
N ILE T 171 22.50 53.76 10.88
CA ILE T 171 21.63 52.65 11.24
C ILE T 171 22.05 52.15 12.62
N VAL T 172 21.09 52.05 13.54
CA VAL T 172 21.35 51.58 14.89
C VAL T 172 20.88 50.13 15.01
N LEU T 173 21.82 49.24 15.26
CA LEU T 173 21.51 47.83 15.49
C LEU T 173 21.34 47.51 16.96
N ASN T 174 21.85 48.36 17.84
CA ASN T 174 21.91 48.09 19.28
C ASN T 174 22.28 49.42 19.95
N PRO T 175 21.94 49.59 21.24
CA PRO T 175 22.39 50.79 21.95
C PRO T 175 23.90 50.97 21.96
N ILE T 176 24.67 49.96 21.59
CA ILE T 176 26.13 50.00 21.65
C ILE T 176 26.74 50.31 20.28
N ILE T 177 26.25 49.65 19.23
CA ILE T 177 26.82 49.76 17.89
C ILE T 177 25.88 50.53 16.99
N ILE T 178 26.41 51.57 16.34
CA ILE T 178 25.67 52.36 15.35
C ILE T 178 26.54 52.47 14.10
N PHE T 179 25.99 52.06 12.95
CA PHE T 179 26.72 52.09 11.70
C PHE T 179 26.57 53.46 11.05
N ASP T 180 27.70 54.08 10.72
CA ASP T 180 27.69 55.41 10.11
C ASP T 180 28.69 55.44 8.96
N SER T 181 28.75 56.59 8.29
CA SER T 181 29.64 56.82 7.17
C SER T 181 30.40 58.13 7.35
N VAL T 182 31.62 58.17 6.83
CA VAL T 182 32.47 59.35 6.89
C VAL T 182 32.80 59.75 5.46
N ARG T 183 32.50 60.99 5.11
CA ARG T 183 32.80 61.52 3.79
C ARG T 183 33.88 62.58 3.95
N PHE T 184 34.98 62.45 3.20
CA PHE T 184 35.99 63.49 3.29
C PHE T 184 35.91 64.49 2.14
N ASP T 185 35.50 64.00 0.98
CA ASP T 185 35.33 64.69 -0.29
C ASP T 185 34.47 63.79 -1.15
N LYS T 186 34.01 64.33 -2.28
CA LYS T 186 33.33 63.47 -3.23
C LYS T 186 34.28 62.36 -3.65
N SER T 187 33.73 61.16 -3.87
CA SER T 187 34.46 59.95 -4.23
C SER T 187 35.28 59.37 -3.09
N LYS T 188 35.13 59.87 -1.86
CA LYS T 188 35.91 59.38 -0.72
C LYS T 188 34.99 59.25 0.48
N ILE T 189 34.57 58.01 0.76
CA ILE T 189 33.73 57.66 1.90
C ILE T 189 34.35 56.45 2.61
N LEU T 190 33.99 56.28 3.87
CA LEU T 190 34.51 55.20 4.71
C LEU T 190 33.49 54.79 5.75
N PRO T 191 33.11 53.51 5.81
CA PRO T 191 32.16 53.07 6.85
C PRO T 191 32.82 53.05 8.22
N VAL T 192 32.05 53.43 9.25
CA VAL T 192 32.53 53.44 10.63
C VAL T 192 31.43 52.86 11.53
N ALA T 193 31.84 52.41 12.71
CA ALA T 193 30.93 52.00 13.77
C ALA T 193 31.20 52.87 14.98
N VAL T 194 30.17 53.52 15.50
CA VAL T 194 30.32 54.47 16.59
C VAL T 194 29.32 54.14 17.70
N ALA T 195 29.64 54.60 18.91
CA ALA T 195 28.74 54.54 20.04
C ALA T 195 27.70 55.66 19.98
N ASN T 196 26.69 55.54 20.83
CA ASN T 196 25.63 56.55 20.89
C ASN T 196 26.17 57.83 21.51
N PRO T 197 26.13 58.95 20.79
CA PRO T 197 26.65 60.21 21.35
C PRO T 197 25.77 60.73 22.47
N LYS T 198 26.37 61.54 23.33
CA LYS T 198 25.69 61.99 24.55
C LYS T 198 24.98 63.33 24.36
N LEU T 199 25.55 64.24 23.57
CA LEU T 199 25.02 65.59 23.43
C LEU T 199 24.70 65.99 21.99
N MET T 200 25.11 65.22 21.00
CA MET T 200 24.86 65.55 19.59
C MET T 200 24.16 64.37 18.94
N PRO T 201 22.83 64.37 18.94
CA PRO T 201 22.08 63.23 18.40
C PRO T 201 22.41 62.99 16.94
N PRO T 202 22.51 61.73 16.51
CA PRO T 202 22.81 61.45 15.11
C PRO T 202 21.75 61.97 14.17
N LEU T 203 22.18 62.35 12.96
CA LEU T 203 21.30 63.02 12.01
C LEU T 203 20.50 61.96 11.26
N GLY T 204 19.21 61.87 11.55
CA GLY T 204 18.36 60.91 10.86
C GLY T 204 18.69 59.46 11.15
N VAL T 205 18.93 59.12 12.42
CA VAL T 205 19.29 57.75 12.76
C VAL T 205 18.06 56.86 12.64
N GLN T 206 18.25 55.66 12.07
CA GLN T 206 17.17 54.72 11.86
C GLN T 206 17.50 53.39 12.54
N ASP T 207 16.47 52.72 13.04
CA ASP T 207 16.62 51.37 13.54
C ASP T 207 16.84 50.39 12.39
N TRP T 208 17.41 49.23 12.73
CA TRP T 208 17.52 48.15 11.75
C TRP T 208 16.13 47.65 11.33
N ASP T 209 15.16 47.70 12.23
CA ASP T 209 13.83 47.20 11.94
C ASP T 209 13.20 47.86 10.73
N THR T 210 13.63 49.08 10.41
CA THR T 210 13.08 49.78 9.25
C THR T 210 13.45 49.09 7.95
N ILE T 211 14.65 48.53 7.86
CA ILE T 211 15.17 48.02 6.60
C ILE T 211 15.04 46.50 6.50
N VAL T 212 14.10 45.91 7.24
CA VAL T 212 13.86 44.48 7.24
C VAL T 212 12.42 44.22 6.85
N ASP T 213 12.20 43.20 6.03
CA ASP T 213 10.84 42.83 5.62
C ASP T 213 9.99 42.50 6.84
N GLU T 214 8.69 42.78 6.72
CA GLU T 214 7.76 42.63 7.82
C GLU T 214 7.40 41.17 8.11
N ASP T 215 7.83 40.23 7.27
CA ASP T 215 7.55 38.83 7.51
C ASP T 215 8.17 38.37 8.82
N GLU T 216 7.45 37.50 9.53
CA GLU T 216 7.88 37.10 10.87
C GLU T 216 9.17 36.28 10.82
N GLU T 217 9.29 35.40 9.83
CA GLU T 217 10.48 34.53 9.75
C GLU T 217 11.74 35.37 9.50
N ILE T 218 11.67 36.29 8.55
CA ILE T 218 12.83 37.11 8.22
C ILE T 218 13.21 38.01 9.40
N LYS T 219 12.20 38.62 10.04
CA LYS T 219 12.48 39.46 11.19
C LYS T 219 13.09 38.67 12.34
N LYS T 220 12.60 37.45 12.57
CA LYS T 220 13.18 36.61 13.61
C LYS T 220 14.62 36.24 13.29
N ILE T 221 14.89 35.91 12.02
CA ILE T 221 16.25 35.56 11.62
C ILE T 221 17.19 36.74 11.84
N VAL T 222 16.77 37.94 11.45
CA VAL T 222 17.65 39.11 11.60
C VAL T 222 17.83 39.48 13.06
N SER T 223 16.77 39.36 13.87
CA SER T 223 16.90 39.63 15.30
C SER T 223 17.87 38.64 15.95
N THR T 224 17.76 37.36 15.61
CA THR T 224 18.67 36.37 16.16
C THR T 224 20.10 36.65 15.72
N PHE T 225 20.30 37.03 14.45
CA PHE T 225 21.64 37.34 13.98
C PHE T 225 22.22 38.52 14.74
N ILE T 226 21.42 39.57 14.96
CA ILE T 226 21.91 40.73 15.69
C ILE T 226 22.27 40.36 17.12
N LYS T 227 21.42 39.58 17.78
CA LYS T 227 21.69 39.19 19.16
C LYS T 227 22.97 38.35 19.26
N LEU T 228 23.13 37.39 18.35
CA LEU T 228 24.32 36.55 18.38
C LEU T 228 25.57 37.36 18.04
N LEU T 229 25.46 38.32 17.11
CA LEU T 229 26.60 39.18 16.81
C LEU T 229 27.01 40.01 18.01
N GLU T 230 26.02 40.55 18.73
CA GLU T 230 26.32 41.33 19.92
C GLU T 230 27.01 40.46 20.98
N ASN T 231 26.51 39.24 21.18
CA ASN T 231 27.14 38.35 22.16
C ASN T 231 28.57 37.99 21.74
N ALA T 232 28.78 37.72 20.45
CA ALA T 232 30.11 37.37 19.98
C ALA T 232 31.08 38.54 20.14
N LEU T 233 30.62 39.75 19.88
CA LEU T 233 31.47 40.92 20.10
C LEU T 233 31.75 41.10 21.59
N THR T 234 30.77 40.86 22.44
CA THR T 234 30.98 41.01 23.88
C THR T 234 32.03 40.03 24.39
N VAL T 235 31.94 38.76 23.99
CA VAL T 235 32.92 37.79 24.49
C VAL T 235 34.31 38.04 23.92
N GLY T 236 34.41 38.69 22.76
CA GLY T 236 35.70 39.06 22.23
C GLY T 236 36.02 38.51 20.86
N HIS T 237 35.01 38.16 20.07
CA HIS T 237 35.24 37.65 18.73
C HIS T 237 35.47 38.82 17.76
N GLU T 238 35.78 38.46 16.52
CA GLU T 238 35.94 39.44 15.43
C GLU T 238 35.00 39.00 14.31
N VAL T 239 33.85 39.65 14.20
CA VAL T 239 32.79 39.24 13.29
C VAL T 239 32.90 40.02 12.00
N GLU T 240 32.60 39.35 10.89
CA GLU T 240 32.59 39.99 9.57
C GLU T 240 31.17 40.44 9.23
N PHE T 241 31.03 41.70 8.82
CA PHE T 241 29.72 42.29 8.57
C PHE T 241 29.49 42.54 7.09
N PHE T 242 30.32 43.35 6.44
CA PHE T 242 30.27 43.46 5.00
C PHE T 242 31.25 42.47 4.38
N GLN T 243 31.30 42.43 3.05
CA GLN T 243 32.26 41.57 2.38
C GLN T 243 33.65 42.14 2.57
N ASP T 244 34.58 41.32 3.08
CA ASP T 244 35.95 41.73 3.30
C ASP T 244 36.03 42.96 4.20
N THR T 245 35.21 42.97 5.25
CA THR T 245 35.35 43.94 6.33
C THR T 245 35.21 43.18 7.65
N LEU T 246 35.50 43.83 8.77
CA LEU T 246 35.60 43.13 10.03
C LEU T 246 35.15 44.04 11.17
N LEU T 247 34.39 43.48 12.10
CA LEU T 247 33.81 44.23 13.20
C LEU T 247 34.42 43.74 14.51
N VAL T 248 35.05 44.63 15.26
CA VAL T 248 35.76 44.27 16.48
C VAL T 248 35.27 45.17 17.60
N ARG T 249 35.35 44.67 18.84
CA ARG T 249 35.07 45.46 20.03
C ARG T 249 36.37 45.64 20.80
N ASN T 250 36.85 46.89 20.86
CA ASN T 250 38.10 47.22 21.54
C ASN T 250 37.89 47.32 23.05
N VAL T 251 38.84 47.98 23.73
CA VAL T 251 38.71 48.18 25.16
C VAL T 251 37.40 48.89 25.49
N ASP T 252 36.83 48.55 26.64
CA ASP T 252 35.62 49.19 27.19
C ASP T 252 34.48 48.90 26.21
N GLY T 253 33.59 49.87 25.96
CA GLY T 253 32.50 49.68 25.04
C GLY T 253 32.73 50.41 23.72
N ILE T 254 33.95 50.34 23.21
CA ILE T 254 34.32 51.01 21.97
C ILE T 254 34.38 49.97 20.86
N THR T 255 33.60 50.18 19.82
CA THR T 255 33.52 49.27 18.69
C THR T 255 34.20 49.91 17.49
N SER T 256 34.86 49.09 16.67
CA SER T 256 35.57 49.57 15.49
C SER T 256 35.28 48.66 14.31
N LEU T 257 35.34 49.26 13.12
CA LEU T 257 35.11 48.55 11.87
C LEU T 257 36.36 48.69 11.01
N TYR T 258 37.05 47.58 10.76
CA TYR T 258 38.28 47.56 9.98
C TYR T 258 37.95 47.14 8.56
N VAL T 259 38.32 47.97 7.60
CA VAL T 259 37.91 47.83 6.21
C VAL T 259 39.12 47.42 5.38
N SER T 260 38.97 46.35 4.61
CA SER T 260 40.01 45.90 3.70
C SER T 260 40.10 46.86 2.52
N GLU T 261 41.03 46.58 1.60
CA GLU T 261 41.12 47.41 0.41
C GLU T 261 39.98 47.10 -0.56
N LYS T 262 39.66 45.80 -0.74
CA LYS T 262 38.57 45.44 -1.63
C LYS T 262 37.26 46.10 -1.20
N ALA T 263 37.05 46.23 0.11
CA ALA T 263 35.80 46.81 0.57
C ALA T 263 35.82 48.31 0.37
N ALA T 264 36.97 48.96 0.64
CA ALA T 264 37.06 50.39 0.39
C ALA T 264 36.78 50.67 -1.08
N GLN T 265 37.23 49.77 -1.95
CA GLN T 265 36.99 49.91 -3.38
C GLN T 265 35.50 49.80 -3.69
N VAL T 266 34.84 48.79 -3.13
CA VAL T 266 33.41 48.64 -3.44
C VAL T 266 32.65 49.85 -2.91
N PHE T 267 33.11 50.43 -1.79
CA PHE T 267 32.43 51.56 -1.18
C PHE T 267 32.66 52.84 -1.96
N ASN T 268 33.75 52.88 -2.72
CA ASN T 268 34.06 54.08 -3.47
C ASN T 268 33.42 54.00 -4.84
N ASN T 269 33.48 52.84 -5.48
CA ASN T 269 32.74 52.67 -6.72
C ASN T 269 31.27 52.97 -6.48
N SER T 270 30.70 52.45 -5.38
CA SER T 270 29.31 52.71 -5.06
C SER T 270 29.04 54.19 -4.86
N VAL T 271 29.91 54.89 -4.12
CA VAL T 271 29.67 56.31 -3.91
C VAL T 271 29.96 57.15 -5.15
N ILE T 272 30.68 56.60 -6.12
CA ILE T 272 31.10 57.37 -7.30
C ILE T 272 30.06 57.26 -8.40
N ASP T 273 29.83 56.04 -8.91
CA ASP T 273 28.96 55.87 -10.07
C ASP T 273 27.77 54.96 -9.79
N GLN T 274 27.39 54.84 -8.52
CA GLN T 274 26.20 54.08 -8.12
C GLN T 274 26.26 52.64 -8.62
N ILE T 275 27.47 52.06 -8.62
CA ILE T 275 27.66 50.66 -8.96
C ILE T 275 27.50 49.88 -7.66
N MET T 276 26.30 49.40 -7.42
CA MET T 276 25.95 48.68 -6.21
C MET T 276 26.38 47.21 -6.30
N PRO T 277 26.61 46.57 -5.15
CA PRO T 277 26.97 45.14 -5.18
C PRO T 277 25.81 44.31 -5.72
N GLU T 278 26.17 43.16 -6.30
CA GLU T 278 25.18 42.31 -6.94
C GLU T 278 24.19 41.76 -5.92
N LYS T 279 23.01 41.42 -6.42
CA LYS T 279 21.95 40.90 -5.55
C LYS T 279 22.40 39.57 -4.93
N PRO T 280 22.18 39.36 -3.64
CA PRO T 280 22.51 38.07 -3.04
C PRO T 280 21.70 36.95 -3.69
N LYS T 281 22.34 35.79 -3.84
CA LYS T 281 21.72 34.65 -4.49
C LYS T 281 21.88 33.43 -3.60
N TYR T 282 20.89 32.53 -3.70
CA TYR T 282 20.92 31.27 -2.98
C TYR T 282 22.15 30.46 -3.39
N GLU T 283 23.10 30.29 -2.47
CA GLU T 283 24.34 29.60 -2.74
C GLU T 283 24.34 28.26 -2.01
N ALA T 284 24.62 27.19 -2.74
CA ALA T 284 24.68 25.86 -2.14
C ALA T 284 25.89 25.76 -1.21
N LEU T 285 25.70 25.01 -0.12
CA LEU T 285 26.79 24.81 0.83
C LEU T 285 27.90 23.99 0.19
N GLU T 286 29.14 24.41 0.41
CA GLU T 286 30.31 23.78 -0.18
C GLU T 286 31.16 23.16 0.91
N ASP T 287 31.89 22.11 0.54
CA ASP T 287 32.61 21.29 1.51
C ASP T 287 33.93 21.96 1.91
N PRO T 288 34.12 22.31 3.18
CA PRO T 288 35.44 22.79 3.61
C PRO T 288 36.53 21.76 3.46
N PHE T 289 36.20 20.48 3.57
CA PHE T 289 37.19 19.41 3.52
C PHE T 289 37.44 18.87 2.11
N SER T 290 36.79 19.45 1.10
CA SER T 290 36.98 19.00 -0.28
C SER T 290 37.55 20.13 -1.14
N ASN U 45 80.99 0.84 66.53
CA ASN U 45 80.58 1.88 67.47
C ASN U 45 79.12 1.71 67.86
N TYR U 46 78.80 2.08 69.10
CA TYR U 46 77.42 2.00 69.58
C TYR U 46 76.53 3.00 68.84
N GLU U 47 77.05 4.19 68.56
CA GLU U 47 76.22 5.22 67.93
C GLU U 47 75.84 4.85 66.50
N GLU U 48 76.71 4.13 65.79
CA GLU U 48 76.41 3.75 64.41
C GLU U 48 75.20 2.84 64.33
N LEU U 49 75.06 1.91 65.28
CA LEU U 49 73.91 1.02 65.28
C LEU U 49 72.61 1.80 65.41
N ILE U 50 72.58 2.79 66.31
CA ILE U 50 71.40 3.64 66.45
C ILE U 50 71.18 4.46 65.19
N ASN U 51 72.26 5.01 64.62
CA ASN U 51 72.13 5.91 63.48
C ASN U 51 71.56 5.20 62.26
N GLN U 52 72.09 4.01 61.95
CA GLN U 52 71.65 3.31 60.75
C GLN U 52 70.21 2.85 60.83
N THR U 53 69.65 2.69 62.03
CA THR U 53 68.28 2.19 62.16
C THR U 53 67.27 3.22 61.66
N LYS U 54 67.39 4.46 62.10
CA LYS U 54 66.40 5.47 61.73
C LYS U 54 66.45 5.78 60.24
N GLU U 55 65.28 6.01 59.67
CA GLU U 55 65.14 6.21 58.22
C GLU U 55 63.93 7.08 57.95
N ILE U 56 63.90 7.66 56.76
CA ILE U 56 62.87 8.63 56.39
C ILE U 56 61.59 7.88 56.03
N ASP U 57 60.49 8.26 56.70
CA ASP U 57 59.20 7.65 56.42
C ASP U 57 58.72 8.01 55.03
N VAL U 58 57.70 7.31 54.57
CA VAL U 58 57.19 7.48 53.21
C VAL U 58 55.73 7.86 53.14
N ASN U 59 54.91 7.52 54.15
CA ASN U 59 53.48 7.83 54.08
C ASN U 59 53.21 9.31 54.31
N SER U 60 53.62 9.81 55.48
CA SER U 60 53.39 11.21 55.81
C SER U 60 54.11 12.13 54.82
N LYS U 61 55.32 11.74 54.40
CA LYS U 61 56.05 12.56 53.43
C LYS U 61 55.27 12.67 52.13
N ILE U 62 54.74 11.53 51.64
CA ILE U 62 53.97 11.55 50.39
C ILE U 62 52.74 12.44 50.55
N VAL U 63 52.01 12.27 51.66
CA VAL U 63 50.78 13.03 51.84
C VAL U 63 51.07 14.53 51.86
N LYS U 64 52.03 14.94 52.70
CA LYS U 64 52.33 16.36 52.85
C LYS U 64 52.88 16.96 51.56
N THR U 65 53.86 16.29 50.96
CA THR U 65 54.44 16.77 49.71
C THR U 65 53.36 16.95 48.65
N GLU U 66 52.53 15.93 48.46
CA GLU U 66 51.50 15.99 47.43
C GLU U 66 50.52 17.13 47.66
N LEU U 67 50.09 17.32 48.91
CA LEU U 67 49.22 18.45 49.22
C LEU U 67 49.87 19.80 48.89
N GLU U 68 51.14 19.97 49.26
CA GLU U 68 51.82 21.24 48.94
C GLU U 68 52.00 21.41 47.44
N TYR U 69 52.23 20.32 46.71
CA TYR U 69 52.31 20.42 45.25
C TYR U 69 50.99 20.83 44.64
N VAL U 70 49.88 20.28 45.13
CA VAL U 70 48.58 20.68 44.60
C VAL U 70 48.32 22.16 44.83
N GLU U 71 48.60 22.65 46.05
CA GLU U 71 48.38 24.07 46.31
C GLU U 71 49.28 24.97 45.46
N GLU U 72 50.57 24.61 45.33
CA GLU U 72 51.47 25.43 44.52
C GLU U 72 51.09 25.42 43.05
N ASP U 73 50.70 24.25 42.53
CA ASP U 73 50.28 24.15 41.15
C ASP U 73 49.04 25.01 40.88
N SER U 74 48.05 24.95 41.76
CA SER U 74 46.84 25.75 41.53
C SER U 74 47.15 27.24 41.59
N ARG U 75 47.97 27.67 42.56
CA ARG U 75 48.33 29.08 42.65
C ARG U 75 49.08 29.55 41.40
N LEU U 76 50.03 28.74 40.93
CA LEU U 76 50.79 29.10 39.73
C LEU U 76 49.90 29.16 38.50
N ARG U 77 48.99 28.20 38.37
CA ARG U 77 48.07 28.21 37.22
C ARG U 77 47.19 29.44 37.22
N LYS U 78 46.65 29.82 38.39
CA LYS U 78 45.80 30.99 38.42
C LYS U 78 46.57 32.27 38.11
N GLU U 79 47.82 32.37 38.58
CA GLU U 79 48.65 33.52 38.19
C GLU U 79 48.91 33.56 36.69
N LYS U 80 49.23 32.41 36.09
CA LYS U 80 49.51 32.36 34.67
C LYS U 80 48.27 32.66 33.84
N ILE U 81 47.10 32.18 34.28
CA ILE U 81 45.85 32.47 33.60
C ILE U 81 45.56 33.96 33.62
N GLU U 82 45.72 34.60 34.78
CA GLU U 82 45.43 36.04 34.84
C GLU U 82 46.39 36.86 33.98
N LEU U 83 47.67 36.48 33.96
CA LEU U 83 48.60 37.19 33.08
C LEU U 83 48.35 36.95 31.60
N ILE U 84 48.03 35.70 31.23
CA ILE U 84 47.70 35.40 29.83
C ILE U 84 46.48 36.19 29.37
N GLN U 85 45.42 36.19 30.18
CA GLN U 85 44.23 36.94 29.77
C GLN U 85 44.52 38.42 29.66
N LYS U 86 45.29 38.98 30.60
CA LYS U 86 45.55 40.41 30.47
C LYS U 86 46.36 40.70 29.22
N ASN U 87 47.21 39.74 28.80
CA ASN U 87 47.95 39.90 27.55
C ASN U 87 47.03 39.87 26.34
N TYR U 88 46.01 39.00 26.38
CA TYR U 88 45.02 38.98 25.32
C TYR U 88 44.23 40.28 25.28
N ASP U 89 43.87 40.81 26.44
CA ASP U 89 43.11 42.07 26.46
C ASP U 89 43.97 43.20 25.89
N ASN U 90 45.23 43.26 26.28
CA ASN U 90 46.16 44.28 25.82
C ASN U 90 46.51 44.12 24.34
N LEU U 91 46.26 42.95 23.75
CA LEU U 91 46.51 42.78 22.32
C LEU U 91 45.45 43.38 21.41
N ASN U 92 44.22 43.58 21.89
CA ASN U 92 43.12 44.04 21.04
C ASN U 92 42.34 45.14 21.75
N ALA U 93 43.05 46.11 22.32
CA ALA U 93 42.41 47.13 23.15
C ALA U 93 42.71 48.55 22.72
N LYS U 94 42.89 48.81 21.43
CA LYS U 94 43.06 50.22 21.13
C LYS U 94 42.07 50.70 20.09
N PRO U 95 41.57 51.93 20.26
CA PRO U 95 40.66 52.52 19.26
C PRO U 95 41.30 52.64 17.89
N LEU U 96 40.53 52.34 16.85
CA LEU U 96 41.06 52.49 15.51
C LEU U 96 41.33 53.96 15.19
N VAL U 97 40.34 54.81 15.43
CA VAL U 97 40.46 56.23 15.09
C VAL U 97 40.68 57.10 16.32
N GLY U 98 40.36 56.62 17.51
CA GLY U 98 40.56 57.40 18.74
C GLY U 98 39.43 58.26 19.29
N VAL U 99 38.84 59.10 18.46
CA VAL U 99 37.75 59.97 18.89
C VAL U 99 36.53 59.62 18.04
N ASP U 100 35.42 60.31 18.26
CA ASP U 100 34.16 60.01 17.59
C ASP U 100 33.78 61.11 16.61
N LEU U 101 32.86 60.75 15.71
CA LEU U 101 32.44 61.64 14.64
C LEU U 101 31.56 62.80 15.10
N TYR U 102 30.81 62.62 16.18
CA TYR U 102 29.97 63.73 16.63
C TYR U 102 30.72 64.77 17.45
N GLU U 103 31.76 64.38 18.18
CA GLU U 103 32.35 65.40 19.05
C GLU U 103 33.16 66.46 18.28
N SER U 104 33.13 66.52 16.95
CA SER U 104 33.94 67.48 16.20
C SER U 104 33.02 68.28 15.28
N TYR U 105 33.35 69.57 15.12
CA TYR U 105 32.56 70.46 14.29
C TYR U 105 32.65 70.11 12.80
N SER U 106 33.84 69.77 12.32
CA SER U 106 34.03 69.59 10.88
C SER U 106 33.23 68.43 10.31
N LEU U 107 33.23 67.28 10.99
CA LEU U 107 32.53 66.12 10.46
C LEU U 107 31.02 66.34 10.42
N VAL U 108 30.46 66.89 11.50
CA VAL U 108 29.02 67.15 11.55
C VAL U 108 28.63 68.18 10.51
N LEU U 109 29.44 69.24 10.35
CA LEU U 109 29.15 70.24 9.34
C LEU U 109 29.22 69.65 7.94
N ASN U 110 30.20 68.79 7.67
CA ASN U 110 30.29 68.19 6.34
C ASN U 110 29.05 67.34 6.04
N LYS U 111 28.64 66.51 7.00
CA LYS U 111 27.45 65.69 6.79
C LYS U 111 26.20 66.54 6.60
N SER U 112 26.02 67.56 7.44
CA SER U 112 24.85 68.42 7.33
C SER U 112 24.84 69.18 6.01
N ALA U 113 25.99 69.69 5.60
CA ALA U 113 26.08 70.40 4.33
C ALA U 113 25.75 69.48 3.16
N TRP U 114 26.24 68.24 3.19
CA TRP U 114 25.93 67.32 2.11
C TRP U 114 24.43 67.03 2.05
N ASN U 115 23.80 66.80 3.21
CA ASN U 115 22.36 66.54 3.22
C ASN U 115 21.59 67.75 2.71
N TYR U 116 21.97 68.95 3.16
CA TYR U 116 21.29 70.17 2.72
C TYR U 116 21.43 70.35 1.23
N ASN U 117 22.63 70.12 0.70
CA ASN U 117 22.85 70.27 -0.74
C ASN U 117 22.03 69.26 -1.52
N GLU U 118 21.92 68.03 -1.04
CA GLU U 118 21.11 67.07 -1.77
C GLU U 118 19.66 67.52 -1.82
N ILE U 119 19.15 68.01 -0.69
CA ILE U 119 17.76 68.47 -0.68
C ILE U 119 17.59 69.70 -1.57
N ILE U 120 18.60 70.58 -1.62
CA ILE U 120 18.50 71.76 -2.49
C ILE U 120 18.44 71.36 -3.96
N GLN U 121 19.22 70.39 -4.36
CA GLN U 121 19.18 69.91 -5.73
C GLN U 121 17.83 69.33 -6.04
N ARG U 122 17.35 68.43 -5.17
CA ARG U 122 16.07 67.78 -5.50
C ARG U 122 14.97 68.82 -5.74
N ASP U 123 15.04 69.97 -5.06
CA ASP U 123 14.06 71.05 -5.19
C ASP U 123 12.65 70.57 -4.83
N THR U 124 12.51 70.03 -3.62
CA THR U 124 11.21 69.59 -3.12
C THR U 124 10.89 70.23 -1.76
N GLN U 125 11.65 71.22 -1.34
CA GLN U 125 11.51 71.80 -0.01
C GLN U 125 10.59 73.00 -0.06
N LEU U 126 9.98 73.30 1.10
CA LEU U 126 9.06 74.42 1.23
C LEU U 126 9.80 75.58 1.88
N THR U 127 9.81 76.74 1.22
CA THR U 127 10.49 77.91 1.74
C THR U 127 9.59 78.64 2.73
N ILE U 128 10.04 79.83 3.15
CA ILE U 128 9.24 80.62 4.08
C ILE U 128 8.04 81.24 3.37
N LEU U 129 8.20 81.59 2.09
CA LEU U 129 7.07 82.11 1.32
C LEU U 129 5.90 81.13 1.26
N ASP U 130 6.20 79.84 1.07
CA ASP U 130 5.13 78.84 0.99
C ASP U 130 4.37 78.75 2.31
N MET U 131 5.09 78.75 3.42
CA MET U 131 4.43 78.67 4.72
C MET U 131 3.66 79.95 5.01
N ALA U 132 4.19 81.09 4.57
CA ALA U 132 3.47 82.35 4.73
C ALA U 132 2.15 82.31 3.95
N LEU U 133 2.18 81.73 2.75
CA LEU U 133 0.95 81.64 1.97
C LEU U 133 -0.04 80.67 2.60
N GLN U 134 0.47 79.57 3.17
CA GLN U 134 -0.41 78.65 3.89
C GLN U 134 -1.04 79.31 5.11
N VAL U 135 -0.27 80.10 5.85
CA VAL U 135 -0.81 80.82 7.00
C VAL U 135 -1.85 81.84 6.55
N HIS U 136 -1.55 82.56 5.46
CA HIS U 136 -2.50 83.53 4.92
C HIS U 136 -3.81 82.85 4.55
N LEU U 137 -3.74 81.66 3.96
CA LEU U 137 -4.95 80.93 3.61
C LEU U 137 -5.68 80.43 4.85
N PHE U 138 -4.93 80.03 5.88
CA PHE U 138 -5.56 79.47 7.07
C PHE U 138 -6.22 80.54 7.93
N LEU U 139 -5.66 81.75 7.95
CA LEU U 139 -6.17 82.86 8.75
C LEU U 139 -7.10 83.77 7.97
N TYR U 140 -7.43 83.42 6.72
CA TYR U 140 -8.24 84.19 5.79
C TYR U 140 -9.74 84.13 6.13
N GLU U 141 -10.08 83.64 7.32
CA GLU U 141 -11.47 83.57 7.76
C GLU U 141 -12.17 84.91 7.86
N GLY U 142 -11.74 85.78 8.78
CA GLY U 142 -12.43 87.05 8.92
C GLY U 142 -11.66 88.33 8.64
N LYS U 143 -10.35 88.34 8.91
CA LYS U 143 -9.52 89.51 8.64
C LYS U 143 -8.49 89.15 7.59
N ILE U 144 -8.22 90.07 6.68
CA ILE U 144 -7.22 89.83 5.65
C ILE U 144 -5.87 90.20 6.24
N ILE U 145 -4.92 89.27 6.18
CA ILE U 145 -3.55 89.54 6.59
C ILE U 145 -2.64 89.58 5.38
N ASP U 146 -1.82 90.63 5.28
CA ASP U 146 -0.93 90.79 4.14
C ASP U 146 0.05 89.61 4.09
N ILE U 147 0.30 89.10 2.88
CA ILE U 147 1.25 87.99 2.76
C ILE U 147 2.66 88.46 3.08
N ALA U 148 3.03 89.67 2.64
CA ALA U 148 4.34 90.20 2.96
C ALA U 148 4.49 90.39 4.46
N HIS U 149 3.40 90.81 5.11
CA HIS U 149 3.38 90.95 6.56
C HIS U 149 3.68 89.61 7.22
N ILE U 150 3.05 88.54 6.73
CA ILE U 150 3.28 87.22 7.32
C ILE U 150 4.73 86.79 7.13
N GLN U 151 5.28 87.04 5.94
CA GLN U 151 6.69 86.68 5.72
C GLN U 151 7.62 87.46 6.64
N LYS U 152 7.38 88.77 6.79
CA LYS U 152 8.20 89.58 7.67
C LYS U 152 8.12 89.13 9.12
N ILE U 153 6.90 88.84 9.60
CA ILE U 153 6.74 88.42 10.99
C ILE U 153 7.39 87.06 11.21
N ILE U 154 7.24 86.14 10.25
CA ILE U 154 7.84 84.81 10.40
C ILE U 154 9.36 84.92 10.45
N LYS U 155 9.94 85.74 9.55
CA LYS U 155 11.38 85.91 9.56
C LYS U 155 11.86 86.55 10.85
N THR U 156 11.11 87.53 11.37
CA THR U 156 11.47 88.14 12.64
C THR U 156 11.41 87.12 13.78
N PHE U 157 10.38 86.26 13.77
CA PHE U 157 10.28 85.23 14.80
C PHE U 157 11.43 84.24 14.74
N VAL U 158 11.79 83.79 13.53
CA VAL U 158 12.89 82.83 13.44
C VAL U 158 14.22 83.50 13.80
N LEU U 159 14.37 84.80 13.53
CA LEU U 159 15.59 85.48 13.96
C LEU U 159 15.61 85.64 15.47
N ASN U 160 14.45 85.86 16.08
CA ASN U 160 14.38 85.90 17.55
C ASN U 160 14.76 84.55 18.14
N VAL U 161 14.28 83.47 17.54
CA VAL U 161 14.67 82.13 17.99
C VAL U 161 16.18 81.93 17.83
N PHE U 162 16.73 82.39 16.71
CA PHE U 162 18.18 82.26 16.49
C PHE U 162 18.97 83.00 17.54
N ALA U 163 18.57 84.25 17.83
CA ALA U 163 19.26 85.04 18.83
C ALA U 163 19.10 84.45 20.22
N LYS U 164 17.96 83.82 20.50
CA LYS U 164 17.77 83.25 21.83
C LYS U 164 18.54 81.94 21.97
N ILE U 165 18.69 81.19 20.87
CA ILE U 165 19.33 79.90 20.94
C ILE U 165 20.85 80.00 20.88
N ILE U 166 21.39 81.10 20.37
CA ILE U 166 22.83 81.28 20.41
C ILE U 166 23.35 81.61 21.80
N LYS U 167 22.47 81.87 22.77
CA LYS U 167 22.88 82.12 24.15
C LYS U 167 22.71 80.90 25.05
N GLY U 168 22.51 79.72 24.49
CA GLY U 168 22.45 78.49 25.27
C GLY U 168 21.17 78.21 26.01
N VAL U 169 20.07 78.87 25.68
CA VAL U 169 18.78 78.66 26.31
C VAL U 169 17.89 77.94 25.29
N PRO U 170 17.54 76.67 25.51
CA PRO U 170 16.63 75.99 24.58
C PRO U 170 15.24 76.61 24.58
N ILE U 171 14.61 76.54 23.41
CA ILE U 171 13.27 77.06 23.18
C ILE U 171 12.38 75.92 22.72
N VAL U 172 11.24 75.76 23.36
CA VAL U 172 10.28 74.71 23.02
C VAL U 172 9.16 75.31 22.19
N LEU U 173 9.04 74.85 20.94
CA LEU U 173 7.97 75.28 20.05
C LEU U 173 6.75 74.36 20.12
N ASN U 174 6.93 73.14 20.61
CA ASN U 174 5.90 72.12 20.61
C ASN U 174 6.40 70.98 21.48
N PRO U 175 5.48 70.17 22.03
CA PRO U 175 5.94 68.97 22.77
C PRO U 175 6.78 68.03 21.93
N ILE U 176 6.81 68.21 20.61
CA ILE U 176 7.51 67.34 19.70
C ILE U 176 8.86 67.93 19.29
N ILE U 177 8.89 69.22 18.96
CA ILE U 177 10.08 69.88 18.46
C ILE U 177 10.61 70.82 19.53
N ILE U 178 11.88 70.66 19.89
CA ILE U 178 12.56 71.53 20.84
C ILE U 178 13.89 71.97 20.23
N PHE U 179 14.11 73.27 20.13
CA PHE U 179 15.32 73.82 19.56
C PHE U 179 16.39 73.96 20.64
N ASP U 180 17.57 73.40 20.39
CA ASP U 180 18.67 73.43 21.34
C ASP U 180 19.95 73.77 20.61
N SER U 181 21.05 73.87 21.36
CA SER U 181 22.36 74.18 20.80
C SER U 181 23.39 73.18 21.31
N VAL U 182 24.37 72.90 20.44
CA VAL U 182 25.49 72.01 20.73
C VAL U 182 26.76 72.81 20.53
N ARG U 183 27.61 72.85 21.54
CA ARG U 183 28.87 73.57 21.48
C ARG U 183 30.03 72.60 21.48
N PHE U 184 30.90 72.75 20.48
CA PHE U 184 32.12 71.98 20.30
C PHE U 184 33.31 72.77 20.82
N ASP U 185 34.51 72.30 20.50
CA ASP U 185 35.71 72.99 20.94
C ASP U 185 35.85 74.31 20.18
N LYS U 186 36.77 75.15 20.66
CA LYS U 186 37.13 76.40 20.00
C LYS U 186 36.00 77.43 20.06
N SER U 187 35.06 77.26 20.99
CA SER U 187 33.89 78.12 21.20
C SER U 187 32.84 78.01 20.10
N LYS U 188 32.97 77.08 19.16
CA LYS U 188 32.01 76.98 18.06
C LYS U 188 30.65 76.53 18.58
N ILE U 189 29.59 76.92 17.86
CA ILE U 189 28.23 76.53 18.20
C ILE U 189 27.53 75.98 16.97
N LEU U 190 26.48 75.18 17.22
CA LEU U 190 25.68 74.55 16.17
C LEU U 190 24.24 74.35 16.62
N PRO U 191 23.26 74.85 15.87
CA PRO U 191 21.86 74.63 16.25
C PRO U 191 21.47 73.18 16.00
N VAL U 192 20.67 72.63 16.90
CA VAL U 192 20.19 71.26 16.79
C VAL U 192 18.72 71.21 17.20
N ALA U 193 18.06 70.13 16.78
CA ALA U 193 16.72 69.79 17.23
C ALA U 193 16.84 68.44 17.91
N VAL U 194 16.37 68.37 19.17
CA VAL U 194 16.58 67.16 19.95
C VAL U 194 16.00 65.94 19.25
N ALA U 195 16.52 64.77 19.61
CA ALA U 195 15.92 63.51 19.13
C ALA U 195 14.72 63.13 19.96
N ASN U 196 14.94 62.67 21.19
CA ASN U 196 13.84 62.32 22.07
C ASN U 196 13.12 63.57 22.54
N PRO U 197 11.84 63.77 22.23
CA PRO U 197 11.16 64.98 22.68
C PRO U 197 10.93 64.99 24.19
N LYS U 198 10.23 63.95 24.64
CA LYS U 198 9.75 63.83 26.02
C LYS U 198 10.69 63.03 26.93
N LEU U 199 11.35 62.01 26.40
CA LEU U 199 12.14 61.10 27.23
C LEU U 199 13.19 61.85 28.07
N MET U 200 14.00 62.69 27.43
CA MET U 200 15.04 63.44 28.14
C MET U 200 14.86 64.92 27.84
N PRO U 201 14.06 65.62 28.63
CA PRO U 201 13.78 67.04 28.37
C PRO U 201 15.05 67.87 28.42
N PRO U 202 15.19 68.82 27.51
CA PRO U 202 16.37 69.72 27.54
C PRO U 202 16.38 70.57 28.80
N LEU U 203 17.59 70.96 29.20
CA LEU U 203 17.85 71.62 30.48
C LEU U 203 17.50 73.10 30.38
N GLY U 204 16.48 73.52 31.12
CA GLY U 204 16.02 74.90 31.15
C GLY U 204 15.30 75.40 29.90
N VAL U 205 14.37 74.59 29.42
CA VAL U 205 13.59 74.90 28.22
C VAL U 205 12.61 76.04 28.50
N GLN U 206 12.46 76.92 27.52
CA GLN U 206 11.57 78.07 27.62
C GLN U 206 10.55 77.96 26.48
N ASP U 207 9.34 78.42 26.75
CA ASP U 207 8.32 78.49 25.72
C ASP U 207 8.62 79.60 24.71
N TRP U 208 8.01 79.45 23.53
CA TRP U 208 8.06 80.50 22.50
C TRP U 208 7.37 81.77 22.97
N ASP U 209 6.35 81.66 23.82
CA ASP U 209 5.60 82.84 24.25
C ASP U 209 6.49 83.87 24.93
N THR U 210 7.64 83.45 25.47
CA THR U 210 8.55 84.40 26.11
C THR U 210 9.14 85.37 25.11
N ILE U 211 9.39 84.91 23.88
CA ILE U 211 10.14 85.69 22.89
C ILE U 211 9.21 86.35 21.87
N VAL U 212 7.96 86.60 22.25
CA VAL U 212 6.96 87.22 21.38
C VAL U 212 6.48 88.50 22.05
N ASP U 213 6.24 89.53 21.23
CA ASP U 213 5.79 90.85 21.67
C ASP U 213 4.48 90.83 22.47
N GLU U 214 3.87 89.64 22.63
CA GLU U 214 2.59 89.47 23.30
C GLU U 214 1.41 90.04 22.51
N ASP U 215 1.70 90.72 21.40
CA ASP U 215 0.62 91.27 20.58
C ASP U 215 -0.26 90.14 20.06
N GLU U 216 -1.58 90.40 20.00
CA GLU U 216 -2.51 89.33 19.64
C GLU U 216 -2.32 88.91 18.19
N GLU U 217 -2.08 89.86 17.29
CA GLU U 217 -1.92 89.54 15.88
C GLU U 217 -0.67 88.68 15.67
N ILE U 218 0.44 89.10 16.29
CA ILE U 218 1.69 88.38 16.15
C ILE U 218 1.59 86.99 16.78
N LYS U 219 0.98 86.89 17.97
CA LYS U 219 0.85 85.58 18.61
C LYS U 219 -0.03 84.65 17.78
N LYS U 220 -1.11 85.16 17.20
CA LYS U 220 -1.95 84.33 16.35
C LYS U 220 -1.20 83.87 15.11
N ILE U 221 -0.42 84.78 14.52
CA ILE U 221 0.37 84.45 13.33
C ILE U 221 1.38 83.35 13.66
N VAL U 222 2.06 83.49 14.79
CA VAL U 222 3.08 82.52 15.17
C VAL U 222 2.47 81.18 15.52
N SER U 223 1.32 81.18 16.19
CA SER U 223 0.64 79.92 16.49
C SER U 223 0.24 79.21 15.22
N THR U 224 -0.31 79.94 14.25
CA THR U 224 -0.68 79.34 12.97
C THR U 224 0.55 78.80 12.25
N PHE U 225 1.65 79.56 12.29
CA PHE U 225 2.88 79.11 11.64
C PHE U 225 3.37 77.82 12.28
N ILE U 226 3.31 77.72 13.61
CA ILE U 226 3.76 76.53 14.31
C ILE U 226 2.89 75.33 13.92
N LYS U 227 1.57 75.53 13.86
CA LYS U 227 0.69 74.42 13.51
C LYS U 227 0.98 73.92 12.09
N LEU U 228 1.14 74.85 11.15
CA LEU U 228 1.44 74.45 9.77
C LEU U 228 2.83 73.81 9.68
N LEU U 229 3.80 74.29 10.46
CA LEU U 229 5.12 73.66 10.45
C LEU U 229 5.06 72.23 10.93
N GLU U 230 4.30 71.99 12.01
CA GLU U 230 4.17 70.62 12.51
C GLU U 230 3.49 69.75 11.48
N ASN U 231 2.43 70.26 10.84
CA ASN U 231 1.73 69.46 9.83
C ASN U 231 2.62 69.16 8.63
N ALA U 232 3.40 70.15 8.17
CA ALA U 232 4.28 69.95 7.03
C ALA U 232 5.36 68.92 7.32
N LEU U 233 5.96 68.96 8.51
CA LEU U 233 6.92 67.92 8.85
C LEU U 233 6.25 66.56 8.98
N THR U 234 5.04 66.51 9.54
CA THR U 234 4.36 65.24 9.69
C THR U 234 4.07 64.59 8.34
N VAL U 235 3.56 65.37 7.38
CA VAL U 235 3.23 64.78 6.09
C VAL U 235 4.47 64.38 5.30
N GLY U 236 5.61 65.02 5.55
CA GLY U 236 6.85 64.61 4.92
C GLY U 236 7.54 65.67 4.09
N HIS U 237 7.23 66.94 4.38
CA HIS U 237 7.85 68.05 3.66
C HIS U 237 9.23 68.37 4.23
N GLU U 238 9.92 69.31 3.59
CA GLU U 238 11.21 69.82 4.05
C GLU U 238 11.08 71.34 4.17
N VAL U 239 10.87 71.82 5.38
CA VAL U 239 10.57 73.23 5.63
C VAL U 239 11.86 73.95 6.00
N GLU U 240 11.99 75.20 5.57
CA GLU U 240 13.13 76.03 5.92
C GLU U 240 12.78 76.88 7.14
N PHE U 241 13.65 76.84 8.16
CA PHE U 241 13.41 77.52 9.42
C PHE U 241 14.33 78.71 9.60
N PHE U 242 15.65 78.48 9.62
CA PHE U 242 16.61 79.56 9.56
C PHE U 242 17.02 79.78 8.10
N GLN U 243 17.88 80.75 7.87
CA GLN U 243 18.37 80.97 6.51
C GLN U 243 19.29 79.83 6.10
N ASP U 244 18.97 79.20 4.96
CA ASP U 244 19.77 78.10 4.40
C ASP U 244 19.93 76.95 5.39
N THR U 245 18.85 76.60 6.09
CA THR U 245 18.80 75.35 6.83
C THR U 245 17.45 74.68 6.60
N LEU U 246 17.34 73.44 7.05
CA LEU U 246 16.15 72.63 6.75
C LEU U 246 15.86 71.65 7.87
N LEU U 247 14.61 71.53 8.27
CA LEU U 247 14.23 70.66 9.38
C LEU U 247 13.32 69.57 8.84
N VAL U 248 13.72 68.31 9.05
CA VAL U 248 12.98 67.17 8.50
C VAL U 248 12.67 66.19 9.63
N ARG U 249 11.54 65.49 9.49
CA ARG U 249 11.14 64.38 10.36
C ARG U 249 11.16 63.08 9.57
N ASN U 250 12.05 62.16 9.94
CA ASN U 250 12.15 60.91 9.18
C ASN U 250 11.09 59.86 9.53
N VAL U 251 11.36 58.61 9.13
CA VAL U 251 10.46 57.48 9.39
C VAL U 251 10.22 57.26 10.88
N ASP U 252 11.28 57.26 11.70
CA ASP U 252 11.12 57.10 13.15
C ASP U 252 10.64 58.36 13.85
N GLY U 253 10.10 59.32 13.13
CA GLY U 253 9.61 60.55 13.72
C GLY U 253 10.69 61.29 14.47
N ILE U 254 11.91 61.29 13.94
CA ILE U 254 13.06 61.96 14.50
C ILE U 254 13.29 63.20 13.65
N THR U 255 13.34 64.38 14.26
CA THR U 255 13.52 65.58 13.47
C THR U 255 14.95 66.06 13.63
N SER U 256 15.49 66.57 12.53
CA SER U 256 16.86 67.03 12.43
C SER U 256 16.89 68.33 11.66
N LEU U 257 17.91 69.14 11.95
CA LEU U 257 18.12 70.43 11.32
C LEU U 257 19.46 70.38 10.59
N TYR U 258 19.41 70.49 9.26
CA TYR U 258 20.59 70.43 8.41
C TYR U 258 20.98 71.85 8.07
N VAL U 259 22.24 72.18 8.38
CA VAL U 259 22.76 73.54 8.32
C VAL U 259 23.74 73.64 7.17
N SER U 260 23.54 74.63 6.30
CA SER U 260 24.47 74.88 5.20
C SER U 260 25.77 75.47 5.75
N GLU U 261 26.71 75.73 4.83
CA GLU U 261 27.98 76.33 5.23
C GLU U 261 27.79 77.77 5.69
N LYS U 262 27.03 78.56 4.94
CA LYS U 262 26.88 79.98 5.26
C LYS U 262 26.03 80.19 6.51
N ALA U 263 25.06 79.31 6.73
CA ALA U 263 24.27 79.39 7.96
C ALA U 263 25.13 79.14 9.19
N ALA U 264 26.00 78.11 9.13
CA ALA U 264 26.92 77.87 10.22
C ALA U 264 27.92 79.01 10.36
N GLN U 265 28.32 79.63 9.25
CA GLN U 265 29.21 80.79 9.33
C GLN U 265 28.55 81.93 10.08
N VAL U 266 27.27 82.19 9.80
CA VAL U 266 26.57 83.29 10.47
C VAL U 266 26.33 82.93 11.94
N PHE U 267 26.05 81.66 12.23
CA PHE U 267 25.96 81.21 13.61
C PHE U 267 27.25 81.48 14.37
N ASN U 268 28.38 81.08 13.78
CA ASN U 268 29.67 81.21 14.46
C ASN U 268 30.06 82.68 14.62
N ASN U 269 29.75 83.51 13.63
CA ASN U 269 30.01 84.95 13.76
C ASN U 269 29.26 85.55 14.93
N SER U 270 27.98 85.20 15.08
CA SER U 270 27.17 85.68 16.19
C SER U 270 27.76 85.27 17.54
N SER V 106 -70.91 69.14 -106.92
CA SER V 106 -69.69 68.38 -106.63
C SER V 106 -68.85 69.08 -105.58
N LEU V 107 -68.90 70.41 -105.55
CA LEU V 107 -68.15 71.17 -104.56
C LEU V 107 -68.67 70.89 -103.16
N VAL V 108 -69.99 70.76 -103.00
CA VAL V 108 -70.55 70.45 -101.70
C VAL V 108 -70.08 69.08 -101.22
N LEU V 109 -69.98 68.12 -102.15
CA LEU V 109 -69.50 66.78 -101.78
C LEU V 109 -68.07 66.83 -101.29
N ASN V 110 -67.20 67.59 -101.97
CA ASN V 110 -65.81 67.69 -101.55
C ASN V 110 -65.68 68.41 -100.22
N LYS V 111 -66.48 69.46 -100.01
CA LYS V 111 -66.48 70.16 -98.73
C LYS V 111 -66.90 69.23 -97.60
N SER V 112 -67.96 68.45 -97.83
CA SER V 112 -68.41 67.49 -96.82
C SER V 112 -67.34 66.43 -96.54
N ALA V 113 -66.67 65.96 -97.58
CA ALA V 113 -65.62 64.96 -97.38
C ALA V 113 -64.47 65.53 -96.56
N TRP V 114 -64.06 66.77 -96.86
CA TRP V 114 -62.98 67.39 -96.10
C TRP V 114 -63.36 67.58 -94.64
N ASN V 115 -64.55 68.12 -94.39
CA ASN V 115 -65.01 68.33 -93.02
C ASN V 115 -65.12 67.00 -92.27
N TYR V 116 -65.73 66.00 -92.90
CA TYR V 116 -65.89 64.70 -92.27
C TYR V 116 -64.54 64.09 -91.93
N ASN V 117 -63.56 64.21 -92.83
CA ASN V 117 -62.22 63.71 -92.51
C ASN V 117 -61.61 64.47 -91.35
N GLU V 118 -61.83 65.79 -91.29
CA GLU V 118 -61.33 66.58 -90.18
C GLU V 118 -61.94 66.11 -88.85
N ILE V 119 -63.25 65.89 -88.83
CA ILE V 119 -63.90 65.46 -87.60
C ILE V 119 -63.53 64.02 -87.26
N ILE V 120 -63.22 63.19 -88.27
CA ILE V 120 -62.73 61.85 -88.01
C ILE V 120 -61.38 61.91 -87.32
N GLN V 121 -60.50 62.81 -87.77
CA GLN V 121 -59.22 62.99 -87.09
C GLN V 121 -59.41 63.50 -85.67
N ARG V 122 -60.49 64.25 -85.42
CA ARG V 122 -60.75 64.79 -84.09
C ARG V 122 -61.06 63.72 -83.05
N ASP V 123 -61.32 62.48 -83.48
CA ASP V 123 -61.56 61.35 -82.58
C ASP V 123 -62.70 61.64 -81.62
N THR V 124 -63.81 62.12 -82.17
CA THR V 124 -65.01 62.40 -81.40
C THR V 124 -66.26 61.74 -81.98
N GLN V 125 -66.22 61.28 -83.22
CA GLN V 125 -67.38 60.66 -83.84
C GLN V 125 -67.73 59.34 -83.17
N LEU V 126 -68.99 58.95 -83.27
CA LEU V 126 -69.50 57.72 -82.68
C LEU V 126 -69.66 56.67 -83.77
N THR V 127 -69.04 55.51 -83.56
CA THR V 127 -69.16 54.41 -84.51
C THR V 127 -70.49 53.68 -84.30
N ILE V 128 -70.76 52.73 -85.21
CA ILE V 128 -72.01 51.97 -85.15
C ILE V 128 -72.08 51.13 -83.88
N LEU V 129 -70.92 50.60 -83.44
CA LEU V 129 -70.89 49.80 -82.23
C LEU V 129 -71.41 50.57 -81.02
N ASP V 130 -71.21 51.89 -81.01
CA ASP V 130 -71.70 52.69 -79.89
C ASP V 130 -73.21 52.60 -79.77
N MET V 131 -73.93 52.88 -80.85
CA MET V 131 -75.39 52.81 -80.78
C MET V 131 -75.87 51.37 -80.64
N ALA V 132 -75.14 50.40 -81.22
CA ALA V 132 -75.56 49.00 -81.06
C ALA V 132 -75.52 48.59 -79.58
N LEU V 133 -74.40 48.87 -78.91
CA LEU V 133 -74.30 48.51 -77.50
C LEU V 133 -75.22 49.37 -76.64
N GLN V 134 -75.45 50.61 -77.04
CA GLN V 134 -76.40 51.46 -76.36
C GLN V 134 -77.81 50.89 -76.42
N VAL V 135 -78.22 50.39 -77.58
CA VAL V 135 -79.52 49.74 -77.72
C VAL V 135 -79.56 48.47 -76.87
N HIS V 136 -78.47 47.71 -76.87
CA HIS V 136 -78.42 46.52 -76.03
C HIS V 136 -78.63 46.86 -74.57
N LEU V 137 -77.99 47.94 -74.10
CA LEU V 137 -78.12 48.32 -72.69
C LEU V 137 -79.53 48.83 -72.38
N PHE V 138 -80.08 49.67 -73.25
CA PHE V 138 -81.38 50.27 -72.95
C PHE V 138 -82.52 49.25 -73.08
N LEU V 139 -82.33 48.21 -73.88
CA LEU V 139 -83.38 47.22 -74.10
C LEU V 139 -83.32 46.07 -73.10
N TYR V 140 -82.43 46.16 -72.12
CA TYR V 140 -82.29 45.07 -71.14
C TYR V 140 -83.46 45.07 -70.17
N GLU V 141 -84.11 43.92 -70.05
CA GLU V 141 -85.21 43.74 -69.11
C GLU V 141 -85.09 42.45 -68.31
N GLY V 142 -84.02 41.70 -68.48
CA GLY V 142 -83.83 40.42 -67.81
C GLY V 142 -83.17 39.41 -68.72
N LYS V 143 -83.23 39.65 -70.03
CA LYS V 143 -82.63 38.78 -71.03
C LYS V 143 -81.58 39.56 -71.81
N ILE V 144 -80.40 38.95 -71.97
CA ILE V 144 -79.29 39.63 -72.63
C ILE V 144 -79.48 39.55 -74.14
N ILE V 145 -79.59 40.71 -74.78
CA ILE V 145 -79.67 40.78 -76.23
C ILE V 145 -78.26 40.84 -76.82
N ASP V 146 -78.03 40.05 -77.87
CA ASP V 146 -76.70 40.00 -78.47
C ASP V 146 -76.32 41.34 -79.09
N ILE V 147 -75.08 41.76 -78.84
CA ILE V 147 -74.59 43.02 -79.40
C ILE V 147 -74.41 42.90 -80.90
N ALA V 148 -73.79 41.80 -81.35
CA ALA V 148 -73.56 41.61 -82.78
C ALA V 148 -74.87 41.45 -83.53
N HIS V 149 -75.87 40.80 -82.92
CA HIS V 149 -77.17 40.68 -83.55
C HIS V 149 -77.80 42.06 -83.75
N ILE V 150 -77.71 42.93 -82.75
CA ILE V 150 -78.23 44.29 -82.89
C ILE V 150 -77.47 45.03 -83.97
N GLN V 151 -76.17 44.83 -84.04
CA GLN V 151 -75.38 45.49 -85.07
C GLN V 151 -75.84 45.05 -86.46
N LYS V 152 -76.00 43.75 -86.66
CA LYS V 152 -76.43 43.23 -87.95
C LYS V 152 -77.82 43.72 -88.32
N ILE V 153 -78.73 43.75 -87.34
CA ILE V 153 -80.09 44.25 -87.60
C ILE V 153 -80.05 45.71 -88.01
N ILE V 154 -79.24 46.51 -87.32
CA ILE V 154 -79.14 47.93 -87.66
C ILE V 154 -78.52 48.11 -89.05
N LYS V 155 -77.55 47.26 -89.39
CA LYS V 155 -76.95 47.35 -90.72
C LYS V 155 -77.93 46.97 -91.81
N THR V 156 -78.74 45.94 -91.58
CA THR V 156 -79.79 45.60 -92.55
C THR V 156 -80.78 46.75 -92.70
N PHE V 157 -81.17 47.37 -91.58
CA PHE V 157 -82.11 48.48 -91.64
C PHE V 157 -81.53 49.66 -92.41
N VAL V 158 -80.26 49.98 -92.16
CA VAL V 158 -79.66 51.12 -92.86
C VAL V 158 -79.47 50.81 -94.34
N LEU V 159 -79.19 49.55 -94.69
CA LEU V 159 -79.12 49.18 -96.09
C LEU V 159 -80.48 49.34 -96.76
N ASN V 160 -81.55 48.93 -96.08
CA ASN V 160 -82.89 49.12 -96.62
C ASN V 160 -83.22 50.61 -96.78
N VAL V 161 -82.82 51.43 -95.80
CA VAL V 161 -83.05 52.86 -95.90
C VAL V 161 -82.30 53.46 -97.08
N PHE V 162 -81.04 53.06 -97.26
CA PHE V 162 -80.25 53.56 -98.39
C PHE V 162 -80.88 53.14 -99.71
N ALA V 163 -81.36 51.90 -99.80
CA ALA V 163 -82.02 51.45 -101.01
C ALA V 163 -83.29 52.24 -101.29
N LYS V 164 -84.09 52.51 -100.26
CA LYS V 164 -85.34 53.23 -100.48
C LYS V 164 -85.13 54.72 -100.71
N ILE V 165 -84.00 55.28 -100.29
CA ILE V 165 -83.76 56.70 -100.55
C ILE V 165 -83.05 56.92 -101.89
N ILE V 166 -82.23 55.96 -102.35
CA ILE V 166 -81.49 56.18 -103.59
C ILE V 166 -82.43 56.20 -104.78
N LYS V 167 -83.56 55.49 -104.70
CA LYS V 167 -84.52 55.43 -105.79
C LYS V 167 -85.39 56.69 -105.89
N GLY V 168 -85.04 57.74 -105.15
CA GLY V 168 -85.78 58.98 -105.20
C GLY V 168 -86.99 59.07 -104.30
N VAL V 169 -87.24 58.06 -103.47
CA VAL V 169 -88.36 58.06 -102.54
C VAL V 169 -87.87 58.63 -101.21
N PRO V 170 -88.39 59.78 -100.76
CA PRO V 170 -87.94 60.34 -99.49
C PRO V 170 -88.34 59.46 -98.33
N ILE V 171 -87.51 59.46 -97.27
CA ILE V 171 -87.72 58.60 -96.12
C ILE V 171 -87.62 59.44 -94.86
N VAL V 172 -88.65 59.38 -94.02
CA VAL V 172 -88.68 60.11 -92.75
C VAL V 172 -88.57 59.08 -91.64
N LEU V 173 -87.49 59.17 -90.86
CA LEU V 173 -87.30 58.31 -89.70
C LEU V 173 -87.91 58.87 -88.43
N ASN V 174 -88.21 60.16 -88.40
CA ASN V 174 -88.79 60.82 -87.24
C ASN V 174 -89.43 62.14 -87.65
N PRO V 175 -90.10 62.84 -86.73
CA PRO V 175 -90.73 64.11 -87.09
C PRO V 175 -89.74 65.15 -87.61
N ILE V 176 -88.52 65.17 -87.09
CA ILE V 176 -87.51 66.13 -87.53
C ILE V 176 -86.34 65.43 -88.22
N ILE V 177 -86.49 64.16 -88.57
CA ILE V 177 -85.46 63.42 -89.30
C ILE V 177 -86.11 62.95 -90.60
N ILE V 178 -85.81 63.65 -91.70
CA ILE V 178 -86.36 63.31 -93.01
C ILE V 178 -85.23 63.43 -94.01
N PHE V 179 -84.74 62.29 -94.51
CA PHE V 179 -83.60 62.26 -95.41
C PHE V 179 -84.00 61.61 -96.74
N ASP V 180 -83.21 61.88 -97.76
CA ASP V 180 -83.43 61.34 -99.09
C ASP V 180 -82.13 61.49 -99.89
N SER V 181 -82.21 61.21 -101.20
CA SER V 181 -81.09 61.36 -102.11
C SER V 181 -81.50 62.29 -103.23
N VAL V 182 -80.62 63.25 -103.56
CA VAL V 182 -80.86 64.20 -104.64
C VAL V 182 -79.69 64.10 -105.62
N ARG V 183 -80.02 64.00 -106.91
CA ARG V 183 -79.02 63.92 -107.96
C ARG V 183 -79.07 65.19 -108.80
N PHE V 184 -77.94 65.88 -108.88
CA PHE V 184 -77.87 67.07 -109.73
C PHE V 184 -78.03 66.70 -111.20
N ASP V 185 -77.37 65.62 -111.62
CA ASP V 185 -77.44 65.12 -113.00
C ASP V 185 -76.96 63.67 -112.98
N LYS V 186 -76.72 63.12 -114.15
CA LYS V 186 -76.19 61.77 -114.24
C LYS V 186 -74.80 61.71 -113.60
N SER V 187 -74.54 60.61 -112.88
CA SER V 187 -73.28 60.32 -112.21
C SER V 187 -72.98 61.28 -111.06
N LYS V 188 -73.90 62.17 -110.70
CA LYS V 188 -73.68 63.17 -109.66
C LYS V 188 -74.90 63.17 -108.72
N ILE V 189 -74.81 62.42 -107.62
CA ILE V 189 -75.88 62.31 -106.64
C ILE V 189 -75.27 62.42 -105.25
N LEU V 190 -76.11 62.77 -104.28
CA LEU V 190 -75.68 62.88 -102.90
C LEU V 190 -76.89 62.72 -102.00
N PRO V 191 -76.72 62.11 -100.83
CA PRO V 191 -77.83 62.04 -99.87
C PRO V 191 -77.79 63.20 -98.89
N VAL V 192 -78.97 63.69 -98.54
CA VAL V 192 -79.13 64.83 -97.66
C VAL V 192 -80.36 64.61 -96.78
N ALA V 193 -80.64 65.57 -95.90
CA ALA V 193 -81.80 65.53 -95.05
C ALA V 193 -82.30 66.94 -94.81
N VAL V 194 -83.62 67.12 -94.80
CA VAL V 194 -84.26 68.41 -94.62
C VAL V 194 -85.44 68.25 -93.67
N ALA V 195 -85.94 69.38 -93.19
CA ALA V 195 -87.08 69.39 -92.27
C ALA V 195 -88.34 68.86 -92.95
N ASP V 207 -91.63 57.24 -92.12
CA ASP V 207 -92.01 56.21 -91.16
C ASP V 207 -91.13 54.97 -91.31
N TRP V 208 -90.54 54.53 -90.21
CA TRP V 208 -89.70 53.33 -90.22
C TRP V 208 -90.48 52.05 -90.46
N ASP V 209 -91.82 52.09 -90.32
CA ASP V 209 -92.62 50.89 -90.53
C ASP V 209 -92.47 50.35 -91.94
N THR V 210 -92.40 51.26 -92.93
CA THR V 210 -92.20 50.83 -94.31
C THR V 210 -90.83 50.19 -94.53
N ILE V 211 -89.90 50.35 -93.61
CA ILE V 211 -88.59 49.73 -93.70
C ILE V 211 -88.40 48.61 -92.69
N VAL V 212 -89.44 48.30 -91.91
CA VAL V 212 -89.36 47.32 -90.84
C VAL V 212 -90.18 46.10 -91.24
N ASP V 213 -89.59 44.91 -91.08
CA ASP V 213 -90.29 43.67 -91.36
C ASP V 213 -91.39 43.44 -90.34
N GLU V 214 -92.13 42.34 -90.52
CA GLU V 214 -93.30 42.07 -89.70
C GLU V 214 -92.94 41.54 -88.31
N ASP V 215 -91.67 41.27 -88.04
CA ASP V 215 -91.28 40.79 -86.72
C ASP V 215 -91.44 41.89 -85.68
N GLU V 216 -92.11 41.57 -84.57
CA GLU V 216 -92.35 42.56 -83.53
C GLU V 216 -91.06 42.97 -82.84
N GLU V 217 -90.18 42.00 -82.56
CA GLU V 217 -88.93 42.29 -81.88
C GLU V 217 -88.06 43.22 -82.71
N ILE V 218 -87.97 42.96 -84.02
CA ILE V 218 -87.18 43.82 -84.91
C ILE V 218 -87.76 45.23 -84.92
N LYS V 219 -89.09 45.35 -84.94
CA LYS V 219 -89.72 46.67 -84.95
C LYS V 219 -89.43 47.43 -83.67
N LYS V 220 -89.50 46.74 -82.52
CA LYS V 220 -89.15 47.37 -81.26
C LYS V 220 -87.69 47.81 -81.23
N ILE V 221 -86.80 46.95 -81.76
CA ILE V 221 -85.39 47.31 -81.83
C ILE V 221 -85.19 48.55 -82.69
N VAL V 222 -85.90 48.63 -83.82
CA VAL V 222 -85.76 49.77 -84.72
C VAL V 222 -86.25 51.05 -84.04
N SER V 223 -87.40 50.97 -83.36
CA SER V 223 -87.92 52.15 -82.69
C SER V 223 -86.97 52.61 -81.58
N THR V 224 -86.43 51.67 -80.80
CA THR V 224 -85.49 52.04 -79.75
C THR V 224 -84.23 52.65 -80.35
N PHE V 225 -83.74 52.10 -81.45
CA PHE V 225 -82.52 52.61 -82.07
C PHE V 225 -82.73 54.03 -82.60
N ILE V 226 -83.87 54.28 -83.24
CA ILE V 226 -84.11 55.62 -83.76
C ILE V 226 -84.33 56.61 -82.62
N LYS V 227 -84.97 56.17 -81.53
CA LYS V 227 -85.10 57.05 -80.37
C LYS V 227 -83.74 57.42 -79.79
N LEU V 228 -82.86 56.42 -79.65
CA LEU V 228 -81.53 56.69 -79.11
C LEU V 228 -80.73 57.60 -80.04
N LEU V 229 -80.82 57.37 -81.35
CA LEU V 229 -80.12 58.21 -82.30
C LEU V 229 -80.63 59.65 -82.24
N GLU V 230 -81.95 59.82 -82.11
CA GLU V 230 -82.52 61.16 -81.99
C GLU V 230 -82.03 61.84 -80.72
N ASN V 231 -81.97 61.10 -79.61
CA ASN V 231 -81.50 61.69 -78.35
C ASN V 231 -80.02 62.09 -78.45
N ALA V 232 -79.20 61.24 -79.07
CA ALA V 232 -77.79 61.58 -79.28
C ALA V 232 -77.65 62.77 -80.22
N LEU V 233 -78.52 62.90 -81.20
CA LEU V 233 -78.54 64.09 -82.04
C LEU V 233 -78.86 65.33 -81.21
N THR V 234 -79.84 65.22 -80.32
CA THR V 234 -80.26 66.36 -79.51
C THR V 234 -79.13 66.81 -78.59
N VAL V 235 -78.43 65.86 -77.96
CA VAL V 235 -77.39 66.24 -77.01
C VAL V 235 -76.22 66.92 -77.72
N GLY V 236 -75.96 66.56 -78.96
CA GLY V 236 -74.84 67.12 -79.70
C GLY V 236 -73.81 66.09 -80.10
N HIS V 237 -74.24 64.84 -80.28
CA HIS V 237 -73.37 63.76 -80.72
C HIS V 237 -73.49 63.59 -82.23
N GLU V 238 -72.34 63.52 -82.91
CA GLU V 238 -72.33 63.13 -84.31
C GLU V 238 -72.40 61.61 -84.42
N VAL V 239 -73.30 61.12 -85.24
CA VAL V 239 -73.65 59.70 -85.29
C VAL V 239 -73.28 59.15 -86.66
N GLU V 240 -72.73 57.94 -86.68
CA GLU V 240 -72.49 57.23 -87.92
C GLU V 240 -73.76 56.53 -88.37
N PHE V 241 -74.24 56.85 -89.56
CA PHE V 241 -75.43 56.24 -90.13
C PHE V 241 -75.10 55.37 -91.33
N PHE V 242 -74.48 55.95 -92.36
CA PHE V 242 -74.00 55.20 -93.50
C PHE V 242 -72.53 54.87 -93.33
N GLN V 243 -71.93 54.27 -94.36
CA GLN V 243 -70.49 54.00 -94.35
C GLN V 243 -69.75 55.34 -94.41
N ASP V 244 -69.16 55.73 -93.27
CA ASP V 244 -68.45 57.01 -93.14
C ASP V 244 -69.37 58.19 -93.47
N THR V 245 -70.40 58.35 -92.63
CA THR V 245 -71.32 59.46 -92.72
C THR V 245 -71.68 59.93 -91.32
N LEU V 246 -72.02 61.22 -91.20
CA LEU V 246 -72.30 61.82 -89.91
C LEU V 246 -73.66 62.51 -89.94
N LEU V 247 -74.33 62.52 -88.79
CA LEU V 247 -75.50 63.35 -88.53
C LEU V 247 -75.16 64.33 -87.42
N VAL V 248 -75.13 65.62 -87.74
CA VAL V 248 -74.67 66.66 -86.83
C VAL V 248 -75.73 67.76 -86.79
N ARG V 249 -76.04 68.22 -85.57
CA ARG V 249 -77.07 69.22 -85.36
C ARG V 249 -76.51 70.61 -85.08
N ASN V 250 -75.56 70.71 -84.15
CA ASN V 250 -74.96 71.98 -83.72
C ASN V 250 -76.00 72.91 -83.10
N VAL V 251 -75.73 74.22 -83.16
CA VAL V 251 -76.57 75.19 -82.45
C VAL V 251 -77.93 75.34 -83.14
N ASP V 252 -77.94 75.39 -84.47
CA ASP V 252 -79.18 75.71 -85.18
C ASP V 252 -79.52 74.69 -86.27
N GLY V 253 -78.50 74.06 -86.84
CA GLY V 253 -78.75 73.13 -87.92
C GLY V 253 -79.49 71.89 -87.46
N ILE V 254 -80.00 71.15 -88.44
CA ILE V 254 -80.70 69.89 -88.19
C ILE V 254 -80.16 68.87 -89.19
N THR V 255 -79.41 67.89 -88.70
CA THR V 255 -78.87 66.80 -89.51
C THR V 255 -78.02 67.37 -90.65
N SER V 256 -76.95 68.06 -90.26
CA SER V 256 -75.95 68.55 -91.21
C SER V 256 -75.11 67.39 -91.71
N LEU V 257 -75.71 66.54 -92.54
CA LEU V 257 -75.12 65.27 -92.89
C LEU V 257 -73.84 65.46 -93.70
N TYR V 258 -72.83 64.64 -93.39
CA TYR V 258 -71.55 64.63 -94.07
C TYR V 258 -71.33 63.26 -94.71
N VAL V 259 -70.57 63.25 -95.80
CA VAL V 259 -70.18 62.00 -96.46
C VAL V 259 -68.68 62.06 -96.74
N SER V 260 -68.09 60.89 -96.97
CA SER V 260 -66.66 60.75 -97.19
C SER V 260 -66.39 60.38 -98.65
N GLU V 261 -65.10 60.20 -98.96
CA GLU V 261 -64.73 59.77 -100.31
C GLU V 261 -65.34 58.42 -100.64
N LYS V 262 -65.24 57.47 -99.70
CA LYS V 262 -65.87 56.17 -99.89
C LYS V 262 -67.38 56.30 -100.02
N ALA V 263 -68.00 57.12 -99.16
CA ALA V 263 -69.44 57.32 -99.23
C ALA V 263 -69.83 57.93 -100.57
N ALA V 264 -69.09 58.94 -101.02
CA ALA V 264 -69.39 59.57 -102.29
C ALA V 264 -69.29 58.57 -103.43
N GLN V 265 -68.22 57.76 -103.45
CA GLN V 265 -68.02 56.88 -104.58
C GLN V 265 -69.01 55.71 -104.56
N VAL V 266 -69.39 55.20 -103.38
CA VAL V 266 -70.41 54.16 -103.35
C VAL V 266 -71.76 54.73 -103.79
N PHE V 267 -72.08 55.95 -103.37
CA PHE V 267 -73.33 56.57 -103.80
C PHE V 267 -73.36 56.73 -105.32
N ASN V 268 -72.29 57.30 -105.89
CA ASN V 268 -72.24 57.53 -107.33
C ASN V 268 -72.28 56.21 -108.10
N ASN V 269 -71.57 55.20 -107.62
CA ASN V 269 -71.57 53.91 -108.30
C ASN V 269 -72.95 53.26 -108.25
N SER V 270 -73.55 53.18 -107.06
CA SER V 270 -74.89 52.62 -106.95
C SER V 270 -75.90 53.36 -107.81
N VAL V 271 -75.69 54.66 -108.02
CA VAL V 271 -76.54 55.39 -108.96
C VAL V 271 -76.24 54.97 -110.40
N ILE V 272 -74.96 54.77 -110.72
CA ILE V 272 -74.56 54.60 -112.12
C ILE V 272 -74.85 53.18 -112.61
N ASP V 273 -74.20 52.18 -112.02
CA ASP V 273 -74.27 50.81 -112.53
C ASP V 273 -74.88 49.84 -111.53
N GLN V 274 -75.55 50.36 -110.49
CA GLN V 274 -76.31 49.53 -109.55
C GLN V 274 -75.43 48.48 -108.88
N ILE V 275 -74.43 48.95 -108.14
CA ILE V 275 -73.59 48.11 -107.30
C ILE V 275 -73.71 48.61 -105.87
N MET V 276 -73.99 47.71 -104.95
CA MET V 276 -74.32 48.04 -103.57
C MET V 276 -73.52 47.16 -102.62
N PRO V 277 -73.34 47.59 -101.38
CA PRO V 277 -72.77 46.69 -100.37
C PRO V 277 -73.65 45.47 -100.18
N GLU V 278 -73.00 44.34 -99.89
CA GLU V 278 -73.68 43.05 -99.91
C GLU V 278 -74.61 42.91 -98.71
N LYS V 279 -75.24 41.76 -98.61
CA LYS V 279 -76.13 41.47 -97.49
C LYS V 279 -75.33 41.45 -96.18
N PRO V 280 -75.77 42.17 -95.15
CA PRO V 280 -75.06 42.11 -93.87
C PRO V 280 -75.07 40.70 -93.30
N LYS V 281 -73.96 40.32 -92.68
CA LYS V 281 -73.80 38.99 -92.10
C LYS V 281 -73.37 39.14 -90.65
N TYR V 282 -73.26 37.99 -89.97
CA TYR V 282 -72.93 37.97 -88.55
C TYR V 282 -71.42 37.93 -88.39
N GLU V 283 -70.85 39.05 -87.95
CA GLU V 283 -69.43 39.11 -87.64
C GLU V 283 -69.20 38.86 -86.16
N ALA V 284 -67.95 38.88 -85.74
CA ALA V 284 -67.56 38.66 -84.35
C ALA V 284 -67.02 39.94 -83.74
N LEU V 285 -67.38 40.19 -82.49
CA LEU V 285 -66.87 41.35 -81.78
C LEU V 285 -65.37 41.23 -81.57
N GLU V 286 -64.67 42.35 -81.65
CA GLU V 286 -63.23 42.39 -81.52
C GLU V 286 -62.83 43.30 -80.36
N ASP V 287 -61.78 42.91 -79.65
CA ASP V 287 -61.32 43.70 -78.52
C ASP V 287 -60.75 45.03 -79.02
N PRO V 288 -61.21 46.17 -78.47
CA PRO V 288 -60.70 47.49 -78.84
C PRO V 288 -59.32 47.78 -78.27
N THR W 65 -38.37 -3.88 -65.49
CA THR W 65 -37.34 -2.88 -65.24
C THR W 65 -36.90 -2.20 -66.53
N GLU W 66 -36.25 -1.04 -66.38
CA GLU W 66 -35.82 -0.26 -67.54
C GLU W 66 -34.87 -1.07 -68.42
N LEU W 67 -35.12 -1.05 -69.72
CA LEU W 67 -34.21 -1.67 -70.68
C LEU W 67 -32.81 -1.08 -70.59
N GLU W 68 -32.71 0.25 -70.43
CA GLU W 68 -31.41 0.88 -70.32
C GLU W 68 -30.65 0.44 -69.07
N TYR W 69 -31.35 0.12 -67.98
CA TYR W 69 -30.67 -0.41 -66.81
C TYR W 69 -30.05 -1.78 -67.11
N VAL W 70 -30.78 -2.63 -67.84
CA VAL W 70 -30.25 -3.92 -68.24
C VAL W 70 -29.04 -3.75 -69.15
N GLU W 71 -29.13 -2.81 -70.10
CA GLU W 71 -28.01 -2.54 -70.98
C GLU W 71 -26.79 -2.08 -70.20
N GLU W 72 -27.00 -1.22 -69.19
CA GLU W 72 -25.89 -0.76 -68.37
C GLU W 72 -25.28 -1.92 -67.58
N ASP W 73 -26.11 -2.83 -67.07
CA ASP W 73 -25.61 -4.00 -66.37
C ASP W 73 -24.72 -4.85 -67.28
N SER W 74 -25.21 -5.13 -68.49
CA SER W 74 -24.43 -5.94 -69.42
C SER W 74 -23.14 -5.22 -69.82
N ARG W 75 -23.22 -3.91 -70.02
CA ARG W 75 -22.03 -3.12 -70.34
C ARG W 75 -21.01 -3.22 -69.23
N LEU W 76 -21.46 -3.17 -67.97
CA LEU W 76 -20.55 -3.30 -66.84
C LEU W 76 -19.91 -4.68 -66.81
N ARG W 77 -20.70 -5.72 -67.09
CA ARG W 77 -20.16 -7.07 -67.10
C ARG W 77 -19.07 -7.22 -68.17
N LYS W 78 -19.33 -6.69 -69.37
CA LYS W 78 -18.32 -6.77 -70.43
C LYS W 78 -17.10 -5.91 -70.08
N GLU W 79 -17.33 -4.80 -69.38
CA GLU W 79 -16.21 -3.99 -68.88
C GLU W 79 -15.35 -4.82 -67.94
N LYS W 80 -15.98 -5.62 -67.07
CA LYS W 80 -15.22 -6.45 -66.14
C LYS W 80 -14.44 -7.53 -66.88
N ILE W 81 -15.02 -8.10 -67.94
CA ILE W 81 -14.29 -9.07 -68.76
C ILE W 81 -13.05 -8.43 -69.37
N GLU W 82 -13.23 -7.23 -69.93
CA GLU W 82 -12.09 -6.53 -70.52
C GLU W 82 -11.06 -6.16 -69.47
N LEU W 83 -11.50 -5.85 -68.25
CA LEU W 83 -10.56 -5.62 -67.16
C LEU W 83 -9.78 -6.88 -66.80
N ILE W 84 -10.44 -8.04 -66.85
CA ILE W 84 -9.72 -9.30 -66.62
C ILE W 84 -8.60 -9.46 -67.64
N GLN W 85 -8.93 -9.24 -68.92
CA GLN W 85 -7.91 -9.38 -69.95
C GLN W 85 -6.79 -8.35 -69.78
N LYS W 86 -7.15 -7.09 -69.50
CA LYS W 86 -6.14 -6.06 -69.34
C LYS W 86 -5.30 -6.29 -68.09
N ASN W 87 -5.88 -6.92 -67.06
CA ASN W 87 -5.14 -7.24 -65.86
C ASN W 87 -4.09 -8.30 -66.12
N TYR W 88 -4.42 -9.30 -66.94
CA TYR W 88 -3.40 -10.26 -67.35
C TYR W 88 -2.34 -9.58 -68.22
N ASP W 89 -2.77 -8.70 -69.13
CA ASP W 89 -1.84 -8.01 -70.03
C ASP W 89 -0.85 -7.13 -69.29
N ASN W 90 -1.31 -6.41 -68.27
CA ASN W 90 -0.44 -5.48 -67.55
C ASN W 90 0.68 -6.17 -66.78
N LEU W 91 0.56 -7.46 -66.49
CA LEU W 91 1.67 -8.20 -65.90
C LEU W 91 2.60 -8.60 -67.04
N ASN W 92 3.58 -7.73 -67.33
CA ASN W 92 4.47 -7.92 -68.46
C ASN W 92 5.38 -9.11 -68.19
N ALA W 93 5.02 -10.26 -68.75
CA ALA W 93 5.70 -11.52 -68.48
C ALA W 93 6.14 -12.17 -69.77
N LYS W 94 7.21 -12.95 -69.70
CA LYS W 94 7.69 -13.72 -70.84
C LYS W 94 7.80 -15.18 -70.43
N PRO W 95 7.55 -16.09 -71.37
CA PRO W 95 7.64 -17.52 -71.04
C PRO W 95 9.02 -17.92 -70.52
N LEU W 96 9.01 -18.76 -69.49
CA LEU W 96 10.22 -19.26 -68.89
C LEU W 96 10.97 -20.17 -69.86
N VAL W 97 12.29 -20.01 -69.94
CA VAL W 97 13.08 -20.76 -70.91
C VAL W 97 13.83 -21.85 -70.17
N GLY W 98 14.12 -22.95 -70.88
CA GLY W 98 14.84 -24.07 -70.30
C GLY W 98 15.62 -24.82 -71.36
N VAL W 99 16.37 -25.83 -70.90
CA VAL W 99 17.18 -26.66 -71.78
C VAL W 99 16.72 -28.10 -71.64
N ASP W 100 17.37 -29.02 -72.38
CA ASP W 100 16.94 -30.41 -72.40
C ASP W 100 17.92 -31.39 -71.77
N LEU W 101 19.21 -31.06 -71.72
CA LEU W 101 20.22 -31.95 -71.17
C LEU W 101 21.25 -31.14 -70.38
N TYR W 102 21.85 -31.81 -69.40
CA TYR W 102 22.93 -31.24 -68.59
C TYR W 102 24.28 -31.32 -69.30
N GLU W 103 24.73 -30.20 -69.86
CA GLU W 103 25.95 -30.20 -70.67
C GLU W 103 27.05 -29.39 -70.00
N SER W 104 26.81 -28.09 -69.79
CA SER W 104 27.81 -27.21 -69.21
C SER W 104 27.21 -26.47 -68.04
N TYR W 105 28.05 -26.19 -67.04
CA TYR W 105 27.60 -25.46 -65.85
C TYR W 105 27.18 -24.04 -66.21
N SER W 106 27.95 -23.38 -67.08
CA SER W 106 27.70 -21.98 -67.40
C SER W 106 26.36 -21.79 -68.11
N LEU W 107 26.04 -22.65 -69.08
CA LEU W 107 24.79 -22.50 -69.83
C LEU W 107 23.57 -22.71 -68.93
N VAL W 108 23.61 -23.75 -68.10
CA VAL W 108 22.49 -24.01 -67.19
C VAL W 108 22.37 -22.88 -66.19
N LEU W 109 23.51 -22.36 -65.71
CA LEU W 109 23.50 -21.24 -64.79
C LEU W 109 22.88 -20.01 -65.43
N ASN W 110 23.20 -19.75 -66.70
CA ASN W 110 22.64 -18.60 -67.40
C ASN W 110 21.12 -18.73 -67.52
N LYS W 111 20.65 -19.91 -67.92
CA LYS W 111 19.20 -20.11 -68.03
C LYS W 111 18.52 -19.95 -66.68
N SER W 112 19.10 -20.52 -65.62
CA SER W 112 18.51 -20.42 -64.30
C SER W 112 18.48 -18.97 -63.81
N ALA W 113 19.57 -18.24 -64.03
CA ALA W 113 19.62 -16.84 -63.62
C ALA W 113 18.59 -16.01 -64.37
N TRP W 114 18.43 -16.25 -65.67
CA TRP W 114 17.42 -15.51 -66.42
C TRP W 114 16.03 -15.81 -65.90
N ASN W 115 15.74 -17.09 -65.63
CA ASN W 115 14.42 -17.43 -65.10
C ASN W 115 14.18 -16.78 -63.75
N TYR W 116 15.19 -16.81 -62.87
CA TYR W 116 15.04 -16.20 -61.56
C TYR W 116 14.80 -14.71 -61.67
N ASN W 117 15.56 -14.04 -62.55
CA ASN W 117 15.38 -12.59 -62.72
C ASN W 117 14.00 -12.28 -63.27
N GLU W 118 13.51 -13.08 -64.21
CA GLU W 118 12.19 -12.86 -64.77
C GLU W 118 11.10 -13.02 -63.71
N ILE W 119 11.20 -14.08 -62.89
CA ILE W 119 10.19 -14.28 -61.86
C ILE W 119 10.27 -13.17 -60.80
N ILE W 120 11.47 -12.70 -60.48
CA ILE W 120 11.61 -11.62 -59.52
C ILE W 120 11.00 -10.33 -60.05
N GLN W 121 11.23 -10.01 -61.32
CA GLN W 121 10.67 -8.80 -61.88
C GLN W 121 9.17 -8.92 -62.11
N ARG W 122 8.65 -10.14 -62.23
CA ARG W 122 7.21 -10.34 -62.28
C ARG W 122 6.56 -9.99 -60.95
N ASP W 123 7.27 -10.20 -59.84
CA ASP W 123 6.79 -9.94 -58.49
C ASP W 123 5.53 -10.77 -58.18
N THR W 124 5.66 -12.08 -58.31
CA THR W 124 4.59 -13.00 -57.97
C THR W 124 5.06 -14.11 -57.02
N GLN W 125 6.26 -13.99 -56.48
CA GLN W 125 6.88 -15.04 -55.67
C GLN W 125 6.64 -14.82 -54.19
N LEU W 126 6.70 -15.92 -53.44
CA LEU W 126 6.52 -15.91 -51.99
C LEU W 126 7.89 -16.02 -51.34
N THR W 127 8.21 -15.07 -50.48
CA THR W 127 9.50 -15.06 -49.80
C THR W 127 9.43 -15.97 -48.57
N ILE W 128 10.49 -15.94 -47.75
CA ILE W 128 10.50 -16.75 -46.53
C ILE W 128 9.57 -16.15 -45.49
N LEU W 129 9.44 -14.82 -45.46
CA LEU W 129 8.51 -14.18 -44.54
C LEU W 129 7.08 -14.65 -44.76
N ASP W 130 6.68 -14.81 -46.03
CA ASP W 130 5.31 -15.25 -46.32
C ASP W 130 5.06 -16.64 -45.76
N MET W 131 6.01 -17.56 -45.93
CA MET W 131 5.84 -18.91 -45.43
C MET W 131 5.88 -18.93 -43.90
N ALA W 132 6.74 -18.09 -43.30
CA ALA W 132 6.78 -18.00 -41.84
C ALA W 132 5.45 -17.49 -41.29
N LEU W 133 4.84 -16.51 -41.96
CA LEU W 133 3.57 -15.98 -41.50
C LEU W 133 2.45 -17.00 -41.70
N GLN W 134 2.51 -17.76 -42.79
CA GLN W 134 1.52 -18.82 -42.99
C GLN W 134 1.64 -19.89 -41.92
N VAL W 135 2.88 -20.26 -41.54
CA VAL W 135 3.07 -21.24 -40.47
C VAL W 135 2.57 -20.68 -39.14
N HIS W 136 2.90 -19.42 -38.85
CA HIS W 136 2.44 -18.78 -37.62
C HIS W 136 0.92 -18.78 -37.52
N LEU W 137 0.24 -18.48 -38.62
CA LEU W 137 -1.23 -18.47 -38.61
C LEU W 137 -1.79 -19.89 -38.54
N PHE W 138 -1.13 -20.85 -39.18
CA PHE W 138 -1.66 -22.20 -39.25
C PHE W 138 -1.52 -22.94 -37.92
N LEU W 139 -0.51 -22.60 -37.13
CA LEU W 139 -0.25 -23.28 -35.88
C LEU W 139 -0.94 -22.65 -34.69
N TYR W 140 -1.78 -21.63 -34.92
CA TYR W 140 -2.45 -20.95 -33.82
C TYR W 140 -3.57 -21.81 -33.25
N GLU W 141 -3.49 -22.08 -31.95
CA GLU W 141 -4.52 -22.84 -31.25
C GLU W 141 -4.86 -22.21 -29.90
N GLY W 142 -4.51 -20.93 -29.70
CA GLY W 142 -4.74 -20.26 -28.44
C GLY W 142 -3.56 -19.43 -27.99
N LYS W 143 -2.35 -19.87 -28.32
CA LYS W 143 -1.12 -19.17 -27.96
C LYS W 143 -0.40 -18.68 -29.21
N ILE W 144 0.20 -17.50 -29.11
CA ILE W 144 0.92 -16.90 -30.23
C ILE W 144 2.34 -17.45 -30.30
N ILE W 145 2.75 -17.88 -31.48
CA ILE W 145 4.11 -18.32 -31.75
C ILE W 145 4.84 -17.20 -32.50
N ASP W 146 6.04 -16.86 -32.04
CA ASP W 146 6.78 -15.74 -32.62
C ASP W 146 7.07 -16.00 -34.10
N ILE W 147 6.88 -14.95 -34.91
CA ILE W 147 7.17 -15.06 -36.34
C ILE W 147 8.66 -15.12 -36.58
N ALA W 148 9.44 -14.34 -35.83
CA ALA W 148 10.89 -14.35 -36.01
C ALA W 148 11.49 -15.70 -35.65
N HIS W 149 10.96 -16.33 -34.59
CA HIS W 149 11.42 -17.66 -34.21
C HIS W 149 11.19 -18.66 -35.34
N ILE W 150 10.00 -18.63 -35.93
CA ILE W 150 9.68 -19.56 -37.02
C ILE W 150 10.56 -19.28 -38.23
N GLN W 151 10.80 -18.00 -38.53
CA GLN W 151 11.66 -17.67 -39.66
C GLN W 151 13.08 -18.19 -39.44
N LYS W 152 13.60 -18.01 -38.22
CA LYS W 152 14.93 -18.51 -37.90
C LYS W 152 14.98 -20.03 -38.03
N ILE W 153 13.94 -20.71 -37.56
CA ILE W 153 13.90 -22.17 -37.62
C ILE W 153 13.87 -22.65 -39.07
N ILE W 154 13.09 -21.98 -39.91
CA ILE W 154 13.00 -22.35 -41.32
C ILE W 154 14.34 -22.14 -42.00
N LYS W 155 14.99 -21.02 -41.71
CA LYS W 155 16.30 -20.75 -42.31
C LYS W 155 17.33 -21.78 -41.86
N THR W 156 17.28 -22.18 -40.59
CA THR W 156 18.17 -23.23 -40.11
C THR W 156 17.93 -24.54 -40.83
N PHE W 157 16.65 -24.89 -41.06
CA PHE W 157 16.34 -26.12 -41.77
C PHE W 157 16.85 -26.08 -43.21
N VAL W 158 16.64 -24.95 -43.90
CA VAL W 158 17.10 -24.88 -45.29
C VAL W 158 18.61 -24.86 -45.36
N LEU W 159 19.29 -24.29 -44.36
CA LEU W 159 20.75 -24.34 -44.34
C LEU W 159 21.26 -25.75 -44.08
N ASN W 160 20.55 -26.50 -43.23
CA ASN W 160 20.91 -27.91 -43.03
C ASN W 160 20.76 -28.70 -44.33
N VAL W 161 19.68 -28.44 -45.07
CA VAL W 161 19.50 -29.09 -46.37
C VAL W 161 20.64 -28.70 -47.31
N PHE W 162 21.01 -27.41 -47.31
CA PHE W 162 22.08 -26.94 -48.17
C PHE W 162 23.41 -27.63 -47.84
N ALA W 163 23.72 -27.74 -46.55
CA ALA W 163 24.95 -28.41 -46.14
C ALA W 163 24.91 -29.89 -46.46
N LYS W 164 23.74 -30.51 -46.41
CA LYS W 164 23.64 -31.95 -46.67
C LYS W 164 23.73 -32.26 -48.16
N ILE W 165 23.26 -31.36 -49.03
CA ILE W 165 23.24 -31.68 -50.45
C ILE W 165 24.57 -31.39 -51.14
N ILE W 166 25.42 -30.52 -50.58
CA ILE W 166 26.74 -30.31 -51.17
C ILE W 166 27.69 -31.46 -50.92
N LYS W 167 27.31 -32.42 -50.08
CA LYS W 167 28.09 -33.63 -49.84
C LYS W 167 27.55 -34.83 -50.59
N GLY W 168 26.69 -34.60 -51.59
CA GLY W 168 26.19 -35.68 -52.40
C GLY W 168 25.09 -36.50 -51.78
N VAL W 169 24.43 -35.98 -50.75
CA VAL W 169 23.35 -36.68 -50.06
C VAL W 169 22.04 -36.01 -50.45
N PRO W 170 21.19 -36.66 -51.26
CA PRO W 170 19.87 -36.10 -51.53
C PRO W 170 18.99 -36.11 -50.30
N ILE W 171 18.10 -35.11 -50.22
CA ILE W 171 17.16 -34.97 -49.11
C ILE W 171 15.74 -35.00 -49.66
N VAL W 172 14.91 -35.86 -49.07
CA VAL W 172 13.52 -36.02 -49.48
C VAL W 172 12.63 -35.29 -48.47
N LEU W 173 11.94 -34.26 -48.93
CA LEU W 173 10.99 -33.56 -48.06
C LEU W 173 9.58 -34.11 -48.19
N ASN W 174 9.29 -34.80 -49.29
CA ASN W 174 7.96 -35.30 -49.62
C ASN W 174 8.12 -36.25 -50.81
N PRO W 175 7.15 -37.15 -51.01
CA PRO W 175 7.21 -38.03 -52.18
C PRO W 175 7.29 -37.32 -53.52
N ILE W 176 7.06 -36.02 -53.60
CA ILE W 176 7.03 -35.30 -54.87
C ILE W 176 8.34 -34.57 -55.13
N ILE W 177 8.88 -33.88 -54.12
CA ILE W 177 10.09 -33.06 -54.28
C ILE W 177 11.24 -33.73 -53.56
N ILE W 178 12.35 -33.91 -54.27
CA ILE W 178 13.58 -34.45 -53.71
C ILE W 178 14.71 -33.51 -54.08
N PHE W 179 15.43 -33.01 -53.08
CA PHE W 179 16.51 -32.06 -53.30
C PHE W 179 17.81 -32.82 -53.57
N ASP W 180 18.45 -32.52 -54.70
CA ASP W 180 19.68 -33.19 -55.07
C ASP W 180 20.66 -32.14 -55.60
N SER W 181 21.86 -32.59 -55.94
CA SER W 181 22.89 -31.72 -56.49
C SER W 181 23.49 -32.38 -57.72
N VAL W 182 23.89 -31.56 -58.69
CA VAL W 182 24.54 -32.02 -59.90
C VAL W 182 25.89 -31.33 -59.97
N ARG W 183 26.96 -32.11 -60.00
CA ARG W 183 28.30 -31.59 -60.12
C ARG W 183 28.88 -32.03 -61.45
N PHE W 184 29.43 -31.08 -62.21
CA PHE W 184 30.02 -31.41 -63.50
C PHE W 184 31.52 -31.61 -63.43
N ASP W 185 32.18 -30.95 -62.48
CA ASP W 185 33.61 -31.03 -62.29
C ASP W 185 33.88 -30.50 -60.89
N LYS W 186 35.10 -30.67 -60.42
CA LYS W 186 35.46 -30.05 -59.15
C LYS W 186 35.25 -28.54 -59.30
N SER W 187 34.81 -27.91 -58.22
CA SER W 187 34.50 -26.49 -58.15
C SER W 187 33.24 -26.11 -58.93
N LYS W 188 32.47 -27.06 -59.44
CA LYS W 188 31.26 -26.75 -60.23
C LYS W 188 30.14 -27.70 -59.83
N ILE W 189 29.22 -27.19 -58.99
CA ILE W 189 28.04 -27.89 -58.54
C ILE W 189 26.83 -26.96 -58.68
N LEU W 190 25.65 -27.57 -58.74
CA LEU W 190 24.39 -26.86 -58.93
C LEU W 190 23.25 -27.59 -58.24
N PRO W 191 22.52 -26.94 -57.34
CA PRO W 191 21.38 -27.61 -56.70
C PRO W 191 20.21 -27.78 -57.67
N VAL W 192 19.52 -28.92 -57.56
CA VAL W 192 18.37 -29.23 -58.39
C VAL W 192 17.28 -29.84 -57.52
N ALA W 193 16.05 -29.80 -58.03
CA ALA W 193 14.92 -30.47 -57.42
C ALA W 193 14.36 -31.46 -58.43
N VAL W 194 14.25 -32.73 -58.04
CA VAL W 194 13.83 -33.79 -58.95
C VAL W 194 12.69 -34.57 -58.33
N ALA W 195 11.94 -35.25 -59.19
CA ALA W 195 10.92 -36.19 -58.76
C ALA W 195 11.55 -37.54 -58.41
N ASN W 196 10.77 -38.36 -57.75
CA ASN W 196 11.22 -39.70 -57.37
C ASN W 196 11.38 -40.59 -58.59
N PRO W 197 12.57 -41.12 -58.86
CA PRO W 197 12.77 -41.96 -60.05
C PRO W 197 12.02 -43.28 -59.89
N LYS W 198 11.72 -43.90 -61.03
CA LYS W 198 10.87 -45.08 -61.02
C LYS W 198 11.64 -46.40 -60.95
N LEU W 199 12.82 -46.49 -61.57
CA LEU W 199 13.51 -47.77 -61.60
C LEU W 199 14.91 -47.77 -61.01
N MET W 200 15.50 -46.61 -60.73
CA MET W 200 16.84 -46.54 -60.17
C MET W 200 16.79 -45.70 -58.90
N PRO W 201 16.61 -46.32 -57.74
CA PRO W 201 16.47 -45.54 -56.50
C PRO W 201 17.70 -44.69 -56.27
N PRO W 202 17.51 -43.47 -55.79
CA PRO W 202 18.64 -42.57 -55.52
C PRO W 202 19.57 -43.09 -54.44
N LEU W 203 20.84 -42.71 -54.56
CA LEU W 203 21.93 -43.23 -53.75
C LEU W 203 21.99 -42.50 -52.41
N GLY W 204 21.65 -43.20 -51.33
CA GLY W 204 21.70 -42.65 -49.98
C GLY W 204 20.73 -41.54 -49.62
N VAL W 205 19.45 -41.69 -49.99
CA VAL W 205 18.46 -40.68 -49.69
C VAL W 205 18.13 -40.67 -48.21
N GLN W 206 17.98 -39.47 -47.65
CA GLN W 206 17.65 -39.29 -46.25
C GLN W 206 16.36 -38.49 -46.17
N ASP W 207 15.55 -38.80 -45.17
CA ASP W 207 14.38 -37.99 -44.90
C ASP W 207 14.79 -36.65 -44.31
N TRP W 208 13.88 -35.67 -44.42
CA TRP W 208 14.09 -34.40 -43.74
C TRP W 208 14.14 -34.61 -42.23
N ASP W 209 13.40 -35.59 -41.72
CA ASP W 209 13.33 -35.82 -40.28
C ASP W 209 14.71 -36.09 -39.68
N THR W 210 15.66 -36.56 -40.49
CA THR W 210 17.00 -36.85 -40.00
C THR W 210 17.72 -35.56 -39.59
N ILE W 211 17.49 -34.47 -40.32
CA ILE W 211 18.26 -33.25 -40.13
C ILE W 211 17.50 -32.21 -39.31
N VAL W 212 16.54 -32.65 -38.51
CA VAL W 212 15.73 -31.77 -37.67
C VAL W 212 15.88 -32.22 -36.23
N ASP W 213 15.98 -31.26 -35.32
CA ASP W 213 16.08 -31.56 -33.89
C ASP W 213 14.86 -32.33 -33.43
N GLU W 214 15.07 -33.20 -32.43
CA GLU W 214 14.03 -34.10 -31.94
C GLU W 214 12.97 -33.40 -31.10
N ASP W 215 13.15 -32.13 -30.77
CA ASP W 215 12.16 -31.41 -29.98
C ASP W 215 10.82 -31.36 -30.72
N GLU W 216 9.72 -31.46 -29.97
CA GLU W 216 8.40 -31.56 -30.58
C GLU W 216 8.04 -30.25 -31.29
N GLU W 217 8.38 -29.12 -30.69
CA GLU W 217 8.06 -27.83 -31.29
C GLU W 217 8.80 -27.64 -32.60
N ILE W 218 10.09 -27.97 -32.63
CA ILE W 218 10.89 -27.79 -33.83
C ILE W 218 10.37 -28.68 -34.95
N LYS W 219 10.07 -29.94 -34.61
CA LYS W 219 9.55 -30.87 -35.60
C LYS W 219 8.19 -30.44 -36.12
N LYS W 220 7.32 -29.94 -35.24
CA LYS W 220 6.01 -29.47 -35.68
C LYS W 220 6.14 -28.26 -36.60
N ILE W 221 7.02 -27.32 -36.27
CA ILE W 221 7.22 -26.15 -37.12
C ILE W 221 7.72 -26.57 -38.49
N VAL W 222 8.70 -27.48 -38.53
CA VAL W 222 9.26 -27.88 -39.82
C VAL W 222 8.24 -28.68 -40.63
N SER W 223 7.46 -29.54 -39.97
CA SER W 223 6.42 -30.28 -40.66
C SER W 223 5.38 -29.33 -41.27
N THR W 224 4.95 -28.33 -40.49
CA THR W 224 4.00 -27.36 -41.01
C THR W 224 4.58 -26.60 -42.19
N PHE W 225 5.86 -26.21 -42.10
CA PHE W 225 6.49 -25.51 -43.20
C PHE W 225 6.51 -26.36 -44.46
N ILE W 226 6.85 -27.65 -44.32
CA ILE W 226 6.88 -28.54 -45.48
C ILE W 226 5.49 -28.69 -46.08
N LYS W 227 4.47 -28.87 -45.23
CA LYS W 227 3.10 -29.03 -45.75
C LYS W 227 2.64 -27.78 -46.48
N LEU W 228 2.90 -26.60 -45.90
CA LEU W 228 2.50 -25.35 -46.54
C LEU W 228 3.27 -25.14 -47.84
N LEU W 229 4.54 -25.52 -47.86
CA LEU W 229 5.32 -25.43 -49.08
C LEU W 229 4.74 -26.31 -50.17
N GLU W 230 4.36 -27.54 -49.82
CA GLU W 230 3.75 -28.43 -50.80
C GLU W 230 2.45 -27.86 -51.33
N ASN W 231 1.60 -27.32 -50.45
CA ASN W 231 0.35 -26.73 -50.90
C ASN W 231 0.59 -25.52 -51.82
N ALA W 232 1.53 -24.66 -51.44
CA ALA W 232 1.83 -23.48 -52.25
C ALA W 232 2.37 -23.86 -53.63
N LEU W 233 3.23 -24.88 -53.68
CA LEU W 233 3.71 -25.34 -54.97
C LEU W 233 2.59 -25.96 -55.79
N THR W 234 1.69 -26.71 -55.15
CA THR W 234 0.59 -27.34 -55.87
C THR W 234 -0.34 -26.30 -56.48
N VAL W 235 -0.72 -25.27 -55.72
CA VAL W 235 -1.65 -24.28 -56.24
C VAL W 235 -1.01 -23.42 -57.33
N GLY W 236 0.32 -23.27 -57.33
CA GLY W 236 0.97 -22.55 -58.40
C GLY W 236 1.80 -21.36 -57.97
N HIS W 237 2.24 -21.35 -56.72
CA HIS W 237 3.07 -20.27 -56.23
C HIS W 237 4.52 -20.47 -56.65
N GLU W 238 5.37 -19.49 -56.35
CA GLU W 238 6.81 -19.56 -56.59
C GLU W 238 7.49 -19.25 -55.26
N VAL W 239 7.91 -20.29 -54.55
CA VAL W 239 8.43 -20.16 -53.19
C VAL W 239 9.95 -20.11 -53.23
N GLU W 240 10.53 -19.32 -52.33
CA GLU W 240 11.97 -19.21 -52.18
C GLU W 240 12.44 -20.18 -51.11
N PHE W 241 13.45 -21.00 -51.43
CA PHE W 241 13.93 -22.04 -50.53
C PHE W 241 15.31 -21.71 -49.96
N PHE W 242 16.31 -21.55 -50.81
CA PHE W 242 17.59 -21.03 -50.33
C PHE W 242 17.60 -19.51 -50.49
N GLN W 243 18.70 -18.89 -50.05
CA GLN W 243 18.83 -17.45 -50.21
C GLN W 243 19.04 -17.13 -51.69
N ASP W 244 18.20 -16.24 -52.22
CA ASP W 244 18.26 -15.83 -53.63
C ASP W 244 18.13 -17.03 -54.57
N THR W 245 17.20 -17.93 -54.27
CA THR W 245 16.77 -18.95 -55.20
C THR W 245 15.25 -19.05 -55.16
N LEU W 246 14.71 -19.83 -56.08
CA LEU W 246 13.26 -19.87 -56.26
C LEU W 246 12.85 -21.26 -56.68
N LEU W 247 11.77 -21.76 -56.10
CA LEU W 247 11.29 -23.12 -56.34
C LEU W 247 9.94 -23.03 -57.03
N VAL W 248 9.84 -23.63 -58.21
CA VAL W 248 8.62 -23.55 -59.02
C VAL W 248 8.20 -24.94 -59.40
N ARG W 249 6.90 -25.15 -59.58
CA ARG W 249 6.35 -26.38 -60.11
C ARG W 249 5.77 -26.12 -61.49
N ASN W 250 6.38 -26.72 -62.50
CA ASN W 250 5.95 -26.54 -63.88
C ASN W 250 4.74 -27.44 -64.16
N VAL W 251 4.45 -27.68 -65.44
CA VAL W 251 3.35 -28.56 -65.80
C VAL W 251 3.56 -29.93 -65.15
N ASP W 252 2.44 -30.57 -64.81
CA ASP W 252 2.42 -31.94 -64.26
C ASP W 252 3.16 -31.92 -62.92
N GLY W 253 3.94 -32.95 -62.59
CA GLY W 253 4.69 -32.96 -61.35
C GLY W 253 6.18 -32.72 -61.45
N ILE W 254 6.60 -31.80 -62.31
CA ILE W 254 8.01 -31.48 -62.49
C ILE W 254 8.32 -30.18 -61.77
N THR W 255 9.28 -30.25 -60.84
CA THR W 255 9.70 -29.12 -60.03
C THR W 255 11.08 -28.65 -60.46
N SER W 256 11.32 -27.34 -60.41
CA SER W 256 12.59 -26.78 -60.81
C SER W 256 13.04 -25.73 -59.79
N LEU W 257 14.36 -25.59 -59.66
CA LEU W 257 14.97 -24.64 -58.74
C LEU W 257 15.84 -23.67 -59.53
N TYR W 258 15.46 -22.40 -59.54
CA TYR W 258 16.15 -21.36 -60.28
C TYR W 258 17.07 -20.57 -59.33
N VAL W 259 18.35 -20.49 -59.69
CA VAL W 259 19.40 -19.97 -58.83
C VAL W 259 19.88 -18.62 -59.35
N SER W 260 19.91 -17.62 -58.47
CA SER W 260 20.43 -16.31 -58.84
C SER W 260 21.95 -16.37 -58.99
N GLU W 261 22.55 -15.23 -59.32
CA GLU W 261 24.00 -15.17 -59.47
C GLU W 261 24.70 -15.34 -58.13
N LYS W 262 24.22 -14.64 -57.10
CA LYS W 262 24.89 -14.68 -55.80
C LYS W 262 24.67 -16.01 -55.08
N ALA W 263 23.52 -16.65 -55.31
CA ALA W 263 23.30 -17.96 -54.73
C ALA W 263 24.28 -18.98 -55.30
N ALA W 264 24.46 -18.97 -56.63
CA ALA W 264 25.46 -19.84 -57.23
C ALA W 264 26.87 -19.45 -56.79
N GLN W 265 27.11 -18.16 -56.54
CA GLN W 265 28.40 -17.73 -56.02
C GLN W 265 28.66 -18.34 -54.65
N VAL W 266 27.65 -18.34 -53.78
CA VAL W 266 27.83 -18.89 -52.43
C VAL W 266 27.98 -20.41 -52.49
N PHE W 267 27.24 -21.06 -53.40
CA PHE W 267 27.44 -22.49 -53.62
C PHE W 267 28.88 -22.80 -54.03
N ASN W 268 29.40 -22.04 -55.01
CA ASN W 268 30.75 -22.30 -55.48
C ASN W 268 31.78 -21.98 -54.41
N ASN W 269 31.56 -20.94 -53.62
CA ASN W 269 32.46 -20.64 -52.51
C ASN W 269 32.47 -21.79 -51.50
N SER W 270 31.29 -22.32 -51.17
CA SER W 270 31.22 -23.43 -50.25
C SER W 270 31.96 -24.65 -50.79
N VAL W 271 31.87 -24.89 -52.10
CA VAL W 271 32.47 -26.11 -52.64
C VAL W 271 33.97 -25.96 -52.91
N ILE W 272 34.48 -24.75 -53.11
CA ILE W 272 35.89 -24.56 -53.43
C ILE W 272 36.71 -24.23 -52.18
N ASP W 273 36.16 -23.44 -51.25
CA ASP W 273 36.93 -22.93 -50.13
C ASP W 273 36.33 -23.30 -48.78
N GLN W 274 35.26 -24.09 -48.77
CA GLN W 274 34.61 -24.51 -47.52
C GLN W 274 34.21 -23.31 -46.68
N ILE W 275 33.67 -22.28 -47.33
CA ILE W 275 33.16 -21.09 -46.64
C ILE W 275 31.67 -21.32 -46.51
N MET W 276 31.26 -21.87 -45.37
CA MET W 276 29.86 -22.10 -45.10
C MET W 276 29.16 -20.80 -44.74
N PRO W 277 27.89 -20.66 -45.11
CA PRO W 277 27.12 -19.49 -44.67
C PRO W 277 26.99 -19.49 -43.15
N GLU W 278 27.03 -18.30 -42.56
CA GLU W 278 26.94 -18.19 -41.12
C GLU W 278 25.57 -18.65 -40.63
N LYS W 279 25.54 -19.12 -39.38
CA LYS W 279 24.30 -19.65 -38.82
C LYS W 279 23.24 -18.55 -38.76
N PRO W 280 21.99 -18.86 -39.06
CA PRO W 280 20.94 -17.85 -38.95
C PRO W 280 20.78 -17.39 -37.50
N LYS W 281 20.41 -16.12 -37.34
CA LYS W 281 20.23 -15.53 -36.03
C LYS W 281 18.82 -14.96 -35.92
N TYR W 282 18.42 -14.70 -34.68
CA TYR W 282 17.11 -14.10 -34.44
C TYR W 282 17.14 -12.64 -34.90
N GLU W 283 16.35 -12.34 -35.93
CA GLU W 283 16.23 -10.99 -36.44
C GLU W 283 14.82 -10.48 -36.16
N ALA W 284 14.73 -9.32 -35.50
CA ALA W 284 13.44 -8.71 -35.26
C ALA W 284 12.81 -8.26 -36.58
N LEU W 285 11.50 -8.35 -36.66
CA LEU W 285 10.79 -8.02 -37.88
C LEU W 285 10.94 -6.53 -38.21
N GLU W 286 11.18 -6.24 -39.47
CA GLU W 286 11.35 -4.88 -39.95
C GLU W 286 10.06 -4.38 -40.59
N ASP W 287 9.75 -3.11 -40.35
CA ASP W 287 8.52 -2.52 -40.87
C ASP W 287 8.55 -2.55 -42.40
N PRO W 288 7.57 -3.18 -43.05
CA PRO W 288 7.60 -3.27 -44.52
C PRO W 288 7.58 -1.93 -45.22
N PHE W 289 7.05 -0.89 -44.60
CA PHE W 289 6.95 0.43 -45.21
C PHE W 289 7.90 1.40 -44.52
N SER W 290 8.60 2.20 -45.32
CA SER W 290 9.52 3.21 -44.83
C SER W 290 10.59 2.62 -43.92
N ASN X 4 10.27 40.17 37.99
CA ASN X 4 11.09 39.73 39.10
C ASN X 4 12.50 39.36 38.63
N ILE X 5 13.50 39.94 39.29
CA ILE X 5 14.89 39.64 38.94
C ILE X 5 15.23 38.21 39.31
N PHE X 6 14.73 37.72 40.43
CA PHE X 6 15.04 36.38 40.92
C PHE X 6 14.11 35.30 40.37
N ALA X 7 13.15 35.68 39.50
CA ALA X 7 12.21 34.69 38.98
C ALA X 7 12.92 33.65 38.12
N ASN X 8 13.85 34.09 37.27
CA ASN X 8 14.56 33.15 36.41
C ASN X 8 15.62 32.35 37.16
N LYS X 9 16.04 32.82 38.34
CA LYS X 9 16.98 32.06 39.15
C LYS X 9 16.34 30.86 39.82
N ILE X 10 15.01 30.84 39.96
CA ILE X 10 14.36 29.73 40.64
C ILE X 10 14.42 28.47 39.77
N ALA X 11 14.18 28.62 38.47
CA ALA X 11 14.20 27.47 37.57
C ALA X 11 15.58 26.84 37.49
N ASN X 12 16.63 27.54 37.92
CA ASN X 12 18.00 27.04 37.85
C ASN X 12 18.52 26.56 39.20
N GLN X 13 17.67 26.49 40.21
CA GLN X 13 18.08 25.93 41.49
C GLN X 13 18.45 24.47 41.34
N LYS X 14 19.55 24.06 41.97
CA LYS X 14 19.97 22.67 42.05
C LYS X 14 20.34 22.36 43.48
N ALA X 15 19.65 21.40 44.09
CA ALA X 15 19.80 21.10 45.51
C ALA X 15 20.29 19.67 45.68
N TYR X 16 21.38 19.51 46.43
CA TYR X 16 21.94 18.20 46.75
C TYR X 16 22.06 18.08 48.25
N PHE X 17 21.85 16.87 48.77
CA PHE X 17 21.82 16.70 50.22
C PHE X 17 22.15 15.25 50.57
N LYS X 18 22.58 15.06 51.82
CA LYS X 18 22.81 13.76 52.41
C LYS X 18 21.86 13.56 53.58
N ARG X 19 21.36 12.33 53.75
CA ARG X 19 20.47 12.03 54.85
C ARG X 19 21.21 11.80 56.16
N ASP X 20 22.54 11.77 56.14
CA ASP X 20 23.35 11.70 57.35
C ASP X 20 23.64 13.11 57.85
N ILE X 21 23.61 13.29 59.17
CA ILE X 21 23.86 14.61 59.74
C ILE X 21 25.13 14.67 60.55
N LYS X 22 26.12 15.40 60.07
CA LYS X 22 27.36 15.57 60.82
C LYS X 22 27.46 17.02 61.22
N THR X 23 28.62 17.41 61.77
CA THR X 23 28.85 18.80 62.13
C THR X 23 29.36 19.52 60.91
N VAL X 24 28.72 20.61 60.51
CA VAL X 24 29.12 21.26 59.27
C VAL X 24 29.41 22.75 59.39
N HIS X 25 30.22 23.27 58.47
CA HIS X 25 30.48 24.70 58.44
C HIS X 25 29.60 25.27 57.37
N THR X 26 28.82 26.30 57.67
CA THR X 26 27.85 26.83 56.72
C THR X 26 28.43 28.07 56.04
N PHE X 27 28.48 28.04 54.72
CA PHE X 27 28.84 29.20 53.91
C PHE X 27 27.62 29.65 53.12
N LEU X 28 27.44 30.95 53.01
CA LEU X 28 26.27 31.52 52.34
C LEU X 28 26.72 32.79 51.63
N GLY X 29 26.91 32.71 50.32
CA GLY X 29 27.33 33.90 49.61
C GLY X 29 27.66 33.63 48.16
N ARG X 30 28.26 34.64 47.54
CA ARG X 30 28.60 34.62 46.13
C ARG X 30 29.99 34.04 45.94
N VAL X 31 30.22 33.46 44.76
CA VAL X 31 31.50 32.85 44.42
C VAL X 31 32.28 33.89 43.63
N ASN X 32 33.24 34.55 44.29
CA ASN X 32 34.05 35.57 43.63
C ASN X 32 34.94 34.96 42.56
N TYR X 33 35.56 33.82 42.85
CA TYR X 33 36.47 33.17 41.91
C TYR X 33 36.49 31.68 42.22
N ILE X 34 36.42 30.86 41.18
CA ILE X 34 36.54 29.42 41.29
C ILE X 34 37.40 28.91 40.15
N GLN X 35 38.36 28.03 40.46
CA GLN X 35 39.30 27.54 39.47
C GLN X 35 38.79 26.23 38.86
N ARG X 36 39.66 25.54 38.13
CA ARG X 36 39.34 24.24 37.56
C ARG X 36 39.46 23.17 38.64
N ALA X 37 39.41 21.90 38.24
CA ALA X 37 39.47 20.78 39.17
C ALA X 37 40.78 20.03 38.99
N SER X 38 41.33 19.54 40.10
CA SER X 38 42.57 18.79 40.11
C SER X 38 42.33 17.39 40.68
N LYS X 39 43.01 16.40 40.11
CA LYS X 39 42.95 15.03 40.59
C LYS X 39 44.25 14.71 41.30
N PHE X 40 44.17 14.38 42.59
CA PHE X 40 45.37 14.17 43.39
C PHE X 40 45.50 12.75 43.93
N ASN X 41 44.52 12.24 44.70
CA ASN X 41 44.72 10.92 45.29
C ASN X 41 44.60 9.80 44.26
N ASP X 42 45.70 9.50 43.56
CA ASP X 42 45.73 8.47 42.52
C ASP X 42 44.63 8.69 41.48
N GLU X 43 44.43 9.95 41.12
CA GLU X 43 43.44 10.37 40.12
C GLU X 43 42.03 9.97 40.50
N LYS X 44 41.77 9.78 41.80
CA LYS X 44 40.47 9.32 42.27
C LYS X 44 39.60 10.44 42.85
N ARG X 45 40.20 11.52 43.33
CA ARG X 45 39.47 12.61 43.95
C ARG X 45 39.53 13.85 43.07
N VAL X 46 38.76 14.86 43.48
CA VAL X 46 38.68 16.14 42.78
C VAL X 46 38.87 17.26 43.79
N PHE X 47 39.76 18.19 43.48
CA PHE X 47 40.17 19.28 44.36
C PHE X 47 39.76 20.60 43.71
N ARG X 48 38.98 21.41 44.41
CA ARG X 48 38.46 22.65 43.84
C ARG X 48 38.67 23.81 44.82
N PRO X 49 39.49 24.80 44.49
CA PRO X 49 39.66 25.96 45.38
C PRO X 49 38.57 27.01 45.15
N LEU X 50 37.96 27.46 46.23
CA LEU X 50 36.82 28.38 46.17
C LEU X 50 37.12 29.65 46.95
N GLN X 51 36.68 30.78 46.39
CA GLN X 51 36.73 32.08 47.04
C GLN X 51 35.30 32.59 47.20
N ILE X 52 34.82 32.66 48.45
CA ILE X 52 33.44 32.98 48.74
C ILE X 52 33.36 34.33 49.43
N GLU X 53 32.50 35.20 48.89
CA GLU X 53 32.13 36.45 49.53
C GLU X 53 30.82 36.21 50.27
N LEU X 54 30.86 36.26 51.59
CA LEU X 54 29.73 35.85 52.42
C LEU X 54 28.63 36.90 52.38
N SER X 55 27.51 36.56 53.01
CA SER X 55 26.33 37.41 53.07
C SER X 55 26.20 37.98 54.47
N GLY X 56 25.94 39.29 54.56
CA GLY X 56 25.79 39.96 55.83
C GLY X 56 27.06 40.56 56.38
N THR X 57 28.22 40.09 55.92
CA THR X 57 29.51 40.63 56.29
C THR X 57 30.34 41.06 55.10
N ASN X 58 30.12 40.45 53.93
CA ASN X 58 30.80 40.81 52.69
C ASN X 58 32.32 40.68 52.83
N GLU X 59 32.76 39.64 53.53
CA GLU X 59 34.17 39.34 53.66
C GLU X 59 34.54 38.16 52.77
N ILE X 60 35.82 38.12 52.37
CA ILE X 60 36.31 37.13 51.43
C ILE X 60 36.97 35.99 52.23
N VAL X 61 36.52 34.77 51.99
CA VAL X 61 37.11 33.59 52.62
C VAL X 61 37.53 32.62 51.53
N ASP X 62 38.60 31.88 51.80
CA ASP X 62 39.15 30.91 50.86
C ASP X 62 39.00 29.52 51.45
N ILE X 63 38.43 28.59 50.67
CA ILE X 63 38.26 27.21 51.11
C ILE X 63 38.66 26.28 49.96
N TYR X 64 38.70 24.99 50.27
CA TYR X 64 38.90 23.94 49.27
C TYR X 64 37.77 22.93 49.40
N LEU X 65 37.38 22.35 48.27
CA LEU X 65 36.31 21.37 48.22
C LEU X 65 36.84 20.07 47.62
N GLU X 66 36.39 18.95 48.19
CA GLU X 66 36.82 17.62 47.79
C GLU X 66 35.62 16.85 47.25
N ALA X 67 35.81 16.17 46.13
CA ALA X 67 34.79 15.32 45.55
C ALA X 67 35.35 13.93 45.32
N THR X 68 34.56 12.90 45.64
CA THR X 68 35.05 11.53 45.52
C THR X 68 34.13 10.64 44.68
N THR X 69 32.83 10.88 44.75
CA THR X 69 31.87 10.08 44.00
C THR X 69 31.45 10.80 42.72
N TYR X 70 30.75 10.07 41.86
CA TYR X 70 30.27 10.65 40.61
C TYR X 70 29.25 11.75 40.89
N ILE X 71 28.33 11.52 41.84
CA ILE X 71 27.31 12.50 42.14
C ILE X 71 27.92 13.73 42.79
N SER X 72 28.94 13.54 43.64
CA SER X 72 29.60 14.67 44.27
C SER X 72 30.35 15.51 43.24
N LYS X 73 31.03 14.87 42.29
CA LYS X 73 31.69 15.61 41.23
C LYS X 73 30.68 16.35 40.36
N LYS X 74 29.54 15.72 40.08
CA LYS X 74 28.49 16.38 39.32
C LYS X 74 27.98 17.62 40.04
N ALA X 75 27.79 17.52 41.36
CA ALA X 75 27.35 18.68 42.14
C ALA X 75 28.42 19.76 42.19
N LEU X 76 29.69 19.36 42.28
CA LEU X 76 30.78 20.33 42.34
C LEU X 76 30.94 21.07 41.02
N ASP X 77 30.65 20.40 39.90
CA ASP X 77 30.79 21.03 38.59
C ASP X 77 29.75 22.12 38.32
N GLU X 78 28.70 22.22 39.15
CA GLU X 78 27.68 23.23 38.94
C GLU X 78 28.07 24.61 39.47
N ILE X 79 29.21 24.73 40.14
CA ILE X 79 29.61 25.97 40.77
C ILE X 79 30.48 26.76 39.79
N ARG X 80 30.03 27.97 39.46
CA ARG X 80 30.74 28.84 38.54
C ARG X 80 31.09 30.15 39.25
N GLN X 81 31.63 31.10 38.49
CA GLN X 81 31.80 32.45 39.00
C GLN X 81 30.44 33.13 39.18
N ASN X 82 30.36 33.98 40.20
CA ASN X 82 29.17 34.76 40.53
C ASN X 82 28.00 33.89 40.95
N SER X 83 28.22 32.57 41.04
CA SER X 83 27.18 31.69 41.56
C SER X 83 26.96 31.96 43.03
N TYR X 84 25.70 31.90 43.45
CA TYR X 84 25.33 32.16 44.83
C TYR X 84 24.97 30.83 45.48
N ILE X 85 25.62 30.51 46.60
CA ILE X 85 25.54 29.19 47.19
C ILE X 85 25.17 29.29 48.66
N PHE X 86 24.36 28.33 49.11
CA PHE X 86 24.16 28.00 50.52
C PHE X 86 24.76 26.60 50.69
N LEU X 87 26.02 26.55 51.09
CA LEU X 87 26.78 25.31 51.16
C LEU X 87 27.00 24.90 52.61
N GLU X 88 26.81 23.61 52.88
CA GLU X 88 27.17 23.03 54.17
C GLU X 88 28.31 22.04 53.93
N ALA X 89 29.40 22.22 54.67
CA ALA X 89 30.63 21.52 54.38
C ALA X 89 31.18 20.88 55.65
N LYS X 90 31.45 19.58 55.57
CA LYS X 90 32.10 18.86 56.66
C LYS X 90 33.60 19.05 56.58
N TRP X 91 34.19 19.44 57.70
CA TRP X 91 35.64 19.64 57.76
C TRP X 91 36.36 18.32 57.58
N LEU X 92 37.48 18.36 56.86
CA LEU X 92 38.26 17.16 56.63
C LEU X 92 39.60 17.24 57.35
N PRO X 93 40.12 16.13 57.86
CA PRO X 93 41.34 16.19 58.68
C PRO X 93 42.62 16.38 57.89
N GLU X 94 42.53 16.63 56.58
CA GLU X 94 43.70 16.91 55.76
C GLU X 94 44.05 18.39 55.75
N SER X 95 43.24 19.24 56.39
CA SER X 95 43.54 20.66 56.45
C SER X 95 44.75 20.97 57.33
N ASN X 96 45.16 20.03 58.19
CA ASN X 96 46.31 20.25 59.04
C ASN X 96 47.60 20.43 58.24
N PHE X 97 47.62 19.98 56.99
CA PHE X 97 48.76 20.16 56.09
C PHE X 97 48.46 21.14 54.98
N LEU X 98 47.40 21.93 55.11
CA LEU X 98 46.95 22.87 54.09
C LEU X 98 46.90 24.28 54.66
N ASN X 99 47.15 25.26 53.78
CA ASN X 99 47.01 26.65 54.19
C ASN X 99 45.56 27.00 54.47
N ASN X 100 44.63 26.48 53.67
CA ASN X 100 43.21 26.74 53.80
C ASN X 100 42.45 25.45 54.03
N PRO X 101 41.31 25.50 54.72
CA PRO X 101 40.61 24.26 55.08
C PRO X 101 40.10 23.50 53.87
N LEU X 102 40.09 22.18 54.00
CA LEU X 102 39.52 21.29 53.00
C LEU X 102 38.19 20.76 53.51
N PHE X 103 37.17 20.76 52.65
CA PHE X 103 35.81 20.48 53.05
C PHE X 103 35.19 19.44 52.12
N GLU X 104 34.10 18.84 52.60
CA GLU X 104 33.31 17.89 51.82
C GLU X 104 31.86 18.37 51.81
N ILE X 105 31.25 18.36 50.63
CA ILE X 105 29.89 18.88 50.48
C ILE X 105 28.91 17.92 51.15
N GLN X 106 28.18 18.40 52.15
CA GLN X 106 27.09 17.63 52.75
C GLN X 106 25.74 18.01 52.14
N ASN X 107 25.36 19.28 52.25
CA ASN X 107 24.20 19.83 51.57
C ASN X 107 24.63 21.07 50.82
N ILE X 108 23.99 21.32 49.69
CA ILE X 108 24.30 22.52 48.90
C ILE X 108 23.09 22.87 48.04
N VAL X 109 22.88 24.17 47.87
CA VAL X 109 21.87 24.71 46.96
C VAL X 109 22.57 25.72 46.05
N ILE X 110 22.47 25.51 44.74
CA ILE X 110 23.24 26.26 43.76
C ILE X 110 22.27 26.98 42.83
N GLU X 111 22.49 28.29 42.66
CA GLU X 111 21.76 29.07 41.67
C GLU X 111 22.75 29.80 40.79
N ASN X 112 22.53 29.74 39.49
CA ASN X 112 23.36 30.48 38.54
C ASN X 112 22.48 31.35 37.64
N UNK Y 1 43.55 24.23 64.28
CA UNK Y 1 42.84 23.13 63.63
C UNK Y 1 42.79 21.92 64.54
N UNK Y 2 43.42 22.02 65.71
CA UNK Y 2 43.44 20.90 66.65
C UNK Y 2 42.03 20.58 67.14
N UNK Y 3 41.24 21.61 67.46
CA UNK Y 3 39.86 21.37 67.91
C UNK Y 3 39.02 20.77 66.79
N UNK Y 4 39.25 21.20 65.55
CA UNK Y 4 38.55 20.60 64.42
C UNK Y 4 38.92 19.12 64.27
N UNK Y 5 40.20 18.79 64.45
CA UNK Y 5 40.61 17.38 64.38
C UNK Y 5 39.98 16.58 65.50
N UNK Y 6 39.90 17.14 66.71
CA UNK Y 6 39.24 16.45 67.80
C UNK Y 6 37.76 16.22 67.51
N UNK Y 7 37.09 17.22 66.94
CA UNK Y 7 35.69 17.06 66.58
C UNK Y 7 35.49 16.00 65.51
N UNK Y 8 36.38 15.97 64.51
CA UNK Y 8 36.31 14.94 63.49
C UNK Y 8 36.52 13.55 64.07
N UNK Y 9 37.49 13.42 64.98
CA UNK Y 9 37.72 12.13 65.63
C UNK Y 9 36.50 11.70 66.44
N UNK Y 10 35.90 12.65 67.17
CA UNK Y 10 34.73 12.32 67.98
C UNK Y 10 33.56 11.89 67.11
N UNK Y 11 33.35 12.58 65.99
CA UNK Y 11 32.23 12.22 65.11
C UNK Y 11 32.47 10.89 64.42
N UNK Y 12 33.71 10.62 63.98
CA UNK Y 12 34.00 9.36 63.30
C UNK Y 12 33.83 8.18 64.24
N UNK Y 13 34.30 8.30 65.47
CA UNK Y 13 34.18 7.23 66.46
C UNK Y 13 33.48 7.72 67.71
N UNK Z 1 -4.57 27.88 40.89
CA UNK Z 1 -4.00 26.58 40.58
C UNK Z 1 -2.91 26.21 41.59
N UNK Z 2 -3.31 25.55 42.68
CA UNK Z 2 -2.38 25.15 43.74
C UNK Z 2 -2.28 23.64 43.86
N UNK Z 3 -2.42 22.93 42.73
CA UNK Z 3 -2.35 21.47 42.76
C UNK Z 3 -0.93 21.01 43.11
N UNK Z 4 0.07 21.55 42.42
CA UNK Z 4 1.46 21.24 42.72
C UNK Z 4 2.04 22.13 43.81
N UNK Z 5 1.33 23.20 44.19
CA UNK Z 5 1.82 24.08 45.25
C UNK Z 5 1.88 23.36 46.58
N UNK Z 6 0.88 22.52 46.87
CA UNK Z 6 0.90 21.77 48.11
C UNK Z 6 2.12 20.85 48.20
N UNK Z 7 2.45 20.18 47.09
CA UNK Z 7 3.66 19.37 47.06
C UNK Z 7 4.90 20.24 47.24
N UNK Z 8 4.95 21.37 46.54
CA UNK Z 8 6.13 22.24 46.62
C UNK Z 8 6.31 22.80 48.03
N UNK Z 9 5.20 23.19 48.67
CA UNK Z 9 5.22 23.79 50.00
C UNK Z 9 6.12 25.03 50.04
PG ATP AA . 32.75 -60.85 12.39
O1G ATP AA . 31.72 -60.67 11.33
O2G ATP AA . 32.64 -62.18 13.13
O3G ATP AA . 32.77 -59.71 13.42
PB ATP AA . 35.64 -61.47 12.04
O1B ATP AA . 36.44 -60.62 12.92
O2B ATP AA . 35.42 -62.90 12.51
O3B ATP AA . 34.21 -60.86 11.76
PA ATP AA . 36.73 -62.69 9.56
O1A ATP AA . 35.58 -63.48 9.06
O2A ATP AA . 37.79 -63.50 10.28
O3A ATP AA . 36.25 -61.55 10.56
O5' ATP AA . 37.41 -61.88 8.40
C5' ATP AA . 36.71 -60.82 7.71
C4' ATP AA . 37.38 -60.57 6.38
O4' ATP AA . 38.68 -59.99 6.59
C3' ATP AA . 37.64 -61.81 5.54
O3' ATP AA . 36.49 -62.16 4.77
C2' ATP AA . 38.79 -61.36 4.65
O2' ATP AA . 38.34 -60.63 3.52
C1' ATP AA . 39.58 -60.45 5.60
N9 ATP AA . 40.70 -61.11 6.26
C8 ATP AA . 40.81 -61.42 7.59
N7 ATP AA . 41.94 -62.02 7.92
C5 ATP AA . 42.61 -62.11 6.70
C6 ATP AA . 43.87 -62.65 6.36
N6 ATP AA . 44.70 -63.21 7.23
N1 ATP AA . 44.24 -62.57 5.06
C2 ATP AA . 43.41 -62.01 4.17
N3 ATP AA . 42.21 -61.47 4.39
C4 ATP AA . 41.87 -61.56 5.68
MG MG BA . 33.96 -64.03 13.39
MG MG CA . 45.95 -30.92 51.57
PB ADP DA . 48.31 -31.09 48.85
O1B ADP DA . 47.63 -30.89 50.18
O2B ADP DA . 48.02 -30.01 47.85
O3B ADP DA . 48.19 -32.47 48.28
PA ADP DA . 50.55 -31.29 50.54
O1A ADP DA . 50.98 -30.03 51.23
O2A ADP DA . 49.67 -32.27 51.26
O3A ADP DA . 49.87 -30.88 49.14
O5' ADP DA . 51.86 -32.06 50.05
C5' ADP DA . 52.87 -32.42 50.98
C4' ADP DA . 54.22 -32.27 50.30
O4' ADP DA . 54.31 -31.01 49.64
C3' ADP DA . 55.36 -32.34 51.29
O3' ADP DA . 56.05 -33.58 51.17
C2' ADP DA . 56.26 -31.17 50.95
O2' ADP DA . 57.57 -31.61 50.61
C1' ADP DA . 55.63 -30.49 49.76
N9 ADP DA . 55.60 -29.03 49.98
C8 ADP DA . 54.50 -28.25 49.94
N7 ADP DA . 54.83 -26.96 50.18
C5 ADP DA . 56.15 -26.89 50.38
C6 ADP DA . 57.14 -25.84 50.67
N6 ADP DA . 56.77 -24.55 50.81
N1 ADP DA . 58.44 -26.21 50.80
C2 ADP DA . 58.82 -27.49 50.66
N3 ADP DA . 57.98 -28.50 50.38
C4 ADP DA . 56.66 -28.27 50.23
P PO4 EA . 44.16 -32.61 49.06
O1 PO4 EA . 43.14 -33.70 49.32
O2 PO4 EA . 45.02 -32.43 50.28
O3 PO4 EA . 43.44 -31.31 48.76
O4 PO4 EA . 45.02 -32.99 47.88
PG ATP FA . 18.64 -41.83 0.39
O1G ATP FA . 17.85 -40.64 -0.05
O2G ATP FA . 17.79 -43.08 0.61
O3G ATP FA . 19.50 -41.58 1.61
PB ATP FA . 20.36 -43.55 -1.33
O1B ATP FA . 21.58 -43.90 -0.58
O2B ATP FA . 19.29 -44.63 -1.40
O3B ATP FA . 19.67 -42.25 -0.75
PA ATP FA . 19.89 -42.93 -4.19
O1A ATP FA . 18.62 -42.20 -3.98
O2A ATP FA . 19.73 -44.31 -4.80
O3A ATP FA . 20.69 -43.11 -2.83
O5' ATP FA . 20.89 -42.10 -5.08
C5' ATP FA . 21.02 -40.66 -4.93
C4' ATP FA . 20.88 -40.00 -6.28
O4' ATP FA . 21.94 -40.44 -7.15
C3' ATP FA . 19.57 -40.27 -7.03
O3' ATP FA . 19.11 -39.09 -7.68
C2' ATP FA . 19.97 -41.35 -8.03
O2' ATP FA . 19.15 -41.31 -9.20
C1' ATP FA . 21.40 -40.95 -8.35
N9 ATP FA . 22.24 -42.06 -8.81
C8 ATP FA . 22.40 -43.27 -8.18
N7 ATP FA . 23.21 -44.09 -8.80
C5 ATP FA . 23.61 -43.36 -9.93
C6 ATP FA . 24.47 -43.66 -10.99
N6 ATP FA . 25.12 -44.83 -11.12
N1 ATP FA . 24.65 -42.72 -11.93
C2 ATP FA . 24.01 -41.55 -11.81
N3 ATP FA . 23.18 -41.16 -10.85
C4 ATP FA . 23.02 -42.11 -9.93
MG MG GA . 17.26 -45.08 -0.56
PG ATP HA . 46.79 -57.34 34.97
O1G ATP HA . 45.88 -56.25 34.53
O2G ATP HA . 46.78 -58.56 34.06
O3G ATP HA . 46.53 -57.79 36.41
PB ATP HA . 49.39 -56.26 35.96
O1B ATP HA . 49.53 -54.80 35.81
O2B ATP HA . 49.02 -56.74 37.36
O3B ATP HA . 48.31 -56.85 34.98
PA ATP HA . 51.70 -58.08 36.15
O1A ATP HA . 51.00 -59.33 36.53
O2A ATP HA . 52.43 -57.39 37.30
O3A ATP HA . 50.70 -57.04 35.52
O5' ATP HA . 52.73 -58.34 35.00
C5' ATP HA . 52.48 -57.86 33.65
C4' ATP HA . 53.62 -58.30 32.76
O4' ATP HA . 54.76 -57.44 32.98
C3' ATP HA . 54.10 -59.73 32.95
O3' ATP HA . 54.37 -60.34 31.69
C2' ATP HA . 55.38 -59.56 33.77
O2' ATP HA . 56.31 -60.60 33.50
C1' ATP HA . 55.90 -58.23 33.24
N9 ATP HA . 56.75 -57.50 34.18
C8 ATP HA . 56.38 -56.91 35.36
N7 ATP HA . 57.36 -56.33 36.00
C5 ATP HA . 58.46 -56.55 35.18
C6 ATP HA . 59.82 -56.19 35.30
N6 ATP HA . 60.31 -55.49 36.33
N1 ATP HA . 60.66 -56.57 34.32
C2 ATP HA . 60.17 -57.27 33.29
N3 ATP HA . 58.91 -57.67 33.07
C4 ATP HA . 58.11 -57.28 34.06
MG MG IA . 47.31 -57.95 38.26
PG ATP JA . 31.31 -13.57 37.57
O1G ATP JA . 29.83 -13.49 37.73
O2G ATP JA . 31.79 -14.89 36.97
O3G ATP JA . 32.09 -13.29 38.84
PB ATP JA . 31.26 -11.53 35.39
O1B ATP JA . 31.41 -12.13 34.05
O2B ATP JA . 29.84 -11.16 35.79
O3B ATP JA . 31.83 -12.47 36.53
PA ATP JA . 32.19 -8.95 36.49
O1A ATP JA . 31.98 -9.29 37.91
O2A ATP JA . 31.18 -7.96 35.90
O3A ATP JA . 32.17 -10.24 35.56
O5' ATP JA . 33.63 -8.38 36.25
C5' ATP JA . 34.82 -9.18 36.48
C4' ATP JA . 35.94 -8.31 36.98
O4' ATP JA . 36.36 -7.41 35.91
C3' ATP JA . 35.63 -7.42 38.18
O3' ATP JA . 36.74 -7.38 39.07
C2' ATP JA . 35.36 -6.06 37.55
O2' ATP JA . 35.66 -5.00 38.45
C1' ATP JA . 36.34 -6.08 36.37
N9 ATP JA . 35.95 -5.21 35.26
C8 ATP JA . 34.81 -5.29 34.51
N7 ATP JA . 34.73 -4.38 33.56
C5 ATP JA . 35.90 -3.66 33.71
C6 ATP JA . 36.42 -2.55 33.02
N6 ATP JA . 35.80 -1.96 31.99
N1 ATP JA . 37.61 -2.06 33.41
C2 ATP JA . 38.23 -2.64 34.44
N3 ATP JA . 37.85 -3.69 35.17
C4 ATP JA . 36.66 -4.15 34.75
MG MG KA . 28.52 -11.62 37.38
PG ATP LA . -43.45 52.53 -9.58
O1G ATP LA . -42.33 53.07 -8.73
O2G ATP LA . -44.82 53.04 -9.21
O3G ATP LA . -43.40 51.04 -9.80
PB ATP LA . -43.49 54.64 -11.43
O1B ATP LA . -43.67 54.65 -12.93
O2B ATP LA . -44.57 55.16 -10.54
O3B ATP LA . -43.14 53.12 -11.05
PA ATP LA . -42.01 57.01 -11.36
O1A ATP LA . -41.51 57.68 -10.11
O2A ATP LA . -43.28 57.50 -12.01
O3A ATP LA . -42.14 55.42 -11.10
O5' ATP LA . -40.81 57.08 -12.42
C5' ATP LA . -39.63 56.32 -12.18
C4' ATP LA . -38.41 57.13 -12.56
O4' ATP LA . -38.45 57.48 -13.95
C3' ATP LA . -38.33 58.43 -11.79
O3' ATP LA . -37.38 58.32 -10.71
C2' ATP LA . -37.88 59.47 -12.79
O2' ATP LA . -36.56 59.94 -12.49
C1' ATP LA . -37.88 58.78 -14.14
N9 ATP LA . -38.66 59.57 -15.12
C8 ATP LA . -39.80 59.18 -15.71
N7 ATP LA . -40.26 60.14 -16.55
C5 ATP LA . -39.40 61.16 -16.52
C6 ATP LA . -39.28 62.49 -17.16
N6 ATP LA . -40.21 62.91 -18.04
N1 ATP LA . -38.22 63.25 -16.85
C2 ATP LA . -37.29 62.83 -15.97
N3 ATP LA . -37.33 61.64 -15.34
C4 ATP LA . -38.34 60.78 -15.56
MG MG MA . -46.16 54.54 -9.39
MG MG NA . -62.22 20.76 -44.54
PB ADP OA . -59.77 23.00 -46.12
O1B ADP OA . -60.96 22.17 -45.69
O2B ADP OA . -59.97 24.48 -45.99
O3B ADP OA . -58.45 22.49 -45.59
PA ADP OA . -60.80 23.34 -48.68
O1A ADP OA . -62.12 23.37 -47.95
O2A ADP OA . -60.67 22.66 -50.01
O3A ADP OA . -59.67 22.76 -47.70
O5' ADP OA . -60.32 24.86 -48.93
C5' ADP OA . -59.43 25.07 -50.02
C4' ADP OA . -59.98 26.13 -50.95
O4' ADP OA . -59.13 26.26 -52.09
C3' ADP OA . -61.36 25.77 -51.49
O3' ADP OA . -62.37 26.51 -50.79
C2' ADP OA . -61.32 26.11 -52.96
O2' ADP OA . -62.27 27.15 -53.26
C1' ADP OA . -59.91 26.59 -53.24
N9 ADP OA . -59.39 25.90 -54.45
C8 ADP OA . -59.40 24.58 -54.67
N7 ADP OA . -58.84 24.28 -55.88
C5 ADP OA . -58.46 25.44 -56.44
C6 ADP OA . -57.80 25.85 -57.71
N6 ADP OA . -57.44 24.92 -58.63
N1 ADP OA . -57.59 27.16 -57.91
C2 ADP OA . -57.94 28.08 -56.99
N3 ADP OA . -58.54 27.78 -55.83
C4 ADP OA . -58.82 26.51 -55.50
P PO4 PA . -60.14 21.23 -41.83
O1 PO4 PA . -61.42 20.81 -42.50
O2 PO4 PA . -59.32 22.09 -42.76
O3 PO4 PA . -60.44 22.02 -40.57
O4 PO4 PA . -59.35 19.99 -41.46
PG ATP QA . -23.92 36.68 -2.07
O1G ATP QA . -23.04 35.49 -2.16
O2G ATP QA . -24.32 37.04 -0.63
O3G ATP QA . -25.19 36.58 -2.92
PB ATP QA . -23.18 39.55 -2.41
O1B ATP QA . -23.89 40.24 -3.51
O2B ATP QA . -23.71 39.82 -1.00
O3B ATP QA . -23.18 37.98 -2.61
PA ATP QA . -20.53 40.30 -1.34
O1A ATP QA . -20.34 39.26 -0.32
O2A ATP QA . -20.93 41.66 -0.79
O3A ATP QA . -21.63 39.88 -2.41
O5' ATP QA . -19.23 40.48 -2.23
C5' ATP QA . -18.73 39.41 -3.06
C4' ATP QA . -17.22 39.35 -2.93
O4' ATP QA . -16.65 40.58 -3.42
C3' ATP QA . -16.69 39.14 -1.52
O3' ATP QA . -15.56 38.27 -1.53
C2' ATP QA . -16.30 40.55 -1.08
O2' ATP QA . -15.25 40.54 -0.13
C1' ATP QA . -15.83 41.15 -2.41
N9 ATP QA . -15.96 42.60 -2.48
C8 ATP QA . -17.10 43.34 -2.27
N7 ATP QA . -16.94 44.63 -2.41
C5 ATP QA . -15.60 44.75 -2.74
C6 ATP QA . -14.79 45.88 -3.03
N6 ATP QA . -15.23 47.13 -3.02
N1 ATP QA . -13.50 45.65 -3.33
C2 ATP QA . -13.04 44.40 -3.34
N3 ATP QA . -13.70 43.27 -3.09
C4 ATP QA . -14.98 43.52 -2.80
MG MG RA . -24.78 38.87 0.40
PG ATP SA . -61.04 47.46 -29.43
O1G ATP SA . -62.49 47.11 -29.35
O2G ATP SA . -60.12 46.31 -29.01
O3G ATP SA . -60.66 48.72 -28.64
PB ATP SA . -60.98 47.35 -32.39
O1B ATP SA . -60.06 46.32 -32.91
O2B ATP SA . -62.46 46.98 -32.40
O3B ATP SA . -60.61 47.79 -30.92
PA ATP SA . -61.78 49.92 -33.64
O1A ATP SA . -62.49 50.52 -32.49
O2A ATP SA . -62.69 49.36 -34.73
O3A ATP SA . -60.83 48.73 -33.18
O5' ATP SA . -60.79 50.94 -34.29
C5' ATP SA . -59.67 51.47 -33.55
C4' ATP SA . -59.29 52.83 -34.10
O4' ATP SA . -58.95 52.72 -35.50
C3' ATP SA . -60.38 53.91 -34.00
O3' ATP SA . -59.81 55.16 -33.63
C2' ATP SA . -60.96 53.94 -35.42
O2' ATP SA . -61.50 55.22 -35.74
C1' ATP SA . -59.73 53.64 -36.25
N9 ATP SA . -60.01 53.05 -37.55
C8 ATP SA . -60.53 51.81 -37.80
N7 ATP SA . -60.69 51.54 -39.07
C5 ATP SA . -60.24 52.68 -39.71
C6 ATP SA . -60.15 53.03 -41.06
N6 ATP SA . -60.51 52.22 -42.07
N1 ATP SA . -59.66 54.25 -41.36
C2 ATP SA . -59.29 55.06 -40.37
N3 ATP SA . -59.33 54.84 -39.06
C4 ATP SA . -59.82 53.62 -38.79
MG MG TA . -64.03 46.73 -30.69
PG ATP UA . -40.37 5.98 -35.66
O1G ATP UA . -41.40 5.69 -36.70
O2G ATP UA . -40.30 4.92 -34.56
O3G ATP UA . -40.51 7.35 -35.02
PB ATP UA . -37.46 5.41 -36.02
O1B ATP UA . -36.57 6.44 -35.44
O2B ATP UA . -37.64 4.14 -35.21
O3B ATP UA . -38.91 5.98 -36.31
PA ATP UA . -37.13 3.70 -38.41
O1A ATP UA . -38.51 3.19 -38.45
O2A ATP UA . -36.09 2.68 -37.93
O3A ATP UA . -36.99 4.98 -37.49
O5' ATP UA . -36.67 4.24 -39.82
C5' ATP UA . -37.55 5.03 -40.65
C4' ATP UA . -37.47 4.55 -42.08
O4' ATP UA . -36.09 4.58 -42.53
C3' ATP UA . -37.95 3.12 -42.32
O3' ATP UA . -38.63 3.01 -43.55
C2' ATP UA . -36.65 2.31 -42.32
O2' ATP UA . -36.77 1.13 -43.11
C1' ATP UA . -35.68 3.30 -42.96
N9 ATP UA . -34.29 3.11 -42.59
C8 ATP UA . -33.78 3.03 -41.32
N7 ATP UA . -32.49 2.85 -41.27
C5 ATP UA . -32.11 2.81 -42.60
C6 ATP UA . -30.86 2.63 -43.24
N6 ATP UA . -29.71 2.48 -42.57
N1 ATP UA . -30.84 2.65 -44.58
C2 ATP UA . -31.99 2.80 -45.25
N3 ATP UA . -33.22 2.97 -44.77
C4 ATP UA . -33.22 2.96 -43.43
MG MG VA . -39.14 3.31 -33.58
#